data_8ET2
#
_entry.id   8ET2
#
_cell.length_a   1.00
_cell.length_b   1.00
_cell.length_c   1.00
_cell.angle_alpha   90.00
_cell.angle_beta   90.00
_cell.angle_gamma   90.00
#
_symmetry.space_group_name_H-M   'P 1'
#
_entity_poly.entity_id   1
_entity_poly.type   'polypeptide(L)'
_entity_poly.pdbx_seq_one_letter_code
;MFSVFEEITRIVVKEMDAGGDMIAVRSLVDADRFRCFHLVGEKRTFFGCRHYTTGLTLMDILDTDGDKWLDELDSGLQGQ
KAEFQILDNVDSTGELIVRLPKEITISGSFQGFHHQKIKISENRISQQYLATLENRKLKRELPFSFRSINTRENLYLVTE
TLETVKEETLKSDRQYKFWSQISQGHLSYKHKGQREVTIPPNRVLSYRVKQLVFPNKETMSAGLDIHFRGKTKSFPEGKS
LGSEDSRNMKEKLEDMESVLKDLTEEKRKDVLNSLAKCLGKEDIRQDLEQRVSEVLISGELHMEDPDKPLLSSLFNAAGV
LVEARAKAILDFLDALLELSEEQQFVAEALEKGTLPLLKDQVKSVMEQNWDELASSPPDMDYDPEARILCALYVVVSILL
ELAEGPTSVSS
;
_entity_poly.pdbx_strand_id   A,B,C,D,E,F,G,H,I,J,K,L,M,N,O,P,Q,R,S,T,U,V,W,X
#
# COMPACT_ATOMS: atom_id res chain seq x y z
N PHE A 2 60.67 30.64 -52.82
CA PHE A 2 59.53 30.10 -53.56
C PHE A 2 60.05 29.20 -54.68
N SER A 3 61.34 29.32 -54.98
CA SER A 3 61.98 28.34 -55.86
C SER A 3 62.11 27.00 -55.15
N VAL A 4 61.91 25.93 -55.91
CA VAL A 4 62.09 24.58 -55.39
C VAL A 4 63.31 23.88 -55.97
N PHE A 5 63.71 24.20 -57.19
CA PHE A 5 64.71 23.47 -57.94
C PHE A 5 66.12 23.75 -57.46
N GLU A 6 66.35 24.91 -56.85
CA GLU A 6 67.62 25.18 -56.20
C GLU A 6 67.71 24.42 -54.88
N GLU A 7 66.57 24.18 -54.25
CA GLU A 7 66.56 23.54 -52.94
C GLU A 7 67.10 22.12 -52.98
N ILE A 8 66.61 21.30 -53.92
CA ILE A 8 67.04 19.90 -54.00
C ILE A 8 68.53 19.81 -54.32
N THR A 9 68.98 20.65 -55.26
CA THR A 9 70.41 20.77 -55.50
C THR A 9 71.15 21.18 -54.24
N ARG A 10 70.52 21.97 -53.36
CA ARG A 10 71.20 22.34 -52.12
C ARG A 10 71.17 21.23 -51.08
N ILE A 11 70.20 20.32 -51.13
CA ILE A 11 70.34 19.11 -50.32
C ILE A 11 71.55 18.31 -50.79
N VAL A 12 71.74 18.23 -52.11
CA VAL A 12 72.96 17.60 -52.62
C VAL A 12 74.20 18.35 -52.13
N VAL A 13 74.15 19.69 -52.20
CA VAL A 13 75.26 20.52 -51.75
C VAL A 13 75.56 20.27 -50.28
N LYS A 14 74.52 20.22 -49.44
CA LYS A 14 74.71 19.99 -48.01
C LYS A 14 75.28 18.61 -47.74
N GLU A 15 74.80 17.59 -48.47
CA GLU A 15 75.37 16.25 -48.37
C GLU A 15 76.84 16.24 -48.80
N MET A 16 77.29 17.25 -49.53
CA MET A 16 78.72 17.52 -49.70
C MET A 16 79.37 18.32 -48.58
N ASP A 17 78.89 19.53 -48.29
CA ASP A 17 79.50 20.47 -47.37
C ASP A 17 78.50 21.59 -47.12
N ALA A 18 78.71 22.33 -46.03
CA ALA A 18 77.83 23.42 -45.63
C ALA A 18 78.07 24.60 -46.56
N GLY A 19 77.39 24.60 -47.71
CA GLY A 19 77.54 25.67 -48.67
C GLY A 19 78.94 25.87 -49.21
N GLY A 20 79.71 24.79 -49.39
CA GLY A 20 81.11 24.91 -49.74
C GLY A 20 81.44 24.64 -51.19
N ASP A 21 82.03 23.47 -51.43
CA ASP A 21 82.55 23.15 -52.76
C ASP A 21 81.43 23.04 -53.78
N MET A 22 80.39 22.26 -53.48
CA MET A 22 79.54 21.72 -54.52
C MET A 22 78.62 22.83 -55.03
N ILE A 23 78.24 22.76 -56.31
CA ILE A 23 77.53 23.85 -56.97
C ILE A 23 76.18 23.35 -57.52
N ALA A 24 75.23 24.27 -57.60
CA ALA A 24 73.83 23.99 -57.92
C ALA A 24 73.41 24.67 -59.22
N VAL A 25 72.31 24.19 -59.80
CA VAL A 25 71.79 24.67 -61.08
C VAL A 25 70.33 25.08 -60.85
N ARG A 26 69.80 25.92 -61.76
CA ARG A 26 68.47 26.52 -61.56
C ARG A 26 67.34 25.69 -62.15
N SER A 27 67.54 25.10 -63.32
CA SER A 27 66.47 24.37 -64.00
C SER A 27 67.02 23.33 -64.96
N LEU A 28 66.10 22.54 -65.54
CA LEU A 28 66.47 21.27 -66.16
C LEU A 28 65.83 21.06 -67.53
N VAL A 29 65.84 22.08 -68.38
CA VAL A 29 65.70 21.82 -69.81
C VAL A 29 67.07 21.65 -70.45
N ASP A 30 68.00 22.52 -70.11
CA ASP A 30 69.37 22.40 -70.59
C ASP A 30 70.28 21.89 -69.48
N ALA A 31 69.71 21.40 -68.38
CA ALA A 31 70.55 20.79 -67.34
C ALA A 31 70.97 19.38 -67.74
N ASP A 32 70.09 18.65 -68.42
CA ASP A 32 70.50 17.38 -69.01
C ASP A 32 71.64 17.60 -70.00
N ARG A 33 71.76 18.80 -70.54
CA ARG A 33 72.86 19.15 -71.42
C ARG A 33 73.88 20.00 -70.65
N PHE A 34 73.72 20.12 -69.33
CA PHE A 34 74.76 20.68 -68.48
C PHE A 34 75.71 19.59 -68.02
N ARG A 35 76.17 18.82 -69.00
CA ARG A 35 77.19 17.80 -68.81
C ARG A 35 78.55 18.48 -68.89
N CYS A 36 79.61 17.70 -69.05
CA CYS A 36 80.95 18.25 -69.18
C CYS A 36 81.04 19.15 -70.42
N PHE A 37 82.05 20.04 -70.40
CA PHE A 37 82.35 20.95 -71.51
C PHE A 37 81.28 22.01 -71.71
N HIS A 38 80.75 22.59 -70.63
CA HIS A 38 79.60 23.47 -70.72
C HIS A 38 79.75 24.61 -69.72
N LEU A 39 79.04 25.71 -69.99
CA LEU A 39 79.32 27.01 -69.40
C LEU A 39 78.32 27.36 -68.30
N VAL A 40 78.59 28.50 -67.66
CA VAL A 40 77.71 29.12 -66.69
C VAL A 40 77.72 30.63 -66.95
N GLY A 41 76.74 31.33 -66.38
CA GLY A 41 76.65 32.76 -66.51
C GLY A 41 77.40 33.50 -65.42
N GLU A 42 77.41 34.83 -65.54
CA GLU A 42 78.09 35.67 -64.58
C GLU A 42 77.32 35.70 -63.26
N LYS A 43 78.04 36.03 -62.19
CA LYS A 43 77.52 35.90 -60.83
C LYS A 43 77.19 37.28 -60.26
N ARG A 44 76.02 37.40 -59.66
CA ARG A 44 75.60 38.55 -58.88
C ARG A 44 75.12 38.08 -57.50
N THR A 45 75.07 39.02 -56.56
CA THR A 45 74.78 38.70 -55.16
C THR A 45 73.43 39.25 -54.72
N PHE A 46 72.47 39.35 -55.65
CA PHE A 46 71.13 39.79 -55.28
C PHE A 46 70.29 38.60 -54.82
N PHE A 47 69.57 38.79 -53.72
CA PHE A 47 68.74 37.74 -53.11
C PHE A 47 69.55 36.47 -52.88
N GLY A 48 70.66 36.63 -52.17
CA GLY A 48 71.57 35.54 -51.93
C GLY A 48 72.38 35.19 -53.16
N CYS A 49 73.01 34.00 -53.10
CA CYS A 49 73.80 33.52 -54.22
C CYS A 49 72.89 33.12 -55.39
N ARG A 50 72.84 33.96 -56.41
CA ARG A 50 71.99 33.70 -57.58
C ARG A 50 72.74 34.21 -58.81
N HIS A 51 73.16 33.30 -59.67
CA HIS A 51 73.98 33.61 -60.84
C HIS A 51 73.16 33.41 -62.10
N TYR A 52 73.77 33.75 -63.24
CA TYR A 52 73.16 33.55 -64.55
C TYR A 52 73.63 32.23 -65.12
N THR A 53 73.09 31.88 -66.29
CA THR A 53 73.41 30.59 -66.88
C THR A 53 73.29 30.63 -68.39
N THR A 54 74.24 29.97 -69.07
CA THR A 54 74.20 29.79 -70.52
C THR A 54 74.92 28.49 -70.85
N GLY A 55 74.28 27.63 -71.63
CA GLY A 55 74.73 26.25 -71.75
C GLY A 55 75.14 25.71 -73.11
N LEU A 56 75.90 26.47 -73.89
CA LEU A 56 76.37 26.00 -75.18
C LEU A 56 77.50 24.99 -75.00
N THR A 57 78.00 24.47 -76.12
CA THR A 57 78.91 23.33 -76.14
C THR A 57 80.32 23.78 -76.46
N LEU A 58 81.29 22.86 -76.29
CA LEU A 58 82.69 23.23 -76.50
C LEU A 58 83.46 22.21 -77.32
N MET A 59 82.89 21.03 -77.59
CA MET A 59 83.63 20.00 -78.31
C MET A 59 84.04 20.52 -79.69
N ASP A 60 85.32 20.36 -80.04
CA ASP A 60 85.84 20.80 -81.32
C ASP A 60 86.38 19.66 -82.18
N ILE A 61 87.26 18.83 -81.63
CA ILE A 61 87.98 17.82 -82.41
C ILE A 61 87.77 16.45 -81.79
N LEU A 62 87.84 15.42 -82.64
CA LEU A 62 87.80 14.02 -82.22
C LEU A 62 88.84 13.21 -82.98
N ASP A 63 90.07 13.73 -83.05
CA ASP A 63 91.12 13.06 -83.81
C ASP A 63 91.67 11.85 -83.06
N THR A 64 92.06 12.03 -81.81
CA THR A 64 92.55 10.93 -80.99
C THR A 64 91.45 10.46 -80.04
N ASP A 65 91.84 9.58 -79.11
CA ASP A 65 90.87 8.99 -78.18
C ASP A 65 90.33 10.03 -77.22
N GLY A 66 89.11 10.51 -77.48
CA GLY A 66 88.50 11.53 -76.66
C GLY A 66 87.10 11.22 -76.17
N ASP A 67 86.43 10.27 -76.81
CA ASP A 67 85.05 9.96 -76.47
C ASP A 67 84.84 8.47 -76.17
N LYS A 68 85.85 7.79 -75.64
CA LYS A 68 85.67 6.41 -75.24
C LYS A 68 84.91 6.34 -73.92
N TRP A 69 84.11 5.28 -73.77
CA TRP A 69 83.36 5.08 -72.54
C TRP A 69 83.50 3.63 -72.05
N LYS A 81 79.44 4.28 -60.16
CA LYS A 81 79.01 3.79 -58.85
C LYS A 81 77.66 3.11 -59.00
N ALA A 82 77.06 2.67 -57.89
CA ALA A 82 75.74 2.08 -57.89
C ALA A 82 74.71 3.18 -57.65
N GLU A 83 73.44 2.79 -57.51
CA GLU A 83 72.38 3.76 -57.30
C GLU A 83 72.51 4.35 -55.90
N PHE A 84 72.46 5.67 -55.81
CA PHE A 84 72.49 6.37 -54.52
C PHE A 84 71.12 6.96 -54.27
N GLN A 85 70.64 6.84 -53.03
CA GLN A 85 69.22 7.06 -52.74
C GLN A 85 69.07 8.02 -51.58
N ILE A 86 68.08 8.91 -51.70
CA ILE A 86 67.76 9.92 -50.68
C ILE A 86 66.24 9.94 -50.50
N LEU A 87 65.75 9.22 -49.50
CA LEU A 87 64.37 9.38 -49.01
C LEU A 87 64.38 10.26 -47.76
N ASP A 88 64.43 11.57 -47.98
CA ASP A 88 64.50 12.49 -46.85
C ASP A 88 63.29 13.41 -46.78
N ASN A 89 63.11 13.99 -45.61
CA ASN A 89 62.07 14.99 -45.38
C ASN A 89 62.67 16.12 -44.56
N VAL A 90 62.57 17.35 -45.07
CA VAL A 90 63.13 18.51 -44.41
C VAL A 90 62.01 19.50 -44.09
N ASP A 91 61.96 19.95 -42.84
CA ASP A 91 60.89 20.80 -42.35
C ASP A 91 61.46 22.18 -42.01
N SER A 92 60.76 23.23 -42.44
CA SER A 92 61.16 24.61 -42.17
C SER A 92 59.91 25.43 -41.88
N THR A 93 59.71 25.78 -40.61
CA THR A 93 58.54 26.54 -40.20
C THR A 93 59.01 27.79 -39.46
N GLY A 94 58.31 28.90 -39.68
CA GLY A 94 58.69 30.15 -39.05
C GLY A 94 57.66 31.25 -39.06
N GLU A 95 57.42 31.87 -37.91
CA GLU A 95 56.46 32.96 -37.79
C GLU A 95 57.17 34.19 -37.22
N LEU A 96 57.21 35.26 -38.02
CA LEU A 96 57.73 36.53 -37.59
C LEU A 96 56.59 37.54 -37.60
N ILE A 97 56.28 38.07 -36.42
CA ILE A 97 55.19 39.03 -36.26
C ILE A 97 55.66 40.16 -35.35
N VAL A 98 55.38 41.40 -35.76
CA VAL A 98 55.86 42.60 -35.08
C VAL A 98 54.74 43.63 -35.08
N ARG A 99 54.55 44.31 -33.96
CA ARG A 99 53.55 45.38 -33.84
C ARG A 99 54.27 46.72 -33.76
N LEU A 100 53.79 47.69 -34.54
CA LEU A 100 54.37 49.00 -34.72
C LEU A 100 53.73 50.02 -33.77
N PRO A 101 54.39 51.15 -33.50
CA PRO A 101 53.76 52.20 -32.70
C PRO A 101 52.52 52.80 -33.35
N LYS A 102 52.26 52.51 -34.63
CA LYS A 102 51.05 52.93 -35.31
C LYS A 102 49.95 51.88 -35.22
N GLU A 103 49.92 51.11 -34.13
CA GLU A 103 49.02 50.00 -33.86
C GLU A 103 48.90 49.02 -35.03
N ILE A 104 49.92 48.93 -35.87
CA ILE A 104 49.92 48.01 -37.00
C ILE A 104 50.45 46.67 -36.48
N THR A 105 49.65 45.62 -36.64
CA THR A 105 50.02 44.29 -36.19
C THR A 105 50.58 43.51 -37.37
N ILE A 106 51.74 43.93 -37.87
CA ILE A 106 52.39 43.30 -39.02
C ILE A 106 52.66 41.84 -38.66
N SER A 107 52.32 40.93 -39.57
CA SER A 107 52.38 39.51 -39.28
C SER A 107 52.93 38.74 -40.48
N GLY A 108 53.51 37.58 -40.20
CA GLY A 108 53.87 36.64 -41.24
C GLY A 108 54.17 35.28 -40.64
N SER A 109 53.67 34.21 -41.26
CA SER A 109 53.88 32.85 -40.75
C SER A 109 53.91 31.89 -41.93
N PHE A 110 55.04 31.21 -42.11
CA PHE A 110 55.24 30.29 -43.22
C PHE A 110 55.63 28.93 -42.69
N GLN A 111 55.33 27.89 -43.46
CA GLN A 111 55.80 26.55 -43.13
C GLN A 111 55.93 25.73 -44.41
N GLY A 112 56.99 24.94 -44.47
CA GLY A 112 57.25 24.09 -45.61
C GLY A 112 57.88 22.77 -45.26
N PHE A 113 57.21 21.69 -45.66
CA PHE A 113 57.73 20.34 -45.50
C PHE A 113 58.04 19.77 -46.88
N HIS A 114 59.32 19.48 -47.11
CA HIS A 114 59.78 19.03 -48.40
C HIS A 114 60.13 17.55 -48.32
N HIS A 115 59.55 16.77 -49.22
CA HIS A 115 59.83 15.34 -49.32
C HIS A 115 60.68 15.11 -50.56
N GLN A 116 61.88 14.57 -50.36
CA GLN A 116 62.78 14.32 -51.48
C GLN A 116 62.98 12.82 -51.63
N LYS A 117 62.74 12.35 -52.86
CA LYS A 117 62.91 10.97 -53.30
C LYS A 117 64.04 10.90 -54.31
N ILE A 118 65.15 11.56 -53.97
CA ILE A 118 66.23 11.82 -54.91
C ILE A 118 66.97 10.53 -55.24
N LYS A 119 67.18 10.30 -56.53
CA LYS A 119 67.96 9.17 -57.01
C LYS A 119 69.13 9.69 -57.82
N ILE A 120 70.30 9.07 -57.64
CA ILE A 120 71.55 9.56 -58.21
C ILE A 120 72.32 8.39 -58.82
N SER A 121 72.86 8.59 -60.01
CA SER A 121 73.74 7.62 -60.66
C SER A 121 75.05 8.31 -61.01
N GLU A 122 76.06 7.51 -61.35
CA GLU A 122 77.40 8.02 -61.59
C GLU A 122 77.98 7.46 -62.87
N ASN A 123 78.54 8.35 -63.68
CA ASN A 123 79.25 7.98 -64.90
C ASN A 123 80.68 8.48 -64.75
N ARG A 124 81.62 7.54 -64.62
CA ARG A 124 83.00 7.86 -64.27
C ARG A 124 83.70 8.50 -65.47
N ILE A 125 84.36 9.64 -65.22
CA ILE A 125 85.26 10.25 -66.17
C ILE A 125 86.61 10.43 -65.48
N SER A 126 87.68 10.07 -66.18
CA SER A 126 89.00 10.04 -65.58
C SER A 126 89.47 11.45 -65.22
N GLN A 127 90.17 11.57 -64.09
CA GLN A 127 90.68 12.86 -63.67
C GLN A 127 91.91 13.27 -64.47
N GLN A 128 92.79 12.32 -64.79
CA GLN A 128 93.90 12.64 -65.70
C GLN A 128 93.39 12.88 -67.11
N TYR A 129 92.17 12.44 -67.40
CA TYR A 129 91.56 12.79 -68.67
C TYR A 129 91.33 14.29 -68.78
N LEU A 130 91.24 15.01 -67.66
CA LEU A 130 91.18 16.47 -67.72
C LEU A 130 92.46 17.03 -68.36
N ALA A 131 93.61 16.57 -67.89
CA ALA A 131 94.88 16.94 -68.50
C ALA A 131 94.97 16.49 -69.95
N THR A 132 94.46 15.31 -70.26
CA THR A 132 94.34 14.91 -71.67
C THR A 132 93.50 15.91 -72.47
N LEU A 133 92.49 16.50 -71.83
CA LEU A 133 91.64 17.48 -72.50
C LEU A 133 92.39 18.78 -72.76
N GLU A 134 93.19 19.24 -71.79
CA GLU A 134 94.04 20.38 -72.13
C GLU A 134 95.08 20.01 -73.18
N ASN A 135 95.49 18.75 -73.27
CA ASN A 135 96.38 18.31 -74.34
C ASN A 135 95.72 18.33 -75.71
N ARG A 136 94.39 18.40 -75.77
CA ARG A 136 93.69 18.54 -77.05
C ARG A 136 94.05 19.87 -77.70
N LYS A 137 93.98 19.89 -79.02
CA LYS A 137 94.17 21.12 -79.78
C LYS A 137 92.87 21.92 -79.79
N LEU A 138 92.85 23.06 -79.11
CA LEU A 138 91.66 23.89 -79.01
C LEU A 138 91.54 24.76 -80.25
N LYS A 139 90.62 24.40 -81.14
CA LYS A 139 90.35 25.17 -82.34
C LYS A 139 88.96 24.88 -82.87
N ARG A 140 88.11 25.90 -82.92
CA ARG A 140 86.73 25.74 -83.36
C ARG A 140 86.23 27.08 -83.86
N GLU A 141 85.62 27.07 -85.05
CA GLU A 141 85.08 28.28 -85.67
C GLU A 141 83.57 28.37 -85.49
N LEU A 142 83.04 27.68 -84.49
CA LEU A 142 81.64 27.83 -84.16
C LEU A 142 81.38 29.26 -83.68
N PRO A 143 80.23 29.83 -84.03
CA PRO A 143 79.97 31.23 -83.64
C PRO A 143 79.77 31.41 -82.14
N PHE A 144 80.85 31.34 -81.38
CA PHE A 144 80.82 31.67 -79.96
C PHE A 144 81.90 32.64 -79.53
N SER A 145 82.89 32.94 -80.38
CA SER A 145 84.00 33.80 -79.97
C SER A 145 83.53 35.22 -79.66
N PHE A 146 82.68 35.78 -80.52
CA PHE A 146 82.24 37.16 -80.32
C PHE A 146 81.50 37.33 -79.00
N ARG A 147 80.51 36.48 -78.75
CA ARG A 147 79.73 36.60 -77.52
C ARG A 147 80.56 36.20 -76.29
N SER A 148 81.44 35.21 -76.43
CA SER A 148 82.29 34.83 -75.31
C SER A 148 83.24 35.95 -74.91
N ILE A 149 83.82 36.66 -75.89
CA ILE A 149 84.67 37.79 -75.57
C ILE A 149 83.85 38.95 -75.02
N ASN A 150 82.63 39.15 -75.53
CA ASN A 150 81.77 40.21 -74.99
C ASN A 150 81.44 39.96 -73.53
N THR A 151 81.15 38.71 -73.17
CA THR A 151 80.79 38.38 -71.80
C THR A 151 81.99 38.33 -70.86
N ARG A 152 83.06 37.65 -71.26
CA ARG A 152 84.23 37.40 -70.43
C ARG A 152 83.88 36.78 -69.09
N GLU A 153 83.14 35.67 -69.11
CA GLU A 153 82.71 35.00 -67.89
C GLU A 153 83.78 34.06 -67.34
N ASN A 154 84.92 33.95 -68.04
CA ASN A 154 85.99 32.97 -67.76
C ASN A 154 85.42 31.62 -67.30
N LEU A 155 84.65 31.01 -68.21
CA LEU A 155 83.89 29.79 -67.96
C LEU A 155 84.70 28.71 -67.25
N TYR A 156 84.00 27.92 -66.45
CA TYR A 156 84.58 26.74 -65.81
C TYR A 156 83.84 25.48 -66.28
N LEU A 157 84.45 24.34 -66.03
CA LEU A 157 83.88 23.06 -66.40
C LEU A 157 83.55 22.24 -65.14
N VAL A 158 83.13 21.00 -65.35
CA VAL A 158 82.73 20.14 -64.25
C VAL A 158 83.75 19.02 -64.10
N THR A 159 83.81 18.45 -62.90
CA THR A 159 84.81 17.41 -62.62
C THR A 159 84.34 16.04 -63.10
N GLU A 160 83.23 15.55 -62.56
CA GLU A 160 82.77 14.21 -62.83
C GLU A 160 81.26 14.24 -63.08
N THR A 161 80.79 13.30 -63.91
CA THR A 161 79.38 13.27 -64.29
C THR A 161 78.53 12.77 -63.12
N LEU A 162 77.64 13.63 -62.63
CA LEU A 162 76.73 13.28 -61.54
C LEU A 162 75.33 13.17 -62.16
N GLU A 163 74.94 11.94 -62.48
CA GLU A 163 73.71 11.68 -63.21
C GLU A 163 72.62 11.20 -62.25
N THR A 164 71.38 11.21 -62.74
CA THR A 164 70.23 10.81 -61.95
C THR A 164 69.37 9.85 -62.75
N VAL A 165 68.72 8.91 -62.07
CA VAL A 165 67.63 8.13 -62.65
C VAL A 165 66.48 8.10 -61.64
N LYS A 166 65.60 9.09 -61.74
CA LYS A 166 64.68 9.46 -60.67
C LYS A 166 63.25 9.13 -61.03
N GLU A 167 62.39 9.07 -60.00
CA GLU A 167 60.96 9.18 -60.22
C GLU A 167 60.53 10.64 -60.17
N GLU A 168 59.24 10.87 -60.42
CA GLU A 168 58.72 12.20 -60.65
C GLU A 168 58.28 12.93 -59.38
N THR A 169 58.96 12.88 -58.25
CA THR A 169 58.33 13.24 -56.98
C THR A 169 59.19 14.18 -56.13
N LEU A 170 58.77 15.44 -56.04
CA LEU A 170 59.16 16.35 -54.97
C LEU A 170 57.94 17.14 -54.49
N LYS A 171 57.95 17.55 -53.22
CA LYS A 171 56.85 18.30 -52.62
C LYS A 171 57.39 19.54 -51.92
N SER A 172 56.47 20.46 -51.58
CA SER A 172 56.80 21.74 -50.95
C SER A 172 55.55 22.45 -50.45
N ASP A 173 55.70 23.42 -49.54
CA ASP A 173 54.55 24.16 -49.04
C ASP A 173 55.00 25.48 -48.42
N ARG A 174 54.13 26.50 -48.41
CA ARG A 174 54.31 27.70 -47.61
C ARG A 174 52.95 28.30 -47.27
N GLN A 175 52.96 29.15 -46.25
CA GLN A 175 51.78 29.80 -45.71
C GLN A 175 52.18 31.23 -45.41
N TYR A 176 51.20 32.11 -45.25
CA TYR A 176 51.51 33.47 -44.84
C TYR A 176 50.25 34.09 -44.24
N LYS A 177 50.46 34.94 -43.24
CA LYS A 177 49.35 35.55 -42.51
C LYS A 177 49.81 36.91 -42.01
N PHE A 178 49.17 37.97 -42.50
CA PHE A 178 49.55 39.35 -42.18
C PHE A 178 48.33 40.14 -41.76
N TRP A 179 48.44 40.88 -40.66
CA TRP A 179 47.37 41.74 -40.19
C TRP A 179 47.88 43.18 -40.11
N SER A 180 46.96 44.13 -40.00
CA SER A 180 47.37 45.52 -39.88
C SER A 180 46.22 46.37 -39.35
N GLN A 181 46.59 47.53 -38.79
CA GLN A 181 45.64 48.49 -38.24
C GLN A 181 46.35 49.84 -38.16
N ILE A 182 45.90 50.81 -38.97
CA ILE A 182 46.55 52.12 -39.00
C ILE A 182 45.72 53.15 -38.24
N SER A 183 44.43 53.26 -38.58
CA SER A 183 43.51 54.15 -37.87
C SER A 183 42.19 53.42 -37.61
N GLN A 184 42.17 52.69 -36.49
CA GLN A 184 41.08 51.78 -36.09
C GLN A 184 40.61 50.91 -37.25
N GLY A 185 41.50 50.65 -38.22
CA GLY A 185 41.13 49.89 -39.39
C GLY A 185 41.58 48.44 -39.33
N HIS A 186 40.62 47.52 -39.40
CA HIS A 186 40.92 46.10 -39.43
C HIS A 186 41.58 45.72 -40.74
N LEU A 187 42.61 44.86 -40.70
CA LEU A 187 43.08 44.19 -41.89
C LEU A 187 43.61 42.81 -41.53
N SER A 188 43.01 41.79 -42.14
CA SER A 188 43.43 40.39 -41.97
C SER A 188 43.75 39.83 -43.35
N TYR A 189 44.79 39.03 -43.44
CA TYR A 189 45.35 38.56 -44.70
C TYR A 189 45.90 37.16 -44.51
N LYS A 190 45.42 36.21 -45.30
CA LYS A 190 45.90 34.83 -45.15
C LYS A 190 46.08 34.18 -46.51
N HIS A 191 47.00 33.21 -46.56
CA HIS A 191 47.34 32.52 -47.79
C HIS A 191 47.99 31.18 -47.46
N LYS A 192 47.58 30.14 -48.19
CA LYS A 192 48.13 28.79 -48.01
C LYS A 192 48.41 28.21 -49.39
N GLY A 193 49.68 28.17 -49.80
CA GLY A 193 50.05 27.64 -51.10
C GLY A 193 50.97 26.44 -50.96
N GLN A 194 50.47 25.29 -51.37
CA GLN A 194 51.22 24.03 -51.35
C GLN A 194 51.56 23.66 -52.78
N ARG A 195 52.82 23.29 -53.01
CA ARG A 195 53.30 22.99 -54.35
C ARG A 195 53.94 21.60 -54.37
N GLU A 196 54.11 21.07 -55.57
CA GLU A 196 54.79 19.80 -55.78
C GLU A 196 55.15 19.68 -57.24
N VAL A 197 56.23 18.97 -57.53
CA VAL A 197 56.78 18.91 -58.87
C VAL A 197 57.06 17.46 -59.25
N THR A 198 56.75 17.13 -60.50
CA THR A 198 57.07 15.84 -61.08
C THR A 198 58.51 15.91 -61.58
N ILE A 199 59.39 15.15 -60.93
CA ILE A 199 60.80 15.14 -61.25
C ILE A 199 61.16 14.00 -62.19
N PRO A 200 61.80 14.31 -63.32
CA PRO A 200 62.04 13.30 -64.36
C PRO A 200 63.34 12.56 -64.16
N PRO A 201 63.49 11.36 -64.76
CA PRO A 201 64.59 10.46 -64.39
C PRO A 201 66.01 10.96 -64.63
N ASN A 202 66.40 11.21 -65.88
CA ASN A 202 67.82 11.32 -66.26
C ASN A 202 68.20 12.78 -66.46
N ARG A 203 68.51 13.46 -65.35
CA ARG A 203 68.83 14.88 -65.40
C ARG A 203 70.03 15.15 -64.50
N VAL A 204 70.57 16.36 -64.60
CA VAL A 204 71.76 16.77 -63.86
C VAL A 204 71.38 17.90 -62.91
N LEU A 205 71.78 17.78 -61.65
CA LEU A 205 71.48 18.76 -60.62
C LEU A 205 72.68 19.52 -60.10
N SER A 206 73.76 18.85 -59.77
CA SER A 206 74.90 19.50 -59.15
C SER A 206 76.16 19.24 -59.98
N TYR A 207 77.05 20.23 -60.00
CA TYR A 207 78.22 20.21 -60.86
C TYR A 207 79.39 20.84 -60.12
N ARG A 208 80.55 20.88 -60.78
CA ARG A 208 81.78 21.36 -60.15
C ARG A 208 82.37 22.53 -60.91
N VAL A 209 83.50 23.06 -60.43
CA VAL A 209 84.16 24.23 -60.99
C VAL A 209 85.62 23.89 -61.26
N LYS A 210 86.09 24.22 -62.47
CA LYS A 210 87.50 24.13 -62.80
C LYS A 210 87.79 25.20 -63.85
N GLN A 211 88.62 26.18 -63.50
CA GLN A 211 88.78 27.39 -64.29
C GLN A 211 89.61 27.11 -65.55
N LEU A 212 89.17 27.70 -66.66
CA LEU A 212 89.91 27.65 -67.92
C LEU A 212 90.14 29.06 -68.44
N VAL A 213 91.36 29.31 -68.91
CA VAL A 213 91.72 30.57 -69.54
C VAL A 213 91.95 30.31 -71.03
N PHE A 214 91.45 31.22 -71.86
CA PHE A 214 91.42 30.99 -73.29
C PHE A 214 92.21 32.07 -74.03
N PRO A 215 93.51 31.86 -74.25
CA PRO A 215 94.19 32.59 -75.33
C PRO A 215 93.61 32.17 -76.67
N ASN A 216 93.66 33.08 -77.64
CA ASN A 216 92.88 32.92 -78.86
C ASN A 216 93.25 31.65 -79.62
N LYS A 217 94.49 31.19 -79.47
CA LYS A 217 94.92 29.96 -80.14
C LYS A 217 94.78 28.72 -79.27
N GLU A 218 95.46 28.69 -78.12
CA GLU A 218 95.49 27.52 -77.25
C GLU A 218 95.18 27.94 -75.82
N THR A 219 94.53 27.05 -75.08
CA THR A 219 94.03 27.37 -73.74
C THR A 219 94.96 26.86 -72.65
N MET A 220 94.64 27.23 -71.41
CA MET A 220 95.36 26.79 -70.23
C MET A 220 94.36 26.71 -69.09
N SER A 221 94.78 26.16 -67.95
CA SER A 221 93.85 25.90 -66.85
C SER A 221 94.22 26.66 -65.59
N ALA A 222 93.32 26.58 -64.62
CA ALA A 222 93.48 27.13 -63.28
C ALA A 222 92.61 26.29 -62.37
N GLY A 223 93.23 25.66 -61.36
CA GLY A 223 92.69 24.45 -60.79
C GLY A 223 91.42 24.58 -59.95
N LEU A 224 91.53 25.18 -58.77
CA LEU A 224 90.57 24.93 -57.70
C LEU A 224 89.51 26.04 -57.65
N ASP A 225 88.28 25.68 -58.00
CA ASP A 225 87.05 26.40 -57.66
C ASP A 225 87.22 27.92 -57.71
N ILE A 226 87.72 28.41 -58.85
CA ILE A 226 87.88 29.83 -59.08
C ILE A 226 86.58 30.35 -59.68
N HIS A 227 85.63 30.71 -58.82
CA HIS A 227 84.39 31.35 -59.24
C HIS A 227 84.44 32.86 -59.04
N PHE A 228 85.58 33.38 -58.56
CA PHE A 228 85.83 34.81 -58.48
C PHE A 228 86.39 35.22 -59.84
N ARG A 229 85.55 35.85 -60.66
CA ARG A 229 85.80 35.96 -62.09
C ARG A 229 86.69 37.17 -62.37
N GLY A 230 87.92 36.89 -62.81
CA GLY A 230 88.76 37.91 -63.41
C GLY A 230 89.76 37.31 -64.39
N LYS A 231 89.72 37.76 -65.64
CA LYS A 231 90.59 37.28 -66.70
C LYS A 231 90.58 38.30 -67.84
N THR A 232 91.73 38.46 -68.50
CA THR A 232 91.87 39.40 -69.59
C THR A 232 91.78 38.75 -70.97
N LYS A 233 91.09 37.62 -71.07
CA LYS A 233 90.96 36.93 -72.36
C LYS A 233 90.03 37.70 -73.29
N PHE B 2 74.21 20.92 -38.03
CA PHE B 2 73.22 20.49 -39.00
C PHE B 2 73.83 19.50 -39.97
N SER B 3 75.17 19.43 -39.97
CA SER B 3 75.84 18.34 -40.67
C SER B 3 75.63 17.02 -39.93
N VAL B 4 75.46 15.95 -40.70
CA VAL B 4 75.34 14.61 -40.13
C VAL B 4 76.55 13.74 -40.42
N PHE B 5 77.25 13.96 -41.52
CA PHE B 5 78.29 13.07 -42.03
C PHE B 5 79.59 13.20 -41.24
N GLU B 6 79.83 14.33 -40.61
CA GLU B 6 80.94 14.46 -39.69
C GLU B 6 80.64 13.76 -38.37
N GLU B 7 79.35 13.68 -38.01
CA GLU B 7 78.97 13.12 -36.73
C GLU B 7 79.32 11.64 -36.63
N ILE B 8 78.93 10.84 -37.65
CA ILE B 8 79.17 9.40 -37.61
C ILE B 8 80.67 9.11 -37.59
N THR B 9 81.43 9.84 -38.41
CA THR B 9 82.87 9.77 -38.33
C THR B 9 83.36 10.13 -36.94
N ARG B 10 82.68 11.02 -36.24
CA ARG B 10 83.11 11.37 -34.88
C ARG B 10 82.69 10.31 -33.85
N ILE B 11 81.64 9.54 -34.10
CA ILE B 11 81.44 8.35 -33.27
C ILE B 11 82.61 7.39 -33.46
N VAL B 12 83.07 7.21 -34.69
CA VAL B 12 84.28 6.42 -34.90
C VAL B 12 85.47 7.02 -34.16
N VAL B 13 85.62 8.34 -34.26
CA VAL B 13 86.71 9.05 -33.58
C VAL B 13 86.63 8.84 -32.08
N LYS B 14 85.43 8.95 -31.50
CA LYS B 14 85.27 8.76 -30.06
C LYS B 14 85.58 7.32 -29.64
N GLU B 15 85.14 6.35 -30.45
CA GLU B 15 85.48 4.96 -30.20
C GLU B 15 86.99 4.73 -30.28
N MET B 16 87.73 5.65 -30.92
CA MET B 16 89.18 5.72 -30.76
C MET B 16 89.67 6.48 -29.53
N ASP B 17 89.30 7.75 -29.38
CA ASP B 17 89.82 8.65 -28.35
C ASP B 17 88.95 9.90 -28.35
N ALA B 18 89.01 10.64 -27.25
CA ALA B 18 88.22 11.85 -27.08
C ALA B 18 88.82 12.96 -27.94
N GLY B 19 88.43 12.99 -29.22
CA GLY B 19 88.92 13.99 -30.14
C GLY B 19 90.42 13.98 -30.34
N GLY B 20 91.05 12.81 -30.33
CA GLY B 20 92.50 12.74 -30.36
C GLY B 20 93.10 12.35 -31.69
N ASP B 21 93.58 11.11 -31.78
CA ASP B 21 94.32 10.67 -32.95
C ASP B 21 93.45 10.66 -34.20
N MET B 22 92.27 10.04 -34.13
CA MET B 22 91.62 9.57 -35.33
C MET B 22 90.99 10.77 -36.06
N ILE B 23 90.90 10.69 -37.38
CA ILE B 23 90.49 11.83 -38.20
C ILE B 23 89.26 11.48 -39.03
N ALA B 24 88.47 12.52 -39.34
CA ALA B 24 87.16 12.41 -39.96
C ALA B 24 87.14 13.08 -41.32
N VAL B 25 86.12 12.73 -42.13
CA VAL B 25 85.97 13.21 -43.50
C VAL B 25 84.58 13.82 -43.62
N ARG B 26 84.37 14.67 -44.62
CA ARG B 26 83.13 15.45 -44.73
C ARG B 26 82.05 14.74 -45.56
N SER B 27 82.42 14.08 -46.65
CA SER B 27 81.43 13.47 -47.54
C SER B 27 82.04 12.32 -48.34
N LEU B 28 81.19 11.64 -49.10
CA LEU B 28 81.51 10.30 -49.59
C LEU B 28 81.16 10.12 -51.07
N VAL B 29 81.50 11.10 -51.91
CA VAL B 29 81.64 10.80 -53.34
C VAL B 29 83.07 10.41 -53.66
N ASP B 30 84.02 11.19 -53.13
CA ASP B 30 85.44 10.87 -53.29
C ASP B 30 86.01 10.28 -51.99
N ALA B 31 85.14 9.92 -51.04
CA ALA B 31 85.64 9.26 -49.83
C ALA B 31 85.94 7.79 -50.10
N ASP B 32 85.13 7.15 -50.95
CA ASP B 32 85.50 5.82 -51.42
C ASP B 32 86.84 5.84 -52.13
N ARG B 33 87.24 7.00 -52.65
CA ARG B 33 88.54 7.16 -53.27
C ARG B 33 89.48 7.89 -52.29
N PHE B 34 89.05 8.09 -51.06
CA PHE B 34 89.94 8.55 -49.99
C PHE B 34 90.61 7.36 -49.31
N ARG B 35 91.16 6.50 -50.16
CA ARG B 35 91.97 5.37 -49.73
C ARG B 35 93.39 5.87 -49.51
N CYS B 36 94.34 4.95 -49.42
CA CYS B 36 95.74 5.33 -49.25
C CYS B 36 96.23 6.14 -50.44
N PHE B 37 97.32 6.89 -50.22
CA PHE B 37 97.98 7.70 -51.24
C PHE B 37 97.13 8.89 -51.69
N HIS B 38 96.47 9.57 -50.76
CA HIS B 38 95.49 10.60 -51.13
C HIS B 38 95.57 11.76 -50.13
N LEU B 39 95.08 12.92 -50.57
CA LEU B 39 95.40 14.19 -49.95
C LEU B 39 94.25 14.72 -49.10
N VAL B 40 94.52 15.84 -48.43
CA VAL B 40 93.54 16.61 -47.69
C VAL B 40 93.80 18.09 -47.97
N GLY B 41 92.83 18.93 -47.63
CA GLY B 41 92.97 20.36 -47.80
C GLY B 41 93.56 21.04 -46.57
N GLU B 42 93.78 22.35 -46.72
CA GLU B 42 94.33 23.14 -45.64
C GLU B 42 93.30 23.33 -44.52
N LYS B 43 93.80 23.61 -43.32
CA LYS B 43 92.98 23.61 -42.11
C LYS B 43 92.72 25.04 -41.65
N ARG B 44 91.47 25.33 -41.34
CA ARG B 44 91.05 26.56 -40.68
C ARG B 44 90.22 26.22 -39.44
N THR B 45 90.09 27.19 -38.54
CA THR B 45 89.45 26.97 -37.25
C THR B 45 88.13 27.72 -37.13
N PHE B 46 87.42 27.89 -38.25
CA PHE B 46 86.11 28.52 -38.20
C PHE B 46 85.04 27.47 -37.93
N PHE B 47 84.12 27.80 -37.01
CA PHE B 47 83.05 26.90 -36.60
C PHE B 47 83.60 25.54 -36.18
N GLY B 48 84.54 25.59 -35.23
CA GLY B 48 85.23 24.40 -34.77
C GLY B 48 86.23 23.90 -35.78
N CYS B 49 86.65 22.65 -35.58
CA CYS B 49 87.60 22.02 -36.48
C CYS B 49 86.93 21.68 -37.82
N ARG B 50 87.21 22.48 -38.84
CA ARG B 50 86.62 22.28 -40.16
C ARG B 50 87.68 22.64 -41.20
N HIS B 51 88.16 21.63 -41.93
CA HIS B 51 89.25 21.80 -42.89
C HIS B 51 88.71 21.64 -44.31
N TYR B 52 89.59 21.85 -45.28
CA TYR B 52 89.27 21.69 -46.68
C TYR B 52 89.67 20.28 -47.13
N THR B 53 89.36 19.96 -48.38
CA THR B 53 89.63 18.60 -48.86
C THR B 53 89.86 18.60 -50.37
N THR B 54 90.82 17.80 -50.81
CA THR B 54 91.09 17.56 -52.22
C THR B 54 91.68 16.17 -52.36
N GLY B 55 91.11 15.36 -53.25
CA GLY B 55 91.38 13.93 -53.26
C GLY B 55 92.02 13.29 -54.47
N LEU B 56 93.02 13.92 -55.08
CA LEU B 56 93.70 13.33 -56.23
C LEU B 56 94.61 12.18 -55.78
N THR B 57 95.28 11.56 -56.75
CA THR B 57 96.00 10.31 -56.56
C THR B 57 97.50 10.56 -56.55
N LEU B 58 98.27 9.54 -56.17
CA LEU B 58 99.72 9.71 -56.06
C LEU B 58 100.50 8.56 -56.66
N MET B 59 99.85 7.45 -57.05
CA MET B 59 100.59 6.31 -57.56
C MET B 59 101.37 6.71 -58.82
N ASP B 60 102.65 6.36 -58.87
CA ASP B 60 103.50 6.68 -60.01
C ASP B 60 104.05 5.45 -60.72
N ILE B 61 104.67 4.52 -59.97
CA ILE B 61 105.39 3.41 -60.55
C ILE B 61 104.88 2.10 -59.97
N LEU B 62 104.99 1.04 -60.77
CA LEU B 62 104.66 -0.33 -60.35
C LEU B 62 105.74 -1.29 -60.86
N ASP B 63 107.01 -0.94 -60.65
CA ASP B 63 108.10 -1.77 -61.14
C ASP B 63 108.30 -3.02 -60.28
N THR B 64 108.43 -2.82 -58.97
CA THR B 64 108.56 -3.95 -58.06
C THR B 64 107.23 -4.24 -57.36
N ASP B 65 107.28 -5.11 -56.36
CA ASP B 65 106.06 -5.54 -55.67
C ASP B 65 105.47 -4.38 -54.87
N GLY B 66 104.41 -3.78 -55.40
CA GLY B 66 103.78 -2.64 -54.75
C GLY B 66 102.28 -2.74 -54.59
N ASP B 67 101.64 -3.64 -55.34
CA ASP B 67 100.19 -3.75 -55.32
C ASP B 67 99.72 -5.18 -55.05
N LYS B 68 100.49 -5.97 -54.30
CA LYS B 68 100.03 -7.29 -53.94
C LYS B 68 99.00 -7.21 -52.82
N TRP B 69 98.05 -8.14 -52.83
CA TRP B 69 97.02 -8.20 -51.81
C TRP B 69 96.86 -9.62 -51.28
N LYS B 81 90.39 -7.94 -40.61
CA LYS B 81 89.63 -8.31 -39.43
C LYS B 81 88.25 -8.82 -39.88
N ALA B 82 87.38 -9.13 -38.92
CA ALA B 82 86.02 -9.54 -39.21
C ALA B 82 85.12 -8.31 -39.22
N GLU B 83 83.81 -8.53 -39.37
CA GLU B 83 82.87 -7.41 -39.41
C GLU B 83 82.77 -6.79 -38.02
N PHE B 84 82.88 -5.46 -37.96
CA PHE B 84 82.72 -4.73 -36.72
C PHE B 84 81.41 -3.95 -36.78
N GLN B 85 80.67 -3.96 -35.69
CA GLN B 85 79.27 -3.55 -35.72
C GLN B 85 78.99 -2.52 -34.63
N ILE B 86 78.18 -1.52 -34.98
CA ILE B 86 77.78 -0.43 -34.08
C ILE B 86 76.28 -0.21 -34.25
N LEU B 87 75.49 -0.82 -33.37
CA LEU B 87 74.07 -0.45 -33.21
C LEU B 87 73.92 0.47 -32.01
N ASP B 88 74.20 1.75 -32.22
CA ASP B 88 74.14 2.70 -31.12
C ASP B 88 73.08 3.76 -31.34
N ASN B 89 72.72 4.43 -30.24
CA ASN B 89 71.80 5.55 -30.26
C ASN B 89 72.36 6.63 -29.34
N VAL B 90 72.53 7.83 -29.88
CA VAL B 90 73.09 8.94 -29.12
C VAL B 90 72.07 10.08 -29.08
N ASP B 91 71.82 10.60 -27.87
CA ASP B 91 70.78 11.60 -27.66
C ASP B 91 71.44 12.90 -27.22
N SER B 92 71.01 14.01 -27.80
CA SER B 92 71.52 15.34 -27.48
C SER B 92 70.36 16.32 -27.48
N THR B 93 69.94 16.75 -26.29
CA THR B 93 68.81 17.68 -26.16
C THR B 93 69.27 18.88 -25.36
N GLY B 94 68.80 20.07 -25.74
CA GLY B 94 69.21 21.28 -25.05
C GLY B 94 68.35 22.50 -25.32
N GLU B 95 67.95 23.20 -24.26
CA GLU B 95 67.15 24.41 -24.37
C GLU B 95 67.87 25.56 -23.68
N LEU B 96 68.24 26.57 -24.46
CA LEU B 96 68.82 27.79 -23.94
C LEU B 96 67.85 28.94 -24.22
N ILE B 97 67.36 29.56 -23.15
CA ILE B 97 66.41 30.66 -23.25
C ILE B 97 66.81 31.76 -22.27
N VAL B 98 66.79 33.00 -22.74
CA VAL B 98 67.27 34.15 -22.00
C VAL B 98 66.33 35.32 -22.26
N ARG B 99 65.99 36.07 -21.21
CA ARG B 99 65.16 37.26 -21.34
C ARG B 99 66.01 38.50 -21.12
N LEU B 100 65.85 39.48 -22.00
CA LEU B 100 66.63 40.71 -22.06
C LEU B 100 65.93 41.83 -21.30
N PRO B 101 66.67 42.88 -20.89
CA PRO B 101 66.03 44.05 -20.27
C PRO B 101 65.05 44.77 -21.19
N LYS B 102 65.05 44.46 -22.48
CA LYS B 102 64.08 44.99 -23.43
C LYS B 102 62.86 44.11 -23.57
N GLU B 103 62.49 43.40 -22.51
CA GLU B 103 61.39 42.42 -22.44
C GLU B 103 61.41 41.42 -23.59
N ILE B 104 62.58 41.16 -24.18
CA ILE B 104 62.71 40.20 -25.27
C ILE B 104 62.91 38.83 -24.63
N THR B 105 62.04 37.88 -24.95
CA THR B 105 62.11 36.53 -24.41
C THR B 105 62.81 35.64 -25.42
N ILE B 106 64.11 35.88 -25.65
CA ILE B 106 64.88 35.12 -26.63
C ILE B 106 64.88 33.66 -26.19
N SER B 107 64.62 32.77 -27.14
CA SER B 107 64.43 31.37 -26.82
C SER B 107 65.11 30.48 -27.85
N GLY B 108 65.46 29.27 -27.43
CA GLY B 108 65.90 28.23 -28.36
C GLY B 108 65.87 26.88 -27.70
N SER B 109 65.39 25.86 -28.39
CA SER B 109 65.30 24.51 -27.84
C SER B 109 65.45 23.50 -28.97
N PHE B 110 66.49 22.67 -28.88
CA PHE B 110 66.80 21.69 -29.91
C PHE B 110 66.88 20.31 -29.28
N GLN B 111 66.62 19.28 -30.08
CA GLN B 111 66.83 17.91 -29.64
C GLN B 111 67.12 17.03 -30.84
N GLY B 112 68.05 16.10 -30.65
CA GLY B 112 68.42 15.18 -31.70
C GLY B 112 68.78 13.81 -31.19
N PHE B 113 68.08 12.81 -31.71
CA PHE B 113 68.36 11.41 -31.43
C PHE B 113 68.89 10.75 -32.69
N HIS B 114 70.13 10.28 -32.62
CA HIS B 114 70.82 9.72 -33.78
C HIS B 114 70.93 8.21 -33.60
N HIS B 115 70.45 7.48 -34.60
CA HIS B 115 70.57 6.02 -34.61
C HIS B 115 71.62 5.62 -35.62
N GLN B 116 72.67 4.95 -35.15
CA GLN B 116 73.75 4.54 -36.03
C GLN B 116 73.78 3.02 -36.13
N LYS B 117 73.75 2.53 -37.37
CA LYS B 117 73.82 1.12 -37.75
C LYS B 117 75.13 0.86 -38.46
N ILE B 118 76.21 1.39 -37.89
CA ILE B 118 77.50 1.46 -38.57
C ILE B 118 78.11 0.07 -38.71
N LYS B 119 78.57 -0.24 -39.91
CA LYS B 119 79.27 -1.48 -40.19
C LYS B 119 80.66 -1.15 -40.73
N ILE B 120 81.66 -1.91 -40.27
CA ILE B 120 83.05 -1.61 -40.58
C ILE B 120 83.77 -2.89 -40.95
N SER B 121 84.59 -2.82 -42.01
CA SER B 121 85.45 -3.91 -42.43
C SER B 121 86.89 -3.41 -42.49
N GLU B 122 87.83 -4.36 -42.58
CA GLU B 122 89.25 -4.03 -42.51
C GLU B 122 90.01 -4.73 -43.62
N ASN B 123 90.85 -3.94 -44.30
CA ASN B 123 91.76 -4.44 -45.32
C ASN B 123 93.18 -4.14 -44.86
N ARG B 124 93.93 -5.18 -44.52
CA ARG B 124 95.23 -5.04 -43.87
C ARG B 124 96.26 -4.54 -44.89
N ILE B 125 96.98 -3.49 -44.51
CA ILE B 125 98.16 -3.04 -45.25
C ILE B 125 99.33 -3.00 -44.27
N SER B 126 100.47 -3.53 -44.71
CA SER B 126 101.61 -3.71 -43.82
C SER B 126 102.16 -2.36 -43.39
N GLN B 127 102.61 -2.28 -42.12
CA GLN B 127 103.19 -1.05 -41.62
C GLN B 127 104.61 -0.83 -42.13
N GLN B 128 105.41 -1.89 -42.24
CA GLN B 128 106.72 -1.78 -42.87
C GLN B 128 106.57 -1.51 -44.36
N TYR B 129 105.40 -1.82 -44.91
CA TYR B 129 105.12 -1.44 -46.29
C TYR B 129 105.14 0.07 -46.48
N LEU B 130 104.90 0.84 -45.41
CA LEU B 130 105.06 2.30 -45.50
C LEU B 130 106.50 2.65 -45.84
N ALA B 131 107.46 2.06 -45.12
CA ALA B 131 108.87 2.24 -45.43
C ALA B 131 109.22 1.73 -46.82
N THR B 132 108.63 0.60 -47.23
CA THR B 132 108.77 0.16 -48.61
C THR B 132 108.28 1.23 -49.59
N LEU B 133 107.24 1.97 -49.22
CA LEU B 133 106.69 3.03 -50.06
C LEU B 133 107.66 4.20 -50.18
N GLU B 134 108.27 4.59 -49.05
CA GLU B 134 109.33 5.60 -49.20
C GLU B 134 110.52 5.06 -49.99
N ASN B 135 110.76 3.76 -49.97
CA ASN B 135 111.79 3.16 -50.80
C ASN B 135 111.46 3.20 -52.28
N ARG B 136 110.20 3.44 -52.64
CA ARG B 136 109.83 3.61 -54.05
C ARG B 136 110.50 4.86 -54.62
N LYS B 137 110.73 4.83 -55.93
CA LYS B 137 111.24 6.00 -56.64
C LYS B 137 110.09 6.94 -56.96
N LEU B 138 110.08 8.10 -56.31
CA LEU B 138 109.03 9.09 -56.49
C LEU B 138 109.30 9.91 -57.74
N LYS B 139 108.56 9.63 -58.81
CA LYS B 139 108.67 10.38 -60.05
C LYS B 139 107.41 10.26 -60.88
N ARG B 140 106.73 11.37 -61.12
CA ARG B 140 105.48 11.38 -61.86
C ARG B 140 105.28 12.76 -62.48
N GLU B 141 104.95 12.77 -63.78
CA GLU B 141 104.74 14.00 -64.52
C GLU B 141 103.26 14.29 -64.69
N LEU B 142 102.43 13.72 -63.82
CA LEU B 142 101.01 14.07 -63.81
C LEU B 142 100.87 15.54 -63.43
N PRO B 143 99.90 16.25 -64.03
CA PRO B 143 99.76 17.67 -63.73
C PRO B 143 99.25 17.94 -62.32
N PHE B 144 100.13 17.76 -61.34
CA PHE B 144 99.82 18.16 -59.96
C PHE B 144 100.90 18.99 -59.31
N SER B 145 102.09 19.12 -59.92
CA SER B 145 103.18 19.85 -59.28
C SER B 145 102.85 21.33 -59.10
N PHE B 146 102.29 21.98 -60.14
CA PHE B 146 102.02 23.41 -60.06
C PHE B 146 101.04 23.72 -58.94
N ARG B 147 99.90 23.02 -58.91
CA ARG B 147 98.90 23.29 -57.89
C ARG B 147 99.38 22.84 -56.50
N SER B 148 100.13 21.74 -56.43
CA SER B 148 100.64 21.30 -55.14
C SER B 148 101.62 22.30 -54.55
N ILE B 149 102.50 22.88 -55.38
CA ILE B 149 103.40 23.92 -54.89
C ILE B 149 102.64 25.20 -54.56
N ASN B 150 101.60 25.53 -55.33
CA ASN B 150 100.81 26.71 -55.02
C ASN B 150 100.12 26.57 -53.66
N THR B 151 99.59 25.38 -53.36
CA THR B 151 98.89 25.16 -52.11
C THR B 151 99.84 25.00 -50.92
N ARG B 152 100.88 24.16 -51.06
CA ARG B 152 101.79 23.80 -49.99
C ARG B 152 101.05 23.30 -48.74
N GLU B 153 100.20 22.28 -48.92
CA GLU B 153 99.43 21.73 -47.82
C GLU B 153 100.22 20.69 -47.04
N ASN B 154 101.46 20.40 -47.45
CA ASN B 154 102.29 19.31 -46.92
C ASN B 154 101.46 18.07 -46.59
N LEU B 155 100.83 17.52 -47.64
CA LEU B 155 99.88 16.42 -47.56
C LEU B 155 100.35 15.29 -46.66
N TYR B 156 99.39 14.61 -46.02
CA TYR B 156 99.66 13.40 -45.26
C TYR B 156 98.87 12.23 -45.86
N LEU B 157 99.26 11.03 -45.47
CA LEU B 157 98.61 9.81 -45.94
C LEU B 157 97.91 9.10 -44.78
N VAL B 158 97.37 7.93 -45.06
CA VAL B 158 96.62 7.16 -44.08
C VAL B 158 97.43 5.94 -43.68
N THR B 159 97.14 5.42 -42.48
CA THR B 159 97.91 4.27 -41.98
C THR B 159 97.37 2.95 -42.53
N GLU B 160 96.11 2.64 -42.24
CA GLU B 160 95.54 1.35 -42.60
C GLU B 160 94.15 1.56 -43.19
N THR B 161 93.75 0.66 -44.08
CA THR B 161 92.47 0.79 -44.76
C THR B 161 91.32 0.46 -43.81
N LEU B 162 90.47 1.44 -43.55
CA LEU B 162 89.31 1.28 -42.69
C LEU B 162 88.08 1.31 -43.60
N GLU B 163 87.60 0.13 -43.99
CA GLU B 163 86.54 -0.01 -44.98
C GLU B 163 85.21 -0.30 -44.27
N THR B 164 84.12 -0.14 -45.03
CA THR B 164 82.78 -0.36 -44.52
C THR B 164 82.01 -1.23 -45.48
N VAL B 165 81.09 -2.04 -44.95
CA VAL B 165 80.07 -2.71 -45.75
C VAL B 165 78.72 -2.54 -45.03
N LYS B 166 78.03 -1.45 -45.34
CA LYS B 166 76.96 -0.92 -44.50
C LYS B 166 75.61 -1.08 -45.16
N GLU B 167 74.55 -0.98 -44.36
CA GLU B 167 73.22 -0.71 -44.90
C GLU B 167 73.00 0.80 -44.96
N GLU B 168 71.84 1.19 -45.49
CA GLU B 168 71.56 2.57 -45.86
C GLU B 168 70.95 3.39 -44.73
N THR B 169 71.37 3.32 -43.48
CA THR B 169 70.52 3.81 -42.39
C THR B 169 71.29 4.66 -41.38
N LEU B 170 71.03 5.97 -41.39
CA LEU B 170 71.29 6.86 -40.27
C LEU B 170 70.13 7.82 -40.10
N LYS B 171 69.91 8.28 -38.86
CA LYS B 171 68.81 9.20 -38.54
C LYS B 171 69.35 10.39 -37.75
N SER B 172 68.50 11.43 -37.64
CA SER B 172 68.86 12.68 -36.96
C SER B 172 67.64 13.57 -36.77
N ASP B 173 67.71 14.55 -35.86
CA ASP B 173 66.59 15.46 -35.64
C ASP B 173 67.07 16.74 -34.95
N ARG B 174 66.36 17.85 -35.15
CA ARG B 174 66.53 19.05 -34.35
C ARG B 174 65.23 19.84 -34.34
N GLN B 175 65.12 20.72 -33.35
CA GLN B 175 63.95 21.54 -33.10
C GLN B 175 64.46 22.92 -32.73
N TYR B 176 63.60 23.92 -32.81
CA TYR B 176 63.99 25.25 -32.36
C TYR B 176 62.73 26.05 -32.07
N LYS B 177 62.82 26.91 -31.05
CA LYS B 177 61.67 27.69 -30.60
C LYS B 177 62.19 29.00 -30.03
N PHE B 178 61.82 30.11 -30.66
CA PHE B 178 62.31 31.44 -30.29
C PHE B 178 61.13 32.40 -30.16
N TRP B 179 61.12 33.17 -29.08
CA TRP B 179 60.09 34.19 -28.86
C TRP B 179 60.77 35.54 -28.70
N SER B 180 59.98 36.60 -28.81
CA SER B 180 60.53 37.94 -28.61
C SER B 180 59.41 38.96 -28.37
N GLN B 181 59.81 40.07 -27.76
CA GLN B 181 58.91 41.19 -27.45
C GLN B 181 59.75 42.43 -27.23
N ILE B 182 59.64 43.41 -28.13
CA ILE B 182 60.44 44.63 -28.03
C ILE B 182 59.61 45.78 -27.49
N SER B 183 58.45 46.05 -28.11
CA SER B 183 57.53 47.07 -27.63
C SER B 183 56.09 46.53 -27.67
N GLN B 184 55.73 45.86 -26.57
CA GLN B 184 54.47 45.12 -26.42
C GLN B 184 54.16 44.26 -27.65
N GLY B 185 55.19 43.85 -28.39
CA GLY B 185 54.99 43.09 -29.60
C GLY B 185 55.22 41.61 -29.43
N HIS B 186 54.18 40.81 -29.69
CA HIS B 186 54.28 39.36 -29.63
C HIS B 186 55.16 38.85 -30.76
N LEU B 187 56.03 37.87 -30.47
CA LEU B 187 56.66 37.09 -31.52
C LEU B 187 56.90 35.66 -31.04
N SER B 188 56.31 34.70 -31.75
CA SER B 188 56.50 33.28 -31.47
C SER B 188 57.02 32.62 -32.74
N TYR B 189 57.95 31.68 -32.58
CA TYR B 189 58.71 31.10 -33.68
C TYR B 189 59.01 29.65 -33.35
N LYS B 190 58.59 28.72 -34.21
CA LYS B 190 58.83 27.32 -33.93
C LYS B 190 59.21 26.58 -35.21
N HIS B 191 59.98 25.50 -35.04
CA HIS B 191 60.49 24.72 -36.17
C HIS B 191 60.86 23.33 -35.67
N LYS B 192 60.49 22.32 -36.46
CA LYS B 192 60.80 20.92 -36.15
C LYS B 192 61.29 20.24 -37.42
N GLY B 193 62.60 20.02 -37.52
CA GLY B 193 63.17 19.39 -38.70
C GLY B 193 63.87 18.10 -38.35
N GLN B 194 63.31 16.99 -38.84
CA GLN B 194 63.87 15.66 -38.64
C GLN B 194 64.46 15.17 -39.95
N ARG B 195 65.68 14.64 -39.89
CA ARG B 195 66.41 14.22 -41.08
C ARG B 195 66.84 12.77 -40.94
N GLU B 196 67.19 12.16 -42.06
CA GLU B 196 67.72 10.81 -42.09
C GLU B 196 68.38 10.58 -43.44
N VAL B 197 69.39 9.73 -43.46
CA VAL B 197 70.21 9.54 -44.65
C VAL B 197 70.38 8.05 -44.94
N THR B 198 70.30 7.71 -46.22
CA THR B 198 70.56 6.37 -46.70
C THR B 198 72.08 6.22 -46.87
N ILE B 199 72.67 5.39 -46.02
CA ILE B 199 74.12 5.19 -46.01
C ILE B 199 74.51 3.97 -46.83
N PRO B 200 75.42 4.13 -47.79
CA PRO B 200 75.74 3.06 -48.74
C PRO B 200 76.85 2.17 -48.24
N PRO B 201 76.97 0.94 -48.78
CA PRO B 201 77.83 -0.08 -48.16
C PRO B 201 79.32 0.22 -48.09
N ASN B 202 80.01 0.37 -49.22
CA ASN B 202 81.47 0.27 -49.26
C ASN B 202 82.08 1.65 -49.39
N ARG B 203 82.23 2.34 -48.26
CA ARG B 203 82.74 3.70 -48.24
C ARG B 203 83.74 3.86 -47.09
N VAL B 204 84.45 4.98 -47.10
CA VAL B 204 85.49 5.26 -46.11
C VAL B 204 85.06 6.48 -45.29
N LEU B 205 85.16 6.36 -43.97
CA LEU B 205 84.77 7.42 -43.04
C LEU B 205 85.91 8.04 -42.28
N SER B 206 86.81 7.24 -41.71
CA SER B 206 87.86 7.77 -40.85
C SER B 206 89.22 7.31 -41.37
N TYR B 207 90.21 8.18 -41.21
CA TYR B 207 91.53 7.96 -41.78
C TYR B 207 92.58 8.48 -40.80
N ARG B 208 93.85 8.34 -41.18
CA ARG B 208 94.97 8.68 -40.31
C ARG B 208 95.87 9.73 -40.92
N VAL B 209 96.93 10.12 -40.21
CA VAL B 209 97.84 11.17 -40.63
C VAL B 209 99.27 10.65 -40.56
N LYS B 210 100.03 10.85 -41.63
CA LYS B 210 101.46 10.58 -41.64
C LYS B 210 102.12 11.55 -42.61
N GLN B 211 102.96 12.42 -42.09
CA GLN B 211 103.47 13.56 -42.85
C GLN B 211 104.50 13.14 -43.88
N LEU B 212 104.41 13.72 -45.07
CA LEU B 212 105.38 13.52 -46.13
C LEU B 212 105.92 14.87 -46.60
N VAL B 213 107.24 14.94 -46.79
CA VAL B 213 107.91 16.12 -47.34
C VAL B 213 108.41 15.75 -48.73
N PHE B 214 108.24 16.69 -49.67
CA PHE B 214 108.50 16.41 -51.07
C PHE B 214 109.57 17.33 -51.63
N PRO B 215 110.84 16.95 -51.55
CA PRO B 215 111.83 17.54 -52.46
C PRO B 215 111.51 17.14 -53.89
N ASN B 216 111.90 18.01 -54.83
CA ASN B 216 111.39 17.90 -56.20
C ASN B 216 111.75 16.55 -56.82
N LYS B 217 112.84 15.93 -56.39
CA LYS B 217 113.24 14.63 -56.94
C LYS B 217 112.75 13.46 -56.10
N GLU B 218 113.15 13.39 -54.83
CA GLU B 218 112.83 12.26 -53.96
C GLU B 218 112.27 12.78 -52.64
N THR B 219 111.36 12.02 -52.05
CA THR B 219 110.62 12.46 -50.87
C THR B 219 111.22 11.88 -49.59
N MET B 220 110.67 12.35 -48.47
CA MET B 220 111.05 11.86 -47.14
C MET B 220 109.82 11.97 -46.25
N SER B 221 109.89 11.41 -45.04
CA SER B 221 108.73 11.33 -44.18
C SER B 221 108.91 12.09 -42.88
N ALA B 222 107.81 12.16 -42.13
CA ALA B 222 107.74 12.76 -40.80
C ALA B 222 106.59 12.06 -40.10
N GLY B 223 106.87 11.41 -38.97
CA GLY B 223 106.06 10.30 -38.51
C GLY B 223 104.67 10.63 -37.99
N LEU B 224 104.60 11.26 -36.82
CA LEU B 224 103.40 11.18 -36.00
C LEU B 224 102.52 12.42 -36.19
N ASP B 225 101.35 12.21 -36.81
CA ASP B 225 100.19 13.10 -36.76
C ASP B 225 100.57 14.59 -36.80
N ILE B 226 101.37 14.94 -37.79
CA ILE B 226 101.77 16.33 -38.00
C ILE B 226 100.73 16.99 -38.89
N HIS B 227 99.66 17.50 -38.27
CA HIS B 227 98.64 18.27 -38.96
C HIS B 227 98.85 19.78 -38.77
N PHE B 228 99.91 20.16 -38.05
CA PHE B 228 100.34 21.55 -37.95
C PHE B 228 101.23 21.83 -39.14
N ARG B 229 100.68 22.52 -40.14
CA ARG B 229 101.27 22.54 -41.48
C ARG B 229 102.35 23.60 -41.57
N GLY B 230 103.59 23.16 -41.72
CA GLY B 230 104.68 24.03 -42.12
C GLY B 230 105.78 23.27 -42.84
N LYS B 231 106.08 23.67 -44.08
CA LYS B 231 107.09 23.02 -44.92
C LYS B 231 107.47 23.98 -46.04
N THR B 232 108.75 23.97 -46.42
CA THR B 232 109.25 24.85 -47.47
C THR B 232 109.39 24.15 -48.82
N LYS B 233 108.58 23.11 -49.07
CA LYS B 233 108.65 22.39 -50.34
C LYS B 233 108.07 23.23 -51.46
N PHE C 2 83.18 10.20 -20.41
CA PHE C 2 82.36 9.85 -21.57
C PHE C 2 83.04 8.74 -22.37
N SER C 3 84.32 8.51 -22.08
CA SER C 3 84.98 7.33 -22.59
C SER C 3 84.45 6.08 -21.90
N VAL C 4 84.32 5.00 -22.68
CA VAL C 4 83.90 3.72 -22.13
C VAL C 4 85.02 2.69 -22.13
N PHE C 5 85.96 2.77 -23.07
CA PHE C 5 86.96 1.75 -23.32
C PHE C 5 88.06 1.74 -22.28
N GLU C 6 88.31 2.87 -21.61
CA GLU C 6 89.21 2.89 -20.48
C GLU C 6 88.54 2.29 -19.25
N GLU C 7 87.22 2.39 -19.18
CA GLU C 7 86.49 1.92 -17.99
C GLU C 7 86.62 0.41 -17.82
N ILE C 8 86.36 -0.36 -18.87
CA ILE C 8 86.40 -1.82 -18.76
C ILE C 8 87.81 -2.30 -18.41
N THR C 9 88.80 -1.70 -19.06
CA THR C 9 90.18 -1.95 -18.66
C THR C 9 90.41 -1.59 -17.21
N ARG C 10 89.70 -0.58 -16.68
CA ARG C 10 89.88 -0.25 -15.27
C ARG C 10 89.12 -1.20 -14.35
N ILE C 11 88.05 -1.85 -14.81
CA ILE C 11 87.53 -2.96 -14.02
C ILE C 11 88.57 -4.07 -13.94
N VAL C 12 89.27 -4.35 -15.04
CA VAL C 12 90.38 -5.30 -14.98
C VAL C 12 91.44 -4.81 -14.00
N VAL C 13 91.78 -3.52 -14.08
CA VAL C 13 92.79 -2.94 -13.19
C VAL C 13 92.35 -3.08 -11.74
N LYS C 14 91.09 -2.79 -11.43
CA LYS C 14 90.60 -2.90 -10.05
C LYS C 14 90.62 -4.35 -9.57
N GLU C 15 90.25 -5.29 -10.44
CA GLU C 15 90.36 -6.70 -10.11
C GLU C 15 91.79 -7.11 -9.86
N MET C 16 92.76 -6.33 -10.32
CA MET C 16 94.15 -6.43 -9.86
C MET C 16 94.45 -5.68 -8.56
N ASP C 17 94.24 -4.37 -8.51
CA ASP C 17 94.63 -3.51 -7.40
C ASP C 17 93.96 -2.16 -7.61
N ALA C 18 93.87 -1.38 -6.53
CA ALA C 18 93.22 -0.07 -6.56
C ALA C 18 94.13 0.92 -7.28
N GLY C 19 94.03 0.94 -8.61
CA GLY C 19 94.84 1.83 -9.41
C GLY C 19 96.33 1.62 -9.28
N GLY C 20 96.79 0.39 -9.12
CA GLY C 20 98.18 0.13 -8.84
C GLY C 20 99.00 -0.38 -10.01
N ASP C 21 99.32 -1.67 -9.97
CA ASP C 21 100.24 -2.24 -10.95
C ASP C 21 99.66 -2.20 -12.36
N MET C 22 98.43 -2.66 -12.53
CA MET C 22 97.97 -3.10 -13.84
C MET C 22 97.67 -1.87 -14.70
N ILE C 23 97.86 -1.98 -16.02
CA ILE C 23 97.80 -0.84 -16.91
C ILE C 23 96.73 -1.06 -17.98
N ALA C 24 96.17 0.05 -18.47
CA ALA C 24 95.02 0.08 -19.37
C ALA C 24 95.38 0.69 -20.71
N VAL C 25 94.53 0.43 -21.71
CA VAL C 25 94.74 0.88 -23.09
C VAL C 25 93.48 1.65 -23.51
N ARG C 26 93.62 2.48 -24.55
CA ARG C 26 92.54 3.39 -24.93
C ARG C 26 91.58 2.80 -25.97
N SER C 27 92.08 2.04 -26.94
CA SER C 27 91.24 1.52 -28.02
C SER C 27 91.85 0.29 -28.65
N LEU C 28 91.09 -0.32 -29.57
CA LEU C 28 91.34 -1.70 -29.97
C LEU C 28 91.29 -1.90 -31.48
N VAL C 29 91.93 -1.01 -32.25
CA VAL C 29 92.33 -1.39 -33.60
C VAL C 29 93.73 -1.96 -33.59
N ASP C 30 94.65 -1.29 -32.88
CA ASP C 30 96.00 -1.78 -32.73
C ASP C 30 96.21 -2.38 -31.33
N ALA C 31 95.11 -2.59 -30.59
CA ALA C 31 95.25 -3.26 -29.29
C ALA C 31 95.41 -4.76 -29.46
N ASP C 32 94.74 -5.33 -30.47
CA ASP C 32 95.01 -6.72 -30.82
C ASP C 32 96.46 -6.90 -31.22
N ARG C 33 97.11 -5.82 -31.65
CA ARG C 33 98.53 -5.85 -31.98
C ARG C 33 99.33 -5.18 -30.84
N PHE C 34 98.66 -4.89 -29.72
CA PHE C 34 99.36 -4.50 -28.50
C PHE C 34 99.71 -5.73 -27.68
N ARG C 35 100.31 -6.69 -28.36
CA ARG C 35 100.85 -7.89 -27.76
C ARG C 35 102.26 -7.57 -27.25
N CYS C 36 103.04 -8.60 -26.94
CA CYS C 36 104.40 -8.39 -26.48
C CYS C 36 105.24 -7.68 -27.55
N PHE C 37 106.34 -7.06 -27.09
CA PHE C 37 107.30 -6.38 -27.96
C PHE C 37 106.73 -5.12 -28.60
N HIS C 38 105.97 -4.33 -27.84
CA HIS C 38 105.24 -3.21 -28.42
C HIS C 38 105.25 -2.03 -27.46
N LEU C 39 105.02 -0.84 -28.00
CA LEU C 39 105.37 0.42 -27.35
C LEU C 39 104.14 1.12 -26.78
N VAL C 40 104.41 2.23 -26.08
CA VAL C 40 103.40 3.14 -25.58
C VAL C 40 103.91 4.56 -25.81
N GLY C 41 103.00 5.53 -25.71
CA GLY C 41 103.35 6.92 -25.87
C GLY C 41 103.75 7.58 -24.55
N GLU C 42 104.16 8.84 -24.65
CA GLU C 42 104.56 9.61 -23.49
C GLU C 42 103.36 9.96 -22.63
N LYS C 43 103.61 10.22 -21.35
CA LYS C 43 102.57 10.37 -20.35
C LYS C 43 102.40 11.84 -19.97
N ARG C 44 101.16 12.30 -19.94
CA ARG C 44 100.77 13.60 -19.41
C ARG C 44 99.67 13.40 -18.38
N THR C 45 99.48 14.43 -17.54
CA THR C 45 98.55 14.35 -16.41
C THR C 45 97.34 15.25 -16.60
N PHE C 46 96.92 15.47 -17.84
CA PHE C 46 95.71 16.26 -18.09
C PHE C 46 94.48 15.36 -18.04
N PHE C 47 93.45 15.83 -17.35
CA PHE C 47 92.20 15.09 -17.17
C PHE C 47 92.47 13.69 -16.62
N GLY C 48 93.19 13.67 -15.49
CA GLY C 48 93.59 12.42 -14.89
C GLY C 48 94.71 11.76 -15.64
N CYS C 49 94.92 10.47 -15.34
CA CYS C 49 95.95 9.69 -16.00
C CYS C 49 95.55 9.38 -17.44
N ARG C 50 96.14 10.10 -18.39
CA ARG C 50 95.83 9.92 -19.81
C ARG C 50 97.11 10.11 -20.60
N HIS C 51 97.61 9.02 -21.19
CA HIS C 51 98.88 9.01 -21.89
C HIS C 51 98.64 8.87 -23.39
N TYR C 52 99.73 8.92 -24.15
CA TYR C 52 99.70 8.74 -25.60
C TYR C 52 100.00 7.28 -25.92
N THR C 53 99.93 6.94 -27.21
CA THR C 53 100.12 5.56 -27.59
C THR C 53 100.66 5.46 -29.02
N THR C 54 101.59 4.53 -29.23
CA THR C 54 102.12 4.20 -30.55
C THR C 54 102.53 2.74 -30.53
N GLY C 55 102.07 1.98 -31.53
CA GLY C 55 102.15 0.53 -31.44
C GLY C 55 102.94 -0.24 -32.49
N LEU C 56 104.13 0.23 -32.86
CA LEU C 56 104.95 -0.48 -33.83
C LEU C 56 105.59 -1.71 -33.19
N THR C 57 106.36 -2.45 -33.98
CA THR C 57 106.86 -3.78 -33.62
C THR C 57 108.34 -3.71 -33.28
N LEU C 58 108.88 -4.81 -32.73
CA LEU C 58 110.28 -4.80 -32.30
C LEU C 58 111.02 -6.08 -32.71
N MET C 59 110.33 -7.10 -33.21
CA MET C 59 111.01 -8.35 -33.55
C MET C 59 112.07 -8.10 -34.62
N ASP C 60 113.28 -8.60 -34.37
CA ASP C 60 114.39 -8.44 -35.31
C ASP C 60 114.92 -9.76 -35.86
N ILE C 61 115.23 -10.71 -34.98
CA ILE C 61 115.91 -11.94 -35.38
C ILE C 61 115.12 -13.15 -34.91
N LEU C 62 115.25 -14.24 -35.65
CA LEU C 62 114.68 -15.54 -35.29
C LEU C 62 115.70 -16.65 -35.54
N ASP C 63 116.94 -16.46 -35.07
CA ASP C 63 117.99 -17.44 -35.31
C ASP C 63 117.83 -18.65 -34.40
N THR C 64 117.70 -18.43 -33.09
CA THR C 64 117.50 -19.52 -32.15
C THR C 64 116.02 -19.62 -31.77
N ASP C 65 115.74 -20.45 -30.77
CA ASP C 65 114.37 -20.69 -30.35
C ASP C 65 113.75 -19.45 -29.71
N GLY C 66 112.93 -18.73 -30.47
CA GLY C 66 112.33 -17.50 -29.99
C GLY C 66 110.83 -17.41 -30.15
N ASP C 67 110.26 -18.25 -31.02
CA ASP C 67 108.83 -18.18 -31.31
C ASP C 67 108.13 -19.53 -31.14
N LYS C 68 108.62 -20.37 -30.23
CA LYS C 68 107.93 -21.62 -29.93
C LYS C 68 106.70 -21.36 -29.07
N TRP C 69 105.66 -22.17 -29.30
CA TRP C 69 104.43 -22.06 -28.51
C TRP C 69 103.98 -23.43 -28.01
N LYS C 81 95.66 -20.52 -19.03
CA LYS C 81 94.62 -20.75 -18.03
C LYS C 81 93.32 -21.10 -18.76
N ALA C 82 92.23 -21.27 -18.02
CA ALA C 82 90.92 -21.52 -18.59
C ALA C 82 90.21 -20.18 -18.80
N GLU C 83 88.95 -20.24 -19.23
CA GLU C 83 88.19 -19.03 -19.50
C GLU C 83 87.88 -18.34 -18.18
N PHE C 84 88.14 -17.03 -18.11
CA PHE C 84 87.82 -16.23 -16.94
C PHE C 84 86.66 -15.30 -17.30
N GLN C 85 85.70 -15.18 -16.39
CA GLN C 85 84.41 -14.60 -16.73
C GLN C 85 84.04 -13.50 -15.74
N ILE C 86 83.46 -12.42 -16.27
CA ILE C 86 83.03 -11.26 -15.49
C ILE C 86 81.64 -10.86 -15.98
N LEU C 87 80.60 -11.33 -15.30
CA LEU C 87 79.24 -10.78 -15.45
C LEU C 87 78.96 -9.81 -14.32
N ASP C 88 79.43 -8.57 -14.48
CA ASP C 88 79.27 -7.58 -13.44
C ASP C 88 78.43 -6.40 -13.89
N ASN C 89 77.94 -5.65 -12.90
CA ASN C 89 77.19 -4.42 -13.14
C ASN C 89 77.67 -3.39 -12.14
N VAL C 90 78.11 -2.24 -12.64
CA VAL C 90 78.63 -1.17 -11.79
C VAL C 90 77.79 0.08 -11.99
N ASP C 91 77.35 0.67 -10.88
CA ASP C 91 76.43 1.80 -10.90
C ASP C 91 77.14 3.03 -10.34
N SER C 92 76.99 4.16 -11.03
CA SER C 92 77.58 5.42 -10.61
C SER C 92 76.60 6.55 -10.88
N THR C 93 75.99 7.07 -9.82
CA THR C 93 74.99 8.13 -9.95
C THR C 93 75.43 9.30 -9.08
N GLY C 94 75.19 10.52 -9.57
CA GLY C 94 75.60 11.70 -8.83
C GLY C 94 74.98 13.01 -9.29
N GLU C 95 74.46 13.79 -8.35
CA GLU C 95 73.87 15.09 -8.65
C GLU C 95 74.56 16.16 -7.84
N LEU C 96 75.21 17.10 -8.53
CA LEU C 96 75.83 18.26 -7.92
C LEU C 96 75.10 19.50 -8.42
N ILE C 97 74.48 20.21 -7.49
CA ILE C 97 73.71 21.42 -7.80
C ILE C 97 74.04 22.49 -6.77
N VAL C 98 74.29 23.72 -7.26
CA VAL C 98 74.74 24.83 -6.44
C VAL C 98 74.03 26.09 -6.92
N ARG C 99 73.58 26.92 -5.98
CA ARG C 99 72.94 28.19 -6.30
C ARG C 99 73.89 29.33 -5.91
N LEU C 100 74.05 30.28 -6.82
CA LEU C 100 74.97 31.40 -6.73
C LEU C 100 74.28 32.63 -6.14
N PRO C 101 75.05 33.59 -5.61
CA PRO C 101 74.44 34.86 -5.16
C PRO C 101 73.80 35.66 -6.28
N LYS C 102 74.02 35.29 -7.54
CA LYS C 102 73.36 35.92 -8.68
C LYS C 102 72.09 35.18 -9.07
N GLU C 103 71.40 34.56 -8.11
CA GLU C 103 70.21 33.73 -8.26
C GLU C 103 70.34 32.69 -9.36
N ILE C 104 71.56 32.27 -9.68
CA ILE C 104 71.80 31.26 -10.71
C ILE C 104 71.68 29.90 -10.02
N THR C 105 70.78 29.06 -10.52
CA THR C 105 70.56 27.72 -9.94
C THR C 105 71.34 26.71 -10.78
N ILE C 106 72.67 26.79 -10.72
CA ILE C 106 73.54 25.90 -11.49
C ILE C 106 73.25 24.47 -11.05
N SER C 107 73.09 23.57 -12.02
CA SER C 107 72.66 22.21 -11.73
C SER C 107 73.42 21.21 -12.57
N GLY C 108 73.51 19.99 -12.08
CA GLY C 108 74.01 18.87 -12.87
C GLY C 108 73.67 17.55 -12.21
N SER C 109 73.21 16.57 -12.98
CA SER C 109 72.82 15.27 -12.44
C SER C 109 73.09 14.20 -13.50
N PHE C 110 73.96 13.25 -13.17
CA PHE C 110 74.36 12.20 -14.10
C PHE C 110 74.13 10.85 -13.44
N GLN C 111 73.91 9.83 -14.28
CA GLN C 111 73.84 8.47 -13.78
C GLN C 111 74.27 7.51 -14.88
N GLY C 112 75.01 6.48 -14.47
CA GLY C 112 75.47 5.48 -15.41
C GLY C 112 75.53 4.09 -14.81
N PHE C 113 74.84 3.17 -15.46
CA PHE C 113 74.87 1.75 -15.10
C PHE C 113 75.56 0.98 -16.22
N HIS C 114 76.69 0.37 -15.88
CA HIS C 114 77.53 -0.32 -16.85
C HIS C 114 77.41 -1.82 -16.62
N HIS C 115 77.06 -2.54 -17.69
CA HIS C 115 76.98 -3.98 -17.66
C HIS C 115 78.17 -4.54 -18.41
N GLN C 116 79.00 -5.33 -17.73
CA GLN C 116 80.18 -5.91 -18.34
C GLN C 116 80.03 -7.42 -18.40
N LYS C 117 80.20 -7.95 -19.62
CA LYS C 117 80.18 -9.38 -19.95
C LYS C 117 81.57 -9.82 -20.36
N ILE C 118 82.55 -9.42 -19.58
CA ILE C 118 83.95 -9.53 -19.97
C ILE C 118 84.40 -10.98 -19.94
N LYS C 119 85.06 -11.39 -21.02
CA LYS C 119 85.64 -12.73 -21.12
C LYS C 119 87.14 -12.59 -21.35
N ILE C 120 87.91 -13.45 -20.67
CA ILE C 120 89.36 -13.33 -20.66
C ILE C 120 89.98 -14.72 -20.87
N SER C 121 91.01 -14.79 -21.72
CA SER C 121 91.79 -16.00 -21.92
C SER C 121 93.25 -15.68 -21.68
N GLU C 122 94.06 -16.73 -21.55
CA GLU C 122 95.46 -16.59 -21.18
C GLU C 122 96.35 -17.41 -22.09
N ASN C 123 97.41 -16.77 -22.58
CA ASN C 123 98.45 -17.42 -23.37
C ASN C 123 99.76 -17.27 -22.63
N ARG C 124 100.28 -18.38 -22.11
CA ARG C 124 101.42 -18.37 -21.20
C ARG C 124 102.69 -18.04 -21.97
N ILE C 125 103.45 -17.08 -21.46
CA ILE C 125 104.81 -16.81 -21.92
C ILE C 125 105.73 -16.89 -20.71
N SER C 126 106.86 -17.56 -20.89
CA SER C 126 107.75 -17.84 -19.78
C SER C 126 108.38 -16.55 -19.25
N GLN C 127 108.55 -16.48 -17.93
CA GLN C 127 109.16 -15.31 -17.31
C GLN C 127 110.67 -15.29 -17.51
N GLN C 128 111.33 -16.45 -17.43
CA GLN C 128 112.75 -16.52 -17.77
C GLN C 128 112.96 -16.31 -19.26
N TYR C 129 111.90 -16.49 -20.05
CA TYR C 129 111.98 -16.13 -21.46
C TYR C 129 112.23 -14.64 -21.65
N LEU C 130 111.88 -13.81 -20.68
CA LEU C 130 112.24 -12.39 -20.75
C LEU C 130 113.75 -12.22 -20.77
N ALA C 131 114.44 -12.90 -19.85
CA ALA C 131 115.90 -12.91 -19.86
C ALA C 131 116.46 -13.51 -21.13
N THR C 132 115.84 -14.57 -21.64
CA THR C 132 116.21 -15.09 -22.95
C THR C 132 116.08 -14.01 -24.04
N LEU C 133 115.09 -13.13 -23.89
CA LEU C 133 114.88 -12.05 -24.86
C LEU C 133 115.99 -11.01 -24.77
N GLU C 134 116.39 -10.64 -23.55
CA GLU C 134 117.58 -9.79 -23.48
C GLU C 134 118.84 -10.49 -23.98
N ASN C 135 118.89 -11.83 -23.90
CA ASN C 135 119.99 -12.58 -24.47
C ASN C 135 120.00 -12.55 -25.99
N ARG C 136 118.88 -12.18 -26.62
CA ARG C 136 118.84 -12.02 -28.07
C ARG C 136 119.78 -10.89 -28.51
N LYS C 137 120.28 -11.00 -29.73
CA LYS C 137 121.08 -9.93 -30.32
C LYS C 137 120.15 -8.86 -30.90
N LEU C 138 120.16 -7.69 -30.29
CA LEU C 138 119.30 -6.60 -30.70
C LEU C 138 119.94 -5.85 -31.87
N LYS C 139 119.41 -6.09 -33.08
CA LYS C 139 119.88 -5.40 -34.27
C LYS C 139 118.82 -5.41 -35.35
N ARG C 140 118.36 -4.23 -35.76
CA ARG C 140 117.31 -4.10 -36.75
C ARG C 140 117.43 -2.74 -37.42
N GLU C 141 117.39 -2.73 -38.75
CA GLU C 141 117.50 -1.51 -39.53
C GLU C 141 116.14 -1.05 -40.03
N LEU C 142 115.07 -1.48 -39.35
CA LEU C 142 113.75 -0.96 -39.66
C LEU C 142 113.71 0.53 -39.33
N PRO C 143 113.01 1.32 -40.14
CA PRO C 143 112.98 2.77 -39.89
C PRO C 143 112.22 3.16 -38.63
N PHE C 144 112.84 2.91 -37.48
CA PHE C 144 112.30 3.39 -36.21
C PHE C 144 113.32 4.12 -35.35
N SER C 145 114.62 4.08 -35.68
CA SER C 145 115.63 4.69 -34.84
C SER C 145 115.46 6.21 -34.76
N PHE C 146 115.23 6.86 -35.89
CA PHE C 146 115.13 8.32 -35.91
C PHE C 146 113.98 8.80 -35.02
N ARG C 147 112.78 8.25 -35.23
CA ARG C 147 111.63 8.68 -34.44
C ARG C 147 111.73 8.24 -33.00
N SER C 148 112.30 7.05 -32.74
CA SER C 148 112.47 6.61 -31.37
C SER C 148 113.43 7.51 -30.60
N ILE C 149 114.53 7.93 -31.22
CA ILE C 149 115.43 8.87 -30.56
C ILE C 149 114.79 10.25 -30.42
N ASN C 150 113.99 10.68 -31.40
CA ASN C 150 113.30 11.96 -31.29
C ASN C 150 112.34 11.97 -30.11
N THR C 151 111.61 10.86 -29.92
CA THR C 151 110.63 10.77 -28.84
C THR C 151 111.27 10.55 -27.47
N ARG C 152 112.20 9.59 -27.37
CA ARG C 152 112.81 9.16 -26.11
C ARG C 152 111.77 8.79 -25.06
N GLU C 153 110.84 7.89 -25.41
CA GLU C 153 109.79 7.49 -24.49
C GLU C 153 110.25 6.38 -23.54
N ASN C 154 111.50 5.92 -23.67
CA ASN C 154 112.05 4.77 -22.96
C ASN C 154 111.02 3.65 -22.80
N LEU C 155 110.56 3.14 -23.95
CA LEU C 155 109.48 2.17 -24.06
C LEU C 155 109.60 1.02 -23.07
N TYR C 156 108.45 0.50 -22.65
CA TYR C 156 108.38 -0.70 -21.84
C TYR C 156 107.60 -1.78 -22.58
N LEU C 157 107.74 -3.01 -22.10
CA LEU C 157 107.04 -4.15 -22.68
C LEU C 157 106.04 -4.71 -21.69
N VAL C 158 105.42 -5.84 -22.07
CA VAL C 158 104.39 -6.46 -21.25
C VAL C 158 104.92 -7.76 -20.68
N THR C 159 104.32 -8.20 -19.57
CA THR C 159 104.80 -9.40 -18.89
C THR C 159 104.24 -10.66 -19.53
N GLU C 160 102.91 -10.81 -19.52
CA GLU C 160 102.27 -12.03 -19.98
C GLU C 160 101.08 -11.67 -20.86
N THR C 161 100.77 -12.56 -21.80
CA THR C 161 99.69 -12.29 -22.75
C THR C 161 98.33 -12.44 -22.06
N LEU C 162 97.57 -11.35 -22.00
CA LEU C 162 96.23 -11.34 -21.42
C LEU C 162 95.25 -11.19 -22.57
N GLU C 163 94.72 -12.31 -23.04
CA GLU C 163 93.88 -12.36 -24.22
C GLU C 163 92.42 -12.45 -23.83
N THR C 164 91.54 -12.20 -24.81
CA THR C 164 90.10 -12.23 -24.59
C THR C 164 89.44 -13.04 -25.69
N VAL C 165 88.34 -13.71 -25.36
CA VAL C 165 87.43 -14.28 -26.36
C VAL C 165 86.00 -13.91 -25.95
N LYS C 166 85.54 -12.76 -26.41
CA LYS C 166 84.40 -12.07 -25.83
C LYS C 166 83.20 -12.08 -26.78
N GLU C 167 82.02 -11.82 -26.23
CA GLU C 167 80.89 -11.41 -27.04
C GLU C 167 80.87 -9.88 -27.16
N GLU C 168 79.92 -9.38 -27.94
CA GLU C 168 79.91 -8.00 -28.38
C GLU C 168 79.19 -7.06 -27.42
N THR C 169 79.31 -7.14 -26.10
CA THR C 169 78.32 -6.50 -25.24
C THR C 169 78.95 -5.71 -24.10
N LEU C 170 78.88 -4.37 -24.19
CA LEU C 170 79.01 -3.48 -23.04
C LEU C 170 77.96 -2.37 -23.13
N LYS C 171 77.55 -1.84 -21.99
CA LYS C 171 76.54 -0.79 -21.92
C LYS C 171 77.04 0.36 -21.06
N SER C 172 76.34 1.50 -21.13
CA SER C 172 76.70 2.72 -20.42
C SER C 172 75.59 3.77 -20.50
N ASP C 173 75.60 4.76 -19.62
CA ASP C 173 74.58 5.82 -19.66
C ASP C 173 75.06 7.06 -18.90
N ARG C 174 74.57 8.24 -19.26
CA ARG C 174 74.71 9.44 -18.46
C ARG C 174 73.54 10.38 -18.74
N GLN C 175 73.34 11.31 -17.81
CA GLN C 175 72.26 12.28 -17.83
C GLN C 175 72.86 13.60 -17.39
N TYR C 176 72.17 14.69 -17.66
CA TYR C 176 72.62 15.98 -17.15
C TYR C 176 71.44 16.95 -17.15
N LYS C 177 71.42 17.82 -16.15
CA LYS C 177 70.32 18.77 -15.97
C LYS C 177 70.87 20.02 -15.31
N PHE C 178 70.79 21.14 -16.03
CA PHE C 178 71.36 22.41 -15.57
C PHE C 178 70.32 23.51 -15.72
N TRP C 179 70.16 24.33 -14.68
CA TRP C 179 69.26 25.46 -14.70
C TRP C 179 70.05 26.73 -14.41
N SER C 180 69.45 27.88 -14.71
CA SER C 180 70.11 29.15 -14.41
C SER C 180 69.11 30.30 -14.42
N GLN C 181 69.51 31.38 -13.76
CA GLN C 181 68.71 32.61 -13.68
C GLN C 181 69.64 33.74 -13.30
N ILE C 182 69.85 34.69 -14.20
CA ILE C 182 70.77 35.81 -13.95
C ILE C 182 70.00 37.08 -13.63
N SER C 183 69.05 37.46 -14.48
CA SER C 183 68.18 38.61 -14.23
C SER C 183 66.74 38.25 -14.57
N GLN C 184 66.06 37.67 -13.57
CA GLN C 184 64.71 37.10 -13.68
C GLN C 184 64.56 36.24 -14.94
N GLY C 185 65.66 35.67 -15.43
CA GLY C 185 65.62 34.90 -16.64
C GLY C 185 65.62 33.41 -16.41
N HIS C 186 64.57 32.73 -16.88
CA HIS C 186 64.47 31.28 -16.79
C HIS C 186 65.50 30.62 -17.68
N LEU C 187 66.13 29.55 -17.21
CA LEU C 187 66.88 28.66 -18.08
C LEU C 187 66.82 27.24 -17.54
N SER C 188 66.28 26.32 -18.34
CA SER C 188 66.21 24.91 -18.02
C SER C 188 66.91 24.14 -19.13
N TYR C 189 67.66 23.09 -18.76
CA TYR C 189 68.54 22.38 -19.67
C TYR C 189 68.58 20.92 -19.26
N LYS C 190 68.24 20.02 -20.18
CA LYS C 190 68.23 18.59 -19.84
C LYS C 190 68.79 17.77 -20.99
N HIS C 191 69.34 16.61 -20.64
CA HIS C 191 69.98 15.74 -21.62
C HIS C 191 70.05 14.32 -21.04
N LYS C 192 69.73 13.33 -21.88
CA LYS C 192 69.78 11.92 -21.49
C LYS C 192 70.45 11.13 -22.61
N GLY C 193 71.71 10.75 -22.42
CA GLY C 193 72.44 10.01 -23.44
C GLY C 193 72.87 8.66 -22.92
N GLN C 194 72.29 7.61 -23.51
CA GLN C 194 72.61 6.22 -23.18
C GLN C 194 73.40 5.62 -24.32
N ARG C 195 74.50 4.94 -23.99
CA ARG C 195 75.40 4.39 -25.00
C ARG C 195 75.60 2.91 -24.74
N GLU C 196 76.10 2.20 -25.75
CA GLU C 196 76.46 0.80 -25.65
C GLU C 196 77.34 0.44 -26.81
N VAL C 197 78.22 -0.53 -26.61
CA VAL C 197 79.25 -0.87 -27.58
C VAL C 197 79.27 -2.38 -27.81
N THR C 198 79.43 -2.76 -29.08
CA THR C 198 79.61 -4.14 -29.46
C THR C 198 81.09 -4.47 -29.30
N ILE C 199 81.37 -5.34 -28.34
CA ILE C 199 82.75 -5.73 -28.00
C ILE C 199 83.15 -7.01 -28.71
N PRO C 200 84.26 -6.99 -29.45
CA PRO C 200 84.63 -8.13 -30.29
C PRO C 200 85.49 -9.14 -29.55
N PRO C 201 85.56 -10.40 -30.04
CA PRO C 201 86.13 -11.49 -29.24
C PRO C 201 87.60 -11.38 -28.83
N ASN C 202 88.51 -11.35 -29.79
CA ASN C 202 89.93 -11.64 -29.52
C ASN C 202 90.73 -10.35 -29.53
N ARG C 203 90.72 -9.63 -28.40
CA ARG C 203 91.39 -8.34 -28.29
C ARG C 203 92.12 -8.27 -26.96
N VAL C 204 92.96 -7.24 -26.82
CA VAL C 204 93.79 -7.05 -25.64
C VAL C 204 93.36 -5.77 -24.95
N LEU C 205 93.16 -5.84 -23.63
CA LEU C 205 92.72 -4.70 -22.83
C LEU C 205 93.75 -4.20 -21.84
N SER C 206 94.38 -5.08 -21.08
CA SER C 206 95.29 -4.65 -20.03
C SER C 206 96.66 -5.29 -20.24
N TYR C 207 97.70 -4.54 -19.87
CA TYR C 207 99.07 -4.94 -20.13
C TYR C 207 99.95 -4.52 -18.96
N ARG C 208 101.24 -4.83 -19.05
CA ARG C 208 102.17 -4.60 -17.96
C ARG C 208 103.32 -3.69 -18.38
N VAL C 209 104.23 -3.40 -17.46
CA VAL C 209 105.35 -2.50 -17.68
C VAL C 209 106.64 -3.18 -17.29
N LYS C 210 107.64 -3.13 -18.17
CA LYS C 210 109.00 -3.57 -17.87
C LYS C 210 109.96 -2.74 -18.69
N GLN C 211 110.79 -1.94 -18.01
CA GLN C 211 111.58 -0.91 -18.65
C GLN C 211 112.74 -1.51 -19.43
N LEU C 212 112.98 -0.96 -20.62
CA LEU C 212 114.14 -1.32 -21.44
C LEU C 212 114.93 -0.07 -21.80
N VAL C 213 116.25 -0.17 -21.70
CA VAL C 213 117.16 0.89 -22.11
C VAL C 213 117.91 0.43 -23.35
N PHE C 214 118.06 1.32 -24.32
CA PHE C 214 118.58 0.95 -25.63
C PHE C 214 119.86 1.72 -25.94
N PRO C 215 121.01 1.18 -25.59
CA PRO C 215 122.25 1.61 -26.27
C PRO C 215 122.19 1.19 -27.73
N ASN C 216 122.88 1.96 -28.58
CA ASN C 216 122.66 1.86 -30.02
C ASN C 216 122.97 0.45 -30.53
N LYS C 217 123.87 -0.28 -29.87
CA LYS C 217 124.20 -1.63 -30.30
C LYS C 217 123.39 -2.70 -29.57
N GLU C 218 123.49 -2.77 -28.25
CA GLU C 218 122.85 -3.81 -27.45
C GLU C 218 122.09 -3.17 -26.29
N THR C 219 120.99 -3.79 -25.90
CA THR C 219 120.07 -3.22 -24.93
C THR C 219 120.30 -3.81 -23.53
N MET C 220 119.60 -3.23 -22.56
CA MET C 220 119.62 -3.70 -21.17
C MET C 220 118.25 -3.41 -20.57
N SER C 221 118.00 -3.93 -19.38
CA SER C 221 116.66 -3.83 -18.78
C SER C 221 116.66 -3.04 -17.48
N ALA C 222 115.45 -2.81 -16.99
CA ALA C 222 115.18 -2.16 -15.71
C ALA C 222 113.81 -2.67 -15.27
N GLY C 223 113.77 -3.30 -14.09
CA GLY C 223 112.74 -4.29 -13.81
C GLY C 223 111.33 -3.77 -13.60
N LEU C 224 111.09 -3.08 -12.49
CA LEU C 224 109.73 -2.98 -11.94
C LEU C 224 109.09 -1.65 -12.35
N ASP C 225 108.07 -1.74 -13.19
CA ASP C 225 107.04 -0.71 -13.42
C ASP C 225 107.61 0.70 -13.38
N ILE C 226 108.65 0.92 -14.19
CA ILE C 226 109.26 2.25 -14.32
C ILE C 226 108.52 2.99 -15.43
N HIS C 227 107.43 3.65 -15.06
CA HIS C 227 106.69 4.52 -15.98
C HIS C 227 107.05 5.98 -15.76
N PHE C 228 107.96 6.27 -14.84
CA PHE C 228 108.53 7.60 -14.66
C PHE C 228 109.70 7.71 -15.64
N ARG C 229 109.47 8.42 -16.74
CA ARG C 229 110.32 8.32 -17.92
C ARG C 229 111.53 9.23 -17.78
N GLY C 230 112.70 8.63 -17.65
CA GLY C 230 113.95 9.34 -17.83
C GLY C 230 115.07 8.43 -18.27
N LYS C 231 115.68 8.74 -19.42
CA LYS C 231 116.75 7.94 -20.01
C LYS C 231 117.48 8.80 -21.03
N THR C 232 118.80 8.62 -21.13
CA THR C 232 119.63 9.37 -22.06
C THR C 232 119.95 8.60 -23.34
N LYS C 233 119.11 7.67 -23.74
CA LYS C 233 119.33 6.89 -24.95
C LYS C 233 119.13 7.76 -26.19
N PHE D 2 86.40 -1.09 -0.84
CA PHE D 2 85.82 -1.37 -2.16
C PHE D 2 86.53 -2.57 -2.77
N SER D 3 87.66 -2.94 -2.20
CA SER D 3 88.27 -4.22 -2.55
C SER D 3 87.44 -5.38 -1.98
N VAL D 4 87.34 -6.45 -2.76
CA VAL D 4 86.66 -7.66 -2.31
C VAL D 4 87.61 -8.81 -2.07
N PHE D 5 88.74 -8.88 -2.76
CA PHE D 5 89.63 -10.03 -2.79
C PHE D 5 90.47 -10.13 -1.51
N GLU D 6 90.69 -9.02 -0.82
CA GLU D 6 91.33 -9.06 0.49
C GLU D 6 90.33 -9.55 1.53
N GLU D 7 89.04 -9.28 1.31
CA GLU D 7 88.03 -9.62 2.30
C GLU D 7 87.91 -11.12 2.52
N ILE D 8 87.80 -11.89 1.43
CA ILE D 8 87.63 -13.35 1.55
C ILE D 8 88.85 -13.97 2.21
N THR D 9 90.04 -13.52 1.81
CA THR D 9 91.25 -13.92 2.50
C THR D 9 91.20 -13.54 3.97
N ARG D 10 90.53 -12.45 4.31
CA ARG D 10 90.42 -12.09 5.73
C ARG D 10 89.36 -12.90 6.47
N ILE D 11 88.35 -13.43 5.78
CA ILE D 11 87.53 -14.45 6.43
C ILE D 11 88.37 -15.68 6.75
N VAL D 12 89.26 -16.07 5.84
CA VAL D 12 90.20 -17.15 6.16
C VAL D 12 91.07 -16.76 7.35
N VAL D 13 91.58 -15.53 7.33
CA VAL D 13 92.42 -15.04 8.42
C VAL D 13 91.67 -15.09 9.75
N LYS D 14 90.41 -14.63 9.76
CA LYS D 14 89.62 -14.63 10.99
C LYS D 14 89.36 -16.05 11.47
N GLU D 15 89.07 -16.97 10.55
CA GLU D 15 88.91 -18.37 10.90
C GLU D 15 90.20 -18.95 11.48
N MET D 16 91.35 -18.30 11.24
CA MET D 16 92.57 -18.56 12.00
C MET D 16 92.66 -17.80 13.32
N ASP D 17 92.61 -16.48 13.31
CA ASP D 17 92.85 -15.64 14.48
C ASP D 17 92.42 -14.22 14.11
N ALA D 18 92.20 -13.40 15.14
CA ALA D 18 91.74 -12.03 14.97
C ALA D 18 92.90 -11.19 14.46
N GLY D 19 93.10 -11.19 13.14
CA GLY D 19 94.18 -10.43 12.54
C GLY D 19 95.57 -10.81 13.00
N GLY D 20 95.81 -12.09 13.26
CA GLY D 20 97.07 -12.51 13.86
C GLY D 20 98.06 -13.15 12.91
N ASP D 21 98.20 -14.47 13.02
CA ASP D 21 99.22 -15.19 12.27
C ASP D 21 98.98 -15.11 10.77
N MET D 22 97.76 -15.44 10.33
CA MET D 22 97.57 -15.86 8.96
C MET D 22 97.62 -14.63 8.05
N ILE D 23 98.09 -14.81 6.80
CA ILE D 23 98.36 -13.69 5.91
C ILE D 23 97.54 -13.82 4.62
N ALA D 24 97.26 -12.67 4.02
CA ALA D 24 96.34 -12.53 2.89
C ALA D 24 97.06 -12.02 1.65
N VAL D 25 96.43 -12.20 0.49
CA VAL D 25 96.99 -11.83 -0.81
C VAL D 25 95.97 -10.93 -1.50
N ARG D 26 96.43 -10.16 -2.50
CA ARG D 26 95.60 -9.13 -3.12
C ARG D 26 94.82 -9.64 -4.33
N SER D 27 95.43 -10.48 -5.17
CA SER D 27 94.78 -10.93 -6.40
C SER D 27 95.35 -12.26 -6.87
N LEU D 28 94.75 -12.80 -7.93
CA LEU D 28 94.90 -14.21 -8.26
C LEU D 28 95.17 -14.46 -9.74
N VAL D 29 96.06 -13.68 -10.35
CA VAL D 29 96.70 -14.15 -11.58
C VAL D 29 97.99 -14.88 -11.25
N ASP D 30 98.79 -14.31 -10.36
CA ASP D 30 100.02 -14.96 -9.90
C ASP D 30 99.83 -15.53 -8.49
N ALA D 31 98.58 -15.58 -8.01
CA ALA D 31 98.33 -16.22 -6.72
C ALA D 31 98.33 -17.73 -6.84
N ASP D 32 97.83 -18.25 -7.96
CA ASP D 32 98.00 -19.67 -8.24
C ASP D 32 99.47 -20.04 -8.30
N ARG D 33 100.34 -19.06 -8.59
CA ARG D 33 101.78 -19.27 -8.58
C ARG D 33 102.37 -18.68 -7.30
N PHE D 34 101.52 -18.26 -6.36
CA PHE D 34 101.98 -17.92 -5.01
C PHE D 34 101.97 -19.15 -4.12
N ARG D 35 102.59 -20.20 -4.66
CA ARG D 35 102.83 -21.44 -3.94
C ARG D 35 104.11 -21.28 -3.12
N CYS D 36 104.67 -22.38 -2.64
CA CYS D 36 105.90 -22.33 -1.89
C CYS D 36 107.04 -21.76 -2.75
N PHE D 37 108.08 -21.27 -2.06
CA PHE D 37 109.29 -20.74 -2.69
C PHE D 37 109.04 -19.44 -3.46
N HIS D 38 108.25 -18.53 -2.90
CA HIS D 38 107.81 -17.35 -3.63
C HIS D 38 107.76 -16.15 -2.68
N LEU D 39 107.81 -14.96 -3.27
CA LEU D 39 108.15 -13.74 -2.57
C LEU D 39 106.93 -12.87 -2.30
N VAL D 40 107.17 -11.78 -1.56
CA VAL D 40 106.20 -10.74 -1.31
C VAL D 40 106.92 -9.40 -1.43
N GLY D 41 106.15 -8.32 -1.54
CA GLY D 41 106.70 -6.98 -1.62
C GLY D 41 106.88 -6.34 -0.25
N GLU D 42 107.46 -5.14 -0.27
CA GLU D 42 107.69 -4.39 0.95
C GLU D 42 106.37 -3.86 1.52
N LYS D 43 106.37 -3.59 2.82
CA LYS D 43 105.16 -3.28 3.56
C LYS D 43 105.11 -1.79 3.88
N ARG D 44 103.95 -1.18 3.63
CA ARG D 44 103.63 0.17 4.06
C ARG D 44 102.30 0.16 4.81
N THR D 45 102.06 1.22 5.58
CA THR D 45 100.91 1.29 6.47
C THR D 45 99.90 2.33 6.01
N PHE D 46 99.79 2.55 4.71
CA PHE D 46 98.78 3.47 4.19
C PHE D 46 97.47 2.73 3.97
N PHE D 47 96.37 3.35 4.41
CA PHE D 47 95.02 2.78 4.30
C PHE D 47 94.99 1.38 4.92
N GLY D 48 95.43 1.31 6.17
CA GLY D 48 95.52 0.04 6.86
C GLY D 48 96.70 -0.79 6.38
N CYS D 49 96.67 -2.07 6.73
CA CYS D 49 97.71 -2.99 6.31
C CYS D 49 97.60 -3.30 4.82
N ARG D 50 98.48 -2.69 4.02
CA ARG D 50 98.47 -2.88 2.57
C ARG D 50 99.91 -2.89 2.10
N HIS D 51 100.38 -4.04 1.64
CA HIS D 51 101.77 -4.23 1.24
C HIS D 51 101.86 -4.40 -0.28
N TYR D 52 103.08 -4.50 -0.77
CA TYR D 52 103.34 -4.73 -2.19
C TYR D 52 103.52 -6.22 -2.42
N THR D 53 103.70 -6.59 -3.68
CA THR D 53 103.78 -8.00 -4.02
C THR D 53 104.61 -8.21 -5.29
N THR D 54 105.44 -9.26 -5.28
CA THR D 54 106.20 -9.69 -6.44
C THR D 54 106.41 -11.20 -6.33
N GLY D 55 106.10 -11.94 -7.39
CA GLY D 55 105.97 -13.38 -7.28
C GLY D 55 106.86 -14.27 -8.12
N LEU D 56 108.15 -13.96 -8.23
CA LEU D 56 109.07 -14.80 -8.99
C LEU D 56 109.39 -16.08 -8.19
N THR D 57 110.22 -16.93 -8.80
CA THR D 57 110.45 -18.29 -8.32
C THR D 57 111.82 -18.40 -7.67
N LEU D 58 112.08 -19.53 -7.00
CA LEU D 58 113.33 -19.69 -6.27
C LEU D 58 113.99 -21.05 -6.50
N MET D 59 113.29 -22.01 -7.13
CA MET D 59 113.87 -23.34 -7.30
C MET D 59 115.16 -23.26 -8.10
N ASP D 60 116.22 -23.90 -7.59
CA ASP D 60 117.52 -23.90 -8.25
C ASP D 60 117.99 -25.29 -8.66
N ILE D 61 117.97 -26.24 -7.74
CA ILE D 61 118.56 -27.57 -7.97
C ILE D 61 117.54 -28.65 -7.67
N LEU D 62 117.69 -29.78 -8.36
CA LEU D 62 116.90 -30.99 -8.14
C LEU D 62 117.79 -32.22 -8.13
N ASP D 63 118.91 -32.15 -7.40
CA ASP D 63 119.85 -33.27 -7.39
C ASP D 63 119.34 -34.42 -6.54
N THR D 64 118.97 -34.14 -5.30
CA THR D 64 118.42 -35.16 -4.42
C THR D 64 116.89 -35.07 -4.37
N ASP D 65 116.29 -35.82 -3.45
CA ASP D 65 114.84 -35.88 -3.35
C ASP D 65 114.26 -34.55 -2.88
N GLY D 66 113.73 -33.76 -3.81
CA GLY D 66 113.19 -32.46 -3.47
C GLY D 66 111.79 -32.19 -3.97
N ASP D 67 111.32 -32.98 -4.95
CA ASP D 67 110.02 -32.74 -5.55
C ASP D 67 109.13 -33.99 -5.53
N LYS D 68 109.30 -34.85 -4.52
CA LYS D 68 108.40 -35.99 -4.39
C LYS D 68 107.05 -35.56 -3.83
N TRP D 69 106.00 -36.25 -4.27
CA TRP D 69 104.66 -35.96 -3.79
C TRP D 69 103.94 -37.24 -3.39
N LYS D 81 94.26 -33.04 3.49
CA LYS D 81 93.01 -33.10 4.23
C LYS D 81 91.87 -33.32 3.23
N ALA D 82 90.63 -33.31 3.70
CA ALA D 82 89.46 -33.42 2.86
C ALA D 82 88.98 -32.02 2.47
N GLU D 83 87.85 -31.94 1.78
CA GLU D 83 87.33 -30.65 1.34
C GLU D 83 86.83 -29.88 2.55
N PHE D 84 87.23 -28.63 2.68
CA PHE D 84 86.76 -27.75 3.73
C PHE D 84 85.84 -26.70 3.12
N GLN D 85 84.73 -26.42 3.79
CA GLN D 85 83.63 -25.70 3.17
C GLN D 85 83.19 -24.53 4.04
N ILE D 86 82.89 -23.41 3.39
CA ILE D 86 82.45 -22.18 4.04
C ILE D 86 81.26 -21.63 3.26
N LEU D 87 80.04 -21.94 3.69
CA LEU D 87 78.83 -21.24 3.24
C LEU D 87 78.44 -20.19 4.26
N ASP D 88 79.09 -19.04 4.20
CA ASP D 88 78.83 -18.00 5.18
C ASP D 88 78.26 -16.74 4.54
N ASN D 89 77.66 -15.90 5.39
CA ASN D 89 77.15 -14.61 4.99
C ASN D 89 77.53 -13.61 6.06
N VAL D 90 78.20 -12.53 5.67
CA VAL D 90 78.66 -11.50 6.60
C VAL D 90 78.04 -10.17 6.21
N ASP D 91 77.45 -9.49 7.19
CA ASP D 91 76.70 -8.26 6.97
C ASP D 91 77.43 -7.11 7.65
N SER D 92 77.58 -5.99 6.94
CA SER D 92 78.22 -4.80 7.48
C SER D 92 77.47 -3.57 6.99
N THR D 93 76.71 -2.94 7.88
CA THR D 93 75.91 -1.77 7.53
C THR D 93 76.28 -0.63 8.46
N GLY D 94 76.32 0.59 7.93
CA GLY D 94 76.70 1.74 8.73
C GLY D 94 76.37 3.08 8.14
N GLU D 95 75.76 3.97 8.93
CA GLU D 95 75.42 5.31 8.50
C GLU D 95 76.04 6.32 9.44
N LEU D 96 76.95 7.14 8.91
CA LEU D 96 77.55 8.24 9.64
C LEU D 96 77.12 9.54 8.98
N ILE D 97 76.40 10.36 9.74
CA ILE D 97 75.89 11.64 9.25
C ILE D 97 76.11 12.70 10.32
N VAL D 98 76.61 13.87 9.90
CA VAL D 98 77.00 14.94 10.80
C VAL D 98 76.60 16.27 10.16
N ARG D 99 76.05 17.17 10.97
CA ARG D 99 75.67 18.50 10.50
C ARG D 99 76.64 19.52 11.09
N LEU D 100 77.12 20.43 10.23
CA LEU D 100 78.14 21.43 10.52
C LEU D 100 77.50 22.75 10.93
N PRO D 101 78.24 23.63 11.62
CA PRO D 101 77.71 24.97 11.92
C PRO D 101 77.44 25.80 10.67
N LYS D 102 77.89 25.37 9.50
CA LYS D 102 77.58 26.04 8.24
C LYS D 102 76.34 25.43 7.57
N GLU D 103 75.39 24.95 8.36
CA GLU D 103 74.17 24.26 7.95
C GLU D 103 74.40 23.18 6.91
N ILE D 104 75.60 22.59 6.87
CA ILE D 104 75.92 21.53 5.93
C ILE D 104 75.50 20.22 6.58
N THR D 105 74.62 19.48 5.91
CA THR D 105 74.11 18.20 6.42
C THR D 105 74.92 17.08 5.79
N ILE D 106 76.21 16.99 6.14
CA ILE D 106 77.11 15.98 5.60
C ILE D 106 76.55 14.60 5.96
N SER D 107 76.50 13.71 4.99
CA SER D 107 75.84 12.42 5.19
C SER D 107 76.64 11.30 4.54
N GLY D 108 76.46 10.09 5.05
CA GLY D 108 76.97 8.90 4.39
C GLY D 108 76.32 7.66 4.97
N SER D 109 75.93 6.71 4.12
CA SER D 109 75.28 5.49 4.57
C SER D 109 75.63 4.37 3.61
N PHE D 110 76.29 3.33 4.13
CA PHE D 110 76.74 2.20 3.33
C PHE D 110 76.20 0.91 3.91
N GLN D 111 76.04 -0.10 3.05
CA GLN D 111 75.69 -1.42 3.54
C GLN D 111 76.23 -2.47 2.57
N GLY D 112 76.72 -3.56 3.13
CA GLY D 112 77.25 -4.64 2.34
C GLY D 112 77.00 -6.01 2.92
N PHE D 113 76.35 -6.86 2.15
CA PHE D 113 76.13 -8.25 2.52
C PHE D 113 76.95 -9.14 1.59
N HIS D 114 77.88 -9.88 2.17
CA HIS D 114 78.82 -10.70 1.43
C HIS D 114 78.46 -12.16 1.62
N HIS D 115 78.27 -12.86 0.51
CA HIS D 115 78.01 -14.30 0.53
C HIS D 115 79.25 -15.02 0.07
N GLN D 116 79.80 -15.88 0.93
CA GLN D 116 81.01 -16.63 0.60
C GLN D 116 80.68 -18.11 0.51
N LYS D 117 81.05 -18.69 -0.62
CA LYS D 117 80.91 -20.10 -0.95
C LYS D 117 82.29 -20.74 -1.04
N ILE D 118 83.13 -20.44 -0.06
CA ILE D 118 84.55 -20.73 -0.12
C ILE D 118 84.80 -22.22 0.01
N LYS D 119 85.62 -22.75 -0.89
CA LYS D 119 86.04 -24.14 -0.85
C LYS D 119 87.55 -24.21 -0.73
N ILE D 120 88.04 -25.12 0.10
CA ILE D 120 89.46 -25.19 0.44
C ILE D 120 89.93 -26.64 0.38
N SER D 121 91.10 -26.87 -0.22
CA SER D 121 91.73 -28.16 -0.24
C SER D 121 93.15 -28.04 0.33
N GLU D 122 93.76 -29.17 0.65
CA GLU D 122 95.04 -29.18 1.32
C GLU D 122 96.01 -30.14 0.63
N ASN D 123 97.22 -29.65 0.39
CA ASN D 123 98.31 -30.45 -0.15
C ASN D 123 99.44 -30.43 0.88
N ARG D 124 99.69 -31.58 1.51
CA ARG D 124 100.58 -31.68 2.65
C ARG D 124 102.03 -31.54 2.18
N ILE D 125 102.77 -30.66 2.84
CA ILE D 125 104.22 -30.57 2.69
C ILE D 125 104.84 -30.71 4.07
N SER D 126 105.89 -31.53 4.16
CA SER D 126 106.47 -31.88 5.45
C SER D 126 107.11 -30.66 6.10
N GLN D 127 106.99 -30.57 7.42
CA GLN D 127 107.60 -29.46 8.15
C GLN D 127 109.11 -29.63 8.29
N GLN D 128 109.57 -30.86 8.53
CA GLN D 128 111.02 -31.11 8.52
C GLN D 128 111.57 -30.97 7.11
N TYR D 129 110.71 -31.05 6.10
CA TYR D 129 111.15 -30.76 4.75
C TYR D 129 111.61 -29.32 4.61
N LEU D 130 111.15 -28.40 5.47
CA LEU D 130 111.71 -27.05 5.47
C LEU D 130 113.20 -27.07 5.79
N ALA D 131 113.58 -27.80 6.85
CA ALA D 131 114.98 -27.99 7.17
C ALA D 131 115.74 -28.70 6.06
N THR D 132 115.11 -29.69 5.43
CA THR D 132 115.70 -30.29 4.23
C THR D 132 115.95 -29.25 3.15
N LEU D 133 115.07 -28.24 3.05
CA LEU D 133 115.22 -27.18 2.06
C LEU D 133 116.41 -26.28 2.39
N GLU D 134 116.57 -25.93 3.67
CA GLU D 134 117.81 -25.23 4.00
C GLU D 134 119.04 -26.10 3.79
N ASN D 135 118.90 -27.42 3.90
CA ASN D 135 120.01 -28.32 3.59
C ASN D 135 120.35 -28.35 2.11
N ARG D 136 119.46 -27.85 1.24
CA ARG D 136 119.77 -27.75 -0.18
C ARG D 136 120.91 -26.75 -0.40
N LYS D 137 121.65 -26.97 -1.49
CA LYS D 137 122.68 -26.03 -1.89
C LYS D 137 122.06 -24.88 -2.66
N LEU D 138 122.08 -23.68 -2.07
CA LEU D 138 121.47 -22.51 -2.68
C LEU D 138 122.45 -21.90 -3.68
N LYS D 139 122.18 -22.10 -4.97
CA LYS D 139 122.99 -21.53 -6.03
C LYS D 139 122.19 -21.44 -7.33
N ARG D 140 121.99 -20.23 -7.83
CA ARG D 140 121.21 -20.00 -9.03
C ARG D 140 121.65 -18.69 -9.66
N GLU D 141 121.90 -18.73 -10.97
CA GLU D 141 122.34 -17.56 -11.72
C GLU D 141 121.19 -16.95 -12.51
N LEU D 142 119.95 -17.22 -12.08
CA LEU D 142 118.81 -16.55 -12.68
C LEU D 142 118.89 -15.06 -12.39
N PRO D 143 118.49 -14.21 -13.33
CA PRO D 143 118.60 -12.77 -13.11
C PRO D 143 117.64 -12.24 -12.05
N PHE D 144 117.95 -12.53 -10.79
CA PHE D 144 117.20 -11.94 -9.67
C PHE D 144 118.09 -11.31 -8.61
N SER D 145 119.40 -11.53 -8.64
CA SER D 145 120.28 -11.01 -7.60
C SER D 145 120.29 -9.49 -7.57
N PHE D 146 120.40 -8.84 -8.73
CA PHE D 146 120.49 -7.39 -8.77
C PHE D 146 119.24 -6.74 -8.17
N ARG D 147 118.07 -7.14 -8.64
CA ARG D 147 116.83 -6.55 -8.14
C ARG D 147 116.56 -6.95 -6.70
N SER D 148 116.90 -8.19 -6.32
CA SER D 148 116.70 -8.61 -4.94
C SER D 148 117.57 -7.80 -3.97
N ILE D 149 118.82 -7.53 -4.34
CA ILE D 149 119.67 -6.69 -3.50
C ILE D 149 119.19 -5.25 -3.51
N ASN D 150 118.69 -4.76 -4.65
CA ASN D 150 118.17 -3.39 -4.70
C ASN D 150 116.97 -3.23 -3.77
N THR D 151 116.08 -4.23 -3.74
CA THR D 151 114.88 -4.16 -2.91
C THR D 151 115.18 -4.42 -1.43
N ARG D 152 115.94 -5.47 -1.12
CA ARG D 152 116.19 -5.93 0.24
C ARG D 152 114.89 -6.13 1.03
N GLU D 153 113.97 -6.93 0.50
CA GLU D 153 112.69 -7.17 1.16
C GLU D 153 112.79 -8.28 2.20
N ASN D 154 113.98 -8.89 2.35
CA ASN D 154 114.19 -10.10 3.17
C ASN D 154 113.02 -11.08 3.11
N LEU D 155 112.78 -11.55 1.89
CA LEU D 155 111.63 -12.39 1.54
C LEU D 155 111.38 -13.50 2.54
N TYR D 156 110.11 -13.87 2.69
CA TYR D 156 109.71 -15.02 3.47
C TYR D 156 108.98 -16.03 2.58
N LEU D 157 108.85 -17.25 3.10
CA LEU D 157 108.16 -18.32 2.38
C LEU D 157 106.89 -18.72 3.12
N VAL D 158 106.24 -19.76 2.62
CA VAL D 158 104.98 -20.23 3.19
C VAL D 158 105.21 -21.56 3.88
N THR D 159 104.32 -21.88 4.83
CA THR D 159 104.49 -23.12 5.60
C THR D 159 103.92 -24.32 4.86
N GLU D 160 102.61 -24.30 4.58
CA GLU D 160 101.95 -25.46 3.99
C GLU D 160 101.04 -24.98 2.87
N THR D 161 100.83 -25.85 1.88
CA THR D 161 100.03 -25.49 0.71
C THR D 161 98.55 -25.45 1.08
N LEU D 162 97.94 -24.26 0.96
CA LEU D 162 96.52 -24.07 1.23
C LEU D 162 95.84 -23.84 -0.12
N GLU D 163 95.29 -24.91 -0.68
CA GLU D 163 94.74 -24.89 -2.03
C GLU D 163 93.22 -24.80 -1.98
N THR D 164 92.63 -24.47 -3.12
CA THR D 164 91.18 -24.31 -3.23
C THR D 164 90.68 -25.07 -4.45
N VAL D 165 89.46 -25.60 -4.37
CA VAL D 165 88.73 -26.08 -5.54
C VAL D 165 87.31 -25.53 -5.46
N LYS D 166 87.10 -24.35 -6.02
CA LYS D 166 85.96 -23.50 -5.72
C LYS D 166 85.02 -23.40 -6.91
N GLU D 167 83.77 -22.98 -6.64
CA GLU D 167 82.92 -22.46 -7.69
C GLU D 167 83.12 -20.96 -7.82
N GLU D 168 82.43 -20.36 -8.80
CA GLU D 168 82.71 -19.00 -9.24
C GLU D 168 81.90 -17.95 -8.47
N THR D 169 81.72 -18.00 -7.15
CA THR D 169 80.65 -17.21 -6.53
C THR D 169 81.12 -16.46 -5.29
N LEU D 170 81.24 -15.14 -5.39
CA LEU D 170 81.23 -14.22 -4.26
C LEU D 170 80.37 -13.00 -4.59
N LYS D 171 79.79 -12.39 -3.57
CA LYS D 171 78.93 -11.21 -3.74
C LYS D 171 79.37 -10.11 -2.78
N SER D 172 78.85 -8.89 -3.03
CA SER D 172 79.20 -7.70 -2.26
C SER D 172 78.28 -6.53 -2.60
N ASP D 173 78.21 -5.52 -1.74
CA ASP D 173 77.38 -4.35 -2.01
C ASP D 173 77.82 -3.16 -1.17
N ARG D 174 77.58 -1.93 -1.65
CA ARG D 174 77.69 -0.72 -0.84
C ARG D 174 76.75 0.34 -1.38
N GLN D 175 76.46 1.31 -0.52
CA GLN D 175 75.55 2.41 -0.79
C GLN D 175 76.19 3.65 -0.22
N TYR D 176 75.72 4.83 -0.66
CA TYR D 176 76.22 6.05 -0.07
C TYR D 176 75.20 7.16 -0.33
N LYS D 177 75.06 8.07 0.63
CA LYS D 177 74.08 9.14 0.55
C LYS D 177 74.62 10.34 1.30
N PHE D 178 74.85 11.44 0.58
CA PHE D 178 75.45 12.64 1.15
C PHE D 178 74.62 13.86 0.76
N TRP D 179 74.34 14.72 1.74
CA TRP D 179 73.62 15.96 1.51
C TRP D 179 74.49 17.13 1.96
N SER D 180 74.11 18.34 1.53
CA SER D 180 74.85 19.51 1.95
C SER D 180 74.04 20.78 1.71
N GLN D 181 74.41 21.83 2.44
CA GLN D 181 73.77 23.14 2.35
C GLN D 181 74.73 24.17 2.91
N ILE D 182 75.25 25.06 2.07
CA ILE D 182 76.22 26.06 2.51
C ILE D 182 75.57 27.43 2.65
N SER D 183 74.89 27.89 1.60
CA SER D 183 74.14 29.15 1.65
C SER D 183 72.78 28.96 0.99
N GLN D 184 71.83 28.50 1.82
CA GLN D 184 70.48 28.09 1.41
C GLN D 184 70.50 27.21 0.16
N GLY D 185 71.60 26.50 -0.06
CA GLY D 185 71.74 25.70 -1.26
C GLY D 185 71.48 24.22 -1.02
N HIS D 186 70.49 23.67 -1.71
CA HIS D 186 70.19 22.25 -1.64
C HIS D 186 71.29 21.43 -2.27
N LEU D 187 71.68 20.32 -1.66
CA LEU D 187 72.47 19.30 -2.34
C LEU D 187 72.12 17.92 -1.81
N SER D 188 71.66 17.06 -2.71
CA SER D 188 71.34 15.67 -2.40
C SER D 188 72.17 14.78 -3.33
N TYR D 189 72.67 13.67 -2.79
CA TYR D 189 73.64 12.82 -3.47
C TYR D 189 73.39 11.37 -3.06
N LYS D 190 73.16 10.49 -4.03
CA LYS D 190 72.90 9.10 -3.68
C LYS D 190 73.58 8.18 -4.68
N HIS D 191 73.90 6.97 -4.21
CA HIS D 191 74.62 5.99 -5.01
C HIS D 191 74.38 4.60 -4.43
N LYS D 192 74.13 3.63 -5.31
CA LYS D 192 73.91 2.23 -4.90
C LYS D 192 74.70 1.33 -5.85
N GLY D 193 75.84 0.80 -5.38
CA GLY D 193 76.67 -0.06 -6.20
C GLY D 193 76.80 -1.44 -5.59
N GLN D 194 76.24 -2.42 -6.29
CA GLN D 194 76.30 -3.82 -5.89
C GLN D 194 77.24 -4.56 -6.82
N ARG D 195 78.15 -5.35 -6.25
CA ARG D 195 79.16 -6.05 -7.02
C ARG D 195 79.11 -7.54 -6.72
N GLU D 196 79.73 -8.32 -7.59
CA GLU D 196 79.87 -9.76 -7.39
C GLU D 196 80.95 -10.26 -8.34
N VAL D 197 81.62 -11.33 -7.94
CA VAL D 197 82.79 -11.82 -8.66
C VAL D 197 82.68 -13.32 -8.86
N THR D 198 83.05 -13.76 -10.05
CA THR D 198 83.14 -15.18 -10.39
C THR D 198 84.49 -15.69 -9.89
N ILE D 199 84.45 -16.55 -8.88
CA ILE D 199 85.65 -17.08 -8.25
C ILE D 199 86.03 -18.43 -8.84
N PRO D 200 87.27 -18.58 -9.31
CA PRO D 200 87.67 -19.78 -10.04
C PRO D 200 88.21 -20.86 -9.11
N PRO D 201 88.22 -22.14 -9.57
CA PRO D 201 88.46 -23.26 -8.65
C PRO D 201 89.80 -23.31 -7.93
N ASN D 202 90.91 -23.43 -8.66
CA ASN D 202 92.17 -23.88 -8.08
C ASN D 202 93.12 -22.70 -7.92
N ARG D 203 92.95 -21.95 -6.83
CA ARG D 203 93.74 -20.75 -6.58
C ARG D 203 94.16 -20.71 -5.11
N VAL D 204 95.08 -19.80 -4.79
CA VAL D 204 95.64 -19.67 -3.46
C VAL D 204 95.23 -18.32 -2.89
N LEU D 205 94.74 -18.32 -1.65
CA LEU D 205 94.27 -17.11 -0.97
C LEU D 205 95.12 -16.70 0.22
N SER D 206 95.45 -17.63 1.10
CA SER D 206 96.15 -17.28 2.33
C SER D 206 97.44 -18.08 2.45
N TYR D 207 98.44 -17.45 3.03
CA TYR D 207 99.78 -18.03 3.08
C TYR D 207 100.42 -17.69 4.42
N ARG D 208 101.66 -18.15 4.61
CA ARG D 208 102.34 -18.00 5.89
C ARG D 208 103.66 -17.26 5.73
N VAL D 209 104.38 -17.05 6.84
CA VAL D 209 105.63 -16.29 6.86
C VAL D 209 106.71 -17.12 7.54
N LYS D 210 107.87 -17.21 6.90
CA LYS D 210 109.05 -17.81 7.50
C LYS D 210 110.28 -17.13 6.91
N GLN D 211 111.02 -16.42 7.75
CA GLN D 211 112.07 -15.52 7.30
C GLN D 211 113.29 -16.27 6.80
N LEU D 212 113.86 -15.81 5.70
CA LEU D 212 115.10 -16.33 5.16
C LEU D 212 116.11 -15.20 4.98
N VAL D 213 117.34 -15.45 5.38
CA VAL D 213 118.46 -14.54 5.18
C VAL D 213 119.39 -15.13 4.14
N PHE D 214 119.87 -14.29 3.22
CA PHE D 214 120.61 -14.76 2.07
C PHE D 214 122.02 -14.17 2.03
N PRO D 215 123.00 -14.83 2.64
CA PRO D 215 124.39 -14.59 2.25
C PRO D 215 124.60 -15.05 0.83
N ASN D 216 125.55 -14.40 0.14
CA ASN D 216 125.65 -14.52 -1.30
C ASN D 216 125.88 -15.96 -1.73
N LYS D 217 126.51 -16.78 -0.88
CA LYS D 217 126.76 -18.17 -1.22
C LYS D 217 125.68 -19.12 -0.69
N GLU D 218 125.48 -19.14 0.63
CA GLU D 218 124.55 -20.07 1.26
C GLU D 218 123.64 -19.30 2.23
N THR D 219 122.40 -19.77 2.37
CA THR D 219 121.37 -19.06 3.11
C THR D 219 121.21 -19.62 4.52
N MET D 220 120.38 -18.94 5.31
CA MET D 220 120.04 -19.36 6.66
C MET D 220 118.62 -18.88 6.94
N SER D 221 118.04 -19.33 8.05
CA SER D 221 116.64 -19.05 8.34
C SER D 221 116.45 -18.22 9.59
N ALA D 222 115.20 -17.81 9.80
CA ALA D 222 114.73 -17.09 10.98
C ALA D 222 113.25 -17.42 11.11
N GLY D 223 112.87 -18.00 12.25
CA GLY D 223 111.69 -18.85 12.30
C GLY D 223 110.34 -18.15 12.18
N LEU D 224 109.95 -17.40 13.21
CA LEU D 224 108.53 -17.11 13.43
C LEU D 224 108.17 -15.73 12.90
N ASP D 225 107.35 -15.72 11.83
CA ASP D 225 106.54 -14.59 11.39
C ASP D 225 107.28 -13.25 11.53
N ILE D 226 108.47 -13.19 10.98
CA ILE D 226 109.26 -11.96 10.98
C ILE D 226 108.89 -11.17 9.74
N HIS D 227 107.83 -10.36 9.84
CA HIS D 227 107.43 -9.44 8.79
C HIS D 227 107.92 -8.03 9.06
N PHE D 228 108.63 -7.82 10.16
CA PHE D 228 109.31 -6.56 10.46
C PHE D 228 110.67 -6.63 9.77
N ARG D 229 110.78 -5.94 8.65
CA ARG D 229 111.85 -6.18 7.68
C ARG D 229 113.12 -5.41 8.08
N GLY D 230 114.14 -6.16 8.47
CA GLY D 230 115.49 -5.61 8.57
C GLY D 230 116.54 -6.67 8.39
N LYS D 231 117.43 -6.48 7.41
CA LYS D 231 118.49 -7.42 7.09
C LYS D 231 119.53 -6.70 6.24
N THR D 232 120.80 -7.04 6.44
CA THR D 232 121.90 -6.42 5.72
C THR D 232 122.41 -7.26 4.56
N LYS D 233 121.55 -8.11 3.98
CA LYS D 233 121.96 -8.94 2.85
C LYS D 233 122.14 -8.11 1.59
N PHE E 2 83.44 -12.00 18.63
CA PHE E 2 83.12 -12.26 17.22
C PHE E 2 83.77 -13.56 16.78
N SER E 3 84.71 -14.05 17.59
CA SER E 3 85.19 -15.41 17.40
C SER E 3 84.13 -16.43 17.78
N VAL E 4 84.05 -17.51 17.01
CA VAL E 4 83.13 -18.60 17.31
C VAL E 4 83.84 -19.86 17.78
N PHE E 5 85.08 -20.10 17.34
CA PHE E 5 85.78 -21.34 17.53
C PHE E 5 86.31 -21.51 18.95
N GLU E 6 86.54 -20.40 19.66
CA GLU E 6 86.86 -20.48 21.08
C GLU E 6 85.61 -20.78 21.89
N GLU E 7 84.44 -20.37 21.39
CA GLU E 7 83.20 -20.53 22.14
C GLU E 7 82.85 -22.00 22.35
N ILE E 8 82.86 -22.79 21.27
CA ILE E 8 82.48 -24.20 21.37
C ILE E 8 83.44 -24.96 22.29
N THR E 9 84.73 -24.69 22.14
CA THR E 9 85.71 -25.20 23.08
C THR E 9 85.39 -24.77 24.51
N ARG E 10 84.82 -23.58 24.68
CA ARG E 10 84.46 -23.15 26.04
C ARG E 10 83.17 -23.79 26.54
N ILE E 11 82.27 -24.22 25.65
CA ILE E 11 81.19 -25.10 26.13
C ILE E 11 81.78 -26.40 26.63
N VAL E 12 82.78 -26.95 25.94
CA VAL E 12 83.48 -28.12 26.46
C VAL E 12 84.12 -27.80 27.82
N VAL E 13 84.78 -26.64 27.90
CA VAL E 13 85.43 -26.23 29.14
C VAL E 13 84.41 -26.12 30.26
N LYS E 14 83.26 -25.50 30.00
CA LYS E 14 82.23 -25.36 31.03
C LYS E 14 81.68 -26.71 31.45
N GLU E 15 81.47 -27.61 30.50
CA GLU E 15 81.06 -28.98 30.84
C GLU E 15 82.10 -29.69 31.68
N MET E 16 83.35 -29.21 31.68
CA MET E 16 84.34 -29.59 32.69
C MET E 16 84.25 -28.80 34.00
N ASP E 17 84.37 -27.47 33.96
CA ASP E 17 84.48 -26.62 35.15
C ASP E 17 84.32 -25.18 34.68
N ALA E 18 84.00 -24.30 35.62
CA ALA E 18 83.77 -22.89 35.35
C ALA E 18 85.12 -22.22 35.09
N GLY E 19 85.60 -22.30 33.84
CA GLY E 19 86.87 -21.72 33.48
C GLY E 19 88.06 -22.25 34.23
N GLY E 20 88.07 -23.54 34.56
CA GLY E 20 89.10 -24.08 35.42
C GLY E 20 90.16 -24.89 34.71
N ASP E 21 90.10 -26.21 34.87
CA ASP E 21 91.17 -27.08 34.37
C ASP E 21 91.26 -27.03 32.85
N MET E 22 90.14 -27.22 32.16
CA MET E 22 90.19 -27.66 30.78
C MET E 22 90.60 -26.49 29.90
N ILE E 23 91.28 -26.78 28.79
CA ILE E 23 91.89 -25.75 27.95
C ILE E 23 91.36 -25.82 26.53
N ALA E 24 91.36 -24.67 25.86
CA ALA E 24 90.74 -24.46 24.56
C ALA E 24 91.77 -24.09 23.49
N VAL E 25 91.37 -24.24 22.23
CA VAL E 25 92.25 -24.00 21.07
C VAL E 25 91.53 -23.00 20.16
N ARG E 26 92.30 -22.33 19.29
CA ARG E 26 91.75 -21.24 18.49
C ARG E 26 91.19 -21.68 17.14
N SER E 27 91.85 -22.63 16.47
CA SER E 27 91.43 -23.04 15.13
C SER E 27 91.91 -24.45 14.81
N LEU E 28 91.47 -24.95 13.64
CA LEU E 28 91.50 -26.38 13.37
C LEU E 28 92.04 -26.72 11.99
N VAL E 29 93.14 -26.09 11.58
CA VAL E 29 93.97 -26.68 10.52
C VAL E 29 95.05 -27.56 11.14
N ASP E 30 95.71 -27.06 12.17
CA ASP E 30 96.70 -27.84 12.90
C ASP E 30 96.14 -28.32 14.23
N ALA E 31 94.83 -28.20 14.44
CA ALA E 31 94.22 -28.75 15.66
C ALA E 31 94.06 -30.25 15.55
N ASP E 32 93.74 -30.75 14.35
CA ASP E 32 93.77 -32.19 14.14
C ASP E 32 95.16 -32.74 14.40
N ARG E 33 96.18 -31.90 14.29
CA ARG E 33 97.55 -32.29 14.62
C ARG E 33 97.93 -31.73 15.99
N PHE E 34 96.97 -31.17 16.71
CA PHE E 34 97.16 -30.83 18.13
C PHE E 34 96.81 -32.02 19.01
N ARG E 35 97.38 -33.16 18.64
CA ARG E 35 97.29 -34.38 19.40
C ARG E 35 98.38 -34.35 20.47
N CYS E 36 98.67 -35.50 21.08
CA CYS E 36 99.72 -35.57 22.09
C CYS E 36 101.06 -35.19 21.48
N PHE E 37 102.00 -34.80 22.37
CA PHE E 37 103.37 -34.46 22.01
C PHE E 37 103.47 -33.17 21.19
N HIS E 38 102.70 -32.15 21.56
CA HIS E 38 102.59 -30.95 20.74
C HIS E 38 102.50 -29.72 21.64
N LEU E 39 102.83 -28.56 21.05
CA LEU E 39 103.18 -27.37 21.81
C LEU E 39 102.05 -26.35 21.80
N VAL E 40 102.27 -25.27 22.55
CA VAL E 40 101.41 -24.10 22.58
C VAL E 40 102.32 -22.87 22.59
N GLY E 41 101.74 -21.71 22.31
CA GLY E 41 102.46 -20.46 22.33
C GLY E 41 102.43 -19.79 23.71
N GLU E 42 103.16 -18.67 23.79
CA GLU E 42 103.22 -17.91 25.03
C GLU E 42 101.90 -17.20 25.29
N LYS E 43 101.66 -16.87 26.57
CA LYS E 43 100.36 -16.38 27.02
C LYS E 43 100.44 -14.89 27.30
N ARG E 44 99.46 -14.14 26.79
CA ARG E 44 99.23 -12.75 27.13
C ARG E 44 97.78 -12.57 27.58
N THR E 45 97.53 -11.45 28.26
CA THR E 45 96.24 -11.20 28.88
C THR E 45 95.49 -10.06 28.20
N PHE E 46 95.70 -9.87 26.90
CA PHE E 46 94.95 -8.85 26.18
C PHE E 46 93.62 -9.43 25.68
N PHE E 47 92.56 -8.66 25.85
CA PHE E 47 91.20 -9.06 25.47
C PHE E 47 90.85 -10.42 26.08
N GLY E 48 90.99 -10.50 27.40
CA GLY E 48 90.78 -11.74 28.11
C GLY E 48 91.90 -12.72 27.90
N CYS E 49 91.62 -13.98 28.25
CA CYS E 49 92.60 -15.04 28.09
C CYS E 49 92.77 -15.39 26.61
N ARG E 50 93.88 -14.94 26.01
CA ARG E 50 94.14 -15.18 24.59
C ARG E 50 95.64 -15.39 24.44
N HIS E 51 96.05 -16.61 24.11
CA HIS E 51 97.44 -16.99 24.03
C HIS E 51 97.83 -17.22 22.58
N TYR E 52 99.11 -17.50 22.35
CA TYR E 52 99.63 -17.82 21.04
C TYR E 52 99.67 -19.33 20.86
N THR E 53 100.05 -19.77 19.65
CA THR E 53 100.02 -21.20 19.37
C THR E 53 101.06 -21.56 18.31
N THR E 54 101.73 -22.70 18.52
CA THR E 54 102.65 -23.28 17.55
C THR E 54 102.63 -24.79 17.73
N GLY E 55 102.45 -25.52 16.62
CA GLY E 55 102.12 -26.93 16.72
C GLY E 55 103.04 -27.96 16.11
N LEU E 56 104.36 -27.82 16.29
CA LEU E 56 105.29 -28.80 15.76
C LEU E 56 105.26 -30.08 16.60
N THR E 57 106.08 -31.06 16.21
CA THR E 57 106.02 -32.42 16.74
C THR E 57 107.20 -32.66 17.68
N LEU E 58 107.14 -33.80 18.40
CA LEU E 58 108.19 -34.08 19.38
C LEU E 58 108.69 -35.53 19.32
N MET E 59 108.03 -36.41 18.56
CA MET E 59 108.43 -37.81 18.54
C MET E 59 109.87 -37.92 18.03
N ASP E 60 110.70 -38.67 18.77
CA ASP E 60 112.10 -38.86 18.40
C ASP E 60 112.45 -40.32 18.12
N ILE E 61 112.11 -41.23 19.03
CA ILE E 61 112.56 -42.62 18.95
C ILE E 61 111.36 -43.55 19.03
N LEU E 62 111.51 -44.72 18.41
CA LEU E 62 110.53 -45.80 18.47
C LEU E 62 111.24 -47.14 18.68
N ASP E 63 112.16 -47.19 19.63
CA ASP E 63 112.93 -48.41 19.86
C ASP E 63 112.11 -49.46 20.60
N THR E 64 111.50 -49.08 21.72
CA THR E 64 110.65 -49.99 22.48
C THR E 64 109.18 -49.69 22.18
N ASP E 65 108.30 -50.33 22.96
CA ASP E 65 106.86 -50.20 22.75
C ASP E 65 106.39 -48.79 23.07
N GLY E 66 106.17 -47.98 22.03
CA GLY E 66 105.76 -46.60 22.23
C GLY E 66 104.54 -46.18 21.44
N ASP E 67 104.19 -46.93 20.39
CA ASP E 67 103.09 -46.56 19.52
C ASP E 67 102.06 -47.69 19.36
N LYS E 68 101.89 -48.52 20.39
CA LYS E 68 100.85 -49.54 20.33
C LYS E 68 99.47 -48.92 20.58
N TRP E 69 98.47 -49.47 19.94
CA TRP E 69 97.10 -49.00 20.12
C TRP E 69 96.14 -50.16 20.37
N LYS E 81 85.87 -44.49 24.92
CA LYS E 81 84.49 -44.36 25.37
C LYS E 81 83.57 -44.47 24.15
N ALA E 82 82.27 -44.29 24.35
CA ALA E 82 81.30 -44.29 23.27
C ALA E 82 81.11 -42.85 22.78
N GLU E 83 80.18 -42.66 21.86
CA GLU E 83 79.94 -41.32 21.30
C GLU E 83 79.30 -40.45 22.37
N PHE E 84 79.83 -39.25 22.55
CA PHE E 84 79.26 -38.28 23.48
C PHE E 84 78.65 -37.15 22.67
N GLN E 85 77.46 -36.70 23.09
CA GLN E 85 76.63 -35.88 22.22
C GLN E 85 76.17 -34.63 22.96
N ILE E 86 76.17 -33.51 22.25
CA ILE E 86 75.76 -32.20 22.77
C ILE E 86 74.86 -31.54 21.74
N LEU E 87 73.54 -31.67 21.91
CA LEU E 87 72.57 -30.85 21.19
C LEU E 87 72.10 -29.71 22.09
N ASP E 88 72.89 -28.65 22.17
CA ASP E 88 72.57 -27.55 23.06
C ASP E 88 72.32 -26.26 22.29
N ASN E 89 71.67 -25.32 22.98
CA ASN E 89 71.44 -23.98 22.46
C ASN E 89 71.71 -23.00 23.58
N VAL E 90 72.59 -22.03 23.33
CA VAL E 90 72.97 -21.04 24.33
C VAL E 90 72.63 -19.65 23.80
N ASP E 91 71.93 -18.87 24.61
CA ASP E 91 71.43 -17.56 24.21
C ASP E 91 72.13 -16.49 25.03
N SER E 92 72.59 -15.43 24.37
CA SER E 92 73.25 -14.30 25.01
C SER E 92 72.79 -13.00 24.35
N THR E 93 71.95 -12.25 25.06
CA THR E 93 71.41 -11.00 24.53
C THR E 93 71.72 -9.88 25.51
N GLY E 94 72.04 -8.70 24.98
CA GLY E 94 72.38 -7.58 25.82
C GLY E 94 72.37 -6.23 25.16
N GLU E 95 71.73 -5.25 25.80
CA GLU E 95 71.67 -3.89 25.28
C GLU E 95 72.20 -2.92 26.33
N LEU E 96 73.30 -2.25 25.99
CA LEU E 96 73.88 -1.21 26.83
C LEU E 96 73.77 0.11 26.07
N ILE E 97 73.02 1.05 26.65
CA ILE E 97 72.80 2.36 26.05
C ILE E 97 72.92 3.42 27.13
N VAL E 98 73.66 4.49 26.81
CA VAL E 98 73.99 5.55 27.76
C VAL E 98 73.91 6.89 27.03
N ARG E 99 73.33 7.89 27.69
CA ARG E 99 73.24 9.24 27.14
C ARG E 99 74.18 10.15 27.91
N LEU E 100 74.95 10.95 27.17
CA LEU E 100 76.00 11.82 27.66
C LEU E 100 75.48 13.23 27.91
N PRO E 101 76.17 14.03 28.72
CA PRO E 101 75.77 15.45 28.88
C PRO E 101 75.87 16.26 27.61
N LYS E 102 76.51 15.73 26.56
CA LYS E 102 76.57 16.37 25.26
C LYS E 102 75.43 15.91 24.34
N GLU E 103 74.28 15.57 24.92
CA GLU E 103 73.09 15.04 24.26
C GLU E 103 73.40 13.90 23.31
N ILE E 104 74.49 13.16 23.53
CA ILE E 104 74.86 12.02 22.71
C ILE E 104 74.13 10.81 23.26
N THR E 105 73.33 10.15 22.42
CA THR E 105 72.56 8.98 22.82
C THR E 105 73.32 7.73 22.40
N ILE E 106 74.48 7.49 23.02
CA ILE E 106 75.34 6.35 22.69
C ILE E 106 74.54 5.08 22.95
N SER E 107 74.57 4.16 22.00
CA SER E 107 73.72 2.98 22.06
C SER E 107 74.49 1.74 21.62
N GLY E 108 74.05 0.59 22.09
CA GLY E 108 74.52 -0.69 21.57
C GLY E 108 73.61 -1.81 22.02
N SER E 109 73.28 -2.74 21.11
CA SER E 109 72.39 -3.84 21.41
C SER E 109 72.79 -5.04 20.57
N PHE E 110 73.17 -6.13 21.23
CA PHE E 110 73.63 -7.34 20.55
C PHE E 110 72.81 -8.52 21.02
N GLN E 111 72.71 -9.54 20.16
CA GLN E 111 72.09 -10.79 20.57
C GLN E 111 72.67 -11.93 19.76
N GLY E 112 72.89 -13.06 20.42
CA GLY E 112 73.43 -14.23 19.78
C GLY E 112 72.87 -15.53 20.32
N PHE E 113 72.31 -16.33 19.43
CA PHE E 113 71.82 -17.66 19.75
C PHE E 113 72.70 -18.68 19.04
N HIS E 114 73.38 -19.51 19.82
CA HIS E 114 74.33 -20.47 19.31
C HIS E 114 73.76 -21.87 19.44
N HIS E 115 73.71 -22.59 18.32
CA HIS E 115 73.26 -23.96 18.30
C HIS E 115 74.47 -24.87 18.12
N GLN E 116 74.70 -25.75 19.09
CA GLN E 116 75.84 -26.65 19.04
C GLN E 116 75.34 -28.08 18.90
N LYS E 117 75.87 -28.75 17.88
CA LYS E 117 75.61 -30.15 17.55
C LYS E 117 76.89 -30.96 17.76
N ILE E 118 77.52 -30.72 18.91
CA ILE E 118 78.88 -31.19 19.16
C ILE E 118 78.88 -32.70 19.35
N LYS E 119 79.81 -33.37 18.66
CA LYS E 119 80.02 -34.80 18.81
C LYS E 119 81.46 -35.05 19.25
N ILE E 120 81.62 -35.99 20.17
CA ILE E 120 82.91 -36.22 20.81
C ILE E 120 83.18 -37.72 20.88
N SER E 121 84.41 -38.12 20.55
CA SER E 121 84.87 -39.49 20.69
C SER E 121 86.13 -39.52 21.54
N GLU E 122 86.50 -40.70 22.00
CA GLU E 122 87.60 -40.86 22.93
C GLU E 122 88.56 -41.95 22.49
N ASN E 123 89.85 -41.63 22.50
CA ASN E 123 90.92 -42.58 22.22
C ASN E 123 91.78 -42.67 23.47
N ARG E 124 91.73 -43.82 24.15
CA ARG E 124 92.35 -43.99 25.46
C ARG E 124 93.87 -44.05 25.32
N ILE E 125 94.56 -43.24 26.11
CA ILE E 125 96.01 -43.34 26.28
C ILE E 125 96.29 -43.51 27.77
N SER E 126 97.17 -44.45 28.08
CA SER E 126 97.42 -44.82 29.47
C SER E 126 98.07 -43.67 30.23
N GLN E 127 97.68 -43.51 31.50
CA GLN E 127 98.26 -42.45 32.33
C GLN E 127 99.67 -42.80 32.79
N GLN E 128 99.90 -44.07 33.14
CA GLN E 128 101.27 -44.51 33.45
C GLN E 128 102.13 -44.51 32.20
N TYR E 129 101.48 -44.51 31.02
CA TYR E 129 102.24 -44.34 29.79
C TYR E 129 102.92 -42.97 29.74
N LEU E 130 102.42 -41.97 30.47
CA LEU E 130 103.13 -40.71 30.57
C LEU E 130 104.50 -40.90 31.21
N ALA E 131 104.54 -41.63 32.33
CA ALA E 131 105.81 -41.98 32.96
C ALA E 131 106.68 -42.83 32.04
N THR E 132 106.08 -43.75 31.30
CA THR E 132 106.83 -44.47 30.27
C THR E 132 107.43 -43.51 29.25
N LEU E 133 106.74 -42.41 28.95
CA LEU E 133 107.23 -41.42 28.01
C LEU E 133 108.43 -40.66 28.58
N GLU E 134 108.37 -40.28 29.85
CA GLU E 134 109.59 -39.72 30.44
C GLU E 134 110.71 -40.76 30.52
N ASN E 135 110.38 -42.04 30.61
CA ASN E 135 111.39 -43.09 30.55
C ASN E 135 112.03 -43.22 29.18
N ARG E 136 111.43 -42.65 28.14
CA ARG E 136 112.04 -42.64 26.82
C ARG E 136 113.33 -41.81 26.84
N LYS E 137 114.25 -42.17 25.94
CA LYS E 137 115.46 -41.38 25.76
C LYS E 137 115.17 -40.19 24.85
N LEU E 138 115.22 -38.99 25.42
CA LEU E 138 114.93 -37.77 24.69
C LEU E 138 116.16 -37.33 23.92
N LYS E 139 116.14 -37.54 22.60
CA LYS E 139 117.23 -37.12 21.73
C LYS E 139 116.75 -36.99 20.30
N ARG E 140 116.83 -35.78 19.75
CA ARG E 140 116.36 -35.50 18.40
C ARG E 140 117.09 -34.29 17.87
N GLU E 141 117.61 -34.41 16.65
CA GLU E 141 118.35 -33.34 15.99
C GLU E 141 117.49 -32.62 14.97
N LEU E 142 116.17 -32.71 15.12
CA LEU E 142 115.28 -31.93 14.29
C LEU E 142 115.49 -30.44 14.57
N PRO E 143 115.41 -29.60 13.55
CA PRO E 143 115.66 -28.16 13.77
C PRO E 143 114.57 -27.49 14.59
N PHE E 144 114.57 -27.75 15.89
CA PHE E 144 113.69 -27.03 16.81
C PHE E 144 114.40 -26.48 18.04
N SER E 145 115.65 -26.86 18.29
CA SER E 145 116.34 -26.41 19.50
C SER E 145 116.56 -24.91 19.52
N PHE E 146 116.99 -24.33 18.39
CA PHE E 146 117.28 -22.90 18.35
C PHE E 146 116.04 -22.08 18.67
N ARG E 147 114.94 -22.35 17.95
CA ARG E 147 113.72 -21.58 18.16
C ARG E 147 113.09 -21.89 19.52
N SER E 148 113.18 -23.14 19.98
CA SER E 148 112.63 -23.48 21.29
C SER E 148 113.37 -22.75 22.41
N ILE E 149 114.70 -22.65 22.31
CA ILE E 149 115.45 -21.89 23.31
C ILE E 149 115.19 -20.41 23.18
N ASN E 150 115.02 -19.91 21.95
CA ASN E 150 114.70 -18.49 21.77
C ASN E 150 113.36 -18.13 22.42
N THR E 151 112.37 -19.01 22.27
CA THR E 151 111.04 -18.76 22.82
C THR E 151 110.97 -18.98 24.33
N ARG E 152 111.49 -20.12 24.81
CA ARG E 152 111.38 -20.55 26.20
C ARG E 152 109.94 -20.56 26.70
N GLU E 153 109.05 -21.24 25.98
CA GLU E 153 107.64 -21.30 26.35
C GLU E 153 107.37 -22.37 27.40
N ASN E 154 108.40 -23.12 27.81
CA ASN E 154 108.28 -24.30 28.68
C ASN E 154 107.03 -25.12 28.37
N LEU E 155 106.98 -25.62 27.13
CA LEU E 155 105.84 -26.31 26.55
C LEU E 155 105.24 -27.35 27.48
N TYR E 156 103.92 -27.54 27.37
CA TYR E 156 103.21 -28.61 28.06
C TYR E 156 102.56 -29.54 27.05
N LEU E 157 102.17 -30.72 27.52
CA LEU E 157 101.52 -31.72 26.70
C LEU E 157 100.08 -31.92 27.14
N VAL E 158 99.42 -32.89 26.52
CA VAL E 158 98.01 -33.18 26.81
C VAL E 158 97.91 -34.50 27.54
N THR E 159 96.82 -34.66 28.29
CA THR E 159 96.64 -35.87 29.09
C THR E 159 96.08 -37.03 28.26
N GLU E 160 94.89 -36.85 27.70
CA GLU E 160 94.21 -37.93 27.00
C GLU E 160 93.63 -37.39 25.70
N THR E 161 93.52 -38.27 24.69
CA THR E 161 93.05 -37.86 23.38
C THR E 161 91.55 -37.61 23.41
N LEU E 162 91.14 -36.37 23.15
CA LEU E 162 89.73 -35.99 23.11
C LEU E 162 89.39 -35.73 21.65
N GLU E 163 88.84 -36.74 20.98
CA GLU E 163 88.59 -36.70 19.55
C GLU E 163 87.12 -36.41 19.27
N THR E 164 86.83 -36.06 18.02
CA THR E 164 85.48 -35.72 17.59
C THR E 164 85.16 -36.46 16.30
N VAL E 165 83.89 -36.81 16.13
CA VAL E 165 83.37 -37.25 14.84
C VAL E 165 82.04 -36.52 14.60
N LYS E 166 82.13 -35.34 13.98
CA LYS E 166 81.06 -34.35 14.03
C LYS E 166 80.42 -34.18 12.65
N GLU E 167 79.22 -33.60 12.65
CA GLU E 167 78.68 -33.00 11.44
C GLU E 167 79.11 -31.55 11.32
N GLU E 168 78.73 -30.92 10.21
CA GLU E 168 79.27 -29.62 9.83
C GLU E 168 78.47 -28.44 10.39
N THR E 169 78.01 -28.41 11.65
CA THR E 169 76.94 -27.48 12.01
C THR E 169 77.23 -26.75 13.32
N LEU E 170 77.54 -25.45 13.22
CA LEU E 170 77.41 -24.49 14.32
C LEU E 170 76.82 -23.18 13.79
N LYS E 171 76.12 -22.46 14.66
CA LYS E 171 75.48 -21.20 14.29
C LYS E 171 75.84 -20.11 15.30
N SER E 172 75.56 -18.86 14.93
CA SER E 172 75.88 -17.69 15.75
C SER E 172 75.22 -16.43 15.20
N ASP E 173 75.11 -15.38 16.02
CA ASP E 173 74.51 -14.13 15.56
C ASP E 173 74.93 -12.96 16.46
N ARG E 174 74.95 -11.74 15.93
CA ARG E 174 75.05 -10.53 16.73
C ARG E 174 74.40 -9.38 15.99
N GLN E 175 74.07 -8.34 16.75
CA GLN E 175 73.38 -7.15 16.27
C GLN E 175 74.06 -5.97 16.95
N TYR E 176 73.84 -4.77 16.42
CA TYR E 176 74.36 -3.59 17.09
C TYR E 176 73.59 -2.38 16.59
N LYS E 177 73.37 -1.42 17.49
CA LYS E 177 72.58 -0.24 17.18
C LYS E 177 73.11 0.91 18.03
N PHE E 178 73.61 1.95 17.36
CA PHE E 178 74.24 3.09 18.03
C PHE E 178 73.69 4.38 17.46
N TRP E 179 73.32 5.31 18.35
CA TRP E 179 72.83 6.62 17.95
C TRP E 179 73.72 7.68 18.56
N SER E 180 73.62 8.91 18.05
CA SER E 180 74.41 10.01 18.60
C SER E 180 73.83 11.35 18.18
N GLN E 181 74.18 12.38 18.96
CA GLN E 181 73.76 13.75 18.71
C GLN E 181 74.70 14.67 19.47
N ILE E 182 75.51 15.45 18.74
CA ILE E 182 76.48 16.34 19.38
C ILE E 182 76.00 17.78 19.35
N SER E 183 75.63 18.28 18.18
CA SER E 183 75.06 19.63 18.04
C SER E 183 73.85 19.58 17.11
N GLN E 184 72.70 19.29 17.72
CA GLN E 184 71.42 19.04 17.02
C GLN E 184 71.59 18.12 15.82
N GLY E 185 72.62 17.26 15.85
CA GLY E 185 72.89 16.40 14.73
C GLY E 185 72.41 14.97 14.92
N HIS E 186 71.53 14.53 14.04
CA HIS E 186 71.01 13.17 14.06
C HIS E 186 72.12 12.19 13.69
N LEU E 187 72.21 11.06 14.39
CA LEU E 187 72.99 9.92 13.90
C LEU E 187 72.36 8.62 14.36
N SER E 188 71.98 7.78 13.39
CA SER E 188 71.43 6.46 13.63
C SER E 188 72.30 5.44 12.92
N TYR E 189 72.53 4.30 13.57
CA TYR E 189 73.50 3.31 13.12
C TYR E 189 72.98 1.92 13.49
N LYS E 190 72.84 1.04 12.51
CA LYS E 190 72.32 -0.29 12.80
C LYS E 190 73.08 -1.34 11.99
N HIS E 191 73.13 -2.56 12.52
CA HIS E 191 73.87 -3.65 11.92
C HIS E 191 73.33 -4.98 12.45
N LYS E 192 73.14 -5.94 11.55
CA LYS E 192 72.66 -7.27 11.91
C LYS E 192 73.51 -8.31 11.17
N GLY E 193 74.43 -8.96 11.88
CA GLY E 193 75.30 -9.95 11.27
C GLY E 193 75.11 -11.31 11.90
N GLN E 194 74.59 -12.25 11.12
CA GLN E 194 74.37 -13.62 11.54
C GLN E 194 75.39 -14.51 10.83
N ARG E 195 76.03 -15.38 11.60
CA ARG E 195 77.09 -16.24 11.08
C ARG E 195 76.78 -17.69 11.38
N GLU E 196 77.47 -18.59 10.68
CA GLU E 196 77.36 -20.03 10.92
C GLU E 196 78.54 -20.70 10.23
N VAL E 197 78.96 -21.83 10.78
CA VAL E 197 80.18 -22.49 10.33
C VAL E 197 79.91 -23.97 10.14
N THR E 198 80.48 -24.50 9.05
CA THR E 198 80.46 -25.93 8.77
C THR E 198 81.58 -26.59 9.55
N ILE E 199 81.21 -27.39 10.53
CA ILE E 199 82.17 -28.05 11.42
C ILE E 199 82.48 -29.47 10.93
N PRO E 200 83.76 -29.78 10.75
CA PRO E 200 84.15 -31.05 10.13
C PRO E 200 84.33 -32.15 11.18
N PRO E 201 84.26 -33.44 10.74
CA PRO E 201 84.14 -34.55 11.70
C PRO E 201 85.29 -34.74 12.69
N ASN E 202 86.50 -35.03 12.22
CA ASN E 202 87.54 -35.61 13.08
C ASN E 202 88.58 -34.55 13.42
N ARG E 203 88.28 -33.74 14.45
CA ARG E 203 89.15 -32.65 14.85
C ARG E 203 89.25 -32.61 16.36
N VAL E 204 90.18 -31.80 16.87
CA VAL E 204 90.47 -31.69 18.29
C VAL E 204 90.12 -30.28 18.74
N LEU E 205 89.39 -30.17 19.85
CA LEU E 205 88.95 -28.89 20.39
C LEU E 205 89.56 -28.53 21.73
N SER E 206 89.58 -29.46 22.68
CA SER E 206 90.03 -29.16 24.02
C SER E 206 91.14 -30.11 24.42
N TYR E 207 92.09 -29.60 25.21
CA TYR E 207 93.30 -30.34 25.55
C TYR E 207 93.68 -30.03 26.99
N ARG E 208 94.77 -30.64 27.46
CA ARG E 208 95.19 -30.53 28.85
C ARG E 208 96.59 -29.95 28.98
N VAL E 209 97.07 -29.80 30.20
CA VAL E 209 98.38 -29.20 30.49
C VAL E 209 99.17 -30.14 31.39
N LYS E 210 100.42 -30.40 31.02
CA LYS E 210 101.35 -31.13 31.87
C LYS E 210 102.76 -30.63 31.56
N GLN E 211 103.39 -29.98 32.53
CA GLN E 211 104.62 -29.24 32.31
C GLN E 211 105.80 -30.17 32.10
N LEU E 212 106.65 -29.82 31.13
CA LEU E 212 107.90 -30.52 30.88
C LEU E 212 109.06 -29.54 30.92
N VAL E 213 110.15 -29.93 31.57
CA VAL E 213 111.39 -29.17 31.61
C VAL E 213 112.44 -29.92 30.81
N PHE E 214 113.20 -29.18 30.00
CA PHE E 214 114.11 -29.80 29.04
C PHE E 214 115.55 -29.39 29.31
N PRO E 215 116.28 -30.14 30.13
CA PRO E 215 117.74 -30.09 30.04
C PRO E 215 118.20 -30.63 28.70
N ASN E 216 119.35 -30.13 28.24
CA ASN E 216 119.74 -30.32 26.84
C ASN E 216 119.86 -31.81 26.49
N LYS E 217 120.18 -32.65 27.47
CA LYS E 217 120.30 -34.09 27.21
C LYS E 217 119.01 -34.85 27.51
N GLU E 218 118.53 -34.81 28.75
CA GLU E 218 117.37 -35.59 29.18
C GLU E 218 116.40 -34.67 29.91
N THR E 219 115.10 -34.97 29.78
CA THR E 219 114.05 -34.10 30.28
C THR E 219 113.51 -34.60 31.63
N MET E 220 112.64 -33.77 32.21
CA MET E 220 111.97 -34.09 33.47
C MET E 220 110.59 -33.42 33.42
N SER E 221 109.73 -33.74 34.38
CA SER E 221 108.35 -33.28 34.35
C SER E 221 108.01 -32.38 35.53
N ALA E 222 106.81 -31.82 35.45
CA ALA E 222 106.20 -31.00 36.50
C ALA E 222 104.69 -31.13 36.31
N GLY E 223 104.01 -31.61 37.35
CA GLY E 223 102.74 -32.29 37.13
C GLY E 223 101.56 -31.44 36.73
N LEU E 224 101.05 -30.60 37.64
CA LEU E 224 99.68 -30.13 37.55
C LEU E 224 99.62 -28.73 36.92
N ASP E 225 99.06 -28.67 35.71
CA ASP E 225 98.52 -27.46 35.09
C ASP E 225 99.38 -26.21 35.37
N ILE E 226 100.66 -26.33 35.09
CA ILE E 226 101.59 -25.21 35.25
C ILE E 226 101.60 -24.43 33.94
N HIS E 227 100.67 -23.49 33.81
CA HIS E 227 100.62 -22.57 32.67
C HIS E 227 101.23 -21.22 33.04
N PHE E 228 101.71 -21.07 34.27
CA PHE E 228 102.47 -19.89 34.69
C PHE E 228 103.92 -20.16 34.31
N ARG E 229 104.36 -19.53 33.23
CA ARG E 229 105.57 -19.94 32.53
C ARG E 229 106.80 -19.33 33.18
N GLY E 230 107.62 -20.18 33.80
CA GLY E 230 108.96 -19.81 34.17
C GLY E 230 109.90 -21.00 34.24
N LYS E 231 110.98 -20.96 33.47
CA LYS E 231 111.96 -22.04 33.40
C LYS E 231 113.25 -21.49 32.80
N THR E 232 114.38 -21.99 33.27
CA THR E 232 115.69 -21.55 32.80
C THR E 232 116.31 -22.49 31.78
N LYS E 233 115.49 -23.24 31.04
CA LYS E 233 116.01 -24.16 30.03
C LYS E 233 116.57 -23.40 28.84
N PHE F 2 74.66 -21.65 37.02
CA PHE F 2 74.63 -21.95 35.60
C PHE F 2 75.20 -23.34 35.36
N SER F 3 75.86 -23.89 36.37
CA SER F 3 76.22 -25.30 36.32
C SER F 3 74.97 -26.17 36.49
N VAL F 4 74.94 -27.28 35.75
CA VAL F 4 73.86 -28.24 35.87
C VAL F 4 74.29 -29.54 36.52
N PHE F 5 75.55 -29.93 36.38
CA PHE F 5 76.04 -31.25 36.76
C PHE F 5 76.22 -31.39 38.26
N GLU F 6 76.42 -30.28 38.98
CA GLU F 6 76.41 -30.31 40.44
C GLU F 6 74.98 -30.43 40.95
N GLU F 7 74.02 -29.92 40.19
CA GLU F 7 72.63 -29.90 40.65
C GLU F 7 72.06 -31.30 40.81
N ILE F 8 72.23 -32.16 39.79
CA ILE F 8 71.67 -33.50 39.83
C ILE F 8 72.30 -34.31 40.96
N THR F 9 73.63 -34.19 41.11
CA THR F 9 74.29 -34.76 42.26
C THR F 9 73.73 -34.21 43.56
N ARG F 10 73.26 -32.95 43.57
CA ARG F 10 72.67 -32.42 44.79
C ARG F 10 71.24 -32.89 45.01
N ILE F 11 70.51 -33.27 43.96
CA ILE F 11 69.26 -33.99 44.21
C ILE F 11 69.56 -35.32 44.87
N VAL F 12 70.62 -36.01 44.43
CA VAL F 12 71.03 -37.23 45.13
C VAL F 12 71.40 -36.90 46.59
N VAL F 13 72.16 -35.82 46.78
CA VAL F 13 72.56 -35.41 48.12
C VAL F 13 71.35 -35.13 48.99
N LYS F 14 70.35 -34.41 48.45
CA LYS F 14 69.16 -34.09 49.22
C LYS F 14 68.36 -35.35 49.55
N GLU F 15 68.26 -36.28 48.60
CA GLU F 15 67.63 -37.57 48.87
C GLU F 15 68.37 -38.35 49.95
N MET F 16 69.63 -38.00 50.22
CA MET F 16 70.32 -38.43 51.44
C MET F 16 70.03 -37.57 52.67
N ASP F 17 70.32 -36.27 52.62
CA ASP F 17 70.27 -35.37 53.77
C ASP F 17 70.39 -33.94 53.24
N ALA F 18 69.97 -32.98 54.07
CA ALA F 18 69.99 -31.57 53.70
C ALA F 18 71.43 -31.08 53.74
N GLY F 19 72.15 -31.28 52.63
CA GLY F 19 73.54 -30.85 52.54
C GLY F 19 74.47 -31.48 53.56
N GLY F 20 74.25 -32.74 53.92
CA GLY F 20 74.98 -33.34 55.01
C GLY F 20 76.09 -34.30 54.58
N ASP F 21 75.83 -35.60 54.76
CA ASP F 21 76.86 -36.61 54.54
C ASP F 21 77.29 -36.66 53.07
N MET F 22 76.33 -36.75 52.16
CA MET F 22 76.63 -37.28 50.84
C MET F 22 77.37 -36.20 50.03
N ILE F 23 78.24 -36.63 49.11
CA ILE F 23 79.14 -35.72 48.41
C ILE F 23 78.92 -35.81 46.90
N ALA F 24 79.21 -34.70 46.21
CA ALA F 24 78.92 -34.50 44.80
C ALA F 24 80.20 -34.30 44.00
N VAL F 25 80.08 -34.48 42.67
CA VAL F 25 81.20 -34.40 41.74
C VAL F 25 80.83 -33.37 40.66
N ARG F 26 81.84 -32.84 39.97
CA ARG F 26 81.62 -31.74 39.03
C ARG F 26 81.33 -32.21 37.61
N SER F 27 82.00 -33.25 37.12
CA SER F 27 81.84 -33.69 35.74
C SER F 27 82.20 -35.15 35.58
N LEU F 28 81.99 -35.67 34.36
CA LEU F 28 81.89 -37.11 34.14
C LEU F 28 82.68 -37.58 32.92
N VAL F 29 83.91 -37.10 32.76
CA VAL F 29 84.87 -37.83 31.93
C VAL F 29 85.67 -38.79 32.80
N ASP F 30 86.15 -38.31 33.94
CA ASP F 30 86.85 -39.15 34.89
C ASP F 30 85.96 -39.50 36.08
N ALA F 31 84.66 -39.22 35.98
CA ALA F 31 83.74 -39.63 37.05
C ALA F 31 83.43 -41.11 36.95
N ASP F 32 83.32 -41.63 35.72
CA ASP F 32 83.22 -43.07 35.56
C ASP F 32 84.44 -43.76 36.15
N ARG F 33 85.56 -43.05 36.25
CA ARG F 33 86.76 -43.57 36.89
C ARG F 33 86.90 -42.97 38.29
N PHE F 34 85.87 -42.27 38.77
CA PHE F 34 85.79 -41.89 40.18
C PHE F 34 85.11 -42.98 40.99
N ARG F 35 85.61 -44.19 40.78
CA ARG F 35 85.20 -45.35 41.55
C ARG F 35 86.03 -45.38 42.83
N CYS F 36 86.03 -46.52 43.52
CA CYS F 36 86.82 -46.66 44.74
C CYS F 36 88.31 -46.46 44.45
N PHE F 37 89.06 -46.13 45.51
CA PHE F 37 90.51 -45.97 45.46
C PHE F 37 90.94 -44.74 44.65
N HIS F 38 90.24 -43.62 44.80
CA HIS F 38 90.46 -42.46 43.94
C HIS F 38 90.31 -41.18 44.76
N LEU F 39 90.90 -40.11 44.23
CA LEU F 39 91.22 -38.91 45.01
C LEU F 39 90.25 -37.77 44.72
N VAL F 40 90.43 -36.69 45.47
CA VAL F 40 89.73 -35.43 45.27
C VAL F 40 90.76 -34.30 45.46
N GLY F 41 90.39 -33.10 45.01
CA GLY F 41 91.24 -31.94 45.17
C GLY F 41 90.99 -31.20 46.48
N GLU F 42 91.81 -30.17 46.69
CA GLU F 42 91.69 -29.36 47.89
C GLU F 42 90.43 -28.48 47.83
N LYS F 43 89.96 -28.07 48.99
CA LYS F 43 88.67 -27.41 49.13
C LYS F 43 88.86 -25.93 49.38
N ARG F 44 88.11 -25.11 48.65
CA ARG F 44 87.98 -23.68 48.88
C ARG F 44 86.51 -23.30 48.99
N THR F 45 86.24 -22.13 49.57
CA THR F 45 84.88 -21.71 49.87
C THR F 45 84.44 -20.53 49.02
N PHE F 46 84.95 -20.44 47.78
CA PHE F 46 84.52 -19.39 46.88
C PHE F 46 83.27 -19.84 46.12
N PHE F 47 82.29 -18.95 46.02
CA PHE F 47 81.02 -19.21 45.35
C PHE F 47 80.38 -20.49 45.90
N GLY F 48 80.22 -20.51 47.23
CA GLY F 48 79.70 -21.69 47.91
C GLY F 48 80.72 -22.79 47.99
N CYS F 49 80.22 -23.99 48.30
CA CYS F 49 81.08 -25.17 48.39
C CYS F 49 81.53 -25.61 47.00
N ARG F 50 82.78 -25.31 46.65
CA ARG F 50 83.32 -25.66 45.34
C ARG F 50 84.78 -26.04 45.54
N HIS F 51 85.10 -27.32 45.34
CA HIS F 51 86.43 -27.86 45.58
C HIS F 51 87.09 -28.21 44.26
N TYR F 52 88.35 -28.64 44.34
CA TYR F 52 89.11 -29.08 43.19
C TYR F 52 88.99 -30.61 43.07
N THR F 53 89.58 -31.15 42.00
CA THR F 53 89.44 -32.58 41.75
C THR F 53 90.64 -33.10 40.98
N THR F 54 91.09 -34.30 41.35
CA THR F 54 92.13 -35.02 40.63
C THR F 54 91.90 -36.51 40.84
N GLY F 55 91.88 -37.28 39.76
CA GLY F 55 91.36 -38.64 39.80
C GLY F 55 92.27 -39.80 39.45
N LEU F 56 93.52 -39.80 39.91
CA LEU F 56 94.43 -40.90 39.64
C LEU F 56 94.06 -42.12 40.50
N THR F 57 94.82 -43.20 40.32
CA THR F 57 94.49 -44.51 40.87
C THR F 57 95.39 -44.84 42.05
N LEU F 58 95.04 -45.91 42.77
CA LEU F 58 95.80 -46.26 43.97
C LEU F 58 96.12 -47.75 44.06
N MET F 59 95.54 -48.59 43.20
CA MET F 59 95.78 -50.03 43.32
C MET F 59 97.26 -50.33 43.16
N ASP F 60 97.82 -51.12 44.08
CA ASP F 60 99.23 -51.49 44.04
C ASP F 60 99.46 -52.99 43.88
N ILE F 61 98.81 -53.81 44.72
CA ILE F 61 99.10 -55.24 44.79
C ILE F 61 97.81 -56.03 44.62
N LEU F 62 97.96 -57.24 44.08
CA LEU F 62 96.86 -58.20 43.94
C LEU F 62 97.34 -59.59 44.34
N ASP F 63 98.02 -59.69 45.49
CA ASP F 63 98.56 -60.97 45.92
C ASP F 63 97.47 -61.89 46.48
N THR F 64 96.69 -61.39 47.43
CA THR F 64 95.60 -62.15 48.00
C THR F 64 94.27 -61.71 47.37
N ASP F 65 93.17 -62.20 47.95
CA ASP F 65 91.84 -61.92 47.41
C ASP F 65 91.49 -60.45 47.58
N GLY F 66 91.59 -59.68 46.50
CA GLY F 66 91.32 -58.26 46.57
C GLY F 66 90.36 -57.75 45.50
N ASP F 67 90.16 -58.52 44.43
CA ASP F 67 89.33 -58.08 43.32
C ASP F 67 88.24 -59.09 42.97
N LYS F 68 87.74 -59.84 43.95
CA LYS F 68 86.62 -60.74 43.69
C LYS F 68 85.32 -59.96 43.62
N TRP F 69 84.41 -60.43 42.78
CA TRP F 69 83.11 -59.79 42.62
C TRP F 69 81.99 -60.83 42.68
N LYS F 81 71.73 -53.82 44.64
CA LYS F 81 70.31 -53.52 44.77
C LYS F 81 69.68 -53.59 43.38
N ALA F 82 68.39 -53.25 43.27
CA ALA F 82 67.69 -53.21 42.00
C ALA F 82 67.79 -51.79 41.44
N GLU F 83 67.12 -51.54 40.32
CA GLU F 83 67.16 -50.22 39.68
C GLU F 83 66.41 -49.23 40.56
N PHE F 84 67.03 -48.08 40.82
CA PHE F 84 66.39 -47.01 41.57
C PHE F 84 66.11 -45.85 40.61
N GLN F 85 64.92 -45.26 40.73
CA GLN F 85 64.41 -44.40 39.69
C GLN F 85 63.95 -43.07 40.27
N ILE F 86 64.24 -41.99 39.54
CA ILE F 86 63.89 -40.62 39.92
C ILE F 86 63.32 -39.91 38.69
N LEU F 87 62.00 -39.91 38.56
CA LEU F 87 61.30 -39.01 37.63
C LEU F 87 60.78 -37.79 38.37
N ASP F 88 61.67 -36.82 38.57
CA ASP F 88 61.29 -35.64 39.35
C ASP F 88 61.38 -34.37 38.50
N ASN F 89 60.71 -33.33 39.00
CA ASN F 89 60.76 -32.00 38.40
C ASN F 89 60.89 -30.99 39.53
N VAL F 90 61.92 -30.15 39.45
CA VAL F 90 62.18 -29.15 40.49
C VAL F 90 62.14 -27.76 39.85
N ASP F 91 61.38 -26.87 40.47
CA ASP F 91 61.14 -25.53 39.93
C ASP F 91 61.77 -24.51 40.86
N SER F 92 62.48 -23.53 40.27
CA SER F 92 63.11 -22.46 41.02
C SER F 92 62.97 -21.16 40.24
N THR F 93 62.09 -20.28 40.71
CA THR F 93 61.82 -19.01 40.04
C THR F 93 62.05 -17.88 41.03
N GLY F 94 62.62 -16.77 40.55
CA GLY F 94 62.89 -15.65 41.43
C GLY F 94 63.20 -14.34 40.73
N GLU F 95 62.55 -13.27 41.18
CA GLU F 95 62.77 -11.93 40.62
C GLU F 95 63.18 -10.98 41.74
N LEU F 96 64.39 -10.45 41.64
CA LEU F 96 64.90 -9.43 42.55
C LEU F 96 65.11 -8.15 41.75
N ILE F 97 64.37 -7.10 42.12
CA ILE F 97 64.45 -5.82 41.45
C ILE F 97 64.46 -4.71 42.49
N VAL F 98 65.37 -3.75 42.32
CA VAL F 98 65.61 -2.68 43.29
C VAL F 98 65.85 -1.40 42.52
N ARG F 99 65.26 -0.30 43.01
CA ARG F 99 65.45 1.01 42.42
C ARG F 99 66.32 1.87 43.35
N LEU F 100 67.32 2.53 42.78
CA LEU F 100 68.34 3.31 43.47
C LEU F 100 67.94 4.78 43.54
N PRO F 101 68.52 5.54 44.47
CA PRO F 101 68.27 7.00 44.50
C PRO F 101 68.76 7.72 43.26
N LYS F 102 69.54 7.07 42.40
CA LYS F 102 69.95 7.62 41.12
C LYS F 102 69.00 7.24 39.99
N GLU F 103 67.72 7.06 40.30
CA GLU F 103 66.64 6.63 39.40
C GLU F 103 67.01 5.40 38.58
N ILE F 104 67.93 4.57 39.07
CA ILE F 104 68.34 3.36 38.37
C ILE F 104 67.36 2.26 38.78
N THR F 105 66.70 1.65 37.81
CA THR F 105 65.73 0.60 38.05
C THR F 105 66.41 -0.75 37.86
N ILE F 106 67.36 -1.08 38.73
CA ILE F 106 68.12 -2.32 38.64
C ILE F 106 67.14 -3.48 38.73
N SER F 107 67.27 -4.45 37.85
CA SER F 107 66.29 -5.52 37.75
C SER F 107 66.99 -6.86 37.52
N GLY F 108 66.31 -7.94 37.92
CA GLY F 108 66.73 -9.29 37.57
C GLY F 108 65.61 -10.28 37.81
N SER F 109 65.39 -11.21 36.89
CA SER F 109 64.33 -12.18 37.03
C SER F 109 64.75 -13.47 36.33
N PHE F 110 64.85 -14.56 37.08
CA PHE F 110 65.30 -15.84 36.56
C PHE F 110 64.26 -16.89 36.87
N GLN F 111 64.23 -17.95 36.05
CA GLN F 111 63.38 -19.10 36.34
C GLN F 111 64.00 -20.34 35.71
N GLY F 112 63.93 -21.44 36.44
CA GLY F 112 64.44 -22.70 35.97
C GLY F 112 63.64 -23.90 36.40
N PHE F 113 63.18 -24.67 35.43
CA PHE F 113 62.49 -25.92 35.67
C PHE F 113 63.37 -27.07 35.21
N HIS F 114 63.75 -27.93 36.14
CA HIS F 114 64.68 -29.01 35.88
C HIS F 114 63.92 -30.33 35.92
N HIS F 115 64.04 -31.10 34.84
CA HIS F 115 63.45 -32.42 34.76
C HIS F 115 64.55 -33.46 34.89
N GLN F 116 64.45 -34.30 35.91
CA GLN F 116 65.45 -35.33 36.13
C GLN F 116 64.84 -36.70 35.94
N LYS F 117 65.49 -37.48 35.07
CA LYS F 117 65.14 -38.87 34.74
C LYS F 117 66.23 -39.79 35.26
N ILE F 118 66.62 -39.56 36.50
CA ILE F 118 67.82 -40.17 37.07
C ILE F 118 67.60 -41.66 37.30
N LYS F 119 68.57 -42.46 36.86
CA LYS F 119 68.57 -43.90 37.09
C LYS F 119 69.83 -44.28 37.85
N ILE F 120 69.67 -45.18 38.82
CA ILE F 120 70.75 -45.52 39.74
C ILE F 120 70.83 -47.03 39.91
N SER F 121 72.04 -47.57 39.88
CA SER F 121 72.29 -48.98 40.15
C SER F 121 73.32 -49.09 41.26
N GLU F 122 73.43 -50.30 41.83
CA GLU F 122 74.29 -50.52 42.99
C GLU F 122 75.17 -51.74 42.81
N ASN F 123 76.45 -51.55 43.09
CA ASN F 123 77.42 -52.63 43.10
C ASN F 123 77.99 -52.75 44.51
N ARG F 124 77.65 -53.84 45.19
CA ARG F 124 77.94 -54.01 46.61
C ARG F 124 79.43 -54.24 46.81
N ILE F 125 80.02 -53.47 47.72
CA ILE F 125 81.37 -53.72 48.22
C ILE F 125 81.31 -53.84 49.73
N SER F 126 81.98 -54.86 50.26
CA SER F 126 81.86 -55.17 51.69
C SER F 126 82.46 -54.06 52.54
N GLN F 127 81.83 -53.78 53.68
CA GLN F 127 82.33 -52.76 54.58
C GLN F 127 83.54 -53.25 55.37
N GLN F 128 83.55 -54.51 55.80
CA GLN F 128 84.74 -55.08 56.41
C GLN F 128 85.86 -55.23 55.39
N TYR F 129 85.50 -55.23 54.10
CA TYR F 129 86.52 -55.20 53.06
C TYR F 129 87.35 -53.93 53.13
N LEU F 130 86.82 -52.85 53.71
CA LEU F 130 87.64 -51.66 53.93
C LEU F 130 88.80 -51.97 54.87
N ALA F 131 88.51 -52.64 55.99
CA ALA F 131 89.56 -53.09 56.88
C ALA F 131 90.50 -54.07 56.22
N THR F 132 89.97 -54.97 55.39
CA THR F 132 90.84 -55.82 54.58
C THR F 132 91.76 -54.99 53.69
N LEU F 133 91.28 -53.83 53.21
CA LEU F 133 92.10 -52.96 52.37
C LEU F 133 93.22 -52.31 53.17
N GLU F 134 92.92 -51.85 54.39
CA GLU F 134 94.04 -51.41 55.22
C GLU F 134 94.99 -52.55 55.58
N ASN F 135 94.49 -53.79 55.63
CA ASN F 135 95.35 -54.94 55.83
C ASN F 135 96.27 -55.22 54.65
N ARG F 136 95.98 -54.64 53.48
CA ARG F 136 96.87 -54.77 52.33
C ARG F 136 98.20 -54.09 52.61
N LYS F 137 99.25 -54.59 51.97
CA LYS F 137 100.56 -53.96 52.03
C LYS F 137 100.62 -52.80 51.06
N LEU F 138 100.69 -51.58 51.58
CA LEU F 138 100.71 -50.38 50.77
C LEU F 138 102.13 -50.12 50.28
N LYS F 139 102.38 -50.40 49.00
CA LYS F 139 103.67 -50.15 48.39
C LYS F 139 103.54 -50.05 46.87
N ARG F 140 103.87 -48.88 46.33
CA ARG F 140 103.75 -48.63 44.90
C ARG F 140 104.73 -47.53 44.51
N GLU F 141 105.49 -47.78 43.44
CA GLU F 141 106.47 -46.83 42.95
C GLU F 141 105.95 -46.08 41.72
N LEU F 142 104.62 -46.02 41.58
CA LEU F 142 104.04 -45.19 40.54
C LEU F 142 104.37 -43.72 40.82
N PRO F 143 104.61 -42.93 39.78
CA PRO F 143 104.98 -41.52 40.02
C PRO F 143 103.83 -40.68 40.55
N PHE F 144 103.50 -40.87 41.83
CA PHE F 144 102.54 -40.02 42.51
C PHE F 144 103.02 -39.47 43.84
N SER F 145 104.13 -39.98 44.39
CA SER F 145 104.60 -39.55 45.70
C SER F 145 104.98 -38.08 45.72
N PHE F 146 105.71 -37.61 44.71
CA PHE F 146 106.17 -36.23 44.70
C PHE F 146 105.00 -35.25 44.70
N ARG F 147 104.07 -35.44 43.76
CA ARG F 147 102.92 -34.53 43.67
C ARG F 147 101.98 -34.69 44.86
N SER F 148 101.81 -35.92 45.36
CA SER F 148 100.96 -36.12 46.53
C SER F 148 101.51 -35.42 47.76
N ILE F 149 102.83 -35.47 47.97
CA ILE F 149 103.43 -34.75 49.08
C ILE F 149 103.37 -33.25 48.85
N ASN F 150 103.54 -32.80 47.60
CA ASN F 150 103.45 -31.37 47.32
C ASN F 150 102.05 -30.84 47.64
N THR F 151 101.02 -31.60 47.30
CA THR F 151 99.64 -31.18 47.52
C THR F 151 99.22 -31.32 48.99
N ARG F 152 99.48 -32.47 49.60
CA ARG F 152 99.02 -32.81 50.94
C ARG F 152 97.51 -32.63 51.11
N GLU F 153 96.73 -33.25 50.22
CA GLU F 153 95.28 -33.12 50.27
C GLU F 153 94.65 -34.11 51.26
N ASN F 154 95.47 -34.95 51.91
CA ASN F 154 95.02 -36.06 52.77
C ASN F 154 93.77 -36.75 52.21
N LEU F 155 93.94 -37.31 51.01
CA LEU F 155 92.88 -37.90 50.20
C LEU F 155 91.97 -38.81 51.01
N TYR F 156 90.70 -38.86 50.60
CA TYR F 156 89.73 -39.80 51.14
C TYR F 156 89.22 -40.71 50.04
N LEU F 157 88.58 -41.80 50.45
CA LEU F 157 88.02 -42.77 49.52
C LEU F 157 86.50 -42.80 49.64
N VAL F 158 85.88 -43.72 48.92
CA VAL F 158 84.42 -43.83 48.88
C VAL F 158 84.00 -45.09 49.62
N THR F 159 82.75 -45.09 50.10
CA THR F 159 82.26 -46.23 50.88
C THR F 159 81.77 -47.36 49.98
N GLU F 160 80.76 -47.08 49.16
CA GLU F 160 80.13 -48.12 48.35
C GLU F 160 79.92 -47.60 46.94
N THR F 161 79.94 -48.50 45.96
CA THR F 161 79.81 -48.11 44.57
C THR F 161 78.37 -47.70 44.26
N LEU F 162 78.19 -46.44 43.87
CA LEU F 162 76.88 -45.91 43.50
C LEU F 162 76.90 -45.69 41.99
N GLU F 163 76.39 -46.67 41.25
CA GLU F 163 76.48 -46.69 39.79
C GLU F 163 75.15 -46.25 39.19
N THR F 164 75.19 -45.93 37.89
CA THR F 164 74.02 -45.48 37.17
C THR F 164 73.90 -46.25 35.86
N VAL F 165 72.66 -46.47 35.42
CA VAL F 165 72.39 -46.91 34.05
C VAL F 165 71.25 -46.05 33.49
N LYS F 166 71.61 -44.93 32.89
CA LYS F 166 70.69 -43.82 32.65
C LYS F 166 70.39 -43.65 31.17
N GLU F 167 69.30 -42.94 30.87
CA GLU F 167 69.12 -42.37 29.56
C GLU F 167 69.74 -40.97 29.51
N GLU F 168 69.68 -40.36 28.33
CA GLU F 168 70.44 -39.15 28.03
C GLU F 168 69.69 -37.87 28.36
N THR F 169 68.97 -37.72 29.48
CA THR F 169 67.97 -36.65 29.57
C THR F 169 68.04 -35.89 30.88
N LEU F 170 68.52 -34.65 30.83
CA LEU F 170 68.27 -33.62 31.84
C LEU F 170 67.97 -32.29 31.15
N LYS F 171 67.19 -31.44 31.82
CA LYS F 171 66.80 -30.14 31.28
C LYS F 171 67.06 -29.05 32.31
N SER F 172 67.01 -27.79 31.86
CA SER F 172 67.29 -26.62 32.70
C SER F 172 66.93 -25.33 31.97
N ASP F 173 66.77 -24.23 32.71
CA ASP F 173 66.44 -22.95 32.09
C ASP F 173 66.79 -21.79 33.03
N ARG F 174 67.07 -20.60 32.48
CA ARG F 174 67.13 -19.37 33.26
C ARG F 174 66.80 -18.19 32.35
N GLN F 175 66.43 -17.09 32.99
CA GLN F 175 66.03 -15.86 32.33
C GLN F 175 66.67 -14.72 33.11
N TYR F 176 66.73 -13.54 32.51
CA TYR F 176 67.22 -12.39 33.24
C TYR F 176 66.72 -11.13 32.55
N LYS F 177 66.43 -10.10 33.35
CA LYS F 177 65.86 -8.86 32.85
C LYS F 177 66.33 -7.73 33.74
N PHE F 178 67.10 -6.79 33.19
CA PHE F 178 67.70 -5.70 33.94
C PHE F 178 67.44 -4.38 33.23
N TRP F 179 67.00 -3.38 33.98
CA TRP F 179 66.77 -2.04 33.44
C TRP F 179 67.63 -1.05 34.21
N SER F 180 67.79 0.15 33.66
CA SER F 180 68.55 1.18 34.34
C SER F 180 68.26 2.56 33.76
N GLN F 181 68.54 3.58 34.57
CA GLN F 181 68.36 4.98 34.19
C GLN F 181 69.22 5.83 35.11
N ILE F 182 70.25 6.47 34.57
CA ILE F 182 71.16 7.28 35.38
C ILE F 182 70.87 8.77 35.20
N SER F 183 70.83 9.24 33.96
CA SER F 183 70.48 10.62 33.66
C SER F 183 69.51 10.66 32.48
N GLN F 184 68.22 10.54 32.82
CA GLN F 184 67.11 10.39 31.87
C GLN F 184 67.42 9.39 30.76
N GLY F 185 68.30 8.43 31.04
CA GLY F 185 68.72 7.48 30.04
C GLY F 185 68.03 6.13 30.15
N HIS F 186 67.31 5.74 29.11
CA HIS F 186 66.66 4.44 29.06
C HIS F 186 67.69 3.33 28.97
N LEU F 187 67.49 2.23 29.70
CA LEU F 187 68.22 1.00 29.45
C LEU F 187 67.34 -0.20 29.78
N SER F 188 67.10 -1.04 28.77
CA SER F 188 66.35 -2.28 28.93
C SER F 188 67.23 -3.43 28.47
N TYR F 189 67.16 -4.56 29.18
CA TYR F 189 68.08 -5.66 28.99
C TYR F 189 67.34 -6.96 29.27
N LYS F 190 67.31 -7.88 28.31
CA LYS F 190 66.59 -9.13 28.51
C LYS F 190 67.38 -10.30 27.92
N HIS F 191 67.15 -11.48 28.50
CA HIS F 191 67.87 -12.68 28.10
C HIS F 191 67.07 -13.91 28.53
N LYS F 192 66.98 -14.89 27.64
CA LYS F 192 66.26 -16.15 27.93
C LYS F 192 67.13 -17.30 27.42
N GLY F 193 67.79 -18.01 28.34
CA GLY F 193 68.65 -19.12 27.96
C GLY F 193 68.16 -20.42 28.58
N GLN F 194 67.71 -21.33 27.72
CA GLN F 194 67.25 -22.65 28.14
C GLN F 194 68.28 -23.68 27.71
N ARG F 195 68.63 -24.58 28.62
CA ARG F 195 69.66 -25.57 28.37
C ARG F 195 69.13 -26.97 28.63
N GLU F 196 69.83 -27.96 28.13
CA GLU F 196 69.51 -29.37 28.37
C GLU F 196 70.72 -30.20 27.99
N VAL F 197 70.87 -31.34 28.67
CA VAL F 197 72.07 -32.16 28.53
C VAL F 197 71.68 -33.61 28.30
N THR F 198 72.40 -34.26 27.40
CA THR F 198 72.26 -35.70 27.15
C THR F 198 73.10 -36.42 28.19
N ILE F 199 72.43 -37.12 29.09
CA ILE F 199 73.08 -37.83 30.19
C ILE F 199 73.33 -39.30 29.83
N PRO F 200 74.56 -39.77 29.94
CA PRO F 200 74.92 -41.10 29.47
C PRO F 200 74.73 -42.16 30.55
N PRO F 201 74.62 -43.45 30.16
CA PRO F 201 74.16 -44.48 31.09
C PRO F 201 75.02 -44.76 32.33
N ASN F 202 76.26 -45.20 32.15
CA ASN F 202 77.02 -45.85 33.23
C ASN F 202 78.07 -44.88 33.78
N ARG F 203 77.65 -44.00 34.67
CA ARG F 203 78.54 -42.99 35.23
C ARG F 203 78.30 -42.88 36.73
N VAL F 204 79.20 -42.15 37.40
CA VAL F 204 79.17 -41.99 38.85
C VAL F 204 78.91 -40.53 39.17
N LEU F 205 77.97 -40.28 40.07
CA LEU F 205 77.57 -38.92 40.47
C LEU F 205 77.91 -38.58 41.90
N SER F 206 77.61 -39.44 42.86
CA SER F 206 77.79 -39.11 44.27
C SER F 206 78.67 -40.16 44.93
N TYR F 207 79.47 -39.71 45.89
CA TYR F 207 80.47 -40.56 46.52
C TYR F 207 80.57 -40.21 48.00
N ARG F 208 81.44 -40.91 48.72
CA ARG F 208 81.55 -40.77 50.17
C ARG F 208 82.95 -40.35 50.59
N VAL F 209 83.17 -40.18 51.89
CA VAL F 209 84.44 -39.73 52.44
C VAL F 209 84.89 -40.70 53.52
N LYS F 210 86.16 -41.12 53.45
CA LYS F 210 86.78 -41.88 54.52
C LYS F 210 88.27 -41.56 54.51
N GLN F 211 88.75 -40.94 55.58
CA GLN F 211 90.07 -40.35 55.62
C GLN F 211 91.16 -41.41 55.70
N LEU F 212 92.23 -41.21 54.95
CA LEU F 212 93.42 -42.06 55.01
C LEU F 212 94.65 -41.21 55.27
N VAL F 213 95.51 -41.70 56.17
CA VAL F 213 96.80 -41.06 56.46
C VAL F 213 97.89 -41.98 55.93
N PHE F 214 98.90 -41.37 55.30
CA PHE F 214 99.91 -42.13 54.59
C PHE F 214 101.30 -41.87 55.17
N PRO F 215 101.74 -42.66 56.15
CA PRO F 215 103.18 -42.77 56.40
C PRO F 215 103.85 -43.42 55.20
N ASN F 216 105.12 -43.09 54.99
CA ASN F 216 105.79 -43.40 53.73
C ASN F 216 105.81 -44.91 53.45
N LYS F 217 105.79 -45.72 54.50
CA LYS F 217 105.80 -47.18 54.32
C LYS F 217 104.40 -47.79 54.35
N GLU F 218 103.66 -47.61 55.44
CA GLU F 218 102.36 -48.22 55.62
C GLU F 218 101.35 -47.18 56.09
N THR F 219 100.10 -47.33 55.68
CA THR F 219 99.07 -46.33 55.91
C THR F 219 98.20 -46.68 57.11
N MET F 220 97.32 -45.74 57.46
CA MET F 220 96.35 -45.92 58.54
C MET F 220 95.11 -45.10 58.16
N SER F 221 94.03 -45.27 58.92
CA SER F 221 92.76 -44.66 58.56
C SER F 221 92.28 -43.67 59.62
N ALA F 222 91.19 -42.97 59.24
CA ALA F 222 90.48 -42.04 60.10
C ALA F 222 89.04 -42.01 59.58
N GLY F 223 88.09 -42.36 60.45
CA GLY F 223 86.84 -42.90 59.99
C GLY F 223 85.88 -41.95 59.29
N LEU F 224 85.29 -41.01 60.04
CA LEU F 224 84.04 -40.39 59.63
C LEU F 224 84.29 -39.04 58.98
N ASP F 225 84.01 -38.98 57.67
CA ASP F 225 83.78 -37.75 56.90
C ASP F 225 84.68 -36.60 57.33
N ILE F 226 85.99 -36.87 57.36
CA ILE F 226 86.98 -35.85 57.68
C ILE F 226 87.38 -35.15 56.39
N HIS F 227 86.61 -34.12 56.03
CA HIS F 227 86.93 -33.27 54.89
C HIS F 227 87.59 -31.97 55.33
N PHE F 228 87.81 -31.82 56.64
CA PHE F 228 88.59 -30.71 57.19
C PHE F 228 90.05 -31.15 57.15
N ARG F 229 90.80 -30.63 56.17
CA ARG F 229 92.07 -31.21 55.77
C ARG F 229 93.20 -30.72 56.67
N GLY F 230 93.75 -31.62 57.48
CA GLY F 230 95.01 -31.36 58.14
C GLY F 230 95.75 -32.65 58.46
N LYS F 231 96.97 -32.77 57.95
CA LYS F 231 97.81 -33.96 58.13
C LYS F 231 99.25 -33.59 57.81
N THR F 232 100.19 -34.18 58.55
CA THR F 232 101.61 -33.91 58.37
C THR F 232 102.32 -34.97 57.54
N LYS F 233 101.60 -35.66 56.66
CA LYS F 233 102.22 -36.70 55.83
C LYS F 233 103.11 -36.07 54.76
N PHE G 2 61.14 -28.96 53.09
CA PHE G 2 61.38 -29.29 51.68
C PHE G 2 61.81 -30.75 51.59
N SER G 3 62.17 -31.34 52.73
CA SER G 3 62.34 -32.78 52.78
C SER G 3 60.99 -33.49 52.67
N VAL G 4 60.99 -34.62 51.95
CA VAL G 4 59.78 -35.44 51.84
C VAL G 4 59.90 -36.75 52.58
N PHE G 5 61.11 -37.31 52.72
CA PHE G 5 61.33 -38.65 53.21
C PHE G 5 61.16 -38.76 54.72
N GLU G 6 61.34 -37.65 55.45
CA GLU G 6 61.00 -37.64 56.87
C GLU G 6 59.49 -37.56 57.06
N GLU G 7 58.79 -36.96 56.10
CA GLU G 7 57.35 -36.76 56.24
C GLU G 7 56.60 -38.08 56.29
N ILE G 8 56.87 -38.98 55.33
CA ILE G 8 56.14 -40.24 55.27
C ILE G 8 56.41 -41.09 56.52
N THR G 9 57.68 -41.12 56.95
CA THR G 9 58.00 -41.74 58.23
C THR G 9 57.23 -41.07 59.36
N ARG G 10 56.95 -39.76 59.26
CA ARG G 10 56.18 -39.12 60.33
C ARG G 10 54.69 -39.40 60.22
N ILE G 11 54.16 -39.73 59.04
CA ILE G 11 52.80 -40.28 59.01
C ILE G 11 52.79 -41.62 59.74
N VAL G 12 53.81 -42.45 59.54
CA VAL G 12 53.91 -43.67 60.33
C VAL G 12 53.99 -43.35 61.83
N VAL G 13 54.83 -42.36 62.18
CA VAL G 13 54.98 -41.95 63.57
C VAL G 13 53.65 -41.49 64.15
N LYS G 14 52.89 -40.68 63.40
CA LYS G 14 51.60 -40.19 63.87
C LYS G 14 50.60 -41.33 64.04
N GLU G 15 50.60 -42.28 63.10
CA GLU G 15 49.77 -43.47 63.23
C GLU G 15 50.15 -44.30 64.46
N MET G 16 51.36 -44.09 64.99
CA MET G 16 51.70 -44.56 66.33
C MET G 16 51.27 -43.62 67.47
N ASP G 17 51.72 -42.38 67.48
CA ASP G 17 51.53 -41.42 68.57
C ASP G 17 51.95 -40.05 68.07
N ALA G 18 51.48 -39.02 68.78
CA ALA G 18 51.76 -37.64 68.41
C ALA G 18 53.21 -37.31 68.75
N GLY G 19 54.11 -37.64 67.84
CA GLY G 19 55.53 -37.39 68.06
C GLY G 19 56.13 -38.09 69.26
N GLY G 20 55.68 -39.30 69.57
CA GLY G 20 56.09 -39.95 70.80
C GLY G 20 57.12 -41.04 70.64
N ASP G 21 56.67 -42.29 70.77
CA ASP G 21 57.59 -43.42 70.78
C ASP G 21 58.32 -43.58 69.45
N MET G 22 57.58 -43.59 68.35
CA MET G 22 58.10 -44.20 67.13
C MET G 22 59.12 -43.25 66.49
N ILE G 23 60.10 -43.81 65.79
CA ILE G 23 61.24 -43.04 65.30
C ILE G 23 61.35 -43.16 63.78
N ALA G 24 61.91 -42.12 63.17
CA ALA G 24 61.96 -41.93 61.72
C ALA G 24 63.40 -41.91 61.21
N VAL G 25 63.55 -42.13 59.90
CA VAL G 25 64.85 -42.21 59.24
C VAL G 25 64.85 -41.20 58.09
N ARG G 26 66.04 -40.81 57.63
CA ARG G 26 66.19 -39.73 56.67
C ARG G 26 66.14 -40.21 55.21
N SER G 27 66.76 -41.35 54.90
CA SER G 27 66.86 -41.80 53.51
C SER G 27 67.06 -43.31 53.44
N LEU G 28 67.05 -43.83 52.21
CA LEU G 28 66.83 -45.26 52.00
C LEU G 28 67.80 -45.87 50.98
N VAL G 29 69.08 -45.55 51.09
CA VAL G 29 70.10 -46.42 50.50
C VAL G 29 70.57 -47.44 51.53
N ASP G 30 70.84 -46.98 52.75
CA ASP G 30 71.21 -47.86 53.83
C ASP G 30 70.04 -48.05 54.81
N ALA G 31 68.84 -47.62 54.42
CA ALA G 31 67.67 -47.88 55.26
C ALA G 31 67.20 -49.32 55.11
N ASP G 32 67.30 -49.86 53.90
CA ASP G 32 67.06 -51.29 53.73
C ASP G 32 68.03 -52.10 54.57
N ARG G 33 69.18 -51.52 54.91
CA ARG G 33 70.14 -52.15 55.79
C ARG G 33 70.04 -51.53 57.20
N PHE G 34 69.03 -50.70 57.43
CA PHE G 34 68.69 -50.25 58.78
C PHE G 34 67.72 -51.22 59.43
N ARG G 35 68.09 -52.49 59.35
CA ARG G 35 67.39 -53.58 60.02
C ARG G 35 67.91 -53.66 61.46
N CYS G 36 67.63 -54.76 62.14
CA CYS G 36 68.10 -54.94 63.50
C CYS G 36 69.63 -54.94 63.54
N PHE G 37 70.17 -54.66 64.74
CA PHE G 37 71.61 -54.68 65.01
C PHE G 37 72.35 -53.54 64.30
N HIS G 38 71.77 -52.34 64.29
CA HIS G 38 72.33 -51.25 63.49
C HIS G 38 72.17 -49.92 64.23
N LEU G 39 72.99 -48.95 63.85
CA LEU G 39 73.27 -47.78 64.67
C LEU G 39 72.54 -46.55 64.16
N VAL G 40 72.69 -45.47 64.92
CA VAL G 40 72.21 -44.14 64.56
C VAL G 40 73.31 -43.15 64.96
N GLY G 41 73.20 -41.92 64.44
CA GLY G 41 74.13 -40.87 64.77
C GLY G 41 73.70 -40.05 65.97
N GLU G 42 74.57 -39.12 66.35
CA GLU G 42 74.30 -38.25 67.49
C GLU G 42 73.21 -37.24 67.15
N LYS G 43 72.55 -36.73 68.18
CA LYS G 43 71.35 -35.92 68.03
C LYS G 43 71.67 -34.45 68.31
N ARG G 44 71.21 -33.58 67.42
CA ARG G 44 71.20 -32.14 67.60
C ARG G 44 69.80 -31.59 67.38
N THR G 45 69.57 -30.37 67.87
CA THR G 45 68.25 -29.78 67.87
C THR G 45 68.14 -28.59 66.91
N PHE G 46 68.92 -28.61 65.83
CA PHE G 46 68.83 -27.54 64.84
C PHE G 46 67.73 -27.87 63.83
N PHE G 47 66.91 -26.86 63.52
CA PHE G 47 65.79 -27.00 62.58
C PHE G 47 64.89 -28.17 63.00
N GLY G 48 64.45 -28.13 64.25
CA GLY G 48 63.65 -29.20 64.80
C GLY G 48 64.48 -30.43 65.12
N CYS G 49 63.78 -31.53 65.33
CA CYS G 49 64.45 -32.81 65.61
C CYS G 49 65.12 -33.35 64.36
N ARG G 50 66.45 -33.21 64.29
CA ARG G 50 67.22 -33.68 63.14
C ARG G 50 68.54 -34.22 63.65
N HIS G 51 68.73 -35.53 63.54
CA HIS G 51 69.89 -36.22 64.07
C HIS G 51 70.78 -36.70 62.93
N TYR G 52 71.92 -37.27 63.29
CA TYR G 52 72.85 -37.85 62.34
C TYR G 52 72.58 -39.34 62.20
N THR G 53 73.31 -39.99 61.30
CA THR G 53 73.05 -41.40 61.03
C THR G 53 74.32 -42.10 60.55
N THR G 54 74.53 -43.32 61.03
CA THR G 54 75.60 -44.19 60.55
C THR G 54 75.14 -45.63 60.73
N GLY G 55 75.25 -46.43 59.67
CA GLY G 55 74.58 -47.71 59.62
C GLY G 55 75.39 -48.99 59.48
N LEU G 56 76.50 -49.12 60.20
CA LEU G 56 77.29 -50.33 60.14
C LEU G 56 76.60 -51.47 60.91
N THR G 57 77.24 -52.64 60.92
CA THR G 57 76.63 -53.88 61.39
C THR G 57 77.20 -54.27 62.74
N LEU G 58 76.58 -55.27 63.39
CA LEU G 58 77.01 -55.66 64.72
C LEU G 58 77.11 -57.18 64.89
N MET G 59 76.64 -57.97 63.94
CA MET G 59 76.67 -59.42 64.11
C MET G 59 78.10 -59.91 64.28
N ASP G 60 78.33 -60.72 65.31
CA ASP G 60 79.66 -61.26 65.59
C ASP G 60 79.73 -62.78 65.50
N ILE G 61 78.82 -63.48 66.19
CA ILE G 61 78.91 -64.94 66.32
C ILE G 61 77.60 -65.57 65.88
N LEU G 62 77.70 -66.80 65.39
CA LEU G 62 76.55 -67.63 65.03
C LEU G 62 76.75 -69.06 65.55
N ASP G 63 77.15 -69.20 66.81
CA ASP G 63 77.42 -70.52 67.36
C ASP G 63 76.13 -71.28 67.68
N THR G 64 75.23 -70.65 68.43
CA THR G 64 73.95 -71.25 68.75
C THR G 64 72.86 -70.68 67.84
N ASP G 65 71.60 -71.01 68.17
CA ASP G 65 70.47 -70.60 67.35
C ASP G 65 70.27 -69.09 67.42
N GLY G 66 70.71 -68.38 66.38
CA GLY G 66 70.61 -66.93 66.37
C GLY G 66 69.98 -66.35 65.12
N ASP G 67 69.92 -67.13 64.03
CA ASP G 67 69.40 -66.63 62.77
C ASP G 67 68.30 -67.52 62.20
N LYS G 68 67.52 -68.16 63.04
CA LYS G 68 66.38 -68.93 62.56
C LYS G 68 65.23 -68.00 62.19
N TRP G 69 64.47 -68.39 61.17
CA TRP G 69 63.32 -67.61 60.74
C TRP G 69 62.10 -68.50 60.55
N LYS G 81 52.61 -60.23 60.15
CA LYS G 81 51.25 -59.76 59.96
C LYS G 81 50.93 -59.80 58.46
N ALA G 82 49.75 -59.32 58.08
CA ALA G 82 49.35 -59.24 56.68
C ALA G 82 49.75 -57.86 56.15
N GLU G 83 49.37 -57.57 54.90
CA GLU G 83 49.72 -56.30 54.29
C GLU G 83 48.93 -55.19 54.95
N PHE G 84 49.62 -54.11 55.34
CA PHE G 84 48.97 -52.95 55.93
C PHE G 84 49.05 -51.81 54.92
N GLN G 85 47.95 -51.07 54.77
CA GLN G 85 47.78 -50.19 53.62
C GLN G 85 47.38 -48.79 54.08
N ILE G 86 47.96 -47.78 53.43
CA ILE G 86 47.70 -46.38 53.71
C ILE G 86 47.51 -45.65 52.38
N LEU G 87 46.26 -45.48 51.96
CA LEU G 87 45.90 -44.55 50.88
C LEU G 87 45.39 -43.24 51.48
N ASP G 88 46.33 -42.38 51.88
CA ASP G 88 45.94 -41.15 52.53
C ASP G 88 46.36 -39.92 51.72
N ASN G 89 45.74 -38.79 52.05
CA ASN G 89 46.08 -37.50 51.47
C ASN G 89 46.09 -36.47 52.59
N VAL G 90 47.21 -35.77 52.72
CA VAL G 90 47.37 -34.76 53.78
C VAL G 90 47.64 -33.41 53.14
N ASP G 91 46.88 -32.40 53.58
CA ASP G 91 46.93 -31.08 52.98
C ASP G 91 47.47 -30.09 54.01
N SER G 92 48.40 -29.24 53.60
CA SER G 92 48.99 -28.22 54.45
C SER G 92 49.18 -26.94 53.65
N THR G 93 48.33 -25.95 53.90
CA THR G 93 48.40 -24.68 53.18
C THR G 93 48.53 -23.55 54.18
N GLY G 94 49.32 -22.53 53.83
CA GLY G 94 49.55 -21.43 54.74
C GLY G 94 50.15 -20.18 54.12
N GLU G 95 49.57 -19.03 54.40
CA GLU G 95 50.06 -17.76 53.90
C GLU G 95 50.34 -16.82 55.06
N LEU G 96 51.59 -16.44 55.22
CA LEU G 96 52.02 -15.46 56.22
C LEU G 96 52.56 -14.24 55.48
N ILE G 97 51.89 -13.11 55.67
CA ILE G 97 52.28 -11.85 55.01
C ILE G 97 52.20 -10.72 56.03
N VAL G 98 53.24 -9.89 56.05
CA VAL G 98 53.39 -8.82 57.04
C VAL G 98 53.95 -7.59 56.33
N ARG G 99 53.41 -6.42 56.66
CA ARG G 99 53.90 -5.16 56.12
C ARG G 99 54.63 -4.39 57.21
N LEU G 100 55.81 -3.88 56.86
CA LEU G 100 56.74 -3.21 57.76
C LEU G 100 56.52 -1.69 57.74
N PRO G 101 56.99 -0.96 58.76
CA PRO G 101 56.91 0.50 58.71
C PRO G 101 57.75 1.12 57.60
N LYS G 102 58.61 0.35 56.95
CA LYS G 102 59.36 0.80 55.78
C LYS G 102 58.64 0.50 54.48
N GLU G 103 57.31 0.49 54.50
CA GLU G 103 56.41 0.15 53.40
C GLU G 103 56.79 -1.13 52.69
N ILE G 104 57.47 -2.05 53.37
CA ILE G 104 57.86 -3.33 52.79
C ILE G 104 56.69 -4.29 52.99
N THR G 105 56.18 -4.84 51.89
CA THR G 105 55.05 -5.76 51.94
C THR G 105 55.59 -7.20 51.90
N ILE G 106 56.28 -7.60 52.97
CA ILE G 106 56.88 -8.93 53.05
C ILE G 106 55.76 -9.96 52.94
N SER G 107 55.96 -10.97 52.12
CA SER G 107 54.90 -11.92 51.81
C SER G 107 55.45 -13.34 51.76
N GLY G 108 54.58 -14.32 52.00
CA GLY G 108 54.90 -15.70 51.76
C GLY G 108 53.64 -16.55 51.77
N SER G 109 53.50 -17.47 50.82
CA SER G 109 52.32 -18.32 50.72
C SER G 109 52.73 -19.66 50.15
N PHE G 110 52.52 -20.73 50.92
CA PHE G 110 52.90 -22.07 50.53
C PHE G 110 51.70 -22.99 50.60
N GLN G 111 51.71 -24.05 49.80
CA GLN G 111 50.69 -25.08 49.91
C GLN G 111 51.27 -26.42 49.44
N GLY G 112 50.90 -27.47 50.15
CA GLY G 112 51.35 -28.80 49.81
C GLY G 112 50.32 -29.88 50.08
N PHE G 113 50.00 -30.62 49.03
CA PHE G 113 49.11 -31.77 49.12
C PHE G 113 49.92 -33.04 48.87
N HIS G 114 49.99 -33.90 49.89
CA HIS G 114 50.80 -35.10 49.84
C HIS G 114 49.90 -36.31 49.72
N HIS G 115 50.15 -37.12 48.70
CA HIS G 115 49.42 -38.37 48.51
C HIS G 115 50.33 -39.53 48.88
N GLN G 116 49.90 -40.32 49.86
CA GLN G 116 50.70 -41.45 50.31
C GLN G 116 49.97 -42.74 49.99
N LYS G 117 50.70 -43.63 49.30
CA LYS G 117 50.27 -44.97 48.91
C LYS G 117 51.09 -46.00 49.67
N ILE G 118 51.23 -45.78 50.96
CA ILE G 118 52.19 -46.50 51.79
C ILE G 118 51.74 -47.94 51.98
N LYS G 119 52.67 -48.87 51.76
CA LYS G 119 52.44 -50.28 52.01
C LYS G 119 53.45 -50.78 53.03
N ILE G 120 52.97 -51.62 53.95
CA ILE G 120 53.78 -52.07 55.08
C ILE G 120 53.62 -53.56 55.27
N SER G 121 54.73 -54.25 55.52
CA SER G 121 54.74 -55.67 55.85
C SER G 121 55.48 -55.86 57.17
N GLU G 122 55.31 -57.05 57.75
CA GLU G 122 55.86 -57.32 59.07
C GLU G 122 56.60 -58.65 59.10
N ASN G 123 57.81 -58.61 59.66
CA ASN G 123 58.62 -59.80 59.89
C ASN G 123 58.83 -59.93 61.39
N ARG G 124 58.22 -60.95 61.99
CA ARG G 124 58.17 -61.09 63.44
C ARG G 124 59.55 -61.50 63.97
N ILE G 125 60.03 -60.79 64.97
CA ILE G 125 61.19 -61.18 65.75
C ILE G 125 60.77 -61.23 67.22
N SER G 126 61.19 -62.30 67.90
CA SER G 126 60.73 -62.54 69.26
C SER G 126 61.27 -61.48 70.22
N GLN G 127 60.44 -61.10 71.18
CA GLN G 127 60.86 -60.11 72.17
C GLN G 127 61.80 -60.70 73.21
N GLN G 128 61.55 -61.95 73.64
CA GLN G 128 62.51 -62.62 74.51
C GLN G 128 63.79 -62.96 73.75
N TYR G 129 63.72 -62.96 72.42
CA TYR G 129 64.93 -63.09 71.63
C TYR G 129 65.89 -61.93 71.87
N LEU G 130 65.38 -60.76 72.30
CA LEU G 130 66.27 -59.68 72.68
C LEU G 130 67.16 -60.09 73.86
N ALA G 131 66.56 -60.67 74.89
CA ALA G 131 67.31 -61.22 76.01
C ALA G 131 68.25 -62.33 75.58
N THR G 132 67.80 -63.19 74.65
CA THR G 132 68.70 -64.16 74.06
C THR G 132 69.90 -63.48 73.38
N LEU G 133 69.69 -62.30 72.81
CA LEU G 133 70.77 -61.56 72.16
C LEU G 133 71.75 -61.02 73.18
N GLU G 134 71.27 -60.49 74.30
CA GLU G 134 72.22 -60.16 75.36
C GLU G 134 72.92 -61.38 75.92
N ASN G 135 72.27 -62.55 75.87
CA ASN G 135 72.92 -63.80 76.28
C ASN G 135 74.03 -64.22 75.32
N ARG G 136 74.07 -63.66 74.11
CA ARG G 136 75.16 -63.93 73.19
C ARG G 136 76.48 -63.41 73.74
N LYS G 137 77.57 -64.06 73.35
CA LYS G 137 78.91 -63.58 73.70
C LYS G 137 79.33 -62.47 72.74
N LEU G 138 79.43 -61.25 73.27
CA LEU G 138 79.78 -60.08 72.47
C LEU G 138 81.29 -60.02 72.30
N LYS G 139 81.77 -60.38 71.10
CA LYS G 139 83.19 -60.30 70.79
C LYS G 139 83.40 -60.24 69.28
N ARG G 140 84.00 -59.15 68.81
CA ARG G 140 84.21 -58.93 67.39
C ARG G 140 85.38 -57.98 67.22
N GLU G 141 86.31 -58.36 66.34
CA GLU G 141 87.50 -57.55 66.07
C GLU G 141 87.34 -56.78 64.76
N LEU G 142 86.11 -56.56 64.32
CA LEU G 142 85.87 -55.71 63.18
C LEU G 142 86.31 -54.29 63.51
N PRO G 143 86.87 -53.56 62.54
CA PRO G 143 87.35 -52.21 62.85
C PRO G 143 86.22 -51.22 63.10
N PHE G 144 85.60 -51.32 64.28
CA PHE G 144 84.64 -50.33 64.71
C PHE G 144 84.89 -49.81 66.12
N SER G 145 85.78 -50.42 66.90
CA SER G 145 86.00 -50.01 68.28
C SER G 145 86.54 -48.59 68.37
N PHE G 146 87.54 -48.25 67.54
CA PHE G 146 88.15 -46.93 67.63
C PHE G 146 87.14 -45.83 67.35
N ARG G 147 86.41 -45.92 66.24
CA ARG G 147 85.44 -44.89 65.89
C ARG G 147 84.25 -44.90 66.85
N SER G 148 83.83 -46.07 67.31
CA SER G 148 82.72 -46.13 68.26
C SER G 148 83.08 -45.46 69.58
N ILE G 149 84.30 -45.66 70.07
CA ILE G 149 84.74 -44.98 71.28
C ILE G 149 84.93 -43.50 71.03
N ASN G 150 85.41 -43.10 69.85
CA ASN G 150 85.55 -41.69 69.54
C ASN G 150 84.20 -40.99 69.54
N THR G 151 83.18 -41.64 68.98
CA THR G 151 81.85 -41.03 68.90
C THR G 151 81.11 -41.06 70.23
N ARG G 152 81.08 -42.22 70.90
CA ARG G 152 80.30 -42.46 72.11
C ARG G 152 78.83 -42.08 71.94
N GLU G 153 78.18 -42.65 70.91
CA GLU G 153 76.78 -42.34 70.63
C GLU G 153 75.84 -43.20 71.47
N ASN G 154 76.38 -44.11 72.29
CA ASN G 154 75.62 -45.13 73.04
C ASN G 154 74.46 -45.68 72.23
N LEU G 155 74.80 -46.30 71.10
CA LEU G 155 73.88 -46.80 70.08
C LEU G 155 72.71 -47.56 70.68
N TYR G 156 71.56 -47.47 70.01
CA TYR G 156 70.39 -48.27 70.33
C TYR G 156 70.01 -49.14 69.14
N LEU G 157 69.18 -50.14 69.42
CA LEU G 157 68.71 -51.07 68.40
C LEU G 157 67.21 -50.90 68.17
N VAL G 158 66.65 -51.78 67.34
CA VAL G 158 65.24 -51.70 67.00
C VAL G 158 64.51 -52.88 67.63
N THR G 159 63.19 -52.71 67.82
CA THR G 159 62.42 -53.75 68.48
C THR G 159 61.99 -54.84 67.51
N GLU G 160 61.22 -54.48 66.48
CA GLU G 160 60.66 -55.47 65.57
C GLU G 160 60.83 -54.96 64.14
N THR G 161 60.94 -55.90 63.20
CA THR G 161 61.17 -55.55 61.81
C THR G 161 59.89 -54.98 61.18
N LEU G 162 59.95 -53.72 60.75
CA LEU G 162 58.84 -53.05 60.10
C LEU G 162 59.22 -52.90 58.63
N GLU G 163 58.77 -53.83 57.80
CA GLU G 163 59.16 -53.91 56.40
C GLU G 163 58.07 -53.34 55.52
N THR G 164 58.42 -53.08 54.26
CA THR G 164 57.50 -52.51 53.29
C THR G 164 57.57 -53.30 52.00
N VAL G 165 56.45 -53.39 51.29
CA VAL G 165 56.42 -53.85 49.90
C VAL G 165 55.55 -52.88 49.10
N LYS G 166 56.16 -51.82 48.58
CA LYS G 166 55.46 -50.63 48.14
C LYS G 166 55.51 -50.48 46.62
N GLU G 167 54.61 -49.65 46.10
CA GLU G 167 54.79 -49.11 44.76
C GLU G 167 55.57 -47.80 44.84
N GLU G 168 55.86 -47.24 43.67
CA GLU G 168 56.82 -46.14 43.54
C GLU G 168 56.16 -44.76 43.69
N THR G 169 55.25 -44.48 44.61
CA THR G 169 54.40 -43.30 44.47
C THR G 169 54.28 -42.50 45.76
N LEU G 170 54.92 -41.33 45.79
CA LEU G 170 54.58 -40.24 46.72
C LEU G 170 54.61 -38.92 45.98
N LYS G 171 53.81 -37.95 46.44
CA LYS G 171 53.71 -36.63 45.83
C LYS G 171 53.87 -35.55 46.89
N SER G 172 54.09 -34.31 46.42
CA SER G 172 54.32 -33.16 47.28
C SER G 172 54.29 -31.85 46.49
N ASP G 173 54.11 -30.71 47.17
CA ASP G 173 54.08 -29.43 46.48
C ASP G 173 54.36 -28.29 47.45
N ARG G 174 54.91 -27.17 46.97
CA ARG G 174 54.95 -25.92 47.73
C ARG G 174 54.97 -24.74 46.76
N GLN G 175 54.63 -23.58 47.30
CA GLN G 175 54.53 -22.34 46.57
C GLN G 175 55.12 -21.25 47.45
N TYR G 176 55.45 -20.11 46.87
CA TYR G 176 55.92 -19.01 47.68
C TYR G 176 55.74 -17.72 46.88
N LYS G 177 55.42 -16.64 47.59
CA LYS G 177 55.14 -15.36 46.96
C LYS G 177 55.54 -14.26 47.93
N PHE G 178 56.52 -13.44 47.56
CA PHE G 178 57.07 -12.40 48.40
C PHE G 178 57.14 -11.08 47.64
N TRP G 179 56.67 -10.01 48.27
CA TRP G 179 56.73 -8.68 47.68
C TRP G 179 57.53 -7.77 48.61
N SER G 180 57.96 -6.62 48.09
CA SER G 180 58.67 -5.66 48.92
C SER G 180 58.69 -4.28 48.27
N GLN G 181 58.92 -3.28 49.12
CA GLN G 181 58.99 -1.88 48.70
C GLN G 181 59.73 -1.10 49.78
N ILE G 182 60.92 -0.61 49.47
CA ILE G 182 61.73 0.11 50.46
C ILE G 182 61.68 1.62 50.21
N SER G 183 61.97 2.04 48.98
CA SER G 183 61.87 3.45 48.60
C SER G 183 61.18 3.57 47.24
N GLN G 184 59.85 3.60 47.28
CA GLN G 184 58.96 3.56 46.11
C GLN G 184 59.38 2.49 45.11
N GLY G 185 60.05 1.44 45.59
CA GLY G 185 60.55 0.41 44.70
C GLY G 185 59.70 -0.84 44.68
N HIS G 186 59.18 -1.18 43.50
CA HIS G 186 58.39 -2.39 43.33
C HIS G 186 59.27 -3.62 43.48
N LEU G 187 58.77 -4.66 44.16
CA LEU G 187 59.38 -5.97 44.08
C LEU G 187 58.32 -7.05 44.22
N SER G 188 58.19 -7.89 43.19
CA SER G 188 57.28 -9.02 43.19
C SER G 188 58.08 -10.29 42.94
N TYR G 189 57.73 -11.37 43.63
CA TYR G 189 58.52 -12.59 43.66
C TYR G 189 57.57 -13.78 43.78
N LYS G 190 57.64 -14.72 42.84
CA LYS G 190 56.74 -15.87 42.89
C LYS G 190 57.48 -17.13 42.50
N HIS G 191 56.99 -18.27 43.03
CA HIS G 191 57.62 -19.56 42.81
C HIS G 191 56.60 -20.66 43.06
N LYS G 192 56.58 -21.66 42.18
CA LYS G 192 55.67 -22.81 42.32
C LYS G 192 56.48 -24.07 42.03
N GLY G 193 56.82 -24.83 43.07
CA GLY G 193 57.60 -26.04 42.90
C GLY G 193 56.84 -27.25 43.41
N GLN G 194 56.47 -28.13 42.48
CA GLN G 194 55.76 -29.37 42.79
C GLN G 194 56.72 -30.53 42.60
N ARG G 195 56.75 -31.44 43.58
CA ARG G 195 57.69 -32.55 43.58
C ARG G 195 56.93 -33.86 43.73
N GLU G 196 57.60 -34.96 43.40
CA GLU G 196 57.06 -36.29 43.59
C GLU G 196 58.21 -37.29 43.48
N VAL G 197 58.07 -38.42 44.18
CA VAL G 197 59.16 -39.37 44.32
C VAL G 197 58.65 -40.77 44.03
N THR G 198 59.45 -41.54 43.31
CA THR G 198 59.20 -42.95 43.06
C THR G 198 59.70 -43.74 44.25
N ILE G 199 58.77 -44.32 44.98
CA ILE G 199 59.07 -45.07 46.20
C ILE G 199 59.20 -46.56 45.92
N PRO G 200 60.31 -47.17 46.31
CA PRO G 200 60.59 -48.56 45.94
C PRO G 200 60.04 -49.55 46.97
N PRO G 201 59.86 -50.82 46.56
CA PRO G 201 59.08 -51.76 47.39
C PRO G 201 59.62 -52.08 48.78
N ASN G 202 60.80 -52.68 48.88
CA ASN G 202 61.22 -53.37 50.11
C ASN G 202 62.24 -52.53 50.87
N ARG G 203 61.75 -51.57 51.64
CA ARG G 203 62.61 -50.65 52.37
C ARG G 203 62.07 -50.46 53.78
N VAL G 204 62.87 -49.82 54.63
CA VAL G 204 62.56 -49.61 56.04
C VAL G 204 62.42 -48.11 56.28
N LEU G 205 61.34 -47.71 56.95
CA LEU G 205 61.05 -46.32 57.24
C LEU G 205 61.11 -45.96 58.71
N SER G 206 60.50 -46.75 59.58
CA SER G 206 60.41 -46.39 60.99
C SER G 206 60.98 -47.52 61.84
N TYR G 207 61.61 -47.13 62.95
CA TYR G 207 62.34 -48.07 63.79
C TYR G 207 62.15 -47.68 65.25
N ARG G 208 62.75 -48.46 66.15
CA ARG G 208 62.56 -48.28 67.58
C ARG G 208 63.89 -48.02 68.30
N VAL G 209 63.83 -47.82 69.61
CA VAL G 209 65.00 -47.51 70.43
C VAL G 209 65.08 -48.48 71.60
N LYS G 210 66.26 -49.06 71.80
CA LYS G 210 66.54 -49.86 72.99
C LYS G 210 68.03 -49.71 73.31
N GLN G 211 68.33 -49.12 74.45
CA GLN G 211 69.69 -48.69 74.78
C GLN G 211 70.58 -49.88 75.11
N LEU G 212 71.82 -49.83 74.61
CA LEU G 212 72.84 -50.81 74.93
C LEU G 212 74.09 -50.10 75.45
N VAL G 213 74.66 -50.65 76.52
CA VAL G 213 75.92 -50.18 77.08
C VAL G 213 76.98 -51.23 76.82
N PHE G 214 78.16 -50.77 76.41
CA PHE G 214 79.21 -51.68 75.95
C PHE G 214 80.47 -51.56 76.81
N PRO G 215 80.57 -52.36 77.87
CA PRO G 215 81.89 -52.64 78.44
C PRO G 215 82.72 -53.42 77.42
N ASN G 216 84.05 -53.23 77.49
CA ASN G 216 84.91 -53.67 76.41
C ASN G 216 84.81 -55.18 76.16
N LYS G 217 84.46 -55.95 77.18
CA LYS G 217 84.33 -57.40 77.03
C LYS G 217 82.89 -57.83 76.75
N GLU G 218 81.97 -57.53 77.66
CA GLU G 218 80.59 -57.98 77.55
C GLU G 218 79.65 -56.81 77.77
N THR G 219 78.50 -56.83 77.10
CA THR G 219 77.58 -55.70 77.08
C THR G 219 76.44 -55.90 78.07
N MET G 220 75.62 -54.84 78.20
CA MET G 220 74.43 -54.85 79.04
C MET G 220 73.41 -53.92 78.41
N SER G 221 72.19 -53.93 78.91
CA SER G 221 71.10 -53.18 78.27
C SER G 221 70.53 -52.10 79.18
N ALA G 222 69.65 -51.30 78.58
CA ALA G 222 68.90 -50.25 79.25
C ALA G 222 67.62 -50.07 78.44
N GLY G 223 66.47 -50.27 79.07
CA GLY G 223 65.27 -50.67 78.35
C GLY G 223 64.62 -49.63 77.45
N LEU G 224 64.01 -48.62 78.04
CA LEU G 224 62.96 -47.86 77.36
C LEU G 224 63.51 -46.57 76.76
N ASP G 225 63.54 -46.53 75.43
CA ASP G 225 63.64 -45.31 74.62
C ASP G 225 64.57 -44.26 75.23
N ILE G 226 65.79 -44.67 75.54
CA ILE G 226 66.81 -43.78 76.06
C ILE G 226 67.56 -43.18 74.88
N HIS G 227 67.02 -42.08 74.35
CA HIS G 227 67.69 -41.32 73.31
C HIS G 227 68.39 -40.09 73.87
N PHE G 228 68.34 -39.91 75.20
CA PHE G 228 69.12 -38.89 75.89
C PHE G 228 70.48 -39.51 76.18
N ARG G 229 71.48 -39.12 75.39
CA ARG G 229 72.72 -39.86 75.28
C ARG G 229 73.68 -39.47 76.39
N GLY G 230 73.93 -40.40 77.32
CA GLY G 230 75.04 -40.27 78.25
C GLY G 230 75.53 -41.63 78.72
N LYS G 231 76.81 -41.92 78.49
CA LYS G 231 77.43 -43.19 78.86
C LYS G 231 78.93 -43.01 78.87
N THR G 232 79.62 -43.68 79.80
CA THR G 232 81.07 -43.58 79.93
C THR G 232 81.80 -44.76 79.28
N LYS G 233 81.21 -45.39 78.28
CA LYS G 233 81.85 -46.51 77.61
C LYS G 233 83.03 -46.04 76.76
N PHE H 2 43.58 -34.30 65.99
CA PHE H 2 44.11 -34.72 64.70
C PHE H 2 44.37 -36.22 64.71
N SER H 3 44.38 -36.81 65.91
CA SER H 3 44.37 -38.26 66.01
C SER H 3 43.00 -38.80 65.59
N VAL H 4 43.03 -39.95 64.91
CA VAL H 4 41.80 -40.63 64.51
C VAL H 4 41.58 -41.93 65.28
N PHE H 5 42.64 -42.60 65.71
CA PHE H 5 42.59 -43.95 66.26
C PHE H 5 42.06 -43.97 67.67
N GLU H 6 42.19 -42.88 68.42
CA GLU H 6 41.54 -42.77 69.71
C GLU H 6 40.04 -42.51 69.54
N GLU H 7 39.66 -41.87 68.43
CA GLU H 7 38.26 -41.51 68.23
C GLU H 7 37.37 -42.73 68.10
N ILE H 8 37.74 -43.69 67.25
CA ILE H 8 36.91 -44.88 67.03
C ILE H 8 36.78 -45.69 68.31
N THR H 9 37.89 -45.85 69.03
CA THR H 9 37.82 -46.44 70.35
C THR H 9 36.90 -45.66 71.27
N ARG H 10 36.80 -44.33 71.09
CA ARG H 10 35.90 -43.57 71.93
C ARG H 10 34.44 -43.69 71.48
N ILE H 11 34.17 -43.99 70.21
CA ILE H 11 32.81 -44.39 69.86
C ILE H 11 32.45 -45.68 70.58
N VAL H 12 33.40 -46.62 70.64
CA VAL H 12 33.17 -47.83 71.45
C VAL H 12 32.92 -47.46 72.91
N VAL H 13 33.77 -46.56 73.44
CA VAL H 13 33.63 -46.12 74.83
C VAL H 13 32.26 -45.49 75.07
N LYS H 14 31.81 -44.62 74.15
CA LYS H 14 30.50 -43.98 74.30
C LYS H 14 29.37 -44.99 74.23
N GLU H 15 29.48 -45.97 73.32
CA GLU H 15 28.50 -47.04 73.27
C GLU H 15 28.49 -47.87 74.56
N MET H 16 29.55 -47.78 75.36
CA MET H 16 29.52 -48.24 76.75
C MET H 16 28.94 -47.21 77.74
N ASP H 17 29.52 -46.03 77.85
CA ASP H 17 29.19 -45.02 78.86
C ASP H 17 29.87 -43.73 78.46
N ALA H 18 29.38 -42.62 79.03
CA ALA H 18 29.89 -41.28 78.72
C ALA H 18 31.25 -41.11 79.39
N GLY H 19 32.31 -41.58 78.74
CA GLY H 19 33.65 -41.49 79.27
C GLY H 19 33.86 -42.20 80.59
N GLY H 20 33.22 -43.34 80.80
CA GLY H 20 33.24 -43.99 82.09
C GLY H 20 34.14 -45.20 82.20
N ASP H 21 33.53 -46.38 82.22
CA ASP H 21 34.28 -47.61 82.47
C ASP H 21 35.28 -47.90 81.35
N MET H 22 34.82 -47.87 80.10
CA MET H 22 35.53 -48.57 79.04
C MET H 22 36.78 -47.77 78.66
N ILE H 23 37.83 -48.47 78.22
CA ILE H 23 39.13 -47.84 78.01
C ILE H 23 39.58 -48.04 76.55
N ALA H 24 40.40 -47.08 76.09
CA ALA H 24 40.81 -46.96 74.69
C ALA H 24 42.32 -47.13 74.54
N VAL H 25 42.74 -47.40 73.30
CA VAL H 25 44.14 -47.66 72.97
C VAL H 25 44.54 -46.69 71.85
N ARG H 26 45.84 -46.47 71.69
CA ARG H 26 46.33 -45.44 70.77
C ARG H 26 46.58 -45.96 69.35
N SER H 27 47.12 -47.17 69.20
CA SER H 27 47.47 -47.69 67.88
C SER H 27 47.51 -49.21 67.88
N LEU H 28 47.72 -49.78 66.69
CA LEU H 28 47.39 -51.18 66.44
C LEU H 28 48.49 -51.93 65.70
N VAL H 29 49.75 -51.75 66.11
CA VAL H 29 50.76 -52.75 65.78
C VAL H 29 50.86 -53.78 66.90
N ASP H 30 50.88 -53.31 68.14
CA ASP H 30 50.88 -54.19 69.29
C ASP H 30 49.50 -54.21 69.95
N ALA H 31 48.48 -53.66 69.29
CA ALA H 31 47.12 -53.75 69.83
C ALA H 31 46.53 -55.13 69.59
N ASP H 32 46.84 -55.74 68.44
CA ASP H 32 46.48 -57.13 68.23
C ASP H 32 47.13 -58.01 69.29
N ARG H 33 48.23 -57.55 69.89
CA ARG H 33 48.87 -58.26 70.98
C ARG H 33 48.52 -57.58 72.31
N PHE H 34 47.59 -56.63 72.28
CA PHE H 34 47.00 -56.09 73.52
C PHE H 34 45.80 -56.93 73.93
N ARG H 35 46.02 -58.23 73.95
CA ARG H 35 45.05 -59.20 74.44
C ARG H 35 45.21 -59.29 75.96
N CYS H 36 44.64 -60.32 76.57
CA CYS H 36 44.77 -60.51 78.00
C CYS H 36 46.22 -60.68 78.41
N PHE H 37 46.49 -60.42 79.69
CA PHE H 37 47.82 -60.59 80.29
C PHE H 37 48.83 -59.58 79.78
N HIS H 38 48.43 -58.31 79.62
CA HIS H 38 49.27 -57.32 78.96
C HIS H 38 49.11 -55.97 79.64
N LEU H 39 50.10 -55.11 79.45
CA LEU H 39 50.32 -53.95 80.30
C LEU H 39 49.88 -52.65 79.62
N VAL H 40 49.97 -51.57 80.39
CA VAL H 40 49.76 -50.21 79.92
C VAL H 40 50.84 -49.33 80.55
N GLY H 41 51.00 -48.12 80.01
CA GLY H 41 51.95 -47.17 80.53
C GLY H 41 51.34 -46.27 81.60
N GLU H 42 52.21 -45.43 82.17
CA GLU H 42 51.78 -44.50 83.20
C GLU H 42 50.93 -43.38 82.60
N LYS H 43 50.11 -42.76 83.44
CA LYS H 43 49.09 -41.82 82.99
C LYS H 43 49.51 -40.39 83.33
N ARG H 44 49.37 -39.51 82.34
CA ARG H 44 49.50 -38.06 82.51
C ARG H 44 48.27 -37.37 81.96
N THR H 45 48.07 -36.13 82.37
CA THR H 45 46.86 -35.38 82.05
C THR H 45 47.13 -34.22 81.09
N PHE H 46 48.13 -34.36 80.22
CA PHE H 46 48.40 -33.33 79.22
C PHE H 46 47.55 -33.57 77.99
N PHE H 47 46.95 -32.49 77.48
CA PHE H 47 46.07 -32.54 76.31
C PHE H 47 44.97 -33.58 76.50
N GLY H 48 44.26 -33.45 77.61
CA GLY H 48 43.22 -34.40 77.98
C GLY H 48 43.81 -35.70 78.49
N CYS H 49 42.94 -36.71 78.53
CA CYS H 49 43.37 -38.04 78.98
C CYS H 49 44.25 -38.70 77.93
N ARG H 50 45.57 -38.72 78.18
CA ARG H 50 46.53 -39.31 77.24
C ARG H 50 47.61 -39.99 78.07
N HIS H 51 47.67 -41.31 78.01
CA HIS H 51 48.59 -42.10 78.82
C HIS H 51 49.65 -42.72 77.92
N TYR H 52 50.60 -43.40 78.55
CA TYR H 52 51.66 -44.12 77.84
C TYR H 52 51.24 -45.57 77.66
N THR H 53 52.08 -46.34 76.97
CA THR H 53 51.72 -47.72 76.67
C THR H 53 52.97 -48.57 76.49
N THR H 54 52.92 -49.80 77.02
CA THR H 54 53.96 -50.80 76.83
C THR H 54 53.30 -52.17 76.90
N GLY H 55 53.58 -53.02 75.90
CA GLY H 55 52.78 -54.22 75.70
C GLY H 55 53.44 -55.58 75.77
N LEU H 56 54.33 -55.81 76.74
CA LEU H 56 54.96 -57.10 76.89
C LEU H 56 53.98 -58.13 77.48
N THR H 57 54.45 -59.35 77.65
CA THR H 57 53.61 -60.50 77.97
C THR H 57 53.79 -60.91 79.42
N LEU H 58 52.92 -61.79 79.91
CA LEU H 58 52.98 -62.19 81.32
C LEU H 58 52.86 -63.70 81.53
N MET H 59 52.53 -64.47 80.48
CA MET H 59 52.33 -65.91 80.67
C MET H 59 53.63 -66.54 81.18
N ASP H 60 53.51 -67.34 82.24
CA ASP H 60 54.67 -68.01 82.84
C ASP H 60 54.56 -69.54 82.78
N ILE H 61 53.45 -70.11 83.24
CA ILE H 61 53.32 -71.56 83.41
C ILE H 61 52.09 -72.05 82.68
N LEU H 62 52.15 -73.31 82.23
CA LEU H 62 51.03 -74.01 81.62
C LEU H 62 50.94 -75.44 82.17
N ASP H 63 51.00 -75.57 83.50
CA ASP H 63 50.98 -76.90 84.11
C ASP H 63 49.57 -77.48 84.11
N THR H 64 48.60 -76.73 84.63
CA THR H 64 47.22 -77.17 84.64
C THR H 64 46.45 -76.51 83.49
N ASP H 65 45.13 -76.69 83.51
CA ASP H 65 44.27 -76.18 82.45
C ASP H 65 44.24 -74.66 82.45
N GLY H 66 44.99 -74.04 81.55
CA GLY H 66 45.07 -72.59 81.49
C GLY H 66 44.83 -71.99 80.12
N ASP H 67 44.94 -72.80 79.06
CA ASP H 67 44.80 -72.29 77.70
C ASP H 67 43.76 -73.05 76.90
N LYS H 68 42.72 -73.58 77.54
CA LYS H 68 41.65 -74.23 76.81
C LYS H 68 40.74 -73.19 76.16
N TRP H 69 40.20 -73.54 75.00
CA TRP H 69 39.29 -72.65 74.29
C TRP H 69 38.04 -73.40 73.84
N LYS H 81 29.98 -64.14 71.11
CA LYS H 81 28.77 -63.51 70.60
C LYS H 81 28.80 -63.58 69.06
N ALA H 82 27.82 -62.98 68.41
CA ALA H 82 27.77 -62.90 66.95
C ALA H 82 28.45 -61.59 66.52
N GLU H 83 28.41 -61.32 65.22
CA GLU H 83 29.04 -60.12 64.68
C GLU H 83 28.25 -58.90 65.14
N PHE H 84 28.94 -57.89 65.67
CA PHE H 84 28.33 -56.64 66.07
C PHE H 84 28.78 -55.56 65.09
N GLN H 85 27.84 -54.70 64.69
CA GLN H 85 28.04 -53.85 63.53
C GLN H 85 27.72 -52.41 63.86
N ILE H 86 28.55 -51.49 63.35
CA ILE H 86 28.40 -50.05 63.56
C ILE H 86 28.62 -49.36 62.21
N LEU H 87 27.53 -49.06 61.51
CA LEU H 87 27.56 -48.14 60.37
C LEU H 87 27.07 -46.76 60.81
N ASP H 88 27.99 -46.00 61.42
CA ASP H 88 27.60 -44.70 61.95
C ASP H 88 28.35 -43.57 61.25
N ASN H 89 27.81 -42.37 61.41
CA ASN H 89 28.43 -41.15 60.91
C ASN H 89 28.30 -40.08 61.99
N VAL H 90 29.43 -39.50 62.38
CA VAL H 90 29.45 -38.49 63.44
C VAL H 90 30.02 -37.20 62.87
N ASP H 91 29.31 -36.10 63.10
CA ASP H 91 29.65 -34.80 62.53
C ASP H 91 30.04 -33.85 63.65
N SER H 92 31.15 -33.13 63.45
CA SER H 92 31.64 -32.15 64.42
C SER H 92 32.16 -30.93 63.67
N THR H 93 31.40 -29.84 63.71
CA THR H 93 31.78 -28.61 63.01
C THR H 93 31.82 -27.47 64.01
N GLY H 94 32.78 -26.56 63.85
CA GLY H 94 32.92 -25.45 64.77
C GLY H 94 33.79 -24.31 64.30
N GLU H 95 33.30 -23.08 64.43
CA GLU H 95 34.05 -21.89 64.04
C GLU H 95 34.15 -20.96 65.23
N LEU H 96 35.37 -20.72 65.69
CA LEU H 96 35.65 -19.75 66.74
C LEU H 96 36.49 -18.64 66.14
N ILE H 97 35.95 -17.42 66.15
CA ILE H 97 36.62 -16.25 65.59
C ILE H 97 36.44 -15.08 66.55
N VAL H 98 37.54 -14.37 66.81
CA VAL H 98 37.59 -13.29 67.80
C VAL H 98 38.43 -12.17 67.24
N ARG H 99 37.97 -10.93 67.43
CA ARG H 99 38.73 -9.75 67.00
C ARG H 99 39.27 -9.02 68.22
N LEU H 100 40.55 -8.66 68.17
CA LEU H 100 41.31 -8.06 69.25
C LEU H 100 41.29 -6.54 69.16
N PRO H 101 41.58 -5.84 70.26
CA PRO H 101 41.70 -4.37 70.19
C PRO H 101 42.84 -3.89 69.30
N LYS H 102 43.73 -4.78 68.87
CA LYS H 102 44.78 -4.46 67.92
C LYS H 102 44.36 -4.73 66.48
N GLU H 103 43.06 -4.58 66.18
CA GLU H 103 42.41 -4.85 64.89
C GLU H 103 42.80 -6.21 64.31
N ILE H 104 43.19 -7.17 65.15
CA ILE H 104 43.55 -8.51 64.69
C ILE H 104 42.25 -9.31 64.61
N THR H 105 41.95 -9.85 63.43
CA THR H 105 40.74 -10.63 63.22
C THR H 105 41.10 -12.11 63.32
N ILE H 106 41.47 -12.56 64.52
CA ILE H 106 41.87 -13.94 64.76
C ILE H 106 40.69 -14.83 64.40
N SER H 107 40.97 -15.90 63.65
CA SER H 107 39.90 -16.73 63.12
C SER H 107 40.27 -18.21 63.20
N GLY H 108 39.26 -19.07 63.24
CA GLY H 108 39.45 -20.49 63.10
C GLY H 108 38.14 -21.18 62.81
N SER H 109 38.12 -22.12 61.87
CA SER H 109 36.91 -22.83 61.50
C SER H 109 37.27 -24.23 61.05
N PHE H 110 36.76 -25.24 61.76
CA PHE H 110 37.07 -26.64 61.47
C PHE H 110 35.78 -27.40 61.28
N GLN H 111 35.85 -28.49 60.51
CA GLN H 111 34.72 -29.39 60.39
C GLN H 111 35.23 -30.79 60.08
N GLY H 112 34.57 -31.78 60.69
CA GLY H 112 34.93 -33.16 60.48
C GLY H 112 33.75 -34.10 60.50
N PHE H 113 33.59 -34.85 59.42
CA PHE H 113 32.58 -35.89 59.30
C PHE H 113 33.27 -37.24 59.27
N HIS H 114 33.00 -38.06 60.28
CA HIS H 114 33.64 -39.35 60.43
C HIS H 114 32.66 -40.46 60.12
N HIS H 115 33.04 -41.33 59.20
CA HIS H 115 32.25 -42.49 58.84
C HIS H 115 32.89 -43.73 59.43
N GLN H 116 32.15 -44.43 60.29
CA GLN H 116 32.68 -45.62 60.92
C GLN H 116 31.91 -46.84 60.46
N LYS H 117 32.66 -47.82 59.97
CA LYS H 117 32.18 -49.12 59.50
C LYS H 117 32.67 -50.21 60.44
N ILE H 118 32.52 -49.96 61.73
CA ILE H 118 33.17 -50.75 62.76
C ILE H 118 32.52 -52.13 62.85
N LYS H 119 33.36 -53.16 62.87
CA LYS H 119 32.91 -54.53 63.06
C LYS H 119 33.58 -55.11 64.30
N ILE H 120 32.81 -55.86 65.09
CA ILE H 120 33.27 -56.33 66.39
C ILE H 120 32.89 -57.81 66.55
N SER H 121 33.83 -58.61 67.06
CA SER H 121 33.59 -60.00 67.39
C SER H 121 33.96 -60.23 68.86
N GLU H 122 33.53 -61.36 69.39
CA GLU H 122 33.71 -61.65 70.81
C GLU H 122 34.26 -63.05 71.02
N ASN H 123 35.29 -63.13 71.86
CA ASN H 123 35.88 -64.40 72.28
C ASN H 123 35.72 -64.49 73.79
N ARG H 124 34.87 -65.41 74.24
CA ARG H 124 34.46 -65.50 75.64
C ARG H 124 35.61 -66.04 76.49
N ILE H 125 35.92 -65.34 77.56
CA ILE H 125 36.82 -65.83 78.61
C ILE H 125 36.06 -65.78 79.93
N SER H 126 36.17 -66.86 80.70
CA SER H 126 35.38 -67.01 81.91
C SER H 126 35.80 -65.98 82.96
N GLN H 127 34.82 -65.46 83.70
CA GLN H 127 35.12 -64.49 84.75
C GLN H 127 35.71 -65.15 85.99
N GLN H 128 35.22 -66.34 86.35
CA GLN H 128 35.85 -67.09 87.43
C GLN H 128 37.23 -67.59 87.01
N TYR H 129 37.47 -67.64 85.70
CA TYR H 129 38.82 -67.94 85.22
C TYR H 129 39.82 -66.88 85.67
N LEU H 130 39.37 -65.66 85.95
CA LEU H 130 40.26 -64.66 86.53
C LEU H 130 40.80 -65.13 87.88
N ALA H 131 39.90 -65.60 88.75
CA ALA H 131 40.31 -66.19 90.02
C ALA H 131 41.18 -67.42 89.83
N THR H 132 40.86 -68.24 88.83
CA THR H 132 41.77 -69.34 88.49
C THR H 132 43.15 -68.83 88.11
N LEU H 133 43.22 -67.65 87.49
CA LEU H 133 44.50 -67.06 87.10
C LEU H 133 45.28 -66.60 88.33
N GLU H 134 44.60 -65.97 89.29
CA GLU H 134 45.33 -65.71 90.54
C GLU H 134 45.71 -66.99 91.27
N ASN H 135 44.96 -68.08 91.08
CA ASN H 135 45.35 -69.37 91.64
C ASN H 135 46.59 -69.96 90.98
N ARG H 136 46.99 -69.45 89.81
CA ARG H 136 48.22 -69.87 89.17
C ARG H 136 49.42 -69.49 90.03
N LYS H 137 50.50 -70.27 89.90
CA LYS H 137 51.75 -69.93 90.56
C LYS H 137 52.51 -68.91 89.72
N LEU H 138 52.63 -67.70 90.25
CA LEU H 138 53.29 -66.61 89.53
C LEU H 138 54.80 -66.72 89.73
N LYS H 139 55.50 -67.18 88.69
CA LYS H 139 56.95 -67.28 88.73
C LYS H 139 57.52 -67.30 87.31
N ARG H 140 58.33 -66.29 86.99
CA ARG H 140 58.90 -66.16 85.65
C ARG H 140 60.18 -65.35 85.75
N GLU H 141 61.24 -65.86 85.13
CA GLU H 141 62.55 -65.21 85.13
C GLU H 141 62.81 -64.48 83.82
N LEU H 142 61.74 -64.14 83.11
CA LEU H 142 61.88 -63.31 81.93
C LEU H 142 62.39 -61.93 82.34
N PRO H 143 63.25 -61.31 81.53
CA PRO H 143 63.81 -60.00 81.92
C PRO H 143 62.78 -58.89 81.90
N PHE H 144 61.89 -58.87 82.89
CA PHE H 144 60.96 -57.76 83.07
C PHE H 144 60.94 -57.22 84.49
N SER H 145 61.55 -57.90 85.47
CA SER H 145 61.48 -57.46 86.86
C SER H 145 62.15 -56.10 87.07
N PHE H 146 63.35 -55.92 86.49
CA PHE H 146 64.08 -54.67 86.71
C PHE H 146 63.30 -53.48 86.19
N ARG H 147 62.85 -53.54 84.94
CA ARG H 147 62.12 -52.42 84.36
C ARG H 147 60.74 -52.25 85.00
N SER H 148 60.08 -53.36 85.37
CA SER H 148 58.79 -53.25 86.02
C SER H 148 58.91 -52.56 87.38
N ILE H 149 59.94 -52.90 88.15
CA ILE H 149 60.15 -52.22 89.43
C ILE H 149 60.58 -50.77 89.22
N ASN H 150 61.36 -50.49 88.18
CA ASN H 150 61.75 -49.11 87.90
C ASN H 150 60.53 -48.26 87.57
N THR H 151 59.59 -48.80 86.79
CA THR H 151 58.41 -48.06 86.39
C THR H 151 57.37 -47.95 87.51
N ARG H 152 57.05 -49.08 88.17
CA ARG H 152 55.98 -49.18 89.16
C ARG H 152 54.65 -48.65 88.64
N GLU H 153 54.20 -49.16 87.49
CA GLU H 153 52.95 -48.73 86.88
C GLU H 153 51.74 -49.44 87.48
N ASN H 154 51.97 -50.37 88.41
CA ASN H 154 50.94 -51.26 88.97
C ASN H 154 49.94 -51.71 87.91
N LEU H 155 50.47 -52.41 86.89
CA LEU H 155 49.75 -52.83 85.70
C LEU H 155 48.39 -53.44 86.00
N TYR H 156 47.45 -53.24 85.08
CA TYR H 156 46.16 -53.88 85.12
C TYR H 156 45.97 -54.76 83.89
N LEU H 157 44.97 -55.65 83.96
CA LEU H 157 44.65 -56.55 82.86
C LEU H 157 43.28 -56.22 82.29
N VAL H 158 42.83 -57.05 81.37
CA VAL H 158 41.56 -56.84 80.69
C VAL H 158 40.57 -57.90 81.14
N THR H 159 39.28 -57.58 81.01
CA THR H 159 38.24 -58.49 81.48
C THR H 159 37.93 -59.57 80.44
N GLU H 160 37.48 -59.16 79.25
CA GLU H 160 37.03 -60.10 78.24
C GLU H 160 37.58 -59.68 76.88
N THR H 161 37.81 -60.66 76.01
CA THR H 161 38.40 -60.39 74.71
C THR H 161 37.39 -59.70 73.79
N LEU H 162 37.69 -58.47 73.39
CA LEU H 162 36.85 -57.71 72.48
C LEU H 162 37.58 -57.65 71.14
N GLU H 163 37.22 -58.56 70.24
CA GLU H 163 37.93 -58.74 68.98
C GLU H 163 37.15 -58.08 67.84
N THR H 164 37.82 -57.90 66.70
CA THR H 164 37.22 -57.27 65.54
C THR H 164 37.51 -58.11 64.31
N VAL H 165 36.58 -58.10 63.35
CA VAL H 165 36.82 -58.61 62.00
C VAL H 165 36.28 -57.58 61.01
N LYS H 166 37.13 -56.62 60.64
CA LYS H 166 36.69 -55.36 60.04
C LYS H 166 37.12 -55.28 58.58
N GLU H 167 36.48 -54.38 57.83
CA GLU H 167 37.03 -53.90 56.58
C GLU H 167 37.92 -52.69 56.82
N GLU H 168 38.54 -52.21 55.75
CA GLU H 168 39.61 -51.22 55.85
C GLU H 168 39.13 -49.78 55.82
N THR H 169 38.05 -49.37 56.50
CA THR H 169 37.41 -48.10 56.15
C THR H 169 37.09 -47.25 57.37
N LEU H 170 37.83 -46.15 57.55
CA LEU H 170 37.41 -45.00 58.35
C LEU H 170 37.77 -43.72 57.62
N LYS H 171 37.01 -42.66 57.88
CA LYS H 171 37.22 -41.36 57.24
C LYS H 171 37.25 -40.26 58.30
N SER H 172 37.73 -39.07 57.88
CA SER H 172 37.88 -37.92 58.77
C SER H 172 38.19 -36.65 57.98
N ASP H 173 37.99 -35.48 58.58
CA ASP H 173 38.28 -34.22 57.90
C ASP H 173 38.46 -33.09 58.90
N ARG H 174 39.22 -32.05 58.56
CA ARG H 174 39.24 -30.79 59.29
C ARG H 174 39.63 -29.66 58.34
N GLN H 175 39.31 -28.45 58.77
CA GLN H 175 39.54 -27.22 58.02
C GLN H 175 40.02 -26.19 59.02
N TYR H 176 40.62 -25.12 58.52
CA TYR H 176 41.01 -24.03 59.40
C TYR H 176 41.18 -22.77 58.58
N LYS H 177 40.83 -21.64 59.18
CA LYS H 177 40.87 -20.35 58.49
C LYS H 177 41.15 -19.27 59.52
N PHE H 178 42.28 -18.58 59.37
CA PHE H 178 42.74 -17.58 60.33
C PHE H 178 43.13 -16.32 59.59
N TRP H 179 42.67 -15.16 60.07
CA TRP H 179 43.03 -13.88 59.51
C TRP H 179 43.69 -13.03 60.60
N SER H 180 44.35 -11.95 60.18
CA SER H 180 44.97 -11.06 61.15
C SER H 180 45.29 -9.71 60.51
N GLN H 181 45.43 -8.70 61.38
CA GLN H 181 45.77 -7.34 60.97
C GLN H 181 46.32 -6.61 62.19
N ILE H 182 47.61 -6.28 62.17
CA ILE H 182 48.24 -5.62 63.31
C ILE H 182 48.42 -4.12 63.05
N SER H 183 49.04 -3.78 61.92
CA SER H 183 49.20 -2.38 61.51
C SER H 183 48.87 -2.24 60.02
N GLN H 184 47.58 -2.05 59.75
CA GLN H 184 46.99 -2.04 58.41
C GLN H 184 47.52 -3.19 57.54
N GLY H 185 47.93 -4.29 58.18
CA GLY H 185 48.50 -5.40 57.44
C GLY H 185 47.52 -6.54 57.23
N HIS H 186 47.26 -6.87 55.97
CA HIS H 186 46.39 -7.98 55.62
C HIS H 186 47.06 -9.30 55.99
N LEU H 187 46.30 -10.25 56.53
CA LEU H 187 46.75 -11.63 56.62
C LEU H 187 45.56 -12.57 56.51
N SER H 188 45.58 -13.43 55.49
CA SER H 188 44.56 -14.45 55.28
C SER H 188 45.25 -15.81 55.24
N TYR H 189 44.61 -16.82 55.84
CA TYR H 189 45.22 -18.11 56.06
C TYR H 189 44.15 -19.18 55.97
N LYS H 190 44.32 -20.15 55.08
CA LYS H 190 43.30 -21.19 54.93
C LYS H 190 43.96 -22.54 54.74
N HIS H 191 43.24 -23.59 55.14
CA HIS H 191 43.74 -24.96 55.09
C HIS H 191 42.56 -25.93 55.11
N LYS H 192 42.63 -26.95 54.24
CA LYS H 192 41.59 -27.99 54.17
C LYS H 192 42.27 -29.34 54.10
N GLY H 193 42.28 -30.09 55.20
CA GLY H 193 42.92 -31.40 55.23
C GLY H 193 41.92 -32.49 55.55
N GLN H 194 41.68 -33.35 54.58
CA GLN H 194 40.78 -34.49 54.72
C GLN H 194 41.62 -35.76 54.78
N ARG H 195 41.30 -36.62 55.74
CA ARG H 195 42.08 -37.84 55.97
C ARG H 195 41.16 -39.05 55.95
N GLU H 196 41.74 -40.23 55.80
CA GLU H 196 41.02 -41.49 55.87
C GLU H 196 42.04 -42.60 56.05
N VAL H 197 41.60 -43.68 56.70
CA VAL H 197 42.50 -44.75 57.10
C VAL H 197 41.90 -46.09 56.71
N THR H 198 42.77 -46.97 56.21
CA THR H 198 42.41 -48.35 55.91
C THR H 198 42.52 -49.15 57.20
N ILE H 199 41.38 -49.59 57.70
CA ILE H 199 41.30 -50.33 58.96
C ILE H 199 41.30 -51.83 58.74
N PRO H 200 42.22 -52.55 59.39
CA PRO H 200 42.40 -53.98 59.10
C PRO H 200 41.53 -54.85 59.97
N PRO H 201 41.28 -56.11 59.55
CA PRO H 201 40.23 -56.92 60.18
C PRO H 201 40.38 -57.25 61.66
N ASN H 202 41.43 -57.98 62.05
CA ASN H 202 41.45 -58.67 63.33
C ASN H 202 42.36 -57.92 64.31
N ARG H 203 41.82 -56.88 64.94
CA ARG H 203 42.59 -56.04 65.85
C ARG H 203 41.76 -55.74 67.08
N VAL H 204 42.42 -55.16 68.10
CA VAL H 204 41.80 -54.86 69.38
C VAL H 204 41.79 -53.35 69.57
N LEU H 205 40.64 -52.81 69.97
CA LEU H 205 40.46 -51.38 70.16
C LEU H 205 40.22 -50.97 71.61
N SER H 206 39.32 -51.65 72.31
CA SER H 206 38.95 -51.23 73.65
C SER H 206 39.17 -52.39 74.63
N TYR H 207 39.55 -52.04 75.85
CA TYR H 207 39.94 -53.02 76.85
C TYR H 207 39.47 -52.56 78.21
N ARG H 208 39.74 -53.36 79.25
CA ARG H 208 39.24 -53.11 80.58
C ARG H 208 40.39 -52.98 81.60
N VAL H 209 40.05 -52.74 82.86
CA VAL H 209 41.02 -52.51 83.92
C VAL H 209 40.71 -53.45 85.09
N LYS H 210 41.73 -54.14 85.58
CA LYS H 210 41.63 -54.93 86.79
C LYS H 210 42.99 -54.94 87.46
N GLN H 211 43.10 -54.35 88.64
CA GLN H 211 44.37 -54.06 89.27
C GLN H 211 45.03 -55.33 89.82
N LEU H 212 46.33 -55.45 89.62
CA LEU H 212 47.12 -56.53 90.19
C LEU H 212 48.29 -55.94 90.99
N VAL H 213 48.53 -56.51 92.16
CA VAL H 213 49.66 -56.16 93.00
C VAL H 213 50.63 -57.34 93.01
N PHE H 214 51.92 -57.03 92.90
CA PHE H 214 52.93 -58.07 92.71
C PHE H 214 53.95 -58.06 93.84
N PRO H 215 53.72 -58.82 94.90
CA PRO H 215 54.83 -59.23 95.77
C PRO H 215 55.77 -60.13 94.99
N ASN H 216 57.04 -60.11 95.37
CA ASN H 216 58.09 -60.68 94.54
C ASN H 216 57.87 -62.17 94.28
N LYS H 217 57.20 -62.86 95.20
CA LYS H 217 56.93 -64.29 95.02
C LYS H 217 55.57 -64.57 94.41
N GLU H 218 54.49 -64.14 95.08
CA GLU H 218 53.13 -64.42 94.64
C GLU H 218 52.31 -63.14 94.63
N THR H 219 51.37 -63.05 93.71
CA THR H 219 50.61 -61.83 93.45
C THR H 219 49.25 -61.85 94.14
N MET H 220 48.56 -60.72 94.07
CA MET H 220 47.22 -60.57 94.61
C MET H 220 46.49 -59.54 93.73
N SER H 221 45.19 -59.39 93.92
CA SER H 221 44.38 -58.56 93.04
C SER H 221 43.75 -57.38 93.78
N ALA H 222 43.13 -56.51 92.98
CA ALA H 222 42.37 -55.35 93.44
C ALA H 222 41.36 -55.07 92.34
N GLY H 223 40.07 -55.10 92.69
CA GLY H 223 39.04 -55.40 91.71
C GLY H 223 38.75 -54.33 90.68
N LEU H 224 38.14 -53.22 91.10
CA LEU H 224 37.38 -52.38 90.17
C LEU H 224 38.20 -51.19 89.71
N ASP H 225 38.56 -51.19 88.43
CA ASP H 225 38.98 -50.02 87.65
C ASP H 225 39.85 -49.07 88.46
N ILE H 226 40.92 -49.61 89.05
CA ILE H 226 41.88 -48.82 89.80
C ILE H 226 42.95 -48.35 88.83
N HIS H 227 42.70 -47.22 88.17
CA HIS H 227 43.67 -46.57 87.30
C HIS H 227 44.37 -45.41 88.02
N PHE H 228 44.02 -45.17 89.28
CA PHE H 228 44.73 -44.22 90.13
C PHE H 228 45.91 -44.98 90.74
N ARG H 229 47.10 -44.74 90.21
CA ARG H 229 48.24 -45.63 90.41
C ARG H 229 48.95 -45.30 91.72
N GLY H 230 48.86 -46.22 92.68
CA GLY H 230 49.73 -46.19 93.84
C GLY H 230 49.92 -47.58 94.43
N LYS H 231 51.17 -48.01 94.52
CA LYS H 231 51.53 -49.33 95.04
C LYS H 231 53.01 -49.32 95.39
N THR H 232 53.37 -50.03 96.47
CA THR H 232 54.74 -50.10 96.94
C THR H 232 55.46 -51.37 96.51
N LYS H 233 55.06 -51.97 95.38
CA LYS H 233 55.71 -53.18 94.91
C LYS H 233 57.09 -52.88 94.35
N PHE I 2 23.00 -36.74 74.64
CA PHE I 2 23.75 -37.28 73.51
C PHE I 2 23.79 -38.79 73.61
N SER I 3 23.45 -39.32 74.78
CA SER I 3 23.23 -40.75 74.90
C SER I 3 21.93 -41.14 74.19
N VAL I 4 21.95 -42.31 73.55
CA VAL I 4 20.78 -42.85 72.90
C VAL I 4 20.22 -44.07 73.61
N PHE I 5 21.06 -44.86 74.28
CA PHE I 5 20.70 -46.16 74.82
C PHE I 5 19.86 -46.05 76.09
N GLU I 6 19.97 -44.94 76.82
CA GLU I 6 19.07 -44.70 77.93
C GLU I 6 17.70 -44.27 77.42
N GLU I 7 17.66 -43.63 76.25
CA GLU I 7 16.40 -43.11 75.72
C GLU I 7 15.41 -44.21 75.41
N ILE I 8 15.83 -45.25 74.68
CA ILE I 8 14.92 -46.32 74.30
C ILE I 8 14.40 -47.05 75.53
N THR I 9 15.29 -47.32 76.48
CA THR I 9 14.85 -47.84 77.76
C THR I 9 13.86 -46.90 78.43
N ARG I 10 13.98 -45.60 78.22
CA ARG I 10 13.01 -44.68 78.82
C ARG I 10 11.70 -44.63 78.05
N ILE I 11 11.69 -44.96 76.75
CA ILE I 11 10.39 -45.20 76.12
C ILE I 11 9.71 -46.40 76.76
N VAL I 12 10.48 -47.45 77.04
CA VAL I 12 9.91 -48.58 77.79
C VAL I 12 9.42 -48.11 79.15
N VAL I 13 10.22 -47.31 79.85
CA VAL I 13 9.84 -46.79 81.16
C VAL I 13 8.55 -45.99 81.07
N LYS I 14 8.43 -45.11 80.07
CA LYS I 14 7.24 -44.30 79.91
C LYS I 14 6.02 -45.16 79.60
N GLU I 15 6.19 -46.18 78.76
CA GLU I 15 5.12 -47.13 78.49
C GLU I 15 4.70 -47.88 79.76
N MET I 16 5.56 -47.90 80.78
CA MET I 16 5.15 -48.27 82.13
C MET I 16 4.52 -47.15 82.96
N ASP I 17 5.21 -46.04 83.17
CA ASP I 17 4.80 -44.96 84.06
C ASP I 17 5.72 -43.77 83.81
N ALA I 18 5.27 -42.60 84.23
CA ALA I 18 6.01 -41.35 84.03
C ALA I 18 7.19 -41.32 84.99
N GLY I 19 8.30 -41.95 84.59
CA GLY I 19 9.48 -42.00 85.42
C GLY I 19 9.30 -42.67 86.76
N GLY I 20 8.48 -43.72 86.84
CA GLY I 20 8.12 -44.30 88.12
C GLY I 20 8.81 -45.60 88.43
N ASP I 21 8.06 -46.70 88.33
CA ASP I 21 8.56 -48.00 88.77
C ASP I 21 9.74 -48.46 87.91
N MET I 22 9.58 -48.43 86.60
CA MET I 22 10.41 -49.27 85.73
C MET I 22 11.81 -48.65 85.63
N ILE I 23 12.83 -49.48 85.46
CA ILE I 23 14.22 -49.05 85.54
C ILE I 23 14.95 -49.36 84.24
N ALA I 24 15.96 -48.55 83.94
CA ALA I 24 16.69 -48.53 82.68
C ALA I 24 18.16 -48.89 82.87
N VAL I 25 18.81 -49.27 81.77
CA VAL I 25 20.21 -49.73 81.77
C VAL I 25 20.95 -48.88 80.76
N ARG I 26 22.29 -48.83 80.89
CA ARG I 26 23.09 -47.91 80.09
C ARG I 26 23.59 -48.52 78.78
N SER I 27 23.98 -49.79 78.77
CA SER I 27 24.56 -50.42 77.58
C SER I 27 24.38 -51.92 77.61
N LEU I 28 24.78 -52.57 76.51
CA LEU I 28 24.33 -53.92 76.21
C LEU I 28 25.46 -54.84 75.74
N VAL I 29 26.61 -54.80 76.42
CA VAL I 29 27.53 -55.94 76.36
C VAL I 29 27.22 -56.91 77.48
N ASP I 30 27.04 -56.40 78.69
CA ASP I 30 26.66 -57.22 79.82
C ASP I 30 25.18 -57.03 80.16
N ALA I 31 24.42 -56.39 79.27
CA ALA I 31 22.97 -56.29 79.49
C ALA I 31 22.27 -57.59 79.13
N ASP I 32 22.75 -58.28 78.10
CA ASP I 32 22.27 -59.63 77.84
C ASP I 32 22.53 -60.53 79.03
N ARG I 33 23.52 -60.19 79.85
CA ARG I 33 23.80 -60.92 81.08
C ARG I 33 23.25 -60.14 82.29
N PHE I 34 22.49 -59.08 82.04
CA PHE I 34 21.72 -58.42 83.09
C PHE I 34 20.35 -59.07 83.23
N ARG I 35 20.38 -60.40 83.32
CA ARG I 35 19.22 -61.21 83.59
C ARG I 35 19.01 -61.25 85.11
N CYS I 36 18.20 -62.18 85.58
CA CYS I 36 17.96 -62.31 87.02
C CYS I 36 19.26 -62.65 87.75
N PHE I 37 19.27 -62.37 89.05
CA PHE I 37 20.39 -62.67 89.95
C PHE I 37 21.62 -61.81 89.65
N HIS I 38 21.43 -60.53 89.39
CA HIS I 38 22.53 -59.68 88.93
C HIS I 38 22.39 -58.28 89.52
N LEU I 39 23.52 -57.57 89.56
CA LEU I 39 23.69 -56.40 90.42
C LEU I 39 23.59 -55.10 89.63
N VAL I 40 23.65 -54.01 90.39
CA VAL I 40 23.73 -52.65 89.85
C VAL I 40 24.75 -51.88 90.70
N GLY I 41 25.19 -50.74 90.19
CA GLY I 41 26.12 -49.88 90.91
C GLY I 41 25.40 -48.87 91.79
N GLU I 42 26.23 -48.12 92.53
CA GLU I 42 25.72 -47.09 93.43
C GLU I 42 25.17 -45.91 92.62
N LYS I 43 24.28 -45.15 93.25
CA LYS I 43 23.51 -44.11 92.58
C LYS I 43 24.04 -42.73 92.96
N ARG I 44 24.23 -41.88 91.96
CA ARG I 44 24.51 -40.46 92.13
C ARG I 44 23.54 -39.64 91.30
N THR I 45 23.42 -38.37 91.64
CA THR I 45 22.43 -37.48 91.03
C THR I 45 23.07 -36.42 90.15
N PHE I 46 24.20 -36.73 89.53
CA PHE I 46 24.82 -35.78 88.60
C PHE I 46 24.24 -35.97 87.21
N PHE I 47 23.92 -34.86 86.56
CA PHE I 47 23.33 -34.83 85.22
C PHE I 47 22.09 -35.72 85.18
N GLY I 48 21.16 -35.44 86.10
CA GLY I 48 19.97 -36.24 86.23
C GLY I 48 20.23 -37.58 86.88
N CYS I 49 19.26 -38.48 86.75
CA CYS I 49 19.39 -39.83 87.30
C CYS I 49 20.40 -40.64 86.49
N ARG I 50 21.60 -40.82 87.03
CA ARG I 50 22.66 -41.56 86.34
C ARG I 50 23.43 -42.32 87.41
N HIS I 51 23.32 -43.65 87.39
CA HIS I 51 23.92 -44.52 88.38
C HIS I 51 25.08 -45.30 87.77
N TYR I 52 25.76 -46.08 88.61
CA TYR I 52 26.83 -46.95 88.17
C TYR I 52 26.29 -48.35 87.93
N THR I 53 27.15 -49.24 87.45
CA THR I 53 26.69 -50.57 87.10
C THR I 53 27.82 -51.58 87.24
N THR I 54 27.49 -52.76 87.74
CA THR I 54 28.40 -53.90 87.82
C THR I 54 27.57 -55.18 87.76
N GLY I 55 27.95 -56.09 86.86
CA GLY I 55 27.05 -57.19 86.50
C GLY I 55 27.50 -58.62 86.74
N LEU I 56 28.10 -58.91 87.89
CA LEU I 56 28.51 -60.27 88.20
C LEU I 56 27.29 -61.13 88.57
N THR I 57 27.55 -62.40 88.86
CA THR I 57 26.52 -63.42 89.00
C THR I 57 26.31 -63.78 90.46
N LEU I 58 25.24 -64.53 90.75
CA LEU I 58 24.93 -64.86 92.14
C LEU I 58 24.57 -66.33 92.33
N MET I 59 24.38 -67.10 91.26
CA MET I 59 23.96 -68.49 91.42
C MET I 59 25.00 -69.27 92.22
N ASP I 60 24.55 -70.00 93.25
CA ASP I 60 25.44 -70.78 94.09
C ASP I 60 25.16 -72.28 94.04
N ILE I 61 23.91 -72.68 94.25
CA ILE I 61 23.55 -74.09 94.40
C ILE I 61 22.46 -74.46 93.41
N LEU I 62 22.45 -75.73 93.02
CA LEU I 62 21.41 -76.32 92.18
C LEU I 62 21.00 -77.69 92.71
N ASP I 63 20.76 -77.77 94.03
CA ASP I 63 20.42 -79.05 94.63
C ASP I 63 18.98 -79.47 94.33
N THR I 64 18.03 -78.57 94.59
CA THR I 64 16.63 -78.83 94.29
C THR I 64 16.23 -78.13 92.99
N ASP I 65 14.92 -78.15 92.72
CA ASP I 65 14.41 -77.58 91.48
C ASP I 65 14.58 -76.06 91.45
N GLY I 66 15.59 -75.59 90.73
CA GLY I 66 15.87 -74.16 90.68
C GLY I 66 16.03 -73.60 89.27
N ASP I 67 16.26 -74.46 88.28
CA ASP I 67 16.50 -74.00 86.92
C ASP I 67 15.57 -74.67 85.90
N LYS I 68 14.36 -75.04 86.31
CA LYS I 68 13.39 -75.58 85.36
C LYS I 68 12.81 -74.45 84.51
N TRP I 69 12.50 -74.78 83.26
CA TRP I 69 11.89 -73.82 82.35
C TRP I 69 10.69 -74.43 81.62
N LYS I 81 4.74 -64.35 77.00
CA LYS I 81 3.78 -63.61 76.21
C LYS I 81 4.14 -63.74 74.73
N ALA I 82 3.41 -63.07 73.85
CA ALA I 82 3.70 -63.04 72.43
C ALA I 82 4.63 -61.85 72.13
N GLU I 83 4.92 -61.63 70.85
CA GLU I 83 5.81 -60.55 70.46
C GLU I 83 5.10 -59.21 70.71
N PHE I 84 5.79 -58.28 71.36
CA PHE I 84 5.27 -56.95 71.59
C PHE I 84 6.07 -55.97 70.74
N GLN I 85 5.37 -55.03 70.10
CA GLN I 85 5.95 -54.26 69.01
C GLN I 85 5.75 -52.77 69.24
N ILE I 86 6.79 -52.00 68.92
CA ILE I 86 6.79 -50.54 69.06
C ILE I 86 7.39 -49.95 67.79
N LEU I 87 6.54 -49.54 66.85
CA LEU I 87 6.94 -48.68 65.73
C LEU I 87 6.56 -47.24 66.05
N ASP I 88 7.40 -46.57 66.82
CA ASP I 88 7.09 -45.21 67.23
C ASP I 88 8.13 -44.22 66.70
N ASN I 89 7.72 -42.94 66.71
CA ASN I 89 8.59 -41.84 66.35
C ASN I 89 8.37 -40.71 67.35
N VAL I 90 9.44 -40.26 67.99
CA VAL I 90 9.37 -39.22 69.00
C VAL I 90 10.21 -38.03 68.56
N ASP I 91 9.63 -36.84 68.61
CA ASP I 91 10.26 -35.63 68.11
C ASP I 91 10.52 -34.68 69.26
N SER I 92 11.72 -34.11 69.31
CA SER I 92 12.10 -33.16 70.36
C SER I 92 12.94 -32.05 69.73
N THR I 93 12.35 -30.87 69.57
CA THR I 93 13.03 -29.75 68.96
C THR I 93 13.00 -28.57 69.92
N GLY I 94 14.08 -27.80 69.97
CA GLY I 94 14.16 -26.67 70.87
C GLY I 94 15.26 -25.68 70.61
N GLU I 95 14.92 -24.40 70.60
CA GLU I 95 15.88 -23.32 70.38
C GLU I 95 15.84 -22.35 71.55
N LEU I 96 16.96 -22.26 72.26
CA LEU I 96 17.12 -21.29 73.34
C LEU I 96 18.21 -20.31 72.93
N ILE I 97 17.85 -19.04 72.79
CA ILE I 97 18.78 -17.99 72.39
C ILE I 97 18.54 -16.76 73.27
N VAL I 98 19.63 -16.18 73.76
CA VAL I 98 19.60 -15.08 74.71
C VAL I 98 20.70 -14.09 74.34
N ARG I 99 20.39 -12.80 74.40
CA ARG I 99 21.36 -11.74 74.13
C ARG I 99 21.70 -11.04 75.44
N LEU I 100 22.99 -10.84 75.67
CA LEU I 100 23.58 -10.30 76.88
C LEU I 100 23.78 -8.79 76.77
N PRO I 101 23.90 -8.08 77.90
CA PRO I 101 24.23 -6.64 77.82
C PRO I 101 25.59 -6.36 77.22
N LYS I 102 26.43 -7.37 77.02
CA LYS I 102 27.70 -7.23 76.32
C LYS I 102 27.58 -7.50 74.84
N GLU I 103 26.41 -7.21 74.24
CA GLU I 103 26.04 -7.45 72.85
C GLU I 103 26.37 -8.87 72.39
N ILE I 104 26.42 -9.84 73.30
CA ILE I 104 26.69 -11.23 72.95
C ILE I 104 25.35 -11.87 72.61
N THR I 105 25.26 -12.41 71.39
CA THR I 105 24.04 -13.05 70.91
C THR I 105 24.16 -14.56 71.13
N ILE I 106 24.20 -14.99 72.39
CA ILE I 106 24.34 -16.40 72.74
C ILE I 106 23.16 -17.16 72.13
N SER I 107 23.45 -18.27 71.48
CA SER I 107 22.43 -18.99 70.73
C SER I 107 22.57 -20.50 70.92
N GLY I 108 21.47 -21.22 70.74
CA GLY I 108 21.50 -22.66 70.67
C GLY I 108 20.21 -23.20 70.10
N SER I 109 20.28 -24.16 69.19
CA SER I 109 19.08 -24.73 68.56
C SER I 109 19.35 -26.19 68.23
N PHE I 110 18.57 -27.09 68.82
CA PHE I 110 18.74 -28.53 68.64
C PHE I 110 17.44 -29.13 68.16
N GLN I 111 17.54 -30.25 67.45
CA GLN I 111 16.35 -31.01 67.09
C GLN I 111 16.72 -32.48 66.92
N GLY I 112 15.83 -33.34 67.39
CA GLY I 112 16.03 -34.77 67.29
C GLY I 112 14.76 -35.55 67.05
N PHE I 113 14.76 -36.31 65.97
CA PHE I 113 13.66 -37.22 65.65
C PHE I 113 14.16 -38.66 65.79
N HIS I 114 13.56 -39.39 66.72
CA HIS I 114 13.98 -40.73 67.05
C HIS I 114 12.95 -41.73 66.53
N HIS I 115 13.41 -42.68 65.73
CA HIS I 115 12.56 -43.74 65.22
C HIS I 115 12.89 -45.02 65.97
N GLN I 116 11.90 -45.59 66.65
CA GLN I 116 12.10 -46.81 67.41
C GLN I 116 11.29 -47.94 66.79
N LYS I 117 12.00 -49.03 66.50
CA LYS I 117 11.47 -50.28 65.96
C LYS I 117 11.59 -51.38 66.99
N ILE I 118 11.19 -51.05 68.22
CA ILE I 118 11.48 -51.88 69.39
C ILE I 118 10.65 -53.15 69.34
N LYS I 119 11.32 -54.28 69.57
CA LYS I 119 10.66 -55.58 69.68
C LYS I 119 10.95 -56.17 71.05
N ILE I 120 9.93 -56.78 71.64
CA ILE I 120 10.02 -57.25 73.02
C ILE I 120 9.43 -58.65 73.12
N SER I 121 10.11 -59.54 73.84
CA SER I 121 9.61 -60.88 74.13
C SER I 121 9.63 -61.08 75.65
N GLU I 122 8.93 -62.12 76.09
CA GLU I 122 8.74 -62.37 77.51
C GLU I 122 9.05 -63.82 77.86
N ASN I 123 9.85 -63.99 78.92
CA ASN I 123 10.15 -65.30 79.48
C ASN I 123 9.64 -65.30 80.92
N ARG I 124 8.60 -66.09 81.18
CA ARG I 124 7.89 -66.06 82.45
C ARG I 124 8.74 -66.70 83.54
N ILE I 125 8.89 -66.00 84.66
CA ILE I 125 9.45 -66.56 85.87
C ILE I 125 8.44 -66.36 87.00
N SER I 126 8.22 -67.41 87.78
CA SER I 126 7.17 -67.38 88.78
C SER I 126 7.48 -66.37 89.88
N GLN I 127 6.43 -65.71 90.37
CA GLN I 127 6.61 -64.73 91.45
C GLN I 127 6.82 -65.41 92.79
N GLN I 128 6.11 -66.50 93.06
CA GLN I 128 6.37 -67.29 94.27
C GLN I 128 7.73 -67.97 94.17
N TYR I 129 8.25 -68.11 92.95
CA TYR I 129 9.62 -68.59 92.80
C TYR I 129 10.62 -67.65 93.45
N LEU I 130 10.29 -66.37 93.61
CA LEU I 130 11.16 -65.47 94.36
C LEU I 130 11.31 -65.94 95.81
N ALA I 131 10.18 -66.26 96.45
CA ALA I 131 10.22 -66.82 97.79
C ALA I 131 10.93 -68.17 97.82
N THR I 132 10.74 -68.99 96.79
CA THR I 132 11.54 -70.20 96.67
C THR I 132 13.04 -69.90 96.62
N LEU I 133 13.40 -68.76 96.02
CA LEU I 133 14.80 -68.35 95.93
C LEU I 133 15.34 -67.94 97.29
N GLU I 134 14.55 -67.19 98.06
CA GLU I 134 15.01 -66.96 99.43
C GLU I 134 15.05 -68.26 100.25
N ASN I 135 14.23 -69.24 99.91
CA ASN I 135 14.30 -70.54 100.56
C ASN I 135 15.57 -71.31 100.21
N ARG I 136 16.27 -70.91 99.16
CA ARG I 136 17.55 -71.52 98.82
C ARG I 136 18.58 -71.24 99.92
N LYS I 137 19.54 -72.16 100.06
CA LYS I 137 20.64 -71.96 100.97
C LYS I 137 21.70 -71.08 100.32
N LEU I 138 21.87 -69.87 100.84
CA LEU I 138 22.81 -68.91 100.28
C LEU I 138 24.20 -69.20 100.82
N LYS I 139 25.06 -69.78 99.97
CA LYS I 139 26.44 -70.07 100.34
C LYS I 139 27.30 -70.21 99.09
N ARG I 140 28.29 -69.35 98.94
CA ARG I 140 29.15 -69.35 97.77
C ARG I 140 30.47 -68.70 98.15
N GLU I 141 31.57 -69.36 97.80
CA GLU I 141 32.92 -68.89 98.09
C GLU I 141 33.55 -68.26 96.85
N LEU I 142 32.73 -67.81 95.90
CA LEU I 142 33.24 -67.07 94.77
C LEU I 142 33.83 -65.74 95.27
N PRO I 143 34.92 -65.27 94.67
CA PRO I 143 35.54 -64.04 95.16
C PRO I 143 34.70 -62.79 94.88
N PHE I 144 33.63 -62.63 95.65
CA PHE I 144 32.85 -61.40 95.60
C PHE I 144 32.57 -60.79 96.97
N SER I 145 32.85 -61.50 98.07
CA SER I 145 32.52 -60.99 99.39
C SER I 145 33.31 -59.73 99.73
N PHE I 146 34.62 -59.72 99.44
CA PHE I 146 35.45 -58.57 99.80
C PHE I 146 34.97 -57.31 99.10
N ARG I 147 34.80 -57.36 97.78
CA ARG I 147 34.37 -56.18 97.03
C ARG I 147 32.93 -55.82 97.34
N SER I 148 32.06 -56.81 97.56
CA SER I 148 30.67 -56.52 97.90
C SER I 148 30.58 -55.80 99.25
N ILE I 149 31.37 -56.22 100.24
CA ILE I 149 31.37 -55.52 101.52
C ILE I 149 32.02 -54.14 101.38
N ASN I 150 33.05 -54.01 100.55
CA ASN I 150 33.66 -52.71 100.34
C ASN I 150 32.68 -51.73 99.73
N THR I 151 31.87 -52.18 98.77
CA THR I 151 30.92 -51.31 98.09
C THR I 151 29.67 -51.03 98.95
N ARG I 152 29.08 -52.07 99.53
CA ARG I 152 27.81 -51.98 100.25
C ARG I 152 26.71 -51.33 99.43
N GLU I 153 26.46 -51.83 98.22
CA GLU I 153 25.45 -51.26 97.35
C GLU I 153 24.06 -51.79 97.65
N ASN I 154 23.95 -52.69 98.64
CA ASN I 154 22.71 -53.43 98.95
C ASN I 154 21.91 -53.80 97.70
N LEU I 155 22.56 -54.60 96.85
CA LEU I 155 22.08 -54.98 95.52
C LEU I 155 20.62 -55.39 95.52
N TYR I 156 19.94 -55.12 94.40
CA TYR I 156 18.59 -55.60 94.16
C TYR I 156 18.57 -56.50 92.93
N LEU I 157 17.49 -57.25 92.78
CA LEU I 157 17.29 -58.15 91.66
C LEU I 157 16.14 -57.68 90.79
N VAL I 158 15.81 -58.49 89.79
CA VAL I 158 14.76 -58.14 88.84
C VAL I 158 13.56 -59.04 89.07
N THR I 159 12.38 -58.58 88.65
CA THR I 159 11.16 -59.34 88.87
C THR I 159 10.95 -60.41 87.81
N GLU I 160 10.83 -59.99 86.56
CA GLU I 160 10.49 -60.92 85.48
C GLU I 160 11.39 -60.64 84.28
N THR I 161 11.66 -61.67 83.50
CA THR I 161 12.57 -61.54 82.36
C THR I 161 11.89 -60.77 81.23
N LEU I 162 12.44 -59.62 80.88
CA LEU I 162 11.93 -58.79 79.79
C LEU I 162 12.95 -58.88 78.65
N GLU I 163 12.69 -59.78 77.70
CA GLU I 163 13.62 -60.10 76.64
C GLU I 163 13.20 -59.39 75.35
N THR I 164 14.13 -59.36 74.40
CA THR I 164 13.90 -58.71 73.11
C THR I 164 14.34 -59.65 71.99
N VAL I 165 13.65 -59.55 70.85
CA VAL I 165 14.13 -60.15 69.60
C VAL I 165 13.97 -59.11 68.49
N LYS I 166 14.99 -58.27 68.31
CA LYS I 166 14.88 -57.01 67.60
C LYS I 166 15.63 -57.05 66.28
N GLU I 167 15.29 -56.10 65.40
CA GLU I 167 16.17 -55.77 64.29
C GLU I 167 17.14 -54.67 64.72
N GLU I 168 18.04 -54.31 63.81
CA GLU I 168 19.19 -53.47 64.13
C GLU I 168 18.91 -51.97 63.97
N THR I 169 17.78 -51.40 64.37
CA THR I 169 17.40 -50.09 63.87
C THR I 169 16.93 -49.14 64.98
N LEU I 170 17.76 -48.14 65.29
CA LEU I 170 17.33 -46.91 65.96
C LEU I 170 18.01 -45.71 65.32
N LYS I 171 17.36 -44.55 65.37
CA LYS I 171 17.87 -43.32 64.78
C LYS I 171 17.82 -42.19 65.80
N SER I 172 18.53 -41.09 65.49
CA SER I 172 18.63 -39.93 66.36
C SER I 172 19.27 -38.74 65.65
N ASP I 173 19.10 -37.53 66.17
CA ASP I 173 19.71 -36.35 65.55
C ASP I 173 19.81 -35.20 66.56
N ARG I 174 20.76 -34.30 66.38
CA ARG I 174 20.78 -33.01 67.08
C ARG I 174 21.51 -31.99 66.22
N GLN I 175 21.27 -30.72 66.55
CA GLN I 175 21.82 -29.57 65.85
C GLN I 175 22.21 -28.57 66.91
N TYR I 176 23.04 -27.60 66.55
CA TYR I 176 23.36 -26.54 67.49
C TYR I 176 23.88 -25.34 66.69
N LYS I 177 23.56 -24.14 67.19
CA LYS I 177 23.91 -22.91 66.49
C LYS I 177 24.10 -21.83 67.55
N PHE I 178 25.32 -21.31 67.66
CA PHE I 178 25.67 -20.32 68.66
C PHE I 178 26.40 -19.14 68.02
N TRP I 179 25.99 -17.93 68.38
CA TRP I 179 26.63 -16.72 67.89
C TRP I 179 27.14 -15.92 69.07
N SER I 180 28.02 -14.95 68.81
CA SER I 180 28.52 -14.09 69.87
C SER I 180 29.15 -12.83 69.31
N GLN I 181 29.23 -11.82 70.16
CA GLN I 181 29.83 -10.53 69.84
C GLN I 181 30.19 -9.82 71.14
N ILE I 182 31.48 -9.64 71.40
CA ILE I 182 31.92 -9.02 72.64
C ILE I 182 32.35 -7.58 72.40
N SER I 183 33.25 -7.36 71.44
CA SER I 183 33.69 -6.02 71.06
C SER I 183 33.72 -5.90 69.53
N GLN I 184 32.56 -5.57 68.97
CA GLN I 184 32.30 -5.54 67.53
C GLN I 184 32.84 -6.78 66.83
N GLY I 185 32.94 -7.90 67.54
CA GLY I 185 33.51 -9.10 66.99
C GLY I 185 32.47 -10.12 66.58
N HIS I 186 32.45 -10.46 65.29
CA HIS I 186 31.54 -11.48 64.77
C HIS I 186 31.94 -12.85 65.30
N LEU I 187 30.95 -13.67 65.67
CA LEU I 187 31.18 -15.09 65.88
C LEU I 187 29.92 -15.88 65.52
N SER I 188 30.07 -16.78 64.54
CA SER I 188 28.99 -17.68 64.12
C SER I 188 29.48 -19.10 64.26
N TYR I 189 28.59 -20.00 64.71
CA TYR I 189 28.97 -21.35 65.09
C TYR I 189 27.80 -22.27 64.78
N LYS I 190 28.04 -23.31 63.97
CA LYS I 190 26.95 -24.21 63.60
C LYS I 190 27.44 -25.65 63.58
N HIS I 191 26.52 -26.58 63.83
CA HIS I 191 26.84 -27.99 63.91
C HIS I 191 25.56 -28.81 63.68
N LYS I 192 25.68 -29.87 62.87
CA LYS I 192 24.56 -30.76 62.58
C LYS I 192 25.05 -32.20 62.68
N GLY I 193 24.72 -32.88 63.77
CA GLY I 193 25.15 -34.26 63.97
C GLY I 193 23.97 -35.20 64.07
N GLN I 194 23.84 -36.08 63.08
CA GLN I 194 22.79 -37.08 63.02
C GLN I 194 23.41 -38.45 63.30
N ARG I 195 22.79 -39.23 64.18
CA ARG I 195 23.32 -40.51 64.60
C ARG I 195 22.26 -41.59 64.38
N GLU I 196 22.71 -42.84 64.39
CA GLU I 196 21.83 -43.99 64.31
C GLU I 196 22.62 -45.22 64.74
N VAL I 197 21.92 -46.20 65.29
CA VAL I 197 22.56 -47.36 65.89
C VAL I 197 21.89 -48.64 65.41
N THR I 198 22.71 -49.63 65.13
CA THR I 198 22.26 -50.97 64.77
C THR I 198 21.97 -51.71 66.08
N ILE I 199 20.69 -51.99 66.30
CA ILE I 199 20.22 -52.65 67.53
C ILE I 199 20.09 -54.15 67.34
N PRO I 200 20.73 -54.95 68.18
CA PRO I 200 20.79 -56.40 67.98
C PRO I 200 19.62 -57.11 68.64
N PRO I 201 19.32 -58.35 68.19
CA PRO I 201 18.05 -58.99 68.57
C PRO I 201 17.81 -59.27 70.06
N ASN I 202 18.65 -60.11 70.68
CA ASN I 202 18.29 -60.74 71.96
C ASN I 202 19.05 -60.06 73.10
N ARG I 203 18.53 -58.93 73.57
CA ARG I 203 19.18 -58.15 74.61
C ARG I 203 18.15 -57.69 75.63
N VAL I 204 18.63 -57.16 76.75
CA VAL I 204 17.79 -56.73 77.86
C VAL I 204 17.94 -55.23 78.02
N LEU I 205 16.80 -54.53 78.13
CA LEU I 205 16.78 -53.07 78.26
C LEU I 205 16.28 -52.58 79.60
N SER I 206 15.16 -53.11 80.10
CA SER I 206 14.56 -52.59 81.31
C SER I 206 14.40 -53.72 82.32
N TYR I 207 14.54 -53.35 83.60
CA TYR I 207 14.57 -54.34 84.67
C TYR I 207 13.86 -53.75 85.89
N ARG I 208 13.79 -54.54 86.97
CA ARG I 208 13.04 -54.17 88.16
C ARG I 208 13.93 -54.13 89.40
N VAL I 209 13.35 -53.79 90.55
CA VAL I 209 14.09 -53.65 91.81
C VAL I 209 13.40 -54.48 92.87
N LYS I 210 14.19 -55.27 93.60
CA LYS I 210 13.71 -55.98 94.78
C LYS I 210 14.88 -56.15 95.74
N GLN I 211 14.79 -55.51 96.90
CA GLN I 211 15.93 -55.36 97.80
C GLN I 211 16.26 -56.68 98.49
N LEU I 212 17.55 -56.96 98.61
CA LEU I 212 18.05 -58.11 99.36
C LEU I 212 19.08 -57.64 100.39
N VAL I 213 18.97 -58.18 101.60
CA VAL I 213 19.92 -57.94 102.67
C VAL I 213 20.69 -59.23 102.91
N PHE I 214 22.01 -59.09 103.10
CA PHE I 214 22.89 -60.25 103.15
C PHE I 214 23.62 -60.33 104.49
N PRO I 215 23.05 -61.01 105.48
CA PRO I 215 23.87 -61.50 106.58
C PRO I 215 24.84 -62.56 106.05
N ASN I 216 25.99 -62.67 106.73
CA ASN I 216 27.11 -63.41 106.15
C ASN I 216 26.76 -64.87 105.87
N LYS I 217 25.81 -65.43 106.63
CA LYS I 217 25.41 -66.82 106.41
C LYS I 217 24.18 -66.94 105.52
N GLU I 218 23.06 -66.35 105.91
CA GLU I 218 21.80 -66.48 105.19
C GLU I 218 21.18 -65.11 104.96
N THR I 219 20.48 -64.94 103.84
CA THR I 219 19.98 -63.65 103.41
C THR I 219 18.51 -63.48 103.77
N MET I 220 18.01 -62.26 103.54
CA MET I 220 16.61 -61.92 103.74
C MET I 220 16.25 -60.85 102.70
N SER I 221 14.96 -60.53 102.60
CA SER I 221 14.49 -59.65 101.55
C SER I 221 13.87 -58.36 102.10
N ALA I 222 13.58 -57.46 101.17
CA ALA I 222 12.89 -56.20 101.42
C ALA I 222 12.20 -55.83 100.11
N GLY I 223 10.87 -55.70 100.16
CA GLY I 223 10.06 -55.90 98.97
C GLY I 223 10.14 -54.85 97.89
N LEU I 224 9.61 -53.66 98.15
CA LEU I 224 9.19 -52.77 97.05
C LEU I 224 10.26 -51.71 96.77
N ASP I 225 10.88 -51.82 95.60
CA ASP I 225 11.62 -50.75 94.92
C ASP I 225 12.41 -49.88 95.89
N ILE I 226 13.23 -50.53 96.72
CA ILE I 226 14.10 -49.82 97.66
C ILE I 226 15.41 -49.54 96.95
N HIS I 227 15.46 -48.42 96.23
CA HIS I 227 16.68 -47.94 95.60
C HIS I 227 17.35 -46.85 96.43
N PHE I 228 16.78 -46.51 97.59
CA PHE I 228 17.39 -45.62 98.57
C PHE I 228 18.28 -46.48 99.44
N ARG I 229 19.59 -46.42 99.18
CA ARG I 229 20.53 -47.44 99.65
C ARG I 229 20.97 -47.14 101.08
N GLY I 230 20.54 -47.99 102.01
CA GLY I 230 21.12 -48.03 103.34
C GLY I 230 20.99 -49.40 103.97
N LYS I 231 22.13 -49.98 104.36
CA LYS I 231 22.19 -51.31 104.97
C LYS I 231 23.53 -51.47 105.65
N THR I 232 23.54 -52.17 106.79
CA THR I 232 24.75 -52.39 107.56
C THR I 232 25.38 -53.76 107.33
N LYS I 233 25.16 -54.35 106.15
CA LYS I 233 25.72 -55.66 105.84
C LYS I 233 27.23 -55.56 105.62
N PHE J 2 0.88 -36.09 78.29
CA PHE J 2 1.78 -36.75 77.35
C PHE J 2 1.61 -38.26 77.47
N SER J 3 0.97 -38.70 78.55
CA SER J 3 0.54 -40.09 78.61
C SER J 3 -0.59 -40.34 77.64
N VAL J 4 -0.58 -41.52 77.02
CA VAL J 4 -1.64 -41.95 76.13
C VAL J 4 -2.49 -43.07 76.71
N PHE J 5 -1.92 -43.92 77.55
CA PHE J 5 -2.54 -45.15 78.01
C PHE J 5 -3.63 -44.91 79.06
N GLU J 6 -3.55 -43.80 79.79
CA GLU J 6 -4.64 -43.41 80.67
C GLU J 6 -5.79 -42.84 79.86
N GLU J 7 -5.49 -42.24 78.70
CA GLU J 7 -6.52 -41.58 77.91
C GLU J 7 -7.56 -42.58 77.39
N ILE J 8 -7.12 -43.68 76.78
CA ILE J 8 -8.04 -44.66 76.20
C ILE J 8 -8.91 -45.27 77.30
N THR J 9 -8.30 -45.62 78.42
CA THR J 9 -9.06 -46.04 79.58
C THR J 9 -10.06 -44.97 80.00
N ARG J 10 -9.73 -43.68 79.81
CA ARG J 10 -10.68 -42.65 80.18
C ARG J 10 -11.78 -42.47 79.14
N ILE J 11 -11.55 -42.83 77.87
CA ILE J 11 -12.69 -42.94 76.96
C ILE J 11 -13.63 -44.03 77.44
N VAL J 12 -13.08 -45.16 77.90
CA VAL J 12 -13.93 -46.19 78.51
C VAL J 12 -14.67 -45.62 79.73
N VAL J 13 -13.94 -44.89 80.58
CA VAL J 13 -14.53 -44.29 81.77
C VAL J 13 -15.66 -43.35 81.39
N LYS J 14 -15.44 -42.50 80.38
CA LYS J 14 -16.47 -41.55 79.95
C LYS J 14 -17.69 -42.27 79.37
N GLU J 15 -17.46 -43.33 78.61
CA GLU J 15 -18.56 -44.16 78.12
C GLU J 15 -19.32 -44.81 79.26
N MET J 16 -18.72 -44.90 80.45
CA MET J 16 -19.47 -45.18 81.68
C MET J 16 -20.13 -43.96 82.33
N ASP J 17 -19.36 -42.93 82.68
CA ASP J 17 -19.82 -41.79 83.46
C ASP J 17 -18.73 -40.73 83.41
N ALA J 18 -19.12 -39.49 83.71
CA ALA J 18 -18.20 -38.34 83.68
C ALA J 18 -17.27 -38.43 84.88
N GLY J 19 -16.20 -39.19 84.74
CA GLY J 19 -15.23 -39.35 85.81
C GLY J 19 -15.78 -39.96 87.08
N GLY J 20 -16.73 -40.89 86.98
CA GLY J 20 -17.42 -41.39 88.15
C GLY J 20 -16.99 -42.76 88.62
N ASP J 21 -17.83 -43.76 88.37
CA ASP J 21 -17.60 -45.09 88.91
C ASP J 21 -16.33 -45.71 88.34
N MET J 22 -16.19 -45.71 87.01
CA MET J 22 -15.29 -46.66 86.37
C MET J 22 -13.84 -46.22 86.58
N ILE J 23 -12.92 -47.18 86.64
CA ILE J 23 -11.54 -46.90 87.02
C ILE J 23 -10.58 -47.34 85.92
N ALA J 24 -9.43 -46.66 85.85
CA ALA J 24 -8.46 -46.79 84.78
C ALA J 24 -7.13 -47.31 85.30
N VAL J 25 -6.29 -47.80 84.37
CA VAL J 25 -5.00 -48.41 84.69
C VAL J 25 -3.94 -47.69 83.87
N ARG J 26 -2.67 -47.79 84.29
CA ARG J 26 -1.61 -47.00 83.69
C ARG J 26 -0.91 -47.71 82.52
N SER J 27 -0.69 -49.02 82.61
CA SER J 27 0.05 -49.74 81.58
C SER J 27 -0.31 -51.22 81.58
N LEU J 28 0.24 -51.94 80.60
CA LEU J 28 -0.29 -53.25 80.21
C LEU J 28 0.79 -54.30 80.02
N VAL J 29 1.76 -54.38 80.94
CA VAL J 29 2.52 -55.62 81.08
C VAL J 29 1.86 -56.51 82.12
N ASP J 30 1.48 -55.94 83.25
CA ASP J 30 0.76 -56.67 84.27
C ASP J 30 -0.73 -56.30 84.27
N ALA J 31 -1.19 -55.60 83.23
CA ALA J 31 -2.62 -55.32 83.12
C ALA J 31 -3.38 -56.54 82.63
N ASP J 32 -2.77 -57.31 81.73
CA ASP J 32 -3.35 -58.61 81.38
C ASP J 32 -3.46 -59.50 82.60
N ARG J 33 -2.66 -59.24 83.62
CA ARG J 33 -2.74 -59.96 84.88
C ARG J 33 -3.44 -59.08 85.93
N PHE J 34 -3.99 -57.95 85.51
CA PHE J 34 -4.89 -57.17 86.36
C PHE J 34 -6.32 -57.65 86.20
N ARG J 35 -6.47 -58.96 86.31
CA ARG J 35 -7.76 -59.63 86.31
C ARG J 35 -8.30 -59.59 87.74
N CYS J 36 -9.31 -60.41 88.03
CA CYS J 36 -9.87 -60.46 89.38
C CYS J 36 -8.81 -60.92 90.37
N PHE J 37 -9.06 -60.61 91.65
CA PHE J 37 -8.21 -61.01 92.77
C PHE J 37 -6.85 -60.31 92.76
N HIS J 38 -6.82 -59.02 92.45
CA HIS J 38 -5.56 -58.33 92.24
C HIS J 38 -5.64 -56.91 92.79
N LEU J 39 -4.47 -56.32 93.06
CA LEU J 39 -4.35 -55.16 93.93
C LEU J 39 -4.11 -53.88 93.14
N VAL J 40 -4.09 -52.78 93.88
CA VAL J 40 -3.72 -51.47 93.37
C VAL J 40 -2.84 -50.79 94.43
N GLY J 41 -2.16 -49.73 94.02
CA GLY J 41 -1.32 -48.97 94.92
C GLY J 41 -2.07 -47.84 95.61
N GLU J 42 -1.35 -47.17 96.52
CA GLU J 42 -1.92 -46.07 97.26
C GLU J 42 -2.12 -44.85 96.36
N LYS J 43 -3.03 -43.97 96.76
CA LYS J 43 -3.50 -42.87 95.93
C LYS J 43 -2.91 -41.55 96.42
N ARG J 44 -2.39 -40.76 95.48
CA ARG J 44 -1.97 -39.38 95.71
C ARG J 44 -2.64 -38.48 94.67
N THR J 45 -2.66 -37.19 94.97
CA THR J 45 -3.39 -36.23 94.15
C THR J 45 -2.44 -35.26 93.42
N PHE J 46 -1.25 -35.73 93.08
CA PHE J 46 -0.33 -34.89 92.31
C PHE J 46 -0.60 -35.05 90.82
N PHE J 47 -0.63 -33.92 90.11
CA PHE J 47 -0.91 -33.88 88.67
C PHE J 47 -2.21 -34.63 88.35
N GLY J 48 -3.28 -34.21 89.04
CA GLY J 48 -4.56 -34.85 88.90
C GLY J 48 -4.61 -36.19 89.61
N CYS J 49 -5.63 -36.97 89.26
CA CYS J 49 -5.79 -38.30 89.84
C CYS J 49 -4.74 -39.27 89.28
N ARG J 50 -3.72 -39.55 90.08
CA ARG J 50 -2.63 -40.44 89.65
C ARG J 50 -2.21 -41.26 90.86
N HIS J 51 -2.48 -42.56 90.82
CA HIS J 51 -2.22 -43.45 91.94
C HIS J 51 -1.07 -44.40 91.60
N TYR J 52 -0.69 -45.22 92.58
CA TYR J 52 0.35 -46.22 92.40
C TYR J 52 -0.30 -47.56 92.04
N THR J 53 0.53 -48.56 91.78
CA THR J 53 0.00 -49.85 91.33
C THR J 53 0.94 -50.97 91.72
N THR J 54 0.36 -52.09 92.16
CA THR J 54 1.09 -53.32 92.44
C THR J 54 0.14 -54.50 92.20
N GLY J 55 0.58 -55.48 91.41
CA GLY J 55 -0.33 -56.47 90.88
C GLY J 55 -0.13 -57.93 91.22
N LEU J 56 0.17 -58.26 92.47
CA LEU J 56 0.33 -59.65 92.87
C LEU J 56 -1.03 -60.34 92.96
N THR J 57 -1.01 -61.62 93.32
CA THR J 57 -2.16 -62.51 93.22
C THR J 57 -2.72 -62.79 94.61
N LEU J 58 -3.92 -63.40 94.65
CA LEU J 58 -4.57 -63.65 95.94
C LEU J 58 -5.14 -65.06 96.05
N MET J 59 -5.18 -65.84 94.97
CA MET J 59 -5.79 -67.16 95.05
C MET J 59 -5.06 -68.03 96.06
N ASP J 60 -5.81 -68.66 96.96
CA ASP J 60 -5.23 -69.52 97.99
C ASP J 60 -5.68 -70.97 97.89
N ILE J 61 -6.99 -71.22 97.81
CA ILE J 61 -7.53 -72.57 97.88
C ILE J 61 -8.42 -72.84 96.68
N LEU J 62 -8.49 -74.11 96.31
CA LEU J 62 -9.39 -74.61 95.25
C LEU J 62 -10.07 -75.89 95.69
N ASP J 63 -10.61 -75.90 96.92
CA ASP J 63 -11.23 -77.12 97.44
C ASP J 63 -12.60 -77.36 96.82
N THR J 64 -13.47 -76.35 96.87
CA THR J 64 -14.79 -76.46 96.26
C THR J 64 -14.80 -75.76 94.90
N ASP J 65 -16.00 -75.63 94.34
CA ASP J 65 -16.16 -75.04 93.01
C ASP J 65 -15.81 -73.57 93.02
N GLY J 66 -14.61 -73.23 92.54
CA GLY J 66 -14.15 -71.85 92.54
C GLY J 66 -13.63 -71.36 91.21
N ASP J 67 -13.29 -72.28 90.30
CA ASP J 67 -12.70 -71.89 89.02
C ASP J 67 -13.45 -72.49 87.83
N LYS J 68 -14.76 -72.68 87.95
CA LYS J 68 -15.54 -73.14 86.82
C LYS J 68 -15.79 -71.98 85.85
N TRP J 69 -15.85 -72.32 84.56
CA TRP J 69 -16.12 -71.32 83.54
C TRP J 69 -17.19 -71.80 82.57
N LYS J 81 -20.69 -61.25 76.67
CA LYS J 81 -21.37 -60.42 75.68
C LYS J 81 -20.70 -60.66 74.32
N ALA J 82 -21.13 -59.92 73.30
CA ALA J 82 -20.53 -59.98 71.98
C ALA J 82 -19.42 -58.91 71.89
N GLU J 83 -18.84 -58.77 70.71
CA GLU J 83 -17.75 -57.81 70.51
C GLU J 83 -18.32 -56.40 70.58
N PHE J 84 -17.69 -55.55 71.38
CA PHE J 84 -18.08 -54.14 71.48
C PHE J 84 -17.00 -53.29 70.81
N GLN J 85 -17.43 -52.30 70.04
CA GLN J 85 -16.53 -51.64 69.10
C GLN J 85 -16.58 -50.14 69.27
N ILE J 86 -15.42 -49.50 69.19
CA ILE J 86 -15.26 -48.05 69.31
C ILE J 86 -14.33 -47.57 68.20
N LEU J 87 -14.90 -47.10 67.10
CA LEU J 87 -14.17 -46.33 66.09
C LEU J 87 -14.42 -44.84 66.30
N ASP J 88 -13.69 -44.25 67.24
CA ASP J 88 -13.92 -42.85 67.56
C ASP J 88 -12.68 -42.01 67.27
N ASN J 89 -12.92 -40.70 67.19
CA ASN J 89 -11.86 -39.72 67.03
C ASN J 89 -12.16 -38.54 67.95
N VAL J 90 -11.20 -38.20 68.81
CA VAL J 90 -11.37 -37.12 69.77
C VAL J 90 -10.31 -36.05 69.52
N ASP J 91 -10.75 -34.81 69.42
CA ASP J 91 -9.87 -33.69 69.07
C ASP J 91 -9.77 -32.75 70.26
N SER J 92 -8.54 -32.32 70.57
CA SER J 92 -8.29 -31.39 71.66
C SER J 92 -7.20 -30.41 71.23
N THR J 93 -7.59 -29.17 70.95
CA THR J 93 -6.65 -28.15 70.49
C THR J 93 -6.77 -26.95 71.42
N GLY J 94 -5.63 -26.32 71.70
CA GLY J 94 -5.62 -25.17 72.60
C GLY J 94 -4.37 -24.32 72.57
N GLU J 95 -4.54 -23.01 72.47
CA GLU J 95 -3.42 -22.07 72.47
C GLU J 95 -3.60 -21.06 73.60
N LEU J 96 -2.67 -21.07 74.54
CA LEU J 96 -2.63 -20.10 75.62
C LEU J 96 -1.37 -19.28 75.46
N ILE J 97 -1.53 -17.97 75.24
CA ILE J 97 -0.42 -17.06 75.04
C ILE J 97 -0.69 -15.78 75.84
N VAL J 98 0.33 -15.31 76.56
CA VAL J 98 0.22 -14.19 77.48
C VAL J 98 1.49 -13.34 77.35
N ARG J 99 1.33 -12.03 77.33
CA ARG J 99 2.45 -11.10 77.28
C ARG J 99 2.59 -10.41 78.63
N LEU J 100 3.82 -10.35 79.15
CA LEU J 100 4.18 -9.84 80.46
C LEU J 100 4.58 -8.37 80.38
N PRO J 101 4.54 -7.64 81.50
CA PRO J 101 5.05 -6.26 81.50
C PRO J 101 6.54 -6.15 81.21
N LYS J 102 7.26 -7.26 81.21
CA LYS J 102 8.66 -7.30 80.82
C LYS J 102 8.84 -7.61 79.34
N GLU J 103 7.89 -7.19 78.50
CA GLU J 103 7.80 -7.45 77.06
C GLU J 103 8.04 -8.90 76.69
N ILE J 104 7.77 -9.83 77.60
CA ILE J 104 7.94 -11.26 77.34
C ILE J 104 6.65 -11.75 76.69
N THR J 105 6.76 -12.32 75.49
CA THR J 105 5.60 -12.82 74.77
C THR J 105 5.49 -14.33 75.00
N ILE J 106 5.19 -14.71 76.24
CA ILE J 106 5.09 -16.12 76.61
C ILE J 106 3.98 -16.75 75.77
N SER J 107 4.27 -17.92 75.20
CA SER J 107 3.37 -18.54 74.25
C SER J 107 3.27 -20.04 74.48
N GLY J 108 2.16 -20.63 74.06
CA GLY J 108 2.03 -22.07 74.01
C GLY J 108 0.83 -22.46 73.16
N SER J 109 0.98 -23.46 72.31
CA SER J 109 -0.10 -23.91 71.43
C SER J 109 0.06 -25.39 71.17
N PHE J 110 -0.95 -26.17 71.58
CA PHE J 110 -0.91 -27.62 71.45
C PHE J 110 -2.15 -28.09 70.69
N GLN J 111 -2.03 -29.24 70.04
CA GLN J 111 -3.19 -29.86 69.42
C GLN J 111 -2.98 -31.37 69.34
N GLY J 112 -4.05 -32.10 69.60
CA GLY J 112 -4.00 -33.54 69.55
C GLY J 112 -5.27 -34.18 69.05
N PHE J 113 -5.14 -34.98 68.00
CA PHE J 113 -6.23 -35.76 67.45
C PHE J 113 -5.96 -37.23 67.70
N HIS J 114 -6.84 -37.85 68.48
CA HIS J 114 -6.66 -39.24 68.90
C HIS J 114 -7.67 -40.10 68.17
N HIS J 115 -7.17 -41.14 67.50
CA HIS J 115 -8.01 -42.11 66.82
C HIS J 115 -8.01 -43.40 67.63
N GLN J 116 -9.19 -43.82 68.08
CA GLN J 116 -9.31 -45.03 68.87
C GLN J 116 -10.09 -46.07 68.09
N LYS J 117 -9.48 -47.26 67.96
CA LYS J 117 -10.03 -48.45 67.33
C LYS J 117 -10.27 -49.52 68.38
N ILE J 118 -10.89 -49.10 69.48
CA ILE J 118 -10.97 -49.91 70.68
C ILE J 118 -11.92 -51.09 70.47
N LYS J 119 -11.47 -52.28 70.85
CA LYS J 119 -12.28 -53.48 70.81
C LYS J 119 -12.37 -54.07 72.21
N ILE J 120 -13.56 -54.52 72.57
CA ILE J 120 -13.84 -54.96 73.94
C ILE J 120 -14.61 -56.28 73.90
N SER J 121 -14.22 -57.21 74.77
CA SER J 121 -14.92 -58.48 74.95
C SER J 121 -15.28 -58.63 76.42
N GLU J 122 -16.17 -59.57 76.71
CA GLU J 122 -16.70 -59.75 78.05
C GLU J 122 -16.65 -61.21 78.47
N ASN J 123 -16.14 -61.44 79.68
CA ASN J 123 -16.13 -62.75 80.30
C ASN J 123 -16.93 -62.66 81.59
N ARG J 124 -18.10 -63.30 81.61
CA ARG J 124 -19.07 -63.14 82.70
C ARG J 124 -18.57 -63.84 83.95
N ILE J 125 -18.58 -63.12 85.07
CA ILE J 125 -18.37 -63.71 86.38
C ILE J 125 -19.57 -63.35 87.25
N SER J 126 -20.08 -64.34 87.98
CA SER J 126 -21.32 -64.17 88.72
C SER J 126 -21.15 -63.17 89.85
N GLN J 127 -22.19 -62.35 90.10
CA GLN J 127 -22.13 -61.37 91.17
C GLN J 127 -22.30 -62.03 92.54
N GLN J 128 -23.19 -63.02 92.65
CA GLN J 128 -23.29 -63.79 93.89
C GLN J 128 -22.04 -64.64 94.10
N TYR J 129 -21.28 -64.86 93.03
CA TYR J 129 -19.99 -65.52 93.19
C TYR J 129 -19.04 -64.69 94.04
N LEU J 130 -19.24 -63.37 94.11
CA LEU J 130 -18.46 -62.55 95.03
C LEU J 130 -18.69 -62.99 96.47
N ALA J 131 -19.96 -63.15 96.86
CA ALA J 131 -20.29 -63.67 98.17
C ALA J 131 -19.77 -65.09 98.37
N THR J 132 -19.83 -65.92 97.34
CA THR J 132 -19.18 -67.22 97.40
C THR J 132 -17.69 -67.09 97.68
N LEU J 133 -17.05 -66.03 97.16
CA LEU J 133 -15.63 -65.79 97.39
C LEU J 133 -15.36 -65.40 98.84
N GLU J 134 -16.21 -64.54 99.41
CA GLU J 134 -16.04 -64.33 100.84
C GLU J 134 -16.34 -65.58 101.66
N ASN J 135 -17.18 -66.47 101.15
CA ASN J 135 -17.41 -67.75 101.80
C ASN J 135 -16.21 -68.68 101.75
N ARG J 136 -15.23 -68.40 100.87
CA ARG J 136 -14.00 -69.16 100.84
C ARG J 136 -13.22 -68.98 102.14
N LYS J 137 -12.44 -69.99 102.49
CA LYS J 137 -11.54 -69.90 103.64
C LYS J 137 -10.26 -69.17 103.23
N LEU J 138 -10.07 -67.97 103.76
CA LEU J 138 -8.92 -67.15 103.42
C LEU J 138 -7.72 -67.59 104.26
N LYS J 139 -6.79 -68.30 103.63
CA LYS J 139 -5.56 -68.72 104.30
C LYS J 139 -4.47 -69.02 103.27
N ARG J 140 -3.37 -68.27 103.35
CA ARG J 140 -2.27 -68.41 102.40
C ARG J 140 -1.00 -67.91 103.06
N GLU J 141 0.05 -68.72 102.96
CA GLU J 141 1.35 -68.39 103.54
C GLU J 141 2.32 -67.88 102.48
N LEU J 142 1.78 -67.38 101.37
CA LEU J 142 2.62 -66.74 100.38
C LEU J 142 3.23 -65.47 100.99
N PRO J 143 4.48 -65.16 100.65
CA PRO J 143 5.13 -63.98 101.25
C PRO J 143 4.53 -62.67 100.78
N PHE J 144 3.34 -62.35 101.29
CA PHE J 144 2.74 -61.03 101.06
C PHE J 144 2.26 -60.36 102.33
N SER J 145 2.19 -61.06 103.47
CA SER J 145 1.65 -60.47 104.69
C SER J 145 2.49 -59.30 105.18
N PHE J 146 3.83 -59.45 105.19
CA PHE J 146 4.69 -58.40 105.71
C PHE J 146 4.53 -57.11 104.92
N ARG J 147 4.66 -57.20 103.59
CA ARG J 147 4.55 -56.00 102.77
C ARG J 147 3.13 -55.45 102.75
N SER J 148 2.12 -56.33 102.77
CA SER J 148 0.74 -55.86 102.79
C SER J 148 0.44 -55.09 104.07
N ILE J 149 0.92 -55.57 105.22
CA ILE J 149 0.73 -54.82 106.46
C ILE J 149 1.56 -53.54 106.47
N ASN J 150 2.76 -53.57 105.89
CA ASN J 150 3.56 -52.35 105.82
C ASN J 150 2.86 -51.27 104.99
N THR J 151 2.24 -51.66 103.88
CA THR J 151 1.57 -50.71 103.00
C THR J 151 0.22 -50.25 103.55
N ARG J 152 -0.62 -51.21 103.99
CA ARG J 152 -1.99 -50.94 104.41
C ARG J 152 -2.80 -50.18 103.37
N GLU J 153 -2.83 -50.70 102.13
CA GLU J 153 -3.54 -50.04 101.05
C GLU J 153 -5.03 -50.39 101.05
N ASN J 154 -5.48 -51.25 101.98
CA ASN J 154 -6.82 -51.82 102.02
C ASN J 154 -7.36 -52.13 100.62
N LEU J 155 -6.65 -53.03 99.94
CA LEU J 155 -6.86 -53.39 98.55
C LEU J 155 -8.33 -53.63 98.21
N TYR J 156 -8.70 -53.33 96.98
CA TYR J 156 -10.01 -53.64 96.44
C TYR J 156 -9.87 -54.57 95.23
N LEU J 157 -10.98 -55.19 94.86
CA LEU J 157 -11.03 -56.10 93.74
C LEU J 157 -11.90 -55.53 92.62
N VAL J 158 -12.10 -56.32 91.57
CA VAL J 158 -12.86 -55.89 90.41
C VAL J 158 -14.18 -56.64 90.37
N THR J 159 -15.17 -56.04 89.70
CA THR J 159 -16.50 -56.64 89.66
C THR J 159 -16.60 -57.72 88.58
N GLU J 160 -16.39 -57.34 87.32
CA GLU J 160 -16.58 -58.25 86.20
C GLU J 160 -15.42 -58.11 85.23
N THR J 161 -15.10 -59.19 84.53
CA THR J 161 -13.96 -59.21 83.63
C THR J 161 -14.28 -58.41 82.37
N LEU J 162 -13.52 -57.33 82.14
CA LEU J 162 -13.68 -56.49 80.97
C LEU J 162 -12.46 -56.74 80.08
N GLU J 163 -12.61 -57.63 79.11
CA GLU J 163 -11.51 -58.09 78.28
C GLU J 163 -11.54 -57.40 76.93
N THR J 164 -10.42 -57.50 76.20
CA THR J 164 -10.29 -56.86 74.90
C THR J 164 -9.73 -57.88 73.90
N VAL J 165 -10.13 -57.75 72.64
CA VAL J 165 -9.47 -58.43 71.53
C VAL J 165 -9.25 -57.41 70.41
N LYS J 166 -8.11 -56.73 70.46
CA LYS J 166 -7.92 -55.47 69.74
C LYS J 166 -6.91 -55.64 68.61
N GLU J 167 -6.92 -54.69 67.67
CA GLU J 167 -5.79 -54.50 66.79
C GLU J 167 -4.81 -53.50 67.41
N GLU J 168 -3.70 -53.29 66.72
CA GLU J 168 -2.54 -52.58 67.29
C GLU J 168 -2.59 -51.08 67.06
N THR J 169 -3.71 -50.36 67.21
CA THR J 169 -3.80 -49.02 66.62
C THR J 169 -4.39 -47.99 67.58
N LEU J 170 -3.53 -47.09 68.07
CA LEU J 170 -3.95 -45.79 68.63
C LEU J 170 -3.00 -44.71 68.14
N LYS J 171 -3.50 -43.48 68.04
CA LYS J 171 -2.72 -42.34 67.57
C LYS J 171 -2.85 -41.18 68.55
N SER J 172 -1.97 -40.18 68.40
CA SER J 172 -1.92 -39.01 69.27
C SER J 172 -0.99 -37.93 68.71
N ASP J 173 -1.13 -36.69 69.17
CA ASP J 173 -0.26 -35.61 68.70
C ASP J 173 -0.25 -34.44 69.69
N ARG J 174 0.84 -33.67 69.72
CA ARG J 174 0.85 -32.37 70.40
C ARG J 174 1.88 -31.47 69.73
N GLN J 175 1.72 -30.17 69.98
CA GLN J 175 2.55 -29.12 69.42
C GLN J 175 2.82 -28.13 70.53
N TYR J 176 3.82 -27.28 70.35
CA TYR J 176 4.06 -26.24 71.34
C TYR J 176 4.88 -25.14 70.68
N LYS J 177 4.60 -23.90 71.08
CA LYS J 177 5.25 -22.73 70.48
C LYS J 177 5.33 -21.65 71.54
N PHE J 178 6.55 -21.27 71.91
CA PHE J 178 6.79 -20.30 72.97
C PHE J 178 7.78 -19.24 72.50
N TRP J 179 7.46 -17.98 72.74
CA TRP J 179 8.33 -16.87 72.41
C TRP J 179 8.66 -16.09 73.68
N SER J 180 9.69 -15.24 73.60
CA SER J 180 10.04 -14.42 74.75
C SER J 180 10.93 -13.26 74.33
N GLN J 181 10.94 -12.23 75.18
CA GLN J 181 11.76 -11.03 74.98
C GLN J 181 11.90 -10.33 76.33
N ILE J 182 13.11 -10.31 76.87
CA ILE J 182 13.34 -9.69 78.18
C ILE J 182 13.99 -8.33 78.03
N SER J 183 15.10 -8.25 77.29
CA SER J 183 15.76 -6.98 77.00
C SER J 183 16.15 -6.92 75.53
N GLN J 184 15.20 -6.46 74.72
CA GLN J 184 15.26 -6.46 73.26
C GLN J 184 15.78 -7.78 72.70
N GLY J 185 15.60 -8.86 73.44
CA GLY J 185 16.12 -10.15 73.02
C GLY J 185 15.07 -11.05 72.39
N HIS J 186 15.30 -11.43 71.13
CA HIS J 186 14.42 -12.35 70.43
C HIS J 186 14.50 -13.75 71.04
N LEU J 187 13.37 -14.43 71.20
CA LEU J 187 13.37 -15.86 71.45
C LEU J 187 12.15 -16.50 70.83
N SER J 188 12.38 -17.44 69.91
CA SER J 188 11.32 -18.21 69.27
C SER J 188 11.59 -19.69 69.53
N TYR J 189 10.53 -20.46 69.78
CA TYR J 189 10.64 -21.83 70.24
C TYR J 189 9.47 -22.62 69.67
N LYS J 190 9.75 -23.70 68.94
CA LYS J 190 8.67 -24.48 68.34
C LYS J 190 8.98 -25.97 68.45
N HIS J 191 7.92 -26.77 68.48
CA HIS J 191 8.02 -28.21 68.63
C HIS J 191 6.75 -28.88 68.14
N LYS J 192 6.91 -29.96 67.38
CA LYS J 192 5.78 -30.73 66.85
C LYS J 192 6.06 -32.21 67.07
N GLY J 193 5.41 -32.82 68.05
CA GLY J 193 5.62 -34.23 68.35
C GLY J 193 4.33 -35.02 68.20
N GLN J 194 4.33 -35.91 67.20
CA GLN J 194 3.19 -36.78 66.93
C GLN J 194 3.56 -38.20 67.33
N ARG J 195 2.67 -38.86 68.06
CA ARG J 195 2.94 -40.19 68.60
C ARG J 195 1.83 -41.15 68.16
N GLU J 196 2.12 -42.44 68.27
CA GLU J 196 1.14 -43.49 68.00
C GLU J 196 1.66 -44.78 68.60
N VAL J 197 0.73 -45.65 68.98
CA VAL J 197 1.07 -46.86 69.73
C VAL J 197 0.38 -48.06 69.11
N THR J 198 1.12 -49.16 69.02
CA THR J 198 0.59 -50.44 68.60
C THR J 198 -0.07 -51.10 69.79
N ILE J 199 -1.39 -51.22 69.74
CA ILE J 199 -2.19 -51.77 70.83
C ILE J 199 -2.45 -53.26 70.62
N PRO J 200 -2.13 -54.10 71.60
CA PRO J 200 -2.20 -55.55 71.41
C PRO J 200 -3.56 -56.11 71.80
N PRO J 201 -3.91 -57.31 71.31
CA PRO J 201 -5.31 -57.79 71.40
C PRO J 201 -5.89 -57.98 72.79
N ASN J 202 -5.33 -58.89 73.59
CA ASN J 202 -6.03 -59.43 74.77
C ASN J 202 -5.46 -58.82 76.04
N ARG J 203 -5.94 -57.62 76.37
CA ARG J 203 -5.44 -56.89 77.53
C ARG J 203 -6.60 -56.28 78.29
N VAL J 204 -6.32 -55.77 79.49
CA VAL J 204 -7.33 -55.21 80.38
C VAL J 204 -7.04 -53.72 80.56
N LEU J 205 -8.07 -52.90 80.42
CA LEU J 205 -7.95 -51.44 80.53
C LEU J 205 -8.67 -50.85 81.71
N SER J 206 -9.92 -51.22 81.96
CA SER J 206 -10.71 -50.60 83.00
C SER J 206 -11.23 -51.66 83.96
N TYR J 207 -11.32 -51.28 85.23
CA TYR J 207 -11.66 -52.23 86.29
C TYR J 207 -12.54 -51.52 87.31
N ARG J 208 -12.94 -52.27 88.35
CA ARG J 208 -13.89 -51.75 89.35
C ARG J 208 -13.29 -51.79 90.75
N VAL J 209 -14.06 -51.35 91.74
CA VAL J 209 -13.62 -51.24 93.13
C VAL J 209 -14.62 -51.96 94.02
N LYS J 210 -14.11 -52.82 94.91
CA LYS J 210 -14.92 -53.42 95.96
C LYS J 210 -14.01 -53.69 97.15
N GLN J 211 -14.28 -53.02 98.26
CA GLN J 211 -13.37 -52.97 99.39
C GLN J 211 -13.35 -54.29 100.15
N LEU J 212 -12.17 -54.72 100.56
CA LEU J 212 -11.99 -55.90 101.41
C LEU J 212 -11.17 -55.52 102.63
N VAL J 213 -11.61 -56.00 103.80
CA VAL J 213 -10.89 -55.84 105.05
C VAL J 213 -10.36 -57.21 105.46
N PHE J 214 -9.12 -57.22 105.94
CA PHE J 214 -8.41 -58.47 106.19
C PHE J 214 -8.01 -58.59 107.65
N PRO J 215 -8.86 -59.16 108.50
CA PRO J 215 -8.37 -59.72 109.76
C PRO J 215 -7.45 -60.89 109.47
N ASN J 216 -6.50 -61.12 110.37
CA ASN J 216 -5.38 -62.00 110.07
C ASN J 216 -5.84 -63.42 109.73
N LYS J 217 -6.99 -63.85 110.26
CA LYS J 217 -7.50 -65.18 109.97
C LYS J 217 -8.51 -65.19 108.82
N GLU J 218 -9.61 -64.45 108.95
CA GLU J 218 -10.68 -64.46 107.97
C GLU J 218 -11.06 -63.04 107.61
N THR J 219 -11.47 -62.83 106.36
CA THR J 219 -11.70 -61.50 105.82
C THR J 219 -13.19 -61.13 105.83
N MET J 220 -13.47 -59.88 105.49
CA MET J 220 -14.82 -59.37 105.37
C MET J 220 -14.82 -58.30 104.28
N SER J 221 -15.99 -57.83 103.88
CA SER J 221 -16.11 -56.93 102.75
C SER J 221 -16.67 -55.56 103.14
N ALA J 222 -16.64 -54.67 102.17
CA ALA J 222 -17.22 -53.32 102.25
C ALA J 222 -17.55 -52.92 100.82
N GLY J 223 -18.82 -52.63 100.57
CA GLY J 223 -19.37 -52.77 99.23
C GLY J 223 -18.92 -51.78 98.18
N LEU J 224 -19.34 -50.52 98.30
CA LEU J 224 -19.40 -49.62 97.15
C LEU J 224 -18.18 -48.72 97.11
N ASP J 225 -17.33 -48.93 96.11
CA ASP J 225 -16.33 -47.98 95.61
C ASP J 225 -15.67 -47.17 96.72
N ILE J 226 -15.15 -47.88 97.71
CA ILE J 226 -14.43 -47.26 98.81
C ILE J 226 -12.97 -47.16 98.41
N HIS J 227 -12.63 -46.07 97.72
CA HIS J 227 -11.24 -45.77 97.38
C HIS J 227 -10.65 -44.73 98.33
N PHE J 228 -11.42 -44.29 99.33
CA PHE J 228 -10.93 -43.44 100.41
C PHE J 228 -10.36 -44.39 101.46
N ARG J 229 -9.04 -44.49 101.51
CA ARG J 229 -8.35 -45.59 102.18
C ARG J 229 -8.21 -45.30 103.67
N GLY J 230 -8.93 -46.06 104.49
CA GLY J 230 -8.66 -46.12 105.91
C GLY J 230 -9.10 -47.44 106.51
N LYS J 231 -8.16 -48.15 107.14
CA LYS J 231 -8.40 -49.45 107.75
C LYS J 231 -7.27 -49.75 108.73
N THR J 232 -7.59 -50.41 109.84
CA THR J 232 -6.62 -50.74 110.86
C THR J 232 -6.13 -52.18 110.77
N LYS J 233 -6.17 -52.78 109.59
CA LYS J 233 -5.70 -54.16 109.43
C LYS J 233 -4.19 -54.25 109.54
N PHE K 2 -21.48 -32.33 76.88
CA PHE K 2 -20.45 -33.11 76.20
C PHE K 2 -20.82 -34.60 76.30
N SER K 3 -21.75 -34.93 77.18
CA SER K 3 -22.34 -36.25 77.16
C SER K 3 -23.23 -36.42 75.94
N VAL K 4 -23.19 -37.62 75.36
CA VAL K 4 -24.05 -37.96 74.23
C VAL K 4 -25.13 -38.97 74.60
N PHE K 5 -24.90 -39.84 75.57
CA PHE K 5 -25.74 -40.98 75.87
C PHE K 5 -27.01 -40.58 76.62
N GLU K 6 -26.98 -39.45 77.33
CA GLU K 6 -28.20 -38.91 77.92
C GLU K 6 -29.06 -38.25 76.84
N GLU K 7 -28.41 -37.74 75.79
CA GLU K 7 -29.14 -37.01 74.76
C GLU K 7 -30.13 -37.91 74.01
N ILE K 8 -29.67 -39.07 73.54
CA ILE K 8 -30.55 -39.96 72.76
C ILE K 8 -31.72 -40.44 73.62
N THR K 9 -31.43 -40.80 74.87
CA THR K 9 -32.50 -41.09 75.81
C THR K 9 -33.44 -39.91 75.96
N ARG K 10 -32.94 -38.68 75.84
CA ARG K 10 -33.83 -37.52 75.95
C ARG K 10 -34.61 -37.27 74.66
N ILE K 11 -34.12 -37.71 73.50
CA ILE K 11 -35.01 -37.73 72.34
C ILE K 11 -36.16 -38.70 72.58
N VAL K 12 -35.87 -39.85 73.18
CA VAL K 12 -36.95 -40.76 73.57
C VAL K 12 -37.89 -40.07 74.57
N VAL K 13 -37.31 -39.39 75.55
CA VAL K 13 -38.10 -38.69 76.56
C VAL K 13 -38.99 -37.64 75.90
N LYS K 14 -38.44 -36.85 74.97
CA LYS K 14 -39.22 -35.82 74.29
C LYS K 14 -40.34 -36.43 73.45
N GLU K 15 -40.04 -37.54 72.77
CA GLU K 15 -41.08 -38.26 72.03
C GLU K 15 -42.17 -38.78 72.96
N MET K 16 -41.89 -38.88 74.26
CA MET K 16 -42.93 -39.04 75.28
C MET K 16 -43.59 -37.73 75.72
N ASP K 17 -42.83 -36.78 76.25
CA ASP K 17 -43.33 -35.56 76.87
C ASP K 17 -42.14 -34.62 77.07
N ALA K 18 -42.44 -33.34 77.26
CA ALA K 18 -41.42 -32.31 77.44
C ALA K 18 -40.83 -32.44 78.84
N GLY K 19 -39.84 -33.32 78.98
CA GLY K 19 -39.19 -33.54 80.25
C GLY K 19 -40.10 -34.03 81.35
N GLY K 20 -41.10 -34.86 81.03
CA GLY K 20 -42.11 -35.23 82.00
C GLY K 20 -41.96 -36.62 82.58
N ASP K 21 -42.82 -37.54 82.14
CA ASP K 21 -42.88 -38.87 82.74
C ASP K 21 -41.59 -39.65 82.51
N MET K 22 -41.13 -39.71 81.26
CA MET K 22 -40.22 -40.78 80.86
C MET K 22 -38.83 -40.48 81.42
N ILE K 23 -38.06 -41.53 81.71
CA ILE K 23 -36.80 -41.39 82.42
C ILE K 23 -35.66 -41.98 81.58
N ALA K 24 -34.46 -41.42 81.80
CA ALA K 24 -33.26 -41.69 81.01
C ALA K 24 -32.17 -42.35 81.85
N VAL K 25 -31.20 -42.95 81.16
CA VAL K 25 -30.10 -43.69 81.79
C VAL K 25 -28.80 -43.11 81.24
N ARG K 26 -27.69 -43.33 81.96
CA ARG K 26 -26.42 -42.69 81.64
C ARG K 26 -25.56 -43.51 80.67
N SER K 27 -25.51 -44.83 80.83
CA SER K 27 -24.63 -45.67 80.02
C SER K 27 -25.15 -47.10 79.96
N LEU K 28 -24.47 -47.91 79.15
CA LEU K 28 -25.03 -49.18 78.66
C LEU K 28 -24.05 -50.34 78.75
N VAL K 29 -23.36 -50.49 79.87
CA VAL K 29 -22.80 -51.79 80.22
C VAL K 29 -23.79 -52.57 81.07
N ASP K 30 -24.37 -51.92 82.07
CA ASP K 30 -25.39 -52.53 82.89
C ASP K 30 -26.78 -52.00 82.52
N ALA K 31 -26.90 -51.30 81.39
CA ALA K 31 -28.21 -50.87 80.92
C ALA K 31 -28.96 -52.02 80.28
N ASP K 32 -28.24 -52.89 79.57
CA ASP K 32 -28.87 -54.12 79.09
C ASP K 32 -29.38 -54.94 80.26
N ARG K 33 -28.81 -54.74 81.45
CA ARG K 33 -29.28 -55.41 82.66
C ARG K 33 -30.11 -54.42 83.49
N PHE K 34 -30.41 -53.24 82.93
CA PHE K 34 -31.40 -52.34 83.53
C PHE K 34 -32.80 -52.67 83.03
N ARG K 35 -33.12 -53.96 83.11
CA ARG K 35 -34.43 -54.47 82.80
C ARG K 35 -35.30 -54.32 84.06
N CYS K 36 -36.43 -55.00 84.10
CA CYS K 36 -37.30 -54.95 85.27
C CYS K 36 -36.58 -55.48 86.51
N PHE K 37 -37.09 -55.09 87.68
CA PHE K 37 -36.59 -55.54 88.98
C PHE K 37 -35.20 -54.99 89.29
N HIS K 38 -34.94 -53.73 88.99
CA HIS K 38 -33.60 -53.18 89.08
C HIS K 38 -33.66 -51.74 89.57
N LEU K 39 -32.53 -51.28 90.12
CA LEU K 39 -32.49 -50.10 90.99
C LEU K 39 -31.92 -48.89 90.25
N VAL K 40 -31.95 -47.77 90.97
CA VAL K 40 -31.33 -46.51 90.55
C VAL K 40 -30.66 -45.91 91.78
N GLY K 41 -29.78 -44.93 91.54
CA GLY K 41 -29.09 -44.24 92.61
C GLY K 41 -29.87 -43.01 93.09
N GLU K 42 -29.32 -42.39 94.13
CA GLU K 42 -29.92 -41.19 94.70
C GLU K 42 -29.75 -40.00 93.76
N LYS K 43 -30.62 -39.01 93.92
CA LYS K 43 -30.75 -37.90 92.97
C LYS K 43 -30.15 -36.64 93.58
N ARG K 44 -29.33 -35.95 92.80
CA ARG K 44 -28.83 -34.61 93.10
C ARG K 44 -29.13 -33.69 91.92
N THR K 45 -29.07 -32.38 92.19
CA THR K 45 -29.46 -31.38 91.20
C THR K 45 -28.26 -30.56 90.72
N PHE K 46 -27.08 -31.16 90.69
CA PHE K 46 -25.92 -30.46 90.16
C PHE K 46 -25.83 -30.66 88.64
N PHE K 47 -25.56 -29.55 87.94
CA PHE K 47 -25.47 -29.54 86.47
C PHE K 47 -26.73 -30.14 85.86
N GLY K 48 -27.88 -29.59 86.26
CA GLY K 48 -29.16 -30.09 85.82
C GLY K 48 -29.52 -31.39 86.51
N CYS K 49 -30.51 -32.07 85.93
CA CYS K 49 -30.96 -33.36 86.47
C CYS K 49 -29.92 -34.44 86.19
N ARG K 50 -29.17 -34.82 87.22
CA ARG K 50 -28.12 -35.83 87.08
C ARG K 50 -28.09 -36.64 88.36
N HIS K 51 -28.49 -37.91 88.28
CA HIS K 51 -28.62 -38.78 89.43
C HIS K 51 -27.53 -39.85 89.40
N TYR K 52 -27.50 -40.67 90.45
CA TYR K 52 -26.57 -41.78 90.54
C TYR K 52 -27.26 -43.05 90.05
N THR K 53 -26.51 -44.15 90.01
CA THR K 53 -27.06 -45.39 89.47
C THR K 53 -26.38 -46.60 90.09
N THR K 54 -27.17 -47.63 90.38
CA THR K 54 -26.68 -48.92 90.85
C THR K 54 -27.66 -49.99 90.40
N GLY K 55 -27.16 -51.05 89.76
CA GLY K 55 -28.02 -51.95 89.02
C GLY K 55 -28.08 -53.41 89.42
N LEU K 56 -28.13 -53.72 90.71
CA LEU K 56 -28.24 -55.10 91.16
C LEU K 56 -29.64 -55.65 90.92
N THR K 57 -29.85 -56.90 91.27
CA THR K 57 -31.04 -57.66 90.91
C THR K 57 -31.95 -57.83 92.12
N LEU K 58 -33.19 -58.31 91.88
CA LEU K 58 -34.15 -58.43 92.97
C LEU K 58 -34.90 -59.76 92.96
N MET K 59 -34.76 -60.57 91.91
CA MET K 59 -35.52 -61.82 91.85
C MET K 59 -35.16 -62.72 93.03
N ASP K 60 -36.17 -63.23 93.72
CA ASP K 60 -35.96 -64.11 94.86
C ASP K 60 -36.53 -65.51 94.67
N ILE K 61 -37.80 -65.61 94.28
CA ILE K 61 -38.50 -66.89 94.24
C ILE K 61 -39.09 -67.12 92.85
N LEU K 62 -39.22 -68.40 92.48
CA LEU K 62 -39.87 -68.82 91.25
C LEU K 62 -40.79 -70.02 91.53
N ASP K 63 -41.60 -69.91 92.58
CA ASP K 63 -42.47 -71.04 92.95
C ASP K 63 -43.67 -71.15 92.02
N THR K 64 -44.40 -70.06 91.83
CA THR K 64 -45.54 -70.05 90.92
C THR K 64 -45.14 -69.40 89.59
N ASP K 65 -46.15 -69.16 88.76
CA ASP K 65 -45.91 -68.62 87.42
C ASP K 65 -45.40 -67.18 87.50
N GLY K 66 -44.10 -67.00 87.32
CA GLY K 66 -43.49 -65.68 87.41
C GLY K 66 -42.61 -65.31 86.25
N ASP K 67 -42.16 -66.29 85.46
CA ASP K 67 -41.24 -66.02 84.36
C ASP K 67 -41.75 -66.57 83.04
N LYS K 68 -43.06 -66.62 82.83
CA LYS K 68 -43.59 -67.03 81.54
C LYS K 68 -43.46 -65.90 80.53
N TRP K 69 -43.25 -66.27 79.28
CA TRP K 69 -43.14 -65.29 78.20
C TRP K 69 -44.00 -65.69 77.01
N LYS K 81 -44.73 -55.07 70.30
CA LYS K 81 -45.05 -54.21 69.17
C LYS K 81 -44.11 -54.56 68.02
N ALA K 82 -44.18 -53.83 66.91
CA ALA K 82 -43.29 -54.01 65.79
C ALA K 82 -42.08 -53.08 65.95
N GLU K 83 -41.22 -53.04 64.95
CA GLU K 83 -40.02 -52.21 65.03
C GLU K 83 -40.42 -50.74 64.94
N PHE K 84 -39.91 -49.93 65.85
CA PHE K 84 -40.14 -48.50 65.83
C PHE K 84 -38.85 -47.80 65.44
N GLN K 85 -38.95 -46.79 64.58
CA GLN K 85 -37.78 -46.27 63.88
C GLN K 85 -37.72 -44.75 64.01
N ILE K 86 -36.50 -44.25 64.21
CA ILE K 86 -36.21 -42.83 64.35
C ILE K 86 -34.99 -42.49 63.51
N LEU K 87 -35.22 -42.01 62.28
CA LEU K 87 -34.17 -41.36 61.48
C LEU K 87 -34.30 -39.85 61.60
N ASP K 88 -33.76 -39.31 62.69
CA ASP K 88 -33.90 -37.87 62.93
C ASP K 88 -32.55 -37.18 62.94
N ASN K 89 -32.60 -35.86 62.79
CA ASN K 89 -31.42 -35.00 62.88
C ASN K 89 -31.81 -33.77 63.68
N VAL K 90 -31.05 -33.49 64.74
CA VAL K 90 -31.33 -32.37 65.63
C VAL K 90 -30.12 -31.44 65.63
N ASP K 91 -30.38 -30.15 65.42
CA ASP K 91 -29.32 -29.16 65.28
C ASP K 91 -29.40 -28.18 66.44
N SER K 92 -28.25 -27.88 67.04
CA SER K 92 -28.16 -26.94 68.15
C SER K 92 -26.90 -26.09 67.99
N THR K 93 -27.07 -24.84 67.60
CA THR K 93 -25.94 -23.94 67.38
C THR K 93 -26.12 -22.70 68.23
N GLY K 94 -25.04 -22.18 68.78
CA GLY K 94 -25.11 -21.01 69.64
C GLY K 94 -23.80 -20.30 69.91
N GLU K 95 -23.80 -18.98 69.76
CA GLU K 95 -22.62 -18.17 70.01
C GLU K 95 -22.95 -17.10 71.05
N LEU K 96 -22.28 -17.18 72.20
CA LEU K 96 -22.39 -16.17 73.24
C LEU K 96 -21.04 -15.49 73.39
N ILE K 97 -21.00 -14.19 73.12
CA ILE K 97 -19.77 -13.41 73.20
C ILE K 97 -20.08 -12.08 73.89
N VAL K 98 -19.22 -11.70 74.82
CA VAL K 98 -19.41 -10.53 75.67
C VAL K 98 -18.07 -9.84 75.86
N ARG K 99 -18.07 -8.51 75.78
CA ARG K 99 -16.87 -7.72 76.01
C ARG K 99 -16.98 -6.98 77.33
N LEU K 100 -15.92 -7.05 78.13
CA LEU K 100 -15.83 -6.52 79.48
C LEU K 100 -15.27 -5.11 79.49
N PRO K 101 -15.48 -4.34 80.56
CA PRO K 101 -14.84 -3.02 80.67
C PRO K 101 -13.32 -3.09 80.75
N LYS K 102 -12.74 -4.27 80.94
CA LYS K 102 -11.31 -4.47 80.91
C LYS K 102 -10.81 -4.85 79.52
N GLU K 103 -11.49 -4.37 78.47
CA GLU K 103 -11.25 -4.67 77.05
C GLU K 103 -11.09 -6.15 76.77
N ILE K 104 -11.68 -7.02 77.60
CA ILE K 104 -11.61 -8.46 77.40
C ILE K 104 -12.76 -8.83 76.47
N THR K 105 -12.42 -9.46 75.34
CA THR K 105 -13.42 -9.86 74.35
C THR K 105 -13.75 -11.34 74.57
N ILE K 106 -14.39 -11.65 75.70
CA ILE K 106 -14.74 -13.01 76.06
C ILE K 106 -15.67 -13.55 74.97
N SER K 107 -15.39 -14.76 74.51
CA SER K 107 -16.11 -15.31 73.37
C SER K 107 -16.42 -16.79 73.58
N GLY K 108 -17.46 -17.28 72.92
CA GLY K 108 -17.73 -18.69 72.85
C GLY K 108 -18.73 -18.99 71.74
N SER K 109 -18.49 -20.03 70.96
CA SER K 109 -19.36 -20.39 69.85
C SER K 109 -19.33 -21.89 69.66
N PHE K 110 -20.47 -22.55 69.81
CA PHE K 110 -20.58 -24.00 69.71
C PHE K 110 -21.64 -24.36 68.68
N GLN K 111 -21.50 -25.54 68.08
CA GLN K 111 -22.53 -26.05 67.20
C GLN K 111 -22.48 -27.57 67.21
N GLY K 112 -23.67 -28.18 67.20
CA GLY K 112 -23.77 -29.62 67.19
C GLY K 112 -24.94 -30.14 66.39
N PHE K 113 -24.66 -30.98 65.42
CA PHE K 113 -25.66 -31.65 64.62
C PHE K 113 -25.62 -33.15 64.95
N HIS K 114 -26.73 -33.65 65.50
CA HIS K 114 -26.83 -35.01 65.96
C HIS K 114 -27.71 -35.80 65.01
N HIS K 115 -27.18 -36.91 64.51
CA HIS K 115 -27.93 -37.81 63.65
C HIS K 115 -28.28 -39.05 64.44
N GLN K 116 -29.57 -39.33 64.59
CA GLN K 116 -30.02 -40.48 65.35
C GLN K 116 -30.71 -41.47 64.42
N LYS K 117 -30.22 -42.71 64.47
CA LYS K 117 -30.73 -43.86 63.72
C LYS K 117 -31.35 -44.86 64.69
N ILE K 118 -32.16 -44.34 65.60
CA ILE K 118 -32.62 -45.09 66.76
C ILE K 118 -33.61 -46.16 66.33
N LYS K 119 -33.40 -47.38 66.82
CA LYS K 119 -34.31 -48.48 66.59
C LYS K 119 -34.81 -49.00 67.94
N ILE K 120 -36.11 -49.32 68.00
CA ILE K 120 -36.75 -49.67 69.27
C ILE K 120 -37.64 -50.89 69.06
N SER K 121 -37.57 -51.83 70.00
CA SER K 121 -38.44 -53.00 70.02
C SER K 121 -39.16 -53.06 71.36
N GLU K 122 -40.20 -53.89 71.43
CA GLU K 122 -41.05 -53.94 72.61
C GLU K 122 -41.27 -55.39 73.04
N ASN K 123 -41.10 -55.62 74.34
CA ASN K 123 -41.39 -56.90 74.97
C ASN K 123 -42.46 -56.67 76.01
N ARG K 124 -43.67 -57.19 75.76
CA ARG K 124 -44.84 -56.88 76.57
C ARG K 124 -44.75 -57.59 77.91
N ILE K 125 -44.95 -56.83 78.98
CA ILE K 125 -45.14 -57.37 80.32
C ILE K 125 -46.46 -56.85 80.86
N SER K 126 -47.24 -57.76 81.44
CA SER K 126 -48.60 -57.42 81.87
C SER K 126 -48.59 -56.39 82.99
N GLN K 127 -49.56 -55.48 82.96
CA GLN K 127 -49.65 -54.47 84.01
C GLN K 127 -50.23 -55.04 85.30
N GLN K 128 -51.22 -55.93 85.20
CA GLN K 128 -51.70 -56.63 86.38
C GLN K 128 -50.65 -57.60 86.91
N TYR K 129 -49.68 -57.95 86.06
CA TYR K 129 -48.55 -58.73 86.54
C TYR K 129 -47.75 -57.97 87.59
N LEU K 130 -47.82 -56.64 87.59
CA LEU K 130 -47.19 -55.88 88.67
C LEU K 130 -47.81 -56.23 90.02
N ALA K 131 -49.14 -56.23 90.08
CA ALA K 131 -49.85 -56.67 91.27
C ALA K 131 -49.55 -58.12 91.60
N THR K 132 -49.45 -58.99 90.59
CA THR K 132 -48.99 -60.35 90.84
C THR K 132 -47.60 -60.36 91.48
N LEU K 133 -46.75 -59.40 91.12
CA LEU K 133 -45.41 -59.31 91.68
C LEU K 133 -45.45 -58.90 93.14
N GLU K 134 -46.30 -57.93 93.49
CA GLU K 134 -46.47 -57.67 94.91
C GLU K 134 -47.10 -58.85 95.65
N ASN K 135 -47.89 -59.68 94.96
CA ASN K 135 -48.42 -60.89 95.55
C ASN K 135 -47.34 -61.94 95.80
N ARG K 136 -46.17 -61.80 95.19
CA ARG K 136 -45.05 -62.70 95.48
C ARG K 136 -44.60 -62.55 96.92
N LYS K 137 -44.04 -63.63 97.47
CA LYS K 137 -43.45 -63.58 98.79
C LYS K 137 -42.04 -63.02 98.70
N LEU K 138 -41.85 -61.82 99.25
CA LEU K 138 -40.55 -61.14 99.20
C LEU K 138 -39.65 -61.67 100.31
N LYS K 139 -38.69 -62.51 99.93
CA LYS K 139 -37.72 -63.04 100.89
C LYS K 139 -36.46 -63.48 100.17
N ARG K 140 -35.33 -62.86 100.49
CA ARG K 140 -34.06 -63.16 99.85
C ARG K 140 -32.93 -62.77 100.80
N GLU K 141 -31.99 -63.69 100.97
CA GLU K 141 -30.84 -63.47 101.84
C GLU K 141 -29.59 -63.11 101.05
N LEU K 142 -29.77 -62.61 99.84
CA LEU K 142 -28.65 -62.09 99.07
C LEU K 142 -28.07 -60.88 99.79
N PRO K 143 -26.74 -60.71 99.77
CA PRO K 143 -26.13 -59.60 100.49
C PRO K 143 -26.45 -58.24 99.89
N PHE K 144 -27.68 -57.77 100.09
CA PHE K 144 -28.05 -56.42 99.70
C PHE K 144 -28.76 -55.64 100.81
N SER K 145 -29.17 -56.28 101.90
CA SER K 145 -29.92 -55.60 102.94
C SER K 145 -29.10 -54.50 103.61
N PHE K 146 -27.84 -54.79 103.95
CA PHE K 146 -27.01 -53.83 104.66
C PHE K 146 -26.82 -52.56 103.84
N ARG K 147 -26.39 -52.71 102.59
CA ARG K 147 -26.16 -51.54 101.75
C ARG K 147 -27.45 -50.85 101.36
N SER K 148 -28.53 -51.61 101.15
CA SER K 148 -29.82 -50.99 100.83
C SER K 148 -30.33 -50.14 101.99
N ILE K 149 -30.19 -50.62 103.22
CA ILE K 149 -30.59 -49.83 104.38
C ILE K 149 -29.66 -48.64 104.57
N ASN K 150 -28.36 -48.82 104.29
CA ASN K 150 -27.43 -47.69 104.41
C ASN K 150 -27.78 -46.58 103.43
N THR K 151 -28.16 -46.95 102.20
CA THR K 151 -28.48 -45.96 101.18
C THR K 151 -29.86 -45.35 101.37
N ARG K 152 -30.89 -46.18 101.60
CA ARG K 152 -32.29 -45.75 101.67
C ARG K 152 -32.71 -44.95 100.45
N GLU K 153 -32.51 -45.50 99.25
CA GLU K 153 -32.86 -44.82 98.02
C GLU K 153 -34.33 -45.00 97.65
N ASN K 154 -35.08 -45.77 98.46
CA ASN K 154 -36.46 -46.19 98.17
C ASN K 154 -36.66 -46.51 96.68
N LEU K 155 -35.91 -47.50 96.22
CA LEU K 155 -35.82 -47.89 94.81
C LEU K 155 -37.18 -47.98 94.13
N TYR K 156 -37.20 -47.68 92.84
CA TYR K 156 -38.37 -47.88 92.00
C TYR K 156 -38.05 -48.87 90.89
N LEU K 157 -39.11 -49.38 90.26
CA LEU K 157 -38.98 -50.33 89.16
C LEU K 157 -39.48 -49.70 87.86
N VAL K 158 -39.52 -50.52 86.80
CA VAL K 158 -39.91 -50.04 85.49
C VAL K 158 -41.27 -50.64 85.13
N THR K 159 -41.99 -49.98 84.23
CA THR K 159 -43.33 -50.43 83.87
C THR K 159 -43.28 -51.53 82.81
N GLU K 160 -42.72 -51.23 81.64
CA GLU K 160 -42.75 -52.16 80.52
C GLU K 160 -41.37 -52.19 79.87
N THR K 161 -41.03 -53.32 79.27
CA THR K 161 -39.71 -53.50 78.67
C THR K 161 -39.61 -52.71 77.37
N LEU K 162 -38.71 -51.73 77.33
CA LEU K 162 -38.47 -50.92 76.14
C LEU K 162 -37.12 -51.34 75.58
N GLU K 163 -37.13 -52.24 74.61
CA GLU K 163 -35.91 -52.86 74.08
C GLU K 163 -35.54 -52.21 72.76
N THR K 164 -34.30 -52.46 72.33
CA THR K 164 -33.77 -51.91 71.09
C THR K 164 -33.11 -53.00 70.28
N VAL K 165 -33.18 -52.89 68.95
CA VAL K 165 -32.35 -53.67 68.05
C VAL K 165 -31.76 -52.73 67.01
N LYS K 166 -30.59 -52.17 67.32
CA LYS K 166 -30.08 -50.98 66.65
C LYS K 166 -28.86 -51.30 65.82
N GLU K 167 -28.53 -50.39 64.90
CA GLU K 167 -27.20 -50.35 64.31
C GLU K 167 -26.29 -49.45 65.15
N GLU K 168 -25.03 -49.38 64.74
CA GLU K 168 -23.98 -48.78 65.57
C GLU K 168 -23.81 -47.28 65.32
N THR K 169 -24.84 -46.45 65.17
CA THR K 169 -24.62 -45.13 64.56
C THR K 169 -25.30 -44.02 65.35
N LEU K 170 -24.50 -43.17 66.02
CA LEU K 170 -24.88 -41.83 66.44
C LEU K 170 -23.73 -40.87 66.20
N LYS K 171 -24.05 -39.60 65.96
CA LYS K 171 -23.05 -38.57 65.69
C LYS K 171 -23.29 -37.36 66.59
N SER K 172 -22.29 -36.47 66.64
CA SER K 172 -22.31 -35.28 67.48
C SER K 172 -21.17 -34.33 67.15
N ASP K 173 -21.26 -33.07 67.55
CA ASP K 173 -20.19 -32.11 67.30
C ASP K 173 -20.30 -30.92 68.25
N ARG K 174 -19.17 -30.25 68.53
CA ARG K 174 -19.16 -28.95 69.18
C ARG K 174 -17.90 -28.19 68.77
N GLN K 175 -17.97 -26.87 68.96
CA GLN K 175 -16.92 -25.94 68.61
C GLN K 175 -16.82 -24.94 69.75
N TYR K 176 -15.71 -24.21 69.81
CA TYR K 176 -15.61 -23.16 70.80
C TYR K 176 -14.54 -22.18 70.36
N LYS K 177 -14.75 -20.90 70.66
CA LYS K 177 -13.85 -19.84 70.22
C LYS K 177 -13.91 -18.73 71.26
N PHE K 178 -12.77 -18.47 71.91
CA PHE K 178 -12.69 -17.49 72.99
C PHE K 178 -11.50 -16.57 72.77
N TRP K 179 -11.73 -15.26 72.91
CA TRP K 179 -10.67 -14.27 72.79
C TRP K 179 -10.58 -13.47 74.08
N SER K 180 -9.47 -12.75 74.26
CA SER K 180 -9.32 -11.93 75.44
C SER K 180 -8.23 -10.89 75.25
N GLN K 181 -8.31 -9.83 76.06
CA GLN K 181 -7.34 -8.74 76.05
C GLN K 181 -7.45 -8.01 77.38
N ILE K 182 -6.41 -8.09 78.21
CA ILE K 182 -6.43 -7.45 79.53
C ILE K 182 -5.62 -6.17 79.53
N SER K 183 -4.37 -6.24 79.08
CA SER K 183 -3.50 -5.06 78.95
C SER K 183 -2.77 -5.10 77.62
N GLN K 184 -3.44 -4.58 76.59
CA GLN K 184 -3.02 -4.64 75.19
C GLN K 184 -2.53 -6.02 74.79
N GLY K 185 -3.02 -7.06 75.47
CA GLY K 185 -2.56 -8.41 75.21
C GLY K 185 -3.52 -9.22 74.36
N HIS K 186 -3.03 -9.67 73.20
CA HIS K 186 -3.82 -10.51 72.32
C HIS K 186 -4.05 -11.88 72.95
N LEU K 187 -5.25 -12.43 72.83
CA LEU K 187 -5.47 -13.84 73.09
C LEU K 187 -6.57 -14.37 72.19
N SER K 188 -6.24 -15.37 71.37
CA SER K 188 -7.18 -16.05 70.50
C SER K 188 -7.16 -17.54 70.82
N TYR K 189 -8.33 -18.17 70.81
CA TYR K 189 -8.50 -19.53 71.31
C TYR K 189 -9.58 -20.22 70.47
N LYS K 190 -9.24 -21.35 69.85
CA LYS K 190 -10.23 -22.03 69.02
C LYS K 190 -10.13 -23.54 69.21
N HIS K 191 -11.26 -24.22 68.99
CA HIS K 191 -11.35 -25.66 69.19
C HIS K 191 -12.53 -26.19 68.40
N LYS K 192 -12.32 -27.32 67.72
CA LYS K 192 -13.37 -27.98 66.94
C LYS K 192 -13.32 -29.48 67.23
N GLY K 193 -14.26 -29.97 68.04
CA GLY K 193 -14.29 -31.38 68.40
C GLY K 193 -15.58 -32.03 67.93
N GLN K 194 -15.45 -32.95 66.99
CA GLN K 194 -16.57 -33.72 66.44
C GLN K 194 -16.47 -35.14 66.95
N ARG K 195 -17.58 -35.68 67.44
CA ARG K 195 -17.62 -37.01 68.03
C ARG K 195 -18.67 -37.86 67.35
N GLU K 196 -18.58 -39.16 67.55
CA GLU K 196 -19.57 -40.11 67.06
C GLU K 196 -19.36 -41.43 67.78
N VAL K 197 -20.45 -42.18 67.94
CA VAL K 197 -20.44 -43.38 68.76
C VAL K 197 -21.09 -44.53 68.01
N THR K 198 -20.48 -45.71 68.11
CA THR K 198 -21.04 -46.94 67.58
C THR K 198 -22.04 -47.48 68.59
N ILE K 199 -23.31 -47.45 68.21
CA ILE K 199 -24.41 -47.88 69.08
C ILE K 199 -24.79 -49.33 68.83
N PRO K 200 -24.80 -50.16 69.86
CA PRO K 200 -25.00 -51.61 69.68
C PRO K 200 -26.46 -51.99 69.73
N PRO K 201 -26.82 -53.17 69.17
CA PRO K 201 -28.24 -53.49 68.93
C PRO K 201 -29.16 -53.57 70.14
N ASN K 202 -28.92 -54.50 71.07
CA ASN K 202 -29.93 -54.91 72.03
C ASN K 202 -29.63 -54.32 73.41
N ARG K 203 -30.04 -53.06 73.60
CA ARG K 203 -29.75 -52.34 74.84
C ARG K 203 -30.99 -51.58 75.28
N VAL K 204 -30.95 -51.06 76.50
CA VAL K 204 -32.08 -50.36 77.11
C VAL K 204 -31.66 -48.90 77.35
N LEU K 205 -32.53 -47.98 76.94
CA LEU K 205 -32.28 -46.55 77.05
C LEU K 205 -33.19 -45.83 78.03
N SER K 206 -34.49 -46.06 77.95
CA SER K 206 -35.44 -45.31 78.77
C SER K 206 -36.30 -46.27 79.59
N TYR K 207 -36.65 -45.84 80.79
CA TYR K 207 -37.34 -46.70 81.74
C TYR K 207 -38.36 -45.86 82.51
N ARG K 208 -39.08 -46.51 83.43
CA ARG K 208 -40.17 -45.87 84.15
C ARG K 208 -39.94 -45.92 85.66
N VAL K 209 -40.88 -45.35 86.43
CA VAL K 209 -40.77 -45.25 87.88
C VAL K 209 -42.03 -45.81 88.51
N LYS K 210 -41.86 -46.69 89.50
CA LYS K 210 -42.97 -47.16 90.33
C LYS K 210 -42.41 -47.48 91.71
N GLN K 211 -42.86 -46.73 92.71
CA GLN K 211 -42.25 -46.74 94.03
C GLN K 211 -42.58 -48.02 94.78
N LEU K 212 -41.57 -48.56 95.47
CA LEU K 212 -41.75 -49.71 96.35
C LEU K 212 -41.21 -49.38 97.73
N VAL K 213 -41.98 -49.76 98.76
CA VAL K 213 -41.57 -49.63 100.15
C VAL K 213 -41.31 -51.03 100.70
N PHE K 214 -40.23 -51.16 101.47
CA PHE K 214 -39.76 -52.47 101.90
C PHE K 214 -39.74 -52.57 103.42
N PRO K 215 -40.83 -53.01 104.04
CA PRO K 215 -40.72 -53.57 105.39
C PRO K 215 -39.90 -54.86 105.35
N ASN K 216 -39.23 -55.14 106.46
CA ASN K 216 -38.18 -56.16 106.45
C ASN K 216 -38.69 -57.52 106.03
N LYS K 217 -39.98 -57.80 106.26
CA LYS K 217 -40.57 -59.08 105.87
C LYS K 217 -41.25 -59.03 104.51
N GLU K 218 -42.25 -58.17 104.35
CA GLU K 218 -43.05 -58.10 103.14
C GLU K 218 -43.17 -56.66 102.68
N THR K 219 -43.23 -56.47 101.36
CA THR K 219 -43.18 -55.14 100.77
C THR K 219 -44.57 -54.62 100.42
N MET K 220 -44.61 -53.35 100.00
CA MET K 220 -45.84 -52.70 99.54
C MET K 220 -45.44 -51.68 98.48
N SER K 221 -46.42 -51.11 97.80
CA SER K 221 -46.16 -50.24 96.66
C SER K 221 -46.64 -48.81 96.88
N ALA K 222 -46.27 -47.96 95.94
CA ALA K 222 -46.69 -46.56 95.86
C ALA K 222 -46.62 -46.18 94.38
N GLY K 223 -47.75 -45.76 93.83
CA GLY K 223 -47.97 -45.90 92.40
C GLY K 223 -47.17 -45.00 91.49
N LEU K 224 -47.47 -43.70 91.48
CA LEU K 224 -47.13 -42.86 90.34
C LEU K 224 -45.85 -42.08 90.58
N ASP K 225 -44.81 -42.43 89.82
CA ASP K 225 -43.62 -41.61 89.57
C ASP K 225 -43.16 -40.84 90.81
N ILE K 226 -42.98 -41.55 91.91
CA ILE K 226 -42.48 -40.97 93.15
C ILE K 226 -40.96 -41.05 93.12
N HIS K 227 -40.34 -40.04 92.51
CA HIS K 227 -38.89 -39.88 92.52
C HIS K 227 -38.43 -38.88 93.58
N PHE K 228 -39.36 -38.33 94.35
CA PHE K 228 -39.06 -37.50 95.50
C PHE K 228 -38.87 -38.46 96.67
N ARG K 229 -37.62 -38.69 97.05
CA ARG K 229 -37.26 -39.84 97.88
C ARG K 229 -37.45 -39.50 99.35
N GLY K 230 -38.43 -40.16 99.98
CA GLY K 230 -38.52 -40.19 101.43
C GLY K 230 -39.23 -41.43 101.91
N LYS K 231 -38.56 -42.21 102.77
CA LYS K 231 -39.09 -43.45 103.31
C LYS K 231 -38.28 -43.83 104.54
N THR K 232 -38.94 -44.41 105.55
CA THR K 232 -38.28 -44.80 106.78
C THR K 232 -37.95 -46.29 106.83
N LYS K 233 -37.76 -46.93 105.69
CA LYS K 233 -37.44 -48.35 105.65
C LYS K 233 -36.01 -48.60 106.14
N PHE L 2 -42.29 -26.94 70.50
CA PHE L 2 -41.28 -27.89 70.06
C PHE L 2 -41.87 -29.30 70.09
N SER L 3 -43.01 -29.45 70.76
CA SER L 3 -43.76 -30.68 70.63
C SER L 3 -44.39 -30.78 69.25
N VAL L 4 -44.42 -32.00 68.70
CA VAL L 4 -45.06 -32.26 67.41
C VAL L 4 -46.33 -33.08 67.55
N PHE L 5 -46.43 -33.94 68.56
CA PHE L 5 -47.48 -34.94 68.68
C PHE L 5 -48.79 -34.33 69.13
N GLU L 6 -48.76 -33.19 69.83
CA GLU L 6 -49.99 -32.46 70.13
C GLU L 6 -50.48 -31.72 68.90
N GLU L 7 -49.57 -31.36 67.99
CA GLU L 7 -49.94 -30.57 66.83
C GLU L 7 -50.87 -31.34 65.89
N ILE L 8 -50.51 -32.58 65.54
CA ILE L 8 -51.32 -33.37 64.61
C ILE L 8 -52.69 -33.65 65.20
N THR L 9 -52.74 -33.99 66.48
CA THR L 9 -54.01 -34.09 67.17
C THR L 9 -54.78 -32.78 67.11
N ARG L 10 -54.09 -31.64 67.09
CA ARG L 10 -54.79 -30.37 66.99
C ARG L 10 -55.25 -30.06 65.56
N ILE L 11 -54.59 -30.61 64.55
CA ILE L 11 -55.21 -30.55 63.21
C ILE L 11 -56.52 -31.33 63.21
N VAL L 12 -56.52 -32.50 63.88
CA VAL L 12 -57.79 -33.22 64.03
C VAL L 12 -58.81 -32.37 64.79
N VAL L 13 -58.35 -31.74 65.88
CA VAL L 13 -59.23 -30.88 66.68
C VAL L 13 -59.79 -29.75 65.84
N LYS L 14 -58.95 -29.09 65.04
CA LYS L 14 -59.41 -27.99 64.19
C LYS L 14 -60.40 -28.47 63.14
N GLU L 15 -60.14 -29.64 62.55
CA GLU L 15 -61.09 -30.23 61.61
C GLU L 15 -62.42 -30.56 62.29
N MET L 16 -62.43 -30.64 63.62
CA MET L 16 -63.68 -30.60 64.39
C MET L 16 -64.21 -29.20 64.68
N ASP L 17 -63.45 -28.34 65.34
CA ASP L 17 -63.88 -27.03 65.83
C ASP L 17 -62.65 -26.28 66.28
N ALA L 18 -62.78 -24.96 66.37
CA ALA L 18 -61.68 -24.07 66.76
C ALA L 18 -61.42 -24.23 68.25
N GLY L 19 -60.63 -25.24 68.61
CA GLY L 19 -60.31 -25.49 70.00
C GLY L 19 -61.49 -25.80 70.88
N GLY L 20 -62.51 -26.50 70.36
CA GLY L 20 -63.74 -26.68 71.10
C GLY L 20 -63.92 -28.05 71.71
N ASP L 21 -64.79 -28.85 71.10
CA ASP L 21 -65.17 -30.13 71.69
C ASP L 21 -64.00 -31.09 71.74
N MET L 22 -63.29 -31.27 70.64
CA MET L 22 -62.50 -32.48 70.45
C MET L 22 -61.22 -32.36 71.28
N ILE L 23 -60.70 -33.50 71.75
CA ILE L 23 -59.60 -33.51 72.71
C ILE L 23 -58.41 -34.28 72.15
N ALA L 24 -57.22 -33.90 72.61
CA ALA L 24 -55.93 -34.36 72.09
C ALA L 24 -55.14 -35.12 73.15
N VAL L 25 -54.16 -35.89 72.69
CA VAL L 25 -53.34 -36.75 73.55
C VAL L 25 -51.88 -36.39 73.30
N ARG L 26 -50.99 -36.74 74.24
CA ARG L 26 -49.61 -36.29 74.18
C ARG L 26 -48.69 -37.27 73.44
N SER L 27 -48.87 -38.58 73.62
CA SER L 27 -47.98 -39.56 73.03
C SER L 27 -48.67 -40.91 72.87
N LEU L 28 -47.95 -41.85 72.23
CA LEU L 28 -48.59 -43.02 71.64
C LEU L 28 -47.83 -44.32 71.95
N VAL L 29 -47.42 -44.51 73.20
CA VAL L 29 -47.15 -45.87 73.67
C VAL L 29 -48.40 -46.47 74.30
N ASP L 30 -49.07 -45.69 75.14
CA ASP L 30 -50.33 -46.12 75.74
C ASP L 30 -51.51 -45.41 75.07
N ALA L 31 -51.27 -44.74 73.93
CA ALA L 31 -52.39 -44.16 73.20
C ALA L 31 -53.15 -45.21 72.41
N ASP L 32 -52.44 -46.21 71.88
CA ASP L 32 -53.11 -47.35 71.30
C ASP L 32 -53.97 -48.05 72.34
N ARG L 33 -53.66 -47.88 73.61
CA ARG L 33 -54.46 -48.41 74.71
C ARG L 33 -55.28 -47.28 75.33
N PHE L 34 -55.29 -46.10 74.71
CA PHE L 34 -56.23 -45.04 75.06
C PHE L 34 -57.52 -45.20 74.28
N ARG L 35 -58.04 -46.42 74.31
CA ARG L 35 -59.33 -46.76 73.73
C ARG L 35 -60.40 -46.44 74.77
N CYS L 36 -61.61 -46.95 74.57
CA CYS L 36 -62.69 -46.73 75.52
C CYS L 36 -62.33 -47.31 76.89
N PHE L 37 -63.02 -46.79 77.92
CA PHE L 37 -62.87 -47.25 79.31
C PHE L 37 -61.51 -46.90 79.90
N HIS L 38 -61.01 -45.70 79.65
CA HIS L 38 -59.65 -45.34 80.03
C HIS L 38 -59.60 -43.89 80.48
N LEU L 39 -58.56 -43.56 81.26
CA LEU L 39 -58.52 -42.37 82.09
C LEU L 39 -57.65 -41.29 81.49
N VAL L 40 -57.67 -40.13 82.17
CA VAL L 40 -56.79 -39.01 81.87
C VAL L 40 -56.31 -38.45 83.22
N GLY L 41 -55.26 -37.62 83.17
CA GLY L 41 -54.73 -36.98 84.34
C GLY L 41 -55.40 -35.64 84.63
N GLU L 42 -54.99 -35.06 85.76
CA GLU L 42 -55.52 -33.77 86.18
C GLU L 42 -54.98 -32.65 85.28
N LYS L 43 -55.72 -31.55 85.24
CA LYS L 43 -55.47 -30.47 84.29
C LYS L 43 -54.83 -29.28 84.99
N ARG L 44 -53.77 -28.74 84.39
CA ARG L 44 -53.16 -27.49 84.77
C ARG L 44 -53.06 -26.58 83.56
N THR L 45 -52.87 -25.29 83.82
CA THR L 45 -52.88 -24.28 82.76
C THR L 45 -51.51 -23.66 82.53
N PHE L 46 -50.44 -24.41 82.76
CA PHE L 46 -49.10 -23.91 82.50
C PHE L 46 -48.74 -24.18 81.04
N PHE L 47 -48.16 -23.15 80.39
CA PHE L 47 -47.77 -23.22 78.98
C PHE L 47 -48.95 -23.67 78.11
N GLY L 48 -50.05 -22.94 78.25
CA GLY L 48 -51.27 -23.27 77.56
C GLY L 48 -51.97 -24.48 78.16
N CYS L 49 -52.90 -25.04 77.39
CA CYS L 49 -53.63 -26.22 77.84
C CYS L 49 -52.73 -27.45 77.80
N ARG L 50 -52.27 -27.88 78.96
CA ARG L 50 -51.38 -29.03 79.07
C ARG L 50 -51.74 -29.80 80.34
N HIS L 51 -52.30 -30.99 80.18
CA HIS L 51 -52.79 -31.79 81.29
C HIS L 51 -51.89 -33.00 81.50
N TYR L 52 -52.21 -33.77 82.54
CA TYR L 52 -51.50 -35.01 82.84
C TYR L 52 -52.25 -36.18 82.23
N THR L 53 -51.67 -37.38 82.36
CA THR L 53 -52.27 -38.54 81.72
C THR L 53 -51.92 -39.81 82.50
N THR L 54 -52.90 -40.71 82.62
CA THR L 54 -52.71 -42.03 83.19
C THR L 54 -53.73 -42.96 82.55
N GLY L 55 -53.26 -44.10 82.05
CA GLY L 55 -54.07 -44.91 81.15
C GLY L 55 -54.43 -46.34 81.55
N LEU L 56 -54.80 -46.58 82.80
CA LEU L 56 -55.19 -47.91 83.22
C LEU L 56 -56.58 -48.26 82.69
N THR L 57 -57.05 -49.47 83.01
CA THR L 57 -58.24 -50.06 82.41
C THR L 57 -59.40 -50.04 83.39
N LEU L 58 -60.61 -50.35 82.90
CA LEU L 58 -61.78 -50.29 83.76
C LEU L 58 -62.70 -51.50 83.60
N MET L 59 -62.46 -52.37 82.61
CA MET L 59 -63.36 -53.50 82.40
C MET L 59 -63.39 -54.38 83.64
N ASP L 60 -64.60 -54.73 84.11
CA ASP L 60 -64.76 -55.57 85.28
C ASP L 60 -65.49 -56.88 84.98
N ILE L 61 -66.64 -56.82 84.32
CA ILE L 61 -67.50 -57.99 84.15
C ILE L 61 -67.81 -58.19 82.67
N LEU L 62 -68.05 -59.44 82.30
CA LEU L 62 -68.48 -59.83 80.96
C LEU L 62 -69.59 -60.86 81.04
N ASP L 63 -70.59 -60.61 81.89
CA ASP L 63 -71.67 -61.58 82.09
C ASP L 63 -72.66 -61.56 80.92
N THR L 64 -73.16 -60.38 80.57
CA THR L 64 -74.06 -60.25 79.44
C THR L 64 -73.31 -59.72 78.22
N ASP L 65 -74.06 -59.38 77.18
CA ASP L 65 -73.47 -58.93 75.92
C ASP L 65 -72.79 -57.58 76.09
N GLY L 66 -71.46 -57.60 76.20
CA GLY L 66 -70.71 -56.37 76.41
C GLY L 66 -69.55 -56.17 75.45
N ASP L 67 -69.11 -57.23 74.79
CA ASP L 67 -67.94 -57.15 73.91
C ASP L 67 -68.23 -57.68 72.50
N LYS L 68 -69.46 -57.56 72.03
CA LYS L 68 -69.76 -57.94 70.66
C LYS L 68 -69.26 -56.88 69.69
N TRP L 69 -68.84 -57.33 68.51
CA TRP L 69 -68.36 -56.41 67.48
C TRP L 69 -69.00 -56.74 66.12
N LYS L 81 -66.74 -46.41 59.32
CA LYS L 81 -66.67 -45.56 58.13
C LYS L 81 -65.56 -46.10 57.21
N ALA L 82 -65.30 -45.40 56.11
CA ALA L 82 -64.22 -45.75 55.20
C ALA L 82 -62.96 -44.99 55.62
N GLU L 83 -61.90 -45.12 54.83
CA GLU L 83 -60.64 -44.46 55.14
C GLU L 83 -60.80 -42.97 54.95
N PHE L 84 -60.37 -42.19 55.95
CA PHE L 84 -60.39 -40.74 55.87
C PHE L 84 -58.95 -40.25 55.76
N GLN L 85 -58.72 -39.28 54.88
CA GLN L 85 -57.36 -38.96 54.44
C GLN L 85 -57.10 -37.47 54.57
N ILE L 86 -55.89 -37.13 55.01
CA ILE L 86 -55.45 -35.75 55.21
C ILE L 86 -54.03 -35.64 54.63
N LEU L 87 -53.92 -35.18 53.39
CA LEU L 87 -52.64 -34.73 52.82
C LEU L 87 -52.57 -33.20 52.89
N ASP L 88 -52.20 -32.69 54.08
CA ASP L 88 -52.17 -31.25 54.26
C ASP L 88 -50.76 -30.75 54.56
N ASN L 89 -50.59 -29.44 54.38
CA ASN L 89 -49.35 -28.76 54.71
C ASN L 89 -49.70 -27.45 55.40
N VAL L 90 -49.17 -27.24 56.60
CA VAL L 90 -49.46 -26.05 57.39
C VAL L 90 -48.15 -25.30 57.64
N ASP L 91 -48.16 -24.00 57.37
CA ASP L 91 -46.96 -23.17 57.44
C ASP L 91 -47.14 -22.15 58.56
N SER L 92 -46.11 -21.98 59.39
CA SER L 92 -46.12 -21.03 60.48
C SER L 92 -44.74 -20.38 60.58
N THR L 93 -44.64 -19.13 60.15
CA THR L 93 -43.37 -18.41 60.17
C THR L 93 -43.54 -17.12 60.95
N GLY L 94 -42.53 -16.73 61.71
CA GLY L 94 -42.62 -15.53 62.53
C GLY L 94 -41.30 -15.00 63.06
N GLU L 95 -41.07 -13.71 62.91
CA GLU L 95 -39.87 -13.06 63.40
C GLU L 95 -40.24 -11.92 64.33
N LEU L 96 -39.85 -12.04 65.59
CA LEU L 96 -40.03 -10.98 66.58
C LEU L 96 -38.66 -10.50 67.00
N ILE L 97 -38.37 -9.22 66.74
CA ILE L 97 -37.08 -8.62 67.06
C ILE L 97 -37.33 -7.24 67.66
N VAL L 98 -36.64 -6.94 68.76
CA VAL L 98 -36.83 -5.72 69.53
C VAL L 98 -35.47 -5.22 70.00
N ARG L 99 -35.26 -3.92 69.91
CA ARG L 99 -34.03 -3.30 70.37
C ARG L 99 -34.31 -2.50 71.64
N LEU L 100 -33.46 -2.67 72.65
CA LEU L 100 -33.59 -2.11 73.98
C LEU L 100 -32.82 -0.80 74.09
N PRO L 101 -33.16 0.04 75.09
CA PRO L 101 -32.36 1.26 75.32
C PRO L 101 -30.92 0.99 75.72
N LYS L 102 -30.58 -0.26 76.04
CA LYS L 102 -29.21 -0.67 76.32
C LYS L 102 -28.50 -1.17 75.07
N GLU L 103 -28.85 -0.64 73.90
CA GLU L 103 -28.37 -1.03 72.58
C GLU L 103 -28.37 -2.54 72.35
N ILE L 104 -29.25 -3.27 73.04
CA ILE L 104 -29.35 -4.71 72.88
C ILE L 104 -30.31 -4.95 71.72
N THR L 105 -29.85 -5.67 70.69
CA THR L 105 -30.67 -5.96 69.52
C THR L 105 -31.25 -7.37 69.68
N ILE L 106 -32.15 -7.54 70.65
CA ILE L 106 -32.77 -8.83 70.94
C ILE L 106 -33.51 -9.28 69.69
N SER L 107 -33.33 -10.53 69.31
CA SER L 107 -33.86 -11.02 68.05
C SER L 107 -34.42 -12.43 68.21
N GLY L 108 -35.35 -12.79 67.33
CA GLY L 108 -35.81 -14.15 67.22
C GLY L 108 -36.59 -14.35 65.94
N SER L 109 -36.35 -15.45 65.22
CA SER L 109 -37.01 -15.73 63.96
C SER L 109 -37.15 -17.23 63.79
N PHE L 110 -38.40 -17.70 63.70
CA PHE L 110 -38.69 -19.12 63.60
C PHE L 110 -39.55 -19.37 62.37
N GLN L 111 -39.46 -20.59 61.83
CA GLN L 111 -40.35 -20.99 60.76
C GLN L 111 -40.52 -22.50 60.79
N GLY L 112 -41.75 -22.94 60.53
CA GLY L 112 -42.07 -24.34 60.51
C GLY L 112 -43.11 -24.71 59.48
N PHE L 113 -42.74 -25.64 58.61
CA PHE L 113 -43.65 -26.19 57.61
C PHE L 113 -43.91 -27.65 57.97
N HIS L 114 -45.16 -27.96 58.27
CA HIS L 114 -45.55 -29.30 58.71
C HIS L 114 -46.33 -29.98 57.60
N HIS L 115 -45.87 -31.18 57.24
CA HIS L 115 -46.56 -31.99 56.25
C HIS L 115 -47.24 -33.14 56.96
N GLN L 116 -48.57 -33.23 56.83
CA GLN L 116 -49.32 -34.28 57.48
C GLN L 116 -49.93 -35.20 56.43
N LYS L 117 -49.66 -36.49 56.60
CA LYS L 117 -50.16 -37.58 55.77
C LYS L 117 -51.11 -38.44 56.60
N ILE L 118 -52.00 -37.78 57.31
CA ILE L 118 -52.81 -38.40 58.35
C ILE L 118 -53.83 -39.34 57.73
N LYS L 119 -53.92 -40.55 58.26
CA LYS L 119 -54.92 -41.52 57.86
C LYS L 119 -55.75 -41.91 59.08
N ILE L 120 -57.06 -42.04 58.87
CA ILE L 120 -58.01 -42.24 59.96
C ILE L 120 -58.99 -43.33 59.58
N SER L 121 -59.27 -44.23 60.53
CA SER L 121 -60.29 -45.27 60.36
C SER L 121 -61.27 -45.17 61.52
N GLU L 122 -62.41 -45.84 61.38
CA GLU L 122 -63.49 -45.73 62.35
C GLU L 122 -64.02 -47.10 62.74
N ASN L 123 -64.15 -47.31 64.05
CA ASN L 123 -64.75 -48.51 64.61
C ASN L 123 -65.99 -48.08 65.39
N ARG L 124 -67.17 -48.43 64.89
CA ARG L 124 -68.43 -47.93 65.42
C ARG L 124 -68.73 -48.58 66.77
N ILE L 125 -69.04 -47.76 67.76
CA ILE L 125 -69.58 -48.22 69.04
C ILE L 125 -70.89 -47.49 69.27
N SER L 126 -71.91 -48.25 69.68
CA SER L 126 -73.25 -47.71 69.80
C SER L 126 -73.33 -46.65 70.89
N GLN L 127 -74.12 -45.61 70.64
CA GLN L 127 -74.28 -44.54 71.64
C GLN L 127 -75.21 -44.98 72.78
N GLN L 128 -76.27 -45.73 72.48
CA GLN L 128 -77.09 -46.30 73.54
C GLN L 128 -76.32 -47.38 74.28
N TYR L 129 -75.27 -47.91 73.67
CA TYR L 129 -74.39 -48.81 74.39
C TYR L 129 -73.72 -48.14 75.57
N LEU L 130 -73.58 -46.81 75.56
CA LEU L 130 -73.09 -46.10 76.74
C LEU L 130 -74.03 -46.30 77.92
N ALA L 131 -75.34 -46.12 77.69
CA ALA L 131 -76.33 -46.40 78.71
C ALA L 131 -76.33 -47.87 79.12
N THR L 132 -76.16 -48.77 78.16
CA THR L 132 -75.95 -50.17 78.51
C THR L 132 -74.75 -50.35 79.43
N LEU L 133 -73.71 -49.54 79.25
CA LEU L 133 -72.52 -49.62 80.09
C LEU L 133 -72.81 -49.14 81.50
N GLU L 134 -73.56 -48.05 81.65
CA GLU L 134 -73.99 -47.71 83.01
C GLU L 134 -74.92 -48.76 83.60
N ASN L 135 -75.66 -49.49 82.76
CA ASN L 135 -76.48 -50.59 83.24
C ASN L 135 -75.64 -51.78 83.73
N ARG L 136 -74.36 -51.83 83.38
CA ARG L 136 -73.48 -52.87 83.90
C ARG L 136 -73.31 -52.72 85.41
N LYS L 137 -73.06 -53.85 86.08
CA LYS L 137 -72.75 -53.83 87.50
C LYS L 137 -71.28 -53.47 87.71
N LEU L 138 -71.04 -52.29 88.28
CA LEU L 138 -69.68 -51.81 88.49
C LEU L 138 -69.13 -52.41 89.78
N LYS L 139 -68.22 -53.39 89.63
CA LYS L 139 -67.57 -54.01 90.77
C LYS L 139 -66.27 -54.66 90.34
N ARG L 140 -65.16 -54.19 90.90
CA ARG L 140 -63.83 -54.69 90.55
C ARG L 140 -62.89 -54.42 91.71
N GLU L 141 -62.15 -55.46 92.10
CA GLU L 141 -61.20 -55.38 93.19
C GLU L 141 -59.77 -55.23 92.67
N LEU L 142 -59.62 -54.75 91.45
CA LEU L 142 -58.29 -54.43 90.94
C LEU L 142 -57.70 -53.29 91.76
N PRO L 143 -56.40 -53.32 92.01
CA PRO L 143 -55.80 -52.27 92.85
C PRO L 143 -55.77 -50.91 92.16
N PHE L 144 -56.93 -50.26 92.09
CA PHE L 144 -57.01 -48.88 91.62
C PHE L 144 -57.81 -47.97 92.54
N SER L 145 -58.54 -48.50 93.52
CA SER L 145 -59.37 -47.67 94.37
C SER L 145 -58.56 -46.68 95.19
N PHE L 146 -57.46 -47.14 95.80
CA PHE L 146 -56.67 -46.26 96.66
C PHE L 146 -56.13 -45.07 95.88
N ARG L 147 -55.47 -45.33 94.76
CA ARG L 147 -54.89 -44.25 93.97
C ARG L 147 -55.96 -43.39 93.31
N SER L 148 -57.07 -44.00 92.88
CA SER L 148 -58.15 -43.22 92.28
C SER L 148 -58.77 -42.26 93.29
N ILE L 149 -58.97 -42.71 94.54
CA ILE L 149 -59.48 -41.81 95.57
C ILE L 149 -58.44 -40.76 95.95
N ASN L 150 -57.15 -41.13 95.96
CA ASN L 150 -56.11 -40.14 96.26
C ASN L 150 -56.08 -39.04 95.21
N THR L 151 -56.24 -39.40 93.94
CA THR L 151 -56.20 -38.42 92.85
C THR L 151 -57.48 -37.60 92.75
N ARG L 152 -58.64 -38.27 92.76
CA ARG L 152 -59.94 -37.66 92.53
C ARG L 152 -59.99 -36.85 91.23
N GLU L 153 -59.61 -37.48 90.11
CA GLU L 153 -59.59 -36.80 88.83
C GLU L 153 -60.96 -36.79 88.15
N ASN L 154 -61.97 -37.41 88.79
CA ASN L 154 -63.30 -37.64 88.22
C ASN L 154 -63.24 -37.98 86.72
N LEU L 155 -62.56 -39.09 86.44
CA LEU L 155 -62.23 -39.56 85.09
C LEU L 155 -63.42 -39.48 84.14
N TYR L 156 -63.12 -39.23 82.86
CA TYR L 156 -64.11 -39.31 81.80
C TYR L 156 -63.71 -40.37 80.79
N LEU L 157 -64.66 -40.75 79.94
CA LEU L 157 -64.45 -41.75 78.91
C LEU L 157 -64.56 -41.12 77.54
N VAL L 158 -64.50 -41.95 76.51
CA VAL L 158 -64.54 -41.49 75.13
C VAL L 158 -65.85 -41.91 74.50
N THR L 159 -66.26 -41.18 73.46
CA THR L 159 -67.54 -41.46 72.82
C THR L 159 -67.45 -42.60 71.81
N GLU L 160 -66.61 -42.42 70.78
CA GLU L 160 -66.54 -43.38 69.69
C GLU L 160 -65.08 -43.64 69.35
N THR L 161 -64.78 -44.84 68.86
CA THR L 161 -63.41 -45.22 68.55
C THR L 161 -62.92 -44.51 67.29
N LEU L 162 -61.90 -43.67 67.44
CA LEU L 162 -61.30 -42.95 66.32
C LEU L 162 -59.93 -43.58 66.07
N GLU L 163 -59.88 -44.52 65.13
CA GLU L 163 -58.69 -45.32 64.88
C GLU L 163 -57.94 -44.79 63.65
N THR L 164 -56.70 -45.23 63.50
CA THR L 164 -55.84 -44.80 62.40
C THR L 164 -55.20 -46.01 61.76
N VAL L 165 -54.96 -45.95 60.45
CA VAL L 165 -54.09 -46.88 59.77
C VAL L 165 -53.15 -46.08 58.86
N LYS L 166 -52.01 -45.66 59.40
CA LYS L 166 -51.20 -44.59 58.86
C LYS L 166 -49.88 -45.11 58.30
N GLU L 167 -49.25 -44.31 57.46
CA GLU L 167 -47.83 -44.47 57.17
C GLU L 167 -47.01 -43.68 58.17
N GLU L 168 -45.69 -43.80 58.06
CA GLU L 168 -44.76 -43.33 59.08
C GLU L 168 -44.31 -41.88 58.86
N THR L 169 -45.15 -40.92 58.50
CA THR L 169 -44.63 -39.67 57.93
C THR L 169 -45.28 -38.43 58.53
N LEU L 170 -44.53 -37.69 59.35
CA LEU L 170 -44.79 -36.29 59.67
C LEU L 170 -43.47 -35.52 59.66
N LYS L 171 -43.55 -34.22 59.36
CA LYS L 171 -42.38 -33.35 59.29
C LYS L 171 -42.62 -32.09 60.11
N SER L 172 -41.53 -31.35 60.36
CA SER L 172 -41.57 -30.13 61.17
C SER L 172 -40.23 -29.37 61.08
N ASP L 173 -40.24 -28.09 61.44
CA ASP L 173 -39.00 -27.31 61.41
C ASP L 173 -39.12 -26.07 62.30
N ARG L 174 -38.00 -25.56 62.82
CA ARG L 174 -37.94 -24.25 63.44
C ARG L 174 -36.53 -23.69 63.30
N GLN L 175 -36.44 -22.37 63.46
CA GLN L 175 -35.20 -21.61 63.33
C GLN L 175 -35.20 -20.59 64.45
N TYR L 176 -34.04 -20.03 64.75
CA TYR L 176 -33.99 -18.96 65.72
C TYR L 176 -32.71 -18.16 65.52
N LYS L 177 -32.80 -16.85 65.75
CA LYS L 177 -31.68 -15.95 65.51
C LYS L 177 -31.78 -14.80 66.49
N PHE L 178 -30.80 -14.67 67.37
CA PHE L 178 -30.80 -13.68 68.44
C PHE L 178 -29.46 -12.94 68.46
N TRP L 179 -29.52 -11.61 68.54
CA TRP L 179 -28.33 -10.78 68.64
C TRP L 179 -28.40 -9.96 69.91
N SER L 180 -27.26 -9.39 70.31
CA SER L 180 -27.25 -8.54 71.49
C SER L 180 -25.98 -7.69 71.53
N GLN L 181 -26.08 -6.59 72.29
CA GLN L 181 -24.98 -5.65 72.47
C GLN L 181 -25.26 -4.85 73.75
N ILE L 182 -24.44 -5.04 74.78
CA ILE L 182 -24.66 -4.36 76.05
C ILE L 182 -23.67 -3.21 76.22
N SER L 183 -22.38 -3.47 76.05
CA SER L 183 -21.35 -2.43 76.10
C SER L 183 -20.36 -2.64 74.95
N GLN L 184 -20.72 -2.07 73.80
CA GLN L 184 -20.02 -2.24 72.52
C GLN L 184 -19.67 -3.70 72.25
N GLY L 185 -20.44 -4.63 72.82
CA GLY L 185 -20.14 -6.04 72.68
C GLY L 185 -21.00 -6.73 71.65
N HIS L 186 -20.36 -7.29 70.63
CA HIS L 186 -21.05 -8.06 69.60
C HIS L 186 -21.61 -9.35 70.18
N LEU L 187 -22.82 -9.73 69.81
CA LEU L 187 -23.31 -11.09 70.03
C LEU L 187 -24.27 -11.50 68.92
N SER L 188 -23.91 -12.56 68.20
CA SER L 188 -24.74 -13.13 67.15
C SER L 188 -25.00 -14.60 67.50
N TYR L 189 -26.22 -15.06 67.24
CA TYR L 189 -26.69 -16.36 67.71
C TYR L 189 -27.65 -16.92 66.67
N LYS L 190 -27.37 -18.10 66.15
CA LYS L 190 -28.25 -18.68 65.13
C LYS L 190 -28.42 -20.17 65.36
N HIS L 191 -29.55 -20.69 64.90
CA HIS L 191 -29.90 -22.09 65.09
C HIS L 191 -30.96 -22.49 64.07
N LYS L 192 -30.78 -23.67 63.46
CA LYS L 192 -31.73 -24.21 62.48
C LYS L 192 -31.96 -25.68 62.79
N GLY L 193 -33.11 -26.01 63.39
CA GLY L 193 -33.43 -27.38 63.74
C GLY L 193 -34.67 -27.86 63.02
N GLN L 194 -34.48 -28.83 62.12
CA GLN L 194 -35.56 -29.45 61.37
C GLN L 194 -35.78 -30.85 61.90
N ARG L 195 -37.03 -31.21 62.14
CA ARG L 195 -37.38 -32.49 62.73
C ARG L 195 -38.39 -33.21 61.84
N GLU L 196 -38.54 -34.51 62.08
CA GLU L 196 -39.53 -35.31 61.39
C GLU L 196 -39.68 -36.62 62.15
N VAL L 197 -40.87 -37.20 62.09
CA VAL L 197 -41.21 -38.36 62.90
C VAL L 197 -41.85 -39.43 62.03
N THR L 198 -41.46 -40.68 62.28
CA THR L 198 -42.07 -41.84 61.66
C THR L 198 -43.33 -42.18 62.43
N ILE L 199 -44.48 -42.00 61.79
CA ILE L 199 -45.78 -42.23 62.41
C ILE L 199 -46.30 -43.62 62.10
N PRO L 200 -46.66 -44.40 63.11
CA PRO L 200 -47.02 -45.80 62.92
C PRO L 200 -48.51 -45.98 62.65
N PRO L 201 -48.90 -47.12 62.04
CA PRO L 201 -50.26 -47.24 61.51
C PRO L 201 -51.43 -47.14 62.49
N ASN L 202 -51.52 -48.06 63.45
CA ASN L 202 -52.78 -48.28 64.19
C ASN L 202 -52.69 -47.67 65.58
N ARG L 203 -52.93 -46.37 65.67
CA ARG L 203 -52.81 -45.65 66.93
C ARG L 203 -53.99 -44.69 67.09
N VAL L 204 -54.13 -44.14 68.29
CA VAL L 204 -55.24 -43.26 68.63
C VAL L 204 -54.68 -41.87 68.94
N LEU L 205 -55.29 -40.85 68.34
CA LEU L 205 -54.86 -39.47 68.50
C LEU L 205 -55.85 -38.59 69.24
N SER L 206 -57.13 -38.62 68.89
CA SER L 206 -58.10 -37.72 69.48
C SER L 206 -59.24 -38.52 70.10
N TYR L 207 -59.77 -37.99 71.19
CA TYR L 207 -60.76 -38.71 71.99
C TYR L 207 -61.79 -37.69 72.51
N ARG L 208 -62.77 -38.20 73.26
CA ARG L 208 -63.89 -37.38 73.73
C ARG L 208 -63.99 -37.39 75.25
N VAL L 209 -64.97 -36.67 75.79
CA VAL L 209 -65.16 -36.52 77.23
C VAL L 209 -66.60 -36.87 77.58
N LYS L 210 -66.77 -37.72 78.59
CA LYS L 210 -68.08 -38.01 79.17
C LYS L 210 -67.89 -38.34 80.64
N GLN L 211 -68.42 -37.50 81.51
CA GLN L 211 -68.11 -37.53 82.94
C GLN L 211 -68.77 -38.72 83.61
N LEU L 212 -68.03 -39.38 84.51
CA LEU L 212 -68.55 -40.45 85.33
C LEU L 212 -68.28 -40.14 86.80
N VAL L 213 -69.28 -40.37 87.65
CA VAL L 213 -69.17 -40.24 89.09
C VAL L 213 -69.24 -41.63 89.70
N PHE L 214 -68.37 -41.88 90.68
CA PHE L 214 -68.20 -43.22 91.22
C PHE L 214 -68.52 -43.27 92.71
N PRO L 215 -69.78 -43.53 93.08
CA PRO L 215 -70.03 -44.03 94.42
C PRO L 215 -69.42 -45.42 94.57
N ASN L 216 -69.05 -45.75 95.81
CA ASN L 216 -68.17 -46.91 96.04
C ASN L 216 -68.80 -48.20 95.53
N LYS L 217 -70.13 -48.29 95.48
CA LYS L 217 -70.80 -49.48 94.99
C LYS L 217 -71.16 -49.39 93.51
N GLU L 218 -71.98 -48.42 93.14
CA GLU L 218 -72.48 -48.29 91.77
C GLU L 218 -72.28 -46.85 91.29
N THR L 219 -72.04 -46.71 89.99
CA THR L 219 -71.66 -45.43 89.40
C THR L 219 -72.86 -44.74 88.76
N MET L 220 -72.62 -43.49 88.32
CA MET L 220 -73.61 -42.70 87.62
C MET L 220 -72.85 -41.79 86.64
N SER L 221 -73.58 -41.11 85.76
CA SER L 221 -72.95 -40.34 84.71
C SER L 221 -73.25 -38.85 84.80
N ALA L 222 -72.57 -38.09 83.95
CA ALA L 222 -72.76 -36.65 83.77
C ALA L 222 -72.33 -36.35 82.34
N GLY L 223 -73.24 -35.80 81.55
CA GLY L 223 -73.18 -35.96 80.11
C GLY L 223 -72.06 -35.23 79.38
N LEU L 224 -72.16 -33.90 79.29
CA LEU L 224 -71.49 -33.15 78.24
C LEU L 224 -70.17 -32.56 78.75
N ASP L 225 -69.06 -33.09 78.24
CA ASP L 225 -67.74 -32.45 78.23
C ASP L 225 -67.44 -31.70 79.53
N ILE L 226 -67.60 -32.39 80.65
CA ILE L 226 -67.30 -31.84 81.96
C ILE L 226 -65.83 -32.12 82.27
N HIS L 227 -64.95 -31.24 81.80
CA HIS L 227 -63.54 -31.30 82.11
C HIS L 227 -63.17 -30.33 83.23
N PHE L 228 -64.15 -29.61 83.77
CA PHE L 228 -63.97 -28.79 84.96
C PHE L 228 -64.18 -29.71 86.16
N ARG L 229 -63.09 -30.10 86.80
CA ARG L 229 -63.08 -31.25 87.69
C ARG L 229 -63.53 -30.84 89.09
N GLY L 230 -64.69 -31.32 89.50
CA GLY L 230 -65.10 -31.28 90.89
C GLY L 230 -66.07 -32.38 91.23
N LYS L 231 -65.72 -33.22 92.21
CA LYS L 231 -66.53 -34.34 92.64
C LYS L 231 -66.05 -34.79 94.02
N THR L 232 -66.98 -35.22 94.86
CA THR L 232 -66.68 -35.65 96.23
C THR L 232 -66.59 -37.16 96.35
N LYS L 233 -66.26 -37.88 95.28
CA LYS L 233 -66.15 -39.33 95.33
C LYS L 233 -64.91 -39.75 96.12
N PHE M 2 -59.51 -18.91 59.52
CA PHE M 2 -58.57 -20.01 59.35
C PHE M 2 -59.34 -21.32 59.26
N SER M 3 -60.61 -21.29 59.65
CA SER M 3 -61.48 -22.42 59.37
C SER M 3 -61.79 -22.49 57.89
N VAL M 4 -61.86 -23.72 57.37
CA VAL M 4 -62.24 -23.94 55.98
C VAL M 4 -63.61 -24.59 55.83
N PHE M 5 -64.05 -25.38 56.81
CA PHE M 5 -65.23 -26.21 56.70
C PHE M 5 -66.52 -25.42 56.83
N GLU M 6 -66.47 -24.27 57.50
CA GLU M 6 -67.63 -23.37 57.50
C GLU M 6 -67.73 -22.63 56.18
N GLU M 7 -66.59 -22.43 55.51
CA GLU M 7 -66.59 -21.65 54.27
C GLU M 7 -67.38 -22.35 53.16
N ILE M 8 -67.13 -23.63 52.93
CA ILE M 8 -67.80 -24.34 51.84
C ILE M 8 -69.31 -24.41 52.10
N THR M 9 -69.68 -24.68 53.35
CA THR M 9 -71.08 -24.58 53.73
C THR M 9 -71.62 -23.18 53.48
N ARG M 10 -70.79 -22.15 53.60
CA ARG M 10 -71.27 -20.80 53.33
C ARG M 10 -71.34 -20.50 51.83
N ILE M 11 -70.56 -21.18 50.99
CA ILE M 11 -70.86 -21.10 49.55
C ILE M 11 -72.23 -21.70 49.28
N VAL M 12 -72.55 -22.82 49.92
CA VAL M 12 -73.90 -23.36 49.81
C VAL M 12 -74.92 -22.35 50.30
N VAL M 13 -74.65 -21.73 51.45
CA VAL M 13 -75.55 -20.74 52.02
C VAL M 13 -75.75 -19.58 51.06
N LYS M 14 -74.67 -19.08 50.46
CA LYS M 14 -74.77 -17.96 49.52
C LYS M 14 -75.55 -18.35 48.28
N GLU M 15 -75.33 -19.57 47.78
CA GLU M 15 -76.13 -20.07 46.66
C GLU M 15 -77.61 -20.19 47.03
N MET M 16 -77.93 -20.21 48.32
CA MET M 16 -79.30 -19.96 48.78
C MET M 16 -79.69 -18.49 48.92
N ASP M 17 -78.98 -17.72 49.73
CA ASP M 17 -79.31 -16.35 50.09
C ASP M 17 -78.12 -15.73 50.79
N ALA M 18 -78.08 -14.40 50.84
CA ALA M 18 -76.99 -13.66 51.45
C ALA M 18 -77.09 -13.78 52.96
N GLY M 19 -76.54 -14.86 53.51
CA GLY M 19 -76.58 -15.09 54.94
C GLY M 19 -77.96 -15.21 55.53
N GLY M 20 -78.92 -15.79 54.80
CA GLY M 20 -80.30 -15.77 55.25
C GLY M 20 -80.80 -17.07 55.83
N ASP M 21 -81.63 -17.78 55.04
CA ASP M 21 -82.30 -18.97 55.55
C ASP M 21 -81.31 -20.08 55.89
N MET M 22 -80.41 -20.40 54.96
CA MET M 22 -79.77 -21.70 54.97
C MET M 22 -78.70 -21.72 56.08
N ILE M 23 -78.46 -22.90 56.67
CA ILE M 23 -77.62 -23.01 57.86
C ILE M 23 -76.46 -23.96 57.59
N ALA M 24 -75.35 -23.71 58.30
CA ALA M 24 -74.07 -24.37 58.09
C ALA M 24 -73.65 -25.18 59.31
N VAL M 25 -72.70 -26.09 59.10
CA VAL M 25 -72.22 -27.02 60.14
C VAL M 25 -70.70 -26.87 60.21
N ARG M 26 -70.11 -27.28 61.34
CA ARG M 26 -68.69 -27.03 61.59
C ARG M 26 -67.78 -28.14 61.09
N SER M 27 -68.18 -29.40 61.24
CA SER M 27 -67.32 -30.54 60.88
C SER M 27 -68.14 -31.78 60.58
N LEU M 28 -67.45 -32.84 60.14
CA LEU M 28 -68.08 -33.94 59.45
C LEU M 28 -67.61 -35.31 59.94
N VAL M 29 -67.52 -35.50 61.25
CA VAL M 29 -67.55 -36.86 61.79
C VAL M 29 -68.98 -37.25 62.13
N ASP M 30 -69.70 -36.36 62.78
CA ASP M 30 -71.11 -36.58 63.09
C ASP M 30 -72.01 -35.76 62.16
N ALA M 31 -71.44 -35.19 61.09
CA ALA M 31 -72.26 -34.48 60.11
C ALA M 31 -72.96 -35.47 59.19
N ASP M 32 -72.29 -36.57 58.84
CA ASP M 32 -72.98 -37.64 58.15
C ASP M 32 -74.15 -38.17 58.97
N ARG M 33 -74.10 -37.99 60.29
CA ARG M 33 -75.19 -38.36 61.18
C ARG M 33 -75.96 -37.10 61.58
N PHE M 34 -75.67 -35.97 60.96
CA PHE M 34 -76.51 -34.77 61.08
C PHE M 34 -77.61 -34.79 60.02
N ARG M 35 -78.28 -35.93 59.94
CA ARG M 35 -79.44 -36.12 59.10
C ARG M 35 -80.66 -35.61 59.87
N CYS M 36 -81.86 -35.97 59.40
CA CYS M 36 -83.07 -35.55 60.08
C CYS M 36 -83.12 -36.11 61.50
N PHE M 37 -83.94 -35.46 62.34
CA PHE M 37 -84.16 -35.88 63.73
C PHE M 37 -82.94 -35.69 64.62
N HIS M 38 -82.23 -34.57 64.46
CA HIS M 38 -80.95 -34.39 65.13
C HIS M 38 -80.80 -32.94 65.57
N LEU M 39 -79.92 -32.72 66.55
CA LEU M 39 -79.91 -31.50 67.35
C LEU M 39 -78.78 -30.57 66.96
N VAL M 40 -78.79 -29.39 67.59
CA VAL M 40 -77.72 -28.42 67.50
C VAL M 40 -77.47 -27.86 68.90
N GLY M 41 -76.34 -27.18 69.07
CA GLY M 41 -75.99 -26.56 70.33
C GLY M 41 -76.51 -25.14 70.45
N GLU M 42 -76.30 -24.56 71.64
CA GLU M 42 -76.71 -23.20 71.90
C GLU M 42 -75.84 -22.21 71.13
N LYS M 43 -76.39 -21.01 70.91
CA LYS M 43 -75.79 -20.03 70.02
C LYS M 43 -75.16 -18.90 70.83
N ARG M 44 -73.93 -18.53 70.48
CA ARG M 44 -73.25 -17.36 70.97
C ARG M 44 -72.75 -16.53 69.81
N THR M 45 -72.44 -15.26 70.08
CA THR M 45 -72.09 -14.31 69.03
C THR M 45 -70.62 -13.88 69.12
N PHE M 46 -69.75 -14.77 69.59
CA PHE M 46 -68.33 -14.46 69.62
C PHE M 46 -67.69 -14.84 68.29
N PHE M 47 -66.85 -13.93 67.77
CA PHE M 47 -66.17 -14.11 66.49
C PHE M 47 -67.17 -14.44 65.39
N GLY M 48 -68.17 -13.56 65.27
CA GLY M 48 -69.23 -13.76 64.30
C GLY M 48 -70.21 -14.84 64.76
N CYS M 49 -71.02 -15.30 63.81
CA CYS M 49 -71.98 -16.35 64.09
C CYS M 49 -71.28 -17.70 64.28
N ARG M 50 -71.15 -18.13 65.53
CA ARG M 50 -70.48 -19.39 65.85
C ARG M 50 -71.22 -20.03 67.01
N HIS M 51 -71.89 -21.15 66.75
CA HIS M 51 -72.73 -21.82 67.72
C HIS M 51 -72.07 -23.13 68.15
N TYR M 52 -72.70 -23.81 69.11
CA TYR M 52 -72.26 -25.11 69.58
C TYR M 52 -73.02 -26.20 68.82
N THR M 53 -72.66 -27.45 69.11
CA THR M 53 -73.26 -28.56 68.37
C THR M 53 -73.27 -29.82 69.21
N THR M 54 -74.37 -30.58 69.12
CA THR M 54 -74.50 -31.89 69.74
C THR M 54 -75.47 -32.70 68.90
N GLY M 55 -75.07 -33.93 68.54
CA GLY M 55 -75.76 -34.65 67.49
C GLY M 55 -76.39 -35.99 67.81
N LEU M 56 -77.05 -36.13 68.95
CA LEU M 56 -77.73 -37.38 69.29
C LEU M 56 -78.99 -37.55 68.46
N THR M 57 -79.68 -38.68 68.69
CA THR M 57 -80.78 -39.13 67.84
C THR M 57 -82.11 -38.92 68.54
N LEU M 58 -83.21 -39.08 67.79
CA LEU M 58 -84.53 -38.83 68.36
C LEU M 58 -85.55 -39.92 68.01
N MET M 59 -85.22 -40.86 67.12
CA MET M 59 -86.20 -41.86 66.72
C MET M 59 -86.63 -42.68 67.93
N ASP M 60 -87.95 -42.84 68.12
CA ASP M 60 -88.49 -43.59 69.24
C ASP M 60 -89.29 -44.81 68.80
N ILE M 61 -90.26 -44.63 67.90
CA ILE M 61 -91.21 -45.68 67.55
C ILE M 61 -91.20 -45.90 66.04
N LEU M 62 -91.53 -47.13 65.64
CA LEU M 62 -91.71 -47.51 64.25
C LEU M 62 -92.95 -48.39 64.10
N ASP M 63 -94.06 -47.97 64.69
CA ASP M 63 -95.28 -48.77 64.65
C ASP M 63 -95.97 -48.67 63.28
N THR M 64 -96.21 -47.46 62.81
CA THR M 64 -96.81 -47.26 61.50
C THR M 64 -95.74 -46.89 60.48
N ASP M 65 -96.19 -46.49 59.29
CA ASP M 65 -95.28 -46.19 58.19
C ASP M 65 -94.46 -44.94 58.50
N GLY M 66 -93.21 -45.12 58.91
CA GLY M 66 -92.36 -44.00 59.26
C GLY M 66 -91.00 -44.00 58.59
N ASP M 67 -90.57 -45.14 58.06
CA ASP M 67 -89.24 -45.25 57.47
C ASP M 67 -89.27 -45.80 56.04
N LYS M 68 -90.35 -45.53 55.30
CA LYS M 68 -90.38 -45.94 53.90
C LYS M 68 -89.54 -45.00 53.05
N TRP M 69 -88.93 -45.56 52.00
CA TRP M 69 -88.12 -44.76 51.09
C TRP M 69 -88.47 -45.07 49.64
N LYS M 81 -83.33 -35.44 43.37
CA LYS M 81 -82.88 -34.67 42.22
C LYS M 81 -81.69 -35.39 41.59
N ALA M 82 -81.09 -34.78 40.57
CA ALA M 82 -79.90 -35.31 39.92
C ALA M 82 -78.66 -34.70 40.60
N GLU M 83 -77.48 -35.02 40.08
CA GLU M 83 -76.25 -34.52 40.67
C GLU M 83 -76.14 -33.01 40.42
N PHE M 84 -75.85 -32.27 41.47
CA PHE M 84 -75.64 -30.83 41.38
C PHE M 84 -74.16 -30.55 41.59
N GLN M 85 -73.61 -29.64 40.77
CA GLN M 85 -72.16 -29.53 40.64
C GLN M 85 -71.73 -28.09 40.81
N ILE M 86 -70.61 -27.90 41.51
CA ILE M 86 -70.03 -26.58 41.78
C ILE M 86 -68.52 -26.68 41.54
N LEU M 87 -68.07 -26.29 40.35
CA LEU M 87 -66.66 -26.04 40.07
C LEU M 87 -66.39 -24.54 40.15
N ASP M 88 -66.22 -24.04 41.36
CA ASP M 88 -66.03 -22.60 41.54
C ASP M 88 -64.66 -22.28 42.14
N ASN M 89 -64.28 -21.02 41.99
CA ASN M 89 -63.07 -20.49 42.58
C ASN M 89 -63.38 -19.11 43.15
N VAL M 90 -63.10 -18.92 44.44
CA VAL M 90 -63.37 -17.67 45.13
C VAL M 90 -62.07 -17.10 45.66
N ASP M 91 -61.83 -15.82 45.37
CA ASP M 91 -60.58 -15.15 45.70
C ASP M 91 -60.86 -14.06 46.74
N SER M 92 -60.03 -14.00 47.77
CA SER M 92 -60.15 -13.00 48.82
C SER M 92 -58.75 -12.53 49.22
N THR M 93 -58.38 -11.33 48.81
CA THR M 93 -57.06 -10.79 49.11
C THR M 93 -57.22 -9.45 49.81
N GLY M 94 -56.36 -9.18 50.78
CA GLY M 94 -56.45 -7.94 51.53
C GLY M 94 -55.23 -7.57 52.34
N GLU M 95 -54.79 -6.32 52.22
CA GLU M 95 -53.65 -5.81 52.97
C GLU M 95 -54.06 -4.59 53.77
N LEU M 96 -53.97 -4.70 55.09
CA LEU M 96 -54.23 -3.59 55.99
C LEU M 96 -52.92 -3.27 56.72
N ILE M 97 -52.41 -2.06 56.51
CA ILE M 97 -51.17 -1.62 57.11
C ILE M 97 -51.33 -0.19 57.61
N VAL M 98 -50.87 0.06 58.84
CA VAL M 98 -51.07 1.32 59.52
C VAL M 98 -49.78 1.66 60.28
N ARG M 99 -49.37 2.92 60.22
CA ARG M 99 -48.20 3.40 60.94
C ARG M 99 -48.65 4.29 62.10
N LEU M 100 -48.08 4.05 63.28
CA LEU M 100 -48.42 4.68 64.54
C LEU M 100 -47.53 5.88 64.81
N PRO M 101 -47.94 6.81 65.69
CA PRO M 101 -47.06 7.91 66.08
C PRO M 101 -45.80 7.47 66.80
N LYS M 102 -45.71 6.20 67.21
CA LYS M 102 -44.51 5.63 67.79
C LYS M 102 -43.61 4.99 66.74
N GLU M 103 -43.63 5.49 65.52
CA GLU M 103 -42.92 5.00 64.34
C GLU M 103 -43.09 3.49 64.14
N ILE M 104 -44.18 2.91 64.62
CA ILE M 104 -44.44 1.49 64.46
C ILE M 104 -45.16 1.32 63.12
N THR M 105 -44.58 0.50 62.24
CA THR M 105 -45.14 0.26 60.91
C THR M 105 -45.94 -1.04 60.95
N ILE M 106 -47.05 -1.04 61.70
CA ILE M 106 -47.89 -2.22 61.86
C ILE M 106 -48.39 -2.62 60.48
N SER M 107 -48.30 -3.91 60.17
CA SER M 107 -48.60 -4.39 58.82
C SER M 107 -49.37 -5.69 58.88
N GLY M 108 -50.13 -5.96 57.82
CA GLY M 108 -50.74 -7.26 57.62
C GLY M 108 -51.23 -7.41 56.20
N SER M 109 -51.00 -8.57 55.57
CA SER M 109 -51.40 -8.80 54.20
C SER M 109 -51.71 -10.28 54.02
N PHE M 110 -52.95 -10.59 53.67
CA PHE M 110 -53.41 -11.96 53.52
C PHE M 110 -54.00 -12.15 52.13
N GLN M 111 -53.96 -13.38 51.64
CA GLN M 111 -54.64 -13.71 50.40
C GLN M 111 -55.02 -15.19 50.41
N GLY M 112 -56.21 -15.47 49.89
CA GLY M 112 -56.71 -16.82 49.82
C GLY M 112 -57.53 -17.10 48.58
N PHE M 113 -57.12 -18.10 47.83
CA PHE M 113 -57.85 -18.58 46.66
C PHE M 113 -58.38 -19.97 46.96
N HIS M 114 -59.70 -20.11 46.98
CA HIS M 114 -60.37 -21.34 47.34
C HIS M 114 -60.97 -21.98 46.10
N HIS M 115 -60.61 -23.23 45.86
CA HIS M 115 -61.16 -23.99 44.76
C HIS M 115 -62.14 -25.01 45.31
N GLN M 116 -63.40 -24.92 44.88
CA GLN M 116 -64.42 -25.83 45.37
C GLN M 116 -64.90 -26.70 44.22
N LYS M 117 -64.86 -28.01 44.45
CA LYS M 117 -65.32 -29.07 43.55
C LYS M 117 -66.53 -29.75 44.16
N ILE M 118 -67.46 -28.94 44.64
CA ILE M 118 -68.55 -29.41 45.48
C ILE M 118 -69.54 -30.23 44.66
N LYS M 119 -69.91 -31.39 45.18
CA LYS M 119 -70.92 -32.25 44.57
C LYS M 119 -72.05 -32.46 45.57
N ILE M 120 -73.29 -32.42 45.06
CA ILE M 120 -74.47 -32.44 45.92
C ILE M 120 -75.48 -33.42 45.34
N SER M 121 -76.09 -34.23 46.21
CA SER M 121 -77.18 -35.12 45.85
C SER M 121 -78.37 -34.84 46.75
N GLU M 122 -79.54 -35.36 46.36
CA GLU M 122 -80.77 -35.07 47.05
C GLU M 122 -81.57 -36.33 47.33
N ASN M 123 -82.01 -36.45 48.58
CA ASN M 123 -82.89 -37.54 49.01
C ASN M 123 -84.19 -36.92 49.49
N ARG M 124 -85.26 -37.13 48.73
CA ARG M 124 -86.54 -36.44 48.96
C ARG M 124 -87.21 -36.99 50.21
N ILE M 125 -87.61 -36.09 51.10
CA ILE M 125 -88.48 -36.41 52.22
C ILE M 125 -89.71 -35.51 52.14
N SER M 126 -90.88 -36.11 52.33
CA SER M 126 -92.13 -35.39 52.12
C SER M 126 -92.30 -34.28 53.15
N GLN M 127 -92.87 -33.15 52.72
CA GLN M 127 -93.10 -32.04 53.64
C GLN M 127 -94.30 -32.29 54.54
N GLN M 128 -95.36 -32.90 54.02
CA GLN M 128 -96.47 -33.31 54.88
C GLN M 128 -96.05 -34.45 55.79
N TYR M 129 -94.97 -35.14 55.44
CA TYR M 129 -94.40 -36.13 56.35
C TYR M 129 -93.93 -35.49 57.64
N LEU M 130 -93.61 -34.19 57.64
CA LEU M 130 -93.29 -33.49 58.89
C LEU M 130 -94.49 -33.52 59.83
N ALA M 131 -95.67 -33.17 59.31
CA ALA M 131 -96.90 -33.27 60.08
C ALA M 131 -97.19 -34.70 60.50
N THR M 132 -96.94 -35.67 59.63
CA THR M 132 -97.02 -37.08 60.03
C THR M 132 -96.09 -37.38 61.20
N LEU M 133 -94.93 -36.71 61.25
CA LEU M 133 -93.98 -36.91 62.33
C LEU M 133 -94.51 -36.33 63.65
N GLU M 134 -95.11 -35.15 63.60
CA GLU M 134 -95.78 -34.69 64.82
C GLU M 134 -96.96 -35.59 65.20
N ASN M 135 -97.59 -36.24 64.23
CA ASN M 135 -98.63 -37.20 64.52
C ASN M 135 -98.11 -38.47 65.21
N ARG M 136 -96.80 -38.71 65.16
CA ARG M 136 -96.21 -39.82 65.88
C ARG M 136 -96.38 -39.62 67.39
N LYS M 137 -96.43 -40.75 68.11
CA LYS M 137 -96.44 -40.71 69.56
C LYS M 137 -95.03 -40.54 70.10
N LEU M 138 -94.75 -39.38 70.69
CA LEU M 138 -93.42 -39.07 71.20
C LEU M 138 -93.26 -39.68 72.58
N LYS M 139 -92.50 -40.77 72.66
CA LYS M 139 -92.20 -41.43 73.92
C LYS M 139 -90.94 -42.26 73.81
N ARG M 140 -89.92 -41.92 74.60
CA ARG M 140 -88.63 -42.61 74.57
C ARG M 140 -87.95 -42.42 75.90
N GLU M 141 -87.46 -43.53 76.46
CA GLU M 141 -86.78 -43.53 77.75
C GLU M 141 -85.26 -43.60 77.57
N LEU M 142 -84.78 -43.19 76.40
CA LEU M 142 -83.34 -43.07 76.20
C LEU M 142 -82.80 -41.98 77.11
N PRO M 143 -81.60 -42.17 77.66
CA PRO M 143 -81.06 -41.17 78.59
C PRO M 143 -80.69 -39.86 77.91
N PHE M 144 -81.70 -39.07 77.57
CA PHE M 144 -81.48 -37.71 77.08
C PHE M 144 -82.33 -36.67 77.77
N SER M 145 -83.32 -37.05 78.58
CA SER M 145 -84.21 -36.07 79.20
C SER M 145 -83.47 -35.16 80.18
N PHE M 146 -82.60 -35.73 81.02
CA PHE M 146 -81.91 -34.94 82.02
C PHE M 146 -81.04 -33.87 81.38
N ARG M 147 -80.19 -34.26 80.42
CA ARG M 147 -79.32 -33.30 79.78
C ARG M 147 -80.08 -32.34 78.88
N SER M 148 -81.14 -32.82 78.22
CA SER M 148 -81.94 -31.92 77.39
C SER M 148 -82.63 -30.85 78.21
N ILE M 149 -83.16 -31.21 79.39
CA ILE M 149 -83.76 -30.20 80.27
C ILE M 149 -82.69 -29.29 80.84
N ASN M 150 -81.50 -29.82 81.16
CA ASN M 150 -80.43 -28.98 81.67
C ASN M 150 -80.02 -27.93 80.65
N THR M 151 -79.93 -28.33 79.38
CA THR M 151 -79.51 -27.40 78.32
C THR M 151 -80.61 -26.44 77.91
N ARG M 152 -81.82 -26.94 77.67
CA ARG M 152 -82.95 -26.17 77.13
C ARG M 152 -82.58 -25.42 75.85
N GLU M 153 -82.06 -26.15 74.86
CA GLU M 153 -81.66 -25.54 73.60
C GLU M 153 -82.83 -25.38 72.64
N ASN M 154 -84.03 -25.83 73.03
CA ASN M 154 -85.22 -25.90 72.17
C ASN M 154 -84.87 -26.31 70.73
N LEU M 155 -84.31 -27.52 70.63
CA LEU M 155 -83.77 -28.09 69.40
C LEU M 155 -84.68 -27.90 68.20
N TYR M 156 -84.08 -27.75 67.02
CA TYR M 156 -84.80 -27.73 65.76
C TYR M 156 -84.34 -28.89 64.88
N LEU M 157 -85.13 -29.17 63.86
CA LEU M 157 -84.83 -30.24 62.91
C LEU M 157 -84.55 -29.66 61.53
N VAL M 158 -84.37 -30.55 60.55
CA VAL M 158 -84.03 -30.14 59.20
C VAL M 158 -85.23 -30.41 58.29
N THR M 159 -85.29 -29.69 57.17
CA THR M 159 -86.42 -29.82 56.27
C THR M 159 -86.25 -31.01 55.32
N GLU M 160 -85.21 -30.99 54.50
CA GLU M 160 -85.02 -32.01 53.47
C GLU M 160 -83.57 -32.45 53.48
N THR M 161 -83.35 -33.71 53.09
CA THR M 161 -82.00 -34.28 53.11
C THR M 161 -81.17 -33.70 51.98
N LEU M 162 -80.09 -33.01 52.34
CA LEU M 162 -79.16 -32.42 51.38
C LEU M 162 -77.87 -33.24 51.46
N GLU M 163 -77.74 -34.21 50.56
CA GLU M 163 -76.65 -35.18 50.60
C GLU M 163 -75.58 -34.81 49.57
N THR M 164 -74.41 -35.41 49.71
CA THR M 164 -73.28 -35.15 48.83
C THR M 164 -72.69 -36.47 48.37
N VAL M 165 -72.15 -36.49 47.14
CA VAL M 165 -71.29 -37.57 46.68
C VAL M 165 -70.07 -36.94 46.00
N LYS M 166 -69.04 -36.66 46.79
CA LYS M 166 -67.98 -35.72 46.43
C LYS M 166 -66.66 -36.45 46.19
N GLU M 167 -65.75 -35.76 45.50
CA GLU M 167 -64.34 -36.14 45.55
C GLU M 167 -63.65 -35.41 46.70
N GLU M 168 -62.37 -35.72 46.89
CA GLU M 168 -61.64 -35.33 48.08
C GLU M 168 -60.95 -33.96 47.96
N THR M 169 -61.55 -32.91 47.39
CA THR M 169 -60.74 -31.77 46.95
C THR M 169 -61.34 -30.43 47.37
N LEU M 170 -60.68 -29.77 48.33
CA LEU M 170 -60.81 -28.33 48.54
C LEU M 170 -59.44 -27.74 48.83
N LYS M 171 -59.26 -26.46 48.50
CA LYS M 171 -58.00 -25.76 48.68
C LYS M 171 -58.23 -24.44 49.41
N SER M 172 -57.13 -23.83 49.90
CA SER M 172 -57.18 -22.60 50.66
C SER M 172 -55.77 -22.02 50.86
N ASP M 173 -55.67 -20.74 51.20
CA ASP M 173 -54.36 -20.12 51.43
C ASP M 173 -54.50 -18.84 52.26
N ARG M 174 -53.47 -18.46 53.00
CA ARG M 174 -53.36 -17.14 53.61
C ARG M 174 -51.89 -16.78 53.78
N GLN M 175 -51.66 -15.48 53.94
CA GLN M 175 -50.33 -14.90 54.08
C GLN M 175 -50.44 -13.84 55.16
N TYR M 176 -49.30 -13.42 55.70
CA TYR M 176 -49.32 -12.33 56.65
C TYR M 176 -47.94 -11.72 56.72
N LYS M 177 -47.89 -10.40 56.91
CA LYS M 177 -46.63 -9.66 56.91
C LYS M 177 -46.79 -8.47 57.83
N PHE M 178 -46.01 -8.43 58.92
CA PHE M 178 -46.11 -7.40 59.94
C PHE M 178 -44.72 -6.84 60.24
N TRP M 179 -44.61 -5.51 60.30
CA TRP M 179 -43.37 -4.85 60.64
C TRP M 179 -43.61 -3.97 61.86
N SER M 180 -42.52 -3.54 62.51
CA SER M 180 -42.64 -2.65 63.64
C SER M 180 -41.32 -1.96 63.95
N GLN M 181 -41.43 -0.84 64.66
CA GLN M 181 -40.27 -0.04 65.08
C GLN M 181 -40.71 0.84 66.24
N ILE M 182 -40.18 0.59 67.43
CA ILE M 182 -40.57 1.35 68.61
C ILE M 182 -39.50 2.37 68.98
N SER M 183 -38.26 1.93 69.12
CA SER M 183 -37.13 2.82 69.39
C SER M 183 -35.94 2.44 68.49
N GLN M 184 -35.96 3.00 67.28
CA GLN M 184 -35.02 2.67 66.19
C GLN M 184 -34.82 1.17 66.04
N GLY M 185 -35.82 0.39 66.43
CA GLY M 185 -35.70 -1.06 66.37
C GLY M 185 -36.40 -1.68 65.19
N HIS M 186 -35.64 -2.37 64.35
CA HIS M 186 -36.18 -3.07 63.20
C HIS M 186 -37.02 -4.26 63.66
N LEU M 187 -38.17 -4.49 63.03
CA LEU M 187 -38.87 -5.76 63.16
C LEU M 187 -39.61 -6.08 61.86
N SER M 188 -39.25 -7.22 61.26
CA SER M 188 -39.90 -7.72 60.06
C SER M 188 -40.44 -9.12 60.36
N TYR M 189 -41.62 -9.43 59.84
CA TYR M 189 -42.36 -10.64 60.19
C TYR M 189 -43.14 -11.10 58.98
N LYS M 190 -42.92 -12.34 58.54
CA LYS M 190 -43.62 -12.83 57.36
C LYS M 190 -44.03 -14.28 57.56
N HIS M 191 -45.11 -14.67 56.88
CA HIS M 191 -45.68 -16.00 57.00
C HIS M 191 -46.52 -16.30 55.77
N LYS M 192 -46.38 -17.52 55.24
CA LYS M 192 -47.14 -17.97 54.08
C LYS M 192 -47.65 -19.39 54.35
N GLY M 193 -48.94 -19.52 54.67
CA GLY M 193 -49.51 -20.83 54.96
C GLY M 193 -50.62 -21.17 54.00
N GLN M 194 -50.37 -22.19 53.18
CA GLN M 194 -51.33 -22.69 52.21
C GLN M 194 -51.86 -24.04 52.68
N ARG M 195 -53.18 -24.21 52.65
CA ARG M 195 -53.82 -25.40 53.16
C ARG M 195 -54.70 -26.02 52.08
N GLU M 196 -55.07 -27.28 52.28
CA GLU M 196 -55.99 -27.98 51.41
C GLU M 196 -56.49 -29.22 52.14
N VAL M 197 -57.70 -29.64 51.81
CA VAL M 197 -58.37 -30.70 52.54
C VAL M 197 -58.95 -31.71 51.56
N THR M 198 -58.80 -32.99 51.92
CA THR M 198 -59.41 -34.10 51.19
C THR M 198 -60.85 -34.23 51.66
N ILE M 199 -61.78 -33.92 50.77
CA ILE M 199 -63.20 -33.95 51.08
C ILE M 199 -63.84 -35.28 50.67
N PRO M 200 -64.52 -35.95 51.60
CA PRO M 200 -65.02 -37.30 51.34
C PRO M 200 -66.42 -37.29 50.74
N PRO M 201 -66.83 -38.39 50.08
CA PRO M 201 -68.04 -38.36 49.25
C PRO M 201 -69.36 -38.05 49.94
N ASN M 202 -69.80 -38.91 50.88
CA ASN M 202 -71.20 -38.93 51.31
C ASN M 202 -71.34 -38.28 52.67
N ARG M 203 -71.41 -36.95 52.69
CA ARG M 203 -71.48 -36.20 53.94
C ARG M 203 -72.52 -35.09 53.81
N VAL M 204 -72.85 -34.47 54.94
CA VAL M 204 -73.87 -33.43 55.01
C VAL M 204 -73.21 -32.12 55.40
N LEU M 205 -73.52 -31.05 54.67
CA LEU M 205 -72.94 -29.73 54.90
C LEU M 205 -73.94 -28.69 55.40
N SER M 206 -75.10 -28.58 54.76
CA SER M 206 -76.05 -27.53 55.10
C SER M 206 -77.39 -28.14 55.46
N TYR M 207 -78.07 -27.49 56.40
CA TYR M 207 -79.31 -28.03 56.96
C TYR M 207 -80.27 -26.88 57.22
N ARG M 208 -81.46 -27.21 57.73
CA ARG M 208 -82.53 -26.23 57.93
C ARG M 208 -82.97 -26.16 59.39
N VAL M 209 -83.93 -25.29 59.68
CA VAL M 209 -84.41 -25.05 61.03
C VAL M 209 -85.93 -25.19 61.05
N LYS M 210 -86.44 -25.96 62.02
CA LYS M 210 -87.87 -26.04 62.28
C LYS M 210 -88.05 -26.33 63.77
N GLN M 211 -88.65 -25.38 64.49
CA GLN M 211 -88.67 -25.40 65.94
C GLN M 211 -89.63 -26.45 66.46
N LEU M 212 -89.20 -27.16 67.52
CA LEU M 212 -90.04 -28.12 68.22
C LEU M 212 -90.06 -27.78 69.70
N VAL M 213 -91.25 -27.84 70.30
CA VAL M 213 -91.44 -27.65 71.73
C VAL M 213 -91.84 -29.00 72.33
N PHE M 214 -91.25 -29.32 73.48
CA PHE M 214 -91.40 -30.65 74.06
C PHE M 214 -92.04 -30.57 75.45
N PRO M 215 -93.37 -30.65 75.53
CA PRO M 215 -94.00 -31.06 76.78
C PRO M 215 -93.63 -32.51 77.09
N ASN M 216 -93.59 -32.84 78.39
CA ASN M 216 -92.96 -34.08 78.82
C ASN M 216 -93.63 -35.30 78.19
N LYS M 217 -94.91 -35.21 77.85
CA LYS M 217 -95.61 -36.32 77.24
C LYS M 217 -95.62 -36.26 75.72
N GLU M 218 -96.19 -35.20 75.14
CA GLU M 218 -96.36 -35.06 73.70
C GLU M 218 -95.86 -33.69 73.25
N THR M 219 -95.32 -33.63 72.04
CA THR M 219 -94.64 -32.45 71.54
C THR M 219 -95.55 -31.63 70.63
N MET M 220 -95.06 -30.45 70.24
CA MET M 220 -95.74 -29.56 69.32
C MET M 220 -94.67 -28.82 68.53
N SER M 221 -95.08 -28.09 67.50
CA SER M 221 -94.13 -27.45 66.60
C SER M 221 -94.24 -25.93 66.60
N ALA M 222 -93.28 -25.31 65.92
CA ALA M 222 -93.21 -23.87 65.68
C ALA M 222 -92.44 -23.70 64.39
N GLY M 223 -93.07 -23.06 63.40
CA GLY M 223 -92.70 -23.29 62.01
C GLY M 223 -91.37 -22.75 61.54
N LEU M 224 -91.26 -21.42 61.42
CA LEU M 224 -90.27 -20.83 60.54
C LEU M 224 -89.03 -20.39 61.32
N ASP M 225 -87.92 -21.08 61.08
CA ASP M 225 -86.56 -20.63 61.37
C ASP M 225 -86.45 -19.87 62.69
N ILE M 226 -86.95 -20.49 63.75
CA ILE M 226 -86.88 -19.91 65.09
C ILE M 226 -85.56 -20.37 65.72
N HIS M 227 -84.49 -19.63 65.45
CA HIS M 227 -83.20 -19.87 66.09
C HIS M 227 -82.96 -18.91 67.24
N PHE M 228 -83.93 -18.04 67.54
CA PHE M 228 -83.90 -17.20 68.73
C PHE M 228 -84.51 -18.03 69.85
N ARG M 229 -83.64 -18.54 70.73
CA ARG M 229 -84.00 -19.63 71.62
C ARG M 229 -84.68 -19.10 72.87
N GLY M 230 -85.96 -19.40 73.01
CA GLY M 230 -86.66 -19.24 74.28
C GLY M 230 -87.84 -20.19 74.40
N LYS M 231 -87.82 -21.02 75.45
CA LYS M 231 -88.86 -22.01 75.70
C LYS M 231 -88.77 -22.44 77.16
N THR M 232 -89.92 -22.71 77.78
CA THR M 232 -89.99 -23.12 79.17
C THR M 232 -90.14 -24.63 79.35
N LYS M 233 -89.68 -25.42 78.39
CA LYS M 233 -89.79 -26.87 78.49
C LYS M 233 -88.83 -27.42 79.54
N PHE N 2 -73.24 -8.66 44.71
CA PHE N 2 -72.43 -9.88 44.77
C PHE N 2 -73.31 -11.09 44.52
N SER N 3 -74.63 -10.89 44.61
CA SER N 3 -75.55 -11.92 44.14
C SER N 3 -75.51 -12.02 42.62
N VAL N 4 -75.61 -13.25 42.12
CA VAL N 4 -75.68 -13.49 40.68
C VAL N 4 -77.05 -13.97 40.23
N PHE N 5 -77.80 -14.66 41.08
CA PHE N 5 -79.02 -15.35 40.71
C PHE N 5 -80.19 -14.40 40.52
N GLU N 6 -80.15 -13.23 41.16
CA GLU N 6 -81.15 -12.20 40.89
C GLU N 6 -80.86 -11.51 39.56
N GLU N 7 -79.57 -11.48 39.17
CA GLU N 7 -79.19 -10.77 37.96
C GLU N 7 -79.78 -11.40 36.71
N ILE N 8 -79.64 -12.72 36.56
CA ILE N 8 -80.13 -13.39 35.35
C ILE N 8 -81.65 -13.26 35.25
N THR N 9 -82.34 -13.44 36.38
CA THR N 9 -83.76 -13.15 36.42
C THR N 9 -84.04 -11.71 36.03
N ARG N 10 -83.14 -10.78 36.33
CA ARG N 10 -83.37 -9.40 35.93
C ARG N 10 -83.06 -9.16 34.45
N ILE N 11 -82.19 -9.96 33.83
CA ILE N 11 -82.13 -9.91 32.36
C ILE N 11 -83.46 -10.36 31.78
N VAL N 12 -84.07 -11.39 32.35
CA VAL N 12 -85.41 -11.77 31.91
C VAL N 12 -86.39 -10.62 32.15
N VAL N 13 -86.31 -10.00 33.33
CA VAL N 13 -87.19 -8.88 33.65
C VAL N 13 -87.00 -7.74 32.65
N LYS N 14 -85.76 -7.40 32.32
CA LYS N 14 -85.50 -6.32 31.37
C LYS N 14 -86.01 -6.67 29.98
N GLU N 15 -85.84 -7.93 29.56
CA GLU N 15 -86.41 -8.37 28.30
C GLU N 15 -87.93 -8.30 28.30
N MET N 16 -88.55 -8.23 29.48
CA MET N 16 -89.95 -7.80 29.61
C MET N 16 -90.17 -6.29 29.63
N ASP N 17 -89.57 -5.57 30.57
CA ASP N 17 -89.81 -4.15 30.82
C ASP N 17 -88.74 -3.66 31.78
N ALA N 18 -88.55 -2.34 31.81
CA ALA N 18 -87.54 -1.71 32.66
C ALA N 18 -88.01 -1.75 34.10
N GLY N 19 -87.74 -2.88 34.78
CA GLY N 19 -88.14 -3.04 36.16
C GLY N 19 -89.63 -2.95 36.41
N GLY N 20 -90.45 -3.43 35.49
CA GLY N 20 -91.89 -3.24 35.59
C GLY N 20 -92.67 -4.46 36.05
N ASP N 21 -93.38 -5.08 35.11
CA ASP N 21 -94.29 -6.17 35.45
C ASP N 21 -93.56 -7.37 36.03
N MET N 22 -92.52 -7.84 35.34
CA MET N 22 -92.06 -9.21 35.54
C MET N 22 -91.30 -9.30 36.86
N ILE N 23 -91.35 -10.47 37.50
CA ILE N 23 -90.83 -10.63 38.86
C ILE N 23 -89.76 -11.72 38.88
N ALA N 24 -88.84 -11.59 39.84
CA ALA N 24 -87.64 -12.40 39.94
C ALA N 24 -87.61 -13.20 41.25
N VAL N 25 -86.77 -14.23 41.28
CA VAL N 25 -86.67 -15.15 42.41
C VAL N 25 -85.20 -15.19 42.84
N ARG N 26 -84.94 -15.62 44.08
CA ARG N 26 -83.59 -15.52 44.65
C ARG N 26 -82.75 -16.77 44.39
N SER N 27 -83.33 -17.96 44.47
CA SER N 27 -82.56 -19.20 44.34
C SER N 27 -83.44 -20.35 43.88
N LEU N 28 -82.80 -21.49 43.63
CA LEU N 28 -83.39 -22.54 42.80
C LEU N 28 -83.23 -23.94 43.41
N VAL N 29 -83.47 -24.09 44.71
CA VAL N 29 -83.79 -25.41 45.25
C VAL N 29 -85.30 -25.61 45.25
N ASP N 30 -86.04 -24.61 45.70
CA ASP N 30 -87.49 -24.65 45.67
C ASP N 30 -88.03 -23.77 44.54
N ALA N 31 -87.16 -23.32 43.63
CA ALA N 31 -87.64 -22.57 42.47
C ALA N 31 -88.24 -23.49 41.43
N ASP N 32 -87.65 -24.68 41.27
CA ASP N 32 -88.29 -25.69 40.43
C ASP N 32 -89.67 -26.04 40.97
N ARG N 33 -89.90 -25.80 42.26
CA ARG N 33 -91.20 -26.01 42.87
C ARG N 33 -91.90 -24.65 43.06
N PHE N 34 -91.31 -23.58 42.51
CA PHE N 34 -92.00 -22.29 42.41
C PHE N 34 -92.81 -22.22 41.12
N ARG N 35 -93.59 -23.28 40.91
CA ARG N 35 -94.54 -23.37 39.82
C ARG N 35 -95.83 -22.67 40.26
N CYS N 36 -96.92 -22.91 39.53
CA CYS N 36 -98.20 -22.32 39.90
C CYS N 36 -98.64 -22.81 41.27
N PHE N 37 -99.55 -22.04 41.89
CA PHE N 37 -100.14 -22.36 43.19
C PHE N 37 -99.14 -22.27 44.34
N HIS N 38 -98.28 -21.26 44.34
CA HIS N 38 -97.19 -21.20 45.30
C HIS N 38 -96.95 -19.75 45.73
N LEU N 39 -96.31 -19.61 46.89
CA LEU N 39 -96.33 -18.37 47.66
C LEU N 39 -95.02 -17.59 47.52
N VAL N 40 -95.03 -16.41 48.13
CA VAL N 40 -93.85 -15.56 48.27
C VAL N 40 -93.87 -14.99 49.68
N GLY N 41 -92.74 -14.44 50.12
CA GLY N 41 -92.63 -13.82 51.41
C GLY N 41 -92.97 -12.33 51.39
N GLU N 42 -92.96 -11.74 52.58
CA GLU N 42 -93.25 -10.32 52.72
C GLU N 42 -92.11 -9.47 52.17
N LYS N 43 -92.43 -8.24 51.80
CA LYS N 43 -91.51 -7.37 51.07
C LYS N 43 -90.96 -6.29 51.99
N ARG N 44 -89.65 -6.09 51.94
CA ARG N 44 -88.96 -4.98 52.56
C ARG N 44 -88.09 -4.27 51.53
N THR N 45 -87.70 -3.04 51.85
CA THR N 45 -86.99 -2.18 50.90
C THR N 45 -85.55 -1.93 51.33
N PHE N 46 -84.93 -2.90 52.01
CA PHE N 46 -83.53 -2.76 52.37
C PHE N 46 -82.64 -3.27 51.23
N PHE N 47 -81.60 -2.49 50.92
CA PHE N 47 -80.66 -2.82 49.84
C PHE N 47 -81.42 -3.06 48.53
N GLY N 48 -82.24 -2.07 48.16
CA GLY N 48 -83.07 -2.19 46.99
C GLY N 48 -84.25 -3.12 47.21
N CYS N 49 -84.87 -3.51 46.10
CA CYS N 49 -86.00 -4.43 46.16
C CYS N 49 -85.54 -5.84 46.53
N ARG N 50 -85.76 -6.24 47.77
CA ARG N 50 -85.35 -7.55 48.26
C ARG N 50 -86.42 -8.05 49.22
N HIS N 51 -87.14 -9.09 48.82
CA HIS N 51 -88.26 -9.62 49.59
C HIS N 51 -87.90 -10.98 50.17
N TYR N 52 -88.82 -11.53 50.96
CA TYR N 52 -88.66 -12.85 51.54
C TYR N 52 -89.35 -13.87 50.65
N THR N 53 -89.23 -15.14 51.02
CA THR N 53 -89.78 -16.20 50.18
C THR N 53 -90.15 -17.42 51.02
N THR N 54 -91.28 -18.04 50.67
CA THR N 54 -91.72 -19.30 51.27
C THR N 54 -92.55 -20.03 50.23
N GLY N 55 -92.24 -21.30 49.98
CA GLY N 55 -92.76 -21.99 48.82
C GLY N 55 -93.61 -23.23 49.00
N LEU N 56 -94.54 -23.24 49.95
CA LEU N 56 -95.41 -24.39 50.14
C LEU N 56 -96.47 -24.44 49.03
N THR N 57 -97.33 -25.46 49.11
CA THR N 57 -98.25 -25.81 48.03
C THR N 57 -99.67 -25.41 48.39
N LEU N 58 -100.57 -25.48 47.40
CA LEU N 58 -101.95 -25.05 47.64
C LEU N 58 -102.99 -26.01 47.08
N MET N 59 -102.58 -27.01 46.30
CA MET N 59 -103.56 -27.92 45.69
C MET N 59 -104.35 -28.62 46.79
N ASP N 60 -105.69 -28.61 46.65
CA ASP N 60 -106.57 -29.25 47.63
C ASP N 60 -107.40 -30.39 47.03
N ILE N 61 -108.09 -30.12 45.92
CA ILE N 61 -109.07 -31.07 45.36
C ILE N 61 -108.74 -31.35 43.91
N LEU N 62 -109.11 -32.54 43.46
CA LEU N 62 -109.01 -32.96 42.07
C LEU N 62 -110.28 -33.69 41.64
N ASP N 63 -111.44 -33.11 41.95
CA ASP N 63 -112.70 -33.77 41.62
C ASP N 63 -113.04 -33.65 40.14
N THR N 64 -113.01 -32.43 39.61
CA THR N 64 -113.26 -32.22 38.19
C THR N 64 -111.94 -32.03 37.45
N ASP N 65 -112.05 -31.64 36.18
CA ASP N 65 -110.88 -31.48 35.33
C ASP N 65 -110.00 -30.32 35.80
N GLY N 66 -108.91 -30.64 36.49
CA GLY N 66 -108.03 -29.62 37.02
C GLY N 66 -106.56 -29.81 36.69
N ASP N 67 -106.16 -31.03 36.29
CA ASP N 67 -104.76 -31.31 36.03
C ASP N 67 -104.54 -31.92 34.65
N LYS N 68 -105.36 -31.55 33.67
CA LYS N 68 -105.12 -32.01 32.31
C LYS N 68 -103.98 -31.22 31.67
N TRP N 69 -103.23 -31.89 30.81
CA TRP N 69 -102.14 -31.24 30.10
C TRP N 69 -102.18 -31.56 28.60
N LYS N 81 -94.54 -22.90 23.61
CA LYS N 81 -93.74 -22.23 22.58
C LYS N 81 -92.54 -23.12 22.26
N ALA N 82 -91.64 -22.64 21.40
CA ALA N 82 -90.41 -23.33 21.07
C ALA N 82 -89.31 -22.86 22.01
N GLU N 83 -88.08 -23.32 21.78
CA GLU N 83 -86.96 -22.95 22.64
C GLU N 83 -86.62 -21.49 22.41
N PHE N 84 -86.48 -20.73 23.49
CA PHE N 84 -86.07 -19.34 23.41
C PHE N 84 -84.66 -19.22 23.97
N GLN N 85 -83.82 -18.43 23.30
CA GLN N 85 -82.39 -18.50 23.51
C GLN N 85 -81.82 -17.11 23.76
N ILE N 86 -80.89 -17.03 24.71
CA ILE N 86 -80.22 -15.77 25.08
C ILE N 86 -78.72 -16.07 25.21
N LEU N 87 -77.97 -15.80 24.15
CA LEU N 87 -76.50 -15.72 24.22
C LEU N 87 -76.06 -14.26 24.33
N ASP N 88 -76.12 -13.73 25.55
CA ASP N 88 -75.80 -12.32 25.74
C ASP N 88 -74.59 -12.14 26.64
N ASN N 89 -74.02 -10.94 26.56
CA ASN N 89 -72.91 -10.54 27.43
C ASN N 89 -73.17 -9.12 27.89
N VAL N 90 -73.18 -8.91 29.20
CA VAL N 90 -73.45 -7.60 29.79
C VAL N 90 -72.25 -7.16 30.60
N ASP N 91 -71.78 -5.93 30.37
CA ASP N 91 -70.57 -5.41 30.97
C ASP N 91 -70.95 -4.25 31.89
N SER N 92 -70.37 -4.25 33.10
CA SER N 92 -70.61 -3.19 34.07
C SER N 92 -69.29 -2.88 34.79
N THR N 93 -68.68 -1.74 34.46
CA THR N 93 -67.41 -1.35 35.05
C THR N 93 -67.57 0.02 35.68
N GLY N 94 -66.92 0.23 36.82
CA GLY N 94 -67.03 1.50 37.51
C GLY N 94 -66.00 1.76 38.58
N GLU N 95 -65.38 2.94 38.56
CA GLU N 95 -64.40 3.33 39.55
C GLU N 95 -64.82 4.64 40.21
N LEU N 96 -65.07 4.57 41.51
CA LEU N 96 -65.38 5.74 42.32
C LEU N 96 -64.24 5.92 43.32
N ILE N 97 -63.55 7.05 43.22
CA ILE N 97 -62.43 7.37 44.10
C ILE N 97 -62.53 8.83 44.52
N VAL N 98 -62.34 9.07 45.82
CA VAL N 98 -62.53 10.39 46.43
C VAL N 98 -61.43 10.60 47.45
N ARG N 99 -60.85 11.81 47.48
CA ARG N 99 -59.83 12.17 48.46
C ARG N 99 -60.42 13.15 49.46
N LEU N 100 -60.17 12.88 50.75
CA LEU N 100 -60.72 13.61 51.89
C LEU N 100 -59.76 14.71 52.34
N PRO N 101 -60.27 15.72 53.07
CA PRO N 101 -59.36 16.72 53.64
C PRO N 101 -58.37 16.17 54.65
N LYS N 102 -58.54 14.92 55.09
CA LYS N 102 -57.58 14.23 55.95
C LYS N 102 -56.56 13.43 55.16
N GLU N 103 -56.22 13.89 53.95
CA GLU N 103 -55.32 13.26 52.98
C GLU N 103 -55.63 11.78 52.77
N ILE N 104 -56.87 11.35 52.99
CA ILE N 104 -57.28 9.97 52.79
C ILE N 104 -57.66 9.83 51.32
N THR N 105 -57.00 8.91 50.62
CA THR N 105 -57.27 8.68 49.19
C THR N 105 -58.22 7.49 49.06
N ILE N 106 -59.46 7.65 49.53
CA ILE N 106 -60.46 6.59 49.49
C ILE N 106 -60.67 6.19 48.05
N SER N 107 -60.68 4.90 47.78
CA SER N 107 -60.71 4.40 46.41
C SER N 107 -61.63 3.20 46.30
N GLY N 108 -62.16 2.98 45.09
CA GLY N 108 -62.87 1.75 44.77
C GLY N 108 -63.02 1.59 43.27
N SER N 109 -62.79 0.40 42.75
CA SER N 109 -62.89 0.15 41.32
C SER N 109 -63.34 -1.28 41.09
N PHE N 110 -64.49 -1.46 40.45
CA PHE N 110 -65.07 -2.77 40.22
C PHE N 110 -65.35 -2.94 38.73
N GLN N 111 -65.34 -4.20 38.28
CA GLN N 111 -65.75 -4.49 36.92
C GLN N 111 -66.31 -5.91 36.86
N GLY N 112 -67.37 -6.06 36.08
CA GLY N 112 -68.01 -7.35 35.90
C GLY N 112 -68.55 -7.58 34.52
N PHE N 113 -68.10 -8.66 33.89
CA PHE N 113 -68.60 -9.09 32.60
C PHE N 113 -69.36 -10.40 32.78
N HIS N 114 -70.65 -10.36 32.49
CA HIS N 114 -71.53 -11.50 32.70
C HIS N 114 -71.90 -12.11 31.36
N HIS N 115 -71.66 -13.41 31.23
CA HIS N 115 -72.04 -14.15 30.04
C HIS N 115 -73.23 -15.02 30.36
N GLN N 116 -74.33 -14.79 29.65
CA GLN N 116 -75.56 -15.55 29.88
C GLN N 116 -75.86 -16.41 28.67
N LYS N 117 -76.04 -17.70 28.92
CA LYS N 117 -76.40 -18.74 27.96
C LYS N 117 -77.81 -19.24 28.27
N ILE N 118 -78.71 -18.31 28.50
CA ILE N 118 -80.02 -18.60 29.07
C ILE N 118 -80.89 -19.33 28.04
N LYS N 119 -81.50 -20.42 28.48
CA LYS N 119 -82.44 -21.17 27.66
C LYS N 119 -83.79 -21.21 28.36
N ILE N 120 -84.86 -21.04 27.59
CA ILE N 120 -86.21 -20.89 28.14
C ILE N 120 -87.17 -21.75 27.34
N SER N 121 -88.06 -22.44 28.06
CA SER N 121 -89.15 -23.21 27.45
C SER N 121 -90.47 -22.75 28.05
N GLU N 122 -91.56 -23.14 27.40
CA GLU N 122 -92.89 -22.67 27.78
C GLU N 122 -93.87 -23.82 27.88
N ASN N 123 -94.61 -23.84 28.99
CA ASN N 123 -95.69 -24.79 29.21
C ASN N 123 -96.98 -24.00 29.36
N ARG N 124 -97.87 -24.11 28.38
CA ARG N 124 -99.06 -23.27 28.29
C ARG N 124 -100.07 -23.67 29.35
N ILE N 125 -100.55 -22.69 30.11
CA ILE N 125 -101.69 -22.86 31.00
C ILE N 125 -102.74 -21.83 30.62
N SER N 126 -103.99 -22.27 30.53
CA SER N 126 -105.05 -21.41 30.03
C SER N 126 -105.31 -20.25 30.97
N GLN N 127 -105.62 -19.08 30.40
CA GLN N 127 -105.91 -17.90 31.23
C GLN N 127 -107.31 -17.97 31.83
N GLN N 128 -108.29 -18.47 31.07
CA GLN N 128 -109.62 -18.71 31.65
C GLN N 128 -109.57 -19.86 32.65
N TYR N 129 -108.52 -20.69 32.58
CA TYR N 129 -108.33 -21.69 33.61
C TYR N 129 -108.09 -21.05 34.97
N LEU N 130 -107.61 -19.81 35.02
CA LEU N 130 -107.52 -19.11 36.29
C LEU N 130 -108.89 -18.94 36.93
N ALA N 131 -109.87 -18.48 36.14
CA ALA N 131 -111.24 -18.40 36.60
C ALA N 131 -111.81 -19.76 36.96
N THR N 132 -111.48 -20.80 36.18
CA THR N 132 -111.83 -22.15 36.58
C THR N 132 -111.23 -22.51 37.94
N LEU N 133 -110.05 -21.99 38.25
CA LEU N 133 -109.41 -22.26 39.54
C LEU N 133 -110.15 -21.56 40.67
N GLU N 134 -110.58 -20.31 40.46
CA GLU N 134 -111.45 -19.74 41.49
C GLU N 134 -112.78 -20.46 41.59
N ASN N 135 -113.25 -21.08 40.51
CA ASN N 135 -114.44 -21.90 40.56
C ASN N 135 -114.26 -23.18 41.37
N ARG N 136 -113.02 -23.58 41.63
CA ARG N 136 -112.76 -24.72 42.49
C ARG N 136 -113.24 -24.45 43.91
N LYS N 137 -113.60 -25.52 44.61
CA LYS N 137 -113.95 -25.41 46.02
C LYS N 137 -112.69 -25.40 46.87
N LEU N 138 -112.41 -24.26 47.50
CA LEU N 138 -111.21 -24.08 48.30
C LEU N 138 -111.45 -24.66 49.69
N LYS N 139 -110.87 -25.82 49.96
CA LYS N 139 -110.97 -26.45 51.27
C LYS N 139 -109.83 -27.45 51.48
N ARG N 140 -109.00 -27.19 52.47
CA ARG N 140 -107.83 -28.03 52.76
C ARG N 140 -107.46 -27.86 54.22
N GLU N 141 -107.26 -29.00 54.89
CA GLU N 141 -106.89 -29.01 56.30
C GLU N 141 -105.40 -29.28 56.48
N LEU N 142 -104.61 -28.99 55.45
CA LEU N 142 -103.17 -29.05 55.59
C LEU N 142 -102.71 -28.00 56.61
N PRO N 143 -101.70 -28.31 57.42
CA PRO N 143 -101.27 -27.34 58.44
C PRO N 143 -100.60 -26.11 57.86
N PHE N 144 -101.40 -25.22 57.26
CA PHE N 144 -100.90 -23.93 56.82
C PHE N 144 -101.74 -22.75 57.28
N SER N 145 -102.93 -22.98 57.83
CA SER N 145 -103.82 -21.88 58.22
C SER N 145 -103.21 -21.02 59.32
N PHE N 146 -102.64 -21.65 60.36
CA PHE N 146 -102.11 -20.91 61.48
C PHE N 146 -100.99 -19.97 61.04
N ARG N 147 -100.00 -20.51 60.34
CA ARG N 147 -98.87 -19.69 59.89
C ARG N 147 -99.29 -18.69 58.83
N SER N 148 -100.21 -19.06 57.94
CA SER N 148 -100.67 -18.12 56.93
C SER N 148 -101.40 -16.93 57.56
N ILE N 149 -102.22 -17.17 58.58
CA ILE N 149 -102.88 -16.06 59.27
C ILE N 149 -101.87 -15.26 60.09
N ASN N 150 -100.87 -15.92 60.68
CA ASN N 150 -99.84 -15.18 61.41
C ASN N 150 -99.07 -14.24 60.49
N THR N 151 -98.75 -14.70 59.29
CA THR N 151 -97.98 -13.88 58.35
C THR N 151 -98.82 -12.81 57.68
N ARG N 152 -100.00 -13.17 57.16
CA ARG N 152 -100.85 -12.30 56.36
C ARG N 152 -100.11 -11.66 55.20
N GLU N 153 -99.47 -12.48 54.36
CA GLU N 153 -98.71 -11.97 53.23
C GLU N 153 -99.59 -11.72 52.01
N ASN N 154 -100.90 -12.00 52.12
CA ASN N 154 -101.86 -11.98 51.01
C ASN N 154 -101.24 -12.48 49.70
N LEU N 155 -100.82 -13.75 49.74
CA LEU N 155 -100.08 -14.43 48.69
C LEU N 155 -100.67 -14.18 47.31
N TYR N 156 -99.80 -14.16 46.30
CA TYR N 156 -100.19 -14.11 44.91
C TYR N 156 -99.69 -15.35 44.17
N LEU N 157 -100.25 -15.58 43.00
CA LEU N 157 -99.88 -16.72 42.17
C LEU N 157 -99.21 -16.24 40.87
N VAL N 158 -98.93 -17.18 39.99
CA VAL N 158 -98.23 -16.88 38.75
C VAL N 158 -99.21 -17.04 37.58
N THR N 159 -98.91 -16.37 36.47
CA THR N 159 -99.81 -16.39 35.33
C THR N 159 -99.58 -17.63 34.47
N GLU N 160 -98.37 -17.78 33.92
CA GLU N 160 -98.08 -18.85 32.98
C GLU N 160 -96.75 -19.47 33.32
N THR N 161 -96.59 -20.76 33.02
CA THR N 161 -95.38 -21.49 33.36
C THR N 161 -94.23 -21.06 32.46
N LEU N 162 -93.19 -20.49 33.04
CA LEU N 162 -92.00 -20.07 32.33
C LEU N 162 -90.88 -21.03 32.72
N GLU N 163 -90.66 -22.04 31.90
CA GLU N 163 -89.74 -23.13 32.21
C GLU N 163 -88.43 -22.94 31.45
N THR N 164 -87.40 -23.67 31.87
CA THR N 164 -86.08 -23.59 31.28
C THR N 164 -85.57 -25.00 30.99
N VAL N 165 -84.78 -25.12 29.93
CA VAL N 165 -83.97 -26.32 29.69
C VAL N 165 -82.55 -25.87 29.32
N LYS N 166 -81.71 -25.68 30.33
CA LYS N 166 -80.49 -24.90 30.20
C LYS N 166 -79.25 -25.78 30.30
N GLU N 167 -78.12 -25.25 29.84
CA GLU N 167 -76.83 -25.78 30.22
C GLU N 167 -76.33 -25.09 31.49
N GLU N 168 -75.18 -25.54 31.98
CA GLU N 168 -74.70 -25.18 33.32
C GLU N 168 -73.85 -23.93 33.33
N THR N 169 -74.15 -22.83 32.62
CA THR N 169 -73.13 -21.82 32.36
C THR N 169 -73.63 -20.40 32.61
N LEU N 170 -73.14 -19.78 33.70
CA LEU N 170 -73.14 -18.32 33.87
C LEU N 170 -71.80 -17.89 34.45
N LYS N 171 -71.39 -16.66 34.15
CA LYS N 171 -70.12 -16.12 34.63
C LYS N 171 -70.35 -14.74 35.25
N SER N 172 -69.32 -14.26 35.98
CA SER N 172 -69.39 -12.98 36.69
C SER N 172 -68.01 -12.58 37.22
N ASP N 173 -67.82 -11.30 37.54
CA ASP N 173 -66.54 -10.84 38.08
C ASP N 173 -66.70 -9.52 38.83
N ARG N 174 -65.83 -9.23 39.80
CA ARG N 174 -65.70 -7.90 40.38
C ARG N 174 -64.28 -7.72 40.91
N GLN N 175 -63.93 -6.46 41.09
CA GLN N 175 -62.61 -6.02 41.53
C GLN N 175 -62.83 -4.92 42.54
N TYR N 176 -61.80 -4.62 43.33
CA TYR N 176 -61.91 -3.48 44.23
C TYR N 176 -60.51 -3.05 44.63
N LYS N 177 -60.34 -1.74 44.80
CA LYS N 177 -59.04 -1.16 45.10
C LYS N 177 -59.25 0.09 45.93
N PHE N 178 -58.75 0.08 47.16
CA PHE N 178 -58.95 1.16 48.13
C PHE N 178 -57.62 1.56 48.74
N TRP N 179 -57.35 2.85 48.80
CA TRP N 179 -56.14 3.39 49.43
C TRP N 179 -56.54 4.34 50.54
N SER N 180 -55.59 4.67 51.41
CA SER N 180 -55.87 5.61 52.47
C SER N 180 -54.57 6.15 53.08
N GLN N 181 -54.70 7.31 53.73
CA GLN N 181 -53.59 7.98 54.40
C GLN N 181 -54.17 8.95 55.41
N ILE N 182 -53.97 8.70 56.69
CA ILE N 182 -54.52 9.54 57.74
C ILE N 182 -53.45 10.45 58.33
N SER N 183 -52.33 9.86 58.77
CA SER N 183 -51.20 10.62 59.28
C SER N 183 -49.90 10.06 58.70
N GLN N 184 -49.55 10.57 57.51
CA GLN N 184 -48.44 10.09 56.68
C GLN N 184 -48.40 8.56 56.60
N GLY N 185 -49.56 7.92 56.75
CA GLY N 185 -49.61 6.48 56.75
C GLY N 185 -50.09 5.88 55.44
N HIS N 186 -49.24 5.07 54.82
CA HIS N 186 -49.59 4.39 53.57
C HIS N 186 -50.66 3.34 53.85
N LEU N 187 -51.64 3.22 52.96
CA LEU N 187 -52.51 2.05 52.94
C LEU N 187 -52.97 1.77 51.51
N SER N 188 -52.62 0.57 51.03
CA SER N 188 -53.04 0.09 49.71
C SER N 188 -53.80 -1.21 49.90
N TYR N 189 -54.86 -1.40 49.11
CA TYR N 189 -55.80 -2.49 49.30
C TYR N 189 -56.33 -2.91 47.94
N LYS N 190 -56.17 -4.19 47.59
CA LYS N 190 -56.64 -4.64 46.28
C LYS N 190 -57.27 -6.02 46.40
N HIS N 191 -58.19 -6.31 45.49
CA HIS N 191 -58.94 -7.56 45.48
C HIS N 191 -59.51 -7.81 44.09
N LYS N 192 -59.40 -9.05 43.64
CA LYS N 192 -59.93 -9.46 42.32
C LYS N 192 -60.65 -10.79 42.50
N GLY N 193 -61.99 -10.75 42.50
CA GLY N 193 -62.77 -11.97 42.67
C GLY N 193 -63.66 -12.22 41.46
N GLN N 194 -63.35 -13.30 40.75
CA GLN N 194 -64.12 -13.72 39.58
C GLN N 194 -64.91 -14.96 39.95
N ARG N 195 -66.20 -14.98 39.59
CA ARG N 195 -67.09 -16.07 39.96
C ARG N 195 -67.76 -16.62 38.71
N GLU N 196 -68.33 -17.82 38.84
CA GLU N 196 -69.10 -18.44 37.78
C GLU N 196 -69.91 -19.58 38.38
N VAL N 197 -71.05 -19.86 37.78
CA VAL N 197 -72.01 -20.81 38.35
C VAL N 197 -72.47 -21.78 37.27
N THR N 198 -72.57 -23.04 37.67
CA THR N 198 -73.12 -24.10 36.84
C THR N 198 -74.64 -24.05 36.95
N ILE N 199 -75.29 -23.66 35.87
CA ILE N 199 -76.74 -23.50 35.83
C ILE N 199 -77.43 -24.76 35.30
N PRO N 200 -78.38 -25.31 36.05
CA PRO N 200 -78.97 -26.60 35.70
C PRO N 200 -80.18 -26.44 34.79
N PRO N 201 -80.56 -27.52 34.07
CA PRO N 201 -81.53 -27.38 32.97
C PRO N 201 -82.94 -26.90 33.33
N ASN N 202 -83.68 -27.64 34.14
CA ASN N 202 -85.14 -27.48 34.23
C ASN N 202 -85.50 -26.75 35.52
N ARG N 203 -85.41 -25.42 35.51
CA ARG N 203 -85.67 -24.61 36.69
C ARG N 203 -86.50 -23.40 36.30
N VAL N 204 -87.00 -22.70 37.31
CA VAL N 204 -87.87 -21.53 37.12
C VAL N 204 -87.16 -20.30 37.65
N LEU N 205 -87.15 -19.23 36.85
CA LEU N 205 -86.48 -17.98 37.20
C LEU N 205 -87.43 -16.82 37.41
N SER N 206 -88.39 -16.59 36.53
CA SER N 206 -89.25 -15.43 36.62
C SER N 206 -90.70 -15.85 36.66
N TYR N 207 -91.50 -15.08 37.39
CA TYR N 207 -92.89 -15.45 37.66
C TYR N 207 -93.73 -14.17 37.67
N ARG N 208 -95.04 -14.34 37.89
CA ARG N 208 -95.98 -13.24 37.81
C ARG N 208 -96.73 -13.05 39.12
N VAL N 209 -97.62 -12.06 39.16
CA VAL N 209 -98.38 -11.70 40.37
C VAL N 209 -99.86 -11.66 40.03
N LYS N 210 -100.67 -12.32 40.86
CA LYS N 210 -102.13 -12.22 40.78
C LYS N 210 -102.68 -12.42 42.17
N GLN N 211 -103.30 -11.37 42.72
CA GLN N 211 -103.67 -11.33 44.13
C GLN N 211 -104.85 -12.23 44.43
N LEU N 212 -104.77 -12.94 45.56
CA LEU N 212 -105.87 -13.76 46.07
C LEU N 212 -106.18 -13.35 47.49
N VAL N 213 -107.48 -13.25 47.79
CA VAL N 213 -107.97 -12.99 49.14
C VAL N 213 -108.67 -14.25 49.64
N PHE N 214 -108.42 -14.58 50.91
CA PHE N 214 -108.86 -15.85 51.45
C PHE N 214 -109.79 -15.65 52.64
N PRO N 215 -111.10 -15.56 52.40
CA PRO N 215 -112.05 -15.84 53.48
C PRO N 215 -111.95 -17.29 53.88
N ASN N 216 -112.26 -17.57 55.15
CA ASN N 216 -111.91 -18.86 55.74
C ASN N 216 -112.56 -20.02 54.99
N LYS N 217 -113.71 -19.79 54.36
CA LYS N 217 -114.38 -20.84 53.61
C LYS N 217 -114.03 -20.84 52.13
N GLU N 218 -114.31 -19.74 51.42
CA GLU N 218 -114.12 -19.65 49.99
C GLU N 218 -113.36 -18.38 49.65
N THR N 219 -112.54 -18.43 48.60
CA THR N 219 -111.62 -17.36 48.26
C THR N 219 -112.19 -16.47 47.14
N MET N 220 -111.47 -15.39 46.87
CA MET N 220 -111.80 -14.46 45.80
C MET N 220 -110.49 -13.87 45.28
N SER N 221 -110.55 -13.15 44.16
CA SER N 221 -109.34 -12.68 43.50
C SER N 221 -109.26 -11.16 43.47
N ALA N 222 -108.09 -10.68 43.01
CA ALA N 222 -107.80 -9.27 42.78
C ALA N 222 -106.72 -9.25 41.71
N GLY N 223 -107.02 -8.59 40.59
CA GLY N 223 -106.38 -8.92 39.33
C GLY N 223 -104.91 -8.56 39.18
N LEU N 224 -104.61 -7.27 39.07
CA LEU N 224 -103.36 -6.83 38.44
C LEU N 224 -102.31 -6.51 39.49
N ASP N 225 -101.27 -7.35 39.53
CA ASP N 225 -99.96 -7.05 40.13
C ASP N 225 -100.07 -6.24 41.43
N ILE N 226 -100.88 -6.76 42.35
CA ILE N 226 -101.04 -6.13 43.66
C ILE N 226 -99.98 -6.73 44.58
N HIS N 227 -98.79 -6.13 44.57
CA HIS N 227 -97.72 -6.49 45.49
C HIS N 227 -97.65 -5.52 46.66
N PHE N 228 -98.53 -4.53 46.71
CA PHE N 228 -98.69 -3.64 47.85
C PHE N 228 -99.63 -4.34 48.82
N ARG N 229 -99.07 -4.92 49.88
CA ARG N 229 -99.76 -5.92 50.68
C ARG N 229 -100.64 -5.27 51.73
N GLY N 230 -101.95 -5.40 51.55
CA GLY N 230 -102.89 -5.10 52.62
C GLY N 230 -104.18 -5.90 52.48
N LYS N 231 -104.51 -6.67 53.51
CA LYS N 231 -105.70 -7.52 53.53
C LYS N 231 -106.01 -7.90 54.97
N THR N 232 -107.29 -8.00 55.30
CA THR N 232 -107.73 -8.34 56.65
C THR N 232 -108.11 -9.81 56.80
N LYS N 233 -107.55 -10.69 55.99
CA LYS N 233 -107.86 -12.12 56.07
C LYS N 233 -107.24 -12.73 57.33
N PHE O 2 -81.71 2.20 27.19
CA PHE O 2 -81.10 0.90 27.46
C PHE O 2 -82.06 -0.20 27.04
N SER O 3 -83.31 0.16 26.82
CA SER O 3 -84.24 -0.76 26.17
C SER O 3 -83.88 -0.94 24.70
N VAL O 4 -84.02 -2.16 24.20
CA VAL O 4 -83.80 -2.46 22.79
C VAL O 4 -85.08 -2.78 22.04
N PHE O 5 -86.08 -3.34 22.71
CA PHE O 5 -87.28 -3.89 22.09
C PHE O 5 -88.24 -2.81 21.63
N GLU O 6 -88.20 -1.63 22.24
CA GLU O 6 -88.96 -0.50 21.74
C GLU O 6 -88.29 0.09 20.50
N GLU O 7 -86.97 -0.05 20.42
CA GLU O 7 -86.23 0.56 19.32
C GLU O 7 -86.60 -0.04 17.97
N ILE O 8 -86.61 -1.38 17.87
CA ILE O 8 -86.90 -2.04 16.59
C ILE O 8 -88.33 -1.73 16.15
N THR O 9 -89.27 -1.77 17.10
CA THR O 9 -90.62 -1.31 16.81
C THR O 9 -90.62 0.13 16.34
N ARG O 10 -89.68 0.96 16.83
CA ARG O 10 -89.65 2.35 16.36
C ARG O 10 -88.99 2.48 15.00
N ILE O 11 -88.11 1.56 14.60
CA ILE O 11 -87.72 1.53 13.18
C ILE O 11 -88.94 1.23 12.31
N VAL O 12 -89.77 0.30 12.75
CA VAL O 12 -91.04 0.06 12.03
C VAL O 12 -91.88 1.35 12.02
N VAL O 13 -91.98 2.00 13.17
CA VAL O 13 -92.76 3.24 13.28
C VAL O 13 -92.21 4.30 12.33
N LYS O 14 -90.90 4.47 12.28
CA LYS O 14 -90.29 5.46 11.39
C LYS O 14 -90.52 5.12 9.93
N GLU O 15 -90.43 3.83 9.58
CA GLU O 15 -90.75 3.41 8.23
C GLU O 15 -92.21 3.67 7.89
N MET O 16 -93.06 3.87 8.89
CA MET O 16 -94.39 4.46 8.70
C MET O 16 -94.41 5.99 8.64
N ASP O 17 -93.94 6.67 9.70
CA ASP O 17 -94.05 8.12 9.86
C ASP O 17 -93.16 8.52 11.03
N ALA O 18 -92.83 9.80 11.08
CA ALA O 18 -91.95 10.34 12.12
C ALA O 18 -92.73 10.42 13.43
N GLY O 19 -92.77 9.30 14.16
CA GLY O 19 -93.49 9.25 15.43
C GLY O 19 -94.96 9.52 15.33
N GLY O 20 -95.62 9.10 14.26
CA GLY O 20 -97.00 9.48 14.02
C GLY O 20 -98.02 8.40 14.31
N ASP O 21 -98.57 7.81 13.24
CA ASP O 21 -99.68 6.87 13.38
C ASP O 21 -99.25 5.61 14.13
N MET O 22 -98.15 4.99 13.71
CA MET O 22 -97.93 3.59 14.01
C MET O 22 -97.50 3.46 15.47
N ILE O 23 -97.85 2.33 16.11
CA ILE O 23 -97.66 2.17 17.55
C ILE O 23 -96.78 0.96 17.83
N ALA O 24 -96.08 1.01 18.97
CA ALA O 24 -95.04 0.06 19.36
C ALA O 24 -95.42 -0.68 20.64
N VAL O 25 -94.74 -1.80 20.87
CA VAL O 25 -95.01 -2.68 22.01
C VAL O 25 -93.70 -2.87 22.76
N ARG O 26 -93.78 -3.28 24.03
CA ARG O 26 -92.60 -3.33 24.89
C ARG O 26 -91.88 -4.68 24.85
N SER O 27 -92.62 -5.79 24.81
CA SER O 27 -92.00 -7.11 24.88
C SER O 27 -92.89 -8.17 24.23
N LEU O 28 -92.37 -9.39 24.15
CA LEU O 28 -92.90 -10.40 23.24
C LEU O 28 -93.05 -11.77 23.89
N VAL O 29 -93.59 -11.83 25.11
CA VAL O 29 -94.19 -13.08 25.57
C VAL O 29 -95.67 -13.09 25.23
N ASP O 30 -96.36 -11.99 25.49
CA ASP O 30 -97.77 -11.86 25.13
C ASP O 30 -97.92 -10.97 23.89
N ALA O 31 -96.83 -10.65 23.20
CA ALA O 31 -96.94 -9.90 21.95
C ALA O 31 -97.39 -10.79 20.81
N ASP O 32 -96.94 -12.05 20.82
CA ASP O 32 -97.51 -13.01 19.87
C ASP O 32 -99.00 -13.17 20.09
N ARG O 33 -99.48 -12.85 21.28
CA ARG O 33 -100.91 -12.86 21.58
C ARG O 33 -101.44 -11.43 21.59
N PHE O 34 -100.62 -10.46 21.18
CA PHE O 34 -101.10 -9.10 20.90
C PHE O 34 -101.58 -8.99 19.47
N ARG O 35 -102.42 -9.95 19.10
CA ARG O 35 -103.11 -9.96 17.82
C ARG O 35 -104.36 -9.10 17.95
N CYS O 36 -105.28 -9.23 17.00
CA CYS O 36 -106.53 -8.48 17.06
C CYS O 36 -107.32 -8.85 18.31
N PHE O 37 -108.24 -7.95 18.70
CA PHE O 37 -109.15 -8.13 19.84
C PHE O 37 -108.42 -8.12 21.17
N HIS O 38 -107.46 -7.22 21.35
CA HIS O 38 -106.60 -7.26 22.53
C HIS O 38 -106.29 -5.84 22.99
N LEU O 39 -105.90 -5.72 24.26
CA LEU O 39 -105.94 -4.45 24.98
C LEU O 39 -104.55 -3.86 25.14
N VAL O 40 -104.52 -2.65 25.71
CA VAL O 40 -103.32 -1.95 26.11
C VAL O 40 -103.58 -1.31 27.47
N GLY O 41 -102.51 -0.90 28.13
CA GLY O 41 -102.60 -0.23 29.41
C GLY O 41 -102.73 1.28 29.29
N GLU O 42 -102.92 1.92 30.45
CA GLU O 42 -103.05 3.36 30.49
C GLU O 42 -101.71 4.04 30.20
N LYS O 43 -101.77 5.29 29.76
CA LYS O 43 -100.62 6.01 29.24
C LYS O 43 -100.15 7.04 30.25
N ARG O 44 -98.84 7.08 30.49
CA ARG O 44 -98.17 8.12 31.25
C ARG O 44 -97.01 8.67 30.42
N THR O 45 -96.54 9.87 30.80
CA THR O 45 -95.54 10.59 30.03
C THR O 45 -94.20 10.67 30.77
N PHE O 46 -93.89 9.67 31.58
CA PHE O 46 -92.60 9.65 32.24
C PHE O 46 -91.55 8.99 31.35
N PHE O 47 -90.38 9.61 31.27
CA PHE O 47 -89.27 9.14 30.43
C PHE O 47 -89.74 8.94 28.99
N GLY O 48 -90.32 10.00 28.43
CA GLY O 48 -90.88 9.93 27.10
C GLY O 48 -92.19 9.16 27.07
N CYS O 49 -92.59 8.79 25.85
CA CYS O 49 -93.82 8.03 25.66
C CYS O 49 -93.63 6.59 26.15
N ARG O 50 -94.18 6.28 27.32
CA ARG O 50 -94.05 4.94 27.90
C ARG O 50 -95.37 4.62 28.60
N HIS O 51 -96.11 3.67 28.07
CA HIS O 51 -97.43 3.32 28.56
C HIS O 51 -97.39 1.94 29.24
N TYR O 52 -98.52 1.55 29.81
CA TYR O 52 -98.68 0.24 30.43
C TYR O 52 -99.28 -0.72 29.41
N THR O 53 -99.41 -1.99 29.82
CA THR O 53 -99.88 -3.01 28.89
C THR O 53 -100.58 -4.13 29.63
N THR O 54 -101.68 -4.61 29.06
CA THR O 54 -102.40 -5.79 29.56
C THR O 54 -103.07 -6.46 28.36
N GLY O 55 -102.88 -7.77 28.22
CA GLY O 55 -103.21 -8.43 26.97
C GLY O 55 -104.23 -9.55 26.97
N LEU O 56 -105.34 -9.40 27.69
CA LEU O 56 -106.39 -10.42 27.69
C LEU O 56 -107.17 -10.39 26.38
N THR O 57 -108.14 -11.30 26.28
CA THR O 57 -108.84 -11.58 25.02
C THR O 57 -110.23 -10.99 25.05
N LEU O 58 -110.90 -10.99 23.88
CA LEU O 58 -112.22 -10.38 23.79
C LEU O 58 -113.23 -11.24 23.02
N MET O 59 -112.79 -12.32 22.37
CA MET O 59 -113.72 -13.11 21.58
C MET O 59 -114.83 -13.68 22.46
N ASP O 60 -116.08 -13.50 22.04
CA ASP O 60 -117.24 -13.98 22.79
C ASP O 60 -118.05 -15.03 22.04
N ILE O 61 -118.44 -14.73 20.80
CA ILE O 61 -119.38 -15.58 20.05
C ILE O 61 -118.78 -15.95 18.71
N LEU O 62 -119.19 -17.12 18.21
CA LEU O 62 -118.84 -17.61 16.88
C LEU O 62 -120.06 -18.19 16.18
N ASP O 63 -121.18 -17.46 16.22
CA ASP O 63 -122.41 -17.97 15.63
C ASP O 63 -122.39 -17.86 14.10
N THR O 64 -122.08 -16.69 13.57
CA THR O 64 -121.99 -16.51 12.13
C THR O 64 -120.52 -16.52 11.71
N ASP O 65 -120.29 -16.16 10.44
CA ASP O 65 -118.95 -16.20 9.87
C ASP O 65 -118.06 -15.14 10.51
N GLY O 66 -117.20 -15.56 11.44
CA GLY O 66 -116.33 -14.63 12.13
C GLY O 66 -114.87 -15.00 12.15
N ASP O 67 -114.56 -16.28 11.87
CA ASP O 67 -113.18 -16.74 11.94
C ASP O 67 -112.73 -17.43 10.65
N LYS O 68 -113.26 -17.01 9.50
CA LYS O 68 -112.79 -17.56 8.23
C LYS O 68 -111.45 -16.94 7.86
N TRP O 69 -110.61 -17.73 7.21
CA TRP O 69 -109.31 -17.25 6.75
C TRP O 69 -109.06 -17.62 5.29
N LYS O 81 -99.44 -10.20 2.03
CA LYS O 81 -98.36 -9.68 1.20
C LYS O 81 -97.23 -10.72 1.18
N ALA O 82 -96.11 -10.38 0.53
CA ALA O 82 -94.95 -11.24 0.49
C ALA O 82 -94.03 -10.86 1.65
N GLU O 83 -92.85 -11.49 1.71
CA GLU O 83 -91.91 -11.23 2.79
C GLU O 83 -91.34 -9.83 2.63
N PHE O 84 -91.35 -9.05 3.70
CA PHE O 84 -90.76 -7.72 3.71
C PHE O 84 -89.50 -7.75 4.56
N GLN O 85 -88.44 -7.10 4.08
CA GLN O 85 -87.11 -7.34 4.62
C GLN O 85 -86.43 -6.02 4.96
N ILE O 86 -85.74 -6.00 6.10
CA ILE O 86 -85.01 -4.83 6.60
C ILE O 86 -83.63 -5.30 7.07
N LEU O 87 -82.63 -5.17 6.20
CA LEU O 87 -81.22 -5.27 6.60
C LEU O 87 -80.64 -3.87 6.78
N ASP O 88 -80.90 -3.28 7.95
CA ASP O 88 -80.44 -1.92 8.19
C ASP O 88 -79.45 -1.85 9.34
N ASN O 89 -78.73 -0.73 9.38
CA ASN O 89 -77.80 -0.43 10.46
C ASN O 89 -77.96 1.03 10.83
N VAL O 90 -78.23 1.29 12.11
CA VAL O 90 -78.45 2.64 12.60
C VAL O 90 -77.42 2.98 13.66
N ASP O 91 -76.76 4.11 13.51
CA ASP O 91 -75.66 4.52 14.37
C ASP O 91 -76.07 5.74 15.17
N SER O 92 -75.79 5.73 16.47
CA SER O 92 -76.09 6.86 17.36
C SER O 92 -74.94 7.02 18.34
N THR O 93 -74.14 8.06 18.15
CA THR O 93 -72.99 8.32 19.00
C THR O 93 -73.10 9.72 19.56
N GLY O 94 -72.70 9.91 20.81
CA GLY O 94 -72.79 11.21 21.45
C GLY O 94 -72.00 11.38 22.72
N GLU O 95 -71.25 12.48 22.82
CA GLU O 95 -70.46 12.78 23.99
C GLU O 95 -70.85 14.15 24.53
N LEU O 96 -71.39 14.18 25.74
CA LEU O 96 -71.71 15.42 26.45
C LEU O 96 -70.82 15.51 27.67
N ILE O 97 -69.99 16.53 27.72
CA ILE O 97 -69.05 16.75 28.82
C ILE O 97 -69.06 18.23 29.19
N VAL O 98 -69.13 18.49 30.49
CA VAL O 98 -69.28 19.85 31.03
C VAL O 98 -68.41 19.97 32.28
N ARG O 99 -67.71 21.09 32.41
CA ARG O 99 -66.89 21.37 33.58
C ARG O 99 -67.56 22.45 34.41
N LEU O 100 -67.64 22.22 35.72
CA LEU O 100 -68.32 23.06 36.70
C LEU O 100 -67.36 24.05 37.34
N PRO O 101 -67.88 25.13 37.94
CA PRO O 101 -67.00 26.05 38.68
C PRO O 101 -66.34 25.42 39.89
N LYS O 102 -66.76 24.21 40.30
CA LYS O 102 -66.12 23.46 41.37
C LYS O 102 -65.06 22.50 40.84
N GLU O 103 -64.40 22.86 39.73
CA GLU O 103 -63.40 22.09 38.99
C GLU O 103 -63.85 20.65 38.74
N ILE O 104 -65.14 20.39 38.68
CA ILE O 104 -65.67 19.05 38.41
C ILE O 104 -65.74 18.90 36.90
N THR O 105 -65.06 17.89 36.37
CA THR O 105 -65.03 17.63 34.93
C THR O 105 -66.08 16.56 34.61
N ILE O 106 -67.35 16.89 34.77
CA ILE O 106 -68.45 15.96 34.53
C ILE O 106 -68.38 15.53 33.08
N SER O 107 -68.49 14.23 32.83
CA SER O 107 -68.29 13.69 31.50
C SER O 107 -69.31 12.60 31.20
N GLY O 108 -69.58 12.40 29.91
CA GLY O 108 -70.35 11.25 29.46
C GLY O 108 -70.19 11.06 27.96
N SER O 109 -70.00 9.82 27.51
CA SER O 109 -69.81 9.52 26.11
C SER O 109 -70.38 8.14 25.81
N PHE O 110 -71.38 8.08 24.92
CA PHE O 110 -72.06 6.85 24.58
C PHE O 110 -72.01 6.64 23.08
N GLN O 111 -72.08 5.38 22.66
CA GLN O 111 -72.20 5.08 21.25
C GLN O 111 -72.91 3.75 21.08
N GLY O 112 -73.80 3.69 20.08
CA GLY O 112 -74.53 2.48 19.79
C GLY O 112 -74.78 2.26 18.32
N PHE O 113 -74.34 1.11 17.83
CA PHE O 113 -74.59 0.69 16.46
C PHE O 113 -75.54 -0.51 16.48
N HIS O 114 -76.71 -0.33 15.90
CA HIS O 114 -77.76 -1.33 15.92
C HIS O 114 -77.90 -1.95 14.55
N HIS O 115 -77.80 -3.28 14.49
CA HIS O 115 -77.99 -4.01 13.26
C HIS O 115 -79.34 -4.71 13.30
N GLN O 116 -80.21 -4.39 12.37
CA GLN O 116 -81.54 -4.98 12.32
C GLN O 116 -81.68 -5.84 11.09
N LYS O 117 -82.08 -7.10 11.32
CA LYS O 117 -82.35 -8.11 10.30
C LYS O 117 -83.84 -8.43 10.30
N ILE O 118 -84.64 -7.38 10.30
CA ILE O 118 -86.07 -7.49 10.56
C ILE O 118 -86.77 -8.15 9.38
N LYS O 119 -87.61 -9.13 9.68
CA LYS O 119 -88.43 -9.79 8.69
C LYS O 119 -89.90 -9.64 9.06
N ILE O 120 -90.74 -9.37 8.06
CA ILE O 120 -92.13 -9.03 8.29
C ILE O 120 -93.01 -9.80 7.32
N SER O 121 -94.11 -10.35 7.82
CA SER O 121 -95.13 -11.00 7.00
C SER O 121 -96.48 -10.36 7.27
N GLU O 122 -97.44 -10.65 6.40
CA GLU O 122 -98.74 -9.99 6.47
C GLU O 122 -99.87 -11.01 6.35
N ASN O 123 -100.83 -10.89 7.27
CA ASN O 123 -102.06 -11.69 7.25
C ASN O 123 -103.22 -10.74 7.10
N ARG O 124 -103.88 -10.79 5.95
CA ARG O 124 -104.90 -9.80 5.57
C ARG O 124 -106.16 -10.04 6.39
N ILE O 125 -106.67 -8.98 6.99
CA ILE O 125 -108.00 -8.96 7.61
C ILE O 125 -108.78 -7.82 6.98
N SER O 126 -110.04 -8.10 6.63
CA SER O 126 -110.84 -7.16 5.88
C SER O 126 -111.15 -5.92 6.73
N GLN O 127 -111.17 -4.76 6.09
CA GLN O 127 -111.48 -3.52 6.80
C GLN O 127 -112.98 -3.40 7.08
N GLN O 128 -113.82 -3.80 6.13
CA GLN O 128 -115.26 -3.84 6.39
C GLN O 128 -115.58 -4.95 7.40
N TYR O 129 -114.67 -5.90 7.57
CA TYR O 129 -114.84 -6.87 8.63
C TYR O 129 -114.82 -6.22 10.01
N LEU O 130 -114.21 -5.03 10.15
CA LEU O 130 -114.32 -4.29 11.40
C LEU O 130 -115.76 -3.94 11.70
N ALA O 131 -116.47 -3.39 10.71
CA ALA O 131 -117.89 -3.13 10.85
C ALA O 131 -118.69 -4.39 11.09
N THR O 132 -118.33 -5.49 10.42
CA THR O 132 -118.94 -6.78 10.75
C THR O 132 -118.72 -7.15 12.21
N LEU O 133 -117.57 -6.76 12.77
CA LEU O 133 -117.28 -7.04 14.17
C LEU O 133 -118.15 -6.22 15.11
N GLU O 134 -118.35 -4.95 14.79
CA GLU O 134 -119.35 -4.22 15.58
C GLU O 134 -120.76 -4.76 15.38
N ASN O 135 -121.04 -5.37 14.23
CA ASN O 135 -122.32 -6.03 14.03
C ASN O 135 -122.48 -7.29 14.87
N ARG O 136 -121.39 -7.83 15.41
CA ARG O 136 -121.48 -8.96 16.33
C ARG O 136 -122.23 -8.57 17.60
N LYS O 137 -122.87 -9.55 18.21
CA LYS O 137 -123.51 -9.34 19.51
C LYS O 137 -122.47 -9.45 20.62
N LEU O 138 -122.20 -8.32 21.28
CA LEU O 138 -121.20 -8.26 22.32
C LEU O 138 -121.81 -8.74 23.65
N LYS O 139 -121.46 -9.96 24.05
CA LYS O 139 -121.93 -10.52 25.30
C LYS O 139 -121.01 -11.63 25.78
N ARG O 140 -120.38 -11.44 26.93
CA ARG O 140 -119.43 -12.39 27.48
C ARG O 140 -119.37 -12.22 28.99
N GLU O 141 -119.48 -13.34 29.71
CA GLU O 141 -119.44 -13.34 31.16
C GLU O 141 -118.08 -13.78 31.68
N LEU O 142 -117.05 -13.63 30.85
CA LEU O 142 -115.69 -13.86 31.32
C LEU O 142 -115.34 -12.83 32.39
N PRO O 143 -114.59 -13.23 33.41
CA PRO O 143 -114.27 -12.28 34.49
C PRO O 143 -113.33 -11.17 34.06
N PHE O 144 -113.85 -10.21 33.28
CA PHE O 144 -113.11 -9.00 32.95
C PHE O 144 -113.87 -7.72 33.20
N SER O 145 -115.18 -7.78 33.47
CA SER O 145 -115.97 -6.56 33.63
C SER O 145 -115.52 -5.75 34.83
N PHE O 146 -115.29 -6.39 35.97
CA PHE O 146 -114.92 -5.67 37.18
C PHE O 146 -113.62 -4.90 36.99
N ARG O 147 -112.58 -5.59 36.53
CA ARG O 147 -111.28 -4.92 36.35
C ARG O 147 -111.32 -3.93 35.20
N SER O 148 -112.06 -4.22 34.13
CA SER O 148 -112.16 -3.27 33.03
C SER O 148 -112.85 -1.98 33.46
N ILE O 149 -113.91 -2.07 34.27
CA ILE O 149 -114.54 -0.87 34.78
C ILE O 149 -113.65 -0.15 35.79
N ASN O 150 -112.90 -0.91 36.60
CA ASN O 150 -111.98 -0.28 37.54
C ASN O 150 -110.90 0.52 36.82
N THR O 151 -110.38 -0.02 35.72
CA THR O 151 -109.32 0.65 34.96
C THR O 151 -109.84 1.79 34.10
N ARG O 152 -110.92 1.56 33.34
CA ARG O 152 -111.46 2.50 32.36
C ARG O 152 -110.40 2.99 31.38
N GLU O 153 -109.70 2.07 30.73
CA GLU O 153 -108.65 2.42 29.78
C GLU O 153 -109.20 2.73 28.39
N ASN O 154 -110.52 2.61 28.21
CA ASN O 154 -111.20 2.71 26.91
C ASN O 154 -110.38 2.07 25.78
N LEU O 155 -110.15 0.77 25.94
CA LEU O 155 -109.28 -0.04 25.09
C LEU O 155 -109.51 0.22 23.60
N TYR O 156 -108.44 0.09 22.83
CA TYR O 156 -108.51 0.12 21.36
C TYR O 156 -108.02 -1.20 20.79
N LEU O 157 -108.33 -1.41 19.51
CA LEU O 157 -107.93 -2.62 18.81
C LEU O 157 -106.94 -2.28 17.70
N VAL O 158 -106.59 -3.29 16.91
CA VAL O 158 -105.60 -3.13 15.85
C VAL O 158 -106.31 -3.22 14.51
N THR O 159 -105.69 -2.63 13.48
CA THR O 159 -106.30 -2.59 12.16
C THR O 159 -106.05 -3.89 11.38
N GLU O 160 -104.78 -4.21 11.13
CA GLU O 160 -104.44 -5.34 10.29
C GLU O 160 -103.30 -6.11 10.95
N THR O 161 -103.25 -7.42 10.70
CA THR O 161 -102.25 -8.27 11.32
C THR O 161 -100.88 -8.03 10.69
N LEU O 162 -99.93 -7.57 11.49
CA LEU O 162 -98.56 -7.32 11.06
C LEU O 162 -97.69 -8.39 11.70
N GLU O 163 -97.43 -9.47 10.97
CA GLU O 163 -96.75 -10.64 11.49
C GLU O 163 -95.29 -10.64 11.05
N THR O 164 -94.49 -11.49 11.71
CA THR O 164 -93.07 -11.59 11.41
C THR O 164 -92.69 -13.05 11.27
N VAL O 165 -91.70 -13.34 10.43
CA VAL O 165 -91.03 -14.62 10.40
C VAL O 165 -89.52 -14.37 10.34
N LYS O 166 -88.90 -14.25 11.51
CA LYS O 166 -87.59 -13.62 11.66
C LYS O 166 -86.53 -14.65 12.04
N GLU O 167 -85.27 -14.27 11.84
CA GLU O 167 -84.17 -14.94 12.51
C GLU O 167 -83.90 -14.27 13.85
N GLU O 168 -82.95 -14.84 14.59
CA GLU O 168 -82.74 -14.49 15.99
C GLU O 168 -81.75 -13.34 16.18
N THR O 169 -81.74 -12.25 15.41
CA THR O 169 -80.57 -11.39 15.38
C THR O 169 -80.92 -9.90 15.49
N LEU O 170 -80.60 -9.30 16.65
CA LEU O 170 -80.45 -7.85 16.79
C LEU O 170 -79.23 -7.57 17.66
N LYS O 171 -78.61 -6.40 17.44
CA LYS O 171 -77.42 -6.00 18.18
C LYS O 171 -77.60 -4.59 18.73
N SER O 172 -76.71 -4.20 19.66
CA SER O 172 -76.77 -2.89 20.32
C SER O 172 -75.50 -2.65 21.14
N ASP O 173 -75.23 -1.38 21.48
CA ASP O 173 -74.05 -1.06 22.28
C ASP O 173 -74.20 0.30 22.96
N ARG O 174 -73.53 0.52 24.09
CA ARG O 174 -73.37 1.84 24.67
C ARG O 174 -72.09 1.87 25.50
N GLN O 175 -71.63 3.09 25.74
CA GLN O 175 -70.39 3.37 26.47
C GLN O 175 -70.69 4.54 27.38
N TYR O 176 -69.84 4.75 28.38
CA TYR O 176 -69.98 5.92 29.22
C TYR O 176 -68.66 6.21 29.91
N LYS O 177 -68.37 7.49 30.09
CA LYS O 177 -67.09 7.91 30.68
C LYS O 177 -67.34 9.21 31.43
N PHE O 178 -67.12 9.19 32.74
CA PHE O 178 -67.39 10.33 33.61
C PHE O 178 -66.19 10.58 34.51
N TRP O 179 -65.77 11.85 34.61
CA TRP O 179 -64.69 12.25 35.48
C TRP O 179 -65.19 13.29 36.46
N SER O 180 -64.43 13.53 37.52
CA SER O 180 -64.81 14.55 38.49
C SER O 180 -63.62 14.95 39.36
N GLN O 181 -63.74 16.14 39.94
CA GLN O 181 -62.73 16.70 40.84
C GLN O 181 -63.38 17.79 41.67
N ILE O 182 -63.50 17.55 42.99
CA ILE O 182 -64.17 18.52 43.87
C ILE O 182 -63.14 19.30 44.68
N SER O 183 -62.24 18.59 45.36
CA SER O 183 -61.15 19.24 46.10
C SER O 183 -59.84 18.50 45.84
N GLN O 184 -59.17 18.90 44.75
CA GLN O 184 -57.98 18.26 44.20
C GLN O 184 -58.13 16.74 44.14
N GLY O 185 -59.35 16.25 44.04
CA GLY O 185 -59.59 14.82 44.05
C GLY O 185 -59.84 14.24 42.68
N HIS O 186 -58.99 13.31 42.27
CA HIS O 186 -59.14 12.62 40.99
C HIS O 186 -60.37 11.72 41.03
N LEU O 187 -61.14 11.69 39.95
CA LEU O 187 -62.13 10.63 39.74
C LEU O 187 -62.28 10.34 38.26
N SER O 188 -61.99 9.09 37.88
CA SER O 188 -62.17 8.61 36.51
C SER O 188 -63.11 7.42 36.53
N TYR O 189 -63.99 7.33 35.54
CA TYR O 189 -65.09 6.37 35.52
C TYR O 189 -65.35 5.96 34.08
N LYS O 190 -65.28 4.66 33.80
CA LYS O 190 -65.50 4.21 32.43
C LYS O 190 -66.32 2.93 32.42
N HIS O 191 -67.03 2.72 31.32
CA HIS O 191 -67.93 1.57 31.17
C HIS O 191 -68.19 1.34 29.68
N LYS O 192 -68.15 0.06 29.28
CA LYS O 192 -68.42 -0.33 27.89
C LYS O 192 -69.33 -1.55 27.91
N GLY O 193 -70.62 -1.36 27.62
CA GLY O 193 -71.58 -2.45 27.62
C GLY O 193 -72.19 -2.64 26.25
N GLN O 194 -71.88 -3.78 25.64
CA GLN O 194 -72.41 -4.15 24.33
C GLN O 194 -73.43 -5.28 24.53
N ARG O 195 -74.59 -5.15 23.90
CA ARG O 195 -75.68 -6.09 24.06
C ARG O 195 -76.12 -6.62 22.70
N GLU O 196 -76.84 -7.73 22.71
CA GLU O 196 -77.44 -8.30 21.52
C GLU O 196 -78.50 -9.30 21.93
N VAL O 197 -79.51 -9.46 21.10
CA VAL O 197 -80.68 -10.26 21.44
C VAL O 197 -81.01 -11.23 20.32
N THR O 198 -81.36 -12.44 20.70
CA THR O 198 -81.84 -13.46 19.77
C THR O 198 -83.33 -13.21 19.54
N ILE O 199 -83.67 -12.80 18.33
CA ILE O 199 -85.04 -12.46 17.96
C ILE O 199 -85.74 -13.65 17.31
N PRO O 200 -86.91 -14.04 17.84
CA PRO O 200 -87.57 -15.26 17.37
C PRO O 200 -88.52 -15.00 16.22
N PRO O 201 -88.86 -16.05 15.44
CA PRO O 201 -89.55 -15.83 14.15
C PRO O 201 -90.91 -15.16 14.17
N ASN O 202 -91.91 -15.78 14.81
CA ASN O 202 -93.31 -15.43 14.56
C ASN O 202 -93.86 -14.62 15.72
N ARG O 203 -93.59 -13.31 15.71
CA ARG O 203 -94.01 -12.43 16.79
C ARG O 203 -94.57 -11.14 16.21
N VAL O 204 -95.18 -10.33 17.07
CA VAL O 204 -95.83 -9.09 16.67
C VAL O 204 -95.09 -7.92 17.34
N LEU O 205 -94.78 -6.90 16.54
CA LEU O 205 -94.04 -5.73 17.01
C LEU O 205 -94.85 -4.45 17.01
N SER O 206 -95.56 -4.15 15.92
CA SER O 206 -96.25 -2.88 15.79
C SER O 206 -97.73 -3.12 15.50
N TYR O 207 -98.56 -2.23 16.04
CA TYR O 207 -100.01 -2.41 15.98
C TYR O 207 -100.66 -1.04 15.78
N ARG O 208 -102.00 -1.04 15.71
CA ARG O 208 -102.75 0.17 15.40
C ARG O 208 -103.74 0.51 16.50
N VAL O 209 -104.48 1.61 16.34
CA VAL O 209 -105.43 2.09 17.33
C VAL O 209 -106.79 2.30 16.67
N LYS O 210 -107.84 1.78 17.29
CA LYS O 210 -109.21 2.07 16.88
C LYS O 210 -110.09 1.99 18.12
N GLN O 211 -110.67 3.13 18.50
CA GLN O 211 -111.33 3.28 19.79
C GLN O 211 -112.66 2.53 19.83
N LEU O 212 -112.92 1.88 20.96
CA LEU O 212 -114.19 1.22 21.21
C LEU O 212 -114.78 1.72 22.53
N VAL O 213 -116.08 2.00 22.52
CA VAL O 213 -116.82 2.38 23.72
C VAL O 213 -117.77 1.23 24.07
N PHE O 214 -117.84 0.92 25.36
CA PHE O 214 -118.56 -0.26 25.81
C PHE O 214 -119.70 0.12 26.75
N PRO O 215 -120.91 0.36 26.23
CA PRO O 215 -122.10 0.24 27.07
C PRO O 215 -122.27 -1.20 27.51
N ASN O 216 -122.89 -1.38 28.67
CA ASN O 216 -122.85 -2.67 29.34
C ASN O 216 -123.47 -3.78 28.49
N LYS O 217 -124.40 -3.43 27.60
CA LYS O 217 -125.03 -4.43 26.75
C LYS O 217 -124.36 -4.54 25.37
N GLU O 218 -124.33 -3.43 24.61
CA GLU O 218 -123.81 -3.44 23.26
C GLU O 218 -122.83 -2.28 23.08
N THR O 219 -121.82 -2.49 22.23
CA THR O 219 -120.72 -1.55 22.10
C THR O 219 -120.91 -0.64 20.87
N MET O 220 -120.01 0.33 20.76
CA MET O 220 -119.97 1.24 19.62
C MET O 220 -118.51 1.64 19.41
N SER O 221 -118.23 2.32 18.30
CA SER O 221 -116.85 2.61 17.92
C SER O 221 -116.57 4.11 17.88
N ALA O 222 -115.28 4.41 17.70
CA ALA O 222 -114.76 5.76 17.52
C ALA O 222 -113.48 5.61 16.71
N GLY O 223 -113.43 6.26 15.54
CA GLY O 223 -112.57 5.79 14.48
C GLY O 223 -111.08 5.96 14.65
N LEU O 224 -110.59 7.20 14.60
CA LEU O 224 -109.19 7.46 14.25
C LEU O 224 -108.36 7.69 15.52
N ASP O 225 -107.47 6.74 15.79
CA ASP O 225 -106.31 6.90 16.67
C ASP O 225 -106.59 7.76 17.90
N ILE O 226 -107.65 7.40 18.62
CA ILE O 226 -108.02 8.08 19.85
C ILE O 226 -107.28 7.41 21.00
N HIS O 227 -106.05 7.85 21.25
CA HIS O 227 -105.27 7.40 22.39
C HIS O 227 -105.32 8.41 23.54
N PHE O 228 -106.06 9.49 23.36
CA PHE O 228 -106.35 10.44 24.43
C PHE O 228 -107.57 9.90 25.18
N ARG O 229 -107.34 9.32 26.34
CA ARG O 229 -108.31 8.44 26.98
C ARG O 229 -109.30 9.25 27.79
N GLY O 230 -110.56 9.26 27.33
CA GLY O 230 -111.66 9.73 28.15
C GLY O 230 -112.97 9.09 27.74
N LYS O 231 -113.63 8.41 28.67
CA LYS O 231 -114.89 7.71 28.43
C LYS O 231 -115.56 7.43 29.77
N THR O 232 -116.89 7.50 29.81
CA THR O 232 -117.66 7.28 31.02
C THR O 232 -118.25 5.88 31.10
N LYS O 233 -117.63 4.89 30.44
CA LYS O 233 -118.14 3.52 30.49
C LYS O 233 -117.91 2.90 31.86
N PHE P 2 -84.89 13.50 8.12
CA PHE P 2 -84.52 12.14 8.53
C PHE P 2 -85.49 11.14 7.90
N SER P 3 -86.61 11.65 7.39
CA SER P 3 -87.47 10.82 6.56
C SER P 3 -86.80 10.56 5.22
N VAL P 4 -86.99 9.33 4.72
CA VAL P 4 -86.49 8.96 3.40
C VAL P 4 -87.60 8.77 2.38
N PHE P 5 -88.79 8.36 2.80
CA PHE P 5 -89.87 7.93 1.92
C PHE P 5 -90.56 9.10 1.25
N GLU P 6 -90.51 10.30 1.84
CA GLU P 6 -91.00 11.48 1.16
C GLU P 6 -89.99 11.94 0.11
N GLU P 7 -88.71 11.64 0.33
CA GLU P 7 -87.67 12.11 -0.57
C GLU P 7 -87.80 11.51 -1.97
N ILE P 8 -87.96 10.18 -2.06
CA ILE P 8 -88.03 9.51 -3.36
C ILE P 8 -89.27 9.97 -4.11
N THR P 9 -90.40 10.08 -3.41
CA THR P 9 -91.57 10.69 -4.00
C THR P 9 -91.29 12.10 -4.47
N ARG P 10 -90.39 12.83 -3.80
CA ARG P 10 -90.07 14.18 -4.26
C ARG P 10 -89.11 14.19 -5.44
N ILE P 11 -88.29 13.14 -5.61
CA ILE P 11 -87.59 13.03 -6.89
C ILE P 11 -88.61 12.84 -8.01
N VAL P 12 -89.64 12.03 -7.78
CA VAL P 12 -90.72 11.93 -8.76
C VAL P 12 -91.37 13.29 -8.99
N VAL P 13 -91.65 14.00 -7.89
CA VAL P 13 -92.26 15.32 -7.98
C VAL P 13 -91.39 16.27 -8.79
N LYS P 14 -90.08 16.28 -8.52
CA LYS P 14 -89.18 17.16 -9.26
C LYS P 14 -89.11 16.80 -10.73
N GLU P 15 -89.10 15.49 -11.04
CA GLU P 15 -89.16 15.05 -12.44
C GLU P 15 -90.47 15.48 -13.10
N MET P 16 -91.49 15.82 -12.32
CA MET P 16 -92.65 16.57 -12.82
C MET P 16 -92.46 18.08 -12.89
N ASP P 17 -92.17 18.74 -11.77
CA ASP P 17 -92.12 20.20 -11.65
C ASP P 17 -91.49 20.52 -10.31
N ALA P 18 -91.00 21.76 -10.19
CA ALA P 18 -90.33 22.22 -8.98
C ALA P 18 -91.37 22.45 -7.89
N GLY P 19 -91.71 21.37 -7.18
CA GLY P 19 -92.69 21.46 -6.11
C GLY P 19 -94.07 21.90 -6.54
N GLY P 20 -94.52 21.53 -7.73
CA GLY P 20 -95.74 22.06 -8.28
C GLY P 20 -96.93 21.11 -8.23
N ASP P 21 -97.29 20.56 -9.39
CA ASP P 21 -98.51 19.77 -9.50
C ASP P 21 -98.43 18.50 -8.66
N MET P 22 -97.35 17.74 -8.81
CA MET P 22 -97.39 16.33 -8.45
C MET P 22 -97.32 16.20 -6.93
N ILE P 23 -97.94 15.15 -6.38
CA ILE P 23 -98.11 15.02 -4.94
C ILE P 23 -97.47 13.72 -4.45
N ALA P 24 -97.05 13.74 -3.18
CA ALA P 24 -96.25 12.69 -2.56
C ALA P 24 -97.00 12.05 -1.39
N VAL P 25 -96.54 10.85 -0.99
CA VAL P 25 -97.17 10.06 0.06
C VAL P 25 -96.09 9.74 1.10
N ARG P 26 -96.51 9.39 2.32
CA ARG P 26 -95.57 9.23 3.43
C ARG P 26 -95.05 7.80 3.57
N SER P 27 -95.88 6.79 3.37
CA SER P 27 -95.47 5.40 3.58
C SER P 27 -96.32 4.45 2.77
N LEU P 28 -95.95 3.17 2.82
CA LEU P 28 -96.39 2.20 1.82
C LEU P 28 -96.85 0.88 2.42
N VAL P 29 -97.65 0.93 3.49
CA VAL P 29 -98.50 -0.22 3.81
C VAL P 29 -99.86 -0.07 3.14
N ASP P 30 -100.44 1.12 3.22
CA ASP P 30 -101.70 1.40 2.55
C ASP P 30 -101.46 2.27 1.31
N ALA P 31 -100.20 2.41 0.88
CA ALA P 31 -99.92 3.13 -0.36
C ALA P 31 -100.22 2.25 -1.57
N ASP P 32 -99.94 0.95 -1.46
CA ASP P 32 -100.39 0.02 -2.50
C ASP P 32 -101.91 0.07 -2.63
N ARG P 33 -102.60 0.48 -1.58
CA ARG P 33 -104.05 0.66 -1.62
C ARG P 33 -104.39 2.15 -1.75
N PHE P 34 -103.37 2.99 -1.97
CA PHE P 34 -103.61 4.38 -2.35
C PHE P 34 -103.73 4.50 -3.87
N ARG P 35 -104.58 3.63 -4.41
CA ARG P 35 -104.95 3.65 -5.81
C ARG P 35 -106.09 4.66 -5.97
N CYS P 36 -106.78 4.61 -7.11
CA CYS P 36 -107.90 5.51 -7.34
C CYS P 36 -109.00 5.29 -6.30
N PHE P 37 -109.85 6.31 -6.16
CA PHE P 37 -111.01 6.27 -5.26
C PHE P 37 -110.61 6.25 -3.79
N HIS P 38 -109.61 7.03 -3.39
CA HIS P 38 -109.06 6.93 -2.06
C HIS P 38 -108.68 8.32 -1.55
N LEU P 39 -108.59 8.45 -0.23
CA LEU P 39 -108.62 9.73 0.46
C LEU P 39 -107.24 10.16 0.93
N VAL P 40 -107.19 11.38 1.47
CA VAL P 40 -106.03 11.94 2.13
C VAL P 40 -106.51 12.66 3.39
N GLY P 41 -105.57 12.97 4.28
CA GLY P 41 -105.87 13.68 5.50
C GLY P 41 -105.78 15.19 5.33
N GLU P 42 -106.14 15.90 6.41
CA GLU P 42 -106.09 17.34 6.41
C GLU P 42 -104.64 17.84 6.43
N LYS P 43 -104.46 19.08 5.97
CA LYS P 43 -103.13 19.63 5.72
C LYS P 43 -102.77 20.64 6.81
N ARG P 44 -101.57 20.52 7.35
CA ARG P 44 -100.95 21.51 8.22
C ARG P 44 -99.58 21.88 7.67
N THR P 45 -99.06 23.02 8.14
CA THR P 45 -97.83 23.59 7.61
C THR P 45 -96.70 23.54 8.64
N PHE P 46 -96.70 22.53 9.51
CA PHE P 46 -95.60 22.38 10.46
C PHE P 46 -94.48 21.57 9.83
N PHE P 47 -93.25 22.05 10.02
CA PHE P 47 -92.05 21.41 9.47
C PHE P 47 -92.20 21.21 7.96
N GLY P 48 -92.51 22.31 7.27
CA GLY P 48 -92.75 22.26 5.85
C GLY P 48 -94.10 21.66 5.52
N CYS P 49 -94.26 21.30 4.25
CA CYS P 49 -95.49 20.67 3.79
C CYS P 49 -95.61 19.25 4.31
N ARG P 50 -96.45 19.05 5.33
CA ARG P 50 -96.63 17.73 5.94
C ARG P 50 -98.09 17.60 6.33
N HIS P 51 -98.80 16.72 5.64
CA HIS P 51 -100.24 16.55 5.83
C HIS P 51 -100.53 15.22 6.50
N TYR P 52 -101.80 14.97 6.80
CA TYR P 52 -102.24 13.72 7.37
C TYR P 52 -102.73 12.79 6.26
N THR P 53 -103.10 11.57 6.64
CA THR P 53 -103.48 10.58 5.64
C THR P 53 -104.47 9.58 6.21
N THR P 54 -105.45 9.21 5.41
CA THR P 54 -106.41 8.15 5.73
C THR P 54 -106.88 7.53 4.43
N GLY P 55 -106.82 6.20 4.34
CA GLY P 55 -106.94 5.53 3.06
C GLY P 55 -108.07 4.54 2.83
N LEU P 56 -109.29 4.85 3.27
CA LEU P 56 -110.42 3.97 3.06
C LEU P 56 -110.87 4.04 1.59
N THR P 57 -111.90 3.26 1.27
CA THR P 57 -112.33 3.00 -0.10
C THR P 57 -113.61 3.76 -0.41
N LEU P 58 -113.99 3.80 -1.69
CA LEU P 58 -115.16 4.56 -2.09
C LEU P 58 -116.08 3.80 -3.06
N MET P 59 -115.64 2.66 -3.59
CA MET P 59 -116.46 1.95 -4.57
C MET P 59 -117.80 1.56 -3.96
N ASP P 60 -118.89 1.87 -4.65
CA ASP P 60 -120.24 1.55 -4.18
C ASP P 60 -120.98 0.58 -5.09
N ILE P 61 -121.04 0.88 -6.39
CA ILE P 61 -121.88 0.13 -7.32
C ILE P 61 -121.05 -0.37 -8.49
N LEU P 62 -121.48 -1.49 -9.06
CA LEU P 62 -120.89 -2.07 -10.27
C LEU P 62 -122.00 -2.53 -11.22
N ASP P 63 -122.99 -1.67 -11.45
CA ASP P 63 -124.11 -2.04 -12.30
C ASP P 63 -123.73 -2.01 -13.78
N THR P 64 -123.17 -0.89 -14.24
CA THR P 64 -122.72 -0.79 -15.62
C THR P 64 -121.21 -0.98 -15.71
N ASP P 65 -120.65 -0.71 -16.89
CA ASP P 65 -119.24 -0.93 -17.13
C ASP P 65 -118.39 0.04 -16.31
N GLY P 66 -117.82 -0.44 -15.21
CA GLY P 66 -117.03 0.40 -14.34
C GLY P 66 -115.66 -0.15 -13.98
N ASP P 67 -115.45 -1.46 -14.17
CA ASP P 67 -114.20 -2.09 -13.79
C ASP P 67 -113.56 -2.87 -14.93
N LYS P 68 -113.76 -2.44 -16.17
CA LYS P 68 -113.08 -3.07 -17.29
C LYS P 68 -111.63 -2.65 -17.35
N TRP P 69 -110.77 -3.55 -17.80
CA TRP P 69 -109.35 -3.25 -17.93
C TRP P 69 -108.84 -3.71 -19.30
N LYS P 81 -97.86 2.37 -20.33
CA LYS P 81 -96.56 2.72 -20.90
C LYS P 81 -95.60 1.56 -20.65
N ALA P 82 -94.34 1.73 -21.03
CA ALA P 82 -93.30 0.74 -20.79
C ALA P 82 -92.63 1.04 -19.44
N GLU P 83 -91.59 0.28 -19.12
CA GLU P 83 -90.89 0.47 -17.85
C GLU P 83 -90.12 1.79 -17.89
N PHE P 84 -90.29 2.61 -16.85
CA PHE P 84 -89.55 3.86 -16.73
C PHE P 84 -88.53 3.71 -15.60
N GLN P 85 -87.32 4.19 -15.83
CA GLN P 85 -86.18 3.82 -15.00
C GLN P 85 -85.44 5.07 -14.52
N ILE P 86 -85.01 5.04 -13.25
CA ILE P 86 -84.29 6.13 -12.61
C ILE P 86 -83.12 5.53 -11.84
N LEU P 87 -81.94 5.50 -12.45
CA LEU P 87 -80.69 5.24 -11.74
C LEU P 87 -79.98 6.56 -11.44
N ASP P 88 -80.42 7.22 -10.37
CA ASP P 88 -79.87 8.53 -10.04
C ASP P 88 -79.16 8.52 -8.70
N ASN P 89 -78.33 9.54 -8.51
CA ASN P 89 -77.64 9.77 -7.24
C ASN P 89 -77.71 11.26 -6.93
N VAL P 90 -78.23 11.60 -5.76
CA VAL P 90 -78.38 12.98 -5.34
C VAL P 90 -77.58 13.23 -4.07
N ASP P 91 -76.76 14.28 -4.08
CA ASP P 91 -75.84 14.57 -2.99
C ASP P 91 -76.27 15.87 -2.32
N SER P 92 -76.29 15.88 -0.99
CA SER P 92 -76.64 17.06 -0.20
C SER P 92 -75.74 17.12 1.01
N THR P 93 -74.78 18.06 1.00
CA THR P 93 -73.83 18.20 2.10
C THR P 93 -73.89 19.63 2.59
N GLY P 94 -73.76 19.81 3.91
CA GLY P 94 -73.84 21.14 4.48
C GLY P 94 -73.34 21.27 5.91
N GLU P 95 -72.50 22.26 6.16
CA GLU P 95 -71.96 22.52 7.49
C GLU P 95 -72.29 23.94 7.90
N LEU P 96 -73.08 24.08 8.97
CA LEU P 96 -73.40 25.37 9.56
C LEU P 96 -72.81 25.40 10.96
N ILE P 97 -71.87 26.32 11.19
CA ILE P 97 -71.20 26.46 12.47
C ILE P 97 -71.11 27.95 12.81
N VAL P 98 -71.43 28.27 14.07
CA VAL P 98 -71.52 29.64 14.54
C VAL P 98 -70.95 29.71 15.95
N ARG P 99 -70.17 30.74 16.23
CA ARG P 99 -69.61 30.97 17.56
C ARG P 99 -70.30 32.15 18.21
N LEU P 100 -70.71 31.99 19.46
CA LEU P 100 -71.49 32.93 20.25
C LEU P 100 -70.58 33.83 21.09
N PRO P 101 -71.07 34.98 21.54
CA PRO P 101 -70.28 35.82 22.45
C PRO P 101 -69.99 35.15 23.79
N LYS P 102 -70.65 34.02 24.10
CA LYS P 102 -70.37 33.25 25.29
C LYS P 102 -69.34 32.15 25.02
N GLU P 103 -68.41 32.39 24.10
CA GLU P 103 -67.38 31.46 23.62
C GLU P 103 -67.92 30.08 23.29
N ILE P 104 -69.20 29.97 22.93
CA ILE P 104 -69.82 28.71 22.56
C ILE P 104 -69.56 28.51 21.07
N THR P 105 -68.91 27.40 20.72
CA THR P 105 -68.59 27.09 19.34
C THR P 105 -69.66 26.14 18.79
N ILE P 106 -70.89 26.63 18.65
CA ILE P 106 -72.01 25.82 18.17
C ILE P 106 -71.67 25.33 16.78
N SER P 107 -71.89 24.05 16.52
CA SER P 107 -71.46 23.43 15.29
C SER P 107 -72.52 22.47 14.76
N GLY P 108 -72.50 22.25 13.45
CA GLY P 108 -73.28 21.19 12.84
C GLY P 108 -72.82 20.92 11.43
N SER P 109 -72.70 19.65 11.05
CA SER P 109 -72.23 19.28 9.71
C SER P 109 -72.88 17.97 9.31
N PHE P 110 -73.66 18.00 8.23
CA PHE P 110 -74.38 16.84 7.76
C PHE P 110 -74.02 16.58 6.30
N GLN P 111 -74.15 15.31 5.89
CA GLN P 111 -73.99 14.98 4.48
C GLN P 111 -74.81 13.73 4.18
N GLY P 112 -75.43 13.74 3.00
CA GLY P 112 -76.23 12.63 2.55
C GLY P 112 -76.17 12.38 1.07
N PHE P 113 -75.79 11.17 0.71
CA PHE P 113 -75.76 10.72 -0.68
C PHE P 113 -76.84 9.66 -0.86
N HIS P 114 -77.81 9.95 -1.70
CA HIS P 114 -78.96 9.08 -1.90
C HIS P 114 -78.85 8.43 -3.27
N HIS P 115 -78.92 7.11 -3.30
CA HIS P 115 -78.91 6.35 -4.54
C HIS P 115 -80.32 5.82 -4.79
N GLN P 116 -80.91 6.22 -5.91
CA GLN P 116 -82.26 5.79 -6.24
C GLN P 116 -82.22 4.90 -7.48
N LYS P 117 -82.81 3.71 -7.33
CA LYS P 117 -82.97 2.70 -8.36
C LYS P 117 -84.44 2.56 -8.72
N ILE P 118 -85.09 3.70 -8.90
CA ILE P 118 -86.54 3.78 -8.98
C ILE P 118 -87.04 3.16 -10.28
N LYS P 119 -88.04 2.29 -10.17
CA LYS P 119 -88.69 1.70 -11.33
C LYS P 119 -90.18 2.05 -11.30
N ILE P 120 -90.72 2.37 -12.47
CA ILE P 120 -92.08 2.89 -12.57
C ILE P 120 -92.81 2.20 -13.71
N SER P 121 -94.05 1.81 -13.47
CA SER P 121 -94.93 1.25 -14.49
C SER P 121 -96.21 2.05 -14.55
N GLU P 122 -96.98 1.86 -15.62
CA GLU P 122 -98.17 2.66 -15.85
C GLU P 122 -99.36 1.78 -16.21
N ASN P 123 -100.48 2.06 -15.55
CA ASN P 123 -101.76 1.41 -15.83
C ASN P 123 -102.73 2.49 -16.27
N ARG P 124 -103.12 2.48 -17.54
CA ARG P 124 -103.89 3.56 -18.14
C ARG P 124 -105.33 3.50 -17.64
N ILE P 125 -105.82 4.64 -17.17
CA ILE P 125 -107.24 4.84 -16.88
C ILE P 125 -107.71 6.05 -17.68
N SER P 126 -108.87 5.90 -18.31
CA SER P 126 -109.36 6.91 -19.23
C SER P 126 -109.70 8.21 -18.49
N GLN P 127 -109.42 9.34 -19.13
CA GLN P 127 -109.73 10.63 -18.51
C GLN P 127 -111.22 10.95 -18.60
N GLN P 128 -111.88 10.61 -19.72
CA GLN P 128 -113.33 10.75 -19.78
C GLN P 128 -114.01 9.74 -18.87
N TYR P 129 -113.28 8.69 -18.48
CA TYR P 129 -113.81 7.78 -17.48
C TYR P 129 -114.02 8.49 -16.14
N LEU P 130 -113.32 9.58 -15.88
CA LEU P 130 -113.61 10.38 -14.69
C LEU P 130 -115.03 10.92 -14.73
N ALA P 131 -115.42 11.51 -15.86
CA ALA P 131 -116.79 11.95 -16.06
C ALA P 131 -117.78 10.80 -16.00
N THR P 132 -117.41 9.64 -16.56
CA THR P 132 -118.23 8.45 -16.37
C THR P 132 -118.41 8.11 -14.89
N LEU P 133 -117.38 8.38 -14.08
CA LEU P 133 -117.44 8.11 -12.64
C LEU P 133 -118.40 9.07 -11.95
N GLU P 134 -118.35 10.35 -12.32
CA GLU P 134 -119.40 11.22 -11.78
C GLU P 134 -120.79 10.84 -12.29
N ASN P 135 -120.88 10.24 -13.47
CA ASN P 135 -122.16 9.72 -13.96
C ASN P 135 -122.66 8.52 -13.16
N ARG P 136 -121.80 7.89 -12.37
CA ARG P 136 -122.24 6.80 -11.49
C ARG P 136 -123.20 7.33 -10.43
N LYS P 137 -124.08 6.46 -9.97
CA LYS P 137 -124.97 6.79 -8.87
C LYS P 137 -124.23 6.61 -7.54
N LEU P 138 -123.97 7.71 -6.86
CA LEU P 138 -123.24 7.69 -5.60
C LEU P 138 -124.18 7.34 -4.46
N LYS P 139 -124.09 6.11 -3.97
CA LYS P 139 -124.91 5.65 -2.84
C LYS P 139 -124.26 4.46 -2.16
N ARG P 140 -123.90 4.62 -0.89
CA ARG P 140 -123.22 3.57 -0.14
C ARG P 140 -123.49 3.80 1.34
N GLU P 141 -123.89 2.73 2.03
CA GLU P 141 -124.19 2.78 3.45
C GLU P 141 -123.04 2.20 4.27
N LEU P 142 -121.84 2.19 3.71
CA LEU P 142 -120.67 1.81 4.47
C LEU P 142 -120.44 2.84 5.58
N PRO P 143 -120.00 2.40 6.76
CA PRO P 143 -119.82 3.33 7.87
C PRO P 143 -118.66 4.30 7.65
N PHE P 144 -118.88 5.29 6.78
CA PHE P 144 -117.92 6.38 6.61
C PHE P 144 -118.56 7.76 6.65
N SER P 145 -119.89 7.87 6.61
CA SER P 145 -120.54 9.18 6.58
C SER P 145 -120.27 9.99 7.85
N PHE P 146 -120.39 9.36 9.02
CA PHE P 146 -120.22 10.07 10.28
C PHE P 146 -118.82 10.67 10.38
N ARG P 147 -117.79 9.85 10.19
CA ARG P 147 -116.42 10.34 10.29
C ARG P 147 -116.07 11.29 9.16
N SER P 148 -116.58 11.05 7.95
CA SER P 148 -116.31 11.96 6.85
C SER P 148 -116.90 13.34 7.10
N ILE P 149 -118.12 13.41 7.64
CA ILE P 149 -118.70 14.70 7.99
C ILE P 149 -117.97 15.33 9.16
N ASN P 150 -117.53 14.53 10.13
CA ASN P 150 -116.77 15.08 11.26
C ASN P 150 -115.47 15.71 10.79
N THR P 151 -114.79 15.08 9.84
CA THR P 151 -113.51 15.58 9.34
C THR P 151 -113.68 16.75 8.37
N ARG P 152 -114.57 16.61 7.39
CA ARG P 152 -114.75 17.58 6.30
C ARG P 152 -113.44 17.89 5.59
N GLU P 153 -112.74 16.86 5.12
CA GLU P 153 -111.46 17.05 4.44
C GLU P 153 -111.65 17.38 2.96
N ASN P 154 -112.89 17.41 2.48
CA ASN P 154 -113.23 17.54 1.05
C ASN P 154 -112.27 16.77 0.16
N LEU P 155 -112.25 15.45 0.37
CA LEU P 155 -111.32 14.52 -0.26
C LEU P 155 -111.17 14.74 -1.75
N TYR P 156 -109.97 14.46 -2.26
CA TYR P 156 -109.70 14.44 -3.69
C TYR P 156 -109.26 13.05 -4.13
N LEU P 157 -109.31 12.83 -5.44
CA LEU P 157 -108.91 11.56 -6.02
C LEU P 157 -107.66 11.73 -6.88
N VAL P 158 -107.27 10.66 -7.55
CA VAL P 158 -106.06 10.66 -8.36
C VAL P 158 -106.44 10.60 -9.83
N THR P 159 -105.54 11.08 -10.69
CA THR P 159 -105.83 11.13 -12.12
C THR P 159 -105.56 9.78 -12.80
N GLU P 160 -104.33 9.31 -12.76
CA GLU P 160 -103.94 8.10 -13.48
C GLU P 160 -103.10 7.23 -12.57
N THR P 161 -103.15 5.92 -12.80
CA THR P 161 -102.44 4.97 -11.96
C THR P 161 -100.94 5.02 -12.25
N LEU P 162 -100.15 5.40 -11.26
CA LEU P 162 -98.69 5.47 -11.37
C LEU P 162 -98.14 4.32 -10.53
N GLU P 163 -97.86 3.19 -11.18
CA GLU P 163 -97.47 1.97 -10.50
C GLU P 163 -95.96 1.78 -10.60
N THR P 164 -95.44 0.87 -9.76
CA THR P 164 -94.01 0.58 -9.73
C THR P 164 -93.80 -0.92 -9.76
N VAL P 165 -92.69 -1.35 -10.36
CA VAL P 165 -92.19 -2.71 -10.22
C VAL P 165 -90.70 -2.64 -9.92
N LYS P 166 -90.34 -2.55 -8.64
CA LYS P 166 -89.03 -2.08 -8.21
C LYS P 166 -88.22 -3.22 -7.58
N GLU P 167 -86.92 -3.01 -7.49
CA GLU P 167 -86.10 -3.77 -6.58
C GLU P 167 -86.05 -3.09 -5.21
N GLU P 168 -85.37 -3.74 -4.27
CA GLU P 168 -85.44 -3.36 -2.86
C GLU P 168 -84.38 -2.34 -2.46
N THR P 169 -84.07 -1.29 -3.22
CA THR P 169 -82.81 -0.57 -2.99
C THR P 169 -82.99 0.95 -2.98
N LEU P 170 -82.88 1.55 -1.79
CA LEU P 170 -82.58 2.97 -1.62
C LEU P 170 -81.56 3.15 -0.49
N LYS P 171 -80.76 4.22 -0.57
CA LYS P 171 -79.73 4.50 0.41
C LYS P 171 -79.85 5.94 0.88
N SER P 172 -79.16 6.26 1.98
CA SER P 172 -79.20 7.58 2.61
C SER P 172 -78.12 7.71 3.69
N ASP P 173 -77.78 8.94 4.09
CA ASP P 173 -76.79 9.15 5.13
C ASP P 173 -76.91 10.55 5.73
N ARG P 174 -76.51 10.72 6.99
CA ARG P 174 -76.30 12.04 7.59
C ARG P 174 -75.25 11.94 8.68
N GLN P 175 -74.70 13.11 9.02
CA GLN P 175 -73.64 13.26 10.00
C GLN P 175 -73.98 14.49 10.81
N TYR P 176 -73.37 14.64 11.97
CA TYR P 176 -73.56 15.85 12.75
C TYR P 176 -72.40 16.00 13.72
N LYS P 177 -71.99 17.24 13.97
CA LYS P 177 -70.85 17.53 14.82
C LYS P 177 -71.08 18.88 15.48
N PHE P 178 -71.18 18.89 16.81
CA PHE P 178 -71.48 20.08 17.58
C PHE P 178 -70.50 20.22 18.73
N TRP P 179 -69.97 21.42 18.90
CA TRP P 179 -69.06 21.72 20.00
C TRP P 179 -69.64 22.86 20.83
N SER P 180 -69.11 23.05 22.03
CA SER P 180 -69.57 24.14 22.88
C SER P 180 -68.57 24.42 23.99
N GLN P 181 -68.67 25.64 24.53
CA GLN P 181 -67.82 26.11 25.62
C GLN P 181 -68.50 27.29 26.28
N ILE P 182 -68.95 27.13 27.53
CA ILE P 182 -69.67 28.19 28.22
C ILE P 182 -68.77 28.88 29.24
N SER P 183 -68.14 28.10 30.12
CA SER P 183 -67.18 28.64 31.08
C SER P 183 -65.95 27.74 31.14
N GLN P 184 -65.00 28.02 30.23
CA GLN P 184 -63.80 27.21 29.97
C GLN P 184 -64.12 25.73 29.90
N GLY P 185 -65.36 25.37 29.53
CA GLY P 185 -65.76 23.99 29.49
C GLY P 185 -65.76 23.40 28.10
N HIS P 186 -64.97 22.35 27.91
CA HIS P 186 -64.90 21.64 26.64
C HIS P 186 -66.22 20.89 26.39
N LEU P 187 -66.73 20.91 25.17
CA LEU P 187 -67.76 19.97 24.75
C LEU P 187 -67.60 19.66 23.27
N SER P 188 -67.40 18.37 22.98
CA SER P 188 -67.31 17.85 21.62
C SER P 188 -68.38 16.79 21.43
N TYR P 189 -69.02 16.77 20.27
CA TYR P 189 -70.19 15.94 20.01
C TYR P 189 -70.18 15.51 18.55
N LYS P 190 -70.21 14.21 18.30
CA LYS P 190 -70.17 13.73 16.92
C LYS P 190 -71.11 12.56 16.73
N HIS P 191 -71.59 12.40 15.50
CA HIS P 191 -72.56 11.36 15.16
C HIS P 191 -72.51 11.11 13.66
N LYS P 192 -72.53 9.82 13.28
CA LYS P 192 -72.53 9.41 11.88
C LYS P 192 -73.57 8.32 11.70
N GLY P 193 -74.72 8.65 11.12
CA GLY P 193 -75.78 7.68 10.91
C GLY P 193 -76.09 7.50 9.43
N GLN P 194 -75.80 6.32 8.92
CA GLN P 194 -76.06 5.97 7.53
C GLN P 194 -77.22 4.98 7.49
N ARG P 195 -78.19 5.23 6.61
CA ARG P 195 -79.40 4.42 6.53
C ARG P 195 -79.58 3.90 5.12
N GLU P 196 -80.43 2.89 4.97
CA GLU P 196 -80.80 2.35 3.67
C GLU P 196 -82.04 1.51 3.85
N VAL P 197 -82.85 1.43 2.80
CA VAL P 197 -84.15 0.80 2.88
C VAL P 197 -84.34 -0.16 1.71
N THR P 198 -84.92 -1.32 2.01
CA THR P 198 -85.31 -2.30 1.01
C THR P 198 -86.66 -1.89 0.45
N ILE P 199 -86.66 -1.49 -0.81
CA ILE P 199 -87.86 -1.00 -1.49
C ILE P 199 -88.54 -2.11 -2.28
N PRO P 200 -89.83 -2.35 -2.03
CA PRO P 200 -90.52 -3.49 -2.62
C PRO P 200 -91.14 -3.16 -3.97
N PRO P 201 -91.43 -4.19 -4.79
CA PRO P 201 -91.76 -3.94 -6.21
C PRO P 201 -93.01 -3.12 -6.50
N ASN P 202 -94.19 -3.59 -6.12
CA ASN P 202 -95.45 -3.08 -6.68
C ASN P 202 -96.14 -2.16 -5.68
N ARG P 203 -95.71 -0.90 -5.65
CA ARG P 203 -96.24 0.07 -4.69
C ARG P 203 -96.48 1.39 -5.40
N VAL P 204 -97.18 2.30 -4.71
CA VAL P 204 -97.56 3.60 -5.25
C VAL P 204 -96.85 4.69 -4.46
N LEU P 205 -96.24 5.64 -5.17
CA LEU P 205 -95.48 6.72 -4.55
C LEU P 205 -96.10 8.10 -4.76
N SER P 206 -96.50 8.44 -5.98
CA SER P 206 -96.98 9.77 -6.27
C SER P 206 -98.37 9.70 -6.89
N TYR P 207 -99.18 10.70 -6.57
CA TYR P 207 -100.59 10.70 -6.96
C TYR P 207 -101.01 12.12 -7.31
N ARG P 208 -102.28 12.29 -7.70
CA ARG P 208 -102.78 13.56 -8.18
C ARG P 208 -103.95 14.06 -7.35
N VAL P 209 -104.49 15.24 -7.68
CA VAL P 209 -105.57 15.88 -6.94
C VAL P 209 -106.70 16.22 -7.90
N LYS P 210 -107.92 15.85 -7.52
CA LYS P 210 -109.12 16.28 -8.24
C LYS P 210 -110.26 16.37 -7.23
N GLN P 211 -110.77 17.58 -7.00
CA GLN P 211 -111.68 17.85 -5.91
C GLN P 211 -113.06 17.28 -6.17
N LEU P 212 -113.65 16.70 -5.13
CA LEU P 212 -115.02 16.21 -5.17
C LEU P 212 -115.82 16.83 -4.02
N VAL P 213 -117.04 17.27 -4.33
CA VAL P 213 -117.98 17.77 -3.35
C VAL P 213 -119.12 16.77 -3.20
N PHE P 214 -119.52 16.52 -1.96
CA PHE P 214 -120.46 15.45 -1.68
C PHE P 214 -121.73 15.99 -1.03
N PRO P 215 -122.74 16.35 -1.82
CA PRO P 215 -124.10 16.42 -1.27
C PRO P 215 -124.56 15.02 -0.87
N ASN P 216 -125.45 14.96 0.12
CA ASN P 216 -125.72 13.69 0.80
C ASN P 216 -126.26 12.64 -0.17
N LYS P 217 -126.91 13.07 -1.24
CA LYS P 217 -127.45 12.12 -2.22
C LYS P 217 -126.50 11.88 -3.40
N GLU P 218 -126.17 12.94 -4.13
CA GLU P 218 -125.36 12.83 -5.35
C GLU P 218 -124.23 13.85 -5.30
N THR P 219 -123.09 13.49 -5.88
CA THR P 219 -121.87 14.29 -5.77
C THR P 219 -121.66 15.15 -7.02
N MET P 220 -120.65 16.01 -6.94
CA MET P 220 -120.23 16.87 -8.04
C MET P 220 -118.72 17.08 -7.92
N SER P 221 -118.12 17.68 -8.94
CA SER P 221 -116.66 17.78 -8.99
C SER P 221 -116.19 19.23 -8.98
N ALA P 222 -114.88 19.37 -8.87
CA ALA P 222 -114.16 20.64 -8.93
C ALA P 222 -112.75 20.31 -9.41
N GLY P 223 -112.37 20.90 -10.55
CA GLY P 223 -111.36 20.29 -11.39
C GLY P 223 -109.92 20.29 -10.88
N LEU P 224 -109.29 21.46 -10.83
CA LEU P 224 -107.83 21.53 -10.84
C LEU P 224 -107.28 21.70 -9.44
N ASP P 225 -106.60 20.67 -8.94
CA ASP P 225 -105.66 20.71 -7.82
C ASP P 225 -106.11 21.65 -6.70
N ILE P 226 -107.33 21.45 -6.24
CA ILE P 226 -107.88 22.22 -5.14
C ILE P 226 -107.52 21.51 -3.84
N HIS P 227 -106.33 21.80 -3.32
CA HIS P 227 -105.89 21.31 -2.02
C HIS P 227 -106.08 22.35 -0.93
N PHE P 228 -106.61 23.52 -1.28
CA PHE P 228 -107.02 24.53 -0.31
C PHE P 228 -108.43 24.18 0.13
N ARG P 229 -108.55 23.61 1.32
CA ARG P 229 -109.74 22.87 1.73
C ARG P 229 -110.78 23.83 2.29
N GLY P 230 -111.89 23.99 1.55
CA GLY P 230 -113.09 24.61 2.09
C GLY P 230 -114.33 24.11 1.40
N LYS P 231 -115.27 23.55 2.16
CA LYS P 231 -116.51 23.01 1.64
C LYS P 231 -117.50 22.86 2.79
N THR P 232 -118.77 23.09 2.52
CA THR P 232 -119.82 23.01 3.53
C THR P 232 -120.59 21.70 3.49
N LYS P 233 -119.97 20.62 3.00
CA LYS P 233 -120.64 19.33 2.93
C LYS P 233 -120.81 18.73 4.33
N PHE Q 2 -82.08 24.08 -12.06
CA PHE Q 2 -81.99 22.70 -11.58
C PHE Q 2 -82.93 21.81 -12.38
N SER Q 3 -83.83 22.43 -13.13
CA SER Q 3 -84.58 21.69 -14.12
C SER Q 3 -83.68 21.28 -15.29
N VAL Q 4 -83.92 20.07 -15.80
CA VAL Q 4 -83.19 19.58 -16.97
C VAL Q 4 -84.07 19.49 -18.21
N PHE Q 5 -85.37 19.26 -18.06
CA PHE Q 5 -86.28 18.94 -19.15
C PHE Q 5 -86.64 20.16 -19.98
N GLU Q 6 -86.57 21.36 -19.40
CA GLU Q 6 -86.72 22.58 -20.19
C GLU Q 6 -85.46 22.85 -20.99
N GLU Q 7 -84.31 22.40 -20.49
CA GLU Q 7 -83.04 22.70 -21.15
C GLU Q 7 -82.95 22.05 -22.52
N ILE Q 8 -83.25 20.75 -22.63
CA ILE Q 8 -83.14 20.05 -23.90
C ILE Q 8 -84.10 20.63 -24.93
N THR Q 9 -85.33 20.91 -24.50
CA THR Q 9 -86.26 21.64 -25.34
C THR Q 9 -85.69 22.99 -25.75
N ARG Q 10 -84.88 23.63 -24.89
CA ARG Q 10 -84.29 24.91 -25.28
C ARG Q 10 -83.09 24.74 -26.22
N ILE Q 11 -82.40 23.60 -26.19
CA ILE Q 11 -81.46 23.33 -27.30
C ILE Q 11 -82.22 23.24 -28.61
N VAL Q 12 -83.38 22.57 -28.60
CA VAL Q 12 -84.22 22.57 -29.80
C VAL Q 12 -84.62 23.99 -30.18
N VAL Q 13 -85.04 24.78 -29.18
CA VAL Q 13 -85.44 26.16 -29.43
C VAL Q 13 -84.29 26.96 -30.02
N LYS Q 14 -83.08 26.81 -29.49
CA LYS Q 14 -81.93 27.54 -30.00
C LYS Q 14 -81.58 27.10 -31.43
N GLU Q 15 -81.68 25.81 -31.71
CA GLU Q 15 -81.49 25.32 -33.07
C GLU Q 15 -82.55 25.88 -34.02
N MET Q 16 -83.67 26.38 -33.48
CA MET Q 16 -84.58 27.24 -34.24
C MET Q 16 -84.18 28.72 -34.29
N ASP Q 17 -84.05 29.38 -33.13
CA ASP Q 17 -83.84 30.82 -33.03
C ASP Q 17 -83.48 31.13 -31.58
N ALA Q 18 -82.88 32.29 -31.37
CA ALA Q 18 -82.42 32.72 -30.05
C ALA Q 18 -83.64 33.12 -29.22
N GLY Q 19 -84.28 32.13 -28.59
CA GLY Q 19 -85.44 32.37 -27.78
C GLY Q 19 -86.62 32.97 -28.51
N GLY Q 20 -86.84 32.61 -29.76
CA GLY Q 20 -87.83 33.27 -30.57
C GLY Q 20 -89.12 32.48 -30.78
N ASP Q 21 -89.28 31.94 -31.98
CA ASP Q 21 -90.55 31.30 -32.34
C ASP Q 21 -90.82 30.07 -31.50
N MET Q 22 -89.84 29.17 -31.39
CA MET Q 22 -90.14 27.79 -31.04
C MET Q 22 -90.43 27.71 -29.53
N ILE Q 23 -91.29 26.78 -29.13
CA ILE Q 23 -91.79 26.73 -27.76
C ILE Q 23 -91.45 25.38 -27.13
N ALA Q 24 -91.32 25.40 -25.80
CA ALA Q 24 -90.83 24.28 -24.99
C ALA Q 24 -91.89 23.79 -24.02
N VAL Q 25 -91.69 22.56 -23.52
CA VAL Q 25 -92.64 21.91 -22.62
C VAL Q 25 -91.87 21.49 -21.37
N ARG Q 26 -92.59 21.24 -20.27
CA ARG Q 26 -91.95 21.01 -18.97
C ARG Q 26 -91.66 19.54 -18.70
N SER Q 27 -92.55 18.63 -19.07
CA SER Q 27 -92.39 17.21 -18.76
C SER Q 27 -93.16 16.34 -19.73
N LEU Q 28 -92.98 15.02 -19.58
CA LEU Q 28 -93.31 14.08 -20.64
C LEU Q 28 -94.07 12.85 -20.14
N VAL Q 29 -95.08 13.05 -19.29
CA VAL Q 29 -96.12 12.03 -19.14
C VAL Q 29 -97.27 12.32 -20.10
N ASP Q 30 -97.69 13.58 -20.16
CA ASP Q 30 -98.71 14.00 -21.11
C ASP Q 30 -98.10 14.77 -22.28
N ALA Q 31 -96.77 14.74 -22.40
CA ALA Q 31 -96.13 15.36 -23.56
C ALA Q 31 -96.27 14.48 -24.80
N ASP Q 32 -96.20 13.16 -24.61
CA ASP Q 32 -96.53 12.26 -25.71
C ASP Q 32 -97.96 12.49 -26.18
N ARG Q 33 -98.81 13.03 -25.31
CA ARG Q 33 -100.17 13.39 -25.68
C ARG Q 33 -100.28 14.90 -25.89
N PHE Q 34 -99.13 15.59 -25.90
CA PHE Q 34 -99.09 16.99 -26.34
C PHE Q 34 -98.86 17.06 -27.84
N ARG Q 35 -99.68 16.28 -28.55
CA ARG Q 35 -99.73 16.30 -30.00
C ARG Q 35 -100.66 17.44 -30.43
N CYS Q 36 -101.08 17.42 -31.69
CA CYS Q 36 -101.99 18.45 -32.18
C CYS Q 36 -103.31 18.41 -31.41
N PHE Q 37 -104.03 19.54 -31.46
CA PHE Q 37 -105.36 19.69 -30.85
C PHE Q 37 -105.30 19.67 -29.32
N HIS Q 38 -104.31 20.33 -28.73
CA HIS Q 38 -104.08 20.23 -27.29
C HIS Q 38 -103.65 21.58 -26.73
N LEU Q 39 -103.82 21.73 -25.43
CA LEU Q 39 -103.84 23.04 -24.78
C LEU Q 39 -102.55 23.32 -24.02
N VAL Q 40 -102.47 24.54 -23.49
CA VAL Q 40 -101.41 24.97 -22.60
C VAL Q 40 -102.05 25.80 -21.49
N GLY Q 41 -101.30 26.02 -20.42
CA GLY Q 41 -101.76 26.82 -19.30
C GLY Q 41 -101.44 28.30 -19.45
N GLU Q 42 -101.92 29.08 -18.50
CA GLU Q 42 -101.69 30.51 -18.50
C GLU Q 42 -100.23 30.82 -18.16
N LYS Q 43 -99.79 32.01 -18.58
CA LYS Q 43 -98.37 32.37 -18.54
C LYS Q 43 -98.13 33.37 -17.42
N ARG Q 44 -97.09 33.12 -16.62
CA ARG Q 44 -96.56 34.06 -15.64
C ARG Q 44 -95.06 34.24 -15.87
N THR Q 45 -94.52 35.32 -15.31
CA THR Q 45 -93.13 35.70 -15.55
C THR Q 45 -92.28 35.55 -14.31
N PHE Q 46 -92.60 34.59 -13.44
CA PHE Q 46 -91.77 34.34 -12.27
C PHE Q 46 -90.65 33.37 -12.63
N PHE Q 47 -89.44 33.68 -12.18
CA PHE Q 47 -88.24 32.89 -12.45
C PHE Q 47 -88.08 32.64 -13.94
N GLY Q 48 -88.08 33.74 -14.70
CA GLY Q 48 -88.02 33.67 -16.14
C GLY Q 48 -89.32 33.23 -16.76
N CYS Q 49 -89.25 32.83 -18.02
CA CYS Q 49 -90.43 32.37 -18.74
C CYS Q 49 -90.85 30.98 -18.23
N ARG Q 50 -91.90 30.93 -17.43
CA ARG Q 50 -92.39 29.67 -16.85
C ARG Q 50 -93.90 29.75 -16.80
N HIS Q 51 -94.56 28.93 -17.62
CA HIS Q 51 -96.02 28.96 -17.75
C HIS Q 51 -96.61 27.70 -17.15
N TYR Q 52 -97.94 27.63 -17.14
CA TYR Q 52 -98.67 26.47 -16.66
C TYR Q 52 -99.00 25.57 -17.84
N THR Q 53 -99.62 24.42 -17.54
CA THR Q 53 -99.89 23.45 -18.60
C THR Q 53 -101.11 22.60 -18.24
N THR Q 54 -101.93 22.33 -19.25
CA THR Q 54 -103.07 21.41 -19.13
C THR Q 54 -103.32 20.80 -20.49
N GLY Q 55 -103.42 19.48 -20.55
CA GLY Q 55 -103.35 18.77 -21.82
C GLY Q 55 -104.52 17.93 -22.28
N LEU Q 56 -105.75 18.41 -22.13
CA LEU Q 56 -106.91 17.67 -22.58
C LEU Q 56 -107.02 17.74 -24.11
N THR Q 57 -108.05 17.08 -24.64
CA THR Q 57 -108.19 16.83 -26.07
C THR Q 57 -109.27 17.73 -26.67
N LEU Q 58 -109.35 17.76 -28.01
CA LEU Q 58 -110.30 18.65 -28.66
C LEU Q 58 -111.07 17.97 -29.80
N MET Q 59 -110.68 16.76 -30.20
CA MET Q 59 -111.35 16.12 -31.33
C MET Q 59 -112.83 15.94 -31.03
N ASP Q 60 -113.69 16.35 -31.97
CA ASP Q 60 -115.13 16.22 -31.80
C ASP Q 60 -115.79 15.33 -32.84
N ILE Q 61 -115.52 15.57 -34.13
CA ILE Q 61 -116.23 14.90 -35.21
C ILE Q 61 -115.23 14.25 -36.15
N LEU Q 62 -115.67 13.16 -36.79
CA LEU Q 62 -114.92 12.47 -37.83
C LEU Q 62 -115.83 12.12 -39.01
N ASP Q 63 -116.63 13.09 -39.47
CA ASP Q 63 -117.58 12.82 -40.55
C ASP Q 63 -116.88 12.75 -41.89
N THR Q 64 -116.08 13.77 -42.23
CA THR Q 64 -115.34 13.77 -43.47
C THR Q 64 -113.88 13.37 -43.22
N ASP Q 65 -113.05 13.52 -44.25
CA ASP Q 65 -111.66 13.11 -44.16
C ASP Q 65 -110.89 14.00 -43.19
N GLY Q 66 -110.65 13.50 -41.99
CA GLY Q 66 -109.96 14.26 -40.97
C GLY Q 66 -108.79 13.56 -40.31
N ASP Q 67 -108.73 12.23 -40.44
CA ASP Q 67 -107.68 11.46 -39.77
C ASP Q 67 -106.91 10.55 -40.73
N LYS Q 68 -106.78 10.96 -42.00
CA LYS Q 68 -105.97 10.20 -42.93
C LYS Q 68 -104.48 10.44 -42.67
N TRP Q 69 -103.68 9.41 -42.90
CA TRP Q 69 -102.23 9.52 -42.72
C TRP Q 69 -101.50 8.95 -43.92
N LYS Q 81 -89.86 13.53 -42.56
CA LYS Q 81 -88.43 13.69 -42.83
C LYS Q 81 -87.71 12.43 -42.36
N ALA Q 82 -86.38 12.43 -42.45
CA ALA Q 82 -85.57 11.32 -41.97
C ALA Q 82 -85.17 11.60 -40.52
N GLU Q 83 -84.34 10.72 -39.95
CA GLU Q 83 -83.92 10.87 -38.56
C GLU Q 83 -83.00 12.08 -38.45
N PHE Q 84 -83.26 12.95 -37.48
CA PHE Q 84 -82.41 14.09 -37.22
C PHE Q 84 -81.70 13.85 -35.89
N GLN Q 85 -80.41 14.19 -35.85
CA GLN Q 85 -79.54 13.70 -34.77
C GLN Q 85 -78.78 14.86 -34.16
N ILE Q 86 -78.64 14.83 -32.83
CA ILE Q 86 -77.93 15.84 -32.06
C ILE Q 86 -77.06 15.12 -31.04
N LEU Q 87 -75.78 14.93 -31.37
CA LEU Q 87 -74.76 14.54 -30.39
C LEU Q 87 -73.97 15.78 -29.97
N ASP Q 88 -74.55 16.53 -29.02
CA ASP Q 88 -73.91 17.77 -28.60
C ASP Q 88 -73.52 17.72 -27.13
N ASN Q 89 -72.62 18.64 -26.76
CA ASN Q 89 -72.21 18.83 -25.38
C ASN Q 89 -72.14 20.32 -25.11
N VAL Q 90 -72.85 20.78 -24.08
CA VAL Q 90 -72.90 22.19 -23.73
C VAL Q 90 -72.38 22.37 -22.32
N ASP Q 91 -71.45 23.31 -22.16
CA ASP Q 91 -70.76 23.54 -20.89
C ASP Q 91 -71.14 24.90 -20.35
N SER Q 92 -71.46 24.96 -19.05
CA SER Q 92 -71.81 26.21 -18.39
C SER Q 92 -71.20 26.21 -16.99
N THR Q 93 -70.14 27.01 -16.81
CA THR Q 93 -69.45 27.08 -15.53
C THR Q 93 -69.42 28.53 -15.07
N GLY Q 94 -69.57 28.75 -13.76
CA GLY Q 94 -69.58 30.09 -13.23
C GLY Q 94 -69.40 30.21 -11.74
N GLU Q 95 -68.51 31.10 -11.31
CA GLU Q 95 -68.25 31.34 -9.90
C GLU Q 95 -68.47 32.82 -9.59
N LEU Q 96 -69.45 33.10 -8.73
CA LEU Q 96 -69.71 34.44 -8.24
C LEU Q 96 -69.44 34.45 -6.74
N ILE Q 97 -68.46 35.25 -6.33
CA ILE Q 97 -68.08 35.36 -4.93
C ILE Q 97 -67.87 36.83 -4.58
N VAL Q 98 -68.42 37.25 -3.44
CA VAL Q 98 -68.43 38.65 -3.01
C VAL Q 98 -68.18 38.69 -1.51
N ARG Q 99 -67.33 39.62 -1.08
CA ARG Q 99 -67.06 39.82 0.34
C ARG Q 99 -67.72 41.12 0.79
N LEU Q 100 -68.41 41.05 1.94
CA LEU Q 100 -69.21 42.12 2.52
C LEU Q 100 -68.39 42.92 3.53
N PRO Q 101 -68.81 44.16 3.84
CA PRO Q 101 -68.13 44.92 4.91
C PRO Q 101 -68.25 44.28 6.28
N LYS Q 102 -69.09 43.26 6.45
CA LYS Q 102 -69.19 42.50 7.68
C LYS Q 102 -68.28 41.28 7.66
N GLU Q 103 -67.14 41.35 6.97
CA GLU Q 103 -66.17 40.28 6.74
C GLU Q 103 -66.81 38.97 6.31
N ILE Q 104 -67.98 39.01 5.67
CA ILE Q 104 -68.66 37.82 5.20
C ILE Q 104 -68.11 37.53 3.80
N THR Q 105 -67.56 36.33 3.62
CA THR Q 105 -66.98 35.93 2.34
C THR Q 105 -68.01 35.10 1.59
N ILE Q 106 -69.12 35.74 1.17
CA ILE Q 106 -70.20 35.06 0.47
C ILE Q 106 -69.63 34.48 -0.82
N SER Q 107 -69.96 33.22 -1.10
CA SER Q 107 -69.35 32.50 -2.20
C SER Q 107 -70.38 31.66 -2.94
N GLY Q 108 -70.12 31.39 -4.21
CA GLY Q 108 -70.88 30.42 -4.97
C GLY Q 108 -70.16 30.03 -6.23
N SER Q 109 -70.12 28.75 -6.56
CA SER Q 109 -69.43 28.26 -7.75
C SER Q 109 -70.14 27.03 -8.27
N PHE Q 110 -70.64 27.11 -9.50
CA PHE Q 110 -71.41 26.04 -10.12
C PHE Q 110 -70.77 25.67 -11.45
N GLN Q 111 -70.98 24.42 -11.87
CA GLN Q 111 -70.55 24.01 -13.20
C GLN Q 111 -71.45 22.87 -13.67
N GLY Q 112 -71.79 22.91 -14.95
CA GLY Q 112 -72.62 21.88 -15.55
C GLY Q 112 -72.25 21.57 -16.98
N PHE Q 113 -71.96 20.31 -17.24
CA PHE Q 113 -71.70 19.81 -18.58
C PHE Q 113 -72.83 18.87 -18.98
N HIS Q 114 -73.56 19.26 -20.02
CA HIS Q 114 -74.73 18.53 -20.47
C HIS Q 114 -74.42 17.82 -21.77
N HIS Q 115 -74.66 16.51 -21.79
CA HIS Q 115 -74.48 15.71 -22.99
C HIS Q 115 -75.85 15.36 -23.53
N GLN Q 116 -76.12 15.78 -24.77
CA GLN Q 116 -77.41 15.51 -25.39
C GLN Q 116 -77.23 14.57 -26.58
N LYS Q 117 -77.98 13.48 -26.55
CA LYS Q 117 -78.05 12.45 -27.58
C LYS Q 117 -79.41 12.49 -28.25
N ILE Q 118 -79.85 13.70 -28.59
CA ILE Q 118 -81.22 13.94 -28.99
C ILE Q 118 -81.50 13.35 -30.36
N LYS Q 119 -82.60 12.63 -30.47
CA LYS Q 119 -83.06 12.06 -31.73
C LYS Q 119 -84.45 12.61 -32.04
N ILE Q 120 -84.69 12.95 -33.31
CA ILE Q 120 -85.91 13.63 -33.72
C ILE Q 120 -86.45 12.98 -34.98
N SER Q 121 -87.76 12.77 -35.02
CA SER Q 121 -88.46 12.28 -36.21
C SER Q 121 -89.57 13.25 -36.55
N GLU Q 122 -90.11 13.10 -37.76
CA GLU Q 122 -91.10 14.05 -38.27
C GLU Q 122 -92.29 13.31 -38.88
N ASN Q 123 -93.48 13.75 -38.48
CA ASN Q 123 -94.74 13.26 -39.04
C ASN Q 123 -95.45 14.43 -39.69
N ARG Q 124 -95.53 14.42 -41.01
CA ARG Q 124 -96.00 15.56 -41.78
C ARG Q 124 -97.51 15.71 -41.61
N ILE Q 125 -97.94 16.93 -41.29
CA ILE Q 125 -99.34 17.32 -41.32
C ILE Q 125 -99.47 18.54 -42.22
N SER Q 126 -100.48 18.51 -43.09
CA SER Q 126 -100.61 19.55 -44.11
C SER Q 126 -100.92 20.90 -43.47
N GLN Q 127 -100.37 21.96 -44.05
CA GLN Q 127 -100.63 23.31 -43.54
C GLN Q 127 -102.02 23.80 -43.95
N GLN Q 128 -102.44 23.51 -45.17
CA GLN Q 128 -103.81 23.82 -45.57
C GLN Q 128 -104.81 22.94 -44.82
N TYR Q 129 -104.33 21.83 -44.27
CA TYR Q 129 -105.18 21.04 -43.39
C TYR Q 129 -105.59 21.81 -42.15
N LEU Q 130 -104.81 22.84 -41.75
CA LEU Q 130 -105.25 23.70 -40.66
C LEU Q 130 -106.54 24.42 -41.03
N ALA Q 131 -106.59 25.00 -42.23
CA ALA Q 131 -107.82 25.61 -42.73
C ALA Q 131 -108.93 24.60 -42.87
N THR Q 132 -108.62 23.39 -43.32
CA THR Q 132 -109.61 22.31 -43.31
C THR Q 132 -110.14 22.06 -41.91
N LEU Q 133 -109.29 22.23 -40.89
CA LEU Q 133 -109.71 22.03 -39.50
C LEU Q 133 -110.66 23.13 -39.05
N GLU Q 134 -110.36 24.38 -39.41
CA GLU Q 134 -111.38 25.39 -39.13
C GLU Q 134 -112.65 25.17 -39.93
N ASN Q 135 -112.57 24.53 -41.09
CA ASN Q 135 -113.76 24.17 -41.85
C ASN Q 135 -114.58 23.08 -41.17
N ARG Q 136 -114.01 22.37 -40.20
CA ARG Q 136 -114.77 21.39 -39.43
C ARG Q 136 -115.86 22.07 -38.62
N LYS Q 137 -116.94 21.35 -38.35
CA LYS Q 137 -117.99 21.83 -37.48
C LYS Q 137 -117.59 21.61 -36.03
N LEU Q 138 -117.34 22.70 -35.31
CA LEU Q 138 -116.91 22.63 -33.91
C LEU Q 138 -118.12 22.46 -33.01
N LYS Q 139 -118.31 21.24 -32.51
CA LYS Q 139 -119.40 20.94 -31.59
C LYS Q 139 -119.08 19.70 -30.75
N ARG Q 140 -118.99 19.87 -29.45
CA ARG Q 140 -118.64 18.78 -28.54
C ARG Q 140 -119.19 19.10 -27.17
N GLU Q 141 -119.87 18.11 -26.57
CA GLU Q 141 -120.46 18.26 -25.25
C GLU Q 141 -119.61 17.57 -24.19
N LEU Q 142 -118.33 17.39 -24.47
CA LEU Q 142 -117.41 16.89 -23.45
C LEU Q 142 -117.30 17.92 -22.33
N PRO Q 143 -117.19 17.48 -21.09
CA PRO Q 143 -117.14 18.44 -19.97
C PRO Q 143 -115.85 19.24 -19.94
N PHE Q 144 -115.73 20.21 -20.85
CA PHE Q 144 -114.63 21.15 -20.82
C PHE Q 144 -115.06 22.60 -20.93
N SER Q 145 -116.33 22.89 -21.26
CA SER Q 145 -116.77 24.26 -21.46
C SER Q 145 -116.69 25.08 -20.17
N PHE Q 146 -117.14 24.52 -19.05
CA PHE Q 146 -117.16 25.26 -17.80
C PHE Q 146 -115.75 25.69 -17.38
N ARG Q 147 -114.82 24.73 -17.35
CA ARG Q 147 -113.45 25.04 -16.94
C ARG Q 147 -112.73 25.90 -17.97
N SER Q 148 -112.99 25.67 -19.26
CA SER Q 148 -112.38 26.50 -20.29
C SER Q 148 -112.82 27.95 -20.20
N ILE Q 149 -114.11 28.19 -19.93
CA ILE Q 149 -114.58 29.56 -19.75
C ILE Q 149 -114.05 30.14 -18.44
N ASN Q 150 -113.93 29.33 -17.40
CA ASN Q 150 -113.38 29.83 -16.14
C ASN Q 150 -111.93 30.28 -16.31
N THR Q 151 -111.14 29.51 -17.06
CA THR Q 151 -109.74 29.83 -17.27
C THR Q 151 -109.53 30.97 -18.27
N ARG Q 152 -110.20 30.90 -19.43
CA ARG Q 152 -110.00 31.83 -20.54
C ARG Q 152 -108.54 31.96 -20.95
N GLU Q 153 -107.89 30.82 -21.23
CA GLU Q 153 -106.48 30.83 -21.62
C GLU Q 153 -106.29 31.11 -23.10
N ASN Q 154 -107.38 31.29 -23.85
CA ASN Q 154 -107.39 31.40 -25.32
C ASN Q 154 -106.36 30.47 -25.97
N LEU Q 155 -106.56 29.18 -25.74
CA LEU Q 155 -105.65 28.10 -26.13
C LEU Q 155 -105.15 28.24 -27.56
N TYR Q 156 -103.92 27.78 -27.79
CA TYR Q 156 -103.35 27.69 -29.12
C TYR Q 156 -103.02 26.23 -29.44
N LEU Q 157 -102.79 25.96 -30.72
CA LEU Q 157 -102.45 24.63 -31.19
C LEU Q 157 -101.03 24.60 -31.74
N VAL Q 158 -100.65 23.47 -32.30
CA VAL Q 158 -99.30 23.28 -32.82
C VAL Q 158 -99.36 23.21 -34.34
N THR Q 159 -98.23 23.52 -34.98
CA THR Q 159 -98.20 23.56 -36.44
C THR Q 159 -97.97 22.17 -37.02
N GLU Q 160 -96.85 21.54 -36.70
CA GLU Q 160 -96.48 20.27 -37.31
C GLU Q 160 -95.97 19.33 -36.23
N THR Q 161 -96.16 18.03 -36.44
CA THR Q 161 -95.77 17.03 -35.44
C THR Q 161 -94.25 16.88 -35.40
N LEU Q 162 -93.65 17.20 -34.26
CA LEU Q 162 -92.21 17.07 -34.05
C LEU Q 162 -92.01 15.90 -33.09
N GLU Q 163 -91.75 14.72 -33.65
CA GLU Q 163 -91.68 13.48 -32.89
C GLU Q 163 -90.23 13.09 -32.64
N THR Q 164 -90.04 12.17 -31.70
CA THR Q 164 -88.70 11.70 -31.34
C THR Q 164 -88.69 10.19 -31.31
N VAL Q 165 -87.54 9.59 -31.64
CA VAL Q 165 -87.27 8.19 -31.38
C VAL Q 165 -85.88 8.08 -30.76
N LYS Q 166 -85.81 8.18 -29.45
CA LYS Q 166 -84.59 8.49 -28.72
C LYS Q 166 -84.09 7.29 -27.92
N GLU Q 167 -82.81 7.34 -27.54
CA GLU Q 167 -82.32 6.51 -26.47
C GLU Q 167 -82.48 7.24 -25.13
N GLU Q 168 -82.12 6.54 -24.05
CA GLU Q 168 -82.45 6.99 -22.69
C GLU Q 168 -81.37 7.89 -22.08
N THR Q 169 -80.76 8.85 -22.76
CA THR Q 169 -79.51 9.41 -22.27
C THR Q 169 -79.49 10.94 -22.32
N LEU Q 170 -79.55 11.57 -21.13
CA LEU Q 170 -79.11 12.95 -20.92
C LEU Q 170 -78.35 13.04 -19.60
N LYS Q 171 -77.42 13.99 -19.51
CA LYS Q 171 -76.60 14.18 -18.32
C LYS Q 171 -76.62 15.66 -17.90
N SER Q 172 -76.16 15.92 -16.68
CA SER Q 172 -76.15 17.26 -16.10
C SER Q 172 -75.34 17.30 -14.81
N ASP Q 173 -74.93 18.49 -14.36
CA ASP Q 173 -74.17 18.61 -13.12
C ASP Q 173 -74.24 20.04 -12.58
N ARG Q 174 -74.10 20.21 -11.27
CA ARG Q 174 -73.86 21.52 -10.66
C ARG Q 174 -73.10 21.33 -9.35
N GLN Q 175 -72.48 22.43 -8.91
CA GLN Q 175 -71.66 22.49 -7.72
C GLN Q 175 -72.00 23.78 -7.02
N TYR Q 176 -71.64 23.89 -5.76
CA TYR Q 176 -71.83 25.16 -5.05
C TYR Q 176 -70.90 25.19 -3.85
N LYS Q 177 -70.41 26.38 -3.54
CA LYS Q 177 -69.44 26.56 -2.46
C LYS Q 177 -69.63 27.95 -1.88
N PHE Q 178 -70.02 28.02 -0.61
CA PHE Q 178 -70.33 29.28 0.06
C PHE Q 178 -69.61 29.34 1.40
N TRP Q 179 -68.97 30.47 1.68
CA TRP Q 179 -68.30 30.70 2.95
C TRP Q 179 -68.89 31.93 3.62
N SER Q 180 -68.61 32.10 4.91
CA SER Q 180 -69.10 33.28 5.61
C SER Q 180 -68.34 33.47 6.92
N GLN Q 181 -68.38 34.72 7.40
CA GLN Q 181 -67.74 35.12 8.66
C GLN Q 181 -68.39 36.40 9.13
N ILE Q 182 -69.12 36.34 10.25
CA ILE Q 182 -69.82 37.53 10.75
C ILE Q 182 -69.09 38.14 11.94
N SER Q 183 -68.77 37.32 12.94
CA SER Q 183 -67.98 37.77 14.09
C SER Q 183 -66.92 36.72 14.43
N GLN Q 184 -65.78 36.84 13.75
CA GLN Q 184 -64.67 35.88 13.77
C GLN Q 184 -65.16 34.44 13.65
N GLY Q 185 -66.32 34.24 13.02
CA GLY Q 185 -66.90 32.92 12.90
C GLY Q 185 -66.66 32.26 11.55
N HIS Q 186 -65.99 31.12 11.56
CA HIS Q 186 -65.76 30.36 10.34
C HIS Q 186 -67.07 29.77 9.83
N LEU Q 187 -67.27 29.81 8.52
CA LEU Q 187 -68.31 29.00 7.89
C LEU Q 187 -67.88 28.59 6.49
N SER Q 188 -67.80 27.28 6.27
CA SER Q 188 -67.48 26.71 4.96
C SER Q 188 -68.61 25.77 4.56
N TYR Q 189 -68.97 25.79 3.27
CA TYR Q 189 -70.17 25.12 2.76
C TYR Q 189 -69.88 24.63 1.36
N LYS Q 190 -70.03 23.32 1.12
CA LYS Q 190 -69.74 22.79 -0.21
C LYS Q 190 -70.78 21.74 -0.59
N HIS Q 191 -71.00 21.59 -1.90
CA HIS Q 191 -71.99 20.68 -2.43
C HIS Q 191 -71.65 20.36 -3.88
N LYS Q 192 -71.76 19.07 -4.24
CA LYS Q 192 -71.51 18.61 -5.60
C LYS Q 192 -72.61 17.64 -5.99
N GLY Q 193 -73.56 18.09 -6.83
CA GLY Q 193 -74.66 17.26 -7.26
C GLY Q 193 -74.67 17.08 -8.75
N GLN Q 194 -74.43 15.84 -9.18
CA GLN Q 194 -74.43 15.46 -10.59
C GLN Q 194 -75.67 14.63 -10.86
N ARG Q 195 -76.37 14.96 -11.95
CA ARG Q 195 -77.63 14.31 -12.29
C ARG Q 195 -77.56 13.77 -13.70
N GLU Q 196 -78.49 12.87 -14.02
CA GLU Q 196 -78.64 12.32 -15.36
C GLU Q 196 -79.99 11.64 -15.45
N VAL Q 197 -80.55 11.63 -16.65
CA VAL Q 197 -81.91 11.18 -16.86
C VAL Q 197 -81.96 10.21 -18.03
N THR Q 198 -82.75 9.14 -17.86
CA THR Q 198 -83.03 8.18 -18.90
C THR Q 198 -84.16 8.73 -19.76
N ILE Q 199 -83.83 9.08 -20.99
CA ILE Q 199 -84.77 9.70 -21.93
C ILE Q 199 -85.41 8.64 -22.83
N PRO Q 200 -86.74 8.59 -22.88
CA PRO Q 200 -87.43 7.51 -23.60
C PRO Q 200 -87.69 7.87 -25.05
N PRO Q 201 -87.92 6.84 -25.91
CA PRO Q 201 -87.91 7.08 -27.36
C PRO Q 201 -88.93 8.04 -27.95
N ASN Q 202 -90.23 7.74 -27.81
CA ASN Q 202 -91.24 8.38 -28.65
C ASN Q 202 -92.00 9.42 -27.84
N ARG Q 203 -91.44 10.62 -27.72
CA ARG Q 203 -92.03 11.68 -26.93
C ARG Q 203 -91.93 13.00 -27.69
N VAL Q 204 -92.63 14.01 -27.18
CA VAL Q 204 -92.71 15.33 -27.82
C VAL Q 204 -92.06 16.35 -26.89
N LEU Q 205 -91.18 17.18 -27.46
CA LEU Q 205 -90.44 18.19 -26.71
C LEU Q 205 -90.81 19.62 -27.06
N SER Q 206 -90.88 19.96 -28.35
CA SER Q 206 -91.10 21.33 -28.74
C SER Q 206 -92.33 21.41 -29.65
N TYR Q 207 -93.05 22.52 -29.54
CA TYR Q 207 -94.32 22.69 -30.22
C TYR Q 207 -94.46 24.14 -30.69
N ARG Q 208 -95.58 24.44 -31.35
CA ARG Q 208 -95.79 25.75 -31.94
C ARG Q 208 -97.04 26.43 -31.38
N VAL Q 209 -97.33 27.64 -31.86
CA VAL Q 209 -98.45 28.44 -31.38
C VAL Q 209 -99.28 28.88 -32.57
N LYS Q 210 -100.60 28.70 -32.47
CA LYS Q 210 -101.54 29.24 -33.44
C LYS Q 210 -102.86 29.52 -32.72
N GLN Q 211 -103.23 30.79 -32.62
CA GLN Q 211 -104.31 31.22 -31.75
C GLN Q 211 -105.67 30.82 -32.32
N LEU Q 212 -106.55 30.37 -31.43
CA LEU Q 212 -107.93 30.05 -31.77
C LEU Q 212 -108.87 30.81 -30.84
N VAL Q 213 -109.92 31.38 -31.41
CA VAL Q 213 -110.98 32.05 -30.66
C VAL Q 213 -112.24 31.20 -30.77
N PHE Q 214 -112.95 31.06 -29.65
CA PHE Q 214 -114.06 30.13 -29.58
C PHE Q 214 -115.36 30.85 -29.22
N PRO Q 215 -116.11 31.31 -30.23
CA PRO Q 215 -117.54 31.57 -29.99
C PRO Q 215 -118.25 30.26 -29.70
N ASN Q 216 -119.33 30.36 -28.92
CA ASN Q 216 -119.92 29.16 -28.30
C ASN Q 216 -120.37 28.15 -29.35
N LYS Q 217 -120.71 28.61 -30.56
CA LYS Q 217 -121.13 27.70 -31.61
C LYS Q 217 -119.99 27.30 -32.55
N GLU Q 218 -119.36 28.27 -33.21
CA GLU Q 218 -118.33 28.01 -34.20
C GLU Q 218 -117.11 28.88 -33.92
N THR Q 219 -115.93 28.35 -34.22
CA THR Q 219 -114.67 29.00 -33.86
C THR Q 219 -114.08 29.77 -35.04
N MET Q 220 -113.00 30.50 -34.75
CA MET Q 220 -112.25 31.25 -35.74
C MET Q 220 -110.79 31.27 -35.29
N SER Q 221 -109.90 31.75 -36.15
CA SER Q 221 -108.48 31.66 -35.88
C SER Q 221 -107.82 33.04 -35.78
N ALA Q 222 -106.55 33.02 -35.38
CA ALA Q 222 -105.68 34.18 -35.30
C ALA Q 222 -104.26 33.64 -35.45
N GLY Q 223 -103.56 34.13 -36.47
CA GLY Q 223 -102.47 33.37 -37.06
C GLY Q 223 -101.21 33.21 -36.25
N LEU Q 224 -100.45 34.29 -36.07
CA LEU Q 224 -99.03 34.18 -35.75
C LEU Q 224 -98.78 34.34 -34.26
N ASP Q 225 -98.37 33.24 -33.62
CA ASP Q 225 -97.70 33.21 -32.32
C ASP Q 225 -98.25 34.25 -31.34
N ILE Q 226 -99.57 34.22 -31.15
CA ILE Q 226 -100.24 35.10 -30.20
C ILE Q 226 -100.26 34.40 -28.86
N HIS Q 227 -99.19 34.57 -28.09
CA HIS Q 227 -99.11 34.07 -26.72
C HIS Q 227 -99.39 35.17 -25.71
N PHE Q 228 -99.68 36.39 -26.18
CA PHE Q 228 -100.16 37.48 -25.34
C PHE Q 228 -101.67 37.33 -25.22
N ARG Q 229 -102.11 36.83 -24.08
CA ARG Q 229 -103.45 36.27 -23.93
C ARG Q 229 -104.45 37.38 -23.65
N GLY Q 230 -105.34 37.64 -24.60
CA GLY Q 230 -106.53 38.42 -24.36
C GLY Q 230 -107.65 38.06 -25.31
N LYS Q 231 -108.79 37.66 -24.77
CA LYS Q 231 -109.96 37.26 -25.54
C LYS Q 231 -111.18 37.28 -24.63
N THR Q 232 -112.34 37.67 -25.19
CA THR Q 232 -113.57 37.76 -24.44
C THR Q 232 -114.48 36.55 -24.64
N LYS Q 233 -113.92 35.38 -24.96
CA LYS Q 233 -114.73 34.18 -25.15
C LYS Q 233 -115.27 33.67 -23.82
N PHE R 2 -73.31 33.26 -30.48
CA PHE R 2 -73.51 31.92 -29.97
C PHE R 2 -74.34 31.11 -30.95
N SER R 3 -74.97 31.81 -31.90
CA SER R 3 -75.57 31.12 -33.03
C SER R 3 -74.50 30.56 -33.95
N VAL R 4 -74.75 29.37 -34.49
CA VAL R 4 -73.86 28.75 -35.46
C VAL R 4 -74.43 28.72 -36.86
N PHE R 5 -75.75 28.65 -37.01
CA PHE R 5 -76.42 28.39 -38.27
C PHE R 5 -76.44 29.61 -39.18
N GLU R 6 -76.35 30.82 -38.61
CA GLU R 6 -76.17 32.02 -39.43
C GLU R 6 -74.73 32.11 -39.93
N GLU R 7 -73.79 31.54 -39.17
CA GLU R 7 -72.38 31.66 -39.52
C GLU R 7 -72.07 30.96 -40.84
N ILE R 8 -72.50 29.70 -41.00
CA ILE R 8 -72.18 28.94 -42.21
C ILE R 8 -72.82 29.59 -43.43
N THR R 9 -74.06 30.04 -43.28
CA THR R 9 -74.69 30.83 -44.33
C THR R 9 -73.88 32.09 -44.61
N ARG R 10 -73.20 32.66 -43.61
CA ARG R 10 -72.39 33.83 -43.87
C ARG R 10 -71.04 33.49 -44.50
N ILE R 11 -70.53 32.28 -44.32
CA ILE R 11 -69.41 31.87 -45.17
C ILE R 11 -69.85 31.80 -46.62
N VAL R 12 -71.07 31.28 -46.87
CA VAL R 12 -71.60 31.33 -48.22
C VAL R 12 -71.73 32.78 -48.70
N VAL R 13 -72.26 33.65 -47.83
CA VAL R 13 -72.42 35.06 -48.17
C VAL R 13 -71.07 35.69 -48.51
N LYS R 14 -70.05 35.42 -47.70
CA LYS R 14 -68.72 35.99 -47.95
C LYS R 14 -68.13 35.46 -49.26
N GLU R 15 -68.32 34.16 -49.54
CA GLU R 15 -67.90 33.61 -50.82
C GLU R 15 -68.63 34.26 -51.98
N MET R 16 -69.77 34.90 -51.73
CA MET R 16 -70.37 35.84 -52.68
C MET R 16 -69.80 37.25 -52.65
N ASP R 17 -69.85 37.93 -51.51
CA ASP R 17 -69.49 39.35 -51.37
C ASP R 17 -69.42 39.66 -49.88
N ALA R 18 -68.74 40.76 -49.56
CA ALA R 18 -68.55 41.18 -48.17
C ALA R 18 -69.87 41.75 -47.64
N GLY R 19 -70.74 40.87 -47.16
CA GLY R 19 -72.02 41.28 -46.63
C GLY R 19 -72.91 42.00 -47.62
N GLY R 20 -72.89 41.60 -48.89
CA GLY R 20 -73.59 42.35 -49.91
C GLY R 20 -74.88 41.72 -50.39
N ASP R 21 -74.85 41.14 -51.60
CA ASP R 21 -76.06 40.65 -52.23
C ASP R 21 -76.67 39.49 -51.45
N MET R 22 -75.87 38.49 -51.13
CA MET R 22 -76.41 37.17 -50.82
C MET R 22 -77.03 37.19 -49.43
N ILE R 23 -78.07 36.38 -49.21
CA ILE R 23 -78.86 36.44 -48.00
C ILE R 23 -78.85 35.09 -47.29
N ALA R 24 -79.01 35.14 -45.96
CA ALA R 24 -78.86 34.00 -45.05
C ALA R 24 -80.16 33.69 -44.34
N VAL R 25 -80.23 32.47 -43.80
CA VAL R 25 -81.44 31.96 -43.13
C VAL R 25 -81.01 31.50 -41.73
N ARG R 26 -81.99 31.39 -40.82
CA ARG R 26 -81.69 31.14 -39.41
C ARG R 26 -81.66 29.64 -39.06
N SER R 27 -82.55 28.84 -39.62
CA SER R 27 -82.64 27.43 -39.26
C SER R 27 -83.28 26.61 -40.36
N LEU R 28 -83.31 25.29 -40.16
CA LEU R 28 -83.50 24.35 -41.26
C LEU R 28 -84.50 23.25 -40.93
N VAL R 29 -85.64 23.59 -40.32
CA VAL R 29 -86.80 22.72 -40.42
C VAL R 29 -87.66 23.11 -41.61
N ASP R 30 -87.89 24.40 -41.78
CA ASP R 30 -88.62 24.90 -42.94
C ASP R 30 -87.67 25.54 -43.94
N ALA R 31 -86.36 25.35 -43.78
CA ALA R 31 -85.41 25.85 -44.77
C ALA R 31 -85.38 24.94 -45.99
N ASP R 32 -85.52 23.63 -45.78
CA ASP R 32 -85.70 22.73 -46.91
C ASP R 32 -86.95 23.11 -47.70
N ARG R 33 -87.90 23.79 -47.05
CA ARG R 33 -89.09 24.28 -47.71
C ARG R 33 -88.96 25.79 -47.96
N PHE R 34 -87.77 26.35 -47.72
CA PHE R 34 -87.44 27.71 -48.16
C PHE R 34 -86.88 27.68 -49.57
N ARG R 35 -87.61 26.99 -50.43
CA ARG R 35 -87.34 26.95 -51.85
C ARG R 35 -88.00 28.18 -52.50
N CYS R 36 -88.13 28.17 -53.82
CA CYS R 36 -88.76 29.27 -54.52
C CYS R 36 -90.22 29.41 -54.07
N PHE R 37 -90.76 30.62 -54.30
CA PHE R 37 -92.17 30.95 -53.99
C PHE R 37 -92.45 30.99 -52.50
N HIS R 38 -91.55 31.55 -51.70
CA HIS R 38 -91.66 31.48 -50.25
C HIS R 38 -91.19 32.79 -49.62
N LEU R 39 -91.64 33.01 -48.39
CA LEU R 39 -91.63 34.34 -47.78
C LEU R 39 -90.52 34.49 -46.75
N VAL R 40 -90.41 35.71 -46.24
CA VAL R 40 -89.53 36.05 -45.13
C VAL R 40 -90.30 36.99 -44.20
N GLY R 41 -89.78 37.16 -42.98
CA GLY R 41 -90.38 38.05 -42.01
C GLY R 41 -89.84 39.47 -42.11
N GLU R 42 -90.44 40.34 -41.30
CA GLU R 42 -90.03 41.74 -41.27
C GLU R 42 -88.66 41.88 -40.61
N LYS R 43 -87.98 42.98 -40.94
CA LYS R 43 -86.58 43.18 -40.57
C LYS R 43 -86.47 44.19 -39.43
N ARG R 44 -85.68 43.86 -38.42
CA ARG R 44 -85.26 44.76 -37.36
C ARG R 44 -83.74 44.75 -37.24
N THR R 45 -83.21 45.78 -36.59
CA THR R 45 -81.78 45.98 -36.52
C THR R 45 -81.24 45.78 -35.10
N PHE R 46 -81.86 44.90 -34.32
CA PHE R 46 -81.35 44.60 -32.99
C PHE R 46 -80.31 43.49 -33.08
N PHE R 47 -79.20 43.67 -32.36
CA PHE R 47 -78.08 42.73 -32.34
C PHE R 47 -77.63 42.40 -33.77
N GLY R 48 -77.32 43.47 -34.51
CA GLY R 48 -76.94 43.33 -35.90
C GLY R 48 -78.13 43.04 -36.79
N CYS R 49 -77.82 42.58 -38.00
CA CYS R 49 -78.86 42.22 -38.96
C CYS R 49 -79.54 40.92 -38.54
N ARG R 50 -80.75 41.03 -38.00
CA ARG R 50 -81.50 39.86 -37.54
C ARG R 50 -82.97 40.11 -37.83
N HIS R 51 -83.53 39.36 -38.77
CA HIS R 51 -84.90 39.55 -39.24
C HIS R 51 -85.77 38.39 -38.76
N TYR R 52 -87.06 38.49 -39.06
CA TYR R 52 -88.02 37.44 -38.74
C TYR R 52 -88.20 36.54 -39.95
N THR R 53 -89.00 35.48 -39.79
CA THR R 53 -89.14 34.51 -40.87
C THR R 53 -90.51 33.83 -40.79
N THR R 54 -91.12 33.62 -41.96
CA THR R 54 -92.35 32.85 -42.08
C THR R 54 -92.37 32.22 -43.47
N GLY R 55 -92.61 30.91 -43.53
CA GLY R 55 -92.35 30.16 -44.74
C GLY R 55 -93.49 29.45 -45.45
N LEU R 56 -94.65 30.08 -45.57
CA LEU R 56 -95.77 29.46 -46.28
C LEU R 56 -95.52 29.47 -47.79
N THR R 57 -96.48 28.93 -48.53
CA THR R 57 -96.33 28.64 -49.96
C THR R 57 -97.12 29.64 -50.80
N LEU R 58 -96.89 29.62 -52.11
CA LEU R 58 -97.55 30.60 -52.98
C LEU R 58 -98.12 29.98 -54.26
N MET R 59 -97.82 28.71 -54.55
CA MET R 59 -98.29 28.11 -55.79
C MET R 59 -99.81 28.11 -55.82
N ASP R 60 -100.38 28.58 -56.94
CA ASP R 60 -101.83 28.65 -57.10
C ASP R 60 -102.34 27.79 -58.26
N ILE R 61 -101.77 27.95 -59.45
CA ILE R 61 -102.30 27.32 -60.66
C ILE R 61 -101.20 26.52 -61.35
N LEU R 62 -101.62 25.48 -62.06
CA LEU R 62 -100.75 24.65 -62.89
C LEU R 62 -101.41 24.37 -64.24
N ASP R 63 -101.96 25.41 -64.87
CA ASP R 63 -102.67 25.22 -66.12
C ASP R 63 -101.70 25.01 -67.29
N THR R 64 -100.73 25.91 -67.45
CA THR R 64 -99.73 25.76 -68.49
C THR R 64 -98.44 25.21 -67.90
N ASP R 65 -97.38 25.22 -68.72
CA ASP R 65 -96.10 24.66 -68.32
C ASP R 65 -95.47 25.48 -67.21
N GLY R 66 -95.56 25.00 -65.97
CA GLY R 66 -95.03 25.72 -64.84
C GLY R 66 -94.13 24.90 -63.92
N ASP R 67 -94.21 23.57 -64.02
CA ASP R 67 -93.44 22.72 -63.12
C ASP R 67 -92.60 21.69 -63.87
N LYS R 68 -92.14 22.03 -65.08
CA LYS R 68 -91.24 21.12 -65.79
C LYS R 68 -89.83 21.21 -65.20
N TRP R 69 -89.13 20.08 -65.23
CA TRP R 69 -87.76 20.03 -64.74
C TRP R 69 -86.85 19.32 -65.74
N LYS R 81 -75.33 22.54 -61.82
CA LYS R 81 -73.88 22.52 -61.76
C LYS R 81 -73.44 21.20 -61.13
N ALA R 82 -72.14 21.03 -60.91
CA ALA R 82 -71.60 19.85 -60.25
C ALA R 82 -71.50 20.13 -58.75
N GLU R 83 -70.93 19.20 -58.00
CA GLU R 83 -70.82 19.35 -56.55
C GLU R 83 -69.79 20.43 -56.25
N PHE R 84 -70.17 21.37 -55.37
CA PHE R 84 -69.26 22.41 -54.93
C PHE R 84 -68.89 22.15 -53.48
N GLN R 85 -67.62 22.33 -53.15
CA GLN R 85 -67.07 21.79 -51.91
C GLN R 85 -66.33 22.88 -51.15
N ILE R 86 -66.50 22.88 -49.82
CA ILE R 86 -65.86 23.83 -48.92
C ILE R 86 -65.34 23.05 -47.71
N LEU R 87 -64.05 22.69 -47.75
CA LEU R 87 -63.33 22.22 -46.56
C LEU R 87 -62.51 23.38 -45.98
N ASP R 88 -63.18 24.23 -45.20
CA ASP R 88 -62.50 25.39 -44.66
C ASP R 88 -62.46 25.36 -43.14
N ASN R 89 -61.56 26.18 -42.58
CA ASN R 89 -61.44 26.37 -41.15
C ASN R 89 -61.26 27.86 -40.89
N VAL R 90 -62.11 28.42 -40.05
CA VAL R 90 -62.06 29.84 -39.74
C VAL R 90 -61.85 30.03 -38.25
N ASP R 91 -60.87 30.85 -37.89
CA ASP R 91 -60.46 31.05 -36.50
C ASP R 91 -60.78 32.47 -36.08
N SER R 92 -61.37 32.62 -34.89
CA SER R 92 -61.71 33.91 -34.33
C SER R 92 -61.42 33.91 -32.84
N THR R 93 -60.35 34.58 -32.42
CA THR R 93 -59.95 34.61 -31.03
C THR R 93 -59.85 36.06 -30.59
N GLY R 94 -60.26 36.34 -29.35
CA GLY R 94 -60.23 37.71 -28.85
C GLY R 94 -60.36 37.87 -27.36
N GLU R 95 -59.48 38.66 -26.75
CA GLU R 95 -59.52 38.92 -25.32
C GLU R 95 -59.62 40.42 -25.08
N LEU R 96 -60.72 40.85 -24.47
CA LEU R 96 -60.92 42.23 -24.07
C LEU R 96 -61.00 42.27 -22.55
N ILE R 97 -60.04 42.96 -21.93
CA ILE R 97 -59.97 43.07 -20.48
C ILE R 97 -59.66 44.53 -20.12
N VAL R 98 -60.38 45.05 -19.14
CA VAL R 98 -60.31 46.45 -18.73
C VAL R 98 -60.40 46.53 -17.22
N ARG R 99 -59.57 47.37 -16.62
CA ARG R 99 -59.60 47.59 -15.17
C ARG R 99 -60.18 48.97 -14.89
N LEU R 100 -61.11 49.04 -13.93
CA LEU R 100 -61.88 50.21 -13.56
C LEU R 100 -61.21 50.96 -12.40
N PRO R 101 -61.54 52.24 -12.21
CA PRO R 101 -61.02 52.95 -11.03
C PRO R 101 -61.51 52.39 -9.71
N LYS R 102 -62.50 51.49 -9.72
CA LYS R 102 -62.96 50.78 -8.54
C LYS R 102 -62.23 49.46 -8.33
N GLU R 103 -60.97 49.37 -8.76
CA GLU R 103 -60.11 48.19 -8.74
C GLU R 103 -60.79 46.95 -9.29
N ILE R 104 -61.78 47.12 -10.17
CA ILE R 104 -62.48 45.98 -10.78
C ILE R 104 -61.67 45.58 -12.01
N THR R 105 -61.24 44.31 -12.05
CA THR R 105 -60.46 43.79 -13.16
C THR R 105 -61.40 43.06 -14.13
N ILE R 106 -62.28 43.81 -14.78
CA ILE R 106 -63.26 43.25 -15.71
C ILE R 106 -62.49 42.55 -16.82
N SER R 107 -62.90 41.33 -17.15
CA SER R 107 -62.15 40.51 -18.08
C SER R 107 -63.10 39.76 -19.02
N GLY R 108 -62.59 39.41 -20.21
CA GLY R 108 -63.28 38.51 -21.11
C GLY R 108 -62.34 37.99 -22.17
N SER R 109 -62.41 36.69 -22.47
CA SER R 109 -61.52 36.08 -23.46
C SER R 109 -62.25 34.93 -24.12
N PHE R 110 -62.45 35.03 -25.43
CA PHE R 110 -63.18 34.03 -26.19
C PHE R 110 -62.32 33.53 -27.33
N GLN R 111 -62.58 32.30 -27.78
CA GLN R 111 -61.93 31.79 -28.97
C GLN R 111 -62.82 30.74 -29.62
N GLY R 112 -62.86 30.77 -30.95
CA GLY R 112 -63.66 29.83 -31.70
C GLY R 112 -63.03 29.42 -33.01
N PHE R 113 -62.85 28.12 -33.18
CA PHE R 113 -62.36 27.54 -34.43
C PHE R 113 -63.48 26.74 -35.06
N HIS R 114 -63.91 27.16 -36.25
CA HIS R 114 -65.03 26.57 -36.93
C HIS R 114 -64.52 25.78 -38.13
N HIS R 115 -64.91 24.51 -38.18
CA HIS R 115 -64.57 23.64 -39.31
C HIS R 115 -65.82 23.43 -40.15
N GLN R 116 -65.75 23.83 -41.41
CA GLN R 116 -66.89 23.69 -42.30
C GLN R 116 -66.56 22.70 -43.40
N LYS R 117 -67.43 21.71 -43.54
CA LYS R 117 -67.39 20.65 -44.54
C LYS R 117 -68.56 20.82 -45.51
N ILE R 118 -68.76 22.06 -45.95
CA ILE R 118 -69.96 22.45 -46.65
C ILE R 118 -69.99 21.84 -48.04
N LYS R 119 -71.14 21.25 -48.40
CA LYS R 119 -71.36 20.70 -49.72
C LYS R 119 -72.57 21.40 -50.34
N ILE R 120 -72.47 21.71 -51.63
CA ILE R 120 -73.48 22.51 -52.31
C ILE R 120 -73.80 21.89 -53.66
N SER R 121 -75.08 21.83 -54.00
CA SER R 121 -75.55 21.38 -55.30
C SER R 121 -76.44 22.45 -55.91
N GLU R 122 -76.70 22.34 -57.21
CA GLU R 122 -77.42 23.36 -57.93
C GLU R 122 -78.54 22.75 -58.78
N ASN R 123 -79.72 23.35 -58.67
CA ASN R 123 -80.88 22.98 -59.49
C ASN R 123 -81.26 24.21 -60.30
N ARG R 124 -81.05 24.16 -61.61
CA ARG R 124 -81.20 25.32 -62.48
C ARG R 124 -82.66 25.66 -62.66
N ILE R 125 -83.01 26.92 -62.44
CA ILE R 125 -84.31 27.47 -62.80
C ILE R 125 -84.08 28.66 -63.73
N SER R 126 -84.85 28.72 -64.80
CA SER R 126 -84.63 29.73 -65.84
C SER R 126 -84.91 31.13 -65.30
N GLN R 127 -84.11 32.09 -65.75
CA GLN R 127 -84.31 33.48 -65.32
C GLN R 127 -85.48 34.12 -66.04
N GLN R 128 -85.67 33.83 -67.33
CA GLN R 128 -86.86 34.29 -68.03
C GLN R 128 -88.09 33.57 -67.52
N TYR R 129 -87.90 32.43 -66.86
CA TYR R 129 -89.01 31.78 -66.19
C TYR R 129 -89.59 32.64 -65.08
N LEU R 130 -88.81 33.58 -64.52
CA LEU R 130 -89.37 34.54 -63.58
C LEU R 130 -90.45 35.39 -64.23
N ALA R 131 -90.15 35.93 -65.42
CA ALA R 131 -91.15 36.65 -66.19
C ALA R 131 -92.33 35.78 -66.58
N THR R 132 -92.07 34.52 -66.93
CA THR R 132 -93.17 33.57 -67.13
C THR R 132 -94.02 33.44 -65.87
N LEU R 133 -93.40 33.54 -64.70
CA LEU R 133 -94.14 33.45 -63.44
C LEU R 133 -95.02 34.67 -63.22
N GLU R 134 -94.51 35.87 -63.52
CA GLU R 134 -95.43 37.00 -63.50
C GLU R 134 -96.51 36.91 -64.56
N ASN R 135 -96.24 36.22 -65.66
CA ASN R 135 -97.27 35.96 -66.67
C ASN R 135 -98.34 35.01 -66.18
N ARG R 136 -98.10 34.27 -65.10
CA ARG R 136 -99.13 33.42 -64.51
C ARG R 136 -100.28 34.26 -63.97
N LYS R 137 -101.47 33.67 -63.95
CA LYS R 137 -102.62 34.32 -63.34
C LYS R 137 -102.59 34.11 -61.84
N LEU R 138 -102.38 35.19 -61.08
CA LEU R 138 -102.28 35.13 -59.64
C LEU R 138 -103.68 35.13 -59.03
N LYS R 139 -104.12 33.96 -58.57
CA LYS R 139 -105.42 33.83 -57.91
C LYS R 139 -105.45 32.60 -57.02
N ARG R 140 -105.64 32.81 -55.72
CA ARG R 140 -105.63 31.72 -54.75
C ARG R 140 -106.43 32.15 -53.54
N GLU R 141 -107.35 31.28 -53.11
CA GLU R 141 -108.20 31.55 -51.95
C GLU R 141 -107.70 30.81 -50.72
N LEU R 142 -106.41 30.46 -50.71
CA LEU R 142 -105.82 29.90 -49.50
C LEU R 142 -105.84 30.95 -48.39
N PRO R 143 -106.06 30.56 -47.15
CA PRO R 143 -106.14 31.54 -46.06
C PRO R 143 -104.80 32.18 -45.75
N PHE R 144 -104.36 33.09 -46.62
CA PHE R 144 -103.18 33.91 -46.35
C PHE R 144 -103.40 35.40 -46.57
N SER R 145 -104.51 35.81 -47.18
CA SER R 145 -104.73 37.22 -47.49
C SER R 145 -104.83 38.07 -46.23
N PHE R 146 -105.59 37.61 -45.23
CA PHE R 146 -105.79 38.40 -44.03
C PHE R 146 -104.47 38.66 -43.32
N ARG R 147 -103.70 37.61 -43.05
CA ARG R 147 -102.44 37.77 -42.35
C ARG R 147 -101.40 38.49 -43.19
N SER R 148 -101.39 38.25 -44.52
CA SER R 148 -100.47 38.95 -45.38
C SER R 148 -100.73 40.45 -45.41
N ILE R 149 -102.01 40.86 -45.45
CA ILE R 149 -102.33 42.27 -45.39
C ILE R 149 -102.03 42.84 -44.01
N ASN R 150 -102.25 42.07 -42.94
CA ASN R 150 -101.94 42.54 -41.60
C ASN R 150 -100.45 42.81 -41.45
N THR R 151 -99.61 41.92 -42.00
CA THR R 151 -98.16 42.06 -41.89
C THR R 151 -97.61 43.13 -42.82
N ARG R 152 -97.99 43.10 -44.10
CA ARG R 152 -97.44 43.95 -45.15
C ARG R 152 -95.92 43.89 -45.21
N GLU R 153 -95.37 42.68 -45.34
CA GLU R 153 -93.92 42.49 -45.39
C GLU R 153 -93.37 42.70 -46.79
N ASN R 154 -94.24 42.97 -47.78
CA ASN R 154 -93.91 43.03 -49.21
C ASN R 154 -92.88 41.96 -49.60
N LEU R 155 -93.29 40.71 -49.40
CA LEU R 155 -92.46 39.52 -49.57
C LEU R 155 -91.63 39.54 -50.84
N TYR R 156 -90.44 38.94 -50.78
CA TYR R 156 -89.61 38.71 -51.95
C TYR R 156 -89.40 37.22 -52.16
N LEU R 157 -88.93 36.88 -53.36
CA LEU R 157 -88.67 35.49 -53.73
C LEU R 157 -87.17 35.28 -53.94
N VAL R 158 -86.82 34.09 -54.39
CA VAL R 158 -85.42 33.71 -54.59
C VAL R 158 -85.15 33.59 -56.08
N THR R 159 -83.88 33.75 -56.45
CA THR R 159 -83.51 33.72 -57.86
C THR R 159 -83.33 32.29 -58.37
N GLU R 160 -82.40 31.55 -57.79
CA GLU R 160 -82.06 30.22 -58.28
C GLU R 160 -81.94 29.27 -57.11
N THR R 161 -82.22 27.99 -57.34
CA THR R 161 -82.19 27.00 -56.27
C THR R 161 -80.76 26.67 -55.89
N LEU R 162 -80.40 26.95 -54.65
CA LEU R 162 -79.07 26.67 -54.10
C LEU R 162 -79.23 25.51 -53.12
N GLU R 163 -79.01 24.30 -53.59
CA GLU R 163 -79.27 23.09 -52.81
C GLU R 163 -77.96 22.54 -52.24
N THR R 164 -78.10 21.63 -51.28
CA THR R 164 -76.96 21.03 -50.61
C THR R 164 -77.14 19.52 -50.56
N VAL R 165 -76.02 18.78 -50.61
CA VAL R 165 -76.00 17.36 -50.28
C VAL R 165 -74.80 17.12 -49.37
N LYS R 166 -75.02 17.26 -48.06
CA LYS R 166 -73.95 17.46 -47.09
C LYS R 166 -73.80 16.24 -46.18
N GLU R 167 -72.65 16.14 -45.53
CA GLU R 167 -72.52 15.31 -44.36
C GLU R 167 -72.88 16.10 -43.10
N GLU R 168 -72.87 15.41 -41.96
CA GLU R 168 -73.42 15.95 -40.72
C GLU R 168 -72.42 16.73 -39.89
N THR R 169 -71.55 17.59 -40.43
CA THR R 169 -70.37 18.01 -39.67
C THR R 169 -70.15 19.52 -39.72
N LEU R 170 -70.40 20.21 -38.60
CA LEU R 170 -69.85 21.53 -38.30
C LEU R 170 -69.40 21.57 -36.85
N LYS R 171 -68.40 22.42 -36.57
CA LYS R 171 -67.85 22.57 -35.22
C LYS R 171 -67.79 24.04 -34.84
N SER R 172 -67.58 24.29 -33.54
CA SER R 172 -67.54 25.64 -32.99
C SER R 172 -67.03 25.64 -31.54
N ASP R 173 -66.58 26.79 -31.03
CA ASP R 173 -66.11 26.86 -29.66
C ASP R 173 -66.13 28.31 -29.16
N ARG R 174 -66.26 28.51 -27.84
CA ARG R 174 -66.01 29.80 -27.21
C ARG R 174 -65.58 29.59 -25.77
N GLN R 175 -64.95 30.62 -25.22
CA GLN R 175 -64.40 30.62 -23.87
C GLN R 175 -64.73 31.98 -23.28
N TYR R 176 -64.65 32.10 -21.97
CA TYR R 176 -64.84 33.39 -21.34
C TYR R 176 -64.21 33.36 -19.96
N LYS R 177 -63.64 34.50 -19.56
CA LYS R 177 -62.93 34.61 -18.29
C LYS R 177 -63.08 36.03 -17.78
N PHE R 178 -63.72 36.20 -16.63
CA PHE R 178 -64.02 37.50 -16.06
C PHE R 178 -63.61 37.54 -14.60
N TRP R 179 -62.91 38.59 -14.20
CA TRP R 179 -62.52 38.79 -12.81
C TRP R 179 -63.08 40.11 -12.30
N SER R 180 -63.09 40.29 -10.99
CA SER R 180 -63.56 41.54 -10.43
C SER R 180 -63.10 41.71 -8.98
N GLN R 181 -63.09 42.96 -8.53
CA GLN R 181 -62.70 43.33 -7.17
C GLN R 181 -63.29 44.71 -6.88
N ILE R 182 -64.24 44.77 -5.96
CA ILE R 182 -64.89 46.05 -5.64
C ILE R 182 -64.36 46.61 -4.32
N SER R 183 -64.38 45.80 -3.26
CA SER R 183 -63.82 46.20 -1.96
C SER R 183 -63.01 45.05 -1.39
N GLN R 184 -61.73 45.01 -1.79
CA GLN R 184 -60.79 43.92 -1.50
C GLN R 184 -61.41 42.55 -1.72
N GLY R 185 -62.41 42.46 -2.60
CA GLY R 185 -63.11 41.21 -2.81
C GLY R 185 -62.66 40.48 -4.07
N HIS R 186 -62.16 39.27 -3.90
CA HIS R 186 -61.75 38.43 -5.02
C HIS R 186 -62.97 38.00 -5.82
N LEU R 187 -62.89 38.00 -7.15
CA LEU R 187 -63.85 37.29 -7.98
C LEU R 187 -63.18 36.79 -9.24
N SER R 188 -63.20 35.47 -9.43
CA SER R 188 -62.68 34.81 -10.62
C SER R 188 -63.79 34.01 -11.26
N TYR R 189 -63.86 34.01 -12.59
CA TYR R 189 -64.98 33.47 -13.34
C TYR R 189 -64.44 32.89 -14.65
N LYS R 190 -64.70 31.60 -14.90
CA LYS R 190 -64.20 30.99 -16.12
C LYS R 190 -65.24 30.06 -16.71
N HIS R 191 -65.18 29.89 -18.03
CA HIS R 191 -66.14 29.07 -18.77
C HIS R 191 -65.53 28.65 -20.10
N LYS R 192 -65.71 27.38 -20.45
CA LYS R 192 -65.21 26.84 -21.72
C LYS R 192 -66.32 26.00 -22.35
N GLY R 193 -66.99 26.53 -23.37
CA GLY R 193 -68.08 25.82 -24.04
C GLY R 193 -67.76 25.57 -25.50
N GLN R 194 -67.59 24.30 -25.84
CA GLN R 194 -67.32 23.87 -27.21
C GLN R 194 -68.55 23.19 -27.75
N ARG R 195 -68.96 23.55 -28.97
CA ARG R 195 -70.18 23.04 -29.57
C ARG R 195 -69.87 22.44 -30.94
N GLU R 196 -70.80 21.64 -31.44
CA GLU R 196 -70.71 21.07 -32.78
C GLU R 196 -72.09 20.56 -33.17
N VAL R 197 -72.36 20.57 -34.47
CA VAL R 197 -73.69 20.27 -34.97
C VAL R 197 -73.60 19.26 -36.10
N THR R 198 -74.52 18.30 -36.10
CA THR R 198 -74.68 17.34 -37.18
C THR R 198 -75.51 18.00 -38.27
N ILE R 199 -74.87 18.26 -39.40
CA ILE R 199 -75.50 18.94 -40.53
C ILE R 199 -76.05 17.93 -41.54
N PRO R 200 -77.33 18.03 -41.89
CA PRO R 200 -77.98 17.02 -42.74
C PRO R 200 -77.86 17.35 -44.21
N PRO R 201 -78.01 16.32 -45.09
CA PRO R 201 -77.64 16.50 -46.50
C PRO R 201 -78.38 17.55 -47.31
N ASN R 202 -79.70 17.42 -47.48
CA ASN R 202 -80.43 18.14 -48.53
C ASN R 202 -81.21 19.30 -47.93
N ARG R 203 -80.54 20.42 -47.70
CA ARG R 203 -81.16 21.58 -47.07
C ARG R 203 -80.73 22.84 -47.81
N VAL R 204 -81.39 23.95 -47.48
CA VAL R 204 -81.16 25.23 -48.13
C VAL R 204 -80.60 26.21 -47.09
N LEU R 205 -79.53 26.91 -47.45
CA LEU R 205 -78.86 27.86 -46.56
C LEU R 205 -78.96 29.29 -47.01
N SER R 206 -78.69 29.59 -48.28
CA SER R 206 -78.66 30.97 -48.74
C SER R 206 -79.61 31.15 -49.90
N TYR R 207 -80.20 32.35 -49.97
CA TYR R 207 -81.26 32.63 -50.93
C TYR R 207 -81.10 34.07 -51.42
N ARG R 208 -82.01 34.48 -52.32
CA ARG R 208 -81.91 35.78 -52.96
C ARG R 208 -83.17 36.63 -52.71
N VAL R 209 -83.18 37.84 -53.25
CA VAL R 209 -84.28 38.79 -53.05
C VAL R 209 -84.76 39.28 -54.41
N LYS R 210 -86.08 39.26 -54.60
CA LYS R 210 -86.70 39.88 -55.77
C LYS R 210 -88.10 40.33 -55.36
N GLN R 211 -88.33 41.64 -55.38
CA GLN R 211 -89.51 42.23 -54.78
C GLN R 211 -90.75 41.97 -55.62
N LEU R 212 -91.86 41.66 -54.96
CA LEU R 212 -93.15 41.50 -55.59
C LEU R 212 -94.17 42.40 -54.90
N VAL R 213 -94.99 43.08 -55.71
CA VAL R 213 -96.10 43.89 -55.23
C VAL R 213 -97.40 43.20 -55.62
N PHE R 214 -98.35 43.19 -54.67
CA PHE R 214 -99.56 42.40 -54.85
C PHE R 214 -100.80 43.28 -54.81
N PRO R 215 -101.25 43.79 -55.95
CA PRO R 215 -102.64 44.22 -56.06
C PRO R 215 -103.56 43.02 -55.92
N ASN R 216 -104.77 43.27 -55.41
CA ASN R 216 -105.63 42.18 -54.93
C ASN R 216 -105.95 41.19 -56.03
N LYS R 217 -105.95 41.64 -57.29
CA LYS R 217 -106.25 40.75 -58.41
C LYS R 217 -104.98 40.18 -59.05
N GLU R 218 -104.11 41.03 -59.57
CA GLU R 218 -102.92 40.61 -60.30
C GLU R 218 -101.70 41.34 -59.76
N THR R 219 -100.55 40.68 -59.78
CA THR R 219 -99.34 41.18 -59.15
C THR R 219 -98.41 41.83 -60.17
N MET R 220 -97.33 42.43 -59.65
CA MET R 220 -96.29 43.05 -60.45
C MET R 220 -94.98 42.91 -59.68
N SER R 221 -93.87 43.25 -60.33
CA SER R 221 -92.56 43.01 -59.73
C SER R 221 -91.78 44.30 -59.51
N ALA R 222 -90.65 44.13 -58.82
CA ALA R 222 -89.68 45.20 -58.56
C ALA R 222 -88.33 44.49 -58.39
N GLY R 223 -87.37 44.85 -59.24
CA GLY R 223 -86.28 43.93 -59.56
C GLY R 223 -85.26 43.66 -58.46
N LEU R 224 -84.43 44.65 -58.14
CA LEU R 224 -83.14 44.38 -57.50
C LEU R 224 -83.22 44.57 -56.00
N ASP R 225 -83.10 43.45 -55.27
CA ASP R 225 -82.75 43.40 -53.84
C ASP R 225 -83.36 44.54 -53.03
N ILE R 226 -84.68 44.67 -53.15
CA ILE R 226 -85.44 45.66 -52.39
C ILE R 226 -85.84 45.02 -51.07
N HIS R 227 -84.96 45.08 -50.08
CA HIS R 227 -85.26 44.64 -48.73
C HIS R 227 -85.62 45.81 -47.82
N PHE R 228 -85.64 47.02 -48.36
CA PHE R 228 -86.14 48.20 -47.66
C PHE R 228 -87.65 48.23 -47.88
N ARG R 229 -88.40 47.83 -46.87
CA ARG R 229 -89.80 47.45 -47.02
C ARG R 229 -90.70 48.67 -46.98
N GLY R 230 -91.30 49.00 -48.12
CA GLY R 230 -92.41 49.93 -48.15
C GLY R 230 -93.33 49.67 -49.34
N LYS R 231 -94.61 49.42 -49.06
CA LYS R 231 -95.62 49.13 -50.08
C LYS R 231 -96.98 49.34 -49.47
N THR R 232 -97.93 49.84 -50.27
CA THR R 232 -99.29 50.10 -49.82
C THR R 232 -100.27 49.01 -50.21
N LYS R 233 -99.80 47.78 -50.38
CA LYS R 233 -100.68 46.67 -50.74
C LYS R 233 -101.57 46.27 -49.57
N PHE S 2 -59.64 41.10 -46.53
CA PHE S 2 -60.13 39.82 -46.04
C PHE S 2 -60.82 39.07 -47.18
N SER S 3 -61.13 39.79 -48.26
CA SER S 3 -61.55 39.13 -49.47
C SER S 3 -60.38 38.40 -50.12
N VAL S 4 -60.67 37.22 -50.67
CA VAL S 4 -59.67 36.44 -51.40
C VAL S 4 -59.93 36.41 -52.90
N PHE S 5 -61.17 36.50 -53.34
CA PHE S 5 -61.57 36.27 -54.71
C PHE S 5 -61.22 37.44 -55.63
N GLU S 6 -61.09 38.64 -55.08
CA GLU S 6 -60.57 39.76 -55.86
C GLU S 6 -59.06 39.64 -56.02
N GLU S 7 -58.40 39.00 -55.05
CA GLU S 7 -56.94 38.91 -55.08
C GLU S 7 -56.44 38.10 -56.27
N ILE S 8 -56.99 36.91 -56.49
CA ILE S 8 -56.53 36.05 -57.58
C ILE S 8 -56.77 36.72 -58.94
N THR S 9 -57.95 37.33 -59.10
CA THR S 9 -58.20 38.15 -60.26
C THR S 9 -57.18 39.26 -60.39
N ARG S 10 -56.68 39.78 -59.26
CA ARG S 10 -55.66 40.83 -59.35
C ARG S 10 -54.28 40.29 -59.65
N ILE S 11 -53.99 39.02 -59.33
CA ILE S 11 -52.77 38.43 -59.90
C ILE S 11 -52.89 38.35 -61.41
N VAL S 12 -54.07 37.98 -61.91
CA VAL S 12 -54.28 38.02 -63.36
C VAL S 12 -54.10 39.46 -63.88
N VAL S 13 -54.68 40.43 -63.17
CA VAL S 13 -54.56 41.82 -63.57
C VAL S 13 -53.10 42.26 -63.60
N LYS S 14 -52.33 41.90 -62.58
CA LYS S 14 -50.92 42.26 -62.54
C LYS S 14 -50.13 41.60 -63.66
N GLU S 15 -50.42 40.34 -63.95
CA GLU S 15 -49.81 39.66 -65.08
C GLU S 15 -50.17 40.33 -66.40
N MET S 16 -51.24 41.14 -66.42
CA MET S 16 -51.47 42.10 -67.51
C MET S 16 -50.73 43.42 -67.38
N ASP S 17 -50.93 44.17 -66.30
CA ASP S 17 -50.42 45.52 -66.11
C ASP S 17 -50.65 45.90 -64.65
N ALA S 18 -49.91 46.92 -64.20
CA ALA S 18 -49.98 47.38 -62.82
C ALA S 18 -51.28 48.15 -62.62
N GLY S 19 -52.35 47.42 -62.33
CA GLY S 19 -53.66 48.02 -62.12
C GLY S 19 -54.21 48.79 -63.30
N GLY S 20 -53.94 48.33 -64.52
CA GLY S 20 -54.29 49.10 -65.70
C GLY S 20 -55.51 48.62 -66.44
N ASP S 21 -55.29 47.99 -67.60
CA ASP S 21 -56.39 47.62 -68.48
C ASP S 21 -57.31 46.60 -67.84
N MET S 22 -56.75 45.51 -67.31
CA MET S 22 -57.52 44.29 -67.12
C MET S 22 -58.43 44.48 -65.90
N ILE S 23 -59.58 43.81 -65.92
CA ILE S 23 -60.62 44.05 -64.91
C ILE S 23 -60.96 42.74 -64.19
N ALA S 24 -61.40 42.88 -62.94
CA ALA S 24 -61.61 41.79 -62.00
C ALA S 24 -63.08 41.68 -61.59
N VAL S 25 -63.45 40.51 -61.05
CA VAL S 25 -64.82 40.20 -60.66
C VAL S 25 -64.80 39.77 -59.20
N ARG S 26 -65.95 39.83 -58.53
CA ARG S 26 -66.01 39.61 -57.09
C ARG S 26 -66.26 38.15 -56.71
N SER S 27 -67.12 37.44 -57.44
CA SER S 27 -67.48 36.08 -57.07
C SER S 27 -67.96 35.29 -58.29
N LEU S 28 -68.22 34.00 -58.07
CA LEU S 28 -68.29 33.03 -59.16
C LEU S 28 -69.48 32.09 -59.04
N VAL S 29 -70.67 32.61 -58.72
CA VAL S 29 -71.89 31.90 -59.06
C VAL S 29 -72.40 32.33 -60.43
N ASP S 30 -72.41 33.63 -60.67
CA ASP S 30 -72.78 34.16 -61.98
C ASP S 30 -71.55 34.61 -62.75
N ALA S 31 -70.35 34.27 -62.28
CA ALA S 31 -69.14 34.58 -63.04
C ALA S 31 -68.96 33.62 -64.20
N ASP S 32 -69.32 32.35 -64.00
CA ASP S 32 -69.38 31.43 -65.13
C ASP S 32 -70.35 31.92 -66.19
N ARG S 33 -71.32 32.75 -65.79
CA ARG S 33 -72.25 33.36 -66.72
C ARG S 33 -71.85 34.82 -66.97
N PHE S 34 -70.68 35.22 -66.47
CA PHE S 34 -70.08 36.51 -66.85
C PHE S 34 -69.23 36.35 -68.09
N ARG S 35 -69.83 35.71 -69.09
CA ARG S 35 -69.25 35.55 -70.41
C ARG S 35 -69.58 36.82 -71.21
N CYS S 36 -69.40 36.75 -72.53
CA CYS S 36 -69.72 37.90 -73.37
C CYS S 36 -71.20 38.26 -73.27
N PHE S 37 -71.51 39.51 -73.64
CA PHE S 37 -72.88 40.04 -73.68
C PHE S 37 -73.48 40.18 -72.29
N HIS S 38 -72.71 40.67 -71.32
CA HIS S 38 -73.15 40.68 -69.93
C HIS S 38 -72.66 41.95 -69.24
N LEU S 39 -73.34 42.31 -68.15
CA LEU S 39 -73.29 43.64 -67.58
C LEU S 39 -72.42 43.70 -66.33
N VAL S 40 -72.26 44.92 -65.82
CA VAL S 40 -71.61 45.20 -64.55
C VAL S 40 -72.43 46.28 -63.85
N GLY S 41 -72.18 46.45 -62.55
CA GLY S 41 -72.85 47.46 -61.76
C GLY S 41 -72.12 48.79 -61.76
N GLU S 42 -72.74 49.78 -61.13
CA GLU S 42 -72.16 51.10 -61.03
C GLU S 42 -70.96 51.10 -60.08
N LYS S 43 -70.09 52.08 -60.27
CA LYS S 43 -68.80 52.12 -59.59
C LYS S 43 -68.80 53.17 -58.49
N ARG S 44 -68.31 52.78 -57.31
CA ARG S 44 -68.03 53.67 -56.21
C ARG S 44 -66.59 53.48 -55.74
N THR S 45 -66.07 54.46 -55.01
CA THR S 45 -64.67 54.47 -54.61
C THR S 45 -64.50 54.28 -53.11
N PHE S 46 -65.40 53.53 -52.47
CA PHE S 46 -65.25 53.23 -51.06
C PHE S 46 -64.39 51.99 -50.87
N PHE S 47 -63.45 52.07 -49.93
CA PHE S 47 -62.51 50.99 -49.63
C PHE S 47 -61.78 50.53 -50.91
N GLY S 48 -61.18 51.51 -51.58
CA GLY S 48 -60.52 51.26 -52.85
C GLY S 48 -61.51 51.06 -53.98
N CYS S 49 -61.00 50.51 -55.07
CA CYS S 49 -61.84 50.24 -56.24
C CYS S 49 -62.77 49.06 -55.97
N ARG S 50 -64.04 49.36 -55.71
CA ARG S 50 -65.04 48.33 -55.41
C ARG S 50 -66.35 48.76 -56.04
N HIS S 51 -66.79 48.03 -57.06
CA HIS S 51 -67.98 48.37 -57.83
C HIS S 51 -69.09 47.36 -57.55
N TYR S 52 -70.25 47.61 -58.13
CA TYR S 52 -71.39 46.72 -58.02
C TYR S 52 -71.42 45.78 -59.23
N THR S 53 -72.37 44.86 -59.23
CA THR S 53 -72.41 43.85 -60.29
C THR S 53 -73.84 43.36 -60.51
N THR S 54 -74.19 43.18 -61.77
CA THR S 54 -75.46 42.56 -62.17
C THR S 54 -75.25 41.87 -63.51
N GLY S 55 -75.66 40.60 -63.60
CA GLY S 55 -75.24 39.76 -64.69
C GLY S 55 -76.28 39.16 -65.63
N LEU S 56 -77.28 39.93 -66.04
CA LEU S 56 -78.29 39.44 -66.96
C LEU S 56 -77.71 39.33 -68.38
N THR S 57 -78.55 38.88 -69.31
CA THR S 57 -78.12 38.50 -70.65
C THR S 57 -78.56 39.55 -71.67
N LEU S 58 -78.04 39.44 -72.90
CA LEU S 58 -78.36 40.44 -73.92
C LEU S 58 -78.70 39.83 -75.28
N MET S 59 -78.52 38.52 -75.46
CA MET S 59 -78.78 37.92 -76.77
C MET S 59 -80.24 38.13 -77.15
N ASP S 60 -80.48 38.61 -78.37
CA ASP S 60 -81.83 38.85 -78.86
C ASP S 60 -82.18 38.01 -80.08
N ILE S 61 -81.34 38.03 -81.12
CA ILE S 61 -81.66 37.42 -82.40
C ILE S 61 -80.56 36.44 -82.80
N LEU S 62 -80.96 35.42 -83.57
CA LEU S 62 -80.04 34.46 -84.16
C LEU S 62 -80.42 34.19 -85.62
N ASP S 63 -80.65 35.26 -86.38
CA ASP S 63 -81.08 35.09 -87.77
C ASP S 63 -79.92 34.69 -88.68
N THR S 64 -78.83 35.45 -88.63
CA THR S 64 -77.65 35.12 -89.40
C THR S 64 -76.60 34.44 -88.53
N ASP S 65 -75.41 34.27 -89.08
CA ASP S 65 -74.34 33.56 -88.39
C ASP S 65 -73.86 34.35 -87.18
N GLY S 66 -74.30 33.95 -85.98
CA GLY S 66 -73.94 34.66 -84.78
C GLY S 66 -73.39 33.79 -83.66
N ASP S 67 -73.63 32.47 -83.73
CA ASP S 67 -73.20 31.56 -82.67
C ASP S 67 -72.37 30.40 -83.19
N LYS S 68 -71.60 30.61 -84.26
CA LYS S 68 -70.71 29.57 -84.73
C LYS S 68 -69.47 29.49 -83.84
N TRP S 69 -68.94 28.29 -83.69
CA TRP S 69 -67.75 28.07 -82.89
C TRP S 69 -66.74 27.21 -83.63
N LYS S 81 -56.05 29.10 -77.25
CA LYS S 81 -54.66 28.89 -76.87
C LYS S 81 -54.57 27.56 -76.13
N ALA S 82 -53.40 27.22 -75.61
CA ALA S 82 -53.17 26.03 -74.81
C ALA S 82 -53.38 26.38 -73.34
N GLU S 83 -53.13 25.41 -72.46
CA GLU S 83 -53.33 25.62 -71.03
C GLU S 83 -52.26 26.58 -70.52
N PHE S 84 -52.68 27.61 -69.78
CA PHE S 84 -51.76 28.55 -69.16
C PHE S 84 -51.77 28.31 -67.65
N GLN S 85 -50.59 28.33 -67.04
CA GLN S 85 -50.42 27.79 -65.70
C GLN S 85 -49.72 28.81 -64.81
N ILE S 86 -50.18 28.90 -63.56
CA ILE S 86 -49.63 29.81 -62.56
C ILE S 86 -49.50 29.04 -61.25
N LEU S 87 -48.30 28.51 -60.98
CA LEU S 87 -47.94 28.02 -59.65
C LEU S 87 -47.12 29.08 -58.92
N ASP S 88 -47.82 30.05 -58.34
CA ASP S 88 -47.13 31.14 -57.68
C ASP S 88 -47.43 31.19 -56.18
N ASN S 89 -46.58 31.91 -55.46
CA ASN S 89 -46.76 32.16 -54.04
C ASN S 89 -46.43 33.62 -53.78
N VAL S 90 -47.36 34.33 -53.17
CA VAL S 90 -47.19 35.76 -52.89
C VAL S 90 -47.29 35.98 -51.38
N ASP S 91 -46.32 36.69 -50.83
CA ASP S 91 -46.20 36.90 -49.40
C ASP S 91 -46.41 38.37 -49.08
N SER S 92 -47.22 38.66 -48.07
CA SER S 92 -47.49 40.02 -47.63
C SER S 92 -47.55 40.06 -46.11
N THR S 93 -46.52 40.59 -45.47
CA THR S 93 -46.43 40.66 -44.02
C THR S 93 -46.24 42.10 -43.60
N GLY S 94 -46.87 42.51 -42.50
CA GLY S 94 -46.76 43.87 -42.04
C GLY S 94 -47.21 44.12 -40.62
N GLU S 95 -46.38 44.82 -39.85
CA GLU S 95 -46.70 45.17 -38.46
C GLU S 95 -46.64 46.68 -38.29
N LEU S 96 -47.78 47.27 -37.95
CA LEU S 96 -47.87 48.69 -37.63
C LEU S 96 -48.28 48.81 -36.17
N ILE S 97 -47.40 49.41 -35.37
CA ILE S 97 -47.64 49.59 -33.95
C ILE S 97 -47.22 51.00 -33.56
N VAL S 98 -48.07 51.67 -32.77
CA VAL S 98 -47.89 53.07 -32.40
C VAL S 98 -48.31 53.24 -30.94
N ARG S 99 -47.53 54.00 -30.18
CA ARG S 99 -47.84 54.29 -28.79
C ARG S 99 -48.27 55.75 -28.67
N LEU S 100 -49.38 55.99 -27.96
CA LEU S 100 -50.04 57.26 -27.80
C LEU S 100 -49.55 57.98 -26.54
N PRO S 101 -49.73 59.31 -26.45
CA PRO S 101 -49.40 60.01 -25.20
C PRO S 101 -50.25 59.58 -24.02
N LYS S 102 -51.32 58.82 -24.24
CA LYS S 102 -52.13 58.24 -23.17
C LYS S 102 -51.66 56.85 -22.78
N GLU S 103 -50.36 56.58 -22.91
CA GLU S 103 -49.69 55.29 -22.66
C GLU S 103 -50.41 54.12 -23.33
N ILE S 104 -51.14 54.37 -24.42
CA ILE S 104 -51.83 53.31 -25.15
C ILE S 104 -50.83 52.73 -26.15
N THR S 105 -50.59 51.43 -26.07
CA THR S 105 -49.66 50.75 -26.95
C THR S 105 -50.44 50.10 -28.09
N ILE S 106 -51.05 50.93 -28.95
CA ILE S 106 -51.86 50.44 -30.05
C ILE S 106 -50.97 49.59 -30.95
N SER S 107 -51.46 48.42 -31.34
CA SER S 107 -50.64 47.46 -32.07
C SER S 107 -51.45 46.80 -33.18
N GLY S 108 -50.74 46.32 -34.19
CA GLY S 108 -51.33 45.47 -35.20
C GLY S 108 -50.26 44.77 -36.02
N SER S 109 -50.43 43.49 -36.30
CA SER S 109 -49.44 42.72 -37.05
C SER S 109 -50.16 41.63 -37.83
N PHE S 110 -50.05 41.68 -39.16
CA PHE S 110 -50.73 40.75 -40.05
C PHE S 110 -49.70 40.09 -40.95
N GLN S 111 -50.03 38.87 -41.41
CA GLN S 111 -49.20 38.22 -42.42
C GLN S 111 -50.06 37.27 -43.23
N GLY S 112 -49.80 37.24 -44.53
CA GLY S 112 -50.53 36.36 -45.42
C GLY S 112 -49.69 35.81 -46.55
N PHE S 113 -49.65 34.49 -46.65
CA PHE S 113 -48.98 33.80 -47.72
C PHE S 113 -50.03 33.11 -48.59
N HIS S 114 -50.12 33.53 -49.84
CA HIS S 114 -51.14 33.04 -50.76
C HIS S 114 -50.49 32.13 -51.79
N HIS S 115 -51.03 30.92 -51.90
CA HIS S 115 -50.57 29.96 -52.90
C HIS S 115 -51.61 29.88 -54.00
N GLN S 116 -51.20 30.19 -55.23
CA GLN S 116 -52.12 30.16 -56.35
C GLN S 116 -51.69 29.07 -57.32
N LYS S 117 -52.66 28.20 -57.64
CA LYS S 117 -52.53 27.09 -58.59
C LYS S 117 -53.42 27.36 -59.79
N ILE S 118 -53.34 28.59 -60.29
CA ILE S 118 -54.29 29.11 -61.26
C ILE S 118 -54.10 28.42 -62.61
N LYS S 119 -55.19 27.97 -63.20
CA LYS S 119 -55.20 27.39 -64.53
C LYS S 119 -56.13 28.19 -65.42
N ILE S 120 -55.70 28.44 -66.67
CA ILE S 120 -56.40 29.33 -67.57
C ILE S 120 -56.49 28.68 -68.95
N SER S 121 -57.67 28.77 -69.56
CA SER S 121 -57.88 28.32 -70.93
C SER S 121 -58.46 29.46 -71.75
N GLU S 122 -58.43 29.31 -73.07
CA GLU S 122 -58.83 30.39 -73.98
C GLU S 122 -59.80 29.88 -75.04
N ASN S 123 -60.88 30.63 -75.21
CA ASN S 123 -61.86 30.38 -76.27
C ASN S 123 -61.89 31.61 -77.17
N ARG S 124 -61.40 31.45 -78.39
CA ARG S 124 -61.17 32.57 -79.30
C ARG S 124 -62.51 33.09 -79.82
N ILE S 125 -62.70 34.41 -79.72
CA ILE S 125 -63.81 35.10 -80.37
C ILE S 125 -63.22 36.21 -81.24
N SER S 126 -63.71 36.30 -82.47
CA SER S 126 -63.13 37.21 -83.45
C SER S 126 -63.32 38.66 -83.03
N GLN S 127 -62.31 39.50 -83.29
CA GLN S 127 -62.41 40.91 -82.95
C GLN S 127 -63.30 41.67 -83.94
N GLN S 128 -63.21 41.33 -85.23
CA GLN S 128 -64.15 41.91 -86.19
C GLN S 128 -65.56 41.38 -85.97
N TYR S 129 -65.68 40.27 -85.25
CA TYR S 129 -66.99 39.80 -84.84
C TYR S 129 -67.67 40.79 -83.92
N LEU S 130 -66.91 41.64 -83.21
CA LEU S 130 -67.53 42.71 -82.44
C LEU S 130 -68.30 43.66 -83.34
N ALA S 131 -67.68 44.09 -84.44
CA ALA S 131 -68.37 44.90 -85.44
C ALA S 131 -69.53 44.17 -86.06
N THR S 132 -69.39 42.87 -86.32
CA THR S 132 -70.53 42.06 -86.74
C THR S 132 -71.66 42.11 -85.72
N LEU S 133 -71.32 42.19 -84.43
CA LEU S 133 -72.32 42.27 -83.38
C LEU S 133 -73.05 43.61 -83.39
N GLU S 134 -72.32 44.71 -83.59
CA GLU S 134 -73.04 45.95 -83.79
C GLU S 134 -73.87 45.94 -85.08
N ASN S 135 -73.46 45.17 -86.09
CA ASN S 135 -74.26 45.00 -87.29
C ASN S 135 -75.55 44.21 -87.04
N ARG S 136 -75.65 43.51 -85.92
CA ARG S 136 -76.89 42.84 -85.56
C ARG S 136 -78.01 43.86 -85.31
N LYS S 137 -79.24 43.42 -85.55
CA LYS S 137 -80.40 44.24 -85.24
C LYS S 137 -80.74 44.11 -83.76
N LEU S 138 -80.54 45.19 -83.01
CA LEU S 138 -80.79 45.19 -81.57
C LEU S 138 -82.27 45.41 -81.30
N LYS S 139 -82.97 44.34 -80.93
CA LYS S 139 -84.38 44.42 -80.59
C LYS S 139 -84.77 43.25 -79.70
N ARG S 140 -85.22 43.54 -78.49
CA ARG S 140 -85.59 42.51 -77.52
C ARG S 140 -86.57 43.11 -76.53
N GLU S 141 -87.67 42.39 -76.29
CA GLU S 141 -88.72 42.82 -75.38
C GLU S 141 -88.61 42.10 -74.04
N LEU S 142 -87.43 41.58 -73.73
CA LEU S 142 -87.19 41.01 -72.41
C LEU S 142 -87.32 42.12 -71.36
N PRO S 143 -87.87 41.82 -70.19
CA PRO S 143 -88.04 42.85 -69.17
C PRO S 143 -86.73 43.34 -68.58
N PHE S 144 -85.99 44.13 -69.34
CA PHE S 144 -84.80 44.81 -68.82
C PHE S 144 -84.76 46.29 -69.12
N SER S 145 -85.63 46.81 -69.99
CA SER S 145 -85.58 48.22 -70.36
C SER S 145 -85.84 49.14 -69.17
N PHE S 146 -86.86 48.84 -68.37
CA PHE S 146 -87.21 49.72 -67.26
C PHE S 146 -86.06 49.84 -66.27
N ARG S 147 -85.53 48.70 -65.81
CA ARG S 147 -84.44 48.74 -64.84
C ARG S 147 -83.15 49.27 -65.45
N SER S 148 -82.89 48.96 -66.72
CA SER S 148 -81.69 49.50 -67.37
C SER S 148 -81.74 51.01 -67.49
N ILE S 149 -82.90 51.57 -67.82
CA ILE S 149 -83.03 53.03 -67.87
C ILE S 149 -82.98 53.62 -66.47
N ASN S 150 -83.55 52.93 -65.48
CA ASN S 150 -83.47 53.44 -64.11
C ASN S 150 -82.03 53.51 -63.62
N THR S 151 -81.22 52.50 -63.95
CA THR S 151 -79.83 52.46 -63.51
C THR S 151 -78.93 53.39 -64.31
N ARG S 152 -79.02 53.34 -65.64
CA ARG S 152 -78.14 54.07 -66.56
C ARG S 152 -76.66 53.80 -66.28
N GLU S 153 -76.27 52.52 -66.24
CA GLU S 153 -74.90 52.15 -65.95
C GLU S 153 -74.02 52.20 -67.20
N ASN S 154 -74.60 52.53 -68.36
CA ASN S 154 -73.94 52.47 -69.67
C ASN S 154 -73.02 51.26 -69.80
N LEU S 155 -73.63 50.08 -69.67
CA LEU S 155 -72.96 48.79 -69.62
C LEU S 155 -71.87 48.64 -70.67
N TYR S 156 -70.83 47.88 -70.33
CA TYR S 156 -69.79 47.49 -71.27
C TYR S 156 -69.74 45.98 -71.40
N LEU S 157 -69.07 45.51 -72.45
CA LEU S 157 -68.93 44.08 -72.71
C LEU S 157 -67.47 43.66 -72.57
N VAL S 158 -67.19 42.41 -72.90
CA VAL S 158 -65.86 41.86 -72.76
C VAL S 158 -65.27 41.63 -74.14
N THR S 159 -63.94 41.59 -74.22
CA THR S 159 -63.27 41.44 -75.51
C THR S 159 -63.20 39.97 -75.94
N GLU S 160 -62.53 39.14 -75.15
CA GLU S 160 -62.28 37.77 -75.52
C GLU S 160 -62.54 36.87 -74.32
N THR S 161 -62.95 35.63 -74.59
CA THR S 161 -63.31 34.70 -73.53
C THR S 161 -62.05 34.20 -72.82
N LEU S 162 -61.94 34.51 -71.53
CA LEU S 162 -60.82 34.08 -70.70
C LEU S 162 -61.36 33.01 -69.74
N GLU S 163 -61.20 31.75 -70.12
CA GLU S 163 -61.80 30.62 -69.41
C GLU S 163 -60.75 29.94 -68.54
N THR S 164 -61.22 29.11 -67.61
CA THR S 164 -60.35 28.40 -66.69
C THR S 164 -60.74 26.93 -66.65
N VAL S 165 -59.76 26.06 -66.44
CA VAL S 165 -60.01 24.66 -66.07
C VAL S 165 -59.10 24.32 -64.90
N LYS S 166 -59.58 24.55 -63.69
CA LYS S 166 -58.73 24.66 -62.50
C LYS S 166 -58.96 23.48 -61.56
N GLU S 167 -58.01 23.27 -60.65
CA GLU S 167 -58.27 22.48 -59.46
C GLU S 167 -58.78 23.38 -58.34
N GLU S 168 -59.11 22.75 -57.21
CA GLU S 168 -59.86 23.42 -56.14
C GLU S 168 -58.97 24.11 -55.12
N THR S 169 -57.89 24.82 -55.46
CA THR S 169 -56.87 25.13 -54.46
C THR S 169 -56.43 26.59 -54.50
N LEU S 170 -56.83 27.37 -53.48
CA LEU S 170 -56.18 28.61 -53.10
C LEU S 170 -56.07 28.68 -51.58
N LYS S 171 -55.05 29.40 -51.09
CA LYS S 171 -54.80 29.53 -49.66
C LYS S 171 -54.62 31.00 -49.30
N SER S 172 -54.67 31.30 -48.00
CA SER S 172 -54.57 32.66 -47.48
C SER S 172 -54.40 32.67 -45.96
N ASP S 173 -53.93 33.78 -45.39
CA ASP S 173 -53.76 33.86 -43.93
C ASP S 173 -53.69 35.32 -43.49
N ARG S 174 -54.09 35.60 -42.24
CA ARG S 174 -53.80 36.89 -41.59
C ARG S 174 -53.74 36.69 -40.09
N GLN S 175 -53.12 37.66 -39.43
CA GLN S 175 -52.90 37.66 -38.00
C GLN S 175 -53.16 39.08 -37.52
N TYR S 176 -53.35 39.26 -36.22
CA TYR S 176 -53.49 40.60 -35.69
C TYR S 176 -53.20 40.56 -34.20
N LYS S 177 -52.59 41.63 -33.70
CA LYS S 177 -52.17 41.71 -32.31
C LYS S 177 -52.22 43.17 -31.88
N PHE S 178 -53.08 43.47 -30.91
CA PHE S 178 -53.31 44.83 -30.45
C PHE S 178 -53.24 44.89 -28.93
N TRP S 179 -52.51 45.87 -28.41
CA TRP S 179 -52.41 46.08 -26.97
C TRP S 179 -52.89 47.49 -26.65
N SER S 180 -53.16 47.74 -25.37
CA SER S 180 -53.58 49.07 -24.95
C SER S 180 -53.42 49.25 -23.44
N GLN S 181 -53.35 50.51 -23.04
CA GLN S 181 -53.23 50.89 -21.63
C GLN S 181 -53.65 52.35 -21.51
N ILE S 182 -54.77 52.59 -20.83
CA ILE S 182 -55.30 53.96 -20.69
C ILE S 182 -55.00 54.52 -19.30
N SER S 183 -55.38 53.78 -18.25
CA SER S 183 -55.07 54.16 -16.87
C SER S 183 -54.57 52.94 -16.10
N GLN S 184 -53.26 52.72 -16.20
CA GLN S 184 -52.56 51.53 -15.69
C GLN S 184 -53.31 50.24 -16.01
N GLY S 185 -54.09 50.24 -17.09
CA GLY S 185 -54.89 49.08 -17.44
C GLY S 185 -54.28 48.24 -18.54
N HIS S 186 -54.00 46.98 -18.23
CA HIS S 186 -53.48 46.04 -19.21
C HIS S 186 -54.54 45.72 -20.25
N LEU S 187 -54.15 45.65 -21.53
CA LEU S 187 -55.00 45.03 -22.55
C LEU S 187 -54.12 44.38 -23.61
N SER S 188 -54.30 43.06 -23.77
CA SER S 188 -53.61 42.28 -24.80
C SER S 188 -54.66 41.60 -25.66
N TYR S 189 -54.42 41.55 -26.97
CA TYR S 189 -55.41 41.11 -27.95
C TYR S 189 -54.69 40.40 -29.08
N LYS S 190 -55.05 39.15 -29.36
CA LYS S 190 -54.37 38.41 -30.42
C LYS S 190 -55.39 37.59 -31.21
N HIS S 191 -55.05 37.34 -32.48
CA HIS S 191 -55.92 36.62 -33.40
C HIS S 191 -55.09 36.06 -34.54
N LYS S 192 -55.37 34.81 -34.90
CA LYS S 192 -54.68 34.13 -36.01
C LYS S 192 -55.73 33.41 -36.86
N GLY S 193 -56.06 33.98 -38.02
CA GLY S 193 -57.07 33.37 -38.89
C GLY S 193 -56.47 33.02 -40.23
N GLN S 194 -56.40 31.71 -40.51
CA GLN S 194 -55.89 31.18 -41.76
C GLN S 194 -57.06 30.64 -42.56
N ARG S 195 -57.13 30.99 -43.85
CA ARG S 195 -58.25 30.61 -44.71
C ARG S 195 -57.73 29.90 -45.95
N GLU S 196 -58.62 29.21 -46.63
CA GLU S 196 -58.31 28.56 -47.90
C GLU S 196 -59.62 28.21 -48.58
N VAL S 197 -59.59 28.19 -49.91
CA VAL S 197 -60.81 28.04 -50.70
C VAL S 197 -60.60 26.97 -51.77
N THR S 198 -61.63 26.15 -51.95
CA THR S 198 -61.67 25.16 -53.02
C THR S 198 -62.14 25.86 -54.29
N ILE S 199 -61.24 25.97 -55.25
CA ILE S 199 -61.50 26.66 -56.50
C ILE S 199 -61.93 25.69 -57.60
N PRO S 200 -63.08 25.95 -58.22
CA PRO S 200 -63.66 24.98 -59.17
C PRO S 200 -63.16 25.21 -60.59
N PRO S 201 -63.27 24.17 -61.46
CA PRO S 201 -62.56 24.22 -62.76
C PRO S 201 -62.95 25.33 -63.73
N ASN S 202 -64.21 25.35 -64.19
CA ASN S 202 -64.56 26.11 -65.40
C ASN S 202 -65.29 27.38 -65.01
N ARG S 203 -64.54 28.42 -64.66
CA ARG S 203 -65.11 29.68 -64.22
C ARG S 203 -64.36 30.84 -64.86
N VAL S 204 -64.91 32.03 -64.72
CA VAL S 204 -64.37 33.25 -65.32
C VAL S 204 -63.93 34.19 -64.21
N LEU S 205 -62.72 34.73 -64.33
CA LEU S 205 -62.14 35.62 -63.34
C LEU S 205 -61.93 37.04 -63.83
N SER S 206 -61.36 37.23 -65.01
CA SER S 206 -61.02 38.56 -65.46
C SER S 206 -61.66 38.82 -66.83
N TYR S 207 -62.04 40.07 -67.05
CA TYR S 207 -62.82 40.44 -68.23
C TYR S 207 -62.35 41.81 -68.71
N ARG S 208 -62.96 42.29 -69.79
CA ARG S 208 -62.55 43.54 -70.43
C ARG S 208 -63.69 44.55 -70.49
N VAL S 209 -63.42 45.73 -71.04
CA VAL S 209 -64.38 46.81 -71.12
C VAL S 209 -64.48 47.29 -72.56
N LYS S 210 -65.71 47.43 -73.05
CA LYS S 210 -65.97 48.06 -74.34
C LYS S 210 -67.34 48.72 -74.28
N GLN S 211 -67.38 50.04 -74.37
CA GLN S 211 -68.58 50.82 -74.08
C GLN S 211 -69.61 50.67 -75.18
N LEU S 212 -70.87 50.54 -74.77
CA LEU S 212 -72.00 50.53 -75.69
C LEU S 212 -73.01 51.59 -75.27
N VAL S 213 -73.53 52.32 -76.26
CA VAL S 213 -74.59 53.30 -76.06
C VAL S 213 -75.86 52.76 -76.71
N PHE S 214 -76.98 52.92 -76.02
CA PHE S 214 -78.22 52.28 -76.44
C PHE S 214 -79.31 53.33 -76.72
N PRO S 215 -79.42 53.83 -77.94
CA PRO S 215 -80.68 54.43 -78.37
C PRO S 215 -81.77 53.37 -78.41
N ASN S 216 -83.01 53.80 -78.20
CA ASN S 216 -84.09 52.87 -77.91
C ASN S 216 -84.29 51.86 -79.04
N LYS S 217 -83.95 52.24 -80.27
CA LYS S 217 -84.10 51.34 -81.41
C LYS S 217 -82.82 50.58 -81.74
N GLU S 218 -81.74 51.29 -82.05
CA GLU S 218 -80.49 50.68 -82.48
C GLU S 218 -79.33 51.26 -81.69
N THR S 219 -78.31 50.45 -81.44
CA THR S 219 -77.21 50.82 -80.55
C THR S 219 -76.00 51.30 -81.35
N MET S 220 -75.00 51.78 -80.60
CA MET S 220 -73.72 52.21 -81.16
C MET S 220 -72.65 51.95 -80.12
N SER S 221 -71.39 52.09 -80.49
CA SER S 221 -70.29 51.72 -79.61
C SER S 221 -69.41 52.91 -79.24
N ALA S 222 -68.49 52.63 -78.32
CA ALA S 222 -67.46 53.57 -77.85
C ALA S 222 -66.31 52.70 -77.37
N GLY S 223 -65.14 52.89 -77.97
CA GLY S 223 -64.15 51.83 -78.01
C GLY S 223 -63.44 51.48 -76.73
N LEU S 224 -62.58 52.37 -76.23
CA LEU S 224 -61.52 51.96 -75.31
C LEU S 224 -61.91 52.25 -73.87
N ASP S 225 -62.10 51.16 -73.11
CA ASP S 225 -62.09 51.13 -71.64
C ASP S 225 -62.72 52.38 -71.02
N ILE S 226 -63.94 52.68 -71.44
CA ILE S 226 -64.69 53.79 -70.89
C ILE S 226 -65.48 53.29 -69.69
N HIS S 227 -64.83 53.29 -68.52
CA HIS S 227 -65.48 52.96 -67.26
C HIS S 227 -65.87 54.22 -66.49
N PHE S 228 -65.61 55.39 -67.04
CA PHE S 228 -66.08 56.66 -66.50
C PHE S 228 -67.48 56.87 -67.07
N ARG S 229 -68.49 56.63 -66.23
CA ARG S 229 -69.86 56.41 -66.71
C ARG S 229 -70.56 57.76 -66.90
N GLY S 230 -70.85 58.10 -68.14
CA GLY S 230 -71.78 59.16 -68.45
C GLY S 230 -72.43 58.96 -69.81
N LYS S 231 -73.76 58.90 -69.83
CA LYS S 231 -74.55 58.69 -71.04
C LYS S 231 -75.98 59.11 -70.77
N THR S 232 -76.64 59.67 -71.78
CA THR S 232 -78.01 60.15 -71.66
C THR S 232 -79.03 59.17 -72.23
N LYS S 233 -78.71 57.88 -72.26
CA LYS S 233 -79.63 56.88 -72.80
C LYS S 233 -80.80 56.67 -71.85
N PHE T 2 -42.00 46.27 -59.31
CA PHE T 2 -42.75 45.06 -58.94
C PHE T 2 -43.26 44.36 -60.20
N SER T 3 -43.21 45.08 -61.32
CA SER T 3 -43.43 44.43 -62.61
C SER T 3 -42.24 43.53 -62.95
N VAL T 4 -42.55 42.38 -63.56
CA VAL T 4 -41.51 41.46 -64.02
C VAL T 4 -41.42 41.40 -65.54
N PHE T 5 -42.52 41.63 -66.25
CA PHE T 5 -42.61 41.40 -67.69
C PHE T 5 -41.92 42.48 -68.50
N GLU T 6 -41.77 43.68 -67.94
CA GLU T 6 -40.95 44.70 -68.60
C GLU T 6 -39.47 44.39 -68.40
N GLU T 7 -39.14 43.71 -67.31
CA GLU T 7 -37.73 43.45 -67.00
C GLU T 7 -37.08 42.55 -68.03
N ILE T 8 -37.71 41.42 -68.36
CA ILE T 8 -37.11 40.47 -69.32
C ILE T 8 -36.96 41.12 -70.69
N THR T 9 -37.98 41.85 -71.12
CA THR T 9 -37.86 42.65 -72.32
C THR T 9 -36.71 43.64 -72.21
N ARG T 10 -36.41 44.14 -71.01
CA ARG T 10 -35.28 45.05 -70.88
C ARG T 10 -33.94 44.33 -70.85
N ILE T 11 -33.90 43.07 -70.45
CA ILE T 11 -32.67 42.30 -70.72
C ILE T 11 -32.45 42.18 -72.22
N VAL T 12 -33.52 41.93 -72.98
CA VAL T 12 -33.39 41.96 -74.44
C VAL T 12 -32.92 43.33 -74.91
N VAL T 13 -33.52 44.38 -74.37
CA VAL T 13 -33.14 45.75 -74.74
C VAL T 13 -31.66 46.00 -74.43
N LYS T 14 -31.19 45.59 -73.26
CA LYS T 14 -29.80 45.79 -72.90
C LYS T 14 -28.87 45.00 -73.79
N GLU T 15 -29.24 43.76 -74.14
CA GLU T 15 -28.47 42.99 -75.10
C GLU T 15 -28.43 43.64 -76.46
N MET T 16 -29.36 44.56 -76.74
CA MET T 16 -29.22 45.50 -77.86
C MET T 16 -28.37 46.73 -77.57
N ASP T 17 -28.73 47.54 -76.57
CA ASP T 17 -28.11 48.83 -76.29
C ASP T 17 -28.61 49.29 -74.92
N ALA T 18 -27.87 50.23 -74.32
CA ALA T 18 -28.19 50.74 -73.00
C ALA T 18 -29.41 51.67 -73.11
N GLY T 19 -30.60 51.08 -73.06
CA GLY T 19 -31.82 51.84 -73.16
C GLY T 19 -31.99 52.62 -74.45
N GLY T 20 -31.52 52.10 -75.58
CA GLY T 20 -31.49 52.86 -76.80
C GLY T 20 -32.57 52.50 -77.81
N ASP T 21 -32.16 51.81 -78.88
CA ASP T 21 -33.07 51.53 -79.99
C ASP T 21 -34.23 50.65 -79.57
N MET T 22 -33.94 49.53 -78.91
CA MET T 22 -34.88 48.42 -78.88
C MET T 22 -36.01 48.75 -77.92
N ILE T 23 -37.22 48.23 -78.19
CA ILE T 23 -38.41 48.62 -77.45
C ILE T 23 -39.07 47.40 -76.81
N ALA T 24 -39.76 47.64 -75.70
CA ALA T 24 -40.32 46.61 -74.83
C ALA T 24 -41.84 46.68 -74.78
N VAL T 25 -42.46 45.60 -74.32
CA VAL T 25 -43.91 45.46 -74.25
C VAL T 25 -44.27 45.09 -72.82
N ARG T 26 -45.54 45.30 -72.43
CA ARG T 26 -45.95 45.15 -71.04
C ARG T 26 -46.46 43.75 -70.72
N SER T 27 -47.21 43.12 -71.62
CA SER T 27 -47.81 41.82 -71.33
C SER T 27 -48.10 41.05 -72.62
N LEU T 28 -48.55 39.80 -72.45
CA LEU T 28 -48.50 38.82 -73.53
C LEU T 28 -49.79 38.03 -73.68
N VAL T 29 -50.94 38.71 -73.65
CA VAL T 29 -52.14 38.12 -74.25
C VAL T 29 -52.25 38.56 -75.70
N ASP T 30 -52.05 39.85 -75.95
CA ASP T 30 -52.05 40.37 -77.31
C ASP T 30 -50.63 40.64 -77.78
N ALA T 31 -49.62 40.17 -77.05
CA ALA T 31 -48.24 40.31 -77.51
C ALA T 31 -47.93 39.29 -78.60
N ASP T 32 -48.48 38.08 -78.47
CA ASP T 32 -48.38 37.14 -79.58
C ASP T 32 -49.02 37.70 -80.83
N ARG T 33 -49.94 38.65 -80.67
CA ARG T 33 -50.56 39.34 -81.80
C ARG T 33 -49.94 40.73 -81.96
N PHE T 34 -48.87 41.01 -81.21
CA PHE T 34 -48.05 42.20 -81.45
C PHE T 34 -46.96 41.89 -82.47
N ARG T 35 -47.40 41.28 -83.57
CA ARG T 35 -46.55 41.02 -84.72
C ARG T 35 -46.52 42.28 -85.58
N CYS T 36 -46.07 42.15 -86.83
CA CYS T 36 -46.03 43.29 -87.73
C CYS T 36 -47.44 43.83 -87.98
N PHE T 37 -47.51 45.09 -88.42
CA PHE T 37 -48.75 45.78 -88.77
C PHE T 37 -49.63 46.05 -87.56
N HIS T 38 -49.04 46.46 -86.45
CA HIS T 38 -49.79 46.59 -85.19
C HIS T 38 -49.32 47.81 -84.43
N LEU T 39 -50.17 48.28 -83.51
CA LEU T 39 -50.09 49.62 -82.97
C LEU T 39 -49.54 49.63 -81.54
N VAL T 40 -49.34 50.84 -81.03
CA VAL T 40 -48.97 51.09 -79.65
C VAL T 40 -49.78 52.28 -79.15
N GLY T 41 -49.81 52.47 -77.84
CA GLY T 41 -50.52 53.57 -77.24
C GLY T 41 -49.64 54.81 -77.09
N GLU T 42 -50.27 55.89 -76.61
CA GLU T 42 -49.57 57.14 -76.40
C GLU T 42 -48.62 57.03 -75.20
N LYS T 43 -47.61 57.90 -75.19
CA LYS T 43 -46.52 57.80 -74.24
C LYS T 43 -46.64 58.88 -73.16
N ARG T 44 -46.48 58.49 -71.91
CA ARG T 44 -46.35 59.38 -70.77
C ARG T 44 -45.09 59.02 -69.99
N THR T 45 -44.64 59.97 -69.16
CA THR T 45 -43.37 59.83 -68.46
C THR T 45 -43.57 59.67 -66.95
N PHE T 46 -44.67 59.07 -66.53
CA PHE T 46 -44.89 58.81 -65.12
C PHE T 46 -44.26 57.48 -64.73
N PHE T 47 -43.55 57.47 -63.59
CA PHE T 47 -42.84 56.30 -63.09
C PHE T 47 -41.92 55.72 -64.15
N GLY T 48 -41.05 56.59 -64.67
CA GLY T 48 -40.16 56.21 -65.75
C GLY T 48 -40.88 56.09 -67.09
N CYS T 49 -40.21 55.45 -68.03
CA CYS T 49 -40.79 55.23 -69.36
C CYS T 49 -41.90 54.19 -69.30
N ARG T 50 -43.15 54.64 -69.34
CA ARG T 50 -44.30 53.74 -69.26
C ARG T 50 -45.38 54.31 -70.19
N HIS T 51 -45.66 53.60 -71.27
CA HIS T 51 -46.59 54.05 -72.30
C HIS T 51 -47.85 53.19 -72.27
N TYR T 52 -48.81 53.55 -73.11
CA TYR T 52 -50.05 52.81 -73.26
C TYR T 52 -49.92 51.84 -74.43
N THR T 53 -50.96 51.03 -74.64
CA THR T 53 -50.87 50.01 -75.67
C THR T 53 -52.27 49.67 -76.21
N THR T 54 -52.34 49.48 -77.52
CA THR T 54 -53.55 49.02 -78.19
C THR T 54 -53.13 48.25 -79.43
N GLY T 55 -53.66 47.04 -79.61
CA GLY T 55 -53.11 46.11 -80.58
C GLY T 55 -53.97 45.61 -81.71
N LEU T 56 -54.75 46.48 -82.35
CA LEU T 56 -55.58 46.06 -83.47
C LEU T 56 -54.71 45.86 -84.72
N THR T 57 -55.36 45.46 -85.82
CA THR T 57 -54.69 44.99 -87.02
C THR T 57 -54.75 46.04 -88.12
N LEU T 58 -53.99 45.83 -89.20
CA LEU T 58 -53.94 46.81 -90.27
C LEU T 58 -54.04 46.20 -91.66
N MET T 59 -53.98 44.87 -91.79
CA MET T 59 -54.01 44.27 -93.12
C MET T 59 -55.31 44.62 -93.83
N ASP T 60 -55.21 45.09 -95.07
CA ASP T 60 -56.36 45.46 -95.87
C ASP T 60 -56.53 44.63 -97.14
N ILE T 61 -55.48 44.51 -97.95
CA ILE T 61 -55.58 43.89 -99.26
C ILE T 61 -54.54 42.79 -99.39
N LEU T 62 -54.87 41.79 -100.22
CA LEU T 62 -53.97 40.70 -100.57
C LEU T 62 -54.04 40.42 -102.08
N ASP T 63 -53.97 41.48 -102.88
CA ASP T 63 -54.10 41.32 -104.33
C ASP T 63 -52.81 40.75 -104.94
N THR T 64 -51.67 41.38 -104.65
CA THR T 64 -50.39 40.88 -105.14
C THR T 64 -49.68 40.11 -104.03
N ASP T 65 -48.41 39.78 -104.30
CA ASP T 65 -47.62 38.98 -103.37
C ASP T 65 -47.34 39.75 -102.09
N GLY T 66 -48.08 39.45 -101.03
CA GLY T 66 -47.92 40.15 -99.76
C GLY T 66 -47.75 39.26 -98.55
N ASP T 67 -48.13 37.98 -98.67
CA ASP T 67 -48.08 37.08 -97.53
C ASP T 67 -47.29 35.80 -97.83
N LYS T 68 -46.29 35.88 -98.70
CA LYS T 68 -45.44 34.72 -98.94
C LYS T 68 -44.45 34.53 -97.79
N TRP T 69 -44.14 33.28 -97.50
CA TRP T 69 -43.18 32.96 -96.45
C TRP T 69 -42.15 31.95 -96.94
N LYS T 81 -33.05 32.78 -88.28
CA LYS T 81 -31.82 32.43 -87.58
C LYS T 81 -32.06 31.13 -86.83
N ALA T 82 -31.08 30.68 -86.05
CA ALA T 82 -31.21 29.49 -85.22
C ALA T 82 -31.70 29.91 -83.83
N GLU T 83 -31.78 28.96 -82.91
CA GLU T 83 -32.26 29.25 -81.57
C GLU T 83 -31.22 30.09 -80.84
N PHE T 84 -31.68 31.18 -80.22
CA PHE T 84 -30.81 32.02 -79.41
C PHE T 84 -31.19 31.85 -77.94
N GLN T 85 -30.18 31.75 -77.09
CA GLN T 85 -30.39 31.26 -75.74
C GLN T 85 -29.79 32.21 -74.71
N ILE T 86 -30.51 32.41 -73.61
CA ILE T 86 -30.10 33.28 -72.51
C ILE T 86 -30.37 32.54 -71.20
N LEU T 87 -29.34 31.89 -70.66
CA LEU T 87 -29.35 31.41 -69.28
C LEU T 87 -28.60 32.39 -68.38
N ASP T 88 -29.28 33.45 -67.98
CA ASP T 88 -28.63 34.49 -67.19
C ASP T 88 -29.25 34.62 -65.81
N ASN T 89 -28.50 35.26 -64.91
CA ASN T 89 -28.97 35.58 -63.58
C ASN T 89 -28.53 36.99 -63.26
N VAL T 90 -29.48 37.85 -62.89
CA VAL T 90 -29.21 39.25 -62.59
C VAL T 90 -29.62 39.54 -61.15
N ASP T 91 -28.71 40.15 -60.40
CA ASP T 91 -28.90 40.39 -58.98
C ASP T 91 -28.99 41.90 -58.73
N SER T 92 -29.97 42.31 -57.93
CA SER T 92 -30.16 43.71 -57.57
C SER T 92 -30.56 43.80 -56.11
N THR T 93 -29.63 44.24 -55.26
CA THR T 93 -29.88 44.35 -53.83
C THR T 93 -29.61 45.77 -53.39
N GLY T 94 -30.42 46.28 -52.47
CA GLY T 94 -30.25 47.64 -52.01
C GLY T 94 -30.97 48.00 -50.72
N GLU T 95 -30.26 48.64 -49.79
CA GLU T 95 -30.85 49.06 -48.53
C GLU T 95 -30.64 50.56 -48.36
N LEU T 96 -31.74 51.30 -48.29
CA LEU T 96 -31.73 52.72 -48.02
C LEU T 96 -32.44 52.95 -46.70
N ILE T 97 -31.69 53.47 -45.71
CA ILE T 97 -32.22 53.73 -44.38
C ILE T 97 -31.74 55.09 -43.92
N VAL T 98 -32.65 55.89 -43.36
CA VAL T 98 -32.40 57.26 -42.97
C VAL T 98 -33.11 57.54 -41.64
N ARG T 99 -32.43 58.23 -40.74
CA ARG T 99 -33.02 58.61 -39.46
C ARG T 99 -33.27 60.11 -39.46
N LEU T 100 -34.46 60.51 -39.01
CA LEU T 100 -34.98 61.86 -39.03
C LEU T 100 -34.72 62.56 -37.69
N PRO T 101 -34.75 63.89 -37.65
CA PRO T 101 -34.62 64.60 -36.37
C PRO T 101 -35.77 64.32 -35.41
N LYS T 102 -36.84 63.68 -35.87
CA LYS T 102 -37.94 63.24 -35.02
C LYS T 102 -37.75 61.82 -34.51
N GLU T 103 -36.49 61.39 -34.33
CA GLU T 103 -36.07 60.05 -33.92
C GLU T 103 -36.75 58.95 -34.73
N ILE T 104 -37.18 59.24 -35.96
CA ILE T 104 -37.81 58.25 -36.82
C ILE T 104 -36.70 57.52 -37.56
N THR T 105 -36.65 56.20 -37.41
CA THR T 105 -35.62 55.38 -38.05
C THR T 105 -36.20 54.79 -39.33
N ILE T 106 -36.48 55.64 -40.31
CA ILE T 106 -37.08 55.22 -41.58
C ILE T 106 -36.13 54.24 -42.24
N SER T 107 -36.66 53.12 -42.72
CA SER T 107 -35.82 52.03 -43.22
C SER T 107 -36.42 51.44 -44.48
N GLY T 108 -35.58 50.84 -45.31
CA GLY T 108 -36.02 50.03 -46.42
C GLY T 108 -34.88 49.19 -46.96
N SER T 109 -35.14 47.91 -47.26
CA SER T 109 -34.12 47.01 -47.76
C SER T 109 -34.77 45.99 -48.68
N PHE T 110 -34.35 45.98 -49.93
CA PHE T 110 -34.92 45.09 -50.95
C PHE T 110 -33.80 44.28 -51.59
N GLN T 111 -34.16 43.10 -52.10
CA GLN T 111 -33.22 42.32 -52.89
C GLN T 111 -33.99 41.45 -53.87
N GLY T 112 -33.45 41.34 -55.07
CA GLY T 112 -34.05 40.53 -56.10
C GLY T 112 -33.05 39.84 -56.99
N PHE T 113 -33.16 38.52 -57.07
CA PHE T 113 -32.35 37.71 -57.96
C PHE T 113 -33.26 37.13 -59.04
N HIS T 114 -33.00 37.49 -60.28
CA HIS T 114 -33.84 37.10 -61.41
C HIS T 114 -33.08 36.08 -62.25
N HIS T 115 -33.73 34.94 -62.48
CA HIS T 115 -33.18 33.90 -63.33
C HIS T 115 -33.95 33.89 -64.64
N GLN T 116 -33.24 34.12 -65.74
CA GLN T 116 -33.88 34.15 -67.04
C GLN T 116 -33.38 32.98 -67.88
N LYS T 117 -34.34 32.22 -68.40
CA LYS T 117 -34.15 31.07 -69.29
C LYS T 117 -34.69 31.41 -70.67
N ILE T 118 -34.34 32.59 -71.14
CA ILE T 118 -34.98 33.18 -72.31
C ILE T 118 -34.57 32.44 -73.57
N LYS T 119 -35.56 32.09 -74.40
CA LYS T 119 -35.32 31.46 -75.69
C LYS T 119 -35.92 32.35 -76.78
N ILE T 120 -35.20 32.48 -77.89
CA ILE T 120 -35.56 33.42 -78.94
C ILE T 120 -35.42 32.73 -80.30
N SER T 121 -36.39 32.94 -81.17
CA SER T 121 -36.35 32.47 -82.55
C SER T 121 -36.58 33.65 -83.49
N GLU T 122 -36.27 33.44 -84.77
CA GLU T 122 -36.32 34.52 -85.74
C GLU T 122 -37.07 34.09 -87.00
N ASN T 123 -37.99 34.96 -87.43
CA ASN T 123 -38.72 34.79 -88.67
C ASN T 123 -38.39 35.97 -89.57
N ARG T 124 -37.65 35.72 -90.65
CA ARG T 124 -37.10 36.77 -91.48
C ARG T 124 -38.21 37.43 -92.30
N ILE T 125 -38.26 38.76 -92.26
CA ILE T 125 -39.09 39.55 -93.16
C ILE T 125 -38.17 40.54 -93.88
N SER T 126 -38.36 40.65 -95.19
CA SER T 126 -37.46 41.45 -96.01
C SER T 126 -37.57 42.93 -95.65
N GLN T 127 -36.42 43.63 -95.69
CA GLN T 127 -36.42 45.05 -95.40
C GLN T 127 -36.96 45.87 -96.57
N GLN T 128 -36.63 45.49 -97.80
CA GLN T 128 -37.24 46.13 -98.96
C GLN T 128 -38.73 45.79 -99.06
N TYR T 129 -39.14 44.72 -98.38
CA TYR T 129 -40.56 44.42 -98.28
C TYR T 129 -41.31 45.53 -97.55
N LEU T 130 -40.63 46.30 -96.70
CA LEU T 130 -41.27 47.47 -96.09
C LEU T 130 -41.69 48.47 -97.16
N ALA T 131 -40.78 48.79 -98.08
CA ALA T 131 -41.12 49.63 -99.22
C ALA T 131 -42.19 49.02 -100.09
N THR T 132 -42.15 47.70 -100.30
CA THR T 132 -43.26 47.02 -100.96
C THR T 132 -44.58 47.25 -100.22
N LEU T 133 -44.53 47.33 -98.89
CA LEU T 133 -45.73 47.56 -98.10
C LEU T 133 -46.26 48.98 -98.29
N GLU T 134 -45.38 49.97 -98.33
CA GLU T 134 -45.88 51.29 -98.72
C GLU T 134 -46.38 51.33 -100.15
N ASN T 135 -45.86 50.47 -101.02
CA ASN T 135 -46.39 50.36 -102.38
C ASN T 135 -47.78 49.74 -102.43
N ARG T 136 -48.22 49.10 -101.35
CA ARG T 136 -49.58 48.59 -101.28
C ARG T 136 -50.58 49.74 -101.31
N LYS T 137 -51.78 49.45 -101.82
CA LYS T 137 -52.87 50.41 -101.79
C LYS T 137 -53.55 50.37 -100.43
N LEU T 138 -53.39 51.45 -99.67
CA LEU T 138 -53.95 51.53 -98.32
C LEU T 138 -55.42 51.94 -98.40
N LYS T 139 -56.31 50.97 -98.19
CA LYS T 139 -57.75 51.23 -98.18
C LYS T 139 -58.48 50.15 -97.41
N ARG T 140 -59.15 50.54 -96.32
CA ARG T 140 -59.85 49.60 -95.46
C ARG T 140 -60.95 50.35 -94.72
N GLU T 141 -62.16 49.77 -94.75
CA GLU T 141 -63.31 50.36 -94.10
C GLU T 141 -63.61 49.68 -92.77
N LEU T 142 -62.60 49.04 -92.18
CA LEU T 142 -62.75 48.49 -90.85
C LEU T 142 -62.97 49.64 -89.86
N PRO T 143 -63.81 49.44 -88.85
CA PRO T 143 -64.07 50.54 -87.91
C PRO T 143 -62.89 50.88 -87.02
N PHE T 144 -61.90 51.56 -87.61
CA PHE T 144 -60.78 52.10 -86.83
C PHE T 144 -60.49 53.56 -87.13
N SER T 145 -61.08 54.15 -88.17
CA SER T 145 -60.76 55.53 -88.54
C SER T 145 -61.16 56.51 -87.46
N PHE T 146 -62.38 56.37 -86.91
CA PHE T 146 -62.87 57.32 -85.91
C PHE T 146 -61.96 57.34 -84.68
N ARG T 147 -61.69 56.17 -84.11
CA ARG T 147 -60.85 56.11 -82.92
C ARG T 147 -59.40 56.46 -83.21
N SER T 148 -58.89 56.08 -84.38
CA SER T 148 -57.53 56.44 -84.75
C SER T 148 -57.36 57.95 -84.88
N ILE T 149 -58.33 58.63 -85.49
CA ILE T 149 -58.26 60.09 -85.57
C ILE T 149 -58.46 60.72 -84.21
N ASN T 150 -59.32 60.14 -83.36
CA ASN T 150 -59.49 60.69 -82.01
C ASN T 150 -58.20 60.61 -81.21
N THR T 151 -57.47 59.50 -81.33
CA THR T 151 -56.24 59.30 -80.59
C THR T 151 -55.07 60.09 -81.16
N ARG T 152 -54.86 60.00 -82.49
CA ARG T 152 -53.71 60.58 -83.18
C ARG T 152 -52.38 60.15 -82.56
N GLU T 153 -52.17 58.84 -82.43
CA GLU T 153 -50.96 58.31 -81.83
C GLU T 153 -49.81 58.22 -82.84
N ASN T 154 -50.08 58.58 -84.10
CA ASN T 154 -49.15 58.39 -85.23
C ASN T 154 -48.38 57.06 -85.12
N LEU T 155 -49.14 55.98 -85.14
CA LEU T 155 -48.67 54.62 -84.92
C LEU T 155 -47.39 54.30 -85.69
N TYR T 156 -46.56 53.43 -85.11
CA TYR T 156 -45.40 52.89 -85.78
C TYR T 156 -45.50 51.37 -85.89
N LEU T 157 -44.68 50.79 -86.75
CA LEU T 157 -44.66 49.37 -86.96
C LEU T 157 -43.33 48.78 -86.49
N VAL T 158 -43.15 47.49 -86.74
CA VAL T 158 -41.95 46.77 -86.28
C VAL T 158 -41.10 46.43 -87.49
N THR T 159 -39.80 46.23 -87.26
CA THR T 159 -38.88 45.96 -88.37
C THR T 159 -38.89 44.48 -88.75
N GLU T 160 -38.53 43.60 -87.81
CA GLU T 160 -38.37 42.20 -88.11
C GLU T 160 -39.02 41.38 -86.99
N THR T 161 -39.50 40.19 -87.33
CA THR T 161 -40.20 39.35 -86.37
C THR T 161 -39.21 38.73 -85.39
N LEU T 162 -39.37 39.07 -84.11
CA LEU T 162 -38.53 38.53 -83.04
C LEU T 162 -39.39 37.58 -82.23
N GLU T 163 -39.31 36.29 -82.56
CA GLU T 163 -40.18 35.28 -81.98
C GLU T 163 -39.45 34.51 -80.89
N THR T 164 -40.23 33.77 -80.09
CA THR T 164 -39.68 33.00 -78.98
C THR T 164 -40.26 31.59 -79.02
N VAL T 165 -39.46 30.61 -78.58
CA VAL T 165 -39.96 29.28 -78.27
C VAL T 165 -39.38 28.86 -76.92
N LYS T 166 -40.10 29.20 -75.86
CA LYS T 166 -39.54 29.25 -74.50
C LYS T 166 -40.13 28.15 -73.63
N GLU T 167 -39.44 27.86 -72.52
CA GLU T 167 -40.05 27.14 -71.42
C GLU T 167 -40.70 28.14 -70.46
N GLU T 168 -41.35 27.61 -69.43
CA GLU T 168 -42.23 28.39 -68.57
C GLU T 168 -41.51 29.01 -67.37
N THR T 169 -40.31 29.58 -67.46
CA THR T 169 -39.52 29.80 -66.26
C THR T 169 -38.90 31.20 -66.21
N LEU T 170 -39.42 32.05 -65.31
CA LEU T 170 -38.71 33.22 -64.80
C LEU T 170 -38.95 33.33 -63.30
N LYS T 171 -37.99 33.94 -62.59
CA LYS T 171 -38.06 34.10 -61.14
C LYS T 171 -37.79 35.56 -60.77
N SER T 172 -38.09 35.90 -59.51
CA SER T 172 -37.94 37.25 -58.99
C SER T 172 -38.12 37.29 -57.48
N ASP T 173 -37.66 38.36 -56.83
CA ASP T 173 -37.82 38.48 -55.37
C ASP T 173 -37.68 39.94 -54.94
N ARG T 174 -38.30 40.32 -53.82
CA ARG T 174 -38.02 41.57 -53.14
C ARG T 174 -38.33 41.43 -51.66
N GLN T 175 -37.75 42.34 -50.87
CA GLN T 175 -37.85 42.37 -49.43
C GLN T 175 -38.05 43.82 -49.04
N TYR T 176 -38.52 44.07 -47.82
CA TYR T 176 -38.60 45.44 -47.35
C TYR T 176 -38.66 45.42 -45.83
N LYS T 177 -38.05 46.43 -45.22
CA LYS T 177 -37.95 46.51 -43.77
C LYS T 177 -37.92 47.98 -43.37
N PHE T 178 -38.93 48.42 -42.63
CA PHE T 178 -39.08 49.81 -42.25
C PHE T 178 -39.36 49.92 -40.75
N TRP T 179 -38.65 50.82 -40.08
CA TRP T 179 -38.85 51.07 -38.66
C TRP T 179 -39.22 52.54 -38.47
N SER T 180 -39.74 52.87 -37.29
CA SER T 180 -40.07 54.25 -36.99
C SER T 180 -40.25 54.46 -35.49
N GLN T 181 -40.10 55.73 -35.09
CA GLN T 181 -40.26 56.15 -33.70
C GLN T 181 -40.53 57.64 -33.69
N ILE T 182 -41.73 58.05 -33.29
CA ILE T 182 -42.09 59.46 -33.28
C ILE T 182 -42.06 60.03 -31.86
N SER T 183 -42.75 59.38 -30.93
CA SER T 183 -42.72 59.78 -29.52
C SER T 183 -42.57 58.54 -28.64
N GLN T 184 -41.30 58.15 -28.44
CA GLN T 184 -40.90 56.92 -27.76
C GLN T 184 -41.70 55.71 -28.24
N GLY T 185 -42.21 55.76 -29.47
CA GLY T 185 -43.04 54.70 -29.99
C GLY T 185 -42.31 53.76 -30.91
N HIS T 186 -42.26 52.48 -30.53
CA HIS T 186 -41.65 51.44 -31.36
C HIS T 186 -42.48 51.21 -32.61
N LEU T 187 -41.82 51.05 -33.77
CA LEU T 187 -42.49 50.50 -34.94
C LEU T 187 -41.49 49.70 -35.77
N SER T 188 -41.78 48.42 -35.96
CA SER T 188 -40.99 47.52 -36.79
C SER T 188 -41.89 46.93 -37.86
N TYR T 189 -41.36 46.80 -39.08
CA TYR T 189 -42.15 46.46 -40.25
C TYR T 189 -41.28 45.63 -41.19
N LYS T 190 -41.73 44.42 -41.54
CA LYS T 190 -40.93 43.57 -42.40
C LYS T 190 -41.82 42.85 -43.40
N HIS T 191 -41.24 42.51 -44.56
CA HIS T 191 -41.96 41.87 -45.64
C HIS T 191 -40.98 41.17 -46.56
N LYS T 192 -41.31 39.94 -46.97
CA LYS T 192 -40.48 39.15 -47.87
C LYS T 192 -41.39 38.54 -48.94
N GLY T 193 -41.38 39.09 -50.14
CA GLY T 193 -42.21 38.58 -51.22
C GLY T 193 -41.38 38.10 -52.39
N GLN T 194 -41.42 36.78 -52.62
CA GLN T 194 -40.71 36.16 -53.73
C GLN T 194 -41.73 35.72 -54.77
N ARG T 195 -41.45 36.03 -56.04
CA ARG T 195 -42.38 35.76 -57.13
C ARG T 195 -41.68 34.95 -58.20
N GLU T 196 -42.47 34.35 -59.08
CA GLU T 196 -41.98 33.62 -60.23
C GLU T 196 -43.13 33.40 -61.20
N VAL T 197 -42.80 33.32 -62.49
CA VAL T 197 -43.81 33.29 -63.53
C VAL T 197 -43.50 32.16 -64.51
N THR T 198 -44.56 31.46 -64.91
CA THR T 198 -44.48 30.44 -65.95
C THR T 198 -44.55 31.15 -67.30
N ILE T 199 -43.45 31.11 -68.03
CA ILE T 199 -43.33 31.79 -69.32
C ILE T 199 -43.62 30.84 -70.48
N PRO T 200 -44.56 31.20 -71.35
CA PRO T 200 -45.02 30.27 -72.40
C PRO T 200 -44.19 30.39 -73.67
N PRO T 201 -44.21 29.35 -74.53
CA PRO T 201 -43.24 29.26 -75.62
C PRO T 201 -43.25 30.37 -76.68
N ASN T 202 -44.35 30.53 -77.41
CA ASN T 202 -44.33 31.27 -78.68
C ASN T 202 -44.97 32.64 -78.49
N ARG T 203 -44.19 33.59 -77.98
CA ARG T 203 -44.69 34.92 -77.69
C ARG T 203 -43.67 35.97 -78.15
N VAL T 204 -44.09 37.22 -78.15
CA VAL T 204 -43.28 38.34 -78.62
C VAL T 204 -42.99 39.26 -77.46
N LEU T 205 -41.72 39.65 -77.29
CA LEU T 205 -41.28 40.50 -76.19
C LEU T 205 -40.80 41.87 -76.63
N SER T 206 -39.95 41.95 -77.65
CA SER T 206 -39.35 43.21 -78.04
C SER T 206 -39.63 43.48 -79.51
N TYR T 207 -39.80 44.76 -79.83
CA TYR T 207 -40.22 45.18 -81.16
C TYR T 207 -39.50 46.47 -81.53
N ARG T 208 -39.78 46.97 -82.73
CA ARG T 208 -39.08 48.14 -83.27
C ARG T 208 -40.04 49.27 -83.60
N VAL T 209 -39.51 50.39 -84.08
CA VAL T 209 -40.29 51.59 -84.39
C VAL T 209 -40.00 52.02 -85.81
N LYS T 210 -41.06 52.28 -86.58
CA LYS T 210 -40.93 52.90 -87.90
C LYS T 210 -42.19 53.70 -88.16
N GLN T 211 -42.04 55.02 -88.26
CA GLN T 211 -43.17 55.95 -88.26
C GLN T 211 -43.94 55.89 -89.58
N LEU T 212 -45.27 55.92 -89.47
CA LEU T 212 -46.15 56.01 -90.61
C LEU T 212 -47.09 57.19 -90.46
N VAL T 213 -47.28 57.94 -91.54
CA VAL T 213 -48.22 59.04 -91.60
C VAL T 213 -49.36 58.64 -92.52
N PHE T 214 -50.59 58.95 -92.11
CA PHE T 214 -51.77 58.46 -92.80
C PHE T 214 -52.62 59.61 -93.32
N PRO T 215 -52.39 60.08 -94.55
CA PRO T 215 -53.44 60.81 -95.27
C PRO T 215 -54.60 59.88 -95.54
N ASN T 216 -55.80 60.48 -95.63
CA ASN T 216 -57.02 59.68 -95.59
C ASN T 216 -57.09 58.66 -96.72
N LYS T 217 -56.43 58.96 -97.85
CA LYS T 217 -56.43 58.03 -98.98
C LYS T 217 -55.21 57.12 -99.00
N GLU T 218 -54.01 57.68 -99.06
CA GLU T 218 -52.79 56.91 -99.19
C GLU T 218 -51.77 57.39 -98.16
N THR T 219 -50.95 56.46 -97.67
CA THR T 219 -50.04 56.74 -96.56
C THR T 219 -48.62 57.04 -97.06
N MET T 220 -47.76 57.42 -96.11
CA MET T 220 -46.36 57.68 -96.37
C MET T 220 -45.59 57.32 -95.09
N SER T 221 -44.27 57.30 -95.16
CA SER T 221 -43.45 56.84 -94.05
C SER T 221 -42.54 57.93 -93.50
N ALA T 222 -41.90 57.58 -92.38
CA ALA T 222 -40.90 58.40 -91.72
C ALA T 222 -40.00 57.43 -90.97
N GLY T 223 -38.70 57.45 -91.29
CA GLY T 223 -37.87 56.27 -91.09
C GLY T 223 -37.53 55.89 -89.66
N LEU T 224 -36.70 56.69 -88.99
CA LEU T 224 -35.92 56.19 -87.86
C LEU T 224 -36.60 56.57 -86.54
N ASP T 225 -37.10 55.56 -85.84
CA ASP T 225 -37.42 55.59 -84.40
C ASP T 225 -38.01 56.91 -83.96
N ILE T 226 -39.06 57.34 -84.65
CA ILE T 226 -39.77 58.56 -84.29
C ILE T 226 -40.87 58.19 -83.30
N HIS T 227 -40.52 58.17 -82.02
CA HIS T 227 -41.47 57.95 -80.94
C HIS T 227 -41.86 59.28 -80.28
N PHE T 228 -41.34 60.39 -80.78
CA PHE T 228 -41.76 61.72 -80.37
C PHE T 228 -42.96 62.08 -81.24
N ARG T 229 -44.15 61.99 -80.67
CA ARG T 229 -45.39 61.93 -81.44
C ARG T 229 -45.86 63.33 -81.79
N GLY T 230 -45.80 63.66 -83.08
CA GLY T 230 -46.50 64.81 -83.61
C GLY T 230 -46.85 64.65 -85.07
N LYS T 231 -48.14 64.74 -85.39
CA LYS T 231 -48.65 64.58 -86.76
C LYS T 231 -50.04 65.18 -86.82
N THR T 232 -50.38 65.79 -87.96
CA THR T 232 -51.67 66.42 -88.17
C THR T 232 -52.65 65.54 -88.95
N LYS T 233 -52.49 64.22 -88.90
CA LYS T 233 -53.38 63.32 -89.62
C LYS T 233 -54.77 63.29 -88.97
N PHE U 2 -21.59 48.89 -67.75
CA PHE U 2 -22.54 47.80 -67.52
C PHE U 2 -22.84 47.10 -68.84
N SER U 3 -22.47 47.75 -69.95
CA SER U 3 -22.48 47.06 -71.23
C SER U 3 -21.37 46.02 -71.28
N VAL U 4 -21.67 44.88 -71.91
CA VAL U 4 -20.68 43.83 -72.12
C VAL U 4 -20.28 43.68 -73.58
N PHE U 5 -21.16 43.99 -74.52
CA PHE U 5 -20.99 43.70 -75.93
C PHE U 5 -20.00 44.66 -76.60
N GLU U 6 -19.83 45.86 -76.06
CA GLU U 6 -18.77 46.75 -76.54
C GLU U 6 -17.42 46.29 -76.02
N GLU U 7 -17.40 45.63 -74.87
CA GLU U 7 -16.14 45.23 -74.25
C GLU U 7 -15.39 44.21 -75.09
N ILE U 8 -16.08 43.15 -75.53
CA ILE U 8 -15.41 42.09 -76.30
C ILE U 8 -14.89 42.63 -77.63
N THR U 9 -15.70 43.45 -78.29
CA THR U 9 -15.23 44.18 -79.46
C THR U 9 -14.03 45.03 -79.13
N ARG U 10 -13.93 45.56 -77.90
CA ARG U 10 -12.76 46.35 -77.54
C ARG U 10 -11.54 45.49 -77.21
N ILE U 11 -11.73 44.23 -76.78
CA ILE U 11 -10.58 43.34 -76.75
C ILE U 11 -10.07 43.11 -78.17
N VAL U 12 -10.97 42.95 -79.13
CA VAL U 12 -10.54 42.88 -80.53
C VAL U 12 -9.80 44.17 -80.92
N VAL U 13 -10.37 45.32 -80.55
CA VAL U 13 -9.77 46.61 -80.87
C VAL U 13 -8.38 46.70 -80.26
N LYS U 14 -8.22 46.30 -79.00
CA LYS U 14 -6.92 46.36 -78.35
C LYS U 14 -5.91 45.43 -79.00
N GLU U 15 -6.36 44.23 -79.39
CA GLU U 15 -5.50 43.32 -80.13
C GLU U 15 -5.09 43.89 -81.48
N MET U 16 -5.82 44.90 -81.97
CA MET U 16 -5.33 45.76 -83.06
C MET U 16 -4.42 46.90 -82.63
N ASP U 17 -4.88 47.79 -81.74
CA ASP U 17 -4.20 49.02 -81.37
C ASP U 17 -4.91 49.59 -80.15
N ALA U 18 -4.22 50.47 -79.44
CA ALA U 18 -4.74 51.10 -78.22
C ALA U 18 -5.78 52.14 -78.61
N GLY U 19 -7.02 51.69 -78.82
CA GLY U 19 -8.10 52.58 -79.20
C GLY U 19 -7.88 53.31 -80.51
N GLY U 20 -7.26 52.67 -81.49
CA GLY U 20 -6.87 53.37 -82.71
C GLY U 20 -7.75 53.08 -83.92
N ASP U 21 -7.21 52.29 -84.84
CA ASP U 21 -7.89 52.07 -86.12
C ASP U 21 -9.21 51.34 -85.94
N MET U 22 -9.20 50.23 -85.21
CA MET U 22 -10.26 49.24 -85.36
C MET U 22 -11.53 49.74 -84.67
N ILE U 23 -12.69 49.35 -85.18
CA ILE U 23 -13.97 49.91 -84.74
C ILE U 23 -14.87 48.79 -84.22
N ALA U 24 -15.76 49.17 -83.30
CA ALA U 24 -16.60 48.25 -82.54
C ALA U 24 -18.08 48.51 -82.81
N VAL U 25 -18.91 47.52 -82.47
CA VAL U 25 -20.36 47.54 -82.72
C VAL U 25 -21.06 47.29 -81.39
N ARG U 26 -22.34 47.67 -81.30
CA ARG U 26 -23.05 47.63 -80.03
C ARG U 26 -23.78 46.31 -79.79
N SER U 27 -24.39 45.73 -80.82
CA SER U 27 -25.19 44.52 -80.63
C SER U 27 -25.29 43.73 -81.93
N LEU U 28 -25.91 42.55 -81.84
CA LEU U 28 -25.75 41.51 -82.85
C LEU U 28 -27.08 40.86 -83.25
N VAL U 29 -28.11 41.66 -83.49
CA VAL U 29 -29.21 41.19 -84.32
C VAL U 29 -28.97 41.56 -85.77
N ASP U 30 -28.56 42.80 -86.01
CA ASP U 30 -28.22 43.25 -87.34
C ASP U 30 -26.69 43.34 -87.51
N ALA U 31 -25.93 42.80 -86.56
CA ALA U 31 -24.47 42.75 -86.72
C ALA U 31 -24.06 41.65 -87.68
N ASP U 32 -24.77 40.52 -87.65
CA ASP U 32 -24.56 39.52 -88.68
C ASP U 32 -24.85 40.08 -90.06
N ARG U 33 -25.66 41.14 -90.12
CA ARG U 33 -25.93 41.82 -91.37
C ARG U 33 -25.13 43.13 -91.43
N PHE U 34 -24.22 43.33 -90.47
CA PHE U 34 -23.23 44.41 -90.56
C PHE U 34 -21.99 43.92 -91.31
N ARG U 35 -22.26 43.33 -92.46
CA ARG U 35 -21.23 42.90 -93.39
C ARG U 35 -20.86 44.11 -94.26
N CYS U 36 -20.17 43.87 -95.37
CA CYS U 36 -19.81 44.94 -96.28
C CYS U 36 -21.06 45.62 -96.84
N PHE U 37 -20.87 46.87 -97.32
CA PHE U 37 -21.92 47.66 -97.95
C PHE U 37 -23.00 48.09 -96.97
N HIS U 38 -22.63 48.51 -95.76
CA HIS U 38 -23.60 48.76 -94.71
C HIS U 38 -23.15 49.96 -93.88
N LEU U 39 -24.11 50.58 -93.19
CA LEU U 39 -23.99 51.93 -92.67
C LEU U 39 -23.75 51.94 -91.17
N VAL U 40 -23.53 53.14 -90.66
CA VAL U 40 -23.42 53.43 -89.23
C VAL U 40 -24.19 54.72 -88.96
N GLY U 41 -24.47 54.98 -87.68
CA GLY U 41 -25.15 56.19 -87.28
C GLY U 41 -24.17 57.33 -86.96
N GLU U 42 -24.76 58.49 -86.67
CA GLU U 42 -23.98 59.66 -86.34
C GLU U 42 -23.33 59.51 -84.97
N LYS U 43 -22.25 60.25 -84.75
CA LYS U 43 -21.39 60.09 -83.58
C LYS U 43 -21.62 61.23 -82.60
N ARG U 44 -21.77 60.87 -81.33
CA ARG U 44 -21.78 61.81 -80.21
C ARG U 44 -20.78 61.35 -79.17
N THR U 45 -20.39 62.28 -78.28
CA THR U 45 -19.34 62.04 -77.31
C THR U 45 -19.86 61.98 -75.88
N PHE U 46 -21.10 61.53 -75.71
CA PHE U 46 -21.64 61.36 -74.36
C PHE U 46 -21.26 59.99 -73.81
N PHE U 47 -20.83 59.97 -72.55
CA PHE U 47 -20.39 58.75 -71.87
C PHE U 47 -19.34 58.02 -72.70
N GLY U 48 -18.28 58.76 -73.05
CA GLY U 48 -17.23 58.23 -73.88
C GLY U 48 -17.67 58.12 -75.34
N CYS U 49 -16.89 57.36 -76.10
CA CYS U 49 -17.20 57.14 -77.51
C CYS U 49 -18.41 56.23 -77.67
N ARG U 50 -19.56 56.82 -77.99
CA ARG U 50 -20.80 56.07 -78.16
C ARG U 50 -21.58 56.70 -79.30
N HIS U 51 -21.70 55.97 -80.40
CA HIS U 51 -22.33 56.47 -81.62
C HIS U 51 -23.66 55.77 -81.83
N TYR U 52 -24.38 56.19 -82.87
CA TYR U 52 -25.64 55.58 -83.27
C TYR U 52 -25.37 54.54 -84.36
N THR U 53 -26.43 53.85 -84.77
CA THR U 53 -26.25 52.77 -85.74
C THR U 53 -27.53 52.56 -86.55
N THR U 54 -27.35 52.32 -87.85
CA THR U 54 -28.44 51.96 -88.75
C THR U 54 -27.86 51.09 -89.85
N GLY U 55 -28.48 49.94 -90.10
CA GLY U 55 -27.85 48.90 -90.90
C GLY U 55 -28.51 48.44 -92.19
N LEU U 56 -29.03 49.36 -93.00
CA LEU U 56 -29.64 48.99 -94.27
C LEU U 56 -28.56 48.62 -95.29
N THR U 57 -29.00 48.25 -96.49
CA THR U 57 -28.15 47.64 -97.51
C THR U 57 -27.86 48.63 -98.63
N LEU U 58 -26.91 48.27 -99.50
CA LEU U 58 -26.50 49.20 -100.56
C LEU U 58 -26.39 48.54 -101.93
N MET U 59 -26.46 47.21 -102.01
CA MET U 59 -26.28 46.54 -103.30
C MET U 59 -27.35 47.00 -104.28
N ASP U 60 -26.92 47.39 -105.48
CA ASP U 60 -27.84 47.86 -106.53
C ASP U 60 -27.82 46.98 -107.77
N ILE U 61 -26.65 46.70 -108.33
CA ILE U 61 -26.54 46.03 -109.62
C ILE U 61 -25.65 44.81 -109.50
N LEU U 62 -25.90 43.82 -110.34
CA LEU U 62 -25.09 42.61 -110.48
C LEU U 62 -24.87 42.28 -111.94
N ASP U 63 -24.50 43.27 -112.75
CA ASP U 63 -24.33 43.05 -114.18
C ASP U 63 -23.03 42.32 -114.48
N THR U 64 -21.91 42.82 -113.97
CA THR U 64 -20.63 42.16 -114.14
C THR U 64 -20.26 41.38 -112.90
N ASP U 65 -19.01 40.89 -112.88
CA ASP U 65 -18.54 40.05 -111.77
C ASP U 65 -18.45 40.85 -110.48
N GLY U 66 -19.43 40.69 -109.61
CA GLY U 66 -19.46 41.44 -108.36
C GLY U 66 -19.67 40.59 -107.12
N ASP U 67 -20.15 39.37 -107.28
CA ASP U 67 -20.46 38.51 -106.13
C ASP U 67 -19.78 37.14 -106.22
N LYS U 68 -18.62 37.06 -106.85
CA LYS U 68 -17.88 35.80 -106.88
C LYS U 68 -17.20 35.57 -105.53
N TRP U 69 -17.09 34.30 -105.16
CA TRP U 69 -16.43 33.93 -103.91
C TRP U 69 -15.45 32.79 -104.14
N LYS U 81 -8.36 33.05 -93.74
CA LYS U 81 -7.36 32.59 -92.78
C LYS U 81 -7.92 31.36 -92.06
N ALA U 82 -7.19 30.84 -91.07
CA ALA U 82 -7.62 29.72 -90.26
C ALA U 82 -8.34 30.27 -89.03
N GLU U 83 -8.73 29.38 -88.12
CA GLU U 83 -9.45 29.78 -86.92
C GLU U 83 -8.50 30.54 -86.01
N PHE U 84 -8.93 31.70 -85.53
CA PHE U 84 -8.16 32.49 -84.58
C PHE U 84 -8.87 32.43 -83.23
N GLN U 85 -8.09 32.26 -82.16
CA GLN U 85 -8.64 31.86 -80.88
C GLN U 85 -8.15 32.79 -79.77
N ILE U 86 -9.06 33.13 -78.85
CA ILE U 86 -8.80 34.00 -77.72
C ILE U 86 -9.42 33.37 -76.48
N LEU U 87 -8.62 32.63 -75.71
CA LEU U 87 -8.98 32.22 -74.35
C LEU U 87 -8.32 33.15 -73.34
N ASP U 88 -8.94 34.31 -73.13
CA ASP U 88 -8.36 35.30 -72.24
C ASP U 88 -9.24 35.58 -71.03
N ASN U 89 -8.62 36.17 -70.01
CA ASN U 89 -9.31 36.61 -68.81
C ASN U 89 -8.78 37.98 -68.45
N VAL U 90 -9.69 38.95 -68.31
CA VAL U 90 -9.31 40.33 -68.00
C VAL U 90 -9.98 40.73 -66.69
N ASP U 91 -9.20 41.27 -65.77
CA ASP U 91 -9.65 41.61 -64.43
C ASP U 91 -9.60 43.12 -64.25
N SER U 92 -10.68 43.69 -63.69
CA SER U 92 -10.77 45.12 -63.42
C SER U 92 -11.46 45.32 -62.08
N THR U 93 -10.69 45.70 -61.06
CA THR U 93 -11.23 45.90 -59.72
C THR U 93 -10.88 47.31 -59.27
N GLY U 94 -11.79 47.96 -58.56
CA GLY U 94 -11.57 49.32 -58.10
C GLY U 94 -12.50 49.81 -57.02
N GLU U 95 -11.93 50.41 -55.97
CA GLU U 95 -12.72 50.96 -54.87
C GLU U 95 -12.37 52.43 -54.69
N LEU U 96 -13.37 53.30 -54.90
CA LEU U 96 -13.24 54.72 -54.66
C LEU U 96 -14.18 55.10 -53.53
N ILE U 97 -13.61 55.58 -52.43
CA ILE U 97 -14.37 55.96 -51.24
C ILE U 97 -13.83 57.29 -50.72
N VAL U 98 -14.75 58.20 -50.40
CA VAL U 98 -14.42 59.56 -49.99
C VAL U 98 -15.36 59.98 -48.87
N ARG U 99 -14.80 60.63 -47.85
CA ARG U 99 -15.59 61.15 -46.74
C ARG U 99 -15.67 62.66 -46.83
N LEU U 100 -16.88 63.21 -46.67
CA LEU U 100 -17.21 64.61 -46.82
C LEU U 100 -17.15 65.34 -45.48
N PRO U 101 -17.02 66.67 -45.49
CA PRO U 101 -17.10 67.42 -44.23
C PRO U 101 -18.44 67.32 -43.53
N LYS U 102 -19.47 66.78 -44.19
CA LYS U 102 -20.76 66.52 -43.58
C LYS U 102 -20.85 65.11 -43.01
N GLU U 103 -19.74 64.55 -42.56
CA GLU U 103 -19.56 63.19 -42.04
C GLU U 103 -20.19 62.13 -42.94
N ILE U 104 -20.31 62.40 -44.24
CA ILE U 104 -20.86 61.45 -45.20
C ILE U 104 -19.70 60.56 -45.66
N THR U 105 -19.85 59.26 -45.47
CA THR U 105 -18.81 58.29 -45.85
C THR U 105 -19.18 57.71 -47.21
N ILE U 106 -19.14 58.54 -48.25
CA ILE U 106 -19.50 58.13 -49.61
C ILE U 106 -18.55 57.01 -50.02
N SER U 107 -19.10 55.93 -50.56
CA SER U 107 -18.31 54.74 -50.86
C SER U 107 -18.71 54.16 -52.20
N GLY U 108 -17.78 53.42 -52.81
CA GLY U 108 -18.06 52.61 -53.97
C GLY U 108 -16.95 51.61 -54.22
N SER U 109 -17.29 50.37 -54.54
CA SER U 109 -16.31 49.33 -54.78
C SER U 109 -16.86 48.35 -55.80
N PHE U 110 -16.19 48.22 -56.93
CA PHE U 110 -16.63 47.36 -58.02
C PHE U 110 -15.51 46.40 -58.39
N GLN U 111 -15.89 45.24 -58.94
CA GLN U 111 -14.91 44.31 -59.46
C GLN U 111 -15.54 43.49 -60.58
N GLY U 112 -14.78 43.26 -61.63
CA GLY U 112 -15.23 42.47 -62.74
C GLY U 112 -14.16 41.62 -63.38
N PHE U 113 -14.41 40.32 -63.44
CA PHE U 113 -13.54 39.38 -64.12
C PHE U 113 -14.26 38.85 -65.35
N HIS U 114 -13.70 39.13 -66.52
CA HIS U 114 -14.31 38.78 -67.79
C HIS U 114 -13.53 37.63 -68.43
N HIS U 115 -14.25 36.56 -68.75
CA HIS U 115 -13.66 35.43 -69.44
C HIS U 115 -14.13 35.44 -70.89
N GLN U 116 -13.18 35.53 -71.82
CA GLN U 116 -13.51 35.57 -73.23
C GLN U 116 -12.99 34.31 -73.91
N LYS U 117 -13.91 33.62 -74.60
CA LYS U 117 -13.67 32.43 -75.40
C LYS U 117 -13.86 32.75 -76.87
N ILE U 118 -13.29 33.86 -77.29
CA ILE U 118 -13.58 34.46 -78.59
C ILE U 118 -13.00 33.62 -79.71
N LYS U 119 -13.83 33.34 -80.72
CA LYS U 119 -13.40 32.63 -81.91
C LYS U 119 -13.64 33.51 -83.13
N ILE U 120 -12.69 33.50 -84.06
CA ILE U 120 -12.70 34.43 -85.19
C ILE U 120 -12.36 33.66 -86.46
N SER U 121 -13.10 33.93 -87.53
CA SER U 121 -12.83 33.38 -88.85
C SER U 121 -12.70 34.53 -89.84
N GLU U 122 -12.16 34.23 -91.02
CA GLU U 122 -11.87 35.26 -92.01
C GLU U 122 -12.38 34.86 -93.39
N ASN U 123 -13.07 35.79 -94.03
CA ASN U 123 -13.54 35.64 -95.39
C ASN U 123 -12.89 36.74 -96.23
N ARG U 124 -11.98 36.35 -97.12
CA ARG U 124 -11.12 37.29 -97.84
C ARG U 124 -11.96 38.02 -98.89
N ILE U 125 -11.85 39.35 -98.90
CA ILE U 125 -12.36 40.18 -99.97
C ILE U 125 -11.21 41.03 -100.50
N SER U 126 -11.11 41.10 -101.83
CA SER U 126 -9.96 41.74 -102.45
C SER U 126 -9.96 43.24 -102.17
N GLN U 127 -8.76 43.80 -101.97
CA GLN U 127 -8.64 45.23 -101.72
C GLN U 127 -8.82 46.05 -103.00
N GLN U 128 -8.29 45.56 -104.13
CA GLN U 128 -8.56 46.22 -105.41
C GLN U 128 -10.01 46.04 -105.81
N TYR U 129 -10.68 45.05 -105.21
CA TYR U 129 -12.12 44.93 -105.41
C TYR U 129 -12.87 46.15 -104.88
N LEU U 130 -12.30 46.88 -103.93
CA LEU U 130 -12.90 48.13 -103.51
C LEU U 130 -12.97 49.12 -104.67
N ALA U 131 -11.85 49.29 -105.38
CA ALA U 131 -11.84 50.11 -106.58
C ALA U 131 -12.78 49.58 -107.66
N THR U 132 -12.85 48.26 -107.81
CA THR U 132 -13.86 47.68 -108.69
C THR U 132 -15.27 48.07 -108.26
N LEU U 133 -15.49 48.22 -106.96
CA LEU U 133 -16.80 48.63 -106.44
C LEU U 133 -17.10 50.08 -106.79
N GLU U 134 -16.11 50.97 -106.65
CA GLU U 134 -16.37 52.31 -107.17
C GLU U 134 -16.54 52.33 -108.68
N ASN U 135 -15.95 51.38 -109.40
CA ASN U 135 -16.18 51.25 -110.83
C ASN U 135 -17.60 50.80 -111.16
N ARG U 136 -18.34 50.26 -110.20
CA ARG U 136 -19.73 49.91 -110.41
C ARG U 136 -20.56 51.16 -110.69
N LYS U 137 -21.65 50.99 -111.44
CA LYS U 137 -22.59 52.06 -111.67
C LYS U 137 -23.55 52.18 -110.48
N LEU U 138 -23.43 53.27 -109.73
CA LEU U 138 -24.25 53.48 -108.55
C LEU U 138 -25.60 54.04 -108.95
N LYS U 139 -26.62 53.19 -108.91
CA LYS U 139 -27.99 53.61 -109.22
C LYS U 139 -28.99 52.66 -108.60
N ARG U 140 -29.83 53.18 -107.69
CA ARG U 140 -30.81 52.36 -106.98
C ARG U 140 -31.94 53.26 -106.53
N GLU U 141 -33.17 52.83 -106.80
CA GLU U 141 -34.37 53.58 -106.43
C GLU U 141 -35.02 52.99 -105.18
N LEU U 142 -34.24 52.28 -104.37
CA LEU U 142 -34.73 51.82 -103.09
C LEU U 142 -35.01 53.04 -102.20
N PRO U 143 -36.06 52.99 -101.38
CA PRO U 143 -36.40 54.15 -100.55
C PRO U 143 -35.39 54.41 -99.44
N PHE U 144 -34.22 54.93 -99.82
CA PHE U 144 -33.25 55.38 -98.83
C PHE U 144 -32.72 56.79 -99.10
N SER U 145 -33.00 57.38 -100.25
CA SER U 145 -32.45 58.70 -100.58
C SER U 145 -32.95 59.78 -99.63
N PHE U 146 -34.26 59.79 -99.36
CA PHE U 146 -34.83 60.84 -98.51
C PHE U 146 -34.21 60.83 -97.12
N ARG U 147 -34.21 59.67 -96.47
CA ARG U 147 -33.66 59.57 -95.12
C ARG U 147 -32.15 59.75 -95.11
N SER U 148 -31.46 59.25 -96.14
CA SER U 148 -30.01 59.43 -96.20
C SER U 148 -29.63 60.90 -96.33
N ILE U 149 -30.36 61.66 -97.15
CA ILE U 149 -30.11 63.09 -97.26
C ILE U 149 -30.51 63.81 -95.98
N ASN U 150 -31.59 63.38 -95.33
CA ASN U 150 -31.98 64.01 -94.07
C ASN U 150 -30.91 63.82 -92.99
N THR U 151 -30.32 62.64 -92.93
CA THR U 151 -29.30 62.34 -91.93
C THR U 151 -27.94 62.96 -92.26
N ARG U 152 -27.48 62.79 -93.51
CA ARG U 152 -26.14 63.20 -93.94
C ARG U 152 -25.04 62.65 -93.04
N GLU U 153 -25.02 61.34 -92.83
CA GLU U 153 -24.03 60.71 -91.97
C GLU U 153 -22.72 60.43 -92.70
N ASN U 154 -22.66 60.75 -94.01
CA ASN U 154 -21.55 60.41 -94.90
C ASN U 154 -20.98 59.01 -94.59
N LEU U 155 -21.85 58.02 -94.75
CA LEU U 155 -21.60 56.63 -94.39
C LEU U 155 -20.23 56.13 -94.87
N TYR U 156 -19.65 55.21 -94.10
CA TYR U 156 -18.45 54.51 -94.49
C TYR U 156 -18.72 53.01 -94.57
N LEU U 157 -17.80 52.29 -95.22
CA LEU U 157 -17.91 50.86 -95.38
C LEU U 157 -16.79 50.15 -94.62
N VAL U 158 -16.72 48.84 -94.78
CA VAL U 158 -15.74 48.03 -94.07
C VAL U 158 -14.70 47.52 -95.06
N THR U 159 -13.52 47.19 -94.55
CA THR U 159 -12.42 46.76 -95.41
C THR U 159 -12.52 45.28 -95.75
N GLU U 160 -12.48 44.42 -94.74
CA GLU U 160 -12.44 42.98 -94.96
C GLU U 160 -13.39 42.30 -93.99
N THR U 161 -13.94 41.16 -94.40
CA THR U 161 -14.92 40.45 -93.59
C THR U 161 -14.24 39.78 -92.40
N LEU U 162 -14.62 40.19 -91.20
CA LEU U 162 -14.10 39.62 -89.96
C LEU U 162 -15.23 38.82 -89.34
N GLU U 163 -15.24 37.51 -89.60
CA GLU U 163 -16.32 36.63 -89.20
C GLU U 163 -15.94 35.84 -87.95
N THR U 164 -16.94 35.24 -87.32
CA THR U 164 -16.74 34.46 -86.10
C THR U 164 -17.46 33.13 -86.24
N VAL U 165 -16.91 32.10 -85.61
CA VAL U 165 -17.61 30.84 -85.38
C VAL U 165 -17.40 30.43 -83.93
N LYS U 166 -18.27 30.90 -83.04
CA LYS U 166 -18.01 30.95 -81.61
C LYS U 166 -18.89 29.97 -80.85
N GLU U 167 -18.50 29.66 -79.62
CA GLU U 167 -19.42 29.08 -78.66
C GLU U 167 -20.13 30.19 -77.88
N GLU U 168 -21.05 29.78 -77.01
CA GLU U 168 -21.99 30.71 -76.38
C GLU U 168 -21.46 31.31 -75.07
N THR U 169 -20.21 31.72 -74.92
CA THR U 169 -19.66 31.92 -73.57
C THR U 169 -18.91 33.24 -73.43
N LEU U 170 -19.51 34.18 -72.68
CA LEU U 170 -18.80 35.29 -72.06
C LEU U 170 -19.33 35.51 -70.65
N LYS U 171 -18.48 36.04 -69.77
CA LYS U 171 -18.83 36.28 -68.37
C LYS U 171 -18.46 37.71 -67.98
N SER U 172 -19.00 38.16 -66.83
CA SER U 172 -18.79 39.51 -66.33
C SER U 172 -19.29 39.65 -64.89
N ASP U 173 -18.85 40.68 -64.17
CA ASP U 173 -19.30 40.90 -62.80
C ASP U 173 -19.07 42.34 -62.37
N ARG U 174 -19.87 42.85 -61.44
CA ARG U 174 -19.59 44.10 -60.74
C ARG U 174 -20.22 44.07 -59.36
N GLN U 175 -19.72 44.94 -58.50
CA GLN U 175 -20.14 45.06 -57.10
C GLN U 175 -20.21 46.54 -56.81
N TYR U 176 -20.90 46.90 -55.72
CA TYR U 176 -20.92 48.30 -55.31
C TYR U 176 -21.31 48.36 -53.85
N LYS U 177 -20.72 49.33 -53.14
CA LYS U 177 -20.93 49.46 -51.70
C LYS U 177 -20.80 50.94 -51.35
N PHE U 178 -21.88 51.53 -50.86
CA PHE U 178 -21.95 52.95 -50.56
C PHE U 178 -22.52 53.16 -49.16
N TRP U 179 -21.87 54.01 -48.37
CA TRP U 179 -22.35 54.36 -47.04
C TRP U 179 -22.55 55.86 -46.96
N SER U 180 -23.27 56.30 -45.93
CA SER U 180 -23.49 57.73 -45.75
C SER U 180 -23.96 58.04 -44.33
N GLN U 181 -23.75 59.30 -43.94
CA GLN U 181 -24.15 59.80 -42.62
C GLN U 181 -24.23 61.31 -42.72
N ILE U 182 -25.43 61.87 -42.60
CA ILE U 182 -25.61 63.32 -42.72
C ILE U 182 -25.81 63.95 -41.34
N SER U 183 -26.76 63.43 -40.55
CA SER U 183 -26.98 63.89 -39.18
C SER U 183 -27.17 62.69 -38.26
N GLN U 184 -26.03 62.17 -37.77
CA GLN U 184 -25.94 60.93 -37.00
C GLN U 184 -26.76 59.80 -37.60
N GLY U 185 -26.97 59.85 -38.91
CA GLY U 185 -27.81 58.86 -39.57
C GLY U 185 -27.01 57.79 -40.29
N HIS U 186 -27.20 56.54 -39.88
CA HIS U 186 -26.56 55.40 -40.53
C HIS U 186 -27.13 55.21 -41.93
N LEU U 187 -26.27 54.92 -42.90
CA LEU U 187 -26.72 54.38 -44.18
C LEU U 187 -25.68 53.44 -44.75
N SER U 188 -26.07 52.19 -44.97
CA SER U 188 -25.23 51.17 -45.58
C SER U 188 -25.95 50.63 -46.81
N TYR U 189 -25.19 50.38 -47.89
CA TYR U 189 -25.75 50.06 -49.19
C TYR U 189 -24.81 49.10 -49.89
N LYS U 190 -25.31 47.93 -50.29
CA LYS U 190 -24.45 46.95 -50.95
C LYS U 190 -25.20 46.28 -52.10
N HIS U 191 -24.43 45.83 -53.08
CA HIS U 191 -24.97 45.22 -54.29
C HIS U 191 -23.91 44.37 -54.96
N LYS U 192 -24.30 43.17 -55.39
CA LYS U 192 -23.38 42.24 -56.08
C LYS U 192 -24.12 41.68 -57.29
N GLY U 193 -23.79 42.16 -58.49
CA GLY U 193 -24.43 41.70 -59.71
C GLY U 193 -23.44 41.06 -60.66
N GLN U 194 -23.58 39.75 -60.85
CA GLN U 194 -22.73 38.99 -61.77
C GLN U 194 -23.54 38.63 -62.99
N ARG U 195 -22.97 38.84 -64.18
CA ARG U 195 -23.67 38.62 -65.43
C ARG U 195 -22.86 37.68 -66.31
N GLU U 196 -23.52 37.12 -67.32
CA GLU U 196 -22.88 36.28 -68.32
C GLU U 196 -23.81 36.15 -69.51
N VAL U 197 -23.24 35.97 -70.69
CA VAL U 197 -24.00 36.00 -71.93
C VAL U 197 -23.63 34.81 -72.79
N THR U 198 -24.64 34.20 -73.40
CA THR U 198 -24.47 33.13 -74.37
C THR U 198 -24.17 33.77 -75.71
N ILE U 199 -22.95 33.58 -76.18
CA ILE U 199 -22.48 34.17 -77.44
C ILE U 199 -22.63 33.20 -78.60
N PRO U 200 -23.31 33.61 -79.67
CA PRO U 200 -23.64 32.70 -80.77
C PRO U 200 -22.55 32.65 -81.83
N PRO U 201 -22.53 31.57 -82.65
CA PRO U 201 -21.36 31.32 -83.51
C PRO U 201 -21.02 32.37 -84.56
N ASN U 202 -21.90 32.61 -85.53
CA ASN U 202 -21.53 33.28 -86.77
C ASN U 202 -22.02 34.72 -86.75
N ARG U 203 -21.26 35.61 -86.13
CA ARG U 203 -21.65 37.00 -85.98
C ARG U 203 -20.44 37.89 -86.24
N VAL U 204 -20.69 39.20 -86.36
CA VAL U 204 -19.67 40.19 -86.67
C VAL U 204 -19.53 41.13 -85.49
N LEU U 205 -18.29 41.38 -85.06
CA LEU U 205 -17.99 42.23 -83.92
C LEU U 205 -17.26 43.51 -84.28
N SER U 206 -16.21 43.44 -85.09
CA SER U 206 -15.39 44.61 -85.37
C SER U 206 -15.32 44.83 -86.87
N TYR U 207 -15.26 46.11 -87.25
CA TYR U 207 -15.34 46.50 -88.65
C TYR U 207 -14.41 47.69 -88.89
N ARG U 208 -14.36 48.16 -90.14
CA ARG U 208 -13.42 49.21 -90.53
C ARG U 208 -14.16 50.42 -91.10
N VAL U 209 -13.40 51.45 -91.49
CA VAL U 209 -13.95 52.71 -91.98
C VAL U 209 -13.31 53.04 -93.32
N LYS U 210 -14.14 53.37 -94.30
CA LYS U 210 -13.68 53.90 -95.58
C LYS U 210 -14.74 54.83 -96.13
N GLN U 211 -14.41 56.12 -96.23
CA GLN U 211 -15.39 57.16 -96.50
C GLN U 211 -15.87 57.12 -97.94
N LEU U 212 -17.18 57.31 -98.13
CA LEU U 212 -17.78 57.44 -99.45
C LEU U 212 -18.59 58.73 -99.52
N VAL U 213 -18.44 59.43 -100.65
CA VAL U 213 -19.22 60.63 -100.94
C VAL U 213 -20.17 60.31 -102.07
N PHE U 214 -21.41 60.78 -101.95
CA PHE U 214 -22.46 60.39 -102.86
C PHE U 214 -23.05 61.60 -103.59
N PRO U 215 -22.50 61.97 -104.74
CA PRO U 215 -23.28 62.78 -105.68
C PRO U 215 -24.46 61.98 -106.19
N ASN U 216 -25.53 62.69 -106.54
CA ASN U 216 -26.83 62.04 -106.74
C ASN U 216 -26.77 60.99 -107.85
N LYS U 217 -25.86 61.14 -108.81
CA LYS U 217 -25.73 60.18 -109.89
C LYS U 217 -24.66 59.12 -109.62
N GLU U 218 -23.41 59.55 -109.43
CA GLU U 218 -22.28 58.63 -109.27
C GLU U 218 -21.47 59.05 -108.06
N THR U 219 -20.88 58.07 -107.38
CA THR U 219 -20.20 58.29 -106.11
C THR U 219 -18.69 58.40 -106.29
N MET U 220 -18.01 58.73 -105.19
CA MET U 220 -16.56 58.83 -105.14
C MET U 220 -16.13 58.46 -103.73
N SER U 221 -14.83 58.29 -103.51
CA SER U 221 -14.34 57.78 -102.24
C SER U 221 -13.43 58.79 -101.52
N ALA U 222 -13.08 58.44 -100.29
CA ALA U 222 -12.17 59.17 -99.44
C ALA U 222 -11.57 58.14 -98.49
N GLY U 223 -10.24 58.00 -98.51
CA GLY U 223 -9.62 56.75 -98.12
C GLY U 223 -9.64 56.40 -96.64
N LEU U 224 -8.87 57.14 -95.82
CA LEU U 224 -8.43 56.62 -94.54
C LEU U 224 -9.31 57.13 -93.41
N ASP U 225 -10.07 56.21 -92.81
CA ASP U 225 -10.68 56.35 -91.48
C ASP U 225 -11.19 57.76 -91.20
N ILE U 226 -12.01 58.26 -92.12
CA ILE U 226 -12.63 59.57 -91.96
C ILE U 226 -13.95 59.39 -91.22
N HIS U 227 -13.87 59.38 -89.88
CA HIS U 227 -15.06 59.33 -89.03
C HIS U 227 -15.42 60.72 -88.52
N PHE U 228 -14.68 61.74 -88.91
CA PHE U 228 -15.01 63.14 -88.64
C PHE U 228 -15.94 63.58 -89.76
N ARG U 229 -17.24 63.65 -89.45
CA ARG U 229 -18.28 63.69 -90.47
C ARG U 229 -18.50 65.12 -90.96
N GLY U 230 -18.13 65.37 -92.21
CA GLY U 230 -18.55 66.57 -92.91
C GLY U 230 -18.60 66.37 -94.41
N LYS U 231 -19.77 66.59 -95.01
CA LYS U 231 -19.99 66.41 -96.44
C LYS U 231 -21.26 67.16 -96.82
N THR U 232 -21.27 67.75 -98.02
CA THR U 232 -22.41 68.50 -98.52
C THR U 232 -23.28 67.71 -99.47
N LYS U 233 -23.30 66.39 -99.35
CA LYS U 233 -24.13 65.56 -100.23
C LYS U 233 -25.61 65.71 -99.89
N PHE V 2 0.31 48.28 -71.50
CA PHE V 2 -0.79 47.31 -71.50
C PHE V 2 -0.86 46.62 -72.86
N SER V 3 -0.16 47.18 -73.84
CA SER V 3 0.04 46.46 -75.09
C SER V 3 1.01 45.30 -74.88
N VAL V 4 0.73 44.19 -75.56
CA VAL V 4 1.62 43.03 -75.52
C VAL V 4 2.34 42.79 -76.84
N PHE V 5 1.75 43.18 -77.97
CA PHE V 5 2.22 42.83 -79.29
C PHE V 5 3.43 43.64 -79.72
N GLU V 6 3.61 44.83 -79.15
CA GLU V 6 4.84 45.58 -79.36
C GLU V 6 5.98 44.97 -78.53
N GLU V 7 5.64 44.36 -77.40
CA GLU V 7 6.66 43.82 -76.50
C GLU V 7 7.46 42.71 -77.14
N ILE V 8 6.78 41.71 -77.73
CA ILE V 8 7.48 40.56 -78.32
C ILE V 8 8.37 41.01 -79.48
N THR V 9 7.83 41.91 -80.32
CA THR V 9 8.65 42.53 -81.34
C THR V 9 9.84 43.26 -80.73
N ARG V 10 9.70 43.80 -79.52
CA ARG V 10 10.84 44.46 -78.89
C ARG V 10 11.83 43.47 -78.28
N ILE V 11 11.39 42.26 -77.91
CA ILE V 11 12.39 41.23 -77.60
C ILE V 11 13.20 40.92 -78.85
N VAL V 12 12.54 40.83 -80.00
CA VAL V 12 13.28 40.67 -81.25
C VAL V 12 14.23 41.86 -81.47
N VAL V 13 13.73 43.07 -81.25
CA VAL V 13 14.54 44.27 -81.40
C VAL V 13 15.76 44.23 -80.48
N LYS V 14 15.55 43.84 -79.22
CA LYS V 14 16.66 43.77 -78.26
C LYS V 14 17.67 42.71 -78.66
N GLU V 15 17.20 41.56 -79.14
CA GLU V 15 18.09 40.53 -79.66
C GLU V 15 18.87 41.02 -80.87
N MET V 16 18.41 42.10 -81.53
CA MET V 16 19.23 42.85 -82.47
C MET V 16 20.14 43.89 -81.82
N ASP V 17 19.61 44.86 -81.09
CA ASP V 17 20.33 46.00 -80.55
C ASP V 17 19.41 46.70 -79.55
N ALA V 18 20.02 47.52 -78.68
CA ALA V 18 19.29 48.22 -77.63
C ALA V 18 18.52 49.37 -78.26
N GLY V 19 17.31 49.06 -78.76
CA GLY V 19 16.47 50.05 -79.39
C GLY V 19 17.07 50.72 -80.60
N GLY V 20 17.84 49.99 -81.41
CA GLY V 20 18.58 50.60 -82.49
C GLY V 20 17.99 50.38 -83.87
N ASP V 21 18.63 49.51 -84.65
CA ASP V 21 18.25 49.33 -86.04
C ASP V 21 16.85 48.76 -86.19
N MET V 22 16.55 47.68 -85.48
CA MET V 22 15.46 46.82 -85.89
C MET V 22 14.13 47.48 -85.51
N ILE V 23 13.08 47.20 -86.29
CA ILE V 23 11.82 47.92 -86.16
C ILE V 23 10.68 46.94 -85.87
N ALA V 24 9.65 47.44 -85.20
CA ALA V 24 8.54 46.65 -84.65
C ALA V 24 7.21 47.06 -85.28
N VAL V 25 6.22 46.18 -85.14
CA VAL V 25 4.89 46.37 -85.74
C VAL V 25 3.87 46.24 -84.61
N ARG V 26 2.66 46.76 -84.83
CA ARG V 26 1.67 46.85 -83.77
C ARG V 26 0.74 45.63 -83.71
N SER V 27 0.33 45.09 -84.85
CA SER V 27 -0.63 43.99 -84.87
C SER V 27 -0.51 43.17 -86.15
N LEU V 28 -1.27 42.08 -86.21
CA LEU V 28 -0.99 41.00 -87.15
C LEU V 28 -2.25 40.50 -87.86
N VAL V 29 -3.11 41.40 -88.34
CA VAL V 29 -4.03 41.04 -89.41
C VAL V 29 -3.40 41.34 -90.76
N ASP V 30 -2.80 42.52 -90.89
CA ASP V 30 -2.09 42.88 -92.11
C ASP V 30 -0.59 42.80 -91.90
N ALA V 31 -0.14 42.19 -90.79
CA ALA V 31 1.30 41.98 -90.61
C ALA V 31 1.79 40.81 -91.44
N ASP V 32 0.97 39.77 -91.58
CA ASP V 32 1.30 38.71 -92.53
C ASP V 32 1.41 39.28 -93.93
N ARG V 33 0.78 40.41 -94.20
CA ARG V 33 0.89 41.09 -95.47
C ARG V 33 1.84 42.29 -95.33
N PHE V 34 2.51 42.42 -94.19
CA PHE V 34 3.62 43.37 -94.04
C PHE V 34 4.93 42.72 -94.47
N ARG V 35 4.87 42.12 -95.65
CA ARG V 35 6.04 41.56 -96.31
C ARG V 35 6.74 42.69 -97.06
N CYS V 36 7.64 42.34 -97.97
CA CYS V 36 8.33 43.34 -98.77
C CYS V 36 7.34 44.14 -99.61
N PHE V 37 7.79 45.34 -100.03
CA PHE V 37 7.01 46.23 -100.90
C PHE V 37 5.79 46.82 -100.20
N HIS V 38 5.92 47.22 -98.94
CA HIS V 38 4.76 47.62 -98.15
C HIS V 38 5.14 48.78 -97.24
N LEU V 39 4.12 49.52 -96.80
CA LEU V 39 4.27 50.86 -96.26
C LEU V 39 4.15 50.89 -94.75
N VAL V 40 4.39 52.08 -94.20
CA VAL V 40 4.17 52.38 -92.79
C VAL V 40 3.54 53.76 -92.72
N GLY V 41 2.98 54.09 -91.54
CA GLY V 41 2.38 55.38 -91.30
C GLY V 41 3.38 56.40 -90.77
N GLU V 42 2.89 57.63 -90.62
CA GLU V 42 3.70 58.72 -90.12
C GLU V 42 3.98 58.53 -88.63
N LYS V 43 5.06 59.16 -88.16
CA LYS V 43 5.59 58.92 -86.82
C LYS V 43 5.28 60.11 -85.92
N ARG V 44 4.77 59.81 -84.72
CA ARG V 44 4.61 60.78 -83.64
C ARG V 44 5.29 60.23 -82.38
N THR V 45 5.56 61.14 -81.44
CA THR V 45 6.32 60.80 -80.25
C THR V 45 5.46 60.85 -78.98
N PHE V 46 4.16 60.53 -79.10
CA PHE V 46 3.31 60.47 -77.93
C PHE V 46 3.38 59.09 -77.30
N PHE V 47 3.50 59.06 -75.97
CA PHE V 47 3.61 57.82 -75.21
C PHE V 47 4.74 56.94 -75.76
N GLY V 48 5.92 57.54 -75.85
CA GLY V 48 7.07 56.87 -76.41
C GLY V 48 6.98 56.77 -77.93
N CYS V 49 7.83 55.91 -78.49
CA CYS V 49 7.84 55.69 -79.93
C CYS V 49 6.61 54.92 -80.36
N ARG V 50 5.64 55.63 -80.95
CA ARG V 50 4.39 55.01 -81.41
C ARG V 50 3.99 55.70 -82.71
N HIS V 51 4.05 54.96 -83.81
CA HIS V 51 3.78 55.49 -85.13
C HIS V 51 2.47 54.94 -85.67
N TYR V 52 2.08 55.42 -86.85
CA TYR V 52 0.89 54.95 -87.53
C TYR V 52 1.28 53.86 -88.53
N THR V 53 0.27 53.27 -89.19
CA THR V 53 0.54 52.15 -90.07
C THR V 53 -0.52 52.08 -91.17
N THR V 54 -0.06 51.78 -92.39
CA THR V 54 -0.94 51.51 -93.53
C THR V 54 -0.22 50.56 -94.46
N GLY V 55 -0.91 49.47 -94.85
CA GLY V 55 -0.23 48.35 -95.48
C GLY V 55 -0.61 47.94 -96.88
N LEU V 56 -0.81 48.89 -97.79
CA LEU V 56 -1.14 48.55 -99.17
C LEU V 56 0.11 48.03 -99.91
N THR V 57 -0.08 47.67 -101.18
CA THR V 57 0.91 46.95 -101.96
C THR V 57 1.57 47.87 -102.97
N LEU V 58 2.65 47.38 -103.61
CA LEU V 58 3.40 48.22 -104.54
C LEU V 58 3.76 47.50 -105.83
N MET V 59 3.55 46.19 -105.93
CA MET V 59 3.94 45.47 -107.13
C MET V 59 3.21 46.03 -108.35
N ASP V 60 3.96 46.33 -109.41
CA ASP V 60 3.37 46.87 -110.64
C ASP V 60 3.58 45.96 -111.85
N ILE V 61 4.81 45.53 -112.11
CA ILE V 61 5.14 44.82 -113.34
C ILE V 61 5.83 43.50 -113.00
N LEU V 62 5.67 42.52 -113.89
CA LEU V 62 6.33 41.23 -113.82
C LEU V 62 6.85 40.83 -115.19
N ASP V 63 7.53 41.75 -115.88
CA ASP V 63 8.00 41.48 -117.24
C ASP V 63 9.24 40.58 -117.21
N THR V 64 10.26 40.98 -116.44
CA THR V 64 11.46 40.17 -116.31
C THR V 64 11.43 39.37 -115.01
N ASP V 65 12.56 38.75 -114.69
CA ASP V 65 12.65 37.90 -113.51
C ASP V 65 12.54 38.72 -112.23
N GLY V 66 11.36 38.70 -111.61
CA GLY V 66 11.12 39.47 -110.41
C GLY V 66 10.53 38.69 -109.25
N ASP V 67 9.95 37.53 -109.53
CA ASP V 67 9.28 36.75 -108.49
C ASP V 67 9.79 35.31 -108.42
N LYS V 68 11.06 35.08 -108.75
CA LYS V 68 11.63 33.75 -108.60
C LYS V 68 11.94 33.47 -107.13
N TRP V 69 11.80 32.21 -106.74
CA TRP V 69 12.10 31.80 -105.37
C TRP V 69 12.96 30.55 -105.35
N LYS V 81 17.35 30.27 -93.56
CA LYS V 81 18.03 29.74 -92.40
C LYS V 81 17.17 28.60 -91.83
N ALA V 82 17.59 28.03 -90.70
CA ALA V 82 16.84 27.00 -90.01
C ALA V 82 15.91 27.65 -88.99
N GLU V 83 15.22 26.84 -88.20
CA GLU V 83 14.29 27.36 -87.20
C GLU V 83 15.08 28.03 -86.09
N PHE V 84 14.68 29.25 -85.73
CA PHE V 84 15.29 29.96 -84.62
C PHE V 84 14.29 30.03 -83.48
N GLN V 85 14.76 29.81 -82.26
CA GLN V 85 13.89 29.50 -81.14
C GLN V 85 14.19 30.40 -79.95
N ILE V 86 13.13 30.86 -79.28
CA ILE V 86 13.23 31.73 -78.11
C ILE V 86 12.26 31.21 -77.06
N LEU V 87 12.76 30.40 -76.12
CA LEU V 87 12.03 30.08 -74.88
C LEU V 87 12.55 30.96 -73.74
N ASP V 88 12.04 32.19 -73.69
CA ASP V 88 12.51 33.13 -72.69
C ASP V 88 11.40 33.54 -71.73
N ASN V 89 11.83 34.08 -70.59
CA ASN V 89 10.92 34.63 -69.59
C ASN V 89 11.51 35.95 -69.10
N VAL V 90 10.73 37.02 -69.19
CA VAL V 90 11.17 38.35 -68.79
C VAL V 90 10.26 38.87 -67.69
N ASP V 91 10.87 39.34 -66.61
CA ASP V 91 10.15 39.77 -65.41
C ASP V 91 10.33 41.27 -65.23
N SER V 92 9.23 41.97 -64.94
CA SER V 92 9.25 43.40 -64.70
C SER V 92 8.29 43.73 -63.57
N THR V 93 8.84 44.04 -62.39
CA THR V 93 8.03 44.35 -61.22
C THR V 93 8.43 45.71 -60.69
N GLY V 94 7.44 46.48 -60.23
CA GLY V 94 7.72 47.82 -59.73
C GLY V 94 6.62 48.45 -58.90
N GLU V 95 6.99 49.01 -57.75
CA GLU V 95 6.04 49.67 -56.87
C GLU V 95 6.50 51.10 -56.62
N LEU V 96 5.70 52.06 -57.05
CA LEU V 96 5.93 53.48 -56.79
C LEU V 96 4.80 53.99 -55.91
N ILE V 97 5.15 54.43 -54.71
CA ILE V 97 4.18 54.94 -53.75
C ILE V 97 4.73 56.20 -53.11
N VAL V 98 3.88 57.23 -53.01
CA VAL V 98 4.27 58.55 -52.54
C VAL V 98 3.15 59.10 -51.67
N ARG V 99 3.51 59.72 -50.55
CA ARG V 99 2.54 60.35 -49.66
C ARG V 99 2.68 61.86 -49.76
N LEU V 100 1.54 62.55 -49.90
CA LEU V 100 1.42 63.98 -50.12
C LEU V 100 1.25 64.72 -48.81
N PRO V 101 1.53 66.04 -48.79
CA PRO V 101 1.24 66.82 -47.58
C PRO V 101 -0.23 66.90 -47.23
N LYS V 102 -1.12 66.46 -48.11
CA LYS V 102 -2.55 66.38 -47.84
C LYS V 102 -2.94 65.00 -47.30
N GLU V 103 -2.03 64.33 -46.60
CA GLU V 103 -2.16 62.97 -46.05
C GLU V 103 -2.67 61.97 -47.07
N ILE V 104 -2.44 62.22 -48.37
CA ILE V 104 -2.86 61.30 -49.42
C ILE V 104 -1.75 60.28 -49.59
N THR V 105 -2.08 59.00 -49.45
CA THR V 105 -1.11 57.92 -49.57
C THR V 105 -1.21 57.34 -50.98
N ILE V 106 -0.82 58.13 -51.98
CA ILE V 106 -0.90 57.72 -53.38
C ILE V 106 -0.02 56.49 -53.55
N SER V 107 -0.54 55.47 -54.22
CA SER V 107 0.14 54.19 -54.31
C SER V 107 0.02 53.62 -55.71
N GLY V 108 0.97 52.76 -56.07
CA GLY V 108 0.87 51.95 -57.28
C GLY V 108 1.88 50.83 -57.25
N SER V 109 1.48 49.63 -57.64
CA SER V 109 2.37 48.48 -57.64
C SER V 109 1.96 47.53 -58.76
N PHE V 110 2.86 47.30 -59.71
CA PHE V 110 2.59 46.46 -60.86
C PHE V 110 3.64 45.37 -60.94
N GLN V 111 3.27 44.25 -61.56
CA GLN V 111 4.23 43.20 -61.86
C GLN V 111 3.78 42.42 -63.08
N GLY V 112 4.75 42.07 -63.92
CA GLY V 112 4.47 41.31 -65.12
C GLY V 112 5.56 40.34 -65.48
N PHE V 113 5.18 39.07 -65.60
CA PHE V 113 6.07 38.01 -66.05
C PHE V 113 5.61 37.53 -67.41
N HIS V 114 6.45 37.71 -68.42
CA HIS V 114 6.12 37.40 -69.79
C HIS V 114 6.88 36.16 -70.22
N HIS V 115 6.15 35.16 -70.72
CA HIS V 115 6.74 33.94 -71.24
C HIS V 115 6.64 33.97 -72.75
N GLN V 116 7.79 33.92 -73.43
CA GLN V 116 7.81 33.96 -74.88
C GLN V 116 8.32 32.63 -75.42
N LYS V 117 7.52 32.04 -76.31
CA LYS V 117 7.80 30.80 -77.02
C LYS V 117 7.99 31.10 -78.50
N ILE V 118 8.80 32.13 -78.77
CA ILE V 118 8.88 32.72 -80.11
C ILE V 118 9.60 31.77 -81.05
N LYS V 119 9.02 31.57 -82.22
CA LYS V 119 9.62 30.78 -83.28
C LYS V 119 9.79 31.65 -84.52
N ILE V 120 10.93 31.51 -85.20
CA ILE V 120 11.29 32.39 -86.30
C ILE V 120 11.83 31.55 -87.44
N SER V 121 11.41 31.88 -88.67
CA SER V 121 11.93 31.27 -89.88
C SER V 121 12.41 32.36 -90.82
N GLU V 122 13.18 31.97 -91.83
CA GLU V 122 13.82 32.93 -92.72
C GLU V 122 13.61 32.55 -94.18
N ASN V 123 13.20 33.54 -94.97
CA ASN V 123 13.06 33.41 -96.41
C ASN V 123 14.02 34.40 -97.06
N ARG V 124 15.06 33.88 -97.71
CA ARG V 124 16.16 34.69 -98.21
C ARG V 124 15.71 35.48 -99.43
N ILE V 125 15.96 36.79 -99.41
CA ILE V 125 15.82 37.64 -100.58
C ILE V 125 17.16 38.34 -100.81
N SER V 126 17.58 38.35 -102.07
CA SER V 126 18.91 38.85 -102.40
C SER V 126 19.02 40.34 -102.13
N GLN V 127 20.20 40.77 -101.65
CA GLN V 127 20.42 42.18 -101.38
C GLN V 127 20.65 42.98 -102.67
N GLN V 128 21.38 42.40 -103.62
CA GLN V 128 21.50 43.04 -104.94
C GLN V 128 20.17 43.01 -105.68
N TYR V 129 19.26 42.13 -105.26
CA TYR V 129 17.91 42.18 -105.80
C TYR V 129 17.21 43.48 -105.46
N LEU V 130 17.62 44.17 -104.40
CA LEU V 130 17.09 45.51 -104.13
C LEU V 130 17.42 46.46 -105.28
N ALA V 131 18.68 46.47 -105.71
CA ALA V 131 19.08 47.25 -106.87
C ALA V 131 18.37 46.80 -108.13
N THR V 132 18.18 45.49 -108.30
CA THR V 132 17.34 45.01 -109.39
C THR V 132 15.93 45.59 -109.32
N LEU V 133 15.42 45.79 -108.10
CA LEU V 133 14.09 46.37 -107.92
C LEU V 133 14.05 47.83 -108.32
N GLU V 134 15.07 48.60 -107.96
CA GLU V 134 15.12 49.95 -108.51
C GLU V 134 15.31 49.94 -110.02
N ASN V 135 15.93 48.91 -110.58
CA ASN V 135 16.04 48.78 -112.03
C ASN V 135 14.70 48.47 -112.69
N ARG V 136 13.69 48.06 -111.93
CA ARG V 136 12.36 47.87 -112.48
C ARG V 136 11.77 49.20 -112.94
N LYS V 137 10.89 49.12 -113.93
CA LYS V 137 10.16 50.30 -114.37
C LYS V 137 8.97 50.55 -113.45
N LEU V 138 9.03 51.64 -112.71
CA LEU V 138 7.98 51.98 -111.74
C LEU V 138 6.84 52.68 -112.46
N LYS V 139 5.74 51.97 -112.67
CA LYS V 139 4.56 52.52 -113.30
C LYS V 139 3.32 51.71 -112.93
N ARG V 140 2.37 52.34 -112.26
CA ARG V 140 1.16 51.68 -111.80
C ARG V 140 0.06 52.72 -111.62
N GLU V 141 -1.10 52.42 -112.18
CA GLU V 141 -2.26 53.31 -112.11
C GLU V 141 -3.26 52.84 -111.05
N LEU V 142 -2.78 52.06 -110.08
CA LEU V 142 -3.62 51.70 -108.95
C LEU V 142 -3.95 52.97 -108.16
N PRO V 143 -5.17 53.07 -107.62
CA PRO V 143 -5.55 54.28 -106.89
C PRO V 143 -4.81 54.45 -105.58
N PHE V 144 -3.53 54.83 -105.66
CA PHE V 144 -2.77 55.19 -104.47
C PHE V 144 -2.03 56.51 -104.60
N SER V 145 -1.95 57.11 -105.79
CA SER V 145 -1.19 58.34 -105.97
C SER V 145 -1.77 59.49 -105.18
N PHE V 146 -3.09 59.67 -105.22
CA PHE V 146 -3.72 60.80 -104.53
C PHE V 146 -3.46 60.76 -103.03
N ARG V 147 -3.75 59.61 -102.40
CA ARG V 147 -3.55 59.50 -100.96
C ARG V 147 -2.08 59.50 -100.59
N SER V 148 -1.22 58.89 -101.42
CA SER V 148 0.21 58.91 -101.13
C SER V 148 0.77 60.32 -101.18
N ILE V 149 0.35 61.13 -102.15
CA ILE V 149 0.79 62.52 -102.19
C ILE V 149 0.19 63.32 -101.04
N ASN V 150 -1.06 63.04 -100.67
CA ASN V 150 -1.67 63.74 -99.54
C ASN V 150 -0.90 63.46 -98.24
N THR V 151 -0.48 62.21 -98.04
CA THR V 151 0.23 61.84 -96.81
C THR V 151 1.69 62.29 -96.82
N ARG V 152 2.41 62.02 -97.91
CA ARG V 152 3.84 62.26 -98.01
C ARG V 152 4.62 61.62 -96.87
N GLU V 153 4.44 60.32 -96.67
CA GLU V 153 5.12 59.61 -95.60
C GLU V 153 6.52 59.16 -95.99
N ASN V 154 6.93 59.43 -97.24
CA ASN V 154 8.17 58.93 -97.84
C ASN V 154 8.48 57.50 -97.42
N LEU V 155 7.56 56.60 -97.77
CA LEU V 155 7.55 55.20 -97.36
C LEU V 155 8.91 54.53 -97.50
N TYR V 156 9.18 53.58 -96.61
CA TYR V 156 10.36 52.73 -96.71
C TYR V 156 9.93 51.27 -96.85
N LEU V 157 10.89 50.44 -97.26
CA LEU V 157 10.65 49.02 -97.44
C LEU V 157 11.47 48.21 -96.44
N VAL V 158 11.42 46.89 -96.57
CA VAL V 158 12.10 45.99 -95.65
C VAL V 158 13.28 45.35 -96.37
N THR V 159 14.26 44.90 -95.58
CA THR V 159 15.46 44.31 -96.16
C THR V 159 15.27 42.85 -96.51
N GLU V 160 14.97 42.01 -95.51
CA GLU V 160 14.90 40.57 -95.72
C GLU V 160 13.66 40.04 -95.01
N THR V 161 13.10 38.95 -95.54
CA THR V 161 11.87 38.39 -94.99
C THR V 161 12.16 37.68 -93.68
N LEU V 162 11.56 38.17 -92.59
CA LEU V 162 11.71 37.58 -91.27
C LEU V 162 10.37 36.92 -90.92
N GLU V 163 10.27 35.62 -91.18
CA GLU V 163 9.02 34.89 -91.06
C GLU V 163 9.00 34.09 -89.76
N THR V 164 7.80 33.63 -89.39
CA THR V 164 7.62 32.87 -88.16
C THR V 164 6.81 31.63 -88.45
N VAL V 165 7.06 30.55 -87.71
CA VAL V 165 6.18 29.39 -87.66
C VAL V 165 6.00 29.00 -86.20
N LYS V 166 5.00 29.60 -85.55
CA LYS V 166 4.91 29.66 -84.09
C LYS V 166 3.77 28.80 -83.58
N GLU V 167 3.82 28.50 -82.28
CA GLU V 167 2.64 28.05 -81.57
C GLU V 167 1.90 29.26 -80.98
N GLU V 168 0.75 28.98 -80.35
CA GLU V 168 -0.19 30.03 -79.97
C GLU V 168 0.06 30.59 -78.58
N THR V 169 1.29 30.88 -78.13
CA THR V 169 1.51 31.04 -76.69
C THR V 169 2.36 32.27 -76.37
N LEU V 170 1.73 33.29 -75.79
CA LEU V 170 2.40 34.34 -75.02
C LEU V 170 1.59 34.65 -73.77
N LYS V 171 2.26 35.11 -72.72
CA LYS V 171 1.61 35.42 -71.44
C LYS V 171 2.04 36.81 -70.98
N SER V 172 1.31 37.34 -69.98
CA SER V 172 1.55 38.68 -69.45
C SER V 172 0.74 38.91 -68.17
N ASP V 173 1.11 39.92 -67.37
CA ASP V 173 0.38 40.21 -66.15
C ASP V 173 0.67 41.64 -65.68
N ARG V 174 -0.27 42.26 -64.95
CA ARG V 174 -0.01 43.50 -64.21
C ARG V 174 -0.96 43.57 -63.02
N GLN V 175 -0.57 44.41 -62.06
CA GLN V 175 -1.28 44.61 -60.81
C GLN V 175 -1.25 46.10 -60.55
N TYR V 176 -2.13 46.57 -59.65
CA TYR V 176 -2.08 47.96 -59.26
C TYR V 176 -2.79 48.11 -57.93
N LYS V 177 -2.28 49.03 -57.10
CA LYS V 177 -2.81 49.23 -55.75
C LYS V 177 -2.59 50.69 -55.39
N PHE V 178 -3.69 51.41 -55.17
CA PHE V 178 -3.65 52.85 -54.89
C PHE V 178 -4.51 53.15 -53.67
N TRP V 179 -3.97 53.94 -52.75
CA TRP V 179 -4.70 54.38 -51.56
C TRP V 179 -4.74 55.90 -51.54
N SER V 180 -5.63 56.45 -50.72
CA SER V 180 -5.71 57.90 -50.59
C SER V 180 -6.45 58.30 -49.33
N GLN V 181 -6.21 59.54 -48.90
CA GLN V 181 -6.84 60.12 -47.72
C GLN V 181 -6.71 61.63 -47.82
N ILE V 182 -7.84 62.33 -47.99
CA ILE V 182 -7.82 63.78 -48.15
C ILE V 182 -8.26 64.47 -46.86
N SER V 183 -9.42 64.08 -46.32
CA SER V 183 -9.90 64.61 -45.05
C SER V 183 -10.44 63.46 -44.20
N GLN V 184 -9.53 62.83 -43.46
CA GLN V 184 -9.76 61.62 -42.67
C GLN V 184 -10.55 60.57 -43.46
N GLY V 185 -10.45 60.60 -44.79
CA GLY V 185 -11.20 59.69 -45.63
C GLY V 185 -10.40 58.53 -46.14
N HIS V 186 -10.83 57.32 -45.79
CA HIS V 186 -10.18 56.10 -46.25
C HIS V 186 -10.42 55.93 -47.75
N LEU V 187 -9.39 55.50 -48.50
CA LEU V 187 -9.59 54.99 -49.85
C LEU V 187 -8.56 53.92 -50.14
N SER V 188 -9.04 52.72 -50.45
CA SER V 188 -8.21 51.59 -50.85
C SER V 188 -8.66 51.11 -52.21
N TYR V 189 -7.72 50.74 -53.06
CA TYR V 189 -7.98 50.45 -54.47
C TYR V 189 -7.03 49.36 -54.93
N LYS V 190 -7.56 48.25 -55.44
CA LYS V 190 -6.68 47.17 -55.87
C LYS V 190 -7.21 46.55 -57.15
N HIS V 191 -6.29 45.99 -57.94
CA HIS V 191 -6.60 45.40 -59.24
C HIS V 191 -5.51 44.42 -59.62
N LYS V 192 -5.93 43.25 -60.15
CA LYS V 192 -5.00 42.21 -60.60
C LYS V 192 -5.48 41.70 -61.95
N GLY V 193 -4.82 42.11 -63.03
CA GLY V 193 -5.21 41.69 -64.37
C GLY V 193 -4.09 40.93 -65.05
N GLN V 194 -4.34 39.63 -65.28
CA GLN V 194 -3.39 38.75 -65.96
C GLN V 194 -3.94 38.45 -67.35
N ARG V 195 -3.07 38.56 -68.36
CA ARG V 195 -3.48 38.38 -69.75
C ARG V 195 -2.61 37.34 -70.41
N GLU V 196 -3.07 36.83 -71.54
CA GLU V 196 -2.30 35.89 -72.36
C GLU V 196 -2.94 35.84 -73.74
N VAL V 197 -2.12 35.56 -74.74
CA VAL V 197 -2.56 35.64 -76.13
C VAL V 197 -2.14 34.38 -76.88
N THR V 198 -3.05 33.89 -77.71
CA THR V 198 -2.78 32.77 -78.61
C THR V 198 -2.09 33.34 -79.85
N ILE V 199 -0.82 32.99 -80.02
CA ILE V 199 0.00 33.49 -81.12
C ILE V 199 0.01 32.51 -82.28
N PRO V 200 -0.34 32.97 -83.48
CA PRO V 200 -0.50 32.06 -84.63
C PRO V 200 0.79 31.86 -85.40
N PRO V 201 0.88 30.77 -86.19
CA PRO V 201 2.18 30.36 -86.74
C PRO V 201 2.89 31.33 -87.68
N ASN V 202 2.28 31.64 -88.83
CA ASN V 202 3.02 32.23 -89.95
C ASN V 202 2.72 33.72 -90.06
N ARG V 203 3.41 34.54 -89.25
CA ARG V 203 3.17 35.97 -89.21
C ARG V 203 4.51 36.70 -89.17
N VAL V 204 4.43 38.02 -89.35
CA VAL V 204 5.62 38.87 -89.41
C VAL V 204 5.58 39.83 -88.22
N LEU V 205 6.71 39.94 -87.51
CA LEU V 205 6.82 40.79 -86.33
C LEU V 205 7.76 41.96 -86.51
N SER V 206 8.96 41.75 -87.04
CA SER V 206 9.96 42.80 -87.12
C SER V 206 10.41 42.98 -88.57
N TYR V 207 10.71 44.23 -88.92
CA TYR V 207 11.02 44.59 -90.29
C TYR V 207 12.11 45.65 -90.30
N ARG V 208 12.50 46.08 -91.50
CA ARG V 208 13.62 47.01 -91.66
C ARG V 208 13.20 48.28 -92.38
N VAL V 209 14.14 49.20 -92.58
CA VAL V 209 13.88 50.49 -93.19
C VAL V 209 14.85 50.71 -94.34
N LYS V 210 14.33 51.11 -95.50
CA LYS V 210 15.15 51.54 -96.62
C LYS V 210 14.36 52.58 -97.40
N GLN V 211 14.86 53.82 -97.44
CA GLN V 211 14.10 54.95 -97.92
C GLN V 211 13.97 54.93 -99.44
N LEU V 212 12.79 55.26 -99.94
CA LEU V 212 12.53 55.42 -101.36
C LEU V 212 11.92 56.79 -101.62
N VAL V 213 12.42 57.45 -102.67
CA VAL V 213 11.88 58.72 -103.14
C VAL V 213 11.19 58.48 -104.48
N PHE V 214 10.02 59.09 -104.65
CA PHE V 214 9.17 58.80 -105.79
C PHE V 214 8.93 60.05 -106.64
N PRO V 215 9.78 60.32 -107.62
CA PRO V 215 9.35 61.18 -108.72
C PRO V 215 8.23 60.51 -109.50
N ASN V 216 7.36 61.33 -110.10
CA ASN V 216 6.09 60.83 -110.62
C ASN V 216 6.28 59.74 -111.67
N LYS V 217 7.41 59.77 -112.39
CA LYS V 217 7.67 58.76 -113.40
C LYS V 217 8.52 57.60 -112.88
N GLU V 218 9.73 57.88 -112.40
CA GLU V 218 10.67 56.85 -111.98
C GLU V 218 11.22 57.20 -110.60
N THR V 219 11.51 56.18 -109.80
CA THR V 219 11.88 56.35 -108.40
C THR V 219 13.40 56.28 -108.22
N MET V 220 13.83 56.58 -106.99
CA MET V 220 15.22 56.50 -106.59
C MET V 220 15.26 56.11 -105.12
N SER V 221 16.44 55.80 -104.60
CA SER V 221 16.56 55.28 -103.25
C SER V 221 17.37 56.20 -102.34
N ALA V 222 17.37 55.84 -101.05
CA ALA V 222 18.15 56.49 -100.01
C ALA V 222 18.37 55.42 -98.93
N GLY V 223 19.64 55.13 -98.65
CA GLY V 223 20.00 53.84 -98.11
C GLY V 223 19.59 53.54 -96.69
N LEU V 224 20.22 54.20 -95.72
CA LEU V 224 20.28 53.66 -94.36
C LEU V 224 19.22 54.32 -93.47
N ASP V 225 18.23 53.50 -93.07
CA ASP V 225 17.35 53.75 -91.93
C ASP V 225 16.96 55.22 -91.77
N ILE V 226 16.44 55.78 -92.86
CA ILE V 226 15.96 57.16 -92.86
C ILE V 226 14.50 57.15 -92.45
N HIS V 227 14.25 57.17 -91.14
CA HIS V 227 12.90 57.29 -90.60
C HIS V 227 12.58 58.71 -90.18
N PHE V 228 13.54 59.64 -90.39
CA PHE V 228 13.31 61.07 -90.21
C PHE V 228 12.72 61.58 -91.51
N ARG V 229 11.42 61.81 -91.52
CA ARG V 229 10.66 61.94 -92.76
C ARG V 229 10.73 63.37 -93.29
N GLY V 230 11.42 63.54 -94.42
CA GLY V 230 11.31 64.77 -95.19
C GLY V 230 11.60 64.52 -96.66
N LYS V 231 10.64 64.86 -97.52
CA LYS V 231 10.75 64.68 -98.96
C LYS V 231 9.71 65.55 -99.65
N THR V 232 10.05 66.09 -100.81
CA THR V 232 9.16 66.97 -101.56
C THR V 232 8.45 66.26 -102.71
N LYS V 233 8.24 64.95 -102.59
CA LYS V 233 7.57 64.20 -103.64
C LYS V 233 6.07 64.52 -103.67
N PHE W 2 22.65 44.73 -70.47
CA PHE W 2 21.46 43.92 -70.72
C PHE W 2 21.61 43.18 -72.03
N SER W 3 22.57 43.62 -72.85
CA SER W 3 22.96 42.83 -74.00
C SER W 3 23.68 41.56 -73.56
N VAL W 4 23.42 40.46 -74.28
CA VAL W 4 24.11 39.21 -74.03
C VAL W 4 25.07 38.82 -75.15
N PHE W 5 24.80 39.23 -76.38
CA PHE W 5 25.51 38.77 -77.56
C PHE W 5 26.88 39.40 -77.71
N GLU W 6 27.09 40.58 -77.12
CA GLU W 6 28.43 41.16 -77.05
C GLU W 6 29.26 40.46 -75.99
N GLU W 7 28.59 39.93 -74.95
CA GLU W 7 29.31 39.32 -73.84
C GLU W 7 30.07 38.06 -74.28
N ILE W 8 29.42 37.15 -74.99
CA ILE W 8 30.07 35.90 -75.39
C ILE W 8 31.24 36.19 -76.33
N THR W 9 31.04 37.10 -77.27
CA THR W 9 32.14 37.58 -78.09
C THR W 9 33.25 38.16 -77.23
N ARG W 10 32.91 38.77 -76.09
CA ARG W 10 33.96 39.30 -75.23
C ARG W 10 34.65 38.22 -74.39
N ILE W 11 33.98 37.10 -74.12
CA ILE W 11 34.74 35.96 -73.58
C ILE W 11 35.76 35.49 -74.60
N VAL W 12 35.37 35.45 -75.88
CA VAL W 12 36.35 35.14 -76.93
C VAL W 12 37.46 36.18 -76.93
N VAL W 13 37.09 37.47 -76.84
CA VAL W 13 38.08 38.54 -76.82
C VAL W 13 39.03 38.38 -75.65
N LYS W 14 38.51 38.08 -74.46
CA LYS W 14 39.35 37.90 -73.28
C LYS W 14 40.28 36.70 -73.43
N GLU W 15 39.76 35.60 -73.99
CA GLU W 15 40.61 34.45 -74.28
C GLU W 15 41.70 34.79 -75.29
N MET W 16 41.54 35.89 -76.04
CA MET W 16 42.65 36.50 -76.77
C MET W 16 43.53 37.44 -75.95
N ASP W 17 42.97 38.49 -75.36
CA ASP W 17 43.70 39.56 -74.69
C ASP W 17 42.68 40.41 -73.93
N ALA W 18 43.18 41.16 -72.96
CA ALA W 18 42.34 42.00 -72.10
C ALA W 18 41.88 43.21 -72.92
N GLY W 19 40.80 43.05 -73.67
CA GLY W 19 40.26 44.11 -74.48
C GLY W 19 41.20 44.64 -75.53
N GLY W 20 42.02 43.79 -76.13
CA GLY W 20 43.06 44.25 -77.03
C GLY W 20 42.77 44.05 -78.50
N ASP W 21 43.45 43.08 -79.10
CA ASP W 21 43.39 42.89 -80.55
C ASP W 21 41.98 42.50 -81.01
N MET W 22 41.39 41.50 -80.37
CA MET W 22 40.30 40.76 -81.00
C MET W 22 39.03 41.61 -80.95
N ILE W 23 38.16 41.45 -81.95
CA ILE W 23 37.01 42.32 -82.11
C ILE W 23 35.71 41.50 -82.09
N ALA W 24 34.63 42.15 -81.66
CA ALA W 24 33.34 41.54 -81.38
C ALA W 24 32.25 42.09 -82.30
N VAL W 25 31.13 41.35 -82.39
CA VAL W 25 30.02 41.68 -83.27
C VAL W 25 28.76 41.72 -82.41
N ARG W 26 27.71 42.40 -82.90
CA ARG W 26 26.52 42.66 -82.08
C ARG W 26 25.46 41.57 -82.23
N SER W 27 25.24 41.04 -83.43
CA SER W 27 24.17 40.06 -83.65
C SER W 27 24.46 39.19 -84.86
N LEU W 28 23.59 38.20 -85.08
CA LEU W 28 23.93 37.06 -85.93
C LEU W 28 22.82 36.69 -86.90
N VAL W 29 22.22 37.68 -87.57
CA VAL W 29 21.52 37.39 -88.82
C VAL W 29 22.47 37.55 -89.99
N ASP W 30 23.23 38.64 -90.00
CA ASP W 30 24.24 38.86 -91.02
C ASP W 30 25.64 38.59 -90.48
N ALA W 31 25.73 37.98 -89.29
CA ALA W 31 27.05 37.60 -88.78
C ALA W 31 27.56 36.34 -89.47
N ASP W 32 26.66 35.41 -89.78
CA ASP W 32 27.05 34.28 -90.61
C ASP W 32 27.55 34.76 -91.96
N ARG W 33 27.15 35.97 -92.38
CA ARG W 33 27.64 36.57 -93.60
C ARG W 33 28.68 37.64 -93.27
N PHE W 34 29.08 37.72 -91.99
CA PHE W 34 30.25 38.53 -91.61
C PHE W 34 31.52 37.70 -91.72
N ARG W 35 31.66 37.07 -92.87
CA ARG W 35 32.86 36.34 -93.25
C ARG W 35 33.85 37.34 -93.83
N CYS W 36 34.88 36.84 -94.51
CA CYS W 36 35.86 37.71 -95.14
C CYS W 36 35.20 38.60 -96.19
N PHE W 37 35.88 39.71 -96.51
CA PHE W 37 35.46 40.66 -97.54
C PHE W 37 34.20 41.42 -97.15
N HIS W 38 34.09 41.85 -95.89
CA HIS W 38 32.85 42.43 -95.39
C HIS W 38 33.16 43.57 -94.43
N LEU W 39 32.18 44.45 -94.25
CA LEU W 39 32.39 45.79 -93.70
C LEU W 39 31.93 45.89 -92.26
N VAL W 40 32.19 47.06 -91.67
CA VAL W 40 31.71 47.44 -90.36
C VAL W 40 31.27 48.90 -90.45
N GLY W 41 30.51 49.34 -89.44
CA GLY W 41 30.05 50.71 -89.35
C GLY W 41 31.03 51.61 -88.62
N GLU W 42 30.68 52.90 -88.61
CA GLU W 42 31.50 53.89 -87.93
C GLU W 42 31.41 53.73 -86.41
N LYS W 43 32.43 54.23 -85.73
CA LYS W 43 32.61 53.98 -84.29
C LYS W 43 32.26 55.24 -83.50
N ARG W 44 31.47 55.06 -82.45
CA ARG W 44 31.21 56.07 -81.44
C ARG W 44 31.50 55.50 -80.05
N THR W 45 31.66 56.40 -79.08
CA THR W 45 32.09 56.03 -77.74
C THR W 45 30.97 56.23 -76.71
N PHE W 46 29.71 56.09 -77.13
CA PHE W 46 28.62 56.18 -76.17
C PHE W 46 28.36 54.82 -75.54
N PHE W 47 28.17 54.83 -74.22
CA PHE W 47 27.94 53.62 -73.43
C PHE W 47 29.04 52.58 -73.70
N GLY W 48 30.29 53.02 -73.52
CA GLY W 48 31.43 52.18 -73.80
C GLY W 48 31.67 52.04 -75.29
N CYS W 49 32.49 51.05 -75.63
CA CYS W 49 32.80 50.78 -77.03
C CYS W 49 31.60 50.16 -77.73
N ARG W 50 30.91 50.96 -78.54
CA ARG W 50 29.71 50.49 -79.25
C ARG W 50 29.71 51.16 -80.62
N HIS W 51 29.91 50.38 -81.67
CA HIS W 51 30.04 50.89 -83.03
C HIS W 51 28.81 50.48 -83.84
N TYR W 52 28.76 50.96 -85.09
CA TYR W 52 27.70 50.61 -86.03
C TYR W 52 28.15 49.44 -86.88
N THR W 53 27.25 48.97 -87.74
CA THR W 53 27.56 47.79 -88.54
C THR W 53 26.78 47.80 -89.85
N THR W 54 27.45 47.40 -90.93
CA THR W 54 26.83 47.21 -92.23
C THR W 54 27.60 46.13 -92.97
N GLY W 55 26.88 45.13 -93.49
CA GLY W 55 27.53 43.90 -93.94
C GLY W 55 27.42 43.49 -95.40
N LEU W 56 27.56 44.41 -96.34
CA LEU W 56 27.51 44.07 -97.75
C LEU W 56 28.80 43.36 -98.17
N THR W 57 28.86 42.98 -99.44
CA THR W 57 29.89 42.10 -99.98
C THR W 57 30.89 42.89 -100.82
N LEU W 58 32.01 42.24 -101.18
CA LEU W 58 33.04 42.94 -101.92
C LEU W 58 33.59 42.13 -103.10
N MET W 59 33.23 40.85 -103.23
CA MET W 59 33.79 40.04 -104.30
C MET W 59 33.43 40.63 -105.65
N ASP W 60 34.42 40.79 -106.53
CA ASP W 60 34.21 41.35 -107.86
C ASP W 60 34.55 40.38 -108.98
N ILE W 61 35.75 39.79 -108.95
CA ILE W 61 36.26 38.98 -110.06
C ILE W 61 36.67 37.61 -109.56
N LEU W 62 36.57 36.62 -110.46
CA LEU W 62 37.03 35.26 -110.22
C LEU W 62 37.79 34.74 -111.43
N ASP W 63 38.71 35.54 -111.97
CA ASP W 63 39.44 35.15 -113.16
C ASP W 63 40.51 34.11 -112.86
N THR W 64 41.38 34.40 -111.88
CA THR W 64 42.40 33.45 -111.47
C THR W 64 41.97 32.72 -110.20
N ASP W 65 42.90 31.97 -109.62
CA ASP W 65 42.62 31.16 -108.44
C ASP W 65 42.32 32.04 -107.23
N GLY W 66 41.05 32.20 -106.90
CA GLY W 66 40.65 33.04 -105.80
C GLY W 66 39.71 32.40 -104.79
N ASP W 67 39.06 31.30 -105.18
CA ASP W 67 38.08 30.65 -104.31
C ASP W 67 38.36 29.17 -104.11
N LYS W 68 39.62 28.76 -104.15
CA LYS W 68 39.95 27.38 -103.85
C LYS W 68 39.89 27.12 -102.35
N TRP W 69 39.49 25.91 -101.99
CA TRP W 69 39.43 25.52 -100.58
C TRP W 69 40.10 24.16 -100.36
N LYS W 81 41.64 23.82 -87.87
CA LYS W 81 41.96 23.24 -86.57
C LYS W 81 40.86 22.25 -86.21
N ALA W 82 40.93 21.68 -85.00
CA ALA W 82 39.91 20.78 -84.49
C ALA W 82 38.88 21.59 -83.71
N GLU W 83 37.92 20.90 -83.10
CA GLU W 83 36.87 21.58 -82.35
C GLU W 83 37.47 22.19 -81.09
N PHE W 84 37.17 23.46 -80.85
CA PHE W 84 37.60 24.13 -79.64
C PHE W 84 36.39 24.38 -78.75
N GLN W 85 36.55 24.14 -77.45
CA GLN W 85 35.40 24.00 -76.56
C GLN W 85 35.56 24.90 -75.34
N ILE W 86 34.44 25.52 -74.94
CA ILE W 86 34.39 26.42 -73.78
C ILE W 86 33.15 26.07 -72.98
N LEU W 87 33.31 25.25 -71.93
CA LEU W 87 32.30 25.07 -70.89
C LEU W 87 32.65 25.92 -69.68
N ASP W 88 32.30 27.20 -69.77
CA ASP W 88 32.67 28.12 -68.68
C ASP W 88 31.43 28.70 -68.01
N ASN W 89 31.66 29.24 -66.80
CA ASN W 89 30.64 29.95 -66.05
C ASN W 89 31.27 31.19 -65.45
N VAL W 90 30.68 32.34 -65.73
CA VAL W 90 31.20 33.62 -65.25
C VAL W 90 30.14 34.30 -64.39
N ASP W 91 30.55 34.73 -63.20
CA ASP W 91 29.64 35.30 -62.21
C ASP W 91 29.98 36.77 -62.01
N SER W 92 28.95 37.61 -61.99
CA SER W 92 29.10 39.04 -61.77
C SER W 92 27.97 39.54 -60.88
N THR W 93 28.27 39.82 -59.62
CA THR W 93 27.27 40.27 -58.67
C THR W 93 27.72 41.60 -58.07
N GLY W 94 26.77 42.50 -57.85
CA GLY W 94 27.09 43.81 -57.31
C GLY W 94 25.93 44.61 -56.77
N GLU W 95 26.10 45.16 -55.56
CA GLU W 95 25.08 45.99 -54.94
C GLU W 95 25.66 47.35 -54.60
N LEU W 96 25.11 48.39 -55.22
CA LEU W 96 25.46 49.77 -54.93
C LEU W 96 24.25 50.46 -54.34
N ILE W 97 24.36 50.90 -53.08
CA ILE W 97 23.28 51.56 -52.37
C ILE W 97 23.84 52.77 -51.64
N VAL W 98 23.14 53.90 -51.74
CA VAL W 98 23.58 55.19 -51.22
C VAL W 98 22.38 55.91 -50.64
N ARG W 99 22.55 56.52 -49.46
CA ARG W 99 21.51 57.30 -48.83
C ARG W 99 21.87 58.78 -48.91
N LEU W 100 20.89 59.60 -49.31
CA LEU W 100 21.02 61.02 -49.58
C LEU W 100 20.65 61.84 -48.35
N PRO W 101 21.10 63.11 -48.27
CA PRO W 101 20.66 63.97 -47.16
C PRO W 101 19.16 64.25 -47.15
N LYS W 102 18.44 63.90 -48.22
CA LYS W 102 16.99 64.00 -48.27
C LYS W 102 16.31 62.71 -47.84
N GLU W 103 16.94 61.96 -46.93
CA GLU W 103 16.52 60.65 -46.41
C GLU W 103 16.12 59.68 -47.51
N ILE W 104 16.66 59.84 -48.72
CA ILE W 104 16.37 58.95 -49.84
C ILE W 104 17.35 57.79 -49.74
N THR W 105 16.81 56.57 -49.66
CA THR W 105 17.64 55.36 -49.54
C THR W 105 17.79 54.75 -50.93
N ILE W 106 18.48 55.44 -51.84
CA ILE W 106 18.67 54.99 -53.21
C ILE W 106 19.40 53.65 -53.16
N SER W 107 18.91 52.68 -53.92
CA SER W 107 19.41 51.32 -53.84
C SER W 107 19.53 50.71 -55.22
N GLY W 108 20.42 49.72 -55.35
CA GLY W 108 20.48 48.89 -56.53
C GLY W 108 21.31 47.65 -56.28
N SER W 109 20.85 46.49 -56.73
CA SER W 109 21.54 45.23 -56.51
C SER W 109 21.27 44.30 -57.68
N PHE W 110 22.33 43.92 -58.39
CA PHE W 110 22.21 43.08 -59.58
C PHE W 110 23.10 41.86 -59.41
N GLN W 111 22.73 40.77 -60.09
CA GLN W 111 23.59 39.59 -60.13
C GLN W 111 23.33 38.83 -61.42
N GLY W 112 24.40 38.33 -62.01
CA GLY W 112 24.30 37.56 -63.23
C GLY W 112 25.30 36.44 -63.33
N PHE W 113 24.79 35.23 -63.51
CA PHE W 113 25.61 34.05 -63.73
C PHE W 113 25.40 33.58 -65.17
N HIS W 114 26.47 33.60 -65.96
CA HIS W 114 26.41 33.28 -67.37
C HIS W 114 27.08 31.93 -67.60
N HIS W 115 26.35 31.02 -68.23
CA HIS W 115 26.88 29.73 -68.60
C HIS W 115 27.13 29.70 -70.10
N GLN W 116 28.38 29.48 -70.49
CA GLN W 116 28.73 29.45 -71.90
C GLN W 116 29.16 28.05 -72.29
N LYS W 117 28.52 27.53 -73.33
CA LYS W 117 28.78 26.24 -73.95
C LYS W 117 29.35 26.45 -75.35
N ILE W 118 30.31 27.36 -75.45
CA ILE W 118 30.78 27.87 -76.72
C ILE W 118 31.56 26.80 -77.47
N LYS W 119 31.23 26.64 -78.75
CA LYS W 119 31.94 25.73 -79.64
C LYS W 119 32.49 26.52 -80.82
N ILE W 120 33.73 26.21 -81.20
CA ILE W 120 34.45 26.99 -82.20
C ILE W 120 35.12 26.05 -83.19
N SER W 121 35.02 26.37 -84.48
CA SER W 121 35.71 25.64 -85.54
C SER W 121 36.54 26.64 -86.35
N GLU W 122 37.46 26.10 -87.15
CA GLU W 122 38.40 26.94 -87.89
C GLU W 122 38.48 26.53 -89.35
N ASN W 123 38.40 27.53 -90.22
CA ASN W 123 38.57 27.36 -91.66
C ASN W 123 39.76 28.19 -92.09
N ARG W 124 40.84 27.51 -92.47
CA ARG W 124 42.13 28.16 -92.71
C ARG W 124 42.07 28.95 -94.02
N ILE W 125 42.49 30.21 -93.95
CA ILE W 125 42.73 31.03 -95.12
C ILE W 125 44.16 31.54 -95.06
N SER W 126 44.86 31.44 -96.18
CA SER W 126 46.30 31.75 -96.21
C SER W 126 46.53 33.23 -95.93
N GLN W 127 47.62 33.53 -95.20
CA GLN W 127 47.96 34.91 -94.91
C GLN W 127 48.58 35.61 -96.11
N GLN W 128 49.42 34.92 -96.88
CA GLN W 128 49.92 35.48 -98.14
C GLN W 128 48.79 35.59 -99.15
N TYR W 129 47.70 34.85 -98.94
CA TYR W 129 46.53 35.04 -99.78
C TYR W 129 45.96 36.44 -99.63
N LEU W 130 46.20 37.12 -98.51
CA LEU W 130 45.80 38.52 -98.39
C LEU W 130 46.51 39.38 -99.43
N ALA W 131 47.83 39.21 -99.56
CA ALA W 131 48.57 39.88 -100.61
C ALA W 131 48.11 39.47 -101.99
N THR W 132 47.80 38.19 -102.19
CA THR W 132 47.17 37.78 -103.44
C THR W 132 45.87 38.53 -103.69
N LEU W 133 45.13 38.85 -102.63
CA LEU W 133 43.88 39.60 -102.76
C LEU W 133 44.13 41.04 -103.18
N GLU W 134 45.14 41.68 -102.60
CA GLU W 134 45.49 42.99 -103.14
C GLU W 134 46.00 42.90 -104.57
N ASN W 135 46.59 41.78 -104.96
CA ASN W 135 47.00 41.56 -106.34
C ASN W 135 45.83 41.42 -107.29
N ARG W 136 44.62 41.16 -106.78
CA ARG W 136 43.43 41.12 -107.61
C ARG W 136 43.15 42.49 -108.21
N LYS W 137 42.51 42.49 -109.37
CA LYS W 137 42.06 43.73 -109.99
C LYS W 137 40.74 44.17 -109.37
N LEU W 138 40.78 45.27 -108.63
CA LEU W 138 39.60 45.78 -107.94
C LEU W 138 38.74 46.60 -108.91
N LYS W 139 37.64 46.02 -109.35
CA LYS W 139 36.71 46.70 -110.23
C LYS W 139 35.33 46.07 -110.15
N ARG W 140 34.34 46.85 -109.72
CA ARG W 140 32.98 46.35 -109.54
C ARG W 140 32.03 47.53 -109.64
N GLU W 141 30.97 47.36 -110.45
CA GLU W 141 29.97 48.39 -110.65
C GLU W 141 28.71 48.11 -109.84
N LEU W 142 28.84 47.30 -108.78
CA LEU W 142 27.73 47.11 -107.86
C LEU W 142 27.40 48.43 -107.18
N PRO W 143 26.12 48.71 -106.93
CA PRO W 143 25.75 50.00 -106.32
C PRO W 143 26.19 50.12 -104.88
N PHE W 144 27.49 50.32 -104.67
CA PHE W 144 28.02 50.63 -103.34
C PHE W 144 28.92 51.85 -103.32
N SER W 145 29.36 52.38 -104.46
CA SER W 145 30.30 53.49 -104.48
C SER W 145 29.71 54.75 -103.85
N PHE W 146 28.47 55.09 -104.19
CA PHE W 146 27.86 56.32 -103.69
C PHE W 146 27.77 56.30 -102.17
N ARG W 147 27.19 55.23 -101.61
CA ARG W 147 27.05 55.16 -100.15
C ARG W 147 28.38 54.98 -99.45
N SER W 148 29.31 54.23 -100.06
CA SER W 148 30.63 54.08 -99.46
C SER W 148 31.37 55.40 -99.38
N ILE W 149 31.29 56.23 -100.43
CA ILE W 149 31.93 57.54 -100.38
C ILE W 149 31.18 58.46 -99.42
N ASN W 150 29.85 58.35 -99.34
CA ASN W 150 29.11 59.17 -98.39
C ASN W 150 29.52 58.85 -96.95
N THR W 151 29.71 57.57 -96.64
CA THR W 151 30.06 57.15 -95.28
C THR W 151 31.54 57.42 -94.96
N ARG W 152 32.45 57.02 -95.85
CA ARG W 152 33.89 57.07 -95.63
C ARG W 152 34.31 56.38 -94.33
N GLU W 153 33.90 55.12 -94.16
CA GLU W 153 34.22 54.37 -92.95
C GLU W 153 35.60 53.73 -93.02
N ASN W 154 36.31 53.90 -94.15
CA ASN W 154 37.58 53.22 -94.45
C ASN W 154 37.59 51.77 -93.94
N LEU W 155 36.67 50.98 -94.48
CA LEU W 155 36.38 49.61 -94.07
C LEU W 155 37.64 48.78 -93.88
N TYR W 156 37.57 47.83 -92.95
CA TYR W 156 38.60 46.83 -92.76
C TYR W 156 38.04 45.43 -92.99
N LEU W 157 38.94 44.48 -93.16
CA LEU W 157 38.56 43.09 -93.38
C LEU W 157 39.01 42.23 -92.20
N VAL W 158 38.82 40.92 -92.34
CA VAL W 158 39.15 39.98 -91.27
C VAL W 158 40.36 39.16 -91.69
N THR W 159 41.07 38.62 -90.69
CA THR W 159 42.29 37.87 -90.98
C THR W 159 41.98 36.42 -91.35
N GLU W 160 41.36 35.67 -90.44
CA GLU W 160 41.13 34.25 -90.64
C GLU W 160 39.72 33.91 -90.23
N THR W 161 39.15 32.88 -90.86
CA THR W 161 37.76 32.50 -90.59
C THR W 161 37.65 31.82 -89.24
N LEU W 162 36.90 32.43 -88.33
CA LEU W 162 36.65 31.87 -87.00
C LEU W 162 35.20 31.41 -86.97
N GLU W 163 34.99 30.12 -87.23
CA GLU W 163 33.66 29.56 -87.39
C GLU W 163 33.25 28.83 -86.11
N THR W 164 31.95 28.54 -86.01
CA THR W 164 31.39 27.86 -84.86
C THR W 164 30.49 26.71 -85.32
N VAL W 165 30.43 25.66 -84.53
CA VAL W 165 29.41 24.62 -84.66
C VAL W 165 28.86 24.31 -83.28
N LYS W 166 27.84 25.06 -82.88
CA LYS W 166 27.43 25.19 -81.49
C LYS W 166 26.08 24.51 -81.23
N GLU W 167 25.81 24.25 -79.96
CA GLU W 167 24.44 23.99 -79.53
C GLU W 167 23.77 25.30 -79.14
N GLU W 168 22.49 25.20 -78.79
CA GLU W 168 21.63 26.37 -78.64
C GLU W 168 21.63 26.95 -77.23
N THR W 169 22.75 27.09 -76.52
CA THR W 169 22.67 27.29 -75.07
C THR W 169 23.58 28.41 -74.57
N LEU W 170 22.98 29.53 -74.16
CA LEU W 170 23.59 30.51 -73.27
C LEU W 170 22.56 30.98 -72.25
N LYS W 171 23.03 31.38 -71.07
CA LYS W 171 22.17 31.83 -69.98
C LYS W 171 22.66 33.17 -69.44
N SER W 172 21.81 33.84 -68.65
CA SER W 172 22.10 35.16 -68.09
C SER W 172 21.06 35.54 -67.03
N ASP W 173 21.38 36.52 -66.17
CA ASP W 173 20.44 36.96 -65.16
C ASP W 173 20.79 38.36 -64.65
N ARG W 174 19.81 39.12 -64.17
CA ARG W 174 20.06 40.33 -63.40
C ARG W 174 18.89 40.58 -62.45
N GLN W 175 19.16 41.40 -61.44
CA GLN W 175 18.22 41.74 -60.40
C GLN W 175 18.38 43.23 -60.14
N TYR W 176 17.40 43.84 -59.48
CA TYR W 176 17.55 45.23 -59.10
C TYR W 176 16.58 45.53 -57.97
N LYS W 177 17.01 46.40 -57.06
CA LYS W 177 16.23 46.72 -55.86
C LYS W 177 16.55 48.15 -55.47
N PHE W 178 15.54 49.02 -55.52
CA PHE W 178 15.71 50.45 -55.25
C PHE W 178 14.65 50.91 -54.27
N TRP W 179 15.07 51.67 -53.26
CA TRP W 179 14.16 52.24 -52.27
C TRP W 179 14.30 53.76 -52.28
N SER W 180 13.34 54.45 -51.69
CA SER W 180 13.43 55.90 -51.59
C SER W 180 12.48 56.44 -50.54
N GLN W 181 12.78 57.65 -50.07
CA GLN W 181 11.99 58.36 -49.07
C GLN W 181 12.33 59.83 -49.16
N ILE W 182 11.38 60.66 -49.59
CA ILE W 182 11.64 62.09 -49.76
C ILE W 182 11.01 62.89 -48.61
N SER W 183 9.72 62.67 -48.35
CA SER W 183 9.04 63.31 -47.22
C SER W 183 8.17 62.27 -46.51
N GLN W 184 8.80 61.57 -45.57
CA GLN W 184 8.23 60.42 -44.84
C GLN W 184 7.51 59.46 -45.78
N GLY W 185 7.91 59.42 -47.05
CA GLY W 185 7.25 58.59 -48.02
C GLY W 185 7.99 57.30 -48.33
N HIS W 186 7.33 56.17 -48.07
CA HIS W 186 7.89 54.86 -48.37
C HIS W 186 7.98 54.66 -49.88
N LEU W 187 9.08 54.08 -50.37
CA LEU W 187 9.12 53.55 -51.72
C LEU W 187 10.05 52.34 -51.77
N SER W 188 9.48 51.19 -52.15
CA SER W 188 10.23 49.95 -52.34
C SER W 188 10.03 49.48 -53.77
N TYR W 189 11.09 48.95 -54.39
CA TYR W 189 11.11 48.65 -55.80
C TYR W 189 11.99 47.43 -56.03
N LYS W 190 11.44 46.38 -56.63
CA LYS W 190 12.24 45.17 -56.83
C LYS W 190 11.94 44.58 -58.21
N HIS W 191 12.92 43.86 -58.75
CA HIS W 191 12.84 43.28 -60.08
C HIS W 191 13.84 42.14 -60.20
N LYS W 192 13.40 41.03 -60.79
CA LYS W 192 14.27 39.86 -61.00
C LYS W 192 14.03 39.35 -62.42
N GLY W 193 14.97 39.63 -63.34
CA GLY W 193 14.83 39.20 -64.72
C GLY W 193 15.97 38.28 -65.11
N GLN W 194 15.61 37.02 -65.39
CA GLN W 194 16.55 36.00 -65.82
C GLN W 194 16.30 35.71 -67.29
N ARG W 195 17.37 35.67 -68.08
CA ARG W 195 17.28 35.49 -69.53
C ARG W 195 18.13 34.31 -69.95
N GLU W 196 17.87 33.82 -71.17
CA GLU W 196 18.66 32.77 -71.77
C GLU W 196 18.35 32.74 -73.26
N VAL W 197 19.32 32.32 -74.05
CA VAL W 197 19.23 32.39 -75.50
C VAL W 197 19.63 31.05 -76.11
N THR W 198 18.88 30.65 -77.13
CA THR W 198 19.19 29.48 -77.93
C THR W 198 20.20 29.90 -78.99
N ILE W 199 21.42 29.39 -78.86
CA ILE W 199 22.53 29.72 -79.75
C ILE W 199 22.67 28.71 -80.87
N PRO W 200 22.67 29.16 -82.13
CA PRO W 200 22.64 28.24 -83.27
C PRO W 200 24.03 27.85 -83.72
N PRO W 201 24.15 26.72 -84.45
CA PRO W 201 25.49 26.13 -84.69
C PRO W 201 26.51 26.96 -85.46
N ASN W 202 26.23 27.30 -86.72
CA ASN W 202 27.27 27.75 -87.65
C ASN W 202 27.20 29.25 -87.84
N ARG W 203 27.79 30.00 -86.90
CA ARG W 203 27.74 31.45 -86.93
C ARG W 203 29.12 32.01 -86.59
N VAL W 204 29.27 33.32 -86.80
CA VAL W 204 30.54 34.01 -86.59
C VAL W 204 30.37 35.01 -85.47
N LEU W 205 31.31 35.00 -84.51
CA LEU W 205 31.27 35.88 -83.35
C LEU W 205 32.37 36.92 -83.32
N SER W 206 33.63 36.53 -83.56
CA SER W 206 34.73 37.45 -83.42
C SER W 206 35.52 37.50 -84.72
N TYR W 207 36.06 38.68 -85.01
CA TYR W 207 36.70 38.95 -86.29
C TYR W 207 37.91 39.86 -86.05
N ARG W 208 38.62 40.18 -87.14
CA ARG W 208 39.86 40.95 -87.05
C ARG W 208 39.78 42.24 -87.87
N VAL W 209 40.86 43.02 -87.85
CA VAL W 209 40.92 44.31 -88.52
C VAL W 209 42.15 44.35 -89.42
N LYS W 210 41.96 44.77 -90.67
CA LYS W 210 43.06 45.05 -91.58
C LYS W 210 42.60 46.15 -92.54
N GLN W 211 43.26 47.31 -92.46
CA GLN W 211 42.78 48.52 -93.12
C GLN W 211 43.01 48.44 -94.63
N LEU W 212 42.02 48.91 -95.38
CA LEU W 212 42.11 49.04 -96.83
C LEU W 212 41.77 50.46 -97.24
N VAL W 213 42.57 51.00 -98.16
CA VAL W 213 42.33 52.31 -98.75
C VAL W 213 41.93 52.11 -100.21
N PHE W 214 40.92 52.86 -100.64
CA PHE W 214 40.32 52.63 -101.95
C PHE W 214 40.44 53.87 -102.84
N PRO W 215 41.52 53.99 -103.61
CA PRO W 215 41.47 54.85 -104.79
C PRO W 215 40.47 54.29 -105.79
N ASN W 216 39.88 55.20 -106.58
CA ASN W 216 38.70 54.84 -107.37
C ASN W 216 38.98 53.70 -108.34
N LYS W 217 40.23 53.55 -108.77
CA LYS W 217 40.58 52.48 -109.70
C LYS W 217 41.12 51.24 -108.99
N GLU W 218 42.23 51.38 -108.25
CA GLU W 218 42.89 50.26 -107.61
C GLU W 218 43.16 50.59 -106.14
N THR W 219 43.12 49.58 -105.29
CA THR W 219 43.20 49.76 -103.85
C THR W 219 44.61 49.50 -103.32
N MET W 220 44.78 49.78 -102.02
CA MET W 220 46.03 49.54 -101.32
C MET W 220 45.68 49.22 -99.87
N SER W 221 46.66 48.79 -99.09
CA SER W 221 46.41 48.31 -97.74
C SER W 221 47.11 49.15 -96.69
N ALA W 222 46.77 48.84 -95.43
CA ALA W 222 47.38 49.43 -94.24
C ALA W 222 47.20 48.39 -93.14
N GLY W 223 48.33 47.96 -92.57
CA GLY W 223 48.38 46.64 -91.94
C GLY W 223 47.62 46.45 -90.64
N LEU W 224 48.10 47.07 -89.57
CA LEU W 224 47.78 46.59 -88.22
C LEU W 224 46.64 47.40 -87.61
N ASP W 225 45.50 46.75 -87.43
CA ASP W 225 44.41 47.15 -86.53
C ASP W 225 44.20 48.66 -86.48
N ILE W 226 44.03 49.25 -87.67
CA ILE W 226 43.75 50.67 -87.78
C ILE W 226 42.23 50.86 -87.73
N HIS W 227 41.70 50.97 -86.51
CA HIS W 227 40.30 51.28 -86.29
C HIS W 227 40.10 52.75 -85.97
N PHE W 228 41.17 53.53 -85.96
CA PHE W 228 41.11 54.99 -85.85
C PHE W 228 40.91 55.52 -87.26
N ARG W 229 39.69 55.92 -87.57
CA ARG W 229 39.24 56.09 -88.95
C ARG W 229 39.63 57.47 -89.46
N GLY W 230 40.57 57.51 -90.41
CA GLY W 230 40.80 58.70 -91.21
C GLY W 230 41.37 58.37 -92.56
N LYS W 231 40.69 58.80 -93.63
CA LYS W 231 41.09 58.54 -95.00
C LYS W 231 40.36 59.51 -95.91
N THR W 232 41.03 59.96 -96.97
CA THR W 232 40.45 60.91 -97.92
C THR W 232 39.92 60.24 -99.19
N LYS W 233 39.53 58.98 -99.10
CA LYS W 233 39.00 58.28 -100.27
C LYS W 233 37.61 58.79 -100.64
N PHE X 2 43.09 39.00 -63.92
CA PHE X 2 41.88 38.33 -64.41
C PHE X 2 42.22 37.52 -65.66
N SER X 3 43.39 37.80 -66.24
CA SER X 3 43.91 36.92 -67.28
C SER X 3 44.36 35.59 -66.67
N VAL X 4 44.10 34.50 -67.41
CA VAL X 4 44.55 33.17 -67.00
C VAL X 4 45.66 32.64 -67.87
N PHE X 5 45.73 33.03 -69.14
CA PHE X 5 46.62 32.43 -70.14
C PHE X 5 48.06 32.88 -69.97
N GLU X 6 48.29 34.05 -69.37
CA GLU X 6 49.65 34.45 -69.02
C GLU X 6 50.12 33.68 -67.79
N GLU X 7 49.18 33.30 -66.92
CA GLU X 7 49.56 32.64 -65.67
C GLU X 7 50.22 31.29 -65.91
N ILE X 8 49.62 30.43 -66.74
CA ILE X 8 50.17 29.10 -66.97
C ILE X 8 51.55 29.19 -67.63
N THR X 9 51.67 30.09 -68.60
CA THR X 9 52.98 30.38 -69.16
C THR X 9 53.95 30.86 -68.08
N ARG X 10 53.45 31.55 -67.05
CA ARG X 10 54.35 31.98 -65.99
C ARG X 10 54.68 30.86 -65.01
N ILE X 11 53.83 29.84 -64.86
CA ILE X 11 54.29 28.64 -64.17
C ILE X 11 55.44 28.00 -64.94
N VAL X 12 55.34 27.96 -66.27
CA VAL X 12 56.47 27.49 -67.07
C VAL X 12 57.69 28.38 -66.83
N VAL X 13 57.49 29.70 -66.84
CA VAL X 13 58.57 30.64 -66.62
C VAL X 13 59.22 30.41 -65.26
N LYS X 14 58.41 30.23 -64.21
CA LYS X 14 58.95 29.99 -62.88
C LYS X 14 59.71 28.68 -62.80
N GLU X 15 59.20 27.63 -63.45
CA GLU X 15 59.92 26.37 -63.53
C GLU X 15 61.25 26.53 -64.27
N MET X 16 61.40 27.60 -65.06
CA MET X 16 62.72 28.04 -65.54
C MET X 16 63.51 28.89 -64.55
N ASP X 17 62.98 30.03 -64.11
CA ASP X 17 63.67 31.02 -63.31
C ASP X 17 62.64 32.02 -62.80
N ALA X 18 63.01 32.75 -61.75
CA ALA X 18 62.14 33.73 -61.12
C ALA X 18 62.02 34.95 -62.02
N GLY X 19 61.11 34.89 -62.99
CA GLY X 19 60.91 35.98 -63.92
C GLY X 19 62.12 36.34 -64.75
N GLY X 20 62.93 35.37 -65.14
CA GLY X 20 64.20 35.66 -65.80
C GLY X 20 64.22 35.45 -67.29
N ASP X 21 64.87 34.36 -67.71
CA ASP X 21 65.09 34.13 -69.13
C ASP X 21 63.79 33.90 -69.88
N MET X 22 62.94 33.01 -69.38
CA MET X 22 61.94 32.39 -70.23
C MET X 22 60.80 33.39 -70.47
N ILE X 23 60.16 33.29 -71.63
CA ILE X 23 59.19 34.30 -72.06
C ILE X 23 57.82 33.66 -72.32
N ALA X 24 56.78 34.46 -72.15
CA ALA X 24 55.38 34.02 -72.15
C ALA X 24 54.61 34.67 -73.30
N VAL X 25 53.45 34.07 -73.61
CA VAL X 25 52.60 34.51 -74.73
C VAL X 25 51.21 34.75 -74.17
N ARG X 26 50.38 35.52 -74.89
CA ARG X 26 49.09 35.97 -74.36
C ARG X 26 47.95 35.01 -74.72
N SER X 27 47.93 34.46 -75.94
CA SER X 27 46.82 33.63 -76.38
C SER X 27 47.26 32.68 -77.49
N LEU X 28 46.33 31.79 -77.88
CA LEU X 28 46.68 30.59 -78.62
C LEU X 28 45.76 30.33 -79.81
N VAL X 29 45.47 31.35 -80.60
CA VAL X 29 45.03 31.10 -81.97
C VAL X 29 46.22 31.10 -82.91
N ASP X 30 47.11 32.08 -82.76
CA ASP X 30 48.33 32.12 -83.53
C ASP X 30 49.53 31.70 -82.70
N ALA X 31 49.29 31.13 -81.51
CA ALA X 31 50.40 30.61 -80.72
C ALA X 31 50.87 29.27 -81.24
N ASP X 32 49.94 28.45 -81.74
CA ASP X 32 50.35 27.25 -82.47
C ASP X 32 51.20 27.61 -83.67
N ARG X 33 51.05 28.83 -84.18
CA ARG X 33 51.87 29.31 -85.27
C ARG X 33 52.95 30.27 -84.72
N PHE X 34 53.08 30.34 -83.39
CA PHE X 34 54.23 31.01 -82.77
C PHE X 34 55.37 30.03 -82.59
N ARG X 35 55.68 29.34 -83.68
CA ARG X 35 56.81 28.45 -83.76
C ARG X 35 58.03 29.28 -84.13
N CYS X 36 59.11 28.63 -84.56
CA CYS X 36 60.31 29.34 -84.96
C CYS X 36 60.02 30.26 -86.15
N PHE X 37 60.90 31.26 -86.33
CA PHE X 37 60.84 32.22 -87.44
C PHE X 37 59.63 33.15 -87.33
N HIS X 38 59.31 33.64 -86.14
CA HIS X 38 58.08 34.39 -85.93
C HIS X 38 58.33 35.53 -84.95
N LEU X 39 57.45 36.53 -85.00
CA LEU X 39 57.72 37.84 -84.43
C LEU X 39 56.97 38.06 -83.12
N VAL X 40 57.25 39.22 -82.51
CA VAL X 40 56.55 39.71 -81.34
C VAL X 40 56.33 41.21 -81.53
N GLY X 41 55.44 41.77 -80.72
CA GLY X 41 55.16 43.19 -80.77
C GLY X 41 56.06 44.00 -79.85
N GLU X 42 55.90 45.32 -79.92
CA GLU X 42 56.68 46.23 -79.09
C GLU X 42 56.24 46.14 -77.64
N LYS X 43 57.14 46.54 -76.74
CA LYS X 43 56.97 46.33 -75.31
C LYS X 43 56.62 47.65 -74.63
N ARG X 44 55.60 47.62 -73.77
CA ARG X 44 55.26 48.71 -72.86
C ARG X 44 55.17 48.15 -71.44
N THR X 45 55.23 49.06 -70.47
CA THR X 45 55.30 48.69 -69.06
C THR X 45 54.04 49.07 -68.30
N PHE X 46 52.88 49.08 -68.98
CA PHE X 46 51.63 49.35 -68.30
C PHE X 46 51.06 48.06 -67.71
N PHE X 47 50.59 48.15 -66.47
CA PHE X 47 50.04 47.00 -65.73
C PHE X 47 51.02 45.84 -65.75
N GLY X 48 52.24 46.11 -65.30
CA GLY X 48 53.30 45.13 -65.32
C GLY X 48 53.84 44.89 -66.71
N CYS X 49 54.57 43.79 -66.85
CA CYS X 49 55.15 43.43 -68.14
C CYS X 49 54.05 42.93 -69.08
N ARG X 50 53.66 43.78 -70.03
CA ARG X 50 52.61 43.44 -70.99
C ARG X 50 52.98 44.05 -72.33
N HIS X 51 53.31 43.21 -73.30
CA HIS X 51 53.79 43.64 -74.60
C HIS X 51 52.72 43.36 -75.67
N TYR X 52 53.02 43.78 -76.89
CA TYR X 52 52.15 43.54 -78.03
C TYR X 52 52.61 42.29 -78.76
N THR X 53 51.87 41.90 -79.79
CA THR X 53 52.19 40.66 -80.49
C THR X 53 51.72 40.72 -81.94
N THR X 54 52.54 40.19 -82.84
CA THR X 54 52.20 40.03 -84.25
C THR X 54 52.96 38.82 -84.78
N GLY X 55 52.26 37.91 -85.43
CA GLY X 55 52.82 36.59 -85.71
C GLY X 55 52.97 36.13 -87.15
N LEU X 56 53.44 36.99 -88.05
CA LEU X 56 53.65 36.59 -89.43
C LEU X 56 54.90 35.72 -89.56
N THR X 57 55.18 35.27 -90.78
CA THR X 57 56.18 34.25 -91.05
C THR X 57 57.43 34.88 -91.66
N LEU X 58 58.50 34.08 -91.76
CA LEU X 58 59.77 34.61 -92.27
C LEU X 58 60.44 33.69 -93.28
N MET X 59 59.96 32.46 -93.47
CA MET X 59 60.62 31.54 -94.39
C MET X 59 60.65 32.11 -95.79
N ASP X 60 61.82 32.11 -96.42
CA ASP X 60 61.97 32.63 -97.77
C ASP X 60 62.42 31.59 -98.78
N ILE X 61 63.49 30.85 -98.48
CA ILE X 61 64.12 29.94 -99.44
C ILE X 61 64.22 28.55 -98.85
N LEU X 62 64.20 27.55 -99.73
CA LEU X 62 64.40 26.15 -99.38
C LEU X 62 65.34 25.48 -100.39
N ASP X 63 66.45 26.15 -100.71
CA ASP X 63 67.36 25.61 -101.72
C ASP X 63 68.19 24.46 -101.16
N THR X 64 68.85 24.67 -100.02
CA THR X 64 69.63 23.63 -99.39
C THR X 64 68.84 23.01 -98.24
N ASP X 65 69.52 22.17 -97.45
CA ASP X 65 68.87 21.46 -96.36
C ASP X 65 68.45 22.41 -95.25
N GLY X 66 67.16 22.74 -95.21
CA GLY X 66 66.65 23.68 -94.23
C GLY X 66 65.44 23.19 -93.45
N ASP X 67 64.75 22.17 -93.97
CA ASP X 67 63.53 21.69 -93.33
C ASP X 67 63.55 20.20 -93.05
N LYS X 68 64.73 19.63 -92.81
CA LYS X 68 64.81 18.22 -92.42
C LYS X 68 64.38 18.05 -90.97
N TRP X 69 63.76 16.90 -90.69
CA TRP X 69 63.33 16.59 -89.34
C TRP X 69 63.74 15.17 -88.95
N LYS X 81 62.48 15.14 -76.43
CA LYS X 81 62.43 14.59 -75.08
C LYS X 81 61.15 13.75 -74.96
N ALA X 82 60.88 13.23 -73.76
CA ALA X 82 59.66 12.49 -73.49
C ALA X 82 58.60 13.46 -72.96
N GLU X 83 57.45 12.92 -72.57
CA GLU X 83 56.36 13.76 -72.07
C GLU X 83 56.75 14.34 -70.72
N PHE X 84 56.57 15.64 -70.56
CA PHE X 84 56.81 16.31 -69.29
C PHE X 84 55.48 16.73 -68.70
N GLN X 85 55.32 16.54 -67.40
CA GLN X 85 54.00 16.58 -66.78
C GLN X 85 54.00 17.50 -65.58
N ILE X 86 52.93 18.28 -65.43
CA ILE X 86 52.74 19.22 -64.33
C ILE X 86 51.31 19.06 -63.81
N LEU X 87 51.14 18.27 -62.75
CA LEU X 87 49.91 18.26 -61.96
C LEU X 87 50.09 19.11 -60.71
N ASP X 88 49.95 20.43 -60.87
CA ASP X 88 50.19 21.33 -59.75
C ASP X 88 48.92 22.09 -59.37
N ASN X 89 48.95 22.64 -58.16
CA ASN X 89 47.89 23.50 -57.66
C ASN X 89 48.53 24.68 -56.95
N VAL X 90 48.18 25.89 -57.37
CA VAL X 90 48.75 27.11 -56.80
C VAL X 90 47.62 27.95 -56.21
N ASP X 91 47.82 28.38 -54.96
CA ASP X 91 46.79 29.09 -54.20
C ASP X 91 47.27 30.51 -53.95
N SER X 92 46.39 31.48 -54.16
CA SER X 92 46.68 32.89 -53.93
C SER X 92 45.45 33.56 -53.33
N THR X 93 45.51 33.86 -52.03
CA THR X 93 44.40 34.47 -51.33
C THR X 93 44.87 35.76 -50.68
N GLY X 94 44.02 36.79 -50.67
CA GLY X 94 44.40 38.05 -50.09
C GLY X 94 43.27 39.02 -49.83
N GLU X 95 43.24 39.59 -48.63
CA GLU X 95 42.23 40.57 -48.25
C GLU X 95 42.89 41.86 -47.81
N LEU X 96 42.63 42.93 -48.55
CA LEU X 96 43.10 44.26 -48.20
C LEU X 96 41.88 45.12 -47.90
N ILE X 97 41.79 45.61 -46.66
CA ILE X 97 40.66 46.43 -46.22
C ILE X 97 41.20 47.59 -45.39
N VAL X 98 40.70 48.79 -45.67
CA VAL X 98 41.19 50.02 -45.06
C VAL X 98 39.99 50.92 -44.77
N ARG X 99 39.99 51.55 -43.60
CA ARG X 99 38.94 52.49 -43.22
C ARG X 99 39.50 53.90 -43.24
N LEU X 100 38.75 54.82 -43.86
CA LEU X 100 39.13 56.20 -44.11
C LEU X 100 38.61 57.11 -43.00
N PRO X 101 39.19 58.32 -42.84
CA PRO X 101 38.64 59.28 -41.87
C PRO X 101 37.23 59.74 -42.20
N LYS X 102 36.72 59.44 -43.39
CA LYS X 102 35.34 59.72 -43.77
C LYS X 102 34.41 58.54 -43.47
N GLU X 103 34.72 57.76 -42.43
CA GLU X 103 34.03 56.55 -42.01
C GLU X 103 33.76 55.58 -43.17
N ILE X 104 34.56 55.63 -44.22
CA ILE X 104 34.41 54.73 -45.36
C ILE X 104 35.18 53.45 -45.03
N THR X 105 34.48 52.32 -45.06
CA THR X 105 35.10 51.04 -44.75
C THR X 105 35.46 50.34 -46.07
N ILE X 106 36.43 50.90 -46.80
CA ILE X 106 36.84 50.37 -48.09
C ILE X 106 37.36 48.96 -47.87
N SER X 107 36.92 48.03 -48.70
CA SER X 107 37.21 46.62 -48.49
C SER X 107 37.54 45.94 -49.81
N GLY X 108 38.30 44.85 -49.73
CA GLY X 108 38.51 43.96 -50.87
C GLY X 108 39.08 42.63 -50.41
N SER X 109 38.59 41.53 -50.94
CA SER X 109 39.05 40.20 -50.56
C SER X 109 38.92 39.27 -51.75
N PHE X 110 40.04 38.72 -52.20
CA PHE X 110 40.08 37.86 -53.37
C PHE X 110 40.74 36.53 -53.00
N GLN X 111 40.38 35.48 -53.72
CA GLN X 111 41.06 34.21 -53.57
C GLN X 111 40.99 33.43 -54.87
N GLY X 112 42.09 32.76 -55.21
CA GLY X 112 42.16 31.98 -56.41
C GLY X 112 43.00 30.73 -56.27
N PHE X 113 42.39 29.59 -56.55
CA PHE X 113 43.07 28.30 -56.57
C PHE X 113 43.11 27.81 -58.00
N HIS X 114 44.33 27.67 -58.54
CA HIS X 114 44.54 27.30 -59.92
C HIS X 114 45.06 25.87 -59.99
N HIS X 115 44.37 25.03 -60.75
CA HIS X 115 44.79 23.65 -60.98
C HIS X 115 45.34 23.55 -62.38
N GLN X 116 46.61 23.15 -62.49
CA GLN X 116 47.25 23.02 -63.79
C GLN X 116 47.57 21.55 -64.05
N LYS X 117 47.11 21.08 -65.21
CA LYS X 117 47.33 19.73 -65.73
C LYS X 117 48.20 19.82 -66.97
N ILE X 118 49.28 20.59 -66.86
CA ILE X 118 50.07 21.00 -68.02
C ILE X 118 50.86 19.80 -68.56
N LYS X 119 50.79 19.62 -69.87
CA LYS X 119 51.56 18.60 -70.56
C LYS X 119 52.45 19.27 -71.60
N ILE X 120 53.69 18.78 -71.70
CA ILE X 120 54.70 19.43 -72.53
C ILE X 120 55.44 18.37 -73.34
N SER X 121 55.68 18.65 -74.62
CA SER X 121 56.48 17.80 -75.48
C SER X 121 57.59 18.64 -76.11
N GLU X 122 58.58 17.97 -76.69
CA GLU X 122 59.76 18.64 -77.20
C GLU X 122 60.09 18.17 -78.60
N ASN X 123 60.34 19.14 -79.48
CA ASN X 123 60.79 18.89 -80.85
C ASN X 123 62.15 19.53 -81.00
N ARG X 124 63.20 18.72 -81.13
CA ARG X 124 64.58 19.18 -81.09
C ARG X 124 64.91 19.93 -82.38
N ILE X 125 65.47 21.13 -82.23
CA ILE X 125 66.07 21.85 -83.35
C ILE X 125 67.51 22.18 -82.97
N SER X 126 68.42 21.96 -83.91
CA SER X 126 69.84 22.08 -83.63
C SER X 126 70.21 23.52 -83.32
N GLN X 127 71.14 23.71 -82.38
CA GLN X 127 71.60 25.04 -82.02
C GLN X 127 72.54 25.61 -83.07
N GLN X 128 73.43 24.77 -83.62
CA GLN X 128 74.26 25.23 -84.74
C GLN X 128 73.41 25.44 -85.99
N TYR X 129 72.21 24.86 -86.02
CA TYR X 129 71.29 25.15 -87.09
C TYR X 129 70.89 26.62 -87.09
N LEU X 130 70.97 27.31 -85.95
CA LEU X 130 70.74 28.75 -85.94
C LEU X 130 71.77 29.47 -86.81
N ALA X 131 73.05 29.13 -86.64
CA ALA X 131 74.10 29.66 -87.51
C ALA X 131 73.90 29.26 -88.96
N THR X 132 73.45 28.02 -89.20
CA THR X 132 73.07 27.64 -90.56
C THR X 132 71.96 28.54 -91.10
N LEU X 133 71.05 29.00 -90.22
CA LEU X 133 69.97 29.88 -90.64
C LEU X 133 70.50 31.27 -91.01
N GLU X 134 71.43 31.80 -90.23
CA GLU X 134 72.07 33.03 -90.70
C GLU X 134 72.87 32.82 -91.97
N ASN X 135 73.38 31.61 -92.21
CA ASN X 135 74.04 31.29 -93.46
C ASN X 135 73.08 31.26 -94.65
N ARG X 136 71.78 31.18 -94.41
CA ARG X 136 70.81 31.25 -95.49
C ARG X 136 70.84 32.63 -96.15
N LYS X 137 70.47 32.66 -97.42
CA LYS X 137 70.34 33.92 -98.14
C LYS X 137 68.99 34.55 -97.83
N LEU X 138 69.01 35.67 -97.12
CA LEU X 138 67.79 36.35 -96.71
C LEU X 138 67.29 37.23 -97.86
N LYS X 139 66.23 36.77 -98.53
CA LYS X 139 65.61 37.52 -99.61
C LYS X 139 64.18 37.07 -99.82
N ARG X 140 63.24 37.99 -99.63
CA ARG X 140 61.81 37.69 -99.75
C ARG X 140 61.07 38.96 -100.07
N GLU X 141 60.21 38.89 -101.08
CA GLU X 141 59.41 40.05 -101.52
C GLU X 141 57.99 39.95 -101.00
N LEU X 142 57.78 39.19 -99.93
CA LEU X 142 56.48 39.17 -99.28
C LEU X 142 56.18 40.56 -98.71
N PRO X 143 54.92 40.99 -98.75
CA PRO X 143 54.61 42.34 -98.26
C PRO X 143 54.73 42.47 -96.75
N PHE X 144 55.97 42.52 -96.26
CA PHE X 144 56.23 42.81 -94.85
C PHE X 144 57.26 43.90 -94.64
N SER X 145 58.00 44.32 -95.67
CA SER X 145 59.07 45.31 -95.49
C SER X 145 58.53 46.65 -95.02
N PHE X 146 57.44 47.13 -95.64
CA PHE X 146 56.91 48.45 -95.30
C PHE X 146 56.49 48.50 -93.83
N ARG X 147 55.67 47.55 -93.39
CA ARG X 147 55.19 47.54 -92.02
C ARG X 147 56.31 47.23 -91.03
N SER X 148 57.25 46.36 -91.41
CA SER X 148 58.37 46.05 -90.53
C SER X 148 59.25 47.27 -90.31
N ILE X 149 59.51 48.06 -91.36
CA ILE X 149 60.28 49.28 -91.20
C ILE X 149 59.48 50.33 -90.43
N ASN X 150 58.16 50.39 -90.63
CA ASN X 150 57.34 51.34 -89.87
C ASN X 150 57.38 51.03 -88.38
N THR X 151 57.33 49.74 -88.02
CA THR X 151 57.33 49.34 -86.62
C THR X 151 58.71 49.42 -85.98
N ARG X 152 59.73 48.89 -86.65
CA ARG X 152 61.08 48.76 -86.11
C ARG X 152 61.11 48.07 -84.75
N GLU X 153 60.52 46.88 -84.66
CA GLU X 153 60.46 46.16 -83.39
C GLU X 153 61.73 45.34 -83.14
N ASN X 154 62.67 45.37 -84.09
CA ASN X 154 63.88 44.53 -84.09
C ASN X 154 63.59 43.11 -83.58
N LEU X 155 62.70 42.42 -84.31
CA LEU X 155 62.16 41.12 -83.95
C LEU X 155 63.23 40.14 -83.49
N TYR X 156 62.83 39.25 -82.57
CA TYR X 156 63.66 38.14 -82.14
C TYR X 156 62.97 36.82 -82.48
N LEU X 157 63.75 35.74 -82.43
CA LEU X 157 63.26 34.40 -82.71
C LEU X 157 63.32 33.54 -81.46
N VAL X 158 62.99 32.26 -81.61
CA VAL X 158 62.95 31.34 -80.49
C VAL X 158 64.10 30.36 -80.62
N THR X 159 64.50 29.77 -79.49
CA THR X 159 65.64 28.86 -79.48
C THR X 159 65.24 27.45 -79.90
N GLU X 160 64.34 26.83 -79.14
CA GLU X 160 63.98 25.43 -79.37
C GLU X 160 62.46 25.29 -79.28
N THR X 161 61.91 24.32 -80.00
CA THR X 161 60.47 24.13 -80.05
C THR X 161 59.97 23.52 -78.74
N LEU X 162 59.14 24.25 -78.03
CA LEU X 162 58.53 23.79 -76.78
C LEU X 162 57.06 23.52 -77.07
N GLU X 163 56.74 22.26 -77.35
CA GLU X 163 55.41 21.86 -77.79
C GLU X 163 54.63 21.24 -76.64
N THR X 164 53.32 21.13 -76.83
CA THR X 164 52.44 20.57 -75.81
C THR X 164 51.53 19.53 -76.44
N VAL X 165 51.16 18.52 -75.67
CA VAL X 165 50.06 17.61 -76.02
C VAL X 165 49.17 17.44 -74.78
N LYS X 166 48.20 18.32 -74.64
CA LYS X 166 47.52 18.56 -73.36
C LYS X 166 46.08 18.07 -73.40
N GLU X 167 45.50 17.89 -72.23
CA GLU X 167 44.05 17.83 -72.10
C GLU X 167 43.48 19.24 -71.89
N GLU X 168 42.16 19.32 -71.83
CA GLU X 168 41.45 20.59 -71.88
C GLU X 168 41.23 21.22 -70.52
N THR X 169 42.17 21.25 -69.57
CA THR X 169 41.80 21.51 -68.18
C THR X 169 42.72 22.52 -67.52
N LEU X 170 42.20 23.73 -67.26
CA LEU X 170 42.72 24.66 -66.27
C LEU X 170 41.57 25.30 -65.50
N LYS X 171 41.83 25.69 -64.26
CA LYS X 171 40.82 26.29 -63.40
C LYS X 171 41.35 27.57 -62.78
N SER X 172 40.44 28.37 -62.20
CA SER X 172 40.77 29.67 -61.61
C SER X 172 39.59 30.23 -60.81
N ASP X 173 39.83 31.18 -59.92
CA ASP X 173 38.77 31.79 -59.13
C ASP X 173 39.19 33.15 -58.58
N ARG X 174 38.23 34.04 -58.33
CA ARG X 174 38.46 35.25 -57.54
C ARG X 174 37.16 35.68 -56.89
N GLN X 175 37.31 36.50 -55.85
CA GLN X 175 36.22 37.00 -55.04
C GLN X 175 36.51 38.47 -54.77
N TYR X 176 35.50 39.22 -54.35
CA TYR X 176 35.75 40.60 -53.97
C TYR X 176 34.61 41.07 -53.08
N LYS X 177 34.94 41.90 -52.11
CA LYS X 177 33.97 42.38 -51.13
C LYS X 177 34.38 43.77 -50.69
N PHE X 178 33.53 44.77 -50.96
CA PHE X 178 33.82 46.16 -50.69
C PHE X 178 32.64 46.80 -49.97
N TRP X 179 32.93 47.54 -48.89
CA TRP X 179 31.91 48.26 -48.15
C TRP X 179 32.26 49.74 -48.14
N SER X 180 31.29 50.57 -47.78
CA SER X 180 31.55 52.01 -47.68
C SER X 180 30.47 52.71 -46.88
N GLN X 181 30.82 53.88 -46.37
CA GLN X 181 29.93 54.73 -45.58
C GLN X 181 30.48 56.14 -45.61
N ILE X 182 29.76 57.07 -46.25
CA ILE X 182 30.23 58.45 -46.36
C ILE X 182 29.48 59.36 -45.41
N SER X 183 28.15 59.32 -45.43
CA SER X 183 27.33 60.08 -44.49
C SER X 183 26.19 59.20 -43.97
N GLN X 184 26.51 58.45 -42.91
CA GLN X 184 25.65 57.42 -42.31
C GLN X 184 25.03 56.52 -43.38
N GLY X 185 25.69 56.38 -44.53
CA GLY X 185 25.15 55.60 -45.61
C GLY X 185 25.76 54.21 -45.73
N HIS X 186 24.92 53.19 -45.61
CA HIS X 186 25.35 51.81 -45.77
C HIS X 186 25.74 51.54 -47.21
N LEU X 187 26.83 50.80 -47.43
CA LEU X 187 27.10 50.21 -48.74
C LEU X 187 27.84 48.90 -48.57
N SER X 188 27.23 47.81 -49.05
CA SER X 188 27.82 46.48 -49.06
C SER X 188 27.88 45.99 -50.49
N TYR X 189 28.97 45.30 -50.85
CA TYR X 189 29.26 44.93 -52.23
C TYR X 189 30.00 43.60 -52.23
N LYS X 190 29.46 42.60 -52.92
CA LYS X 190 30.11 41.30 -52.94
C LYS X 190 30.05 40.70 -54.33
N HIS X 191 31.02 39.84 -54.62
CA HIS X 191 31.15 39.22 -55.94
C HIS X 191 32.00 37.96 -55.82
N LYS X 192 31.55 36.89 -56.48
CA LYS X 192 32.27 35.61 -56.48
C LYS X 192 32.29 35.08 -57.92
N GLY X 193 33.43 35.20 -58.60
CA GLY X 193 33.55 34.74 -59.97
C GLY X 193 34.61 33.66 -60.10
N GLN X 194 34.15 32.45 -60.43
CA GLN X 194 35.02 31.30 -60.63
C GLN X 194 35.06 30.99 -62.12
N ARG X 195 36.27 30.78 -62.65
CA ARG X 195 36.47 30.55 -64.07
C ARG X 195 37.23 29.26 -64.29
N GLU X 196 37.17 28.76 -65.52
CA GLU X 196 37.94 27.58 -65.93
C GLU X 196 37.95 27.53 -67.44
N VAL X 197 39.01 26.96 -68.00
CA VAL X 197 39.25 26.98 -69.43
C VAL X 197 39.59 25.60 -69.93
N THR X 198 39.03 25.25 -71.08
CA THR X 198 39.35 24.01 -71.78
C THR X 198 40.62 24.25 -72.59
N ILE X 199 41.70 23.59 -72.18
CA ILE X 199 43.01 23.76 -72.82
C ILE X 199 43.26 22.69 -73.86
N PRO X 200 43.58 23.08 -75.09
CA PRO X 200 43.69 22.13 -76.20
C PRO X 200 45.08 21.54 -76.33
N PRO X 201 45.21 20.37 -77.00
CA PRO X 201 46.46 19.60 -76.93
C PRO X 201 47.73 20.27 -77.47
N ASN X 202 47.78 20.59 -78.76
CA ASN X 202 49.05 20.86 -79.43
C ASN X 202 49.22 22.36 -79.65
N ARG X 203 49.69 23.06 -78.63
CA ARG X 203 49.84 24.51 -78.68
C ARG X 203 51.17 24.90 -78.06
N VAL X 204 51.54 26.17 -78.24
CA VAL X 204 52.81 26.71 -77.77
C VAL X 204 52.54 27.77 -76.71
N LEU X 205 53.24 27.68 -75.58
CA LEU X 205 53.06 28.59 -74.46
C LEU X 205 54.26 29.49 -74.20
N SER X 206 55.46 28.94 -74.16
CA SER X 206 56.64 29.71 -73.78
C SER X 206 57.69 29.61 -74.88
N TYR X 207 58.43 30.71 -75.05
CA TYR X 207 59.37 30.83 -76.16
C TYR X 207 60.60 31.59 -75.68
N ARG X 208 61.57 31.77 -76.58
CA ARG X 208 62.85 32.38 -76.23
C ARG X 208 63.12 33.63 -77.05
N VAL X 209 64.27 34.28 -76.81
CA VAL X 209 64.64 35.52 -77.47
C VAL X 209 66.03 35.36 -78.07
N LYS X 210 66.16 35.76 -79.34
CA LYS X 210 67.47 35.86 -79.99
C LYS X 210 67.39 36.96 -81.03
N GLN X 211 68.15 38.02 -80.83
CA GLN X 211 68.01 39.25 -81.60
C GLN X 211 68.54 39.10 -83.01
N LEU X 212 67.80 39.65 -83.97
CA LEU X 212 68.22 39.70 -85.36
C LEU X 212 68.18 41.15 -85.86
N VAL X 213 69.22 41.55 -86.58
CA VAL X 213 69.29 42.84 -87.22
C VAL X 213 69.19 42.63 -88.74
N PHE X 214 68.41 43.49 -89.39
CA PHE X 214 68.09 43.29 -90.79
C PHE X 214 68.56 44.46 -91.65
N PRO X 215 69.79 44.40 -92.17
CA PRO X 215 70.11 45.23 -93.34
C PRO X 215 69.29 44.76 -94.53
N ASN X 216 69.02 45.69 -95.44
CA ASN X 216 68.00 45.46 -96.46
C ASN X 216 68.33 44.25 -97.33
N LYS X 217 69.61 43.93 -97.48
CA LYS X 217 70.01 42.78 -98.29
C LYS X 217 70.21 41.52 -97.46
N GLU X 218 71.13 41.55 -96.50
CA GLU X 218 71.49 40.38 -95.71
C GLU X 218 71.48 40.74 -94.24
N THR X 219 71.12 39.76 -93.39
CA THR X 219 70.90 40.00 -91.97
C THR X 219 72.12 39.59 -91.15
N MET X 220 72.04 39.89 -89.85
CA MET X 220 73.06 39.53 -88.88
C MET X 220 72.37 39.32 -87.54
N SER X 221 73.10 38.79 -86.56
CA SER X 221 72.48 38.41 -85.29
C SER X 221 73.04 39.20 -84.12
N ALA X 222 72.40 38.99 -82.97
CA ALA X 222 72.80 39.54 -81.68
C ALA X 222 72.26 38.57 -80.62
N GLY X 223 73.16 38.02 -79.82
CA GLY X 223 72.90 36.75 -79.18
C GLY X 223 71.86 36.71 -78.08
N LEU X 224 72.17 37.30 -76.93
CA LEU X 224 71.51 36.92 -75.68
C LEU X 224 70.39 37.89 -75.35
N ASP X 225 69.15 37.39 -75.42
CA ASP X 225 67.95 37.97 -74.78
C ASP X 225 67.94 39.49 -74.81
N ILE X 226 68.11 40.05 -76.00
CA ILE X 226 68.05 41.49 -76.20
C ILE X 226 66.60 41.87 -76.48
N HIS X 227 65.85 42.10 -75.41
CA HIS X 227 64.48 42.59 -75.52
C HIS X 227 64.41 44.10 -75.26
N PHE X 228 65.55 44.73 -75.03
CA PHE X 228 65.66 46.18 -74.95
C PHE X 228 65.85 46.68 -76.37
N ARG X 229 64.77 47.21 -76.95
CA ARG X 229 64.68 47.38 -78.41
C ARG X 229 65.34 48.69 -78.84
N GLY X 230 66.46 48.57 -79.54
CA GLY X 230 67.01 49.68 -80.28
C GLY X 230 67.83 49.23 -81.48
N LYS X 231 67.45 49.69 -82.67
CA LYS X 231 68.10 49.33 -83.92
C LYS X 231 67.72 50.34 -84.98
N THR X 232 68.66 50.66 -85.88
CA THR X 232 68.44 51.64 -86.94
C THR X 232 68.11 50.99 -88.28
N LYS X 233 67.54 49.79 -88.28
CA LYS X 233 67.19 49.11 -89.53
C LYS X 233 66.01 49.79 -90.19
#